data_3NG9
#
_entry.id   3NG9
#
_cell.length_a   262.700
_cell.length_b   262.700
_cell.length_c   612.300
_cell.angle_alpha   90.00
_cell.angle_beta   90.00
_cell.angle_gamma   120.00
#
_symmetry.space_group_name_H-M   'H 3 2'
#
loop_
_entity.id
_entity.type
_entity.pdbx_description
1 polymer 'Capsid protein'
2 non-polymer ADENINE
3 non-polymer 6-AMINOPYRIMIDIN-2(1H)-ONE
4 water water
#
_entity_poly.entity_id   1
_entity_poly.type   'polypeptide(L)'
_entity_poly.pdbx_seq_one_letter_code
;MAADGYLPDWLEDNLSEGIREWWDLKPGAPKPKANQQKQDDGRGLVLPGYKYLGPFNGLDKGEPVNAADAAALEHDKAYD
QQLKAGDNPYLRYNHADAEFQERLQEDTSFGGNLGRAVFQAKKRVLEPLGLVEEGAKTAPGKKRPVEQSPQEPDSSSGIG
KTGQQPAKKRLNFGQTGDSESVPDPQPLGEPPATPAAVGPTTMASGGGAPMADNNEGADGVGNASGNWHCDSTWLGDRVI
TTSTRTWALPTYNNHLYKQISSASTGASNDNHYFGYSTPWGYFDFNRFHCHFSPRDWQRLINNNWGFRPKRLNFKLFNIQ
VKEVTTNDGVTTIANNLTSTVQVFSDSEYQLPYVLGSAHQGCLPPFPADVFMIPQYGYLTLNNGSQAVGRSSFYCLEYFP
SQMLRTGNNFTFSYTFEEVPFHSSYAHSQSLDRLMNPLIDQYLYYLNRTQNQSGSAQNKDLLFSRGSPAGMSVQPKNWLP
GPCYRQQRVSKTKTDNNNSNFTWTGASKYNLNGRESIINPGTAMASHKDDEDKFFPMSGVMIFGKESAGASNTALDNVMI
TDEEEIKATNPVATERFGTVAVNFQSSSTDPATGDVHAMGALPGMVWQDRDVYLQGPIWAKIPHTDGHFHPSPLMGGFGL
KNPPPQILIKNTPVPANPPAEFSATKFASFITQYSTGQVSVEIEWELQKENSKRWNPEVQYTSNYAKSANVDFTVDNNGL
YTEPRPIGTRYLTRPL
;
_entity_poly.pdbx_strand_id   A,B,C,D,E,F,G,H,I,J
#
loop_
_chem_comp.id
_chem_comp.type
_chem_comp.name
_chem_comp.formula
ADE non-polymer ADENINE 'C5 H5 N5'
CYT non-polymer 6-AMINOPYRIMIDIN-2(1H)-ONE 'C4 H5 N3 O'
#
# COMPACT_ATOMS: atom_id res chain seq x y z
N GLY A 217 -0.25 8.50 11.54
CA GLY A 217 0.28 9.66 10.85
C GLY A 217 1.60 10.13 11.43
N ALA A 218 1.85 11.44 11.36
CA ALA A 218 2.20 12.22 12.54
C ALA A 218 3.22 13.30 12.20
N ASP A 219 3.12 14.43 12.88
CA ASP A 219 3.65 15.69 12.37
C ASP A 219 2.53 16.64 11.97
N GLY A 220 2.84 17.59 11.10
CA GLY A 220 2.53 18.99 11.33
C GLY A 220 1.30 19.45 10.57
N VAL A 221 0.68 20.52 11.06
CA VAL A 221 -0.13 21.38 10.20
C VAL A 221 0.60 21.72 8.90
N GLY A 222 1.91 21.97 9.01
CA GLY A 222 2.63 22.68 7.98
C GLY A 222 3.36 21.75 7.03
N ASN A 223 2.99 20.47 7.07
CA ASN A 223 3.83 19.42 6.53
C ASN A 223 3.03 18.39 5.81
N ALA A 224 3.23 18.26 4.50
CA ALA A 224 2.59 17.20 3.75
C ALA A 224 2.91 15.75 4.30
N SER A 225 1.91 14.88 4.34
CA SER A 225 2.07 13.52 4.84
C SER A 225 2.11 12.51 3.71
N GLY A 226 2.18 13.03 2.48
CA GLY A 226 2.28 12.16 1.33
C GLY A 226 2.59 12.94 0.05
N ASN A 227 3.24 12.28 -0.88
CA ASN A 227 3.43 12.90 -2.16
C ASN A 227 2.44 12.32 -3.19
N TRP A 228 2.58 12.73 -4.44
CA TRP A 228 1.64 12.38 -5.51
C TRP A 228 2.35 11.33 -6.34
N HIS A 229 1.88 10.08 -6.28
CA HIS A 229 2.54 8.99 -6.98
C HIS A 229 1.62 8.38 -8.01
N CYS A 230 1.71 8.86 -9.25
CA CYS A 230 0.82 8.39 -10.28
C CYS A 230 1.72 8.01 -11.41
N ASP A 231 1.71 6.73 -11.83
CA ASP A 231 2.75 6.25 -12.72
C ASP A 231 2.40 4.89 -13.24
N SER A 232 3.22 4.42 -14.16
CA SER A 232 3.13 3.06 -14.66
C SER A 232 4.54 2.55 -14.85
N THR A 233 4.79 1.32 -14.43
CA THR A 233 6.09 0.70 -14.68
C THR A 233 5.91 -0.70 -15.21
N TRP A 234 6.46 -0.91 -16.40
CA TRP A 234 6.43 -2.21 -17.04
C TRP A 234 7.77 -2.91 -16.86
N LEU A 235 7.73 -4.19 -16.47
CA LEU A 235 8.92 -4.94 -16.02
C LEU A 235 8.95 -6.40 -16.45
N GLY A 236 8.73 -6.62 -17.73
CA GLY A 236 8.78 -7.98 -18.23
C GLY A 236 7.51 -8.72 -17.93
N ASP A 237 7.44 -9.42 -16.81
CA ASP A 237 6.27 -10.25 -16.51
C ASP A 237 5.28 -9.55 -15.53
N ARG A 238 5.64 -8.34 -15.10
CA ARG A 238 4.88 -7.61 -14.11
C ARG A 238 4.60 -6.22 -14.68
N VAL A 239 3.50 -5.61 -14.25
CA VAL A 239 3.28 -4.20 -14.48
C VAL A 239 2.67 -3.59 -13.21
N ILE A 240 3.23 -2.48 -12.78
CA ILE A 240 2.86 -1.89 -11.51
C ILE A 240 2.15 -0.56 -11.79
N THR A 241 0.85 -0.49 -11.48
CA THR A 241 0.09 0.74 -11.61
C THR A 241 -0.06 1.44 -10.31
N THR A 242 0.25 2.72 -10.36
CA THR A 242 0.00 3.57 -9.24
C THR A 242 -0.94 4.68 -9.62
N SER A 243 -2.00 4.86 -8.84
CA SER A 243 -2.83 6.04 -9.03
C SER A 243 -3.24 6.80 -7.78
N THR A 244 -3.15 8.13 -7.92
CA THR A 244 -3.45 9.03 -6.82
C THR A 244 -4.44 10.09 -7.27
N ARG A 245 -5.41 10.39 -6.39
CA ARG A 245 -6.48 11.32 -6.71
C ARG A 245 -6.79 12.15 -5.51
N THR A 246 -7.50 13.25 -5.76
CA THR A 246 -7.94 14.12 -4.70
C THR A 246 -9.46 13.99 -4.48
N TRP A 247 -9.86 13.71 -3.23
CA TRP A 247 -11.26 13.36 -2.92
C TRP A 247 -11.92 14.46 -2.11
N ALA A 248 -13.25 14.41 -2.04
CA ALA A 248 -13.99 15.21 -1.06
C ALA A 248 -15.07 14.40 -0.36
N LEU A 249 -15.15 14.56 0.96
CA LEU A 249 -16.05 13.79 1.83
C LEU A 249 -16.88 14.80 2.60
N PRO A 250 -18.20 14.79 2.37
CA PRO A 250 -19.17 15.53 3.15
C PRO A 250 -19.55 14.78 4.39
N THR A 251 -20.34 15.44 5.23
CA THR A 251 -21.02 14.77 6.32
C THR A 251 -22.28 14.14 5.79
N TYR A 252 -22.51 12.85 6.08
CA TYR A 252 -23.69 12.16 5.57
C TYR A 252 -24.70 12.01 6.68
N ASN A 253 -26.00 12.08 6.34
CA ASN A 253 -27.15 11.75 7.19
C ASN A 253 -27.12 12.57 8.47
N ASN A 254 -26.40 13.69 8.44
CA ASN A 254 -26.06 14.41 9.67
C ASN A 254 -25.47 13.60 10.80
N HIS A 255 -24.61 12.63 10.49
CA HIS A 255 -23.97 11.74 11.47
C HIS A 255 -24.92 10.71 12.04
N LEU A 256 -25.97 10.38 11.29
CA LEU A 256 -27.00 9.46 11.74
C LEU A 256 -27.01 8.18 10.94
N TYR A 257 -27.50 7.10 11.54
CA TYR A 257 -27.77 5.90 10.78
C TYR A 257 -29.28 5.90 10.60
N LYS A 258 -29.75 5.86 9.37
CA LYS A 258 -31.19 5.74 9.15
C LYS A 258 -31.64 4.42 8.63
N GLN A 259 -32.76 3.94 9.17
CA GLN A 259 -33.43 2.80 8.60
C GLN A 259 -34.05 3.31 7.32
N ILE A 260 -33.91 2.51 6.25
CA ILE A 260 -34.52 2.80 4.95
C ILE A 260 -35.23 1.61 4.35
N SER A 261 -36.19 1.93 3.46
CA SER A 261 -37.31 1.06 3.11
C SER A 261 -37.87 1.43 1.73
N SER A 262 -38.67 0.55 1.12
CA SER A 262 -39.46 0.92 -0.04
C SER A 262 -40.90 1.24 0.35
N ALA A 263 -41.14 1.31 1.65
CA ALA A 263 -42.47 1.62 2.17
C ALA A 263 -42.90 3.02 1.78
N SER A 264 -44.21 3.24 1.63
CA SER A 264 -44.72 4.23 0.68
C SER A 264 -44.27 3.92 -0.74
N THR A 265 -43.75 4.93 -1.43
CA THR A 265 -42.93 4.68 -2.62
C THR A 265 -43.78 4.19 -3.78
N GLY A 266 -44.68 3.24 -3.49
CA GLY A 266 -45.55 2.69 -4.51
C GLY A 266 -44.88 1.59 -5.31
N ALA A 267 -43.84 1.00 -4.74
CA ALA A 267 -42.99 0.05 -5.47
C ALA A 267 -43.71 -1.26 -5.69
N SER A 268 -43.36 -1.96 -6.77
CA SER A 268 -43.81 -3.32 -6.99
C SER A 268 -43.11 -4.29 -6.05
N ASN A 269 -43.65 -5.51 -5.95
CA ASN A 269 -43.04 -6.54 -5.13
C ASN A 269 -41.59 -6.89 -5.53
N ASP A 270 -41.25 -6.75 -6.81
CA ASP A 270 -39.91 -7.06 -7.29
C ASP A 270 -38.90 -5.97 -6.93
N ASN A 271 -39.38 -4.89 -6.37
CA ASN A 271 -38.51 -3.79 -5.99
C ASN A 271 -38.46 -3.47 -4.48
N HIS A 272 -39.14 -4.25 -3.65
CA HIS A 272 -39.13 -3.95 -2.23
C HIS A 272 -37.76 -4.16 -1.61
N TYR A 273 -37.43 -3.37 -0.59
CA TYR A 273 -36.22 -3.59 0.14
C TYR A 273 -36.21 -3.05 1.52
N PHE A 274 -35.28 -3.55 2.35
CA PHE A 274 -35.09 -3.04 3.70
C PHE A 274 -33.61 -3.01 3.91
N GLY A 275 -33.18 -1.94 4.55
CA GLY A 275 -31.79 -1.77 4.82
C GLY A 275 -31.56 -0.53 5.66
N TYR A 276 -30.32 -0.07 5.64
CA TYR A 276 -29.88 1.05 6.48
C TYR A 276 -28.84 1.94 5.75
N SER A 277 -28.96 3.25 5.96
CA SER A 277 -27.96 4.14 5.44
C SER A 277 -27.12 4.72 6.56
N THR A 278 -25.90 5.04 6.22
CA THR A 278 -24.84 5.13 7.17
C THR A 278 -24.21 6.50 7.02
N PRO A 279 -23.69 7.05 8.12
CA PRO A 279 -22.95 8.31 8.05
C PRO A 279 -21.56 8.18 7.39
N TRP A 280 -21.18 6.99 6.94
CA TRP A 280 -19.81 6.76 6.45
C TRP A 280 -19.72 6.92 4.93
N GLY A 281 -18.54 7.23 4.42
CA GLY A 281 -18.25 7.02 3.00
C GLY A 281 -17.24 5.88 2.85
N TYR A 282 -16.91 5.57 1.59
CA TYR A 282 -16.02 4.46 1.32
C TYR A 282 -15.23 4.71 0.07
N PHE A 283 -14.13 3.98 -0.08
CA PHE A 283 -13.31 4.05 -1.28
C PHE A 283 -13.52 2.84 -2.13
N ASP A 284 -13.52 3.11 -3.43
CA ASP A 284 -13.84 2.16 -4.44
C ASP A 284 -12.91 2.42 -5.60
N PHE A 285 -12.03 1.47 -5.89
CA PHE A 285 -11.21 1.52 -7.08
C PHE A 285 -11.53 0.36 -8.00
N ASN A 286 -12.74 -0.20 -7.92
CA ASN A 286 -13.02 -1.48 -8.60
C ASN A 286 -13.45 -1.23 -10.03
N ARG A 287 -12.58 -0.56 -10.76
CA ARG A 287 -12.76 -0.29 -12.21
C ARG A 287 -11.38 -0.15 -12.83
N PHE A 288 -11.19 -0.73 -14.02
CA PHE A 288 -9.85 -0.82 -14.59
C PHE A 288 -9.32 0.57 -14.85
N HIS A 289 -10.16 1.49 -15.27
CA HIS A 289 -9.60 2.82 -15.54
C HIS A 289 -9.17 3.66 -14.32
N CYS A 290 -9.30 3.10 -13.12
CA CYS A 290 -8.84 3.74 -11.91
C CYS A 290 -7.34 3.53 -11.86
N HIS A 291 -6.84 2.58 -12.65
CA HIS A 291 -5.42 2.22 -12.59
C HIS A 291 -4.66 2.29 -13.93
N PHE A 292 -5.35 1.94 -15.01
CA PHE A 292 -4.75 1.86 -16.30
C PHE A 292 -5.18 3.09 -17.12
N SER A 293 -4.22 3.87 -17.57
CA SER A 293 -4.50 4.87 -18.58
C SER A 293 -4.86 4.15 -19.91
N PRO A 294 -5.42 4.91 -20.87
CA PRO A 294 -5.86 4.29 -22.11
C PRO A 294 -4.72 3.71 -22.87
N ARG A 295 -3.59 4.40 -22.85
CA ARG A 295 -2.40 3.92 -23.51
C ARG A 295 -1.88 2.64 -22.87
N ASP A 296 -1.87 2.57 -21.54
CA ASP A 296 -1.43 1.36 -20.85
C ASP A 296 -2.33 0.17 -21.15
N TRP A 297 -3.64 0.41 -21.22
CA TRP A 297 -4.62 -0.63 -21.49
C TRP A 297 -4.30 -1.18 -22.86
N GLN A 298 -3.98 -0.24 -23.72
CA GLN A 298 -3.56 -0.61 -25.04
C GLN A 298 -2.32 -1.48 -25.04
N ARG A 299 -1.34 -1.12 -24.23
CA ARG A 299 -0.14 -1.89 -24.08
C ARG A 299 -0.50 -3.26 -23.52
N LEU A 300 -1.48 -3.30 -22.62
CA LEU A 300 -1.77 -4.50 -21.94
C LEU A 300 -2.29 -5.43 -23.02
N ILE A 301 -3.31 -4.94 -23.70
CA ILE A 301 -4.17 -5.83 -24.44
C ILE A 301 -3.59 -6.30 -25.77
N ASN A 302 -2.61 -5.56 -26.30
CA ASN A 302 -2.07 -5.85 -27.60
C ASN A 302 -0.85 -6.78 -27.52
N ASN A 303 -0.37 -7.04 -26.30
CA ASN A 303 0.83 -7.85 -26.12
C ASN A 303 0.78 -9.01 -25.16
N ASN A 304 -0.37 -9.23 -24.52
CA ASN A 304 -0.46 -10.27 -23.49
C ASN A 304 -1.68 -11.16 -23.66
N TRP A 305 -1.51 -12.45 -23.40
CA TRP A 305 -2.61 -13.38 -23.43
C TRP A 305 -3.39 -13.37 -22.15
N GLY A 306 -2.92 -12.60 -21.17
CA GLY A 306 -3.63 -12.58 -19.90
C GLY A 306 -2.94 -11.74 -18.86
N PHE A 307 -3.60 -11.59 -17.71
CA PHE A 307 -3.07 -10.85 -16.58
C PHE A 307 -3.96 -11.03 -15.36
N ARG A 308 -3.40 -10.75 -14.18
CA ARG A 308 -4.10 -10.91 -12.92
C ARG A 308 -3.47 -9.97 -11.94
N PRO A 309 -4.25 -9.48 -10.98
CA PRO A 309 -3.70 -8.77 -9.81
C PRO A 309 -2.96 -9.71 -8.81
N LYS A 310 -1.88 -9.18 -8.23
CA LYS A 310 -1.09 -9.92 -7.26
C LYS A 310 -1.04 -9.25 -5.90
N ARG A 311 -0.75 -7.94 -5.88
CA ARG A 311 -0.71 -7.24 -4.63
C ARG A 311 -1.04 -5.73 -4.72
N LEU A 312 -1.42 -5.19 -3.58
CA LEU A 312 -1.89 -3.81 -3.54
C LEU A 312 -1.39 -3.07 -2.32
N ASN A 313 -1.30 -1.76 -2.48
CA ASN A 313 -0.82 -0.89 -1.46
C ASN A 313 -1.72 0.32 -1.48
N PHE A 314 -2.27 0.67 -0.32
CA PHE A 314 -3.23 1.75 -0.27
C PHE A 314 -2.80 2.84 0.72
N LYS A 315 -3.11 4.07 0.33
CA LYS A 315 -2.66 5.24 1.08
C LYS A 315 -3.63 6.39 1.10
N LEU A 316 -3.96 6.81 2.30
CA LEU A 316 -4.77 7.99 2.51
C LEU A 316 -3.88 8.99 3.18
N PHE A 317 -3.94 10.19 2.69
CA PHE A 317 -3.10 11.19 3.28
C PHE A 317 -3.45 12.63 2.89
N ASN A 318 -2.63 13.54 3.38
CA ASN A 318 -2.82 14.97 3.24
C ASN A 318 -4.19 15.45 3.57
N ILE A 319 -4.70 15.01 4.72
CA ILE A 319 -6.08 15.23 5.00
C ILE A 319 -6.28 16.66 5.46
N GLN A 320 -7.43 17.22 5.15
CA GLN A 320 -7.67 18.56 5.60
C GLN A 320 -9.13 18.78 5.90
N VAL A 321 -9.45 19.03 7.17
CA VAL A 321 -10.84 19.09 7.59
C VAL A 321 -11.26 20.54 7.66
N LYS A 322 -12.43 20.82 7.16
CA LYS A 322 -12.90 22.19 7.04
C LYS A 322 -14.28 22.43 7.58
N GLU A 323 -14.46 23.58 8.20
CA GLU A 323 -15.77 23.94 8.71
C GLU A 323 -16.46 24.96 7.82
N VAL A 324 -17.77 24.79 7.67
CA VAL A 324 -18.59 25.68 6.88
C VAL A 324 -19.55 26.40 7.79
N THR A 325 -19.51 27.74 7.73
CA THR A 325 -20.52 28.58 8.34
C THR A 325 -21.19 29.47 7.30
N THR A 326 -22.52 29.54 7.34
CA THR A 326 -23.25 30.43 6.46
C THR A 326 -24.00 31.50 7.23
N ASN A 327 -23.82 32.76 6.83
CA ASN A 327 -24.67 33.84 7.29
C ASN A 327 -25.42 34.50 6.14
N ASP A 328 -26.74 34.65 6.30
CA ASP A 328 -27.55 35.34 5.31
C ASP A 328 -27.49 34.61 3.97
N GLY A 329 -27.30 35.38 2.91
CA GLY A 329 -26.00 35.96 2.59
C GLY A 329 -24.91 34.92 2.40
N VAL A 330 -23.78 35.15 3.07
CA VAL A 330 -22.48 34.92 2.46
C VAL A 330 -21.67 33.88 3.24
N THR A 331 -21.12 32.89 2.55
CA THR A 331 -20.86 31.61 3.16
C THR A 331 -19.36 31.36 3.25
N THR A 332 -18.90 30.99 4.45
CA THR A 332 -17.49 31.05 4.77
C THR A 332 -16.94 29.68 5.13
N ILE A 333 -15.82 29.32 4.52
CA ILE A 333 -15.13 28.09 4.87
C ILE A 333 -13.80 28.40 5.54
N ALA A 334 -13.49 27.69 6.63
CA ALA A 334 -12.14 27.76 7.18
C ALA A 334 -11.64 26.35 7.56
N ASN A 335 -10.35 26.24 7.81
CA ASN A 335 -9.79 25.04 8.35
C ASN A 335 -10.23 24.78 9.81
N ASN A 336 -10.57 23.54 10.15
CA ASN A 336 -10.71 23.18 11.53
C ASN A 336 -9.58 22.23 11.86
N LEU A 337 -8.50 22.81 12.38
CA LEU A 337 -7.25 22.12 12.51
C LEU A 337 -7.27 20.92 13.47
N THR A 338 -8.15 20.93 14.45
CA THR A 338 -8.13 19.94 15.51
C THR A 338 -9.20 18.87 15.31
N SER A 339 -9.71 18.80 14.08
CA SER A 339 -10.77 17.87 13.69
C SER A 339 -10.23 16.62 13.06
N THR A 340 -10.93 15.50 13.20
CA THR A 340 -10.41 14.26 12.65
C THR A 340 -11.33 13.65 11.58
N VAL A 341 -10.71 12.86 10.71
CA VAL A 341 -11.39 11.89 9.85
C VAL A 341 -10.99 10.48 10.31
N GLN A 342 -11.95 9.56 10.27
CA GLN A 342 -11.77 8.19 10.81
C GLN A 342 -11.72 7.23 9.66
N VAL A 343 -10.94 6.16 9.79
CA VAL A 343 -10.78 5.19 8.72
C VAL A 343 -10.51 3.80 9.23
N PHE A 344 -11.01 2.83 8.50
CA PHE A 344 -10.65 1.44 8.75
C PHE A 344 -10.94 0.60 7.52
N SER A 345 -10.22 -0.53 7.45
CA SER A 345 -10.50 -1.52 6.44
C SER A 345 -11.20 -2.67 7.12
N ASP A 346 -12.31 -3.10 6.50
CA ASP A 346 -13.06 -4.27 6.98
C ASP A 346 -12.35 -5.56 6.55
N SER A 347 -11.17 -5.80 7.10
CA SER A 347 -10.31 -6.91 6.69
C SER A 347 -10.75 -8.33 7.11
N GLU A 348 -11.71 -8.45 8.03
CA GLU A 348 -12.30 -9.74 8.40
C GLU A 348 -13.68 -9.92 7.74
N TYR A 349 -13.99 -8.98 6.86
CA TYR A 349 -15.24 -8.95 6.04
C TYR A 349 -16.51 -9.02 6.87
N GLN A 350 -16.46 -8.32 7.98
CA GLN A 350 -17.57 -8.37 8.93
C GLN A 350 -18.76 -7.52 8.48
N LEU A 351 -18.54 -6.68 7.49
CA LEU A 351 -19.61 -5.84 6.95
C LEU A 351 -20.15 -6.35 5.64
N PRO A 352 -21.43 -6.04 5.37
CA PRO A 352 -22.02 -6.38 4.07
C PRO A 352 -21.16 -5.83 2.94
N TYR A 353 -20.85 -6.70 1.97
CA TYR A 353 -19.86 -6.31 0.98
C TYR A 353 -20.51 -5.62 -0.16
N VAL A 354 -20.25 -4.32 -0.26
CA VAL A 354 -20.99 -3.46 -1.16
C VAL A 354 -20.23 -3.10 -2.44
N LEU A 355 -18.92 -3.38 -2.47
CA LEU A 355 -18.21 -3.38 -3.75
C LEU A 355 -18.74 -4.51 -4.67
N GLY A 356 -18.46 -4.42 -5.96
CA GLY A 356 -18.81 -5.51 -6.90
C GLY A 356 -20.28 -5.53 -7.25
N SER A 357 -20.88 -4.37 -7.13
CA SER A 357 -22.24 -4.17 -7.60
C SER A 357 -22.20 -3.04 -8.61
N ALA A 358 -21.01 -2.61 -8.98
CA ALA A 358 -20.81 -1.73 -10.14
C ALA A 358 -21.39 -0.34 -9.89
N HIS A 359 -21.30 0.05 -8.64
CA HIS A 359 -21.71 1.37 -8.24
C HIS A 359 -20.85 2.45 -8.80
N GLN A 360 -21.44 3.60 -9.03
CA GLN A 360 -20.62 4.75 -9.32
C GLN A 360 -19.97 5.30 -8.04
N GLY A 361 -18.90 6.06 -8.19
CA GLY A 361 -18.17 6.68 -7.10
C GLY A 361 -16.74 6.14 -6.99
N CYS A 362 -16.27 5.42 -8.00
CA CYS A 362 -14.90 4.90 -7.98
C CYS A 362 -13.98 6.05 -8.28
N LEU A 363 -12.69 5.90 -8.00
CA LEU A 363 -11.70 6.83 -8.51
C LEU A 363 -11.94 7.14 -9.98
N PRO A 364 -11.91 8.42 -10.35
CA PRO A 364 -12.15 8.78 -11.72
C PRO A 364 -11.04 8.36 -12.67
N PRO A 365 -11.35 8.08 -13.95
CA PRO A 365 -10.37 7.62 -14.95
C PRO A 365 -9.27 8.65 -15.18
N PHE A 366 -9.64 9.91 -15.05
CA PHE A 366 -8.75 11.01 -15.34
C PHE A 366 -8.10 11.62 -14.10
N PRO A 367 -6.76 11.50 -13.98
CA PRO A 367 -6.07 11.82 -12.72
C PRO A 367 -6.33 13.23 -12.23
N ALA A 368 -6.65 14.14 -13.13
CA ALA A 368 -6.94 15.51 -12.69
C ALA A 368 -8.33 15.75 -12.11
N ASP A 369 -9.27 14.81 -12.25
CA ASP A 369 -10.62 14.91 -11.66
C ASP A 369 -10.65 14.66 -10.14
N VAL A 370 -11.36 15.56 -9.46
CA VAL A 370 -11.68 15.47 -8.03
C VAL A 370 -12.97 14.68 -7.87
N PHE A 371 -13.09 13.85 -6.85
CA PHE A 371 -14.26 13.03 -6.78
C PHE A 371 -14.84 13.10 -5.40
N MET A 372 -16.14 12.93 -5.34
CA MET A 372 -16.87 12.86 -4.10
C MET A 372 -16.95 11.38 -3.64
N ILE A 373 -16.72 11.10 -2.36
CA ILE A 373 -16.75 9.73 -1.87
C ILE A 373 -18.19 9.29 -1.76
N PRO A 374 -18.53 8.09 -2.25
CA PRO A 374 -19.91 7.58 -2.06
C PRO A 374 -20.24 7.37 -0.60
N GLN A 375 -21.53 7.30 -0.24
CA GLN A 375 -22.03 6.94 1.10
C GLN A 375 -22.24 5.42 1.23
N TYR A 376 -21.88 4.84 2.39
CA TYR A 376 -22.10 3.41 2.55
C TYR A 376 -23.56 3.23 2.99
N GLY A 377 -24.30 2.33 2.32
CA GLY A 377 -25.53 1.76 2.86
C GLY A 377 -25.57 0.30 2.47
N TYR A 378 -26.43 -0.48 3.10
CA TYR A 378 -26.50 -1.90 2.79
C TYR A 378 -27.96 -2.36 2.94
N LEU A 379 -28.29 -3.53 2.41
CA LEU A 379 -29.58 -4.17 2.60
C LEU A 379 -29.51 -5.45 3.45
N THR A 380 -30.66 -5.90 3.98
CA THR A 380 -30.79 -7.18 4.68
C THR A 380 -32.04 -7.85 4.21
N LEU A 381 -32.44 -8.90 4.93
CA LEU A 381 -33.61 -9.64 4.56
C LEU A 381 -34.76 -8.65 4.64
N ASN A 382 -35.65 -8.77 3.67
CA ASN A 382 -36.92 -8.05 3.70
C ASN A 382 -38.09 -8.95 3.24
N ASN A 383 -39.23 -8.76 3.88
CA ASN A 383 -40.46 -9.41 3.50
C ASN A 383 -41.36 -8.23 3.09
N GLY A 384 -41.48 -8.04 1.78
CA GLY A 384 -42.06 -6.81 1.28
C GLY A 384 -41.19 -5.66 1.75
N SER A 385 -41.80 -4.59 2.25
CA SER A 385 -41.01 -3.50 2.82
C SER A 385 -40.71 -3.65 4.34
N GLN A 386 -41.04 -4.78 4.93
CA GLN A 386 -40.78 -4.96 6.34
C GLN A 386 -39.49 -5.73 6.55
N ALA A 387 -39.00 -5.78 7.78
CA ALA A 387 -37.85 -6.64 8.13
C ALA A 387 -38.30 -7.96 8.75
N VAL A 388 -37.34 -8.86 8.95
CA VAL A 388 -37.56 -10.17 9.60
C VAL A 388 -36.62 -10.22 10.83
N GLY A 389 -36.82 -11.19 11.73
CA GLY A 389 -35.97 -11.26 12.92
C GLY A 389 -34.52 -11.54 12.54
N ARG A 390 -34.34 -12.19 11.41
CA ARG A 390 -33.04 -12.61 10.92
C ARG A 390 -32.24 -11.44 10.34
N SER A 391 -32.93 -10.35 10.02
CA SER A 391 -32.27 -9.10 9.55
C SER A 391 -31.21 -8.55 10.47
N SER A 392 -30.10 -8.17 9.85
CA SER A 392 -28.91 -7.76 10.54
C SER A 392 -28.77 -6.26 10.42
N PHE A 393 -28.46 -5.64 11.55
CA PHE A 393 -28.06 -4.27 11.63
C PHE A 393 -26.60 -4.15 12.09
N TYR A 394 -25.87 -3.24 11.44
CA TYR A 394 -24.43 -3.04 11.65
C TYR A 394 -24.10 -1.59 12.03
N CYS A 395 -23.34 -1.39 13.09
CA CYS A 395 -22.90 -0.06 13.45
C CYS A 395 -21.41 -0.01 13.21
N LEU A 396 -20.98 0.90 12.34
CA LEU A 396 -19.59 0.97 11.89
C LEU A 396 -18.57 1.41 12.94
N GLU A 397 -19.00 2.24 13.86
CA GLU A 397 -18.18 2.73 14.96
C GLU A 397 -17.67 1.57 15.80
N TYR A 398 -18.52 0.55 15.92
CA TYR A 398 -18.23 -0.62 16.74
C TYR A 398 -17.11 -1.46 16.12
N PHE A 399 -16.51 -0.95 15.06
CA PHE A 399 -15.14 -1.32 14.70
C PHE A 399 -14.13 -0.31 15.26
N PRO A 400 -12.93 -0.79 15.56
CA PRO A 400 -11.77 0.09 15.72
C PRO A 400 -11.45 0.84 14.43
N SER A 401 -11.42 2.17 14.50
CA SER A 401 -10.98 2.98 13.37
C SER A 401 -9.78 3.85 13.75
N GLN A 402 -8.95 4.15 12.76
CA GLN A 402 -7.90 5.12 12.92
C GLN A 402 -8.38 6.60 12.80
N MET A 403 -7.92 7.43 13.72
CA MET A 403 -8.44 8.81 13.79
C MET A 403 -7.37 9.74 13.33
N LEU A 404 -7.66 10.49 12.29
CA LEU A 404 -6.63 11.29 11.69
C LEU A 404 -6.91 12.77 11.76
N ARG A 405 -5.99 13.52 12.34
CA ARG A 405 -6.02 14.97 12.18
C ARG A 405 -5.20 15.32 10.94
N THR A 406 -5.18 16.60 10.60
CA THR A 406 -4.52 17.09 9.40
C THR A 406 -3.07 16.64 9.20
N GLY A 407 -2.39 16.27 10.28
CA GLY A 407 -1.02 15.78 10.21
C GLY A 407 -0.85 14.34 9.78
N ASN A 408 -1.89 13.52 9.95
CA ASN A 408 -1.72 12.06 9.97
C ASN A 408 -2.01 11.41 8.61
N ASN A 409 -1.68 10.13 8.48
CA ASN A 409 -2.01 9.41 7.27
C ASN A 409 -2.35 7.97 7.56
N PHE A 410 -2.92 7.27 6.59
CA PHE A 410 -3.36 5.90 6.72
C PHE A 410 -2.75 5.05 5.63
N THR A 411 -2.31 3.86 5.97
CA THR A 411 -1.79 2.99 4.95
C THR A 411 -2.17 1.56 5.25
N PHE A 412 -2.37 0.74 4.21
CA PHE A 412 -2.36 -0.71 4.42
C PHE A 412 -1.99 -1.39 3.13
N SER A 413 -1.50 -2.65 3.25
CA SER A 413 -1.32 -3.51 2.08
C SER A 413 -2.14 -4.79 2.11
N TYR A 414 -2.23 -5.39 0.92
CA TYR A 414 -3.06 -6.53 0.70
C TYR A 414 -2.42 -7.43 -0.39
N THR A 415 -2.66 -8.74 -0.30
CA THR A 415 -2.18 -9.66 -1.30
C THR A 415 -3.43 -10.35 -1.80
N PHE A 416 -3.49 -10.50 -3.12
CA PHE A 416 -4.52 -11.27 -3.76
C PHE A 416 -4.24 -12.76 -3.74
N GLU A 417 -5.32 -13.54 -3.63
CA GLU A 417 -5.28 -14.96 -3.69
C GLU A 417 -4.83 -15.37 -5.11
N GLU A 418 -4.51 -16.65 -5.29
CA GLU A 418 -4.14 -17.12 -6.61
C GLU A 418 -5.40 -17.23 -7.44
N VAL A 419 -5.38 -16.66 -8.64
CA VAL A 419 -6.53 -16.70 -9.53
C VAL A 419 -6.05 -16.91 -10.96
N PRO A 420 -6.92 -17.51 -11.78
CA PRO A 420 -6.57 -17.74 -13.18
C PRO A 420 -6.37 -16.41 -13.89
N PHE A 421 -5.41 -16.35 -14.81
CA PHE A 421 -5.18 -15.13 -15.57
C PHE A 421 -6.42 -14.86 -16.38
N HIS A 422 -6.82 -13.60 -16.48
CA HIS A 422 -7.91 -13.25 -17.38
C HIS A 422 -7.59 -13.48 -18.85
N SER A 423 -8.50 -14.08 -19.62
CA SER A 423 -8.13 -14.39 -20.99
C SER A 423 -8.26 -13.15 -21.91
N SER A 424 -7.12 -12.51 -22.17
CA SER A 424 -7.08 -11.42 -23.12
C SER A 424 -6.70 -11.88 -24.50
N TYR A 425 -7.58 -12.67 -25.10
CA TYR A 425 -7.38 -13.23 -26.43
C TYR A 425 -8.71 -13.74 -26.96
N ALA A 426 -8.88 -13.68 -28.27
CA ALA A 426 -9.87 -14.51 -28.94
C ALA A 426 -9.24 -15.81 -29.44
N HIS A 427 -10.05 -16.86 -29.52
CA HIS A 427 -9.63 -18.06 -30.23
C HIS A 427 -9.63 -17.86 -31.74
N SER A 428 -8.74 -18.56 -32.44
CA SER A 428 -8.70 -18.54 -33.89
C SER A 428 -9.11 -19.89 -34.46
N GLN A 429 -9.86 -20.64 -33.68
CA GLN A 429 -10.45 -21.91 -34.09
C GLN A 429 -11.78 -21.93 -33.39
N SER A 430 -12.71 -22.77 -33.85
CA SER A 430 -13.96 -22.96 -33.14
C SER A 430 -14.20 -24.42 -32.82
N LEU A 431 -15.09 -24.69 -31.87
CA LEU A 431 -15.17 -26.02 -31.26
C LEU A 431 -15.40 -27.05 -32.34
N ASP A 432 -16.15 -26.61 -33.34
CA ASP A 432 -16.68 -27.44 -34.42
C ASP A 432 -15.76 -27.47 -35.61
N ARG A 433 -14.62 -26.82 -35.49
CA ARG A 433 -13.62 -26.90 -36.54
C ARG A 433 -12.26 -27.32 -35.98
N LEU A 434 -12.24 -28.35 -35.14
CA LEU A 434 -10.94 -28.80 -34.57
C LEU A 434 -10.27 -29.91 -35.36
N MET A 435 -10.99 -30.54 -36.27
CA MET A 435 -10.47 -31.71 -36.97
C MET A 435 -9.42 -31.37 -38.02
N ASN A 436 -8.72 -32.42 -38.45
CA ASN A 436 -7.80 -32.31 -39.57
C ASN A 436 -8.65 -32.37 -40.84
N PRO A 437 -8.64 -31.28 -41.62
CA PRO A 437 -9.48 -31.13 -42.79
C PRO A 437 -9.02 -31.97 -43.98
N LEU A 438 -8.01 -32.82 -43.81
CA LEU A 438 -7.51 -33.65 -44.92
C LEU A 438 -7.91 -35.10 -44.78
N ILE A 439 -8.10 -35.56 -43.55
CA ILE A 439 -8.17 -36.99 -43.28
C ILE A 439 -9.56 -37.40 -42.81
N ASP A 440 -9.99 -38.59 -43.20
CA ASP A 440 -11.21 -39.14 -42.64
C ASP A 440 -10.98 -39.53 -41.15
N GLN A 441 -12.08 -39.73 -40.43
CA GLN A 441 -12.06 -40.45 -39.16
C GLN A 441 -12.09 -41.93 -39.39
N TYR A 442 -11.83 -42.75 -38.37
CA TYR A 442 -11.99 -44.22 -38.44
C TYR A 442 -13.39 -44.55 -37.89
N LEU A 443 -14.09 -43.50 -37.43
CA LEU A 443 -15.40 -43.62 -36.82
C LEU A 443 -16.57 -43.43 -37.82
N TYR A 444 -17.68 -44.12 -37.54
CA TYR A 444 -18.80 -44.15 -38.47
C TYR A 444 -20.00 -43.57 -37.76
N TYR A 445 -20.95 -43.07 -38.53
CA TYR A 445 -22.21 -42.56 -37.97
C TYR A 445 -23.33 -42.95 -38.91
N LEU A 446 -24.52 -43.12 -38.36
CA LEU A 446 -25.68 -43.42 -39.14
C LEU A 446 -25.98 -42.23 -40.04
N ASN A 447 -25.87 -42.46 -41.35
CA ASN A 447 -26.02 -41.40 -42.35
C ASN A 447 -27.42 -41.32 -42.97
N ARG A 448 -27.97 -42.49 -43.29
CA ARG A 448 -29.34 -42.55 -43.82
C ARG A 448 -30.19 -43.62 -43.17
N THR A 449 -31.45 -43.25 -42.94
CA THR A 449 -32.50 -44.18 -42.52
C THR A 449 -33.43 -44.59 -43.69
N GLN A 450 -33.07 -44.18 -44.89
CA GLN A 450 -33.70 -44.73 -46.09
C GLN A 450 -32.85 -44.53 -47.33
N ASN A 451 -32.98 -45.41 -48.30
CA ASN A 451 -32.23 -45.31 -49.54
C ASN A 451 -32.83 -44.28 -50.50
N GLN A 452 -32.01 -43.35 -50.95
CA GLN A 452 -30.76 -43.68 -51.64
C GLN A 452 -30.99 -43.91 -53.12
N SER A 453 -31.96 -43.20 -53.69
CA SER A 453 -32.63 -43.64 -54.90
C SER A 453 -32.38 -45.13 -55.16
N GLY A 454 -33.24 -45.98 -54.59
CA GLY A 454 -33.94 -46.99 -55.37
C GLY A 454 -35.45 -46.79 -55.34
N SER A 455 -36.06 -46.87 -56.52
CA SER A 455 -36.92 -45.78 -57.00
C SER A 455 -37.55 -45.01 -55.85
N ALA A 456 -38.10 -45.75 -54.88
CA ALA A 456 -38.99 -45.16 -53.89
C ALA A 456 -38.23 -44.68 -52.67
N GLN A 457 -38.94 -44.50 -51.56
CA GLN A 457 -38.31 -44.45 -50.25
C GLN A 457 -38.50 -45.73 -49.46
N ASN A 458 -37.40 -46.31 -49.00
CA ASN A 458 -37.45 -47.59 -48.30
C ASN A 458 -36.65 -47.49 -47.02
N LYS A 459 -37.12 -48.15 -45.98
CA LYS A 459 -36.42 -48.11 -44.73
C LYS A 459 -35.06 -48.76 -44.93
N ASP A 460 -34.04 -48.14 -44.36
CA ASP A 460 -32.67 -48.60 -44.48
C ASP A 460 -31.88 -48.12 -43.29
N LEU A 461 -30.68 -48.66 -43.14
CA LEU A 461 -29.73 -48.20 -42.15
C LEU A 461 -28.41 -48.11 -42.87
N LEU A 462 -28.04 -46.88 -43.20
CA LEU A 462 -26.80 -46.62 -43.91
C LEU A 462 -25.81 -45.76 -43.13
N PHE A 463 -24.56 -46.22 -43.03
CA PHE A 463 -23.54 -45.64 -42.16
C PHE A 463 -22.41 -45.09 -42.99
N SER A 464 -21.90 -43.93 -42.58
CA SER A 464 -20.78 -43.26 -43.26
C SER A 464 -19.66 -42.93 -42.30
N ARG A 465 -18.45 -42.89 -42.81
CA ARG A 465 -17.40 -42.50 -41.96
C ARG A 465 -17.11 -40.97 -42.03
N GLY A 466 -16.79 -40.39 -40.87
CA GLY A 466 -16.36 -39.03 -40.79
C GLY A 466 -15.40 -38.60 -41.89
N SER A 467 -15.65 -37.43 -42.41
CA SER A 467 -15.06 -37.03 -43.66
C SER A 467 -15.03 -35.51 -43.73
N PRO A 468 -14.00 -34.94 -44.37
CA PRO A 468 -13.93 -33.46 -44.46
C PRO A 468 -15.11 -32.78 -45.17
N ALA A 469 -15.85 -33.51 -45.98
CA ALA A 469 -17.03 -32.92 -46.57
C ALA A 469 -18.20 -32.89 -45.60
N GLY A 470 -18.05 -33.49 -44.40
CA GLY A 470 -19.19 -33.58 -43.46
C GLY A 470 -18.76 -33.25 -42.05
N MET A 471 -18.21 -32.06 -41.87
CA MET A 471 -17.69 -31.65 -40.58
C MET A 471 -18.78 -31.41 -39.58
N SER A 472 -19.99 -31.15 -40.05
CA SER A 472 -21.11 -31.05 -39.15
C SER A 472 -21.59 -32.40 -38.59
N VAL A 473 -21.14 -33.52 -39.12
CA VAL A 473 -21.64 -34.81 -38.64
C VAL A 473 -20.56 -35.73 -38.07
N GLN A 474 -19.36 -35.20 -37.92
CA GLN A 474 -18.26 -35.92 -37.34
C GLN A 474 -18.41 -36.07 -35.86
N PRO A 475 -18.16 -37.30 -35.33
CA PRO A 475 -18.02 -37.39 -33.88
C PRO A 475 -17.02 -36.37 -33.35
N LYS A 476 -17.25 -35.81 -32.17
CA LYS A 476 -16.27 -34.96 -31.49
C LYS A 476 -16.21 -35.18 -29.97
N ASN A 477 -15.23 -34.52 -29.32
CA ASN A 477 -14.95 -34.71 -27.91
C ASN A 477 -15.68 -33.73 -27.01
N TRP A 478 -16.00 -32.55 -27.56
CA TRP A 478 -16.42 -31.39 -26.73
C TRP A 478 -17.76 -30.78 -27.04
N LEU A 479 -18.36 -30.16 -26.04
CA LEU A 479 -19.62 -29.44 -26.22
C LEU A 479 -19.39 -27.94 -25.98
N PRO A 480 -20.19 -27.06 -26.62
CA PRO A 480 -20.08 -25.63 -26.33
C PRO A 480 -20.69 -25.31 -25.00
N GLY A 481 -20.50 -24.09 -24.51
CA GLY A 481 -20.84 -23.72 -23.14
C GLY A 481 -22.32 -23.71 -22.87
N PRO A 482 -22.69 -23.44 -21.63
CA PRO A 482 -24.05 -23.32 -21.19
C PRO A 482 -24.84 -22.15 -21.84
N CYS A 483 -26.15 -22.16 -21.63
CA CYS A 483 -27.00 -21.27 -22.34
C CYS A 483 -28.25 -20.98 -21.54
N TYR A 484 -28.52 -19.68 -21.48
CA TYR A 484 -29.77 -19.18 -20.96
C TYR A 484 -30.35 -18.13 -21.94
N ARG A 485 -31.21 -18.57 -22.84
CA ARG A 485 -31.55 -17.75 -23.99
C ARG A 485 -32.11 -16.39 -23.61
N GLN A 486 -31.76 -15.41 -24.41
CA GLN A 486 -32.25 -14.06 -24.24
C GLN A 486 -32.86 -13.50 -25.50
N GLN A 487 -33.69 -12.49 -25.31
CA GLN A 487 -34.48 -11.93 -26.40
C GLN A 487 -33.65 -11.02 -27.29
N ARG A 488 -33.70 -11.28 -28.59
CA ARG A 488 -32.87 -10.57 -29.56
C ARG A 488 -33.51 -9.21 -29.92
N VAL A 489 -32.79 -8.12 -29.73
CA VAL A 489 -33.34 -6.85 -30.16
C VAL A 489 -32.45 -6.08 -31.09
N SER A 490 -33.05 -5.47 -32.12
CA SER A 490 -32.31 -4.69 -33.12
C SER A 490 -32.05 -3.22 -32.75
N LYS A 491 -30.92 -2.72 -33.23
CA LYS A 491 -30.53 -1.33 -33.05
C LYS A 491 -31.32 -0.37 -33.96
N THR A 492 -31.85 -0.89 -35.05
CA THR A 492 -32.79 -0.15 -35.87
C THR A 492 -34.20 -0.47 -35.41
N LYS A 493 -34.84 0.49 -34.75
CA LYS A 493 -36.11 0.26 -34.03
C LYS A 493 -37.23 -0.38 -34.85
N THR A 494 -37.27 -0.05 -36.14
CA THR A 494 -38.27 -0.57 -37.07
C THR A 494 -38.39 -2.09 -37.16
N ASP A 495 -37.31 -2.79 -36.80
CA ASP A 495 -37.28 -4.26 -36.79
C ASP A 495 -38.03 -4.83 -35.65
N ASN A 496 -38.12 -4.11 -34.54
CA ASN A 496 -38.68 -4.66 -33.30
C ASN A 496 -40.18 -4.68 -33.23
N ASN A 497 -40.71 -5.43 -32.27
CA ASN A 497 -42.14 -5.45 -32.04
C ASN A 497 -42.59 -4.11 -31.51
N ASN A 498 -43.78 -3.67 -31.86
CA ASN A 498 -44.33 -2.48 -31.25
C ASN A 498 -45.00 -2.75 -29.89
N SER A 499 -44.20 -2.97 -28.87
CA SER A 499 -44.68 -3.03 -27.50
C SER A 499 -43.51 -2.77 -26.57
N ASN A 500 -43.81 -2.72 -25.27
CA ASN A 500 -42.80 -2.64 -24.27
C ASN A 500 -42.63 -4.01 -23.65
N PHE A 501 -41.66 -4.76 -24.16
CA PHE A 501 -41.45 -6.14 -23.73
C PHE A 501 -40.24 -6.45 -22.84
N THR A 502 -39.56 -5.43 -22.32
CA THR A 502 -38.34 -5.71 -21.58
C THR A 502 -38.48 -6.54 -20.29
N TRP A 503 -39.38 -6.12 -19.41
CA TRP A 503 -39.73 -6.91 -18.24
C TRP A 503 -40.50 -8.16 -18.66
N THR A 504 -41.42 -8.00 -19.60
CA THR A 504 -42.34 -9.07 -19.98
C THR A 504 -41.75 -10.12 -20.93
N GLY A 505 -40.78 -9.71 -21.75
CA GLY A 505 -40.06 -10.64 -22.61
C GLY A 505 -38.70 -11.01 -22.06
N ALA A 506 -38.36 -10.42 -20.92
CA ALA A 506 -37.06 -10.63 -20.30
C ALA A 506 -36.82 -11.99 -19.67
N SER A 507 -35.58 -12.45 -19.75
CA SER A 507 -35.11 -13.60 -19.06
C SER A 507 -34.91 -13.16 -17.60
N LYS A 508 -35.68 -13.80 -16.71
CA LYS A 508 -35.69 -13.47 -15.28
C LYS A 508 -35.54 -14.68 -14.37
N TYR A 509 -34.99 -14.45 -13.19
CA TYR A 509 -34.98 -15.50 -12.21
C TYR A 509 -35.91 -15.12 -11.10
N ASN A 510 -36.31 -16.13 -10.33
CA ASN A 510 -37.40 -15.94 -9.39
C ASN A 510 -36.91 -16.39 -8.03
N LEU A 511 -36.83 -15.42 -7.12
CA LEU A 511 -36.22 -15.65 -5.83
C LEU A 511 -37.13 -15.19 -4.73
N ASN A 512 -37.58 -16.11 -3.91
CA ASN A 512 -38.52 -15.79 -2.85
C ASN A 512 -39.65 -14.90 -3.40
N GLY A 513 -40.34 -15.36 -4.45
CA GLY A 513 -41.48 -14.64 -5.04
C GLY A 513 -41.17 -13.29 -5.69
N ARG A 514 -39.89 -12.95 -5.72
CA ARG A 514 -39.40 -11.75 -6.37
C ARG A 514 -38.61 -11.99 -7.66
N GLU A 515 -39.03 -11.33 -8.72
CA GLU A 515 -38.35 -11.46 -10.00
C GLU A 515 -37.18 -10.49 -10.19
N SER A 516 -36.17 -10.98 -10.88
CA SER A 516 -34.98 -10.23 -11.10
C SER A 516 -34.56 -10.56 -12.54
N ILE A 517 -34.33 -9.51 -13.33
CA ILE A 517 -33.78 -9.66 -14.66
C ILE A 517 -32.41 -10.29 -14.62
N ILE A 518 -32.17 -11.30 -15.46
CA ILE A 518 -30.85 -11.90 -15.52
C ILE A 518 -30.11 -10.95 -16.42
N ASN A 519 -29.11 -10.27 -15.88
CA ASN A 519 -28.34 -9.34 -16.63
C ASN A 519 -26.99 -9.12 -16.00
N PRO A 520 -25.90 -9.36 -16.75
CA PRO A 520 -25.77 -9.83 -18.13
C PRO A 520 -25.98 -11.34 -18.37
N GLY A 521 -25.97 -12.13 -17.31
CA GLY A 521 -26.28 -13.54 -17.43
C GLY A 521 -25.15 -14.32 -18.01
N THR A 522 -25.40 -15.59 -18.24
CA THR A 522 -24.38 -16.51 -18.72
C THR A 522 -23.49 -15.84 -19.82
N ALA A 523 -22.17 -16.05 -19.76
CA ALA A 523 -21.33 -15.63 -20.89
C ALA A 523 -21.73 -16.30 -22.21
N MET A 524 -22.25 -15.48 -23.11
CA MET A 524 -22.72 -15.94 -24.42
C MET A 524 -22.36 -14.94 -25.53
N ALA A 525 -22.13 -15.41 -26.77
CA ALA A 525 -21.78 -14.50 -27.85
C ALA A 525 -22.98 -13.63 -28.15
N SER A 526 -22.73 -12.35 -28.33
CA SER A 526 -23.77 -11.36 -28.60
C SER A 526 -24.58 -11.50 -29.89
N HIS A 527 -23.94 -11.98 -30.95
CA HIS A 527 -24.62 -12.18 -32.23
C HIS A 527 -23.75 -13.08 -33.08
N LYS A 528 -24.38 -13.88 -33.94
CA LYS A 528 -23.62 -14.65 -34.90
C LYS A 528 -23.06 -13.76 -36.00
N ASP A 529 -22.23 -14.34 -36.84
CA ASP A 529 -21.60 -13.62 -37.95
C ASP A 529 -22.56 -12.73 -38.71
N ASP A 530 -22.09 -11.52 -39.02
CA ASP A 530 -22.80 -10.60 -39.90
C ASP A 530 -24.02 -9.97 -39.28
N GLU A 531 -24.18 -10.03 -37.97
CA GLU A 531 -25.42 -9.58 -37.40
C GLU A 531 -25.17 -8.63 -36.25
N ASP A 532 -24.22 -7.73 -36.45
CA ASP A 532 -23.79 -6.85 -35.39
C ASP A 532 -24.86 -5.87 -34.98
N LYS A 533 -25.98 -5.85 -35.70
CA LYS A 533 -27.05 -4.95 -35.33
C LYS A 533 -27.99 -5.44 -34.20
N PHE A 534 -27.94 -6.74 -33.89
CA PHE A 534 -28.72 -7.34 -32.80
C PHE A 534 -27.92 -7.49 -31.49
N PHE A 535 -28.62 -7.53 -30.37
CA PHE A 535 -27.95 -7.76 -29.11
C PHE A 535 -28.95 -8.33 -28.12
N PRO A 536 -28.44 -9.09 -27.13
CA PRO A 536 -29.37 -9.65 -26.17
C PRO A 536 -29.94 -8.46 -25.41
N MET A 537 -31.27 -8.48 -25.19
CA MET A 537 -31.95 -7.49 -24.38
C MET A 537 -31.27 -7.16 -23.06
N SER A 538 -30.78 -8.17 -22.34
CA SER A 538 -30.07 -7.88 -21.10
C SER A 538 -28.81 -8.74 -20.93
N GLY A 539 -28.12 -9.06 -22.02
CA GLY A 539 -26.95 -9.93 -22.01
C GLY A 539 -25.64 -9.26 -22.43
N VAL A 540 -25.65 -7.93 -22.48
CA VAL A 540 -24.42 -7.18 -22.75
C VAL A 540 -24.23 -6.05 -21.76
N MET A 541 -22.98 -5.83 -21.42
CA MET A 541 -22.63 -4.77 -20.52
C MET A 541 -22.84 -3.50 -21.33
N ILE A 542 -23.43 -2.49 -20.71
CA ILE A 542 -23.70 -1.23 -21.41
C ILE A 542 -23.28 0.03 -20.63
N PHE A 543 -22.33 0.76 -21.18
CA PHE A 543 -21.84 2.00 -20.54
C PHE A 543 -22.54 3.27 -21.04
N GLY A 544 -22.68 4.23 -20.17
CA GLY A 544 -23.34 5.45 -20.59
C GLY A 544 -22.31 6.41 -21.09
N LYS A 545 -22.68 7.20 -22.06
CA LYS A 545 -21.84 8.35 -22.43
C LYS A 545 -21.97 9.44 -21.39
N GLU A 546 -21.08 10.42 -21.47
CA GLU A 546 -21.05 11.51 -20.51
C GLU A 546 -22.15 12.52 -20.83
N SER A 547 -22.94 12.22 -21.85
CA SER A 547 -24.15 12.97 -22.13
C SER A 547 -25.42 12.27 -21.63
N ALA A 548 -25.32 10.98 -21.29
CA ALA A 548 -26.48 10.18 -20.96
C ALA A 548 -27.21 10.67 -19.71
N GLY A 549 -28.53 10.77 -19.82
CA GLY A 549 -29.40 10.98 -18.68
C GLY A 549 -29.54 9.68 -17.91
N ALA A 550 -30.03 9.79 -16.68
CA ALA A 550 -30.16 8.68 -15.78
C ALA A 550 -31.14 7.64 -16.25
N SER A 551 -32.22 8.07 -16.89
CA SER A 551 -33.26 7.13 -17.30
C SER A 551 -33.92 7.44 -18.64
N ASN A 552 -34.25 6.37 -19.37
CA ASN A 552 -34.81 6.49 -20.72
C ASN A 552 -34.03 7.44 -21.65
N THR A 553 -32.73 7.26 -21.69
CA THR A 553 -31.92 7.99 -22.59
C THR A 553 -31.81 7.19 -23.90
N ALA A 554 -31.44 7.88 -24.95
CA ALA A 554 -31.39 7.33 -26.31
C ALA A 554 -30.14 6.51 -26.64
N LEU A 555 -30.27 5.72 -27.70
CA LEU A 555 -29.26 4.77 -28.11
C LEU A 555 -27.87 5.36 -28.25
N ASP A 556 -27.81 6.61 -28.72
CA ASP A 556 -26.53 7.22 -29.00
C ASP A 556 -25.88 7.87 -27.80
N ASN A 557 -26.51 7.74 -26.63
CA ASN A 557 -25.86 8.17 -25.43
C ASN A 557 -25.33 6.99 -24.66
N VAL A 558 -25.42 5.77 -25.23
CA VAL A 558 -24.88 4.60 -24.53
C VAL A 558 -23.85 3.91 -25.40
N MET A 559 -23.05 3.04 -24.79
CA MET A 559 -22.12 2.25 -25.52
C MET A 559 -22.36 0.82 -25.12
N ILE A 560 -22.72 0.02 -26.12
CA ILE A 560 -23.04 -1.38 -25.87
C ILE A 560 -21.83 -2.19 -26.18
N THR A 561 -21.41 -3.03 -25.23
CA THR A 561 -20.33 -3.97 -25.49
C THR A 561 -20.71 -5.06 -26.52
N ASP A 562 -19.70 -5.75 -27.05
CA ASP A 562 -19.92 -6.81 -27.99
C ASP A 562 -19.04 -7.95 -27.54
N GLU A 563 -19.65 -9.11 -27.29
CA GLU A 563 -18.88 -10.26 -26.82
C GLU A 563 -18.83 -11.33 -27.90
N GLU A 564 -18.76 -10.87 -29.14
CA GLU A 564 -18.78 -11.75 -30.31
C GLU A 564 -17.60 -12.71 -30.45
N GLU A 565 -16.46 -12.34 -29.90
CA GLU A 565 -15.27 -13.18 -29.98
C GLU A 565 -15.47 -14.58 -29.40
N ILE A 566 -16.38 -14.74 -28.43
CA ILE A 566 -16.53 -16.03 -27.79
C ILE A 566 -17.40 -17.03 -28.54
N LYS A 567 -17.83 -16.65 -29.74
CA LYS A 567 -18.66 -17.57 -30.53
C LYS A 567 -17.93 -18.79 -31.11
N ALA A 568 -16.62 -18.78 -31.01
CA ALA A 568 -15.86 -19.99 -31.22
C ALA A 568 -16.20 -21.15 -30.25
N THR A 569 -16.65 -20.83 -29.01
CA THR A 569 -16.89 -21.84 -27.93
C THR A 569 -18.23 -21.72 -27.20
N ASN A 570 -18.77 -20.51 -27.20
CA ASN A 570 -19.92 -20.18 -26.36
C ASN A 570 -21.16 -19.96 -27.22
N PRO A 571 -22.28 -20.61 -26.86
CA PRO A 571 -23.48 -20.34 -27.63
C PRO A 571 -23.78 -18.82 -27.84
N VAL A 572 -24.32 -18.47 -28.99
CA VAL A 572 -24.87 -17.16 -29.19
C VAL A 572 -26.11 -16.92 -28.31
N ALA A 573 -26.19 -15.72 -27.74
CA ALA A 573 -27.07 -15.43 -26.61
C ALA A 573 -28.54 -15.39 -26.92
N THR A 574 -28.87 -15.30 -28.20
CA THR A 574 -30.29 -15.11 -28.59
C THR A 574 -30.82 -16.27 -29.39
N GLU A 575 -30.12 -17.40 -29.37
CA GLU A 575 -30.51 -18.55 -30.14
C GLU A 575 -30.62 -19.72 -29.20
N ARG A 576 -31.24 -20.78 -29.66
CA ARG A 576 -31.22 -22.03 -28.91
C ARG A 576 -29.79 -22.54 -28.68
N PHE A 577 -29.61 -23.30 -27.60
CA PHE A 577 -28.37 -24.07 -27.46
C PHE A 577 -28.35 -25.16 -28.53
N GLY A 578 -29.49 -25.80 -28.76
CA GLY A 578 -29.57 -26.82 -29.76
C GLY A 578 -30.88 -27.52 -29.81
N THR A 579 -30.86 -28.80 -30.16
CA THR A 579 -32.08 -29.59 -30.34
C THR A 579 -31.92 -30.94 -29.66
N VAL A 580 -33.03 -31.50 -29.16
CA VAL A 580 -33.05 -32.74 -28.41
C VAL A 580 -34.18 -33.59 -28.94
N ALA A 581 -33.96 -34.91 -28.98
CA ALA A 581 -35.04 -35.85 -29.19
C ALA A 581 -36.04 -35.73 -28.04
N VAL A 582 -37.30 -35.98 -28.36
CA VAL A 582 -38.36 -35.93 -27.34
C VAL A 582 -39.37 -37.09 -27.41
N ASN A 583 -39.13 -38.12 -28.22
CA ASN A 583 -40.06 -39.23 -28.30
C ASN A 583 -39.38 -40.47 -28.83
N PHE A 584 -40.11 -41.56 -29.01
CA PHE A 584 -39.57 -42.73 -29.67
C PHE A 584 -40.19 -42.87 -31.04
N GLN A 585 -39.39 -42.72 -32.09
CA GLN A 585 -39.85 -42.85 -33.48
C GLN A 585 -40.16 -44.32 -33.77
N SER A 586 -41.10 -44.57 -34.67
CA SER A 586 -41.39 -45.94 -35.14
C SER A 586 -42.12 -45.80 -36.46
N SER A 587 -42.48 -46.91 -37.10
CA SER A 587 -43.31 -46.77 -38.30
C SER A 587 -44.58 -45.96 -37.99
N SER A 588 -45.15 -46.12 -36.80
CA SER A 588 -46.39 -45.41 -36.46
C SER A 588 -46.13 -43.98 -36.00
N THR A 589 -44.97 -43.74 -35.38
CA THR A 589 -44.71 -42.44 -34.77
C THR A 589 -43.47 -41.74 -35.34
N ASP A 590 -43.69 -40.55 -35.84
CA ASP A 590 -42.61 -39.76 -36.44
C ASP A 590 -41.63 -39.15 -35.45
N PRO A 591 -40.33 -39.20 -35.77
CA PRO A 591 -39.34 -38.66 -34.86
C PRO A 591 -39.58 -37.20 -34.53
N ALA A 592 -39.61 -36.88 -33.25
CA ALA A 592 -39.81 -35.49 -32.88
C ALA A 592 -38.60 -34.96 -32.13
N THR A 593 -38.40 -33.64 -32.24
CA THR A 593 -37.33 -33.01 -31.50
C THR A 593 -37.80 -31.71 -31.01
N GLY A 594 -37.10 -31.15 -30.03
CA GLY A 594 -37.52 -29.91 -29.43
C GLY A 594 -36.31 -28.99 -29.30
N ASP A 595 -36.58 -27.71 -29.28
CA ASP A 595 -35.55 -26.70 -29.01
C ASP A 595 -35.15 -26.52 -27.54
N VAL A 596 -33.84 -26.43 -27.31
CA VAL A 596 -33.33 -26.29 -25.95
C VAL A 596 -32.91 -24.84 -25.81
N HIS A 597 -33.53 -24.13 -24.88
CA HIS A 597 -33.26 -22.70 -24.70
C HIS A 597 -32.47 -22.41 -23.43
N ALA A 598 -32.51 -23.34 -22.48
CA ALA A 598 -31.77 -23.15 -21.24
C ALA A 598 -31.06 -24.48 -20.95
N MET A 599 -29.74 -24.48 -21.09
CA MET A 599 -28.94 -25.69 -20.91
C MET A 599 -27.88 -25.48 -19.83
N GLY A 600 -27.98 -26.32 -18.79
CA GLY A 600 -26.99 -26.33 -17.73
C GLY A 600 -25.74 -27.04 -18.18
N ALA A 601 -24.82 -27.15 -17.25
CA ALA A 601 -23.54 -27.74 -17.47
C ALA A 601 -23.63 -29.25 -17.75
N LEU A 602 -22.94 -29.65 -18.81
CA LEU A 602 -22.86 -31.04 -19.19
C LEU A 602 -21.39 -31.40 -19.20
N PRO A 603 -21.02 -32.61 -18.69
CA PRO A 603 -19.62 -32.99 -18.80
C PRO A 603 -19.16 -32.75 -20.23
N GLY A 604 -17.92 -32.30 -20.42
CA GLY A 604 -17.41 -32.08 -21.76
C GLY A 604 -17.63 -30.67 -22.32
N MET A 605 -18.41 -29.85 -21.65
CA MET A 605 -18.58 -28.50 -22.08
C MET A 605 -17.35 -27.67 -21.80
N VAL A 606 -17.05 -26.76 -22.70
CA VAL A 606 -15.98 -25.82 -22.46
C VAL A 606 -16.47 -24.40 -22.86
N TRP A 607 -15.98 -23.39 -22.18
CA TRP A 607 -16.49 -22.05 -22.49
C TRP A 607 -15.51 -20.97 -22.09
N GLN A 608 -15.83 -19.78 -22.56
CA GLN A 608 -15.04 -18.59 -22.30
C GLN A 608 -15.86 -17.65 -21.45
N ASP A 609 -15.26 -17.07 -20.42
CA ASP A 609 -15.98 -16.14 -19.51
C ASP A 609 -16.12 -14.76 -20.13
N ARG A 610 -16.98 -13.93 -19.57
CA ARG A 610 -17.18 -12.60 -20.14
C ARG A 610 -15.92 -11.80 -20.05
N ASP A 611 -15.73 -10.96 -21.05
CA ASP A 611 -14.55 -10.11 -21.17
C ASP A 611 -14.62 -8.99 -20.15
N VAL A 612 -13.44 -8.42 -19.84
CA VAL A 612 -13.40 -7.23 -19.02
C VAL A 612 -13.24 -5.99 -19.91
N TYR A 613 -13.51 -4.82 -19.37
CA TYR A 613 -13.38 -3.60 -20.15
C TYR A 613 -12.64 -2.58 -19.39
N LEU A 614 -11.98 -1.71 -20.13
CA LEU A 614 -11.20 -0.63 -19.49
C LEU A 614 -12.03 0.12 -18.46
N GLN A 615 -13.32 0.25 -18.73
CA GLN A 615 -14.19 0.90 -17.75
C GLN A 615 -15.13 -0.01 -16.94
N GLY A 616 -14.95 -1.32 -17.05
CA GLY A 616 -15.75 -2.27 -16.24
C GLY A 616 -15.16 -2.56 -14.89
N PRO A 617 -15.82 -3.44 -14.12
CA PRO A 617 -15.30 -3.78 -12.80
C PRO A 617 -14.09 -4.70 -12.93
N ILE A 618 -13.35 -4.85 -11.84
CA ILE A 618 -12.22 -5.78 -11.79
C ILE A 618 -12.55 -7.11 -11.13
N TRP A 619 -13.21 -7.05 -9.97
CA TRP A 619 -13.37 -8.22 -9.13
C TRP A 619 -14.73 -8.20 -8.41
N ALA A 620 -15.12 -9.31 -7.77
CA ALA A 620 -16.21 -9.27 -6.83
C ALA A 620 -15.94 -10.35 -5.79
N LYS A 621 -16.54 -10.18 -4.61
CA LYS A 621 -16.47 -11.16 -3.57
C LYS A 621 -17.35 -12.34 -4.02
N ILE A 622 -16.82 -13.56 -3.96
CA ILE A 622 -17.65 -14.73 -4.11
C ILE A 622 -18.48 -14.79 -2.84
N PRO A 623 -19.79 -14.95 -2.97
CA PRO A 623 -20.66 -15.11 -1.77
C PRO A 623 -20.18 -16.27 -0.93
N HIS A 624 -20.41 -16.14 0.38
CA HIS A 624 -20.01 -17.16 1.30
C HIS A 624 -21.14 -18.20 1.26
N THR A 625 -21.08 -19.15 0.33
CA THR A 625 -22.11 -20.23 0.23
C THR A 625 -21.52 -21.64 0.25
N ASP A 626 -22.33 -22.65 0.48
CA ASP A 626 -21.84 -24.03 0.54
C ASP A 626 -21.28 -24.37 -0.82
N GLY A 627 -21.88 -23.76 -1.85
CA GLY A 627 -21.70 -24.15 -3.25
C GLY A 627 -21.63 -22.97 -4.21
N HIS A 628 -20.63 -22.96 -5.09
CA HIS A 628 -20.57 -22.00 -6.19
C HIS A 628 -20.41 -22.92 -7.38
N PHE A 629 -20.46 -22.38 -8.57
CA PHE A 629 -20.06 -23.17 -9.68
C PHE A 629 -19.41 -22.22 -10.64
N HIS A 630 -18.09 -22.36 -10.80
CA HIS A 630 -17.30 -21.49 -11.63
C HIS A 630 -17.58 -20.04 -11.26
N PRO A 631 -17.17 -19.64 -10.07
CA PRO A 631 -17.63 -18.36 -9.55
C PRO A 631 -16.83 -17.22 -10.14
N SER A 632 -16.88 -17.11 -11.46
CA SER A 632 -16.35 -15.90 -12.11
C SER A 632 -17.51 -14.88 -12.24
N PRO A 633 -17.33 -13.66 -11.70
CA PRO A 633 -18.39 -12.64 -11.57
C PRO A 633 -19.03 -12.38 -12.91
N LEU A 634 -20.32 -12.56 -12.98
CA LEU A 634 -20.97 -12.63 -14.30
C LEU A 634 -20.87 -11.32 -15.06
N MET A 635 -20.72 -10.22 -14.34
CA MET A 635 -20.49 -8.97 -14.99
C MET A 635 -19.07 -8.86 -15.53
N GLY A 636 -18.16 -9.77 -15.16
CA GLY A 636 -16.83 -9.82 -15.77
C GLY A 636 -15.75 -9.54 -14.73
N GLY A 637 -14.58 -10.18 -14.84
CA GLY A 637 -13.57 -10.06 -13.81
C GLY A 637 -13.22 -11.34 -13.04
N PHE A 638 -12.63 -11.05 -11.88
CA PHE A 638 -12.08 -12.02 -10.99
C PHE A 638 -13.00 -12.20 -9.81
N GLY A 639 -13.34 -13.47 -9.57
CA GLY A 639 -13.98 -13.84 -8.33
C GLY A 639 -12.95 -14.08 -7.26
N LEU A 640 -13.20 -13.47 -6.11
CA LEU A 640 -12.28 -13.58 -4.99
C LEU A 640 -12.98 -14.03 -3.72
N LYS A 641 -12.53 -15.16 -3.14
CA LYS A 641 -13.02 -15.55 -1.82
C LYS A 641 -12.74 -14.36 -0.88
N ASN A 642 -11.51 -13.85 -0.84
CA ASN A 642 -11.07 -12.85 0.15
C ASN A 642 -10.55 -11.65 -0.59
N PRO A 643 -11.50 -10.81 -1.10
CA PRO A 643 -11.26 -9.70 -1.97
C PRO A 643 -10.67 -8.50 -1.24
N PRO A 644 -10.25 -7.48 -1.97
CA PRO A 644 -9.74 -6.30 -1.34
C PRO A 644 -10.78 -5.73 -0.39
N PRO A 645 -10.38 -5.54 0.86
CA PRO A 645 -11.32 -5.17 1.89
C PRO A 645 -11.94 -3.79 1.61
N GLN A 646 -13.16 -3.59 2.10
CA GLN A 646 -13.79 -2.28 2.02
C GLN A 646 -13.06 -1.37 2.93
N ILE A 647 -12.98 -0.14 2.49
CA ILE A 647 -12.30 0.89 3.21
C ILE A 647 -13.25 1.99 3.50
N LEU A 648 -13.52 2.17 4.78
CA LEU A 648 -14.55 3.09 5.25
C LEU A 648 -13.94 4.33 5.87
N ILE A 649 -14.62 5.44 5.70
CA ILE A 649 -14.13 6.75 6.11
C ILE A 649 -15.24 7.77 6.40
N LYS A 650 -15.03 8.57 7.43
CA LYS A 650 -16.07 9.42 7.99
C LYS A 650 -15.43 10.61 8.67
N ASN A 651 -16.08 11.76 8.59
CA ASN A 651 -15.72 12.90 9.41
C ASN A 651 -16.27 12.79 10.82
N THR A 652 -15.41 13.03 11.83
CA THR A 652 -15.84 12.79 13.18
C THR A 652 -16.82 13.90 13.54
N PRO A 653 -17.91 13.55 14.25
CA PRO A 653 -18.84 14.61 14.62
C PRO A 653 -18.14 15.63 15.50
N VAL A 654 -18.41 16.90 15.24
CA VAL A 654 -17.90 17.97 16.12
C VAL A 654 -19.07 18.78 16.65
N PRO A 655 -19.45 18.57 17.94
CA PRO A 655 -20.60 19.27 18.53
C PRO A 655 -20.52 20.78 18.32
N ALA A 656 -21.67 21.39 18.02
CA ALA A 656 -21.85 22.81 18.27
C ALA A 656 -21.96 23.06 19.77
N ASN A 657 -22.13 24.32 20.17
CA ASN A 657 -22.16 24.66 21.60
C ASN A 657 -23.31 24.06 22.37
N PRO A 658 -23.02 23.33 23.46
CA PRO A 658 -24.12 22.74 24.22
C PRO A 658 -24.84 23.78 25.06
N PRO A 659 -26.03 23.48 25.58
CA PRO A 659 -26.62 24.38 26.58
C PRO A 659 -25.83 24.48 27.89
N ALA A 660 -26.13 25.50 28.69
CA ALA A 660 -25.53 25.69 30.04
C ALA A 660 -26.00 24.71 31.12
N GLU A 661 -27.14 24.04 30.90
CA GLU A 661 -27.76 23.14 31.83
C GLU A 661 -27.80 21.75 31.20
N PHE A 662 -27.53 20.69 31.97
CA PHE A 662 -27.44 19.37 31.38
C PHE A 662 -28.72 19.01 30.69
N SER A 663 -28.62 18.31 29.56
CA SER A 663 -29.77 17.64 28.97
C SER A 663 -29.34 16.27 28.42
N ALA A 664 -30.14 15.22 28.68
CA ALA A 664 -29.74 13.82 28.36
C ALA A 664 -30.08 13.46 26.92
N THR A 665 -30.89 14.29 26.29
CA THR A 665 -31.35 14.03 24.92
C THR A 665 -30.17 13.97 23.95
N LYS A 666 -30.19 12.96 23.08
CA LYS A 666 -29.14 12.78 22.09
C LYS A 666 -28.75 14.12 21.46
N PHE A 667 -27.45 14.41 21.46
CA PHE A 667 -26.95 15.64 20.87
C PHE A 667 -27.35 15.72 19.40
N ALA A 668 -27.84 16.89 18.99
CA ALA A 668 -28.36 17.08 17.63
C ALA A 668 -27.90 18.36 16.95
N SER A 669 -27.01 19.08 17.60
CA SER A 669 -26.49 20.30 17.01
C SER A 669 -24.99 20.26 16.74
N PHE A 670 -24.61 20.29 15.47
CA PHE A 670 -23.23 20.10 15.07
C PHE A 670 -22.72 21.24 14.20
N ILE A 671 -21.41 21.47 14.28
CA ILE A 671 -20.69 22.31 13.34
C ILE A 671 -20.59 21.58 12.00
N THR A 672 -20.91 22.31 10.95
CA THR A 672 -20.95 21.75 9.62
C THR A 672 -19.56 21.60 9.03
N GLN A 673 -19.21 20.40 8.62
CA GLN A 673 -17.91 20.23 8.01
C GLN A 673 -17.78 19.15 6.97
N TYR A 674 -16.63 19.15 6.33
CA TYR A 674 -16.28 18.16 5.36
C TYR A 674 -14.77 18.11 5.26
N SER A 675 -14.26 17.13 4.52
CA SER A 675 -12.84 16.97 4.44
C SER A 675 -12.41 16.78 2.99
N THR A 676 -11.11 16.87 2.75
CA THR A 676 -10.56 16.58 1.47
C THR A 676 -9.12 16.07 1.66
N GLY A 677 -8.60 15.31 0.70
CA GLY A 677 -7.19 14.89 0.75
C GLY A 677 -6.79 14.18 -0.51
N GLN A 678 -5.70 13.45 -0.47
CA GLN A 678 -5.37 12.54 -1.55
C GLN A 678 -5.53 11.05 -1.09
N VAL A 679 -5.69 10.15 -2.07
CA VAL A 679 -5.71 8.70 -1.85
C VAL A 679 -4.83 8.12 -2.94
N SER A 680 -4.13 7.02 -2.63
CA SER A 680 -3.22 6.37 -3.58
C SER A 680 -3.42 4.90 -3.51
N VAL A 681 -3.56 4.28 -4.68
CA VAL A 681 -3.63 2.85 -4.77
C VAL A 681 -2.59 2.40 -5.75
N GLU A 682 -1.76 1.43 -5.33
CA GLU A 682 -0.74 0.80 -6.16
C GLU A 682 -1.11 -0.69 -6.24
N ILE A 683 -1.22 -1.19 -7.48
CA ILE A 683 -1.43 -2.59 -7.73
C ILE A 683 -0.33 -3.19 -8.63
N GLU A 684 0.13 -4.41 -8.25
CA GLU A 684 1.07 -5.16 -9.05
C GLU A 684 0.23 -6.15 -9.80
N TRP A 685 0.43 -6.22 -11.11
CA TRP A 685 -0.26 -7.16 -12.01
C TRP A 685 0.74 -8.09 -12.68
N GLU A 686 0.50 -9.42 -12.66
CA GLU A 686 1.39 -10.37 -13.32
C GLU A 686 0.86 -10.52 -14.75
N LEU A 687 1.76 -10.59 -15.71
CA LEU A 687 1.38 -10.84 -17.10
C LEU A 687 1.69 -12.23 -17.64
N GLN A 688 0.78 -12.70 -18.48
CA GLN A 688 0.97 -13.88 -19.25
C GLN A 688 1.43 -13.42 -20.63
N LYS A 689 2.68 -13.66 -20.91
CA LYS A 689 3.21 -13.24 -22.20
C LYS A 689 2.71 -14.11 -23.34
N GLU A 690 2.67 -13.51 -24.51
CA GLU A 690 2.26 -14.19 -25.71
C GLU A 690 3.43 -14.98 -26.36
N ASN A 691 3.15 -16.19 -26.84
CA ASN A 691 4.18 -17.09 -27.29
C ASN A 691 3.79 -17.63 -28.67
N SER A 692 3.19 -16.78 -29.49
CA SER A 692 2.41 -17.30 -30.62
C SER A 692 3.28 -17.55 -31.84
N LYS A 693 3.03 -18.67 -32.54
CA LYS A 693 3.77 -18.96 -33.76
C LYS A 693 2.95 -18.56 -34.97
N ARG A 694 1.89 -17.80 -34.70
CA ARG A 694 1.06 -17.32 -35.77
C ARG A 694 1.86 -16.41 -36.71
N TRP A 695 1.81 -16.75 -37.98
CA TRP A 695 2.68 -16.16 -38.99
C TRP A 695 2.15 -14.79 -39.43
N ASN A 696 0.84 -14.72 -39.63
CA ASN A 696 0.30 -13.49 -40.04
C ASN A 696 0.07 -12.54 -38.84
N PRO A 697 -0.08 -11.24 -39.14
CA PRO A 697 -0.34 -10.20 -38.17
C PRO A 697 -1.67 -10.31 -37.45
N GLU A 698 -1.71 -9.75 -36.24
CA GLU A 698 -2.86 -9.82 -35.38
C GLU A 698 -3.80 -8.59 -35.54
N VAL A 699 -5.03 -8.77 -35.12
CA VAL A 699 -5.88 -7.64 -34.90
C VAL A 699 -5.31 -6.96 -33.66
N GLN A 700 -5.21 -5.64 -33.73
CA GLN A 700 -4.66 -4.86 -32.66
C GLN A 700 -5.56 -3.68 -32.36
N TYR A 701 -5.73 -3.34 -31.09
CA TYR A 701 -6.51 -2.17 -30.80
C TYR A 701 -5.70 -0.97 -31.24
N THR A 702 -6.33 -0.08 -31.98
CA THR A 702 -5.60 1.03 -32.52
C THR A 702 -6.42 2.28 -32.54
N SER A 703 -5.83 3.43 -32.34
CA SER A 703 -6.66 4.59 -32.48
C SER A 703 -6.76 4.94 -33.93
N ASN A 704 -7.72 5.80 -34.22
CA ASN A 704 -8.01 6.09 -35.60
C ASN A 704 -7.09 7.17 -36.16
N TYR A 705 -6.59 6.92 -37.35
CA TYR A 705 -5.58 7.78 -37.95
C TYR A 705 -6.20 8.99 -38.68
N ALA A 706 -7.43 8.80 -39.16
CA ALA A 706 -8.14 9.87 -39.86
C ALA A 706 -8.29 11.06 -38.93
N LYS A 707 -8.37 12.24 -39.52
CA LYS A 707 -8.40 13.47 -38.77
C LYS A 707 -9.77 13.79 -38.17
N SER A 708 -9.83 14.48 -37.03
CA SER A 708 -11.10 14.84 -36.43
C SER A 708 -10.99 16.07 -35.52
N ALA A 709 -12.13 16.58 -35.07
CA ALA A 709 -12.20 17.70 -34.14
C ALA A 709 -11.65 17.42 -32.73
N ASN A 710 -11.71 16.18 -32.25
CA ASN A 710 -11.22 15.83 -30.93
C ASN A 710 -10.40 14.55 -30.97
N VAL A 711 -9.49 14.41 -30.02
CA VAL A 711 -8.76 13.17 -29.82
C VAL A 711 -9.58 12.30 -28.88
N ASP A 712 -9.63 11.01 -29.20
CA ASP A 712 -10.17 9.96 -28.33
C ASP A 712 -9.50 9.96 -26.96
N PHE A 713 -10.28 9.69 -25.92
CA PHE A 713 -9.77 9.59 -24.54
C PHE A 713 -8.97 10.83 -24.19
N THR A 714 -9.65 11.95 -24.36
CA THR A 714 -9.10 13.27 -24.07
C THR A 714 -10.12 14.22 -23.46
N VAL A 715 -9.66 15.35 -22.97
CA VAL A 715 -10.58 16.42 -22.52
C VAL A 715 -10.97 17.33 -23.70
N ASP A 716 -12.12 17.94 -23.60
CA ASP A 716 -12.57 18.84 -24.64
C ASP A 716 -12.24 20.29 -24.28
N ASN A 717 -12.89 21.20 -24.98
CA ASN A 717 -12.62 22.61 -24.81
C ASN A 717 -13.22 23.19 -23.52
N ASN A 718 -13.99 22.39 -22.79
CA ASN A 718 -14.49 22.74 -21.46
C ASN A 718 -13.81 21.94 -20.37
N GLY A 719 -12.86 21.09 -20.77
CA GLY A 719 -12.10 20.26 -19.83
C GLY A 719 -12.85 19.04 -19.31
N LEU A 720 -13.76 18.51 -20.10
CA LEU A 720 -14.42 17.30 -19.72
C LEU A 720 -13.76 16.10 -20.38
N TYR A 721 -13.12 15.23 -19.56
CA TYR A 721 -12.57 13.97 -20.08
C TYR A 721 -13.72 13.13 -20.55
N THR A 722 -13.61 12.52 -21.74
CA THR A 722 -14.58 11.50 -22.21
C THR A 722 -13.97 10.17 -22.66
N GLU A 723 -14.71 9.09 -22.45
CA GLU A 723 -14.32 7.77 -22.93
C GLU A 723 -15.30 7.43 -24.03
N PRO A 724 -14.83 7.49 -25.28
CA PRO A 724 -15.68 7.42 -26.46
C PRO A 724 -16.09 6.05 -26.87
N ARG A 725 -15.60 5.02 -26.20
CA ARG A 725 -16.00 3.65 -26.52
C ARG A 725 -15.40 2.68 -25.52
N PRO A 726 -16.04 1.53 -25.34
CA PRO A 726 -15.50 0.54 -24.43
C PRO A 726 -14.32 -0.09 -25.14
N ILE A 727 -13.32 -0.52 -24.38
CA ILE A 727 -12.32 -1.38 -24.96
C ILE A 727 -12.22 -2.66 -24.18
N GLY A 728 -12.33 -3.78 -24.88
CA GLY A 728 -12.23 -5.10 -24.23
C GLY A 728 -10.75 -5.45 -24.21
N THR A 729 -10.44 -6.73 -24.13
CA THR A 729 -9.03 -7.15 -24.07
C THR A 729 -8.67 -8.19 -25.12
N ARG A 730 -9.67 -8.68 -25.84
CA ARG A 730 -9.46 -9.78 -26.78
C ARG A 730 -9.08 -9.41 -28.22
N TYR A 731 -7.79 -9.18 -28.41
CA TYR A 731 -7.15 -8.91 -29.72
C TYR A 731 -6.17 -9.96 -30.17
N LEU A 732 -5.23 -10.36 -29.31
CA LEU A 732 -4.33 -11.45 -29.66
C LEU A 732 -5.14 -12.73 -29.82
N THR A 733 -4.59 -13.74 -30.49
CA THR A 733 -5.32 -14.99 -30.67
C THR A 733 -4.57 -16.21 -30.13
N ARG A 734 -5.33 -17.19 -29.64
CA ARG A 734 -4.80 -18.52 -29.38
C ARG A 734 -5.42 -19.54 -30.31
N PRO A 735 -4.76 -20.68 -30.48
CA PRO A 735 -5.44 -21.92 -30.84
C PRO A 735 -6.30 -22.46 -29.70
N LEU A 736 -7.23 -23.33 -30.02
CA LEU A 736 -8.08 -23.94 -29.01
C LEU A 736 -7.38 -25.11 -28.32
N GLY B 217 11.10 18.59 2.27
CA GLY B 217 10.36 19.27 3.30
C GLY B 217 11.01 19.14 4.67
N ALA B 218 10.64 20.07 5.56
CA ALA B 218 10.79 19.92 7.00
C ALA B 218 9.80 20.83 7.74
N ASP B 219 9.55 20.53 9.00
CA ASP B 219 9.32 21.57 10.02
C ASP B 219 8.11 22.47 9.72
N GLY B 220 8.24 23.76 9.97
CA GLY B 220 7.20 24.50 10.67
C GLY B 220 6.42 25.42 9.75
N VAL B 221 5.18 25.70 10.12
CA VAL B 221 4.56 26.98 9.79
C VAL B 221 5.51 28.14 10.07
N GLY B 222 6.24 28.04 11.18
CA GLY B 222 6.87 29.20 11.79
C GLY B 222 8.33 29.34 11.39
N ASN B 223 8.72 28.62 10.34
CA ASN B 223 10.13 28.35 10.08
C ASN B 223 10.45 28.45 8.63
N ALA B 224 11.27 29.41 8.25
CA ALA B 224 11.74 29.50 6.88
C ALA B 224 12.47 28.18 6.38
N SER B 225 12.20 27.77 5.14
CA SER B 225 12.80 26.55 4.57
C SER B 225 13.90 26.90 3.57
N GLY B 226 14.26 28.17 3.54
CA GLY B 226 15.33 28.61 2.67
C GLY B 226 15.75 30.05 2.94
N ASN B 227 17.00 30.36 2.67
CA ASN B 227 17.42 31.71 2.75
C ASN B 227 17.51 32.34 1.35
N TRP B 228 17.99 33.58 1.28
CA TRP B 228 18.03 34.35 0.03
C TRP B 228 19.46 34.34 -0.42
N HIS B 229 19.77 33.63 -1.50
CA HIS B 229 21.14 33.49 -1.96
C HIS B 229 21.30 34.10 -3.34
N CYS B 230 21.64 35.38 -3.40
CA CYS B 230 21.83 36.08 -4.66
C CYS B 230 23.22 36.65 -4.65
N ASP B 231 24.05 36.23 -5.61
CA ASP B 231 25.46 36.56 -5.50
C ASP B 231 26.18 36.24 -6.77
N SER B 232 27.45 36.62 -6.81
CA SER B 232 28.33 36.27 -7.90
C SER B 232 29.69 35.95 -7.29
N THR B 233 30.32 34.87 -7.75
CA THR B 233 31.67 34.57 -7.31
C THR B 233 32.54 34.22 -8.49
N TRP B 234 33.61 34.99 -8.64
CA TRP B 234 34.57 34.78 -9.70
C TRP B 234 35.80 34.07 -9.14
N LEU B 235 36.13 32.92 -9.72
CA LEU B 235 37.27 32.12 -9.28
C LEU B 235 38.11 31.62 -10.46
N GLY B 236 38.84 32.54 -11.09
CA GLY B 236 39.83 32.16 -12.07
C GLY B 236 39.18 31.65 -13.33
N ASP B 237 38.98 30.33 -13.43
CA ASP B 237 38.44 29.77 -14.67
C ASP B 237 36.92 29.48 -14.58
N ARG B 238 36.34 29.79 -13.44
CA ARG B 238 34.94 29.49 -13.17
C ARG B 238 34.27 30.78 -12.69
N VAL B 239 32.97 30.91 -12.92
CA VAL B 239 32.18 31.93 -12.28
C VAL B 239 30.83 31.33 -11.89
N ILE B 240 30.43 31.54 -10.65
CA ILE B 240 29.26 30.90 -10.11
C ILE B 240 28.19 31.96 -9.87
N THR B 241 27.09 31.91 -10.62
CA THR B 241 25.97 32.82 -10.44
C THR B 241 24.87 32.17 -9.66
N THR B 242 24.44 32.91 -8.65
CA THR B 242 23.29 32.52 -7.91
C THR B 242 22.21 33.58 -8.00
N SER B 243 21.01 33.16 -8.36
CA SER B 243 19.88 34.10 -8.28
C SER B 243 18.61 33.58 -7.66
N THR B 244 18.03 34.44 -6.82
CA THR B 244 16.82 34.10 -6.09
C THR B 244 15.77 35.19 -6.27
N ARG B 245 14.53 34.76 -6.45
CA ARG B 245 13.44 35.68 -6.73
C ARG B 245 12.21 35.22 -6.01
N THR B 246 11.25 36.13 -5.92
CA THR B 246 9.98 35.81 -5.31
C THR B 246 8.87 35.75 -6.38
N TRP B 247 8.15 34.62 -6.42
CA TRP B 247 7.19 34.34 -7.51
C TRP B 247 5.75 34.38 -7.01
N ALA B 248 4.81 34.46 -7.94
CA ALA B 248 3.41 34.22 -7.62
C ALA B 248 2.75 33.30 -8.65
N LEU B 249 1.97 32.33 -8.15
CA LEU B 249 1.33 31.29 -8.97
C LEU B 249 -0.15 31.34 -8.66
N PRO B 250 -0.96 31.69 -9.67
CA PRO B 250 -2.41 31.60 -9.61
C PRO B 250 -2.87 30.20 -9.93
N THR B 251 -4.17 29.99 -9.79
CA THR B 251 -4.81 28.81 -10.30
C THR B 251 -5.12 29.02 -11.77
N TYR B 252 -4.74 28.08 -12.63
CA TYR B 252 -4.96 28.24 -14.07
C TYR B 252 -6.12 27.36 -14.49
N ASN B 253 -6.91 27.84 -15.47
CA ASN B 253 -7.96 27.10 -16.19
C ASN B 253 -8.97 26.52 -15.22
N ASN B 254 -9.04 27.10 -14.03
CA ASN B 254 -9.76 26.47 -12.92
C ASN B 254 -9.46 25.03 -12.62
N HIS B 255 -8.19 24.62 -12.74
CA HIS B 255 -7.75 23.24 -12.52
C HIS B 255 -8.14 22.31 -13.63
N LEU B 256 -8.34 22.84 -14.84
CA LEU B 256 -8.81 22.07 -15.97
C LEU B 256 -7.75 21.98 -17.06
N TYR B 257 -7.81 20.95 -17.88
CA TYR B 257 -7.01 20.90 -19.07
C TYR B 257 -7.98 21.21 -20.19
N LYS B 258 -7.70 22.27 -20.96
CA LYS B 258 -8.56 22.53 -22.12
C LYS B 258 -7.92 22.25 -23.44
N GLN B 259 -8.71 21.68 -24.34
CA GLN B 259 -8.32 21.57 -25.72
C GLN B 259 -8.41 22.97 -26.28
N ILE B 260 -7.39 23.35 -27.04
CA ILE B 260 -7.36 24.64 -27.73
C ILE B 260 -6.95 24.54 -29.17
N SER B 261 -7.35 25.53 -29.98
CA SER B 261 -7.02 25.52 -31.40
C SER B 261 -7.45 26.81 -32.09
N SER B 262 -7.15 26.91 -33.38
CA SER B 262 -7.42 28.13 -34.14
C SER B 262 -8.83 28.13 -34.69
N ALA B 263 -9.58 27.08 -34.39
CA ALA B 263 -10.96 26.95 -34.86
C ALA B 263 -11.79 28.17 -34.48
N SER B 264 -12.71 28.54 -35.35
CA SER B 264 -13.13 29.94 -35.47
C SER B 264 -11.94 30.84 -35.80
N THR B 265 -11.63 31.77 -34.90
CA THR B 265 -10.42 32.57 -35.00
C THR B 265 -10.47 33.46 -36.24
N GLY B 266 -10.67 32.84 -37.40
CA GLY B 266 -10.50 33.53 -38.67
C GLY B 266 -9.09 33.41 -39.22
N ALA B 267 -8.38 32.38 -38.77
CA ALA B 267 -6.94 32.29 -38.99
C ALA B 267 -6.63 31.81 -40.40
N SER B 268 -5.57 32.37 -40.98
CA SER B 268 -4.99 31.80 -42.20
C SER B 268 -4.48 30.39 -41.96
N ASN B 269 -4.32 29.62 -43.03
CA ASN B 269 -3.80 28.26 -42.93
C ASN B 269 -2.41 28.23 -42.30
N ASP B 270 -1.70 29.35 -42.37
CA ASP B 270 -0.35 29.45 -41.83
C ASP B 270 -0.37 29.59 -40.30
N ASN B 271 -1.55 29.88 -39.76
CA ASN B 271 -1.67 30.19 -38.35
C ASN B 271 -2.56 29.20 -37.60
N HIS B 272 -2.99 28.16 -38.29
CA HIS B 272 -3.75 27.08 -37.66
C HIS B 272 -2.91 26.31 -36.65
N TYR B 273 -3.51 25.95 -35.53
CA TYR B 273 -2.88 25.10 -34.57
C TYR B 273 -3.83 24.28 -33.76
N PHE B 274 -3.29 23.21 -33.13
CA PHE B 274 -4.07 22.38 -32.23
C PHE B 274 -3.15 22.05 -31.10
N GLY B 275 -3.72 22.11 -29.90
CA GLY B 275 -2.95 21.81 -28.73
C GLY B 275 -3.85 21.81 -27.51
N TYR B 276 -3.22 21.95 -26.36
CA TYR B 276 -3.89 21.85 -25.05
C TYR B 276 -3.29 22.85 -24.03
N SER B 277 -4.16 23.43 -23.22
CA SER B 277 -3.67 24.25 -22.13
C SER B 277 -3.92 23.58 -20.80
N THR B 278 -3.07 23.88 -19.85
CA THR B 278 -2.83 23.04 -18.73
C THR B 278 -3.04 23.87 -17.48
N PRO B 279 -3.48 23.23 -16.40
CA PRO B 279 -3.58 23.92 -15.12
C PRO B 279 -2.24 24.22 -14.45
N TRP B 280 -1.12 23.86 -15.09
CA TRP B 280 0.19 23.96 -14.44
C TRP B 280 0.90 25.28 -14.80
N GLY B 281 1.80 25.74 -13.95
CA GLY B 281 2.79 26.73 -14.35
C GLY B 281 4.18 26.08 -14.42
N TYR B 282 5.18 26.88 -14.81
CA TYR B 282 6.52 26.37 -14.98
C TYR B 282 7.54 27.42 -14.69
N PHE B 283 8.77 27.00 -14.44
CA PHE B 283 9.88 27.91 -14.22
C PHE B 283 10.78 27.93 -15.40
N ASP B 284 11.25 29.15 -15.70
CA ASP B 284 12.01 29.46 -16.85
C ASP B 284 13.08 30.43 -16.43
N PHE B 285 14.33 30.02 -16.51
CA PHE B 285 15.45 30.92 -16.32
C PHE B 285 16.27 31.04 -17.57
N ASN B 286 15.67 30.80 -18.76
CA ASN B 286 16.47 30.65 -19.99
C ASN B 286 16.72 32.01 -20.62
N ARG B 287 17.34 32.87 -19.84
CA ARG B 287 17.75 34.22 -20.28
C ARG B 287 18.94 34.65 -19.44
N PHE B 288 19.95 35.26 -20.08
CA PHE B 288 21.21 35.52 -19.39
C PHE B 288 20.98 36.45 -18.23
N HIS B 289 20.09 37.42 -18.39
CA HIS B 289 19.91 38.34 -17.25
C HIS B 289 19.20 37.78 -16.01
N CYS B 290 18.84 36.49 -16.04
CA CYS B 290 18.24 35.83 -14.91
C CYS B 290 19.38 35.50 -13.97
N HIS B 291 20.61 35.54 -14.49
CA HIS B 291 21.78 35.11 -13.70
C HIS B 291 22.90 36.14 -13.59
N PHE B 292 23.12 36.89 -14.66
CA PHE B 292 24.20 37.84 -14.73
C PHE B 292 23.64 39.25 -14.53
N SER B 293 24.12 39.95 -13.53
CA SER B 293 23.87 41.37 -13.44
C SER B 293 24.62 42.08 -14.59
N PRO B 294 24.29 43.36 -14.84
CA PRO B 294 24.90 44.07 -15.96
C PRO B 294 26.37 44.22 -15.79
N ARG B 295 26.78 44.46 -14.55
CA ARG B 295 28.19 44.58 -14.25
C ARG B 295 28.93 43.26 -14.47
N ASP B 296 28.35 42.15 -14.04
CA ASP B 296 28.96 40.84 -14.26
C ASP B 296 29.10 40.50 -15.74
N TRP B 297 28.09 40.86 -16.53
CA TRP B 297 28.07 40.59 -17.97
C TRP B 297 29.24 41.35 -18.54
N GLN B 298 29.38 42.55 -18.02
CA GLN B 298 30.50 43.37 -18.42
C GLN B 298 31.82 42.72 -18.09
N ARG B 299 31.93 42.15 -16.90
CA ARG B 299 33.13 41.44 -16.50
C ARG B 299 33.33 40.25 -17.42
N LEU B 300 32.23 39.62 -17.82
CA LEU B 300 32.34 38.41 -18.55
C LEU B 300 32.97 38.81 -19.87
N ILE B 301 32.33 39.76 -20.50
CA ILE B 301 32.54 39.95 -21.92
C ILE B 301 33.82 40.70 -22.26
N ASN B 302 34.37 41.43 -21.29
CA ASN B 302 35.53 42.27 -21.53
C ASN B 302 36.84 41.52 -21.23
N ASN B 303 36.73 40.32 -20.64
CA ASN B 303 37.92 39.57 -20.25
C ASN B 303 38.05 38.14 -20.69
N ASN B 304 37.04 37.62 -21.41
CA ASN B 304 37.04 36.21 -21.79
C ASN B 304 36.73 35.98 -23.25
N TRP B 305 37.41 35.01 -23.85
CA TRP B 305 37.13 34.63 -25.22
C TRP B 305 35.97 33.69 -25.31
N GLY B 306 35.43 33.28 -24.17
CA GLY B 306 34.31 32.34 -24.21
C GLY B 306 33.86 31.90 -22.85
N PHE B 307 32.78 31.13 -22.83
CA PHE B 307 32.22 30.58 -21.62
C PHE B 307 31.11 29.60 -21.93
N ARG B 308 30.80 28.73 -20.97
CA ARG B 308 29.79 27.70 -21.13
C ARG B 308 29.28 27.36 -19.76
N PRO B 309 28.01 26.95 -19.66
CA PRO B 309 27.48 26.35 -18.44
C PRO B 309 28.01 24.92 -18.17
N LYS B 310 28.21 24.62 -16.89
CA LYS B 310 28.70 23.32 -16.45
C LYS B 310 27.73 22.59 -15.54
N ARG B 311 27.24 23.28 -14.51
CA ARG B 311 26.30 22.68 -13.62
C ARG B 311 25.31 23.65 -12.94
N LEU B 312 24.22 23.08 -12.48
CA LEU B 312 23.14 23.89 -11.92
C LEU B 312 22.52 23.27 -10.70
N ASN B 313 21.98 24.14 -9.87
CA ASN B 313 21.37 23.76 -8.63
C ASN B 313 20.10 24.57 -8.52
N PHE B 314 18.98 23.89 -8.28
CA PHE B 314 17.71 24.58 -8.26
C PHE B 314 16.97 24.35 -6.94
N LYS B 315 16.28 25.41 -6.51
CA LYS B 315 15.63 25.42 -5.21
C LYS B 315 14.33 26.18 -5.17
N LEU B 316 13.30 25.48 -4.72
CA LEU B 316 12.01 26.08 -4.47
C LEU B 316 11.80 26.02 -3.00
N PHE B 317 11.35 27.11 -2.46
CA PHE B 317 11.13 27.10 -1.04
C PHE B 317 10.30 28.28 -0.52
N ASN B 318 10.18 28.30 0.80
CA ASN B 318 9.36 29.26 1.52
C ASN B 318 7.98 29.43 0.97
N ILE B 319 7.30 28.31 0.72
CA ILE B 319 6.09 28.37 -0.02
C ILE B 319 4.97 28.83 0.91
N GLN B 320 4.02 29.55 0.35
CA GLN B 320 2.93 29.98 1.18
C GLN B 320 1.63 30.03 0.39
N VAL B 321 0.68 29.19 0.76
CA VAL B 321 -0.52 29.05 -0.04
C VAL B 321 -1.62 29.87 0.61
N LYS B 322 -2.36 30.57 -0.22
CA LYS B 322 -3.36 31.52 0.28
C LYS B 322 -4.71 31.37 -0.35
N GLU B 323 -5.73 31.55 0.46
CA GLU B 323 -7.09 31.50 -0.07
C GLU B 323 -7.70 32.89 -0.21
N VAL B 324 -8.46 33.05 -1.28
CA VAL B 324 -9.12 34.31 -1.57
C VAL B 324 -10.63 34.11 -1.47
N THR B 325 -11.27 34.94 -0.67
CA THR B 325 -12.74 35.00 -0.65
C THR B 325 -13.23 36.41 -0.94
N THR B 326 -14.29 36.50 -1.74
CA THR B 326 -15.00 37.76 -1.96
C THR B 326 -16.49 37.66 -1.65
N ASN B 327 -16.98 38.62 -0.86
CA ASN B 327 -18.28 39.29 -1.10
C ASN B 327 -18.10 40.43 -2.08
N ASP B 328 -19.17 41.09 -2.54
CA ASP B 328 -18.84 42.40 -3.12
C ASP B 328 -19.13 43.53 -2.14
N GLY B 329 -18.23 44.52 -2.10
CA GLY B 329 -17.12 44.58 -3.03
C GLY B 329 -16.16 43.42 -2.88
N VAL B 330 -15.92 43.03 -1.64
CA VAL B 330 -14.69 43.35 -0.94
C VAL B 330 -13.95 42.08 -0.52
N THR B 331 -12.66 42.02 -0.80
CA THR B 331 -11.99 40.75 -1.08
C THR B 331 -10.95 40.43 -0.02
N THR B 332 -11.02 39.23 0.52
CA THR B 332 -10.25 38.86 1.70
C THR B 332 -9.29 37.72 1.40
N ILE B 333 -8.04 37.90 1.80
CA ILE B 333 -7.03 36.86 1.63
C ILE B 333 -6.52 36.38 2.99
N ALA B 334 -6.48 35.07 3.19
CA ALA B 334 -5.83 34.50 4.35
C ALA B 334 -4.91 33.33 3.95
N ASN B 335 -4.07 32.91 4.87
CA ASN B 335 -3.29 31.71 4.69
C ASN B 335 -4.17 30.44 4.72
N ASN B 336 -3.91 29.49 3.82
CA ASN B 336 -4.48 28.18 3.97
C ASN B 336 -3.33 27.23 4.28
N LEU B 337 -3.13 27.01 5.58
CA LEU B 337 -1.94 26.37 6.07
C LEU B 337 -1.78 24.90 5.63
N THR B 338 -2.88 24.22 5.35
CA THR B 338 -2.83 22.79 5.10
C THR B 338 -2.93 22.46 3.62
N SER B 339 -2.67 23.48 2.80
CA SER B 339 -2.74 23.39 1.33
C SER B 339 -1.40 23.12 0.71
N THR B 340 -1.38 22.45 -0.43
CA THR B 340 -0.09 22.12 -1.03
C THR B 340 0.09 22.76 -2.42
N VAL B 341 1.37 22.93 -2.78
CA VAL B 341 1.80 23.15 -4.16
C VAL B 341 2.61 21.93 -4.62
N GLN B 342 2.45 21.54 -5.87
CA GLN B 342 3.03 20.30 -6.42
C GLN B 342 4.12 20.68 -7.37
N VAL B 343 5.18 19.86 -7.45
CA VAL B 343 6.30 20.17 -8.32
C VAL B 343 6.99 18.92 -8.82
N PHE B 344 7.50 19.01 -10.04
CA PHE B 344 8.36 17.97 -10.58
C PHE B 344 9.19 18.52 -11.73
N SER B 345 10.32 17.85 -11.95
CA SER B 345 11.12 18.13 -13.11
C SER B 345 10.92 17.00 -14.10
N ASP B 346 10.66 17.38 -15.35
CA ASP B 346 10.51 16.43 -16.45
C ASP B 346 11.91 15.95 -16.91
N SER B 347 12.60 15.21 -16.05
CA SER B 347 13.99 14.81 -16.28
C SER B 347 14.23 13.71 -17.34
N GLU B 348 13.18 13.01 -17.76
CA GLU B 348 13.27 12.04 -18.85
C GLU B 348 12.71 12.64 -20.16
N TYR B 349 12.40 13.93 -20.09
CA TYR B 349 11.90 14.75 -21.23
C TYR B 349 10.65 14.18 -21.87
N GLN B 350 9.78 13.69 -21.02
CA GLN B 350 8.59 13.03 -21.51
C GLN B 350 7.52 14.02 -21.96
N LEU B 351 7.69 15.27 -21.62
CA LEU B 351 6.75 16.31 -22.03
C LEU B 351 7.27 17.15 -23.18
N PRO B 352 6.33 17.70 -23.96
CA PRO B 352 6.71 18.63 -25.04
C PRO B 352 7.56 19.76 -24.47
N TYR B 353 8.70 20.01 -25.13
CA TYR B 353 9.66 20.92 -24.54
C TYR B 353 9.38 22.32 -24.94
N VAL B 354 8.92 23.11 -23.98
CA VAL B 354 8.38 24.43 -24.27
C VAL B 354 9.34 25.57 -23.95
N LEU B 355 10.42 25.28 -23.22
CA LEU B 355 11.53 26.24 -23.16
C LEU B 355 12.19 26.41 -24.55
N GLY B 356 12.95 27.46 -24.74
CA GLY B 356 13.72 27.64 -25.97
C GLY B 356 12.87 28.08 -27.15
N SER B 357 11.78 28.73 -26.80
CA SER B 357 10.94 29.38 -27.78
C SER B 357 10.85 30.85 -27.39
N ALA B 358 11.64 31.25 -26.42
CA ALA B 358 11.87 32.68 -26.12
C ALA B 358 10.60 33.34 -25.57
N HIS B 359 9.86 32.54 -24.84
CA HIS B 359 8.69 33.02 -24.17
C HIS B 359 8.99 33.99 -23.07
N GLN B 360 8.07 34.90 -22.84
CA GLN B 360 8.19 35.69 -21.64
C GLN B 360 7.74 34.89 -20.42
N GLY B 361 8.18 35.33 -19.24
CA GLY B 361 7.84 34.72 -17.96
C GLY B 361 9.07 34.15 -17.26
N CYS B 362 10.27 34.50 -17.73
CA CYS B 362 11.50 34.03 -17.09
C CYS B 362 11.68 34.82 -15.83
N LEU B 363 12.54 34.35 -14.92
CA LEU B 363 12.98 35.18 -13.81
C LEU B 363 13.34 36.58 -14.29
N PRO B 364 12.87 37.61 -13.59
CA PRO B 364 13.15 38.96 -14.00
C PRO B 364 14.63 39.35 -13.81
N PRO B 365 15.15 40.27 -14.64
CA PRO B 365 16.56 40.70 -14.59
C PRO B 365 16.90 41.34 -13.25
N PHE B 366 15.91 42.01 -12.68
CA PHE B 366 16.10 42.77 -11.45
C PHE B 366 15.65 42.04 -10.19
N PRO B 367 16.59 41.72 -9.30
CA PRO B 367 16.31 40.79 -8.19
C PRO B 367 15.15 41.23 -7.31
N ALA B 368 14.87 42.52 -7.27
CA ALA B 368 13.74 42.98 -6.46
C ALA B 368 12.36 42.82 -7.09
N ASP B 369 12.27 42.50 -8.39
CA ASP B 369 10.98 42.24 -9.07
C ASP B 369 10.36 40.87 -8.73
N VAL B 370 9.06 40.91 -8.43
CA VAL B 370 8.21 39.74 -8.21
C VAL B 370 7.64 39.31 -9.57
N PHE B 371 7.52 38.02 -9.82
CA PHE B 371 7.08 37.63 -11.13
C PHE B 371 5.98 36.62 -11.02
N MET B 372 5.13 36.63 -12.02
CA MET B 372 4.07 35.66 -12.14
C MET B 372 4.58 34.46 -12.98
N ILE B 373 4.26 33.23 -12.55
CA ILE B 373 4.73 32.05 -13.27
C ILE B 373 3.90 31.89 -14.51
N PRO B 374 4.53 31.63 -15.67
CA PRO B 374 3.74 31.36 -16.90
C PRO B 374 2.93 30.07 -16.76
N GLN B 375 1.88 29.91 -17.57
CA GLN B 375 1.08 28.68 -17.70
C GLN B 375 1.68 27.71 -18.76
N TYR B 376 1.69 26.41 -18.48
CA TYR B 376 2.21 25.48 -19.47
C TYR B 376 1.07 25.20 -20.45
N GLY B 377 1.34 25.31 -21.76
CA GLY B 377 0.52 24.69 -22.79
C GLY B 377 1.45 24.17 -23.88
N TYR B 378 0.96 23.31 -24.76
CA TYR B 378 1.80 22.76 -25.80
C TYR B 378 0.94 22.55 -27.05
N LEU B 379 1.58 22.36 -28.21
CA LEU B 379 0.91 21.98 -29.45
C LEU B 379 1.24 20.54 -29.91
N THR B 380 0.42 19.99 -30.81
CA THR B 380 0.66 18.71 -31.47
C THR B 380 0.37 18.86 -32.93
N LEU B 381 0.29 17.72 -33.63
CA LEU B 381 0.04 17.73 -35.03
C LEU B 381 -1.33 18.37 -35.18
N ASN B 382 -1.44 19.18 -36.21
CA ASN B 382 -2.72 19.74 -36.65
C ASN B 382 -2.85 19.73 -38.18
N ASN B 383 -4.05 19.45 -38.65
CA ASN B 383 -4.41 19.53 -40.05
C ASN B 383 -5.47 20.65 -40.08
N GLY B 384 -5.03 21.83 -40.48
CA GLY B 384 -5.85 23.02 -40.30
C GLY B 384 -6.06 23.18 -38.81
N SER B 385 -7.30 23.46 -38.38
CA SER B 385 -7.58 23.53 -36.95
C SER B 385 -8.03 22.18 -36.31
N GLN B 386 -7.93 21.10 -37.06
CA GLN B 386 -8.34 19.82 -36.50
C GLN B 386 -7.12 19.06 -36.02
N ALA B 387 -7.33 17.97 -35.28
CA ALA B 387 -6.24 17.06 -34.91
C ALA B 387 -6.13 15.86 -35.83
N VAL B 388 -5.09 15.06 -35.66
CA VAL B 388 -4.87 13.82 -36.41
C VAL B 388 -4.76 12.66 -35.37
N GLY B 389 -4.81 11.41 -35.81
CA GLY B 389 -4.75 10.30 -34.84
C GLY B 389 -3.40 10.27 -34.14
N ARG B 390 -2.39 10.81 -34.81
CA ARG B 390 -1.02 10.80 -34.32
C ARG B 390 -0.79 11.85 -33.23
N SER B 391 -1.71 12.82 -33.13
CA SER B 391 -1.68 13.84 -32.05
C SER B 391 -1.65 13.28 -30.66
N SER B 392 -0.78 13.87 -29.85
CA SER B 392 -0.49 13.41 -28.52
C SER B 392 -1.13 14.35 -27.51
N PHE B 393 -1.77 13.74 -26.54
CA PHE B 393 -2.26 14.42 -25.36
C PHE B 393 -1.51 13.94 -24.11
N TYR B 394 -1.17 14.91 -23.25
CA TYR B 394 -0.35 14.68 -22.04
C TYR B 394 -1.06 15.16 -20.78
N CYS B 395 -1.15 14.32 -19.75
CA CYS B 395 -1.70 14.74 -18.49
C CYS B 395 -0.57 14.79 -17.51
N LEU B 396 -0.33 15.96 -16.93
CA LEU B 396 0.82 16.21 -16.05
C LEU B 396 0.82 15.48 -14.71
N GLU B 397 -0.37 15.27 -14.17
CA GLU B 397 -0.56 14.56 -12.91
C GLU B 397 0.00 13.15 -13.00
N TYR B 398 -0.15 12.54 -14.18
CA TYR B 398 0.24 11.15 -14.41
C TYR B 398 1.72 10.92 -14.12
N PHE B 399 2.39 12.01 -13.78
CA PHE B 399 3.81 12.04 -13.40
C PHE B 399 3.94 12.03 -11.88
N PRO B 400 4.93 11.29 -11.33
CA PRO B 400 5.08 11.48 -9.87
C PRO B 400 5.43 12.97 -9.56
N SER B 401 4.78 13.59 -8.59
CA SER B 401 5.24 14.93 -8.21
C SER B 401 5.37 15.14 -6.72
N GLN B 402 6.22 16.08 -6.31
CA GLN B 402 6.37 16.37 -4.92
C GLN B 402 5.32 17.37 -4.37
N MET B 403 4.75 17.05 -3.21
CA MET B 403 3.63 17.84 -2.70
C MET B 403 4.11 18.63 -1.50
N LEU B 404 4.01 19.93 -1.60
CA LEU B 404 4.59 20.75 -0.58
C LEU B 404 3.58 21.57 0.18
N ARG B 405 3.56 21.43 1.49
CA ARG B 405 2.86 22.40 2.32
C ARG B 405 3.84 23.50 2.69
N THR B 406 3.33 24.51 3.39
CA THR B 406 4.11 25.68 3.76
C THR B 406 5.47 25.42 4.42
N GLY B 407 5.63 24.25 5.03
CA GLY B 407 6.87 23.86 5.66
C GLY B 407 7.97 23.37 4.72
N ASN B 408 7.59 22.88 3.55
CA ASN B 408 8.46 22.01 2.76
C ASN B 408 9.25 22.78 1.68
N ASN B 409 10.22 22.12 1.06
CA ASN B 409 10.94 22.72 -0.03
C ASN B 409 11.31 21.69 -1.07
N PHE B 410 11.75 22.15 -2.25
CA PHE B 410 12.11 21.31 -3.38
C PHE B 410 13.49 21.64 -3.85
N THR B 411 14.28 20.63 -4.16
CA THR B 411 15.58 20.89 -4.70
C THR B 411 15.94 19.88 -5.76
N PHE B 412 16.71 20.27 -6.75
CA PHE B 412 17.39 19.28 -7.59
C PHE B 412 18.63 19.88 -8.20
N SER B 413 19.58 19.01 -8.61
CA SER B 413 20.72 19.44 -9.42
C SER B 413 20.80 18.79 -10.78
N TYR B 414 21.61 19.41 -11.63
CA TYR B 414 21.74 19.04 -13.00
C TYR B 414 23.18 19.33 -13.50
N THR B 415 23.66 18.53 -14.45
CA THR B 415 24.96 18.76 -15.03
C THR B 415 24.68 18.93 -16.51
N PHE B 416 25.35 19.90 -17.10
CA PHE B 416 25.33 20.11 -18.52
C PHE B 416 26.30 19.20 -19.25
N GLU B 417 25.90 18.80 -20.46
CA GLU B 417 26.71 18.02 -21.34
C GLU B 417 27.92 18.89 -21.77
N GLU B 418 28.90 18.28 -22.41
CA GLU B 418 30.04 19.02 -22.90
C GLU B 418 29.59 19.78 -24.13
N VAL B 419 29.89 21.07 -24.16
CA VAL B 419 29.53 21.92 -25.29
C VAL B 419 30.65 22.90 -25.58
N PRO B 420 30.75 23.32 -26.83
CA PRO B 420 31.78 24.29 -27.22
C PRO B 420 31.56 25.60 -26.50
N PHE B 421 32.64 26.27 -26.11
CA PHE B 421 32.52 27.55 -25.43
C PHE B 421 31.89 28.53 -26.41
N HIS B 422 30.97 29.36 -25.93
CA HIS B 422 30.46 30.41 -26.78
C HIS B 422 31.51 31.44 -27.20
N SER B 423 31.55 31.82 -28.47
CA SER B 423 32.62 32.72 -28.88
C SER B 423 32.31 34.19 -28.50
N SER B 424 32.91 34.64 -27.41
CA SER B 424 32.81 36.03 -27.01
C SER B 424 33.97 36.84 -27.51
N TYR B 425 34.06 36.98 -28.83
CA TYR B 425 35.13 37.71 -29.48
C TYR B 425 34.71 38.00 -30.91
N ALA B 426 35.18 39.13 -31.44
CA ALA B 426 35.24 39.31 -32.89
C ALA B 426 36.60 38.90 -33.43
N HIS B 427 36.64 38.45 -34.68
CA HIS B 427 37.90 38.29 -35.39
C HIS B 427 38.51 39.63 -35.78
N SER B 428 39.83 39.68 -35.83
CA SER B 428 40.54 40.88 -36.28
C SER B 428 41.24 40.61 -37.61
N GLN B 429 40.73 39.64 -38.34
CA GLN B 429 41.19 39.32 -39.69
C GLN B 429 39.93 38.90 -40.39
N SER B 430 39.94 38.89 -41.72
CA SER B 430 38.82 38.35 -42.48
C SER B 430 39.27 37.30 -43.45
N LEU B 431 38.34 36.46 -43.92
CA LEU B 431 38.69 35.23 -44.61
C LEU B 431 39.58 35.53 -45.79
N ASP B 432 39.30 36.69 -46.37
CA ASP B 432 39.88 37.15 -47.63
C ASP B 432 41.11 37.99 -47.41
N ARG B 433 41.51 38.13 -46.16
CA ARG B 433 42.76 38.81 -45.87
C ARG B 433 43.66 37.95 -44.99
N LEU B 434 43.83 36.68 -45.33
CA LEU B 434 44.71 35.81 -44.51
C LEU B 434 46.13 35.74 -45.01
N MET B 435 46.40 36.20 -46.22
CA MET B 435 47.71 36.04 -46.83
C MET B 435 48.77 36.95 -46.24
N ASN B 436 50.03 36.62 -46.55
CA ASN B 436 51.15 37.48 -46.23
C ASN B 436 51.19 38.59 -47.28
N PRO B 437 50.97 39.83 -46.87
CA PRO B 437 50.87 40.97 -47.76
C PRO B 437 52.20 41.41 -48.37
N LEU B 438 53.29 40.66 -48.13
CA LEU B 438 54.59 41.02 -48.69
C LEU B 438 55.02 40.13 -49.82
N ILE B 439 54.54 38.90 -49.83
CA ILE B 439 55.12 37.86 -50.67
C ILE B 439 54.13 37.40 -51.75
N ASP B 440 54.65 37.09 -52.94
CA ASP B 440 53.81 36.46 -53.94
C ASP B 440 53.46 35.01 -53.52
N GLN B 441 52.45 34.43 -54.16
CA GLN B 441 52.24 32.98 -54.17
C GLN B 441 53.12 32.34 -55.20
N TYR B 442 53.24 31.00 -55.19
CA TYR B 442 53.93 30.24 -56.24
C TYR B 442 52.87 29.76 -57.24
N LEU B 443 51.61 30.08 -56.92
CA LEU B 443 50.46 29.68 -57.71
C LEU B 443 50.01 30.73 -58.74
N TYR B 444 49.47 30.24 -59.85
CA TYR B 444 49.13 31.10 -60.98
C TYR B 444 47.64 31.01 -61.21
N TYR B 445 47.07 32.03 -61.83
CA TYR B 445 45.65 32.02 -62.20
C TYR B 445 45.51 32.69 -63.55
N LEU B 446 44.50 32.29 -64.30
CA LEU B 446 44.22 32.87 -65.57
C LEU B 446 43.80 34.32 -65.33
N ASN B 447 44.63 35.25 -65.84
CA ASN B 447 44.44 36.68 -65.64
C ASN B 447 43.71 37.39 -66.77
N ARG B 448 44.08 37.06 -68.00
CA ARG B 448 43.41 37.61 -69.18
C ARG B 448 43.05 36.57 -70.23
N THR B 449 41.87 36.75 -70.80
CA THR B 449 41.42 36.01 -71.97
C THR B 449 41.53 36.81 -73.27
N GLN B 450 42.15 37.98 -73.19
CA GLN B 450 42.56 38.71 -74.37
C GLN B 450 43.64 39.73 -74.07
N ASN B 451 44.48 40.03 -75.04
CA ASN B 451 45.52 41.04 -74.86
C ASN B 451 44.94 42.44 -74.80
N GLN B 452 45.30 43.19 -73.75
CA GLN B 452 46.70 43.41 -73.42
C GLN B 452 47.34 44.45 -74.33
N SER B 453 46.59 45.51 -74.64
CA SER B 453 46.95 46.40 -75.74
C SER B 453 48.05 45.79 -76.59
N GLY B 454 47.69 44.74 -77.33
CA GLY B 454 48.00 44.67 -78.75
C GLY B 454 46.76 44.73 -79.61
N SER B 455 46.61 45.82 -80.36
CA SER B 455 45.34 46.18 -80.96
C SER B 455 44.78 45.00 -81.75
N ALA B 456 43.47 44.78 -81.61
CA ALA B 456 42.62 45.56 -80.72
C ALA B 456 42.36 44.63 -79.58
N GLN B 457 41.38 43.76 -79.78
CA GLN B 457 41.07 42.74 -78.81
C GLN B 457 41.29 41.42 -79.51
N ASN B 458 42.17 40.60 -78.96
CA ASN B 458 42.48 39.31 -79.54
C ASN B 458 42.38 38.24 -78.48
N LYS B 459 41.90 37.07 -78.88
CA LYS B 459 41.79 35.99 -77.93
C LYS B 459 43.18 35.63 -77.47
N ASP B 460 43.31 35.40 -76.16
CA ASP B 460 44.57 35.07 -75.53
C ASP B 460 44.30 34.28 -74.26
N LEU B 461 45.37 33.72 -73.72
CA LEU B 461 45.31 33.06 -72.43
C LEU B 461 46.54 33.54 -71.70
N LEU B 462 46.31 34.47 -70.76
CA LEU B 462 47.39 35.05 -69.98
C LEU B 462 47.25 34.79 -68.49
N PHE B 463 48.33 34.30 -67.87
CA PHE B 463 48.32 33.80 -66.49
C PHE B 463 49.23 34.67 -65.63
N SER B 464 48.78 34.94 -64.41
CA SER B 464 49.54 35.74 -63.44
C SER B 464 49.70 35.02 -62.12
N ARG B 465 50.78 35.31 -61.42
CA ARG B 465 50.90 34.71 -60.14
C ARG B 465 50.33 35.61 -59.02
N GLY B 466 49.70 34.97 -58.04
CA GLY B 466 49.25 35.63 -56.84
C GLY B 466 50.22 36.66 -56.28
N SER B 467 49.68 37.79 -55.90
CA SER B 467 50.47 38.95 -55.67
C SER B 467 49.72 39.88 -54.72
N PRO B 468 50.45 40.60 -53.86
CA PRO B 468 49.76 41.52 -52.90
C PRO B 468 48.91 42.62 -53.55
N ALA B 469 49.16 42.95 -54.79
CA ALA B 469 48.30 43.91 -55.45
C ALA B 469 47.00 43.28 -55.92
N GLY B 470 46.84 41.95 -55.79
CA GLY B 470 45.64 41.25 -56.32
C GLY B 470 45.10 40.26 -55.33
N MET B 471 44.78 40.72 -54.14
CA MET B 471 44.32 39.85 -53.08
C MET B 471 42.94 39.30 -53.34
N SER B 472 42.18 39.98 -54.20
CA SER B 472 40.91 39.44 -54.61
C SER B 472 41.01 38.27 -55.60
N VAL B 473 42.18 37.99 -56.17
CA VAL B 473 42.27 36.93 -57.17
C VAL B 473 43.25 35.81 -56.79
N GLN B 474 43.74 35.86 -55.57
CA GLN B 474 44.63 34.85 -55.05
C GLN B 474 43.90 33.57 -54.75
N PRO B 475 44.47 32.41 -55.16
CA PRO B 475 43.93 31.17 -54.63
C PRO B 475 43.85 31.21 -53.10
N LYS B 476 42.82 30.59 -52.52
CA LYS B 476 42.74 30.41 -51.07
C LYS B 476 42.18 29.04 -50.63
N ASN B 477 42.21 28.78 -49.31
CA ASN B 477 41.83 27.50 -48.76
C ASN B 477 40.38 27.42 -48.36
N TRP B 478 39.79 28.58 -48.03
CA TRP B 478 38.50 28.62 -47.31
C TRP B 478 37.37 29.38 -47.97
N LEU B 479 36.14 28.99 -47.66
CA LEU B 479 34.97 29.70 -48.14
C LEU B 479 34.22 30.34 -46.96
N PRO B 480 33.49 31.45 -47.19
CA PRO B 480 32.68 32.03 -46.12
C PRO B 480 31.44 31.19 -45.90
N GLY B 481 30.72 31.49 -44.82
CA GLY B 481 29.62 30.63 -44.37
C GLY B 481 28.44 30.59 -45.31
N PRO B 482 27.45 29.78 -44.98
CA PRO B 482 26.23 29.65 -45.69
C PRO B 482 25.36 30.95 -45.74
N CYS B 483 24.34 30.92 -46.59
CA CYS B 483 23.62 32.11 -46.87
C CYS B 483 22.20 31.77 -47.29
N TYR B 484 21.29 32.49 -46.64
CA TYR B 484 19.91 32.52 -47.03
C TYR B 484 19.41 33.98 -47.10
N ARG B 485 19.47 34.56 -48.29
CA ARG B 485 19.33 36.00 -48.40
C ARG B 485 18.05 36.53 -47.82
N GLN B 486 18.16 37.71 -47.24
CA GLN B 486 17.02 38.39 -46.67
C GLN B 486 16.89 39.82 -47.18
N GLN B 487 15.68 40.34 -47.06
CA GLN B 487 15.35 41.64 -47.63
C GLN B 487 15.88 42.77 -46.78
N ARG B 488 16.60 43.68 -47.42
CA ARG B 488 17.25 44.79 -46.73
C ARG B 488 16.27 45.92 -46.45
N VAL B 489 16.11 46.32 -45.20
CA VAL B 489 15.25 47.46 -44.93
C VAL B 489 15.91 48.56 -44.15
N SER B 490 15.66 49.80 -44.53
CA SER B 490 16.26 50.98 -43.86
C SER B 490 15.48 51.49 -42.63
N LYS B 491 16.24 52.03 -41.69
CA LYS B 491 15.69 52.63 -40.49
C LYS B 491 15.06 54.01 -40.75
N THR B 492 15.49 54.67 -41.83
CA THR B 492 14.83 55.87 -42.29
C THR B 492 13.79 55.47 -43.33
N LYS B 493 12.51 55.55 -42.94
CA LYS B 493 11.39 55.00 -43.73
C LYS B 493 11.33 55.43 -45.20
N THR B 494 11.74 56.66 -45.46
CA THR B 494 11.75 57.24 -46.81
C THR B 494 12.53 56.46 -47.87
N ASP B 495 13.48 55.63 -47.43
CA ASP B 495 14.27 54.79 -48.32
C ASP B 495 13.49 53.61 -48.82
N ASN B 496 12.53 53.14 -48.05
CA ASN B 496 11.82 51.89 -48.37
C ASN B 496 10.76 52.00 -49.42
N ASN B 497 10.32 50.85 -49.93
CA ASN B 497 9.22 50.83 -50.87
C ASN B 497 7.94 51.21 -50.15
N ASN B 498 7.04 51.89 -50.84
CA ASN B 498 5.73 52.14 -50.25
C ASN B 498 4.76 50.97 -50.43
N SER B 499 4.95 49.91 -49.66
CA SER B 499 3.99 48.82 -49.57
C SER B 499 4.23 48.08 -48.27
N ASN B 500 3.38 47.09 -48.02
CA ASN B 500 3.57 46.21 -46.91
C ASN B 500 4.13 44.91 -47.43
N PHE B 501 5.44 44.77 -47.40
CA PHE B 501 6.12 43.60 -47.98
C PHE B 501 6.71 42.57 -47.02
N THR B 502 6.41 42.65 -45.73
CA THR B 502 7.06 41.73 -44.79
C THR B 502 6.77 40.24 -44.98
N TRP B 503 5.51 39.87 -45.04
CA TRP B 503 5.13 38.51 -45.38
C TRP B 503 5.44 38.22 -46.84
N THR B 504 5.16 39.19 -47.71
CA THR B 504 5.25 38.99 -49.16
C THR B 504 6.67 39.10 -49.72
N GLY B 505 7.53 39.87 -49.07
CA GLY B 505 8.93 39.95 -49.44
C GLY B 505 9.83 39.13 -48.53
N ALA B 506 9.21 38.51 -47.54
CA ALA B 506 9.95 37.74 -46.54
C ALA B 506 10.54 36.41 -47.03
N SER B 507 11.69 36.08 -46.46
CA SER B 507 12.30 34.80 -46.62
C SER B 507 11.51 33.84 -45.71
N LYS B 508 10.88 32.84 -46.34
CA LYS B 508 10.02 31.87 -45.66
C LYS B 508 10.33 30.43 -46.00
N TYR B 509 10.04 29.53 -45.06
CA TYR B 509 10.14 28.13 -45.39
C TYR B 509 8.76 27.56 -45.41
N ASN B 510 8.63 26.41 -46.06
CA ASN B 510 7.31 25.88 -46.39
C ASN B 510 7.25 24.47 -45.86
N LEU B 511 6.37 24.26 -44.89
CA LEU B 511 6.31 23.02 -44.18
C LEU B 511 4.90 22.51 -44.14
N ASN B 512 4.68 21.36 -44.77
CA ASN B 512 3.34 20.80 -44.86
C ASN B 512 2.34 21.88 -45.28
N GLY B 513 2.60 22.55 -46.41
CA GLY B 513 1.69 23.57 -46.95
C GLY B 513 1.52 24.85 -46.12
N ARG B 514 2.25 24.92 -45.02
CA ARG B 514 2.27 26.07 -44.14
C ARG B 514 3.56 26.89 -44.18
N GLU B 515 3.42 28.18 -44.42
CA GLU B 515 4.58 29.06 -44.46
C GLU B 515 4.99 29.62 -43.10
N SER B 516 6.29 29.79 -42.93
CA SER B 516 6.83 30.26 -41.70
C SER B 516 7.98 31.18 -42.09
N ILE B 517 7.96 32.40 -41.55
CA ILE B 517 9.07 33.33 -41.72
C ILE B 517 10.34 32.77 -41.13
N ILE B 518 11.44 32.84 -41.88
CA ILE B 518 12.71 32.40 -41.36
C ILE B 518 13.16 33.58 -40.56
N ASN B 519 13.24 33.41 -39.25
CA ASN B 519 13.66 34.47 -38.37
C ASN B 519 14.19 33.92 -37.08
N PRO B 520 15.44 34.26 -36.72
CA PRO B 520 16.44 35.10 -37.40
C PRO B 520 17.21 34.45 -38.57
N GLY B 521 17.12 33.13 -38.70
CA GLY B 521 17.71 32.47 -39.84
C GLY B 521 19.19 32.35 -39.74
N THR B 522 19.80 31.84 -40.79
CA THR B 522 21.23 31.59 -40.82
C THR B 522 22.02 32.75 -40.15
N ALA B 523 23.03 32.43 -39.34
CA ALA B 523 23.94 33.49 -38.86
C ALA B 523 24.64 34.22 -40.02
N MET B 524 24.26 35.48 -40.17
CA MET B 524 24.80 36.34 -41.24
C MET B 524 25.06 37.78 -40.74
N ALA B 525 26.06 38.48 -41.29
CA ALA B 525 26.33 39.83 -40.85
C ALA B 525 25.17 40.72 -41.25
N SER B 526 24.77 41.57 -40.32
CA SER B 526 23.62 42.48 -40.53
C SER B 526 23.75 43.54 -41.62
N HIS B 527 24.96 44.05 -41.83
CA HIS B 527 25.19 45.06 -42.87
C HIS B 527 26.68 45.13 -43.11
N LYS B 528 27.08 45.44 -44.35
CA LYS B 528 28.48 45.68 -44.64
C LYS B 528 28.92 47.02 -44.06
N ASP B 529 30.20 47.28 -44.12
CA ASP B 529 30.80 48.50 -43.61
C ASP B 529 30.01 49.75 -43.98
N ASP B 530 29.85 50.64 -43.00
CA ASP B 530 29.29 51.97 -43.23
C ASP B 530 27.80 51.97 -43.48
N GLU B 531 27.10 50.88 -43.17
CA GLU B 531 25.71 50.83 -43.56
C GLU B 531 24.85 50.41 -42.40
N ASP B 532 25.14 50.98 -41.24
CA ASP B 532 24.46 50.57 -40.03
C ASP B 532 23.00 50.93 -40.03
N LYS B 533 22.54 51.65 -41.04
CA LYS B 533 21.14 52.00 -41.10
C LYS B 533 20.20 50.91 -41.69
N PHE B 534 20.78 49.90 -42.35
CA PHE B 534 20.03 48.77 -42.90
C PHE B 534 20.04 47.54 -41.98
N PHE B 535 19.04 46.68 -42.13
CA PHE B 535 19.03 45.45 -41.37
C PHE B 535 18.17 44.44 -42.10
N PRO B 536 18.45 43.13 -41.87
CA PRO B 536 17.63 42.15 -42.55
C PRO B 536 16.24 42.28 -41.94
N MET B 537 15.21 42.25 -42.80
CA MET B 537 13.82 42.24 -42.39
C MET B 537 13.50 41.28 -41.26
N SER B 538 14.03 40.06 -41.30
CA SER B 538 13.79 39.14 -40.21
C SER B 538 15.06 38.35 -39.80
N GLY B 539 16.22 38.98 -39.89
CA GLY B 539 17.51 38.33 -39.61
C GLY B 539 18.28 38.90 -38.42
N VAL B 540 17.60 39.71 -37.60
CA VAL B 540 18.19 40.20 -36.38
C VAL B 540 17.25 40.03 -35.19
N MET B 541 17.85 39.73 -34.06
CA MET B 541 17.12 39.57 -32.84
C MET B 541 16.69 40.97 -32.47
N ILE B 542 15.44 41.12 -32.04
CA ILE B 542 14.92 42.45 -31.66
C ILE B 542 14.18 42.48 -30.32
N PHE B 543 14.73 43.24 -29.38
CA PHE B 543 14.11 43.37 -28.05
C PHE B 543 13.18 44.59 -27.92
N GLY B 544 12.17 44.45 -27.11
CA GLY B 544 11.26 45.56 -26.96
C GLY B 544 11.72 46.39 -25.80
N LYS B 545 11.50 47.68 -25.89
CA LYS B 545 11.66 48.53 -24.71
C LYS B 545 10.50 48.34 -23.76
N GLU B 546 10.64 48.86 -22.55
CA GLU B 546 9.63 48.70 -21.52
C GLU B 546 8.48 49.66 -21.76
N SER B 547 8.57 50.41 -22.85
CA SER B 547 7.45 51.22 -23.32
C SER B 547 6.69 50.56 -24.49
N ALA B 548 7.28 49.53 -25.11
CA ALA B 548 6.72 48.94 -26.31
C ALA B 548 5.36 48.30 -26.09
N GLY B 549 4.43 48.59 -26.99
CA GLY B 549 3.16 47.89 -27.08
C GLY B 549 3.39 46.54 -27.73
N ALA B 550 2.40 45.67 -27.58
CA ALA B 550 2.47 44.31 -28.06
C ALA B 550 2.55 44.21 -29.56
N SER B 551 1.86 45.11 -30.26
CA SER B 551 1.82 45.03 -31.72
C SER B 551 1.82 46.37 -32.45
N ASN B 552 2.52 46.39 -33.60
CA ASN B 552 2.70 47.62 -34.38
C ASN B 552 3.19 48.82 -33.55
N THR B 553 4.21 48.60 -32.77
CA THR B 553 4.83 49.66 -32.05
C THR B 553 5.95 50.24 -32.92
N ALA B 554 6.34 51.45 -32.58
CA ALA B 554 7.32 52.23 -33.36
C ALA B 554 8.79 51.88 -33.11
N LEU B 555 9.62 52.30 -34.06
CA LEU B 555 11.02 51.97 -34.10
C LEU B 555 11.76 52.26 -32.79
N ASP B 556 11.37 53.34 -32.13
CA ASP B 556 12.08 53.77 -30.94
C ASP B 556 11.62 53.09 -29.68
N ASN B 557 10.69 52.15 -29.79
CA ASN B 557 10.34 51.34 -28.67
C ASN B 557 10.97 49.99 -28.77
N VAL B 558 11.83 49.76 -29.79
CA VAL B 558 12.50 48.46 -29.90
C VAL B 558 13.99 48.64 -29.92
N MET B 559 14.72 47.56 -29.69
CA MET B 559 16.15 47.57 -29.79
C MET B 559 16.55 46.47 -30.71
N ILE B 560 17.18 46.86 -31.81
CA ILE B 560 17.59 45.90 -32.83
C ILE B 560 19.01 45.53 -32.59
N THR B 561 19.29 44.23 -32.50
CA THR B 561 20.68 43.79 -32.42
C THR B 561 21.48 44.04 -33.73
N ASP B 562 22.80 43.95 -33.63
CA ASP B 562 23.66 44.13 -34.77
C ASP B 562 24.66 43.01 -34.71
N GLU B 563 24.73 42.22 -35.78
CA GLU B 563 25.66 41.08 -35.81
C GLU B 563 26.77 41.34 -36.80
N GLU B 564 27.16 42.60 -36.90
CA GLU B 564 28.16 43.06 -37.87
C GLU B 564 29.56 42.47 -37.70
N GLU B 565 29.92 42.11 -36.47
CA GLU B 565 31.23 41.54 -36.18
C GLU B 565 31.56 40.30 -37.01
N ILE B 566 30.54 39.53 -37.42
CA ILE B 566 30.81 38.30 -38.12
C ILE B 566 31.09 38.43 -39.60
N LYS B 567 31.15 39.67 -40.08
CA LYS B 567 31.43 39.88 -41.50
C LYS B 567 32.86 39.57 -41.95
N ALA B 568 33.73 39.33 -41.00
CA ALA B 568 35.01 38.72 -41.29
C ALA B 568 34.91 37.31 -41.93
N THR B 569 33.84 36.54 -41.63
CA THR B 569 33.68 35.12 -42.05
C THR B 569 32.33 34.75 -42.66
N ASN B 570 31.32 35.52 -42.29
CA ASN B 570 29.93 35.16 -42.59
C ASN B 570 29.36 36.13 -43.62
N PRO B 571 28.73 35.60 -44.69
CA PRO B 571 28.12 36.51 -45.64
C PRO B 571 27.20 37.58 -44.95
N VAL B 572 27.18 38.78 -45.51
CA VAL B 572 26.19 39.77 -45.13
C VAL B 572 24.78 39.34 -45.55
N ALA B 573 23.82 39.56 -44.66
CA ALA B 573 22.50 38.92 -44.71
C ALA B 573 21.60 39.37 -45.81
N THR B 574 21.92 40.50 -46.43
CA THR B 574 21.02 41.09 -47.44
C THR B 574 21.64 41.13 -48.81
N GLU B 575 22.72 40.39 -49.03
CA GLU B 575 23.42 40.40 -50.29
C GLU B 575 23.51 38.99 -50.78
N ARG B 576 23.85 38.82 -52.04
CA ARG B 576 24.17 37.49 -52.55
C ARG B 576 25.32 36.84 -51.78
N PHE B 577 25.36 35.51 -51.77
CA PHE B 577 26.56 34.80 -51.33
C PHE B 577 27.66 35.04 -52.37
N GLY B 578 27.30 35.02 -53.64
CA GLY B 578 28.27 35.24 -54.67
C GLY B 578 27.73 35.04 -56.06
N THR B 579 28.59 34.60 -56.97
CA THR B 579 28.23 34.43 -58.37
C THR B 579 28.73 33.08 -58.87
N VAL B 580 28.00 32.49 -59.84
CA VAL B 580 28.29 31.16 -60.37
C VAL B 580 28.20 31.25 -61.88
N ALA B 581 29.06 30.49 -62.55
CA ALA B 581 28.90 30.25 -63.98
C ALA B 581 27.59 29.51 -64.21
N VAL B 582 26.98 29.78 -65.35
CA VAL B 582 25.73 29.10 -65.72
C VAL B 582 25.67 28.61 -67.18
N ASN B 583 26.76 28.65 -67.93
CA ASN B 583 26.73 28.18 -69.31
C ASN B 583 28.12 27.84 -69.80
N PHE B 584 28.25 27.43 -71.05
CA PHE B 584 29.58 27.24 -71.64
C PHE B 584 29.86 28.34 -72.62
N GLN B 585 30.85 29.18 -72.32
CA GLN B 585 31.24 30.29 -73.19
C GLN B 585 31.94 29.72 -74.44
N SER B 586 31.83 30.42 -75.57
CA SER B 586 32.59 30.05 -76.79
C SER B 586 32.62 31.28 -77.66
N SER B 587 33.26 31.21 -78.82
CA SER B 587 33.17 32.37 -79.73
C SER B 587 31.70 32.73 -80.00
N SER B 588 30.82 31.73 -80.10
CA SER B 588 29.40 32.01 -80.40
C SER B 588 28.63 32.43 -79.17
N THR B 589 29.01 31.93 -78.00
CA THR B 589 28.22 32.15 -76.79
C THR B 589 29.00 32.86 -75.68
N ASP B 590 28.45 33.97 -75.24
CA ASP B 590 29.07 34.80 -74.22
C ASP B 590 28.98 34.21 -72.80
N PRO B 591 30.07 34.30 -72.04
CA PRO B 591 30.05 33.75 -70.69
C PRO B 591 28.95 34.35 -69.82
N ALA B 592 28.16 33.50 -69.21
CA ALA B 592 27.11 34.02 -68.35
C ALA B 592 27.32 33.57 -66.91
N THR B 593 26.82 34.39 -65.99
CA THR B 593 26.89 34.03 -64.59
C THR B 593 25.63 34.43 -63.93
N GLY B 594 25.37 33.88 -62.77
CA GLY B 594 24.13 34.14 -62.07
C GLY B 594 24.44 34.42 -60.61
N ASP B 595 23.56 35.17 -59.98
CA ASP B 595 23.63 35.41 -58.54
C ASP B 595 23.12 34.28 -57.65
N VAL B 596 23.89 33.99 -56.59
CA VAL B 596 23.53 32.90 -55.68
C VAL B 596 22.98 33.57 -54.42
N HIS B 597 21.73 33.29 -54.11
CA HIS B 597 21.09 33.94 -52.96
C HIS B 597 20.88 32.98 -51.78
N ALA B 598 20.89 31.68 -52.07
CA ALA B 598 20.73 30.69 -51.01
C ALA B 598 21.79 29.62 -51.25
N MET B 599 22.78 29.57 -50.37
CA MET B 599 23.90 28.64 -50.51
C MET B 599 24.02 27.76 -49.27
N GLY B 600 23.90 26.45 -49.51
CA GLY B 600 24.10 25.45 -48.47
C GLY B 600 25.57 25.28 -48.19
N ALA B 601 25.83 24.35 -47.29
CA ALA B 601 27.15 24.03 -46.85
C ALA B 601 28.00 23.41 -47.94
N LEU B 602 29.22 23.96 -48.07
CA LEU B 602 30.18 23.46 -49.02
C LEU B 602 31.40 23.08 -48.22
N PRO B 603 32.07 21.94 -48.55
CA PRO B 603 33.31 21.64 -47.84
C PRO B 603 34.19 22.90 -47.85
N GLY B 604 34.92 23.15 -46.77
CA GLY B 604 35.79 24.31 -46.73
C GLY B 604 35.16 25.60 -46.19
N MET B 605 33.86 25.61 -46.00
CA MET B 605 33.23 26.77 -45.42
C MET B 605 33.53 26.86 -43.94
N VAL B 606 33.69 28.08 -43.46
CA VAL B 606 33.82 28.30 -42.05
C VAL B 606 32.93 29.49 -41.64
N TRP B 607 32.41 29.47 -40.42
CA TRP B 607 31.49 30.54 -40.05
C TRP B 607 31.42 30.71 -38.55
N GLN B 608 30.80 31.82 -38.18
CA GLN B 608 30.60 32.20 -36.79
C GLN B 608 29.12 32.14 -36.49
N ASP B 609 28.75 31.57 -35.36
CA ASP B 609 27.32 31.45 -34.97
C ASP B 609 26.79 32.76 -34.42
N ARG B 610 25.47 32.88 -34.30
CA ARG B 610 24.90 34.12 -33.80
C ARG B 610 25.33 34.37 -32.39
N ASP B 611 25.50 35.64 -32.08
CA ASP B 611 25.93 36.08 -30.76
C ASP B 611 24.81 35.90 -29.74
N VAL B 612 25.18 35.84 -28.47
CA VAL B 612 24.20 35.85 -27.41
C VAL B 612 24.08 37.27 -26.82
N TYR B 613 23.02 37.53 -26.09
CA TYR B 613 22.84 38.83 -25.50
C TYR B 613 22.46 38.72 -24.09
N LEU B 614 22.82 39.74 -23.33
CA LEU B 614 22.49 39.75 -21.88
C LEU B 614 21.01 39.44 -21.64
N GLN B 615 20.16 39.89 -22.57
CA GLN B 615 18.76 39.57 -22.43
C GLN B 615 18.19 38.50 -23.38
N GLY B 616 19.06 37.81 -24.12
CA GLY B 616 18.61 36.71 -25.00
C GLY B 616 18.54 35.39 -24.30
N PRO B 617 18.17 34.34 -25.05
CA PRO B 617 18.07 33.01 -24.45
C PRO B 617 19.49 32.45 -24.23
N ILE B 618 19.58 31.39 -23.43
CA ILE B 618 20.84 30.68 -23.20
C ILE B 618 20.99 29.41 -24.05
N TRP B 619 19.93 28.58 -24.08
CA TRP B 619 20.04 27.26 -24.64
C TRP B 619 18.74 26.85 -25.34
N ALA B 620 18.74 25.73 -26.08
CA ALA B 620 17.51 25.12 -26.51
C ALA B 620 17.77 23.63 -26.62
N LYS B 621 16.70 22.85 -26.55
CA LYS B 621 16.77 21.43 -26.77
C LYS B 621 16.98 21.22 -28.27
N ILE B 622 17.97 20.41 -28.63
CA ILE B 622 18.08 19.97 -29.99
C ILE B 622 16.92 18.99 -30.18
N PRO B 623 16.14 19.16 -31.25
CA PRO B 623 15.05 18.21 -31.55
C PRO B 623 15.60 16.80 -31.65
N HIS B 624 14.74 15.83 -31.35
CA HIS B 624 15.15 14.42 -31.37
C HIS B 624 15.00 13.85 -32.76
N THR B 625 15.89 14.23 -33.66
CA THR B 625 15.78 13.82 -35.09
C THR B 625 16.92 12.92 -35.56
N ASP B 626 16.78 12.25 -36.69
CA ASP B 626 17.83 11.36 -37.18
C ASP B 626 19.04 12.20 -37.47
N GLY B 627 18.79 13.45 -37.86
CA GLY B 627 19.80 14.35 -38.45
C GLY B 627 19.67 15.79 -37.98
N HIS B 628 20.78 16.39 -37.59
CA HIS B 628 20.85 17.83 -37.32
C HIS B 628 22.00 18.25 -38.18
N PHE B 629 22.25 19.53 -38.29
CA PHE B 629 23.48 19.93 -38.89
C PHE B 629 23.89 21.18 -38.15
N HIS B 630 24.97 21.06 -37.38
CA HIS B 630 25.46 22.14 -36.56
C HIS B 630 24.32 22.72 -35.73
N PRO B 631 23.84 21.93 -34.77
CA PRO B 631 22.59 22.29 -34.13
C PRO B 631 22.83 23.32 -33.04
N SER B 632 23.37 24.47 -33.46
CA SER B 632 23.42 25.63 -32.55
C SER B 632 22.12 26.45 -32.76
N PRO B 633 21.35 26.68 -31.70
CA PRO B 633 20.00 27.30 -31.75
C PRO B 633 20.06 28.61 -32.49
N LEU B 634 19.27 28.72 -33.54
CA LEU B 634 19.48 29.82 -34.48
C LEU B 634 19.21 31.17 -33.85
N MET B 635 18.39 31.19 -32.81
CA MET B 635 18.20 32.42 -32.08
C MET B 635 19.40 32.76 -31.21
N GLY B 636 20.35 31.82 -31.03
CA GLY B 636 21.61 32.13 -30.32
C GLY B 636 21.73 31.33 -29.04
N GLY B 637 22.94 30.91 -28.65
CA GLY B 637 23.09 30.02 -27.52
C GLY B 637 23.64 28.63 -27.82
N PHE B 638 23.36 27.78 -26.83
CA PHE B 638 23.84 26.43 -26.75
C PHE B 638 22.73 25.48 -27.10
N GLY B 639 23.04 24.61 -28.06
CA GLY B 639 22.21 23.46 -28.31
C GLY B 639 22.54 22.34 -27.38
N LEU B 640 21.51 21.78 -26.77
CA LEU B 640 21.67 20.70 -25.81
C LEU B 640 20.81 19.49 -26.16
N LYS B 641 21.45 18.32 -26.34
CA LYS B 641 20.69 17.08 -26.50
C LYS B 641 19.80 16.97 -25.24
N ASN B 642 20.38 17.09 -24.04
CA ASN B 642 19.69 16.80 -22.77
C ASN B 642 19.77 18.04 -21.89
N PRO B 643 18.91 19.04 -22.21
CA PRO B 643 18.91 20.36 -21.64
C PRO B 643 18.35 20.38 -20.23
N PRO B 644 18.45 21.51 -19.55
CA PRO B 644 17.88 21.61 -18.24
C PRO B 644 16.40 21.29 -18.27
N PRO B 645 15.98 20.34 -17.46
CA PRO B 645 14.64 19.83 -17.53
C PRO B 645 13.61 20.91 -17.20
N GLN B 646 12.42 20.77 -17.76
CA GLN B 646 11.31 21.67 -17.40
C GLN B 646 10.92 21.36 -16.01
N ILE B 647 10.52 22.41 -15.34
CA ILE B 647 10.13 22.34 -13.96
C ILE B 647 8.73 22.86 -13.85
N LEU B 648 7.84 21.94 -13.48
CA LEU B 648 6.41 22.22 -13.47
C LEU B 648 5.89 22.35 -12.05
N ILE B 649 4.90 23.21 -11.89
CA ILE B 649 4.35 23.57 -10.59
C ILE B 649 2.91 24.05 -10.62
N LYS B 650 2.14 23.63 -9.61
CA LYS B 650 0.70 23.79 -9.63
C LYS B 650 0.20 23.85 -8.19
N ASN B 651 -0.82 24.65 -7.97
CA ASN B 651 -1.57 24.61 -6.71
C ASN B 651 -2.57 23.46 -6.69
N THR B 652 -2.57 22.68 -5.59
CA THR B 652 -3.38 21.49 -5.57
C THR B 652 -4.82 21.95 -5.44
N PRO B 653 -5.76 21.31 -6.19
CA PRO B 653 -7.15 21.72 -6.05
C PRO B 653 -7.60 21.51 -4.61
N VAL B 654 -8.34 22.47 -4.09
CA VAL B 654 -8.96 22.32 -2.77
C VAL B 654 -10.47 22.49 -2.90
N PRO B 655 -11.25 21.37 -2.86
CA PRO B 655 -12.69 21.43 -3.03
C PRO B 655 -13.34 22.45 -2.10
N ALA B 656 -14.33 23.17 -2.61
CA ALA B 656 -15.33 23.81 -1.77
C ALA B 656 -16.25 22.75 -1.18
N ASN B 657 -17.22 23.18 -0.37
CA ASN B 657 -18.11 22.21 0.30
C ASN B 657 -18.96 21.39 -0.62
N PRO B 658 -18.89 20.04 -0.49
CA PRO B 658 -19.71 19.22 -1.38
C PRO B 658 -21.18 19.22 -0.93
N PRO B 659 -22.09 18.76 -1.79
CA PRO B 659 -23.46 18.54 -1.29
C PRO B 659 -23.59 17.43 -0.22
N ALA B 660 -24.71 17.40 0.48
CA ALA B 660 -25.03 16.36 1.48
C ALA B 660 -25.36 14.97 0.89
N GLU B 661 -25.71 14.91 -0.40
CA GLU B 661 -26.11 13.70 -1.07
C GLU B 661 -25.10 13.42 -2.20
N PHE B 662 -24.71 12.16 -2.41
CA PHE B 662 -23.67 11.86 -3.37
C PHE B 662 -24.06 12.37 -4.73
N SER B 663 -23.09 12.88 -5.48
CA SER B 663 -23.26 13.10 -6.91
C SER B 663 -21.97 12.72 -7.66
N ALA B 664 -22.10 11.99 -8.76
CA ALA B 664 -20.95 11.51 -9.51
C ALA B 664 -20.43 12.57 -10.49
N THR B 665 -21.27 13.55 -10.78
CA THR B 665 -20.88 14.62 -11.69
C THR B 665 -19.53 15.21 -11.28
N LYS B 666 -18.59 15.25 -12.23
CA LYS B 666 -17.26 15.77 -11.97
C LYS B 666 -17.32 17.03 -11.10
N PHE B 667 -16.58 17.02 -9.99
CA PHE B 667 -16.54 18.16 -9.09
C PHE B 667 -16.19 19.43 -9.85
N ALA B 668 -16.77 20.54 -9.43
CA ALA B 668 -16.57 21.82 -10.14
C ALA B 668 -16.60 23.04 -9.24
N SER B 669 -16.66 22.83 -7.95
CA SER B 669 -16.68 23.94 -7.03
C SER B 669 -15.45 23.95 -6.10
N PHE B 670 -14.61 24.98 -6.24
CA PHE B 670 -13.34 25.02 -5.52
C PHE B 670 -13.17 26.32 -4.76
N ILE B 671 -12.41 26.23 -3.66
CA ILE B 671 -11.90 27.40 -2.94
C ILE B 671 -10.81 28.05 -3.79
N THR B 672 -10.92 29.35 -3.93
CA THR B 672 -10.02 30.12 -4.75
C THR B 672 -8.68 30.36 -4.07
N GLN B 673 -7.60 29.96 -4.73
CA GLN B 673 -6.32 30.19 -4.12
C GLN B 673 -5.16 30.40 -5.07
N TYR B 674 -4.05 30.78 -4.48
CA TYR B 674 -2.81 30.96 -5.18
C TYR B 674 -1.68 30.83 -4.20
N SER B 675 -0.46 30.82 -4.70
CA SER B 675 0.68 30.63 -3.84
C SER B 675 1.77 31.64 -4.15
N THR B 676 2.75 31.73 -3.26
CA THR B 676 3.90 32.53 -3.50
C THR B 676 5.09 31.92 -2.75
N GLY B 677 6.31 32.20 -3.18
CA GLY B 677 7.50 31.76 -2.45
C GLY B 677 8.76 32.33 -3.04
N GLN B 678 9.89 31.74 -2.71
CA GLN B 678 11.12 32.06 -3.43
C GLN B 678 11.58 30.85 -4.32
N VAL B 679 12.39 31.14 -5.34
CA VAL B 679 13.05 30.14 -6.18
C VAL B 679 14.49 30.58 -6.29
N SER B 680 15.41 29.63 -6.39
CA SER B 680 16.85 29.92 -6.48
C SER B 680 17.45 29.04 -7.52
N VAL B 681 18.23 29.64 -8.41
CA VAL B 681 18.99 28.92 -9.40
C VAL B 681 20.42 29.32 -9.27
N GLU B 682 21.31 28.33 -9.15
CA GLU B 682 22.77 28.52 -9.12
C GLU B 682 23.34 27.78 -10.34
N ILE B 683 24.10 28.51 -11.14
CA ILE B 683 24.81 27.94 -12.26
C ILE B 683 26.33 28.18 -12.19
N GLU B 684 27.12 27.13 -12.49
CA GLU B 684 28.56 27.23 -12.58
C GLU B 684 28.85 27.39 -14.04
N TRP B 685 29.65 28.39 -14.39
CA TRP B 685 30.09 28.64 -15.77
C TRP B 685 31.59 28.54 -15.88
N GLU B 686 32.11 27.79 -16.88
CA GLU B 686 33.56 27.69 -17.07
C GLU B 686 33.94 28.81 -18.02
N LEU B 687 35.07 29.45 -17.78
CA LEU B 687 35.60 30.48 -18.67
C LEU B 687 36.81 30.09 -19.50
N GLN B 688 36.81 30.60 -20.72
CA GLN B 688 37.94 30.53 -21.59
C GLN B 688 38.67 31.84 -21.45
N LYS B 689 39.82 31.80 -20.81
CA LYS B 689 40.58 33.03 -20.64
C LYS B 689 41.22 33.50 -21.91
N GLU B 690 41.44 34.80 -21.96
CA GLU B 690 42.09 35.44 -23.09
C GLU B 690 43.63 35.37 -22.98
N ASN B 691 44.29 35.10 -24.10
CA ASN B 691 45.72 34.84 -24.10
C ASN B 691 46.38 35.69 -25.19
N SER B 692 45.90 36.90 -25.36
CA SER B 692 46.16 37.63 -26.61
C SER B 692 47.49 38.36 -26.58
N LYS B 693 48.22 38.32 -27.68
CA LYS B 693 49.48 39.05 -27.77
C LYS B 693 49.26 40.37 -28.50
N ARG B 694 48.00 40.70 -28.68
CA ARG B 694 47.67 41.95 -29.32
C ARG B 694 48.20 43.13 -28.50
N TRP B 695 48.95 43.98 -29.19
CA TRP B 695 49.72 45.02 -28.56
C TRP B 695 48.83 46.23 -28.22
N ASN B 696 47.98 46.59 -29.16
CA ASN B 696 47.15 47.70 -28.91
C ASN B 696 45.91 47.29 -28.07
N PRO B 697 45.26 48.30 -27.46
CA PRO B 697 44.06 48.14 -26.66
C PRO B 697 42.85 47.65 -27.40
N GLU B 698 41.95 47.00 -26.68
CA GLU B 698 40.77 46.40 -27.24
C GLU B 698 39.53 47.34 -27.18
N VAL B 699 38.54 47.04 -28.00
CA VAL B 699 37.26 47.61 -27.81
C VAL B 699 36.71 46.93 -26.57
N GLN B 700 36.11 47.73 -25.69
CA GLN B 700 35.59 47.23 -24.44
C GLN B 700 34.19 47.79 -24.23
N TYR B 701 33.28 46.96 -23.72
CA TYR B 701 31.97 47.49 -23.43
C TYR B 701 32.12 48.44 -22.26
N THR B 702 31.57 49.62 -22.39
CA THR B 702 31.74 50.61 -21.37
C THR B 702 30.52 51.44 -21.17
N SER B 703 30.24 51.86 -19.96
CA SER B 703 29.10 52.74 -19.86
C SER B 703 29.54 54.14 -20.21
N ASN B 704 28.55 54.97 -20.44
CA ASN B 704 28.85 56.29 -20.94
C ASN B 704 29.19 57.26 -19.82
N TYR B 705 30.24 58.02 -20.01
CA TYR B 705 30.78 58.88 -18.97
C TYR B 705 30.06 60.23 -18.91
N ALA B 706 29.51 60.66 -20.04
CA ALA B 706 28.79 61.92 -20.11
C ALA B 706 27.61 61.87 -19.15
N LYS B 707 27.21 63.04 -18.67
CA LYS B 707 26.18 63.13 -17.66
C LYS B 707 24.76 63.01 -18.22
N SER B 708 23.83 62.47 -17.43
CA SER B 708 22.44 62.34 -17.88
C SER B 708 21.44 62.30 -16.73
N ALA B 709 20.16 62.36 -17.07
CA ALA B 709 19.07 62.25 -16.09
C ALA B 709 18.95 60.89 -15.40
N ASN B 710 19.33 59.80 -16.06
CA ASN B 710 19.23 58.46 -15.48
C ASN B 710 20.50 57.66 -15.72
N VAL B 711 20.76 56.70 -14.85
CA VAL B 711 21.83 55.76 -15.05
C VAL B 711 21.27 54.58 -15.84
N ASP B 712 22.07 54.11 -16.80
CA ASP B 712 21.82 52.87 -17.54
C ASP B 712 21.66 51.68 -16.60
N PHE B 713 20.76 50.76 -16.96
CA PHE B 713 20.51 49.54 -16.20
C PHE B 713 20.24 49.87 -14.75
N THR B 714 19.25 50.73 -14.58
CA THR B 714 18.81 51.18 -13.27
C THR B 714 17.31 51.35 -13.17
N VAL B 715 16.80 51.55 -11.98
CA VAL B 715 15.37 51.91 -11.80
C VAL B 715 15.17 53.42 -11.90
N ASP B 716 13.99 53.84 -12.28
CA ASP B 716 13.70 55.24 -12.39
C ASP B 716 12.99 55.74 -11.13
N ASN B 717 12.39 56.91 -11.26
CA ASN B 717 11.75 57.55 -10.13
C ASN B 717 10.42 56.91 -9.74
N ASN B 718 9.95 55.95 -10.53
CA ASN B 718 8.78 55.13 -10.21
C ASN B 718 9.16 53.71 -9.87
N GLY B 719 10.47 53.42 -9.86
CA GLY B 719 11.00 52.10 -9.53
C GLY B 719 10.86 51.07 -10.65
N LEU B 720 10.88 51.52 -11.89
CA LEU B 720 10.88 50.59 -12.99
C LEU B 720 12.28 50.36 -13.50
N TYR B 721 12.80 49.13 -13.31
CA TYR B 721 14.10 48.75 -13.89
C TYR B 721 13.96 48.79 -15.38
N THR B 722 14.92 49.40 -16.09
CA THR B 722 15.00 49.31 -17.58
C THR B 722 16.34 48.84 -18.15
N GLU B 723 16.30 48.13 -19.26
CA GLU B 723 17.49 47.73 -19.98
C GLU B 723 17.51 48.54 -21.25
N PRO B 724 18.40 49.53 -21.31
CA PRO B 724 18.40 50.54 -22.36
C PRO B 724 19.03 50.14 -23.64
N ARG B 725 19.70 48.97 -23.68
CA ARG B 725 20.23 48.47 -24.94
C ARG B 725 20.54 47.01 -24.79
N PRO B 726 20.72 46.31 -25.91
CA PRO B 726 21.20 44.93 -25.86
C PRO B 726 22.69 45.01 -25.65
N ILE B 727 23.26 44.04 -24.97
CA ILE B 727 24.70 43.90 -25.00
C ILE B 727 25.08 42.52 -25.47
N GLY B 728 25.92 42.45 -26.49
CA GLY B 728 26.38 41.16 -27.03
C GLY B 728 27.59 40.77 -26.21
N THR B 729 28.46 39.93 -26.76
CA THR B 729 29.63 39.48 -26.02
C THR B 729 30.94 39.69 -26.78
N ARG B 730 30.84 40.11 -28.03
CA ARG B 730 32.01 40.22 -28.89
C ARG B 730 32.76 41.55 -28.89
N TYR B 731 33.64 41.69 -27.90
CA TYR B 731 34.56 42.83 -27.74
C TYR B 731 36.03 42.48 -27.86
N LEU B 732 36.49 41.43 -27.15
CA LEU B 732 37.87 40.99 -27.33
C LEU B 732 38.05 40.48 -28.76
N THR B 733 39.30 40.37 -29.23
CA THR B 733 39.52 39.90 -30.59
C THR B 733 40.43 38.67 -30.65
N ARG B 734 40.19 37.80 -31.62
CA ARG B 734 41.14 36.76 -32.00
C ARG B 734 41.68 37.01 -33.40
N PRO B 735 42.83 36.41 -33.70
CA PRO B 735 43.18 36.07 -35.09
C PRO B 735 42.30 34.95 -35.63
N LEU B 736 42.27 34.81 -36.94
CA LEU B 736 41.51 33.74 -37.57
C LEU B 736 42.29 32.43 -37.58
N GLY C 217 10.24 -10.77 90.66
CA GLY C 217 11.11 -10.96 91.81
C GLY C 217 12.13 -9.86 91.98
N ALA C 218 13.36 -10.25 92.31
CA ALA C 218 13.61 -11.01 93.52
C ALA C 218 14.76 -10.40 94.33
N ASP C 219 14.48 -9.27 94.98
CA ASP C 219 15.42 -8.69 95.93
C ASP C 219 14.72 -8.28 97.23
N GLY C 220 14.86 -7.01 97.58
CA GLY C 220 14.99 -6.62 98.98
C GLY C 220 13.68 -6.17 99.58
N VAL C 221 13.56 -6.32 100.89
CA VAL C 221 12.74 -5.41 101.70
C VAL C 221 13.01 -3.95 101.30
N GLY C 222 14.28 -3.64 101.05
CA GLY C 222 14.74 -2.26 101.08
C GLY C 222 14.79 -1.65 99.68
N ASN C 223 14.14 -2.31 98.73
CA ASN C 223 14.41 -2.06 97.32
C ASN C 223 13.15 -2.05 96.52
N ALA C 224 12.81 -0.91 95.92
CA ALA C 224 11.69 -0.85 95.01
C ALA C 224 11.80 -1.86 93.80
N SER C 225 10.69 -2.49 93.44
CA SER C 225 10.65 -3.47 92.34
C SER C 225 10.01 -2.88 91.11
N GLY C 226 9.76 -1.57 91.14
CA GLY C 226 9.20 -0.89 90.00
C GLY C 226 9.21 0.62 90.16
N ASN C 227 9.27 1.32 89.05
CA ASN C 227 9.13 2.74 89.12
C ASN C 227 7.72 3.17 88.68
N TRP C 228 7.50 4.47 88.60
CA TRP C 228 6.17 5.03 88.31
C TRP C 228 6.22 5.49 86.87
N HIS C 229 5.50 4.82 86.00
CA HIS C 229 5.55 5.13 84.58
C HIS C 229 4.17 5.57 84.08
N CYS C 230 3.93 6.87 84.08
CA CYS C 230 2.64 7.37 83.69
C CYS C 230 2.92 8.41 82.66
N ASP C 231 2.43 8.24 81.44
CA ASP C 231 2.89 9.08 80.33
C ASP C 231 2.03 8.88 79.12
N SER C 232 2.31 9.69 78.11
CA SER C 232 1.68 9.54 76.82
C SER C 232 2.74 9.83 75.76
N THR C 233 2.79 9.00 74.73
CA THR C 233 3.70 9.27 73.62
C THR C 233 2.98 9.12 72.31
N TRP C 234 2.97 10.20 71.54
CA TRP C 234 2.37 10.22 70.23
C TRP C 234 3.43 10.09 69.15
N LEU C 235 3.20 9.19 68.17
CA LEU C 235 4.24 8.77 67.21
C LEU C 235 3.72 8.55 65.79
N GLY C 236 2.99 9.52 65.29
CA GLY C 236 2.50 9.40 63.94
C GLY C 236 1.27 8.54 63.88
N ASP C 237 1.45 7.24 63.64
CA ASP C 237 0.28 6.36 63.46
C ASP C 237 -0.04 5.55 64.76
N ARG C 238 0.75 5.76 65.79
CA ARG C 238 0.63 5.02 67.03
C ARG C 238 0.54 6.03 68.17
N VAL C 239 -0.11 5.65 69.26
CA VAL C 239 -0.04 6.38 70.51
C VAL C 239 0.05 5.39 71.66
N ILE C 240 1.01 5.59 72.54
CA ILE C 240 1.29 4.64 73.59
C ILE C 240 0.92 5.27 74.93
N THR C 241 -0.12 4.71 75.58
CA THR C 241 -0.53 5.17 76.91
C THR C 241 0.01 4.28 77.98
N THR C 242 0.61 4.94 78.95
CA THR C 242 1.02 4.25 80.13
C THR C 242 0.33 4.82 81.35
N SER C 243 -0.27 3.95 82.15
CA SER C 243 -0.79 4.42 83.44
C SER C 243 -0.49 3.55 84.65
N THR C 244 -0.11 4.24 85.71
CA THR C 244 0.27 3.58 86.96
C THR C 244 -0.51 4.18 88.13
N ARG C 245 -0.96 3.31 89.02
CA ARG C 245 -1.79 3.72 90.14
C ARG C 245 -1.40 2.94 91.36
N THR C 246 -1.84 3.45 92.51
CA THR C 246 -1.62 2.76 93.76
C THR C 246 -2.92 2.17 94.30
N TRP C 247 -2.90 0.86 94.60
CA TRP C 247 -4.13 0.10 94.93
C TRP C 247 -4.13 -0.31 96.39
N ALA C 248 -5.30 -0.70 96.89
CA ALA C 248 -5.38 -1.41 98.17
C ALA C 248 -6.30 -2.62 98.09
N LEU C 249 -5.85 -3.73 98.68
CA LEU C 249 -6.54 -5.03 98.62
C LEU C 249 -6.73 -5.48 100.06
N PRO C 250 -7.99 -5.60 100.48
CA PRO C 250 -8.37 -6.19 101.75
C PRO C 250 -8.46 -7.68 101.61
N THR C 251 -8.68 -8.34 102.76
CA THR C 251 -9.06 -9.73 102.77
C THR C 251 -10.55 -9.83 102.54
N TYR C 252 -10.98 -10.68 101.61
CA TYR C 252 -12.40 -10.80 101.29
C TYR C 252 -12.94 -12.09 101.90
N ASN C 253 -14.21 -12.06 102.35
CA ASN C 253 -15.01 -13.22 102.78
C ASN C 253 -14.28 -13.99 103.86
N ASN C 254 -13.37 -13.33 104.55
CA ASN C 254 -12.42 -14.03 105.42
C ASN C 254 -11.69 -15.21 104.85
N HIS C 255 -11.29 -15.14 103.57
CA HIS C 255 -10.61 -16.22 102.87
C HIS C 255 -11.51 -17.37 102.51
N LEU C 256 -12.81 -17.11 102.38
CA LEU C 256 -13.80 -18.13 102.13
C LEU C 256 -14.44 -17.97 100.76
N TYR C 257 -14.98 -19.05 100.22
CA TYR C 257 -15.77 -19.00 99.00
C TYR C 257 -17.23 -19.23 99.39
N LYS C 258 -18.08 -18.20 99.32
CA LYS C 258 -19.47 -18.41 99.71
C LYS C 258 -20.41 -18.62 98.56
N GLN C 259 -21.33 -19.55 98.74
CA GLN C 259 -22.45 -19.68 97.84
C GLN C 259 -23.33 -18.49 98.11
N ILE C 260 -23.81 -17.86 97.04
CA ILE C 260 -24.76 -16.74 97.13
C ILE C 260 -25.93 -16.88 96.18
N SER C 261 -27.03 -16.23 96.55
CA SER C 261 -28.27 -16.33 95.75
C SER C 261 -29.31 -15.33 96.19
N SER C 262 -30.42 -15.28 95.46
CA SER C 262 -31.52 -14.39 95.79
C SER C 262 -32.52 -15.05 96.72
N ALA C 263 -32.21 -16.27 97.16
CA ALA C 263 -33.03 -16.98 98.11
C ALA C 263 -33.34 -16.12 99.34
N SER C 264 -34.58 -16.18 99.81
CA SER C 264 -35.18 -15.06 100.53
C SER C 264 -35.21 -13.81 99.65
N THR C 265 -34.75 -12.70 100.21
CA THR C 265 -34.68 -11.45 99.45
C THR C 265 -36.07 -10.87 99.25
N GLY C 266 -36.95 -11.66 98.66
CA GLY C 266 -38.22 -11.17 98.15
C GLY C 266 -38.13 -10.75 96.69
N ALA C 267 -37.21 -11.36 95.96
CA ALA C 267 -36.91 -10.94 94.60
C ALA C 267 -37.95 -11.46 93.62
N SER C 268 -38.25 -10.66 92.59
CA SER C 268 -39.09 -11.11 91.49
C SER C 268 -38.36 -12.15 90.64
N ASN C 269 -39.12 -12.87 89.82
CA ASN C 269 -38.55 -13.91 88.97
C ASN C 269 -37.50 -13.37 88.02
N ASP C 270 -37.59 -12.08 87.72
CA ASP C 270 -36.70 -11.46 86.74
C ASP C 270 -35.30 -11.24 87.32
N ASN C 271 -35.16 -11.48 88.62
CA ASN C 271 -34.02 -10.99 89.38
C ASN C 271 -33.32 -12.09 90.17
N HIS C 272 -33.93 -13.27 90.20
CA HIS C 272 -33.32 -14.42 90.84
C HIS C 272 -31.91 -14.68 90.30
N TYR C 273 -31.02 -15.15 91.16
CA TYR C 273 -29.73 -15.58 90.73
C TYR C 273 -29.07 -16.58 91.62
N PHE C 274 -28.07 -17.29 91.08
CA PHE C 274 -27.26 -18.21 91.87
C PHE C 274 -25.86 -18.04 91.40
N GLY C 275 -24.96 -18.05 92.36
CA GLY C 275 -23.57 -17.89 92.05
C GLY C 275 -22.75 -18.05 93.31
N TYR C 276 -21.52 -17.54 93.23
CA TYR C 276 -20.52 -17.71 94.28
C TYR C 276 -19.64 -16.45 94.44
N SER C 277 -19.32 -16.12 95.68
CA SER C 277 -18.38 -15.05 95.92
C SER C 277 -17.06 -15.58 96.45
N THR C 278 -16.01 -14.87 96.16
CA THR C 278 -14.70 -15.41 96.12
C THR C 278 -13.83 -14.57 97.02
N PRO C 279 -12.82 -15.18 97.64
CA PRO C 279 -11.85 -14.40 98.42
C PRO C 279 -10.89 -13.56 97.58
N TRP C 280 -11.03 -13.56 96.26
CA TRP C 280 -10.05 -12.91 95.38
C TRP C 280 -10.48 -11.48 95.02
N GLY C 281 -9.55 -10.62 94.68
CA GLY C 281 -9.85 -9.40 93.94
C GLY C 281 -9.31 -9.50 92.51
N TYR C 282 -9.57 -8.45 91.72
CA TYR C 282 -9.16 -8.46 90.33
C TYR C 282 -8.84 -7.07 89.86
N PHE C 283 -8.11 -6.98 88.76
CA PHE C 283 -7.81 -5.72 88.13
C PHE C 283 -8.61 -5.51 86.90
N ASP C 284 -9.03 -4.26 86.73
CA ASP C 284 -9.94 -3.84 85.71
C ASP C 284 -9.46 -2.49 85.22
N PHE C 285 -9.03 -2.43 83.98
CA PHE C 285 -8.73 -1.18 83.33
C PHE C 285 -9.66 -0.92 82.16
N ASN C 286 -10.86 -1.51 82.17
CA ASN C 286 -11.70 -1.53 80.95
C ASN C 286 -12.54 -0.26 80.89
N ARG C 287 -11.86 0.87 80.91
CA ARG C 287 -12.47 2.20 80.77
C ARG C 287 -11.44 3.14 80.17
N PHE C 288 -11.86 3.99 79.22
CA PHE C 288 -10.89 4.77 78.45
C PHE C 288 -10.15 5.69 79.38
N HIS C 289 -10.81 6.25 80.37
CA HIS C 289 -10.06 7.17 81.24
C HIS C 289 -9.00 6.56 82.17
N CYS C 290 -8.83 5.24 82.10
CA CYS C 290 -7.81 4.56 82.86
C CYS C 290 -6.51 4.78 82.11
N HIS C 291 -6.60 5.19 80.85
CA HIS C 291 -5.41 5.34 80.01
C HIS C 291 -5.21 6.71 79.37
N PHE C 292 -6.30 7.35 78.99
CA PHE C 292 -6.27 8.59 78.30
C PHE C 292 -6.63 9.73 79.27
N SER C 293 -5.73 10.68 79.44
CA SER C 293 -6.09 11.91 80.11
C SER C 293 -7.09 12.69 79.21
N PRO C 294 -7.74 13.71 79.79
CA PRO C 294 -8.75 14.44 79.04
C PRO C 294 -8.17 15.14 77.86
N ARG C 295 -6.98 15.68 78.04
CA ARG C 295 -6.29 16.34 76.95
C ARG C 295 -5.91 15.36 75.84
N ASP C 296 -5.43 14.17 76.19
CA ASP C 296 -5.11 13.17 75.18
C ASP C 296 -6.34 12.71 74.39
N TRP C 297 -7.47 12.57 75.08
CA TRP C 297 -8.72 12.14 74.46
C TRP C 297 -9.07 13.18 73.45
N GLN C 298 -8.85 14.40 73.88
CA GLN C 298 -9.06 15.51 72.98
C GLN C 298 -8.19 15.45 71.75
N ARG C 299 -6.93 15.12 71.94
CA ARG C 299 -6.00 14.95 70.85
C ARG C 299 -6.48 13.81 69.97
N LEU C 300 -7.02 12.77 70.59
CA LEU C 300 -7.36 11.61 69.87
C LEU C 300 -8.46 12.02 68.93
N ILE C 301 -9.49 12.59 69.53
CA ILE C 301 -10.77 12.67 68.86
C ILE C 301 -10.86 13.78 67.83
N ASN C 302 -9.99 14.77 67.93
CA ASN C 302 -10.06 15.94 67.06
C ASN C 302 -9.19 15.77 65.82
N ASN C 303 -8.37 14.70 65.77
CA ASN C 303 -7.46 14.49 64.66
C ASN C 303 -7.45 13.16 63.97
N ASN C 304 -8.30 12.23 64.41
CA ASN C 304 -8.29 10.87 63.86
C ASN C 304 -9.67 10.35 63.51
N TRP C 305 -9.77 9.63 62.40
CA TRP C 305 -11.01 9.00 62.01
C TRP C 305 -11.22 7.71 62.72
N GLY C 306 -10.23 7.27 63.50
CA GLY C 306 -10.39 6.00 64.19
C GLY C 306 -9.18 5.60 64.98
N PHE C 307 -9.30 4.50 65.72
CA PHE C 307 -8.22 3.94 66.51
C PHE C 307 -8.62 2.58 67.07
N ARG C 308 -7.61 1.80 67.45
CA ARG C 308 -7.82 0.46 67.98
C ARG C 308 -6.64 0.14 68.85
N PRO C 309 -6.85 -0.68 69.87
CA PRO C 309 -5.74 -1.28 70.64
C PRO C 309 -4.97 -2.37 69.85
N LYS C 310 -3.65 -2.40 70.09
CA LYS C 310 -2.78 -3.37 69.44
C LYS C 310 -2.05 -4.27 70.42
N ARG C 311 -1.45 -3.68 71.45
CA ARG C 311 -0.77 -4.47 72.43
C ARG C 311 -0.71 -3.84 73.83
N LEU C 312 -0.48 -4.71 74.82
CA LEU C 312 -0.53 -4.28 76.20
C LEU C 312 0.57 -4.93 77.03
N ASN C 313 0.93 -4.21 78.09
CA ASN C 313 1.97 -4.63 78.98
C ASN C 313 1.47 -4.33 80.37
N PHE C 314 1.51 -5.33 81.24
CA PHE C 314 0.96 -5.15 82.57
C PHE C 314 1.99 -5.46 83.65
N LYS C 315 1.90 -4.68 84.73
CA LYS C 315 2.88 -4.74 85.80
C LYS C 315 2.32 -4.51 87.18
N LEU C 316 2.58 -5.47 88.04
CA LEU C 316 2.24 -5.36 89.44
C LEU C 316 3.54 -5.31 90.18
N PHE C 317 3.63 -4.40 91.10
CA PHE C 317 4.87 -4.29 91.83
C PHE C 317 4.78 -3.44 93.10
N ASN C 318 5.94 -3.29 93.71
CA ASN C 318 6.10 -2.62 94.99
C ASN C 318 5.12 -3.03 96.04
N ILE C 319 4.97 -4.35 96.22
CA ILE C 319 3.89 -4.83 97.01
C ILE C 319 4.26 -4.69 98.49
N GLN C 320 3.28 -4.45 99.31
CA GLN C 320 3.58 -4.34 100.72
C GLN C 320 2.44 -4.87 101.56
N VAL C 321 2.69 -5.95 102.28
CA VAL C 321 1.62 -6.62 103.00
C VAL C 321 1.67 -6.18 104.45
N LYS C 322 0.50 -5.91 104.99
CA LYS C 322 0.40 -5.33 106.33
C LYS C 322 -0.56 -6.05 107.23
N GLU C 323 -0.19 -6.15 108.49
CA GLU C 323 -1.09 -6.76 109.46
C GLU C 323 -1.75 -5.72 110.34
N VAL C 324 -3.03 -5.98 110.65
CA VAL C 324 -3.81 -5.10 111.50
C VAL C 324 -4.14 -5.82 112.78
N THR C 325 -3.81 -5.19 113.89
CA THR C 325 -4.09 -5.71 115.23
C THR C 325 -4.91 -4.65 115.94
N THR C 326 -6.04 -5.05 116.50
CA THR C 326 -6.93 -4.12 117.19
C THR C 326 -7.15 -4.53 118.64
N ASN C 327 -6.77 -3.66 119.56
CA ASN C 327 -7.18 -3.78 120.95
C ASN C 327 -7.94 -2.55 121.44
N ASP C 328 -9.01 -2.78 122.19
CA ASP C 328 -9.95 -1.72 122.53
C ASP C 328 -11.10 -1.66 121.53
N GLY C 329 -10.88 -0.93 120.44
CA GLY C 329 -10.76 0.51 120.49
C GLY C 329 -9.34 0.97 120.72
N VAL C 330 -8.41 0.42 119.96
CA VAL C 330 -7.53 1.21 119.11
C VAL C 330 -6.64 0.33 118.26
N THR C 331 -6.20 0.86 117.11
CA THR C 331 -5.82 0.03 115.97
C THR C 331 -4.37 0.28 115.58
N THR C 332 -3.59 -0.80 115.53
CA THR C 332 -2.21 -0.71 115.07
C THR C 332 -1.97 -1.49 113.78
N ILE C 333 -1.25 -0.85 112.87
CA ILE C 333 -0.83 -1.50 111.64
C ILE C 333 0.68 -1.66 111.61
N ALA C 334 1.18 -2.83 111.21
CA ALA C 334 2.60 -2.96 110.92
C ALA C 334 2.82 -3.76 109.62
N ASN C 335 4.02 -3.71 109.11
CA ASN C 335 4.42 -4.56 108.01
C ASN C 335 4.49 -6.05 108.42
N ASN C 336 3.98 -6.95 107.56
CA ASN C 336 4.27 -8.34 107.73
C ASN C 336 5.15 -8.76 106.58
N LEU C 337 6.46 -8.72 106.83
CA LEU C 337 7.44 -8.82 105.78
C LEU C 337 7.45 -10.17 105.05
N THR C 338 7.03 -11.23 105.70
CA THR C 338 7.17 -12.57 105.15
C THR C 338 5.86 -13.10 104.58
N SER C 339 4.95 -12.17 104.32
CA SER C 339 3.61 -12.46 103.80
C SER C 339 3.53 -12.31 102.32
N THR C 340 2.66 -13.07 101.66
CA THR C 340 2.59 -12.99 100.20
C THR C 340 1.22 -12.51 99.71
N VAL C 341 1.25 -11.94 98.50
CA VAL C 341 0.07 -11.74 97.66
C VAL C 341 0.21 -12.63 96.41
N GLN C 342 -0.89 -13.22 95.97
CA GLN C 342 -0.89 -14.22 94.88
C GLN C 342 -1.53 -13.60 93.67
N VAL C 343 -1.06 -13.97 92.48
CA VAL C 343 -1.57 -13.40 91.26
C VAL C 343 -1.51 -14.36 90.09
N PHE C 344 -2.47 -14.25 89.20
CA PHE C 344 -2.43 -14.96 87.94
C PHE C 344 -3.37 -14.30 86.95
N SER C 345 -3.05 -14.53 85.66
CA SER C 345 -3.93 -14.13 84.59
C SER C 345 -4.62 -15.37 84.07
N ASP C 346 -5.94 -15.27 83.93
CA ASP C 346 -6.75 -16.35 83.36
C ASP C 346 -6.61 -16.35 81.81
N SER C 347 -5.41 -16.66 81.33
CA SER C 347 -5.10 -16.55 79.90
C SER C 347 -5.71 -17.61 78.97
N GLU C 348 -6.25 -18.71 79.52
CA GLU C 348 -6.97 -19.70 78.75
C GLU C 348 -8.49 -19.53 78.90
N TYR C 349 -8.86 -18.44 79.58
CA TYR C 349 -10.26 -18.01 79.82
C TYR C 349 -11.10 -19.07 80.51
N GLN C 350 -10.47 -19.74 81.45
CA GLN C 350 -11.13 -20.84 82.12
C GLN C 350 -12.13 -20.39 83.17
N LEU C 351 -12.08 -19.12 83.51
CA LEU C 351 -13.00 -18.55 84.49
C LEU C 351 -14.11 -17.74 83.85
N PRO C 352 -15.26 -17.67 84.53
CA PRO C 352 -16.35 -16.82 84.06
C PRO C 352 -15.86 -15.40 83.86
N TYR C 353 -16.16 -14.83 82.68
CA TYR C 353 -15.55 -13.57 82.34
C TYR C 353 -16.36 -12.43 82.84
N VAL C 354 -15.82 -11.75 83.84
CA VAL C 354 -16.59 -10.77 84.59
C VAL C 354 -16.28 -9.32 84.20
N LEU C 355 -15.21 -9.09 83.45
CA LEU C 355 -15.04 -7.80 82.78
C LEU C 355 -16.16 -7.60 81.72
N GLY C 356 -16.35 -6.36 81.30
CA GLY C 356 -17.29 -6.07 80.19
C GLY C 356 -18.74 -6.13 80.63
N SER C 357 -18.93 -5.89 81.91
CA SER C 357 -20.25 -5.72 82.46
C SER C 357 -20.30 -4.35 83.11
N ALA C 358 -19.25 -3.57 82.91
CA ALA C 358 -19.27 -2.12 83.25
C ALA C 358 -19.34 -1.90 84.76
N HIS C 359 -18.69 -2.82 85.45
CA HIS C 359 -18.56 -2.71 86.87
C HIS C 359 -17.71 -1.57 87.31
N GLN C 360 -18.03 -1.04 88.48
CA GLN C 360 -17.09 -0.10 89.06
C GLN C 360 -15.91 -0.85 89.68
N GLY C 361 -14.80 -0.13 89.89
CA GLY C 361 -13.58 -0.66 90.48
C GLY C 361 -12.41 -0.65 89.51
N CYS C 362 -12.56 0.06 88.38
CA CYS C 362 -11.47 0.15 87.41
C CYS C 362 -10.44 1.11 87.96
N LEU C 363 -9.24 1.11 87.42
CA LEU C 363 -8.29 2.19 87.70
C LEU C 363 -8.96 3.54 87.60
N PRO C 364 -8.73 4.41 88.59
CA PRO C 364 -9.36 5.71 88.58
C PRO C 364 -8.82 6.63 87.48
N PRO C 365 -9.65 7.55 86.98
CA PRO C 365 -9.27 8.47 85.88
C PRO C 365 -8.10 9.37 86.29
N PHE C 366 -8.05 9.69 87.57
CA PHE C 366 -7.06 10.62 88.08
C PHE C 366 -5.86 9.95 88.75
N PRO C 367 -4.67 10.11 88.17
CA PRO C 367 -3.52 9.30 88.57
C PRO C 367 -3.19 9.39 90.05
N ALA C 368 -3.56 10.48 90.69
CA ALA C 368 -3.30 10.60 92.14
C ALA C 368 -4.26 9.86 93.05
N ASP C 369 -5.39 9.37 92.53
CA ASP C 369 -6.36 8.57 93.33
C ASP C 369 -5.90 7.13 93.61
N VAL C 370 -6.05 6.73 94.87
CA VAL C 370 -5.82 5.37 95.35
C VAL C 370 -7.12 4.59 95.20
N PHE C 371 -7.07 3.32 94.85
CA PHE C 371 -8.30 2.63 94.61
C PHE C 371 -8.30 1.32 95.32
N MET C 372 -9.48 0.89 95.69
CA MET C 372 -9.68 -0.41 96.29
C MET C 372 -9.98 -1.44 95.18
N ILE C 373 -9.39 -2.63 95.24
CA ILE C 373 -9.59 -3.65 94.21
C ILE C 373 -10.95 -4.27 94.43
N PRO C 374 -11.75 -4.41 93.36
CA PRO C 374 -13.05 -5.11 93.50
C PRO C 374 -12.86 -6.57 93.89
N GLN C 375 -13.89 -7.21 94.45
CA GLN C 375 -13.94 -8.66 94.74
C GLN C 375 -14.49 -9.47 93.54
N TYR C 376 -13.90 -10.63 93.25
CA TYR C 376 -14.41 -11.42 92.14
C TYR C 376 -15.59 -12.24 92.67
N GLY C 377 -16.73 -12.19 91.98
CA GLY C 377 -17.78 -13.19 92.12
C GLY C 377 -18.35 -13.47 90.74
N TYR C 378 -19.09 -14.55 90.58
CA TYR C 378 -19.65 -14.91 89.29
C TYR C 378 -21.00 -15.56 89.50
N LEU C 379 -21.81 -15.66 88.44
CA LEU C 379 -23.06 -16.41 88.44
C LEU C 379 -23.01 -17.67 87.56
N THR C 380 -23.96 -18.60 87.77
CA THR C 380 -24.16 -19.79 86.93
C THR C 380 -25.63 -19.94 86.68
N LEU C 381 -26.00 -21.11 86.15
CA LEU C 381 -27.37 -21.37 85.84
C LEU C 381 -28.09 -21.31 87.17
N ASN C 382 -29.28 -20.72 87.10
CA ASN C 382 -30.23 -20.74 88.22
C ASN C 382 -31.66 -20.99 87.74
N ASN C 383 -32.40 -21.75 88.55
CA ASN C 383 -33.82 -21.97 88.34
C ASN C 383 -34.46 -21.33 89.59
N GLY C 384 -34.99 -20.15 89.40
CA GLY C 384 -35.38 -19.32 90.53
C GLY C 384 -34.12 -19.05 91.34
N SER C 385 -34.19 -19.20 92.66
CA SER C 385 -32.99 -19.05 93.47
C SER C 385 -32.21 -20.37 93.72
N GLN C 386 -32.58 -21.43 93.03
CA GLN C 386 -31.88 -22.69 93.22
C GLN C 386 -30.86 -22.89 92.12
N ALA C 387 -29.98 -23.87 92.27
CA ALA C 387 -29.06 -24.27 91.18
C ALA C 387 -29.56 -25.46 90.39
N VAL C 388 -28.88 -25.78 89.31
CA VAL C 388 -29.18 -26.95 88.46
C VAL C 388 -27.91 -27.84 88.42
N GLY C 389 -28.00 -29.07 87.94
CA GLY C 389 -26.83 -29.94 87.92
C GLY C 389 -25.75 -29.38 87.01
N ARG C 390 -26.18 -28.60 86.02
CA ARG C 390 -25.30 -28.05 85.00
C ARG C 390 -24.50 -26.87 85.52
N SER C 391 -24.94 -26.29 86.64
CA SER C 391 -24.20 -25.20 87.33
C SER C 391 -22.78 -25.53 87.69
N SER C 392 -21.91 -24.56 87.39
CA SER C 392 -20.49 -24.71 87.52
C SER C 392 -20.00 -23.95 88.73
N PHE C 393 -19.16 -24.61 89.49
CA PHE C 393 -18.41 -24.01 90.56
C PHE C 393 -16.92 -24.02 90.24
N TYR C 394 -16.26 -22.90 90.56
CA TYR C 394 -14.84 -22.65 90.24
C TYR C 394 -14.03 -22.30 91.49
N CYS C 395 -12.91 -22.97 91.70
CA CYS C 395 -12.03 -22.62 92.80
C CYS C 395 -10.79 -22.04 92.19
N LEU C 396 -10.44 -20.83 92.61
CA LEU C 396 -9.36 -20.08 91.95
C LEU C 396 -7.99 -20.49 92.46
N GLU C 397 -7.96 -21.23 93.56
CA GLU C 397 -6.72 -21.83 94.04
C GLU C 397 -6.32 -23.04 93.20
N TYR C 398 -7.03 -23.26 92.10
CA TYR C 398 -6.84 -24.46 91.30
C TYR C 398 -6.35 -24.11 89.90
N PHE C 399 -5.98 -22.85 89.71
CA PHE C 399 -4.95 -22.48 88.77
C PHE C 399 -3.59 -22.35 89.47
N PRO C 400 -2.52 -22.46 88.70
CA PRO C 400 -1.19 -22.05 89.18
C PRO C 400 -1.17 -20.51 89.43
N SER C 401 -0.63 -20.04 90.55
CA SER C 401 -0.47 -18.59 90.68
C SER C 401 0.86 -18.15 91.21
N GLN C 402 1.27 -16.93 90.89
CA GLN C 402 2.53 -16.43 91.37
C GLN C 402 2.44 -15.82 92.81
N MET C 403 3.41 -16.17 93.64
CA MET C 403 3.32 -15.78 95.06
C MET C 403 4.37 -14.73 95.32
N LEU C 404 3.92 -13.58 95.76
CA LEU C 404 4.82 -12.48 95.87
C LEU C 404 4.99 -11.99 97.29
N ARG C 405 6.22 -11.96 97.77
CA ARG C 405 6.53 -11.22 98.98
C ARG C 405 6.88 -9.80 98.59
N THR C 406 7.12 -8.96 99.59
CA THR C 406 7.40 -7.54 99.40
C THR C 406 8.50 -7.20 98.38
N GLY C 407 9.41 -8.15 98.14
CA GLY C 407 10.47 -7.96 97.16
C GLY C 407 10.09 -8.14 95.71
N ASN C 408 9.01 -8.89 95.45
CA ASN C 408 8.78 -9.46 94.12
C ASN C 408 7.85 -8.62 93.25
N ASN C 409 7.75 -8.95 91.97
CA ASN C 409 6.83 -8.27 91.09
C ASN C 409 6.25 -9.22 90.06
N PHE C 410 5.20 -8.79 89.37
CA PHE C 410 4.49 -9.59 88.38
C PHE C 410 4.42 -8.84 87.08
N THR C 411 4.62 -9.52 85.97
CA THR C 411 4.48 -8.88 84.71
C THR C 411 3.87 -9.82 83.71
N PHE C 412 3.11 -9.30 82.75
CA PHE C 412 2.81 -10.07 81.55
C PHE C 412 2.48 -9.15 80.40
N SER C 413 2.62 -9.66 79.17
CA SER C 413 2.13 -8.94 77.99
C SER C 413 1.07 -9.69 77.20
N TYR C 414 0.40 -8.94 76.34
CA TYR C 414 -0.72 -9.41 75.60
C TYR C 414 -0.80 -8.68 74.24
N THR C 415 -1.31 -9.36 73.21
CA THR C 415 -1.50 -8.76 71.92
C THR C 415 -2.98 -8.89 71.65
N PHE C 416 -3.55 -7.82 71.12
CA PHE C 416 -4.91 -7.82 70.65
C PHE C 416 -5.05 -8.40 69.26
N GLU C 417 -6.17 -9.08 69.03
CA GLU C 417 -6.54 -9.60 67.75
C GLU C 417 -6.78 -8.42 66.80
N GLU C 418 -6.89 -8.71 65.51
CA GLU C 418 -7.16 -7.67 64.54
C GLU C 418 -8.63 -7.29 64.68
N VAL C 419 -8.89 -6.00 64.80
CA VAL C 419 -10.25 -5.50 64.92
C VAL C 419 -10.42 -4.23 64.12
N PRO C 420 -11.64 -3.96 63.68
CA PRO C 420 -11.92 -2.74 62.91
C PRO C 420 -11.65 -1.52 63.76
N PHE C 421 -11.11 -0.46 63.16
CA PHE C 421 -10.87 0.76 63.90
C PHE C 421 -12.19 1.30 64.36
N HIS C 422 -12.25 1.81 65.59
CA HIS C 422 -13.46 2.49 66.03
C HIS C 422 -13.79 3.75 65.24
N SER C 423 -15.03 3.96 64.85
CA SER C 423 -15.30 5.13 64.00
C SER C 423 -15.41 6.41 64.86
N SER C 424 -14.34 7.19 64.88
CA SER C 424 -14.35 8.49 65.53
C SER C 424 -14.64 9.59 64.55
N TYR C 425 -15.86 9.58 64.02
CA TYR C 425 -16.31 10.56 63.05
C TYR C 425 -17.83 10.49 62.95
N ALA C 426 -18.45 11.63 62.66
CA ALA C 426 -19.80 11.64 62.12
C ALA C 426 -19.76 11.69 60.59
N HIS C 427 -20.78 11.13 59.95
CA HIS C 427 -21.00 11.34 58.53
C HIS C 427 -21.50 12.75 58.24
N SER C 428 -21.14 13.28 57.08
CA SER C 428 -21.63 14.58 56.63
C SER C 428 -22.56 14.42 55.43
N GLN C 429 -23.15 13.23 55.31
CA GLN C 429 -24.15 12.93 54.31
C GLN C 429 -25.09 11.99 55.01
N SER C 430 -26.30 11.83 54.50
CA SER C 430 -27.21 10.83 55.04
C SER C 430 -27.69 9.88 53.96
N LEU C 431 -28.21 8.72 54.36
CA LEU C 431 -28.41 7.61 53.42
C LEU C 431 -29.28 8.06 52.27
N ASP C 432 -30.20 8.96 52.65
CA ASP C 432 -31.29 9.43 51.79
C ASP C 432 -30.91 10.68 51.04
N ARG C 433 -29.68 11.12 51.21
CA ARG C 433 -29.19 12.24 50.43
C ARG C 433 -27.88 11.89 49.72
N LEU C 434 -27.83 10.74 49.07
CA LEU C 434 -26.58 10.37 48.36
C LEU C 434 -26.56 10.75 46.89
N MET C 435 -27.70 11.11 46.33
CA MET C 435 -27.82 11.37 44.91
C MET C 435 -27.17 12.68 44.46
N ASN C 436 -26.99 12.79 43.15
CA ASN C 436 -26.55 14.03 42.54
C ASN C 436 -27.78 14.92 42.43
N PRO C 437 -27.78 16.05 43.14
CA PRO C 437 -28.92 16.95 43.23
C PRO C 437 -29.17 17.75 41.95
N LEU C 438 -28.42 17.49 40.88
CA LEU C 438 -28.61 18.23 39.62
C LEU C 438 -29.29 17.42 38.56
N ILE C 439 -29.14 16.10 38.61
CA ILE C 439 -29.46 15.25 37.48
C ILE C 439 -30.64 14.33 37.79
N ASP C 440 -31.49 14.07 36.80
CA ASP C 440 -32.51 13.06 36.97
C ASP C 440 -31.86 11.66 37.00
N GLN C 441 -32.63 10.67 37.48
CA GLN C 441 -32.35 9.26 37.24
C GLN C 441 -32.84 8.84 35.88
N TYR C 442 -32.45 7.66 35.39
CA TYR C 442 -33.01 7.08 34.16
C TYR C 442 -34.14 6.12 34.57
N LEU C 443 -34.32 6.00 35.89
CA LEU C 443 -35.30 5.10 36.49
C LEU C 443 -36.66 5.76 36.79
N TYR C 444 -37.72 4.98 36.69
CA TYR C 444 -39.06 5.51 36.82
C TYR C 444 -39.73 4.84 38.00
N TYR C 445 -40.73 5.50 38.57
CA TYR C 445 -41.51 4.93 39.66
C TYR C 445 -42.96 5.32 39.47
N LEU C 446 -43.86 4.48 39.94
CA LEU C 446 -45.27 4.75 39.89
C LEU C 446 -45.55 5.98 40.76
N ASN C 447 -45.99 7.05 40.12
CA ASN C 447 -46.22 8.34 40.79
C ASN C 447 -47.67 8.58 41.20
N ARG C 448 -48.59 8.24 40.30
CA ARG C 448 -50.02 8.37 40.62
C ARG C 448 -50.83 7.14 40.21
N THR C 449 -51.76 6.80 41.09
CA THR C 449 -52.79 5.80 40.80
C THR C 449 -54.16 6.41 40.45
N GLN C 450 -54.17 7.73 40.29
CA GLN C 450 -55.32 8.40 39.69
C GLN C 450 -54.95 9.77 39.16
N ASN C 451 -55.67 10.23 38.15
CA ASN C 451 -55.45 11.56 37.59
C ASN C 451 -55.92 12.67 38.54
N GLN C 452 -55.02 13.60 38.84
CA GLN C 452 -54.33 14.36 37.81
C GLN C 452 -55.22 15.44 37.20
N SER C 453 -56.01 16.09 38.05
CA SER C 453 -57.12 16.91 37.57
C SER C 453 -57.41 16.63 36.11
N GLY C 454 -57.93 15.44 35.83
CA GLY C 454 -59.11 15.31 35.00
C GLY C 454 -60.31 14.79 35.78
N SER C 455 -61.31 15.65 35.93
CA SER C 455 -62.35 15.45 36.93
C SER C 455 -62.95 14.06 36.77
N ALA C 456 -63.19 13.39 37.90
CA ALA C 456 -62.83 13.92 39.22
C ALA C 456 -61.63 13.11 39.62
N GLN C 457 -61.91 11.93 40.14
CA GLN C 457 -60.86 10.99 40.47
C GLN C 457 -61.10 9.77 39.63
N ASN C 458 -60.10 9.41 38.84
CA ASN C 458 -60.22 8.25 37.96
C ASN C 458 -59.01 7.37 38.13
N LYS C 459 -59.23 6.06 38.07
CA LYS C 459 -58.13 5.14 38.21
C LYS C 459 -57.17 5.39 37.06
N ASP C 460 -55.88 5.38 37.38
CA ASP C 460 -54.83 5.62 36.42
C ASP C 460 -53.55 4.96 36.90
N LEU C 461 -52.57 4.89 36.02
CA LEU C 461 -51.25 4.45 36.36
C LEU C 461 -50.30 5.42 35.70
N LEU C 462 -49.76 6.31 36.53
CA LEU C 462 -48.86 7.35 36.06
C LEU C 462 -47.46 7.25 36.67
N PHE C 463 -46.44 7.27 35.82
CA PHE C 463 -45.05 6.99 36.21
C PHE C 463 -44.20 8.23 36.00
N SER C 464 -43.30 8.47 36.93
CA SER C 464 -42.36 9.60 36.87
C SER C 464 -40.92 9.16 37.02
N ARG C 465 -40.02 9.93 36.43
CA ARG C 465 -38.67 9.59 36.65
C ARG C 465 -38.04 10.35 37.83
N GLY C 466 -37.18 9.66 38.57
CA GLY C 466 -36.39 10.25 39.61
C GLY C 466 -35.84 11.64 39.28
N SER C 467 -35.95 12.52 40.24
CA SER C 467 -35.77 13.92 39.97
C SER C 467 -35.37 14.62 41.26
N PRO C 468 -34.54 15.67 41.17
CA PRO C 468 -34.11 16.39 42.39
C PRO C 468 -35.24 17.01 43.22
N ALA C 469 -36.40 17.24 42.63
CA ALA C 469 -37.50 17.73 43.40
C ALA C 469 -38.18 16.61 44.18
N GLY C 470 -37.78 15.34 43.98
CA GLY C 470 -38.46 14.20 44.62
C GLY C 470 -37.48 13.21 45.18
N MET C 471 -36.61 13.68 46.05
CA MET C 471 -35.56 12.84 46.61
C MET C 471 -36.11 11.79 47.56
N SER C 472 -37.29 12.04 48.10
CA SER C 472 -37.94 11.01 48.89
C SER C 472 -38.52 9.85 48.08
N VAL C 473 -38.60 9.95 46.77
CA VAL C 473 -39.21 8.87 45.98
C VAL C 473 -38.28 8.24 44.94
N GLN C 474 -37.01 8.62 44.99
CA GLN C 474 -36.00 8.09 44.12
C GLN C 474 -35.64 6.69 44.50
N PRO C 475 -35.54 5.76 43.50
CA PRO C 475 -34.91 4.49 43.81
C PRO C 475 -33.55 4.70 44.49
N LYS C 476 -33.17 3.83 45.43
CA LYS C 476 -31.84 3.82 46.01
C LYS C 476 -31.27 2.41 46.25
N ASN C 477 -29.99 2.36 46.65
CA ASN C 477 -29.27 1.10 46.82
C ASN C 477 -29.34 0.55 48.22
N TRP C 478 -29.51 1.45 49.20
CA TRP C 478 -29.27 1.11 50.62
C TRP C 478 -30.43 1.31 51.58
N LEU C 479 -30.43 0.54 52.66
CA LEU C 479 -31.42 0.70 53.71
C LEU C 479 -30.74 1.17 55.01
N PRO C 480 -31.46 1.91 55.88
CA PRO C 480 -30.88 2.27 57.17
C PRO C 480 -30.85 1.10 58.10
N GLY C 481 -30.16 1.23 59.24
CA GLY C 481 -29.88 0.10 60.12
C GLY C 481 -31.10 -0.49 60.78
N PRO C 482 -30.90 -1.55 61.54
CA PRO C 482 -31.92 -2.21 62.30
C PRO C 482 -32.55 -1.33 63.41
N CYS C 483 -33.64 -1.84 63.98
CA CYS C 483 -34.42 -1.05 64.86
C CYS C 483 -35.17 -1.92 65.84
N TYR C 484 -35.05 -1.51 67.09
CA TYR C 484 -35.85 -2.05 68.16
C TYR C 484 -36.43 -0.89 69.01
N ARG C 485 -37.65 -0.48 68.67
CA ARG C 485 -38.17 0.78 69.17
C ARG C 485 -38.17 0.89 70.67
N GLN C 486 -37.89 2.08 71.15
CA GLN C 486 -37.90 2.36 72.56
C GLN C 486 -38.77 3.56 72.90
N GLN C 487 -39.18 3.62 74.15
CA GLN C 487 -40.13 4.62 74.60
C GLN C 487 -39.47 5.98 74.80
N ARG C 488 -40.07 7.00 74.19
CA ARG C 488 -39.50 8.35 74.19
C ARG C 488 -39.84 9.08 75.50
N VAL C 489 -38.84 9.54 76.24
CA VAL C 489 -39.16 10.31 77.43
C VAL C 489 -38.51 11.66 77.47
N SER C 490 -39.25 12.67 77.90
CA SER C 490 -38.75 14.06 77.99
C SER C 490 -37.99 14.40 79.28
N LYS C 491 -37.04 15.31 79.14
CA LYS C 491 -36.26 15.81 80.25
C LYS C 491 -37.04 16.83 81.10
N THR C 492 -38.05 17.44 80.51
CA THR C 492 -38.99 18.25 81.27
C THR C 492 -40.17 17.37 81.68
N LYS C 493 -40.24 17.03 82.96
CA LYS C 493 -41.18 16.02 83.48
C LYS C 493 -42.64 16.20 83.10
N THR C 494 -43.07 17.46 83.01
CA THR C 494 -44.44 17.81 82.64
C THR C 494 -44.97 17.24 81.33
N ASP C 495 -44.06 16.88 80.43
CA ASP C 495 -44.42 16.27 79.15
C ASP C 495 -44.82 14.84 79.29
N ASN C 496 -44.30 14.16 80.30
CA ASN C 496 -44.49 12.71 80.42
C ASN C 496 -45.82 12.28 80.98
N ASN C 497 -46.14 11.00 80.84
CA ASN C 497 -47.34 10.45 81.44
C ASN C 497 -47.18 10.43 82.95
N ASN C 498 -48.26 10.64 83.67
CA ASN C 498 -48.21 10.47 85.11
C ASN C 498 -48.37 9.02 85.56
N SER C 499 -47.34 8.21 85.37
CA SER C 499 -47.28 6.87 85.93
C SER C 499 -45.83 6.43 86.00
N ASN C 500 -45.62 5.26 86.54
CA ASN C 500 -44.32 4.65 86.55
C ASN C 500 -44.29 3.58 85.48
N PHE C 501 -43.82 3.94 84.30
CA PHE C 501 -43.84 3.04 83.14
C PHE C 501 -42.52 2.41 82.68
N THR C 502 -41.45 2.54 83.47
CA THR C 502 -40.16 2.07 82.99
C THR C 502 -40.04 0.56 82.72
N TRP C 503 -40.41 -0.25 83.71
CA TRP C 503 -40.50 -1.68 83.51
C TRP C 503 -41.66 -2.04 82.59
N THR C 504 -42.78 -1.35 82.79
CA THR C 504 -44.03 -1.69 82.10
C THR C 504 -44.13 -1.15 80.66
N GLY C 505 -43.45 -0.03 80.39
CA GLY C 505 -43.37 0.50 79.04
C GLY C 505 -42.06 0.20 78.37
N ALA C 506 -41.17 -0.47 79.10
CA ALA C 506 -39.84 -0.80 78.62
C ALA C 506 -39.76 -1.87 77.52
N SER C 507 -38.80 -1.68 76.63
CA SER C 507 -38.43 -2.66 75.66
C SER C 507 -37.61 -3.71 76.42
N LYS C 508 -38.13 -4.94 76.44
CA LYS C 508 -37.53 -6.07 77.17
C LYS C 508 -37.38 -7.33 76.34
N TYR C 509 -36.39 -8.13 76.69
CA TYR C 509 -36.30 -9.43 76.08
C TYR C 509 -36.61 -10.47 77.10
N ASN C 510 -36.96 -11.66 76.64
CA ASN C 510 -37.53 -12.67 77.50
C ASN C 510 -36.71 -13.93 77.35
N LEU C 511 -36.06 -14.31 78.43
CA LEU C 511 -35.10 -15.39 78.39
C LEU C 511 -35.39 -16.37 79.49
N ASN C 512 -35.74 -17.59 79.11
CA ASN C 512 -36.10 -18.60 80.08
C ASN C 512 -37.07 -18.02 81.12
N GLY C 513 -38.20 -17.46 80.66
CA GLY C 513 -39.24 -16.92 81.54
C GLY C 513 -38.85 -15.70 82.39
N ARG C 514 -37.63 -15.23 82.19
CA ARG C 514 -37.11 -14.04 82.85
C ARG C 514 -36.94 -12.82 81.94
N GLU C 515 -37.54 -11.71 82.35
CA GLU C 515 -37.43 -10.48 81.57
C GLU C 515 -36.21 -9.64 81.90
N SER C 516 -35.68 -8.99 80.88
CA SER C 516 -34.50 -8.20 81.01
C SER C 516 -34.75 -6.99 80.12
N ILE C 517 -34.55 -5.80 80.70
CA ILE C 517 -34.59 -4.56 79.94
C ILE C 517 -33.51 -4.53 78.87
N ILE C 518 -33.87 -4.16 77.66
CA ILE C 518 -32.89 -4.05 76.60
C ILE C 518 -32.32 -2.68 76.87
N ASN C 519 -31.04 -2.64 77.23
CA ASN C 519 -30.38 -1.40 77.52
C ASN C 519 -28.89 -1.54 77.39
N PRO C 520 -28.25 -0.73 76.54
CA PRO C 520 -28.77 0.32 75.64
C PRO C 520 -29.44 -0.15 74.34
N GLY C 521 -29.25 -1.42 73.97
CA GLY C 521 -29.95 -1.96 72.82
C GLY C 521 -29.36 -1.51 71.53
N THR C 522 -29.99 -1.89 70.45
CA THR C 522 -29.51 -1.62 69.11
C THR C 522 -28.94 -0.17 69.02
N ALA C 523 -27.80 0.01 68.34
CA ALA C 523 -27.35 1.38 68.03
C ALA C 523 -28.37 2.17 67.20
N MET C 524 -28.95 3.17 67.83
CA MET C 524 -29.98 4.02 67.21
C MET C 524 -29.78 5.50 67.60
N ALA C 525 -30.16 6.43 66.71
CA ALA C 525 -30.02 7.85 67.04
C ALA C 525 -30.97 8.19 68.17
N SER C 526 -30.46 8.95 69.12
CA SER C 526 -31.24 9.34 70.31
C SER C 526 -32.47 10.22 70.09
N HIS C 527 -32.42 11.11 69.10
CA HIS C 527 -33.54 11.99 68.80
C HIS C 527 -33.32 12.56 67.42
N LYS C 528 -34.40 12.85 66.72
CA LYS C 528 -34.32 13.53 65.44
C LYS C 528 -34.01 15.01 65.65
N ASP C 529 -33.67 15.70 64.57
CA ASP C 529 -33.33 17.11 64.61
C ASP C 529 -34.23 17.92 65.52
N ASP C 530 -33.60 18.81 66.30
CA ASP C 530 -34.33 19.80 67.10
C ASP C 530 -35.03 19.23 68.30
N GLU C 531 -34.70 18.01 68.68
CA GLU C 531 -35.45 17.35 69.74
C GLU C 531 -34.51 16.81 70.78
N ASP C 532 -33.56 17.65 71.20
CA ASP C 532 -32.56 17.17 72.13
C ASP C 532 -33.11 16.96 73.52
N LYS C 533 -34.36 17.34 73.75
CA LYS C 533 -34.94 17.14 75.05
C LYS C 533 -35.51 15.72 75.34
N PHE C 534 -35.68 14.91 74.28
CA PHE C 534 -36.13 13.53 74.40
C PHE C 534 -34.98 12.50 74.38
N PHE C 535 -35.19 11.33 74.96
CA PHE C 535 -34.18 10.29 74.92
C PHE C 535 -34.85 8.94 75.07
N PRO C 536 -34.26 7.88 74.52
CA PRO C 536 -34.89 6.59 74.70
C PRO C 536 -34.80 6.28 76.19
N MET C 537 -35.91 5.77 76.75
CA MET C 537 -35.96 5.30 78.12
C MET C 537 -34.78 4.45 78.56
N SER C 538 -34.34 3.51 77.72
CA SER C 538 -33.19 2.72 78.07
C SER C 538 -32.23 2.50 76.89
N GLY C 539 -32.09 3.49 76.01
CA GLY C 539 -31.27 3.40 74.81
C GLY C 539 -30.08 4.36 74.75
N VAL C 540 -29.75 4.96 75.90
CA VAL C 540 -28.56 5.80 75.99
C VAL C 540 -27.73 5.44 77.21
N MET C 541 -26.44 5.54 77.04
CA MET C 541 -25.51 5.28 78.10
C MET C 541 -25.66 6.47 79.03
N ILE C 542 -25.70 6.20 80.33
CA ILE C 542 -25.85 7.29 81.31
C ILE C 542 -24.86 7.21 82.48
N PHE C 543 -24.03 8.24 82.59
CA PHE C 543 -23.02 8.30 83.67
C PHE C 543 -23.50 9.11 84.89
N GLY C 544 -23.06 8.71 86.05
CA GLY C 544 -23.48 9.42 87.24
C GLY C 544 -22.49 10.51 87.52
N LYS C 545 -22.96 11.61 88.06
CA LYS C 545 -22.05 12.61 88.61
C LYS C 545 -21.50 12.13 89.94
N GLU C 546 -20.47 12.82 90.42
CA GLU C 546 -19.81 12.43 91.66
C GLU C 546 -20.64 12.87 92.85
N SER C 547 -21.80 13.45 92.58
CA SER C 547 -22.78 13.72 93.61
C SER C 547 -23.92 12.68 93.65
N ALA C 548 -24.04 11.88 92.59
CA ALA C 548 -25.17 10.98 92.45
C ALA C 548 -25.23 9.92 93.54
N GLY C 549 -26.42 9.73 94.11
CA GLY C 549 -26.73 8.61 94.97
C GLY C 549 -26.91 7.36 94.13
N ALA C 550 -26.85 6.21 94.79
CA ALA C 550 -26.93 4.92 94.15
C ALA C 550 -28.26 4.68 93.48
N SER C 551 -29.34 5.16 94.08
CA SER C 551 -30.67 4.88 93.53
C SER C 551 -31.68 6.03 93.64
N ASN C 552 -32.51 6.15 92.61
CA ASN C 552 -33.49 7.25 92.50
C ASN C 552 -32.88 8.64 92.75
N THR C 553 -31.78 8.91 92.08
CA THR C 553 -31.19 10.19 92.12
C THR C 553 -31.78 11.04 90.99
N ALA C 554 -31.66 12.34 91.12
CA ALA C 554 -32.25 13.32 90.20
C ALA C 554 -31.48 13.56 88.90
N LEU C 555 -32.19 14.13 87.94
CA LEU C 555 -31.71 14.32 86.59
C LEU C 555 -30.35 15.04 86.53
N ASP C 556 -30.14 15.97 87.44
CA ASP C 556 -28.94 16.78 87.40
C ASP C 556 -27.75 16.15 88.08
N ASN C 557 -27.91 14.93 88.58
CA ASN C 557 -26.79 14.20 89.07
C ASN C 557 -26.35 13.16 88.08
N VAL C 558 -26.95 13.14 86.89
CA VAL C 558 -26.52 12.17 85.88
C VAL C 558 -26.10 12.88 84.61
N MET C 559 -25.39 12.18 83.74
CA MET C 559 -25.03 12.70 82.46
C MET C 559 -25.48 11.70 81.43
N ILE C 560 -26.38 12.16 80.57
CA ILE C 560 -26.94 11.29 79.54
C ILE C 560 -26.20 11.50 78.27
N THR C 561 -25.69 10.41 77.69
CA THR C 561 -25.08 10.52 76.36
C THR C 561 -26.08 10.87 75.25
N ASP C 562 -25.55 11.29 74.11
CA ASP C 562 -26.38 11.62 72.96
C ASP C 562 -25.73 10.96 71.78
N GLU C 563 -26.48 10.11 71.08
CA GLU C 563 -25.94 9.40 69.92
C GLU C 563 -26.55 9.92 68.65
N GLU C 564 -26.83 11.21 68.64
CA GLU C 564 -27.52 11.87 67.51
C GLU C 564 -26.78 11.87 66.19
N GLU C 565 -25.45 11.81 66.24
CA GLU C 565 -24.63 11.81 65.03
C GLU C 565 -24.98 10.67 64.07
N ILE C 566 -25.48 9.55 64.57
CA ILE C 566 -25.71 8.41 63.71
C ILE C 566 -27.03 8.45 62.94
N LYS C 567 -27.75 9.54 63.06
CA LYS C 567 -29.02 9.66 62.34
C LYS C 567 -28.90 9.84 60.83
N ALA C 568 -27.69 10.07 60.35
CA ALA C 568 -27.42 9.93 58.94
C ALA C 568 -27.67 8.50 58.37
N THR C 569 -27.53 7.45 59.20
CA THR C 569 -27.62 6.02 58.75
C THR C 569 -28.51 5.11 59.60
N ASN C 570 -28.68 5.50 60.86
CA ASN C 570 -29.30 4.62 61.84
C ASN C 570 -30.66 5.16 62.24
N PRO C 571 -31.71 4.32 62.23
CA PRO C 571 -33.00 4.81 62.68
C PRO C 571 -32.93 5.55 64.05
N VAL C 572 -33.75 6.59 64.21
CA VAL C 572 -33.96 7.19 65.51
C VAL C 572 -34.69 6.21 66.46
N ALA C 573 -34.22 6.19 67.70
CA ALA C 573 -34.51 5.11 68.66
C ALA C 573 -35.93 5.05 69.15
N THR C 574 -36.68 6.13 68.97
CA THR C 574 -38.03 6.22 69.55
C THR C 574 -39.11 6.30 68.50
N GLU C 575 -38.78 5.99 67.25
CA GLU C 575 -39.72 6.09 66.16
C GLU C 575 -39.77 4.75 65.48
N ARG C 576 -40.77 4.56 64.65
CA ARG C 576 -40.81 3.39 63.79
C ARG C 576 -39.58 3.31 62.88
N PHE C 577 -39.22 2.09 62.47
CA PHE C 577 -38.27 1.94 61.36
C PHE C 577 -38.93 2.43 60.08
N GLY C 578 -40.21 2.11 59.90
CA GLY C 578 -40.90 2.53 58.71
C GLY C 578 -42.28 1.97 58.60
N THR C 579 -42.73 1.76 57.37
CA THR C 579 -44.09 1.28 57.10
C THR C 579 -44.05 0.16 56.08
N VAL C 580 -45.01 -0.77 56.18
CA VAL C 580 -45.08 -1.96 55.33
C VAL C 580 -46.50 -2.10 54.86
N ALA C 581 -46.67 -2.58 53.62
CA ALA C 581 -47.96 -3.04 53.16
C ALA C 581 -48.40 -4.24 53.99
N VAL C 582 -49.70 -4.36 54.17
CA VAL C 582 -50.26 -5.48 54.94
C VAL C 582 -51.48 -6.15 54.29
N ASN C 583 -51.85 -5.81 53.05
CA ASN C 583 -52.99 -6.43 52.41
C ASN C 583 -52.92 -6.30 50.91
N PHE C 584 -53.92 -6.79 50.19
CA PHE C 584 -53.99 -6.57 48.75
C PHE C 584 -55.09 -5.56 48.46
N GLN C 585 -54.71 -4.39 47.95
CA GLN C 585 -55.67 -3.35 47.59
C GLN C 585 -56.43 -3.77 46.33
N SER C 586 -57.68 -3.31 46.21
CA SER C 586 -58.47 -3.53 44.98
C SER C 586 -59.57 -2.49 44.96
N SER C 587 -60.42 -2.49 43.95
CA SER C 587 -61.56 -1.57 44.02
C SER C 587 -62.36 -1.80 45.30
N SER C 588 -62.49 -3.05 45.76
CA SER C 588 -63.28 -3.35 46.96
C SER C 588 -62.49 -3.09 48.23
N THR C 589 -61.18 -3.26 48.19
CA THR C 589 -60.38 -3.19 49.42
C THR C 589 -59.28 -2.11 49.37
N ASP C 590 -59.35 -1.23 50.33
CA ASP C 590 -58.42 -0.12 50.42
C ASP C 590 -57.00 -0.49 50.87
N PRO C 591 -55.98 0.08 50.24
CA PRO C 591 -54.62 -0.26 50.60
C PRO C 591 -54.33 0.00 52.08
N ALA C 592 -53.80 -0.98 52.76
CA ALA C 592 -53.47 -0.78 54.16
C ALA C 592 -51.97 -0.93 54.39
N THR C 593 -51.49 -0.24 55.42
CA THR C 593 -50.10 -0.37 55.78
C THR C 593 -50.00 -0.37 57.26
N GLY C 594 -48.88 -0.83 57.77
CA GLY C 594 -48.69 -0.94 59.20
C GLY C 594 -47.33 -0.38 59.57
N ASP C 595 -47.22 0.07 60.80
CA ASP C 595 -45.94 0.50 61.36
C ASP C 595 -44.99 -0.62 61.81
N VAL C 596 -43.72 -0.48 61.47
CA VAL C 596 -42.72 -1.48 61.81
C VAL C 596 -41.91 -0.91 62.96
N HIS C 597 -41.94 -1.57 64.09
CA HIS C 597 -41.26 -1.07 65.29
C HIS C 597 -40.01 -1.87 65.63
N ALA C 598 -39.94 -3.10 65.14
CA ALA C 598 -38.77 -3.94 65.40
C ALA C 598 -38.39 -4.58 64.06
N MET C 599 -37.26 -4.14 63.51
CA MET C 599 -36.80 -4.61 62.20
C MET C 599 -35.40 -5.22 62.32
N GLY C 600 -35.33 -6.50 61.94
CA GLY C 600 -34.06 -7.20 61.87
C GLY C 600 -33.29 -6.81 60.65
N ALA C 601 -32.17 -7.44 60.48
CA ALA C 601 -31.26 -7.20 59.41
C ALA C 601 -31.84 -7.60 58.05
N LEU C 602 -31.71 -6.68 57.09
CA LEU C 602 -32.15 -6.90 55.75
C LEU C 602 -30.94 -6.70 54.87
N PRO C 603 -30.74 -7.55 53.82
CA PRO C 603 -29.63 -7.29 52.93
C PRO C 603 -29.68 -5.81 52.51
N GLY C 604 -28.52 -5.17 52.36
CA GLY C 604 -28.52 -3.79 51.95
C GLY C 604 -28.53 -2.76 53.09
N MET C 605 -28.77 -3.20 54.31
CA MET C 605 -28.73 -2.29 55.42
C MET C 605 -27.31 -1.89 55.75
N VAL C 606 -27.13 -0.65 56.15
CA VAL C 606 -25.85 -0.20 56.64
C VAL C 606 -26.05 0.61 57.93
N TRP C 607 -25.10 0.56 58.83
CA TRP C 607 -25.31 1.26 60.10
C TRP C 607 -24.01 1.59 60.79
N GLN C 608 -24.15 2.43 61.79
CA GLN C 608 -23.04 2.89 62.60
C GLN C 608 -23.21 2.33 64.01
N ASP C 609 -22.15 1.81 64.60
CA ASP C 609 -22.21 1.23 65.96
C ASP C 609 -22.20 2.32 67.02
N ARG C 610 -22.53 1.97 68.26
CA ARG C 610 -22.57 2.97 69.31
C ARG C 610 -21.21 3.54 69.55
N ASP C 611 -21.18 4.81 69.89
CA ASP C 611 -19.95 5.54 70.15
C ASP C 611 -19.34 5.10 71.45
N VAL C 612 -18.04 5.35 71.60
CA VAL C 612 -17.38 5.13 72.87
C VAL C 612 -17.24 6.47 73.62
N TYR C 613 -16.97 6.42 74.90
CA TYR C 613 -16.81 7.64 75.66
C TYR C 613 -15.60 7.58 76.51
N LEU C 614 -15.06 8.75 76.78
CA LEU C 614 -13.84 8.82 77.62
C LEU C 614 -14.02 8.03 78.92
N GLN C 615 -15.23 8.01 79.44
CA GLN C 615 -15.47 7.21 80.63
C GLN C 615 -16.25 5.91 80.46
N GLY C 616 -16.48 5.49 79.21
CA GLY C 616 -17.15 4.20 78.95
C GLY C 616 -16.20 3.04 78.89
N PRO C 617 -16.74 1.84 78.61
CA PRO C 617 -15.88 0.66 78.53
C PRO C 617 -15.09 0.68 77.22
N ILE C 618 -14.06 -0.16 77.14
CA ILE C 618 -13.28 -0.32 75.91
C ILE C 618 -13.69 -1.54 75.09
N TRP C 619 -13.83 -2.69 75.75
CA TRP C 619 -13.98 -3.95 75.06
C TRP C 619 -14.92 -4.89 75.82
N ALA C 620 -15.33 -6.01 75.20
CA ALA C 620 -15.95 -7.08 75.94
C ALA C 620 -15.59 -8.38 75.23
N LYS C 621 -15.66 -9.48 75.97
CA LYS C 621 -15.48 -10.79 75.40
C LYS C 621 -16.74 -11.10 74.59
N ILE C 622 -16.55 -11.53 73.34
CA ILE C 622 -17.66 -12.08 72.59
C ILE C 622 -17.95 -13.42 73.25
N PRO C 623 -19.21 -13.70 73.58
CA PRO C 623 -19.59 -15.01 74.13
C PRO C 623 -19.15 -16.12 73.22
N HIS C 624 -18.84 -17.26 73.81
CA HIS C 624 -18.44 -18.41 73.05
C HIS C 624 -19.72 -19.08 72.57
N THR C 625 -20.26 -18.64 71.43
CA THR C 625 -21.50 -19.24 70.87
C THR C 625 -21.34 -19.72 69.42
N ASP C 626 -22.24 -20.53 68.92
CA ASP C 626 -22.14 -21.03 67.55
C ASP C 626 -22.25 -19.85 66.61
N GLY C 627 -22.99 -18.84 67.06
CA GLY C 627 -23.44 -17.73 66.21
C GLY C 627 -23.42 -16.38 66.92
N HIS C 628 -22.86 -15.37 66.28
CA HIS C 628 -22.95 -13.98 66.75
C HIS C 628 -23.48 -13.29 65.52
N PHE C 629 -23.83 -12.04 65.63
CA PHE C 629 -24.09 -11.29 64.45
C PHE C 629 -23.60 -9.90 64.75
N HIS C 630 -22.53 -9.51 64.06
CA HIS C 630 -21.90 -8.23 64.26
C HIS C 630 -21.63 -8.02 65.74
N PRO C 631 -20.72 -8.79 66.30
CA PRO C 631 -20.61 -8.82 67.75
C PRO C 631 -19.81 -7.65 68.25
N SER C 632 -20.30 -6.45 67.96
CA SER C 632 -19.75 -5.25 68.59
C SER C 632 -20.56 -4.99 69.89
N PRO C 633 -19.89 -4.92 71.04
CA PRO C 633 -20.51 -4.85 72.38
C PRO C 633 -21.50 -3.72 72.45
N LEU C 634 -22.74 -4.03 72.76
CA LEU C 634 -23.82 -3.06 72.55
C LEU C 634 -23.66 -1.83 73.41
N MET C 635 -22.98 -1.98 74.53
CA MET C 635 -22.68 -0.83 75.33
C MET C 635 -21.59 0.03 74.72
N GLY C 636 -20.88 -0.45 73.69
CA GLY C 636 -19.91 0.38 72.94
C GLY C 636 -18.51 -0.15 73.08
N GLY C 637 -17.67 -0.05 72.05
CA GLY C 637 -16.36 -0.66 72.09
C GLY C 637 -16.11 -1.79 71.08
N PHE C 638 -15.08 -2.55 71.46
CA PHE C 638 -14.51 -3.61 70.68
C PHE C 638 -14.94 -4.93 71.24
N GLY C 639 -15.51 -5.74 70.34
CA GLY C 639 -15.70 -7.14 70.64
C GLY C 639 -14.46 -7.93 70.37
N LEU C 640 -14.09 -8.74 71.35
CA LEU C 640 -12.90 -9.56 71.26
C LEU C 640 -13.17 -11.03 71.52
N LYS C 641 -12.85 -11.90 70.55
CA LYS C 641 -12.91 -13.33 70.80
C LYS C 641 -12.01 -13.61 72.02
N ASN C 642 -10.75 -13.12 72.01
CA ASN C 642 -9.73 -13.47 73.01
C ASN C 642 -9.22 -12.20 73.63
N PRO C 643 -10.04 -11.63 74.56
CA PRO C 643 -9.85 -10.34 75.17
C PRO C 643 -8.75 -10.35 76.20
N PRO C 644 -8.37 -9.17 76.72
CA PRO C 644 -7.37 -9.13 77.75
C PRO C 644 -7.79 -9.96 78.93
N PRO C 645 -6.93 -10.88 79.32
CA PRO C 645 -7.30 -11.85 80.32
C PRO C 645 -7.60 -11.18 81.68
N GLN C 646 -8.44 -11.82 82.47
CA GLN C 646 -8.69 -11.36 83.83
C GLN C 646 -7.46 -11.60 84.62
N ILE C 647 -7.23 -10.68 85.54
CA ILE C 647 -6.08 -10.72 86.38
C ILE C 647 -6.54 -10.74 87.79
N LEU C 648 -6.26 -11.86 88.46
CA LEU C 648 -6.77 -12.13 89.79
C LEU C 648 -5.65 -12.00 90.83
N ILE C 649 -6.04 -11.56 92.01
CA ILE C 649 -5.11 -11.25 93.09
C ILE C 649 -5.71 -11.35 94.48
N LYS C 650 -4.94 -11.88 95.42
CA LYS C 650 -5.44 -12.26 96.73
C LYS C 650 -4.30 -12.20 97.73
N ASN C 651 -4.62 -11.81 98.95
CA ASN C 651 -3.70 -11.96 100.07
C ASN C 651 -3.69 -13.38 100.61
N THR C 652 -2.50 -13.96 100.81
CA THR C 652 -2.43 -15.35 101.17
C THR C 652 -2.89 -15.43 102.62
N PRO C 653 -3.70 -16.45 102.96
CA PRO C 653 -4.11 -16.57 104.36
C PRO C 653 -2.88 -16.75 105.26
N VAL C 654 -2.88 -16.05 106.38
CA VAL C 654 -1.84 -16.25 107.38
C VAL C 654 -2.47 -16.67 108.71
N PRO C 655 -2.39 -17.97 109.06
CA PRO C 655 -3.02 -18.47 110.28
C PRO C 655 -2.62 -17.65 111.52
N ALA C 656 -3.59 -17.40 112.40
CA ALA C 656 -3.29 -17.07 113.78
C ALA C 656 -2.78 -18.31 114.50
N ASN C 657 -2.45 -18.16 115.78
CA ASN C 657 -1.86 -19.29 116.54
C ASN C 657 -2.77 -20.48 116.70
N PRO C 658 -2.29 -21.68 116.28
CA PRO C 658 -3.15 -22.85 116.43
C PRO C 658 -3.19 -23.33 117.88
N PRO C 659 -4.16 -24.19 118.22
CA PRO C 659 -4.08 -24.83 119.55
C PRO C 659 -2.86 -25.76 119.74
N ALA C 660 -2.56 -26.10 120.98
CA ALA C 660 -1.48 -27.06 121.33
C ALA C 660 -1.77 -28.54 120.99
N GLU C 661 -3.05 -28.89 120.79
CA GLU C 661 -3.49 -30.23 120.53
C GLU C 661 -4.13 -30.27 119.14
N PHE C 662 -3.87 -31.32 118.34
CA PHE C 662 -4.37 -31.33 116.99
C PHE C 662 -5.87 -31.18 116.95
N SER C 663 -6.37 -30.46 115.96
CA SER C 663 -7.78 -30.50 115.63
C SER C 663 -7.97 -30.48 114.10
N ALA C 664 -8.85 -31.34 113.58
CA ALA C 664 -8.99 -31.54 112.11
C ALA C 664 -9.91 -30.51 111.48
N THR C 665 -10.61 -29.77 112.33
CA THR C 665 -11.72 -28.97 111.87
C THR C 665 -11.16 -27.81 111.09
N LYS C 666 -11.95 -27.30 110.14
CA LYS C 666 -11.54 -26.19 109.31
C LYS C 666 -10.79 -25.11 110.14
N PHE C 667 -9.60 -24.73 109.68
CA PHE C 667 -8.92 -23.62 110.30
C PHE C 667 -9.63 -22.29 110.07
N ALA C 668 -9.93 -21.59 111.15
CA ALA C 668 -10.85 -20.44 111.09
C ALA C 668 -10.34 -19.21 111.81
N SER C 669 -9.12 -19.26 112.30
CA SER C 669 -8.56 -18.11 113.00
C SER C 669 -7.33 -17.54 112.29
N PHE C 670 -7.44 -16.31 111.79
CA PHE C 670 -6.41 -15.71 110.96
C PHE C 670 -5.98 -14.35 111.48
N ILE C 671 -4.72 -14.01 111.21
CA ILE C 671 -4.19 -12.66 111.37
C ILE C 671 -4.79 -11.78 110.29
N THR C 672 -5.28 -10.63 110.71
CA THR C 672 -5.95 -9.71 109.84
C THR C 672 -4.96 -8.92 109.00
N GLN C 673 -5.12 -8.98 107.69
CA GLN C 673 -4.23 -8.21 106.86
C GLN C 673 -4.78 -7.71 105.53
N TYR C 674 -3.99 -6.87 104.89
CA TYR C 674 -4.29 -6.35 103.60
C TYR C 674 -3.00 -5.93 102.94
N SER C 675 -3.08 -5.56 101.68
CA SER C 675 -1.88 -5.22 100.96
C SER C 675 -2.08 -3.93 100.17
N THR C 676 -0.98 -3.37 99.68
CA THR C 676 -1.03 -2.23 98.83
C THR C 676 0.19 -2.27 97.89
N GLY C 677 0.10 -1.62 96.74
CA GLY C 677 1.25 -1.50 95.84
C GLY C 677 0.96 -0.61 94.67
N GLN C 678 1.77 -0.68 93.64
CA GLN C 678 1.41 -0.04 92.37
C GLN C 678 1.05 -1.10 91.29
N VAL C 679 0.30 -0.66 90.27
CA VAL C 679 -0.01 -1.45 89.08
C VAL C 679 0.23 -0.54 87.90
N SER C 680 0.67 -1.09 86.77
CA SER C 680 0.97 -0.32 85.57
C SER C 680 0.43 -1.04 84.38
N VAL C 681 -0.30 -0.31 83.54
CA VAL C 681 -0.78 -0.83 82.28
C VAL C 681 -0.32 0.07 81.20
N GLU C 682 0.33 -0.50 80.16
CA GLU C 682 0.76 0.21 78.97
C GLU C 682 0.00 -0.43 77.78
N ILE C 683 -0.68 0.43 77.01
CA ILE C 683 -1.32 0.01 75.79
C ILE C 683 -0.84 0.80 74.57
N GLU C 684 -0.60 0.09 73.46
CA GLU C 684 -0.26 0.69 72.18
C GLU C 684 -1.55 0.74 71.42
N TRP C 685 -1.87 1.92 70.88
CA TRP C 685 -3.06 2.14 70.04
C TRP C 685 -2.66 2.58 68.64
N GLU C 686 -3.22 1.95 67.60
CA GLU C 686 -2.92 2.36 66.22
C GLU C 686 -3.95 3.41 65.85
N LEU C 687 -3.53 4.44 65.13
CA LEU C 687 -4.44 5.47 64.64
C LEU C 687 -4.72 5.43 63.15
N GLN C 688 -5.97 5.75 62.83
CA GLN C 688 -6.39 5.98 61.49
C GLN C 688 -6.37 7.48 61.29
N LYS C 689 -5.42 7.94 60.52
CA LYS C 689 -5.31 9.38 60.27
C LYS C 689 -6.40 9.88 59.35
N GLU C 690 -6.71 11.15 59.53
CA GLU C 690 -7.69 11.83 58.73
C GLU C 690 -7.11 12.35 57.39
N ASN C 691 -7.85 12.19 56.30
CA ASN C 691 -7.34 12.46 54.98
C ASN C 691 -8.34 13.36 54.23
N SER C 692 -8.95 14.29 54.95
CA SER C 692 -10.20 14.88 54.45
C SER C 692 -9.94 16.04 53.51
N LYS C 693 -10.71 16.13 52.43
CA LYS C 693 -10.57 17.25 51.51
C LYS C 693 -11.64 18.29 51.80
N ARG C 694 -12.28 18.12 52.94
CA ARG C 694 -13.29 19.07 53.36
C ARG C 694 -12.68 20.45 53.55
N TRP C 695 -13.29 21.42 52.88
CA TRP C 695 -12.73 22.75 52.75
C TRP C 695 -13.00 23.58 54.00
N ASN C 696 -14.22 23.48 54.51
CA ASN C 696 -14.53 24.22 55.66
C ASN C 696 -14.05 23.51 56.94
N PRO C 697 -13.96 24.28 58.04
CA PRO C 697 -13.55 23.80 59.34
C PRO C 697 -14.49 22.81 59.98
N GLU C 698 -13.94 21.97 60.86
CA GLU C 698 -14.68 20.92 61.50
C GLU C 698 -15.25 21.34 62.89
N VAL C 699 -16.23 20.60 63.35
CA VAL C 699 -16.61 20.69 64.71
C VAL C 699 -15.47 20.01 65.46
N GLN C 700 -15.06 20.65 66.56
CA GLN C 700 -13.96 20.17 67.36
C GLN C 700 -14.35 20.19 68.82
N TYR C 701 -13.95 19.16 69.57
CA TYR C 701 -14.23 19.21 70.99
C TYR C 701 -13.35 20.30 71.58
N THR C 702 -13.95 21.16 72.36
CA THR C 702 -13.21 22.28 72.88
C THR C 702 -13.62 22.62 74.28
N SER C 703 -12.71 23.06 75.11
CA SER C 703 -13.20 23.47 76.41
C SER C 703 -13.73 24.87 76.29
N ASN C 704 -14.46 25.25 77.32
CA ASN C 704 -15.16 26.51 77.25
C ASN C 704 -14.27 27.67 77.67
N TYR C 705 -14.30 28.74 76.89
CA TYR C 705 -13.41 29.86 77.07
C TYR C 705 -13.90 30.85 78.13
N ALA C 706 -15.22 30.90 78.30
CA ALA C 706 -15.84 31.79 79.28
C ALA C 706 -15.31 31.43 80.66
N LYS C 707 -15.29 32.44 81.53
CA LYS C 707 -14.72 32.28 82.85
C LYS C 707 -15.65 31.57 83.84
N SER C 708 -15.08 30.83 84.81
CA SER C 708 -15.91 30.15 85.81
C SER C 708 -15.16 29.90 87.11
N ALA C 709 -15.88 29.43 88.13
CA ALA C 709 -15.29 29.07 89.42
C ALA C 709 -14.35 27.86 89.40
N ASN C 710 -14.57 26.91 88.49
CA ASN C 710 -13.72 25.71 88.40
C ASN C 710 -13.35 25.40 86.96
N VAL C 711 -12.23 24.72 86.79
CA VAL C 711 -11.84 24.22 85.50
C VAL C 711 -12.43 22.84 85.35
N ASP C 712 -12.95 22.57 84.14
CA ASP C 712 -13.39 21.24 83.71
C ASP C 712 -12.28 20.19 83.86
N PHE C 713 -12.67 18.98 84.24
CA PHE C 713 -11.73 17.86 84.39
C PHE C 713 -10.57 18.25 85.29
N THR C 714 -10.94 18.70 86.47
CA THR C 714 -9.99 19.13 87.49
C THR C 714 -10.43 18.75 88.89
N VAL C 715 -9.54 18.90 89.85
CA VAL C 715 -9.92 18.74 91.28
C VAL C 715 -10.46 20.05 91.85
N ASP C 716 -11.28 19.95 92.86
CA ASP C 716 -11.82 21.13 93.49
C ASP C 716 -11.01 21.49 94.74
N ASN C 717 -11.62 22.33 95.56
CA ASN C 717 -10.94 22.83 96.74
C ASN C 717 -10.86 21.81 97.87
N ASN C 718 -11.48 20.65 97.69
CA ASN C 718 -11.34 19.51 98.60
C ASN C 718 -10.55 18.38 97.98
N GLY C 719 -10.07 18.59 96.76
CA GLY C 719 -9.27 17.60 96.07
C GLY C 719 -10.05 16.49 95.39
N LEU C 720 -11.31 16.73 95.07
CA LEU C 720 -12.08 15.73 94.38
C LEU C 720 -12.05 15.96 92.88
N TYR C 721 -11.40 15.04 92.13
CA TYR C 721 -11.43 15.10 90.67
C TYR C 721 -12.86 14.88 90.22
N THR C 722 -13.35 15.70 89.30
CA THR C 722 -14.66 15.47 88.63
C THR C 722 -14.64 15.44 87.10
N GLU C 723 -15.49 14.63 86.51
CA GLU C 723 -15.67 14.59 85.06
C GLU C 723 -17.05 15.19 84.81
N PRO C 724 -17.07 16.42 84.28
CA PRO C 724 -18.29 17.22 84.19
C PRO C 724 -19.16 16.91 83.03
N ARG C 725 -18.70 16.08 82.09
CA ARG C 725 -19.54 15.64 80.99
C ARG C 725 -18.95 14.43 80.35
N PRO C 726 -19.75 13.71 79.56
CA PRO C 726 -19.19 12.62 78.75
C PRO C 726 -18.56 13.26 77.55
N ILE C 727 -17.51 12.65 77.03
CA ILE C 727 -17.05 13.04 75.70
C ILE C 727 -17.02 11.85 74.80
N GLY C 728 -17.67 11.96 73.65
CA GLY C 728 -17.69 10.87 72.66
C GLY C 728 -16.45 11.05 71.80
N THR C 729 -16.48 10.52 70.58
CA THR C 729 -15.32 10.64 69.69
C THR C 729 -15.65 11.21 68.33
N ARG C 730 -16.94 11.39 68.07
CA ARG C 730 -17.39 11.82 66.74
C ARG C 730 -17.48 13.32 66.47
N TYR C 731 -16.34 13.89 66.12
CA TYR C 731 -16.19 15.30 65.70
C TYR C 731 -15.74 15.50 64.27
N LEU C 732 -14.69 14.80 63.82
CA LEU C 732 -14.31 14.87 62.43
C LEU C 732 -15.43 14.29 61.57
N THR C 733 -15.45 14.58 60.27
CA THR C 733 -16.50 14.04 59.42
C THR C 733 -15.96 13.23 58.23
N ARG C 734 -16.71 12.22 57.82
CA ARG C 734 -16.48 11.56 56.55
C ARG C 734 -17.66 11.79 55.61
N PRO C 735 -17.43 11.62 54.31
CA PRO C 735 -18.49 11.26 53.37
C PRO C 735 -18.98 9.84 53.60
N LEU C 736 -20.16 9.53 53.09
CA LEU C 736 -20.71 8.18 53.20
C LEU C 736 -20.14 7.27 52.12
N GLY D 217 -9.57 -58.69 24.47
CA GLY D 217 -8.41 -58.25 25.24
C GLY D 217 -8.21 -59.06 26.50
N ALA D 218 -9.03 -60.09 26.68
CA ALA D 218 -8.69 -61.20 27.55
C ALA D 218 -9.03 -60.89 29.01
N ASP D 219 -8.71 -61.82 29.90
CA ASP D 219 -9.25 -61.80 31.25
C ASP D 219 -10.67 -62.35 31.29
N GLY D 220 -11.44 -61.94 32.29
CA GLY D 220 -12.21 -62.86 33.10
C GLY D 220 -13.67 -62.94 32.67
N VAL D 221 -14.30 -64.07 32.93
CA VAL D 221 -15.73 -64.10 33.21
C VAL D 221 -16.12 -62.98 34.17
N GLY D 222 -15.28 -62.74 35.16
CA GLY D 222 -15.69 -62.03 36.36
C GLY D 222 -15.32 -60.56 36.31
N ASN D 223 -14.98 -60.08 35.12
CA ASN D 223 -14.24 -58.84 34.98
C ASN D 223 -14.75 -58.02 33.84
N ALA D 224 -15.31 -56.85 34.10
CA ALA D 224 -15.70 -55.94 33.04
C ALA D 224 -14.52 -55.55 32.09
N SER D 225 -14.80 -55.49 30.79
CA SER D 225 -13.78 -55.16 29.78
C SER D 225 -13.96 -53.74 29.26
N GLY D 226 -14.84 -53.00 29.92
CA GLY D 226 -15.06 -51.62 29.56
C GLY D 226 -15.92 -50.88 30.58
N ASN D 227 -15.72 -49.58 30.67
CA ASN D 227 -16.59 -48.81 31.50
C ASN D 227 -17.61 -48.04 30.63
N TRP D 228 -18.41 -47.20 31.26
CA TRP D 228 -19.50 -46.49 30.59
C TRP D 228 -19.04 -45.07 30.43
N HIS D 229 -18.76 -44.66 29.19
CA HIS D 229 -18.22 -43.33 28.93
C HIS D 229 -19.18 -42.52 28.09
N CYS D 230 -20.11 -41.84 28.73
CA CYS D 230 -21.02 -40.97 27.99
C CYS D 230 -20.86 -39.57 28.52
N ASP D 231 -20.57 -38.63 27.63
CA ASP D 231 -20.16 -37.32 28.11
C ASP D 231 -20.08 -36.34 26.97
N SER D 232 -19.84 -35.09 27.32
CA SER D 232 -19.59 -34.05 26.34
C SER D 232 -18.50 -33.16 26.91
N THR D 233 -17.52 -32.80 26.08
CA THR D 233 -16.51 -31.86 26.50
C THR D 233 -16.30 -30.79 25.46
N TRP D 234 -16.52 -29.55 25.87
CA TRP D 234 -16.32 -28.40 25.00
C TRP D 234 -14.99 -27.74 25.30
N LEU D 235 -14.22 -27.43 24.25
CA LEU D 235 -12.81 -27.00 24.38
C LEU D 235 -12.39 -25.93 23.39
N GLY D 236 -13.17 -24.87 23.33
CA GLY D 236 -12.81 -23.79 22.45
C GLY D 236 -13.19 -24.09 21.02
N ASP D 237 -12.26 -24.65 20.25
CA ASP D 237 -12.53 -24.88 18.82
C ASP D 237 -12.96 -26.36 18.52
N ARG D 238 -13.00 -27.16 19.57
CA ARG D 238 -13.28 -28.58 19.44
C ARG D 238 -14.43 -28.92 20.40
N VAL D 239 -15.20 -29.94 20.07
CA VAL D 239 -16.12 -30.55 21.01
C VAL D 239 -16.08 -32.05 20.83
N ILE D 240 -15.94 -32.77 21.95
CA ILE D 240 -15.74 -34.20 21.90
C ILE D 240 -16.98 -34.88 22.49
N THR D 241 -17.72 -35.61 21.65
CA THR D 241 -18.88 -36.37 22.10
C THR D 241 -18.53 -37.82 22.27
N THR D 242 -18.93 -38.30 23.44
CA THR D 242 -18.83 -39.70 23.70
C THR D 242 -20.20 -40.28 23.99
N SER D 243 -20.54 -41.35 23.30
CA SER D 243 -21.76 -42.07 23.67
C SER D 243 -21.67 -43.58 23.74
N THR D 244 -22.28 -44.10 24.80
CA THR D 244 -22.26 -45.52 25.08
C THR D 244 -23.67 -46.04 25.31
N ARG D 245 -23.96 -47.21 24.75
CA ARG D 245 -25.29 -47.79 24.82
C ARG D 245 -25.18 -49.27 25.01
N THR D 246 -26.31 -49.86 25.41
CA THR D 246 -26.39 -51.30 25.57
C THR D 246 -27.24 -51.92 24.47
N TRP D 247 -26.68 -52.91 23.77
CA TRP D 247 -27.30 -53.47 22.55
C TRP D 247 -27.79 -54.89 22.78
N ALA D 248 -28.63 -55.37 21.89
CA ALA D 248 -28.93 -56.81 21.82
C ALA D 248 -28.90 -57.33 20.39
N LEU D 249 -28.27 -58.50 20.21
CA LEU D 249 -28.04 -59.11 18.89
C LEU D 249 -28.63 -60.52 18.96
N PRO D 250 -29.66 -60.77 18.15
CA PRO D 250 -30.20 -62.10 17.94
C PRO D 250 -29.42 -62.84 16.90
N THR D 251 -29.77 -64.11 16.72
CA THR D 251 -29.32 -64.88 15.59
C THR D 251 -30.20 -64.58 14.41
N TYR D 252 -29.62 -64.25 13.25
CA TYR D 252 -30.40 -63.90 12.07
C TYR D 252 -30.39 -65.06 11.10
N ASN D 253 -31.50 -65.26 10.39
CA ASN D 253 -31.66 -66.17 9.25
C ASN D 253 -31.26 -67.58 9.63
N ASN D 254 -31.29 -67.87 10.93
CA ASN D 254 -30.67 -69.09 11.45
C ASN D 254 -29.26 -69.39 11.03
N HIS D 255 -28.41 -68.36 10.91
CA HIS D 255 -27.02 -68.49 10.48
C HIS D 255 -26.88 -68.75 8.99
N LEU D 256 -27.86 -68.32 8.21
CA LEU D 256 -27.84 -68.55 6.77
C LEU D 256 -27.83 -67.22 6.02
N TYR D 257 -27.03 -67.15 4.96
CA TYR D 257 -27.30 -66.25 3.85
C TYR D 257 -28.47 -66.74 3.02
N LYS D 258 -29.39 -65.84 2.70
CA LYS D 258 -30.52 -66.17 1.84
C LYS D 258 -30.60 -65.23 0.65
N GLN D 259 -30.86 -65.78 -0.53
CA GLN D 259 -31.15 -65.00 -1.71
C GLN D 259 -32.53 -64.43 -1.48
N ILE D 260 -32.68 -63.14 -1.79
CA ILE D 260 -33.98 -62.47 -1.72
C ILE D 260 -34.28 -61.64 -2.95
N SER D 261 -35.58 -61.43 -3.19
CA SER D 261 -36.02 -60.69 -4.39
C SER D 261 -37.49 -60.36 -4.34
N SER D 262 -37.95 -59.63 -5.35
CA SER D 262 -39.35 -59.26 -5.46
C SER D 262 -40.22 -60.30 -6.21
N ALA D 263 -39.65 -61.46 -6.52
CA ALA D 263 -40.37 -62.48 -7.27
C ALA D 263 -41.56 -63.02 -6.49
N SER D 264 -42.65 -63.29 -7.21
CA SER D 264 -43.99 -63.05 -6.70
C SER D 264 -44.21 -61.59 -6.33
N THR D 265 -44.74 -61.36 -5.13
CA THR D 265 -44.99 -60.00 -4.65
C THR D 265 -46.19 -59.36 -5.36
N GLY D 266 -46.12 -59.32 -6.68
CA GLY D 266 -46.96 -58.41 -7.45
C GLY D 266 -46.39 -57.01 -7.61
N ALA D 267 -45.15 -56.81 -7.18
CA ALA D 267 -44.55 -55.48 -7.17
C ALA D 267 -44.40 -54.90 -8.58
N SER D 268 -44.62 -53.60 -8.71
CA SER D 268 -44.47 -52.90 -9.98
C SER D 268 -43.01 -52.80 -10.41
N ASN D 269 -42.78 -52.77 -11.72
CA ASN D 269 -41.43 -52.70 -12.25
C ASN D 269 -40.51 -51.72 -11.50
N ASP D 270 -41.08 -50.65 -10.94
CA ASP D 270 -40.29 -49.65 -10.21
C ASP D 270 -39.89 -50.13 -8.84
N ASN D 271 -40.38 -51.28 -8.44
CA ASN D 271 -40.04 -51.84 -7.13
C ASN D 271 -39.29 -53.18 -7.14
N HIS D 272 -38.93 -53.68 -8.32
CA HIS D 272 -38.25 -54.97 -8.35
C HIS D 272 -36.86 -54.89 -7.75
N TYR D 273 -36.40 -55.97 -7.14
CA TYR D 273 -35.05 -56.01 -6.66
C TYR D 273 -34.49 -57.40 -6.51
N PHE D 274 -33.16 -57.48 -6.44
CA PHE D 274 -32.47 -58.74 -6.19
C PHE D 274 -31.35 -58.43 -5.26
N GLY D 275 -31.17 -59.32 -4.31
CA GLY D 275 -30.13 -59.15 -3.34
C GLY D 275 -30.06 -60.35 -2.43
N TYR D 276 -29.43 -60.14 -1.28
CA TYR D 276 -29.14 -61.21 -0.32
C TYR D 276 -29.26 -60.72 1.14
N SER D 277 -29.79 -61.57 2.00
CA SER D 277 -29.81 -61.27 3.40
C SER D 277 -28.85 -62.16 4.16
N THR D 278 -28.35 -61.64 5.25
CA THR D 278 -27.12 -62.08 5.81
C THR D 278 -27.39 -62.42 7.27
N PRO D 279 -26.64 -63.39 7.80
CA PRO D 279 -26.74 -63.69 9.23
C PRO D 279 -26.11 -62.64 10.14
N TRP D 280 -25.58 -61.56 9.58
CA TRP D 280 -24.82 -60.59 10.39
C TRP D 280 -25.70 -59.41 10.85
N GLY D 281 -25.33 -58.77 11.94
CA GLY D 281 -25.85 -57.43 12.24
C GLY D 281 -24.74 -56.40 12.07
N TYR D 282 -25.09 -55.12 12.28
CA TYR D 282 -24.14 -54.04 12.08
C TYR D 282 -24.43 -52.91 13.01
N PHE D 283 -23.44 -52.04 13.19
CA PHE D 283 -23.59 -50.85 14.01
C PHE D 283 -23.68 -49.64 13.14
N ASP D 284 -24.56 -48.73 13.58
CA ASP D 284 -24.93 -47.56 12.86
C ASP D 284 -25.07 -46.45 13.87
N PHE D 285 -24.21 -45.45 13.78
CA PHE D 285 -24.35 -44.25 14.57
C PHE D 285 -24.58 -43.04 13.67
N ASN D 286 -25.12 -43.25 12.46
CA ASN D 286 -25.13 -42.17 11.45
C ASN D 286 -26.35 -41.30 11.63
N ARG D 287 -26.48 -40.74 12.82
CA ARG D 287 -27.55 -39.79 13.18
C ARG D 287 -27.03 -38.88 14.29
N PHE D 288 -27.32 -37.60 14.21
CA PHE D 288 -26.69 -36.63 15.12
C PHE D 288 -27.09 -36.94 16.53
N HIS D 289 -28.33 -37.35 16.75
CA HIS D 289 -28.70 -37.61 18.15
C HIS D 289 -28.08 -38.84 18.82
N CYS D 290 -27.22 -39.56 18.10
CA CYS D 290 -26.50 -40.69 18.64
C CYS D 290 -25.35 -40.11 19.44
N HIS D 291 -25.04 -38.84 19.20
CA HIS D 291 -23.87 -38.21 19.84
C HIS D 291 -24.15 -36.94 20.62
N PHE D 292 -25.08 -36.13 20.13
CA PHE D 292 -25.38 -34.86 20.69
C PHE D 292 -26.70 -34.95 21.48
N SER D 293 -26.64 -34.66 22.77
CA SER D 293 -27.86 -34.45 23.51
C SER D 293 -28.55 -33.15 23.00
N PRO D 294 -29.83 -32.96 23.38
CA PRO D 294 -30.57 -31.81 22.88
C PRO D 294 -29.97 -30.53 23.32
N ARG D 295 -29.49 -30.51 24.55
CA ARG D 295 -28.84 -29.33 25.08
C ARG D 295 -27.54 -29.03 24.34
N ASP D 296 -26.74 -30.05 24.06
CA ASP D 296 -25.49 -29.84 23.31
C ASP D 296 -25.75 -29.32 21.89
N TRP D 297 -26.80 -29.83 21.25
CA TRP D 297 -27.16 -29.44 19.90
C TRP D 297 -27.47 -27.97 19.96
N GLN D 298 -28.17 -27.64 21.02
CA GLN D 298 -28.48 -26.25 21.26
C GLN D 298 -27.25 -25.40 21.42
N ARG D 299 -26.27 -25.89 22.16
CA ARG D 299 -25.01 -25.21 22.33
C ARG D 299 -24.33 -25.09 20.98
N LEU D 300 -24.46 -26.12 20.16
CA LEU D 300 -23.73 -26.16 18.94
C LEU D 300 -24.29 -25.03 18.11
N ILE D 301 -25.59 -25.08 17.96
CA ILE D 301 -26.21 -24.33 16.88
C ILE D 301 -26.38 -22.85 17.16
N ASN D 302 -26.34 -22.47 18.43
CA ASN D 302 -26.59 -21.09 18.80
C ASN D 302 -25.29 -20.28 18.89
N ASN D 303 -24.14 -20.96 18.78
CA ASN D 303 -22.85 -20.28 18.91
C ASN D 303 -21.81 -20.48 17.84
N ASN D 304 -22.13 -21.28 16.81
CA ASN D 304 -21.15 -21.61 15.78
C ASN D 304 -21.68 -21.46 14.37
N TRP D 305 -20.84 -20.96 13.47
CA TRP D 305 -21.19 -20.85 12.08
C TRP D 305 -21.00 -22.15 11.36
N GLY D 306 -20.45 -23.15 12.04
CA GLY D 306 -20.21 -24.42 11.37
C GLY D 306 -19.52 -25.43 12.24
N PHE D 307 -19.38 -26.65 11.71
CA PHE D 307 -18.70 -27.74 12.39
C PHE D 307 -18.52 -28.91 11.46
N ARG D 308 -17.59 -29.79 11.79
CA ARG D 308 -17.28 -30.97 11.00
C ARG D 308 -16.69 -32.00 11.91
N PRO D 309 -16.90 -33.27 11.60
CA PRO D 309 -16.17 -34.37 12.26
C PRO D 309 -14.67 -34.44 11.85
N LYS D 310 -13.84 -34.80 12.82
CA LYS D 310 -12.40 -34.93 12.62
C LYS D 310 -11.88 -36.35 12.89
N ARG D 311 -12.26 -36.91 14.03
CA ARG D 311 -11.83 -38.25 14.34
C ARG D 311 -12.79 -39.02 15.26
N LEU D 312 -12.64 -40.34 15.22
CA LEU D 312 -13.54 -41.22 15.93
C LEU D 312 -12.84 -42.38 16.57
N ASN D 313 -13.45 -42.87 17.63
CA ASN D 313 -12.94 -43.97 18.41
C ASN D 313 -14.11 -44.86 18.72
N PHE D 314 -13.96 -46.14 18.42
CA PHE D 314 -15.07 -47.05 18.59
C PHE D 314 -14.70 -48.23 19.48
N LYS D 315 -15.69 -48.64 20.27
CA LYS D 315 -15.47 -49.67 21.29
C LYS D 315 -16.64 -50.59 21.52
N LEU D 316 -16.37 -51.87 21.40
CA LEU D 316 -17.33 -52.90 21.71
C LEU D 316 -16.79 -53.61 22.90
N PHE D 317 -17.64 -53.86 23.85
CA PHE D 317 -17.17 -54.53 25.02
C PHE D 317 -18.29 -55.06 25.93
N ASN D 318 -17.85 -55.62 27.04
CA ASN D 318 -18.70 -56.29 28.02
C ASN D 318 -19.67 -57.25 27.42
N ILE D 319 -19.16 -58.13 26.56
CA ILE D 319 -20.04 -58.92 25.78
C ILE D 319 -20.55 -60.08 26.62
N GLN D 320 -21.77 -60.51 26.37
CA GLN D 320 -22.28 -61.62 27.12
C GLN D 320 -23.21 -62.47 26.29
N VAL D 321 -22.80 -63.70 26.03
CA VAL D 321 -23.55 -64.54 25.10
C VAL D 321 -24.43 -65.47 25.90
N LYS D 322 -25.65 -65.62 25.44
CA LYS D 322 -26.66 -66.36 26.19
C LYS D 322 -27.40 -67.38 25.38
N GLU D 323 -27.68 -68.51 26.00
CA GLU D 323 -28.45 -69.54 25.32
C GLU D 323 -29.89 -69.58 25.81
N VAL D 324 -30.81 -69.88 24.90
CA VAL D 324 -32.22 -70.00 25.27
C VAL D 324 -32.73 -71.43 25.04
N THR D 325 -33.28 -72.03 26.09
CA THR D 325 -34.06 -73.25 25.95
C THR D 325 -35.54 -73.00 26.24
N THR D 326 -36.40 -73.50 25.36
CA THR D 326 -37.84 -73.44 25.58
C THR D 326 -38.42 -74.82 25.86
N ASN D 327 -39.16 -74.94 26.96
CA ASN D 327 -39.86 -76.17 27.29
C ASN D 327 -41.32 -75.93 27.65
N ASP D 328 -42.21 -76.63 26.96
CA ASP D 328 -43.51 -76.06 26.60
C ASP D 328 -43.35 -74.92 25.60
N GLY D 329 -43.33 -73.70 26.12
CA GLY D 329 -44.09 -73.35 27.31
C GLY D 329 -43.33 -72.38 28.20
N VAL D 330 -42.50 -72.94 29.08
CA VAL D 330 -41.66 -72.11 29.95
C VAL D 330 -40.28 -71.89 29.34
N THR D 331 -39.81 -70.65 29.38
CA THR D 331 -38.68 -70.22 28.56
C THR D 331 -37.43 -70.01 29.41
N THR D 332 -36.32 -70.58 28.95
CA THR D 332 -35.13 -70.71 29.78
C THR D 332 -33.96 -69.93 29.18
N ILE D 333 -33.28 -69.14 30.00
CA ILE D 333 -32.10 -68.43 29.55
C ILE D 333 -30.92 -68.63 30.51
N ALA D 334 -29.76 -68.98 29.98
CA ALA D 334 -28.54 -68.98 30.79
C ALA D 334 -27.36 -68.42 29.99
N ASN D 335 -26.29 -68.12 30.69
CA ASN D 335 -25.04 -67.76 30.06
C ASN D 335 -24.40 -68.94 29.31
N ASN D 336 -23.88 -68.71 28.10
CA ASN D 336 -23.02 -69.67 27.49
C ASN D 336 -21.63 -69.09 27.45
N LEU D 337 -20.85 -69.42 28.47
CA LEU D 337 -19.61 -68.74 28.75
C LEU D 337 -18.53 -68.93 27.66
N THR D 338 -18.58 -70.02 26.92
CA THR D 338 -17.51 -70.35 25.99
C THR D 338 -17.88 -70.03 24.55
N SER D 339 -18.90 -69.19 24.40
CA SER D 339 -19.44 -68.78 23.10
C SER D 339 -18.87 -67.47 22.64
N THR D 340 -18.77 -67.27 21.33
CA THR D 340 -18.17 -66.03 20.84
C THR D 340 -19.15 -65.19 20.00
N VAL D 341 -18.86 -63.89 19.98
CA VAL D 341 -19.40 -62.96 18.98
C VAL D 341 -18.23 -62.48 18.10
N GLN D 342 -18.49 -62.33 16.80
CA GLN D 342 -17.45 -62.02 15.81
C GLN D 342 -17.64 -60.60 15.35
N VAL D 343 -16.55 -59.91 15.03
CA VAL D 343 -16.63 -58.52 14.62
C VAL D 343 -15.52 -58.14 13.66
N PHE D 344 -15.85 -57.23 12.74
CA PHE D 344 -14.84 -56.62 11.89
C PHE D 344 -15.37 -55.33 11.32
N SER D 345 -14.41 -54.46 10.96
CA SER D 345 -14.74 -53.26 10.24
C SER D 345 -14.32 -53.46 8.79
N ASP D 346 -15.23 -53.14 7.88
CA ASP D 346 -14.96 -53.20 6.44
C ASP D 346 -14.13 -51.96 6.01
N SER D 347 -12.90 -51.89 6.48
CA SER D 347 -12.05 -50.70 6.30
C SER D 347 -11.48 -50.49 4.88
N GLU D 348 -11.54 -51.49 4.00
CA GLU D 348 -11.16 -51.35 2.61
C GLU D 348 -12.40 -51.20 1.71
N TYR D 349 -13.55 -51.08 2.36
CA TYR D 349 -14.88 -50.87 1.74
C TYR D 349 -15.24 -51.93 0.71
N GLN D 350 -14.89 -53.15 1.06
CA GLN D 350 -15.08 -54.26 0.13
C GLN D 350 -16.53 -54.72 0.08
N LEU D 351 -17.33 -54.28 1.03
CA LEU D 351 -18.74 -54.64 1.06
C LEU D 351 -19.64 -53.53 0.58
N PRO D 352 -20.82 -53.91 0.05
CA PRO D 352 -21.80 -52.91 -0.34
C PRO D 352 -22.13 -51.98 0.83
N TYR D 353 -22.07 -50.67 0.57
CA TYR D 353 -22.14 -49.73 1.67
C TYR D 353 -23.55 -49.40 1.98
N VAL D 354 -24.02 -49.87 3.14
CA VAL D 354 -25.43 -49.83 3.47
C VAL D 354 -25.79 -48.73 4.46
N LEU D 355 -24.79 -48.11 5.11
CA LEU D 355 -25.04 -46.86 5.80
C LEU D 355 -25.44 -45.75 4.79
N GLY D 356 -26.02 -44.66 5.28
CA GLY D 356 -26.30 -43.50 4.43
C GLY D 356 -27.50 -43.71 3.52
N SER D 357 -28.37 -44.59 3.98
CA SER D 357 -29.66 -44.78 3.35
C SER D 357 -30.73 -44.52 4.39
N ALA D 358 -30.31 -44.03 5.55
CA ALA D 358 -31.23 -43.48 6.55
C ALA D 358 -32.12 -44.57 7.16
N HIS D 359 -31.51 -45.73 7.28
CA HIS D 359 -32.15 -46.84 7.92
C HIS D 359 -32.36 -46.64 9.38
N GLN D 360 -33.41 -47.24 9.90
CA GLN D 360 -33.53 -47.30 11.34
C GLN D 360 -32.60 -48.36 11.91
N GLY D 361 -32.30 -48.25 13.19
CA GLY D 361 -31.44 -49.19 13.93
C GLY D 361 -30.16 -48.51 14.43
N CYS D 362 -30.09 -47.18 14.37
CA CYS D 362 -28.92 -46.47 14.87
C CYS D 362 -28.97 -46.49 16.37
N LEU D 363 -27.86 -46.19 17.04
CA LEU D 363 -27.89 -45.92 18.47
C LEU D 363 -29.04 -44.98 18.82
N PRO D 364 -29.80 -45.31 19.85
CA PRO D 364 -30.92 -44.49 20.23
C PRO D 364 -30.50 -43.13 20.80
N PRO D 365 -31.34 -42.10 20.63
CA PRO D 365 -31.04 -40.73 21.11
C PRO D 365 -30.88 -40.68 22.62
N PHE D 366 -31.63 -41.53 23.29
CA PHE D 366 -31.67 -41.54 24.75
C PHE D 366 -30.78 -42.62 25.38
N PRO D 367 -29.74 -42.20 26.13
CA PRO D 367 -28.70 -43.11 26.57
C PRO D 367 -29.22 -44.30 27.36
N ALA D 368 -30.37 -44.15 28.01
CA ALA D 368 -30.93 -45.28 28.76
C ALA D 368 -31.65 -46.34 27.93
N ASP D 369 -31.95 -46.07 26.65
CA ASP D 369 -32.58 -47.05 25.74
C ASP D 369 -31.62 -48.16 25.25
N VAL D 370 -32.12 -49.40 25.34
CA VAL D 370 -31.48 -50.60 24.81
C VAL D 370 -31.91 -50.76 23.35
N PHE D 371 -31.03 -51.20 22.47
CA PHE D 371 -31.42 -51.27 21.09
C PHE D 371 -31.06 -52.59 20.51
N MET D 372 -31.85 -53.00 19.55
CA MET D 372 -31.59 -54.20 18.79
C MET D 372 -30.72 -53.86 17.56
N ILE D 373 -29.72 -54.67 17.25
CA ILE D 373 -28.83 -54.38 16.13
C ILE D 373 -29.56 -54.76 14.86
N PRO D 374 -29.53 -53.87 13.83
CA PRO D 374 -30.15 -54.24 12.54
C PRO D 374 -29.44 -55.42 11.89
N GLN D 375 -30.08 -56.12 10.95
CA GLN D 375 -29.50 -57.17 10.11
C GLN D 375 -28.88 -56.59 8.81
N TYR D 376 -27.71 -57.09 8.40
CA TYR D 376 -27.12 -56.59 7.17
C TYR D 376 -27.79 -57.35 6.01
N GLY D 377 -28.29 -56.63 5.00
CA GLY D 377 -28.56 -57.20 3.67
C GLY D 377 -28.16 -56.16 2.64
N TYR D 378 -28.03 -56.57 1.38
CA TYR D 378 -27.63 -55.65 0.34
C TYR D 378 -28.34 -56.05 -0.95
N LEU D 379 -28.35 -55.15 -1.94
CA LEU D 379 -28.83 -55.42 -3.29
C LEU D 379 -27.71 -55.44 -4.36
N THR D 380 -27.99 -56.03 -5.52
CA THR D 380 -27.11 -56.01 -6.68
C THR D 380 -27.93 -55.72 -7.90
N LEU D 381 -27.34 -55.91 -9.07
CA LEU D 381 -28.01 -55.65 -10.30
C LEU D 381 -29.19 -56.60 -10.32
N ASN D 382 -30.31 -56.07 -10.80
CA ASN D 382 -31.49 -56.88 -11.09
C ASN D 382 -32.14 -56.47 -12.42
N ASN D 383 -32.65 -57.46 -13.14
CA ASN D 383 -33.42 -57.27 -14.34
C ASN D 383 -34.80 -57.83 -13.97
N GLY D 384 -35.72 -56.93 -13.65
CA GLY D 384 -36.96 -57.34 -13.02
C GLY D 384 -36.60 -57.99 -11.70
N SER D 385 -37.21 -59.13 -11.38
CA SER D 385 -36.82 -59.85 -10.18
C SER D 385 -35.69 -60.89 -10.37
N GLN D 386 -35.07 -60.90 -11.54
CA GLN D 386 -34.00 -61.86 -11.77
C GLN D 386 -32.65 -61.20 -11.55
N ALA D 387 -31.58 -61.99 -11.50
CA ALA D 387 -30.22 -61.44 -11.47
C ALA D 387 -29.56 -61.42 -12.86
N VAL D 388 -28.39 -60.81 -12.94
CA VAL D 388 -27.59 -60.75 -14.17
C VAL D 388 -26.21 -61.38 -13.86
N GLY D 389 -25.40 -61.69 -14.87
CA GLY D 389 -24.11 -62.31 -14.59
C GLY D 389 -23.20 -61.38 -13.80
N ARG D 390 -23.44 -60.09 -13.94
CA ARG D 390 -22.63 -59.05 -13.34
C ARG D 390 -22.94 -58.88 -11.85
N SER D 391 -24.09 -59.41 -11.41
CA SER D 391 -24.47 -59.43 -9.98
C SER D 391 -23.46 -60.07 -9.06
N SER D 392 -23.23 -59.38 -7.95
CA SER D 392 -22.20 -59.73 -7.00
C SER D 392 -22.85 -60.34 -5.78
N PHE D 393 -22.25 -61.44 -5.33
CA PHE D 393 -22.56 -62.05 -4.07
C PHE D 393 -21.35 -61.97 -3.14
N TYR D 394 -21.62 -61.67 -1.87
CA TYR D 394 -20.61 -61.43 -0.83
C TYR D 394 -20.81 -62.34 0.38
N CYS D 395 -19.75 -63.02 0.79
CA CYS D 395 -19.76 -63.77 2.05
C CYS D 395 -18.89 -63.09 3.10
N LEU D 396 -19.45 -62.88 4.28
CA LEU D 396 -18.81 -62.06 5.30
C LEU D 396 -17.93 -62.91 6.22
N GLU D 397 -18.09 -64.23 6.16
CA GLU D 397 -17.13 -65.15 6.77
C GLU D 397 -15.83 -65.21 5.98
N TYR D 398 -15.78 -64.47 4.87
CA TYR D 398 -14.62 -64.50 3.99
C TYR D 398 -13.76 -63.25 4.19
N PHE D 399 -14.13 -62.46 5.19
CA PHE D 399 -13.20 -61.53 5.83
C PHE D 399 -12.58 -62.14 7.08
N PRO D 400 -11.41 -61.64 7.46
CA PRO D 400 -10.92 -61.79 8.83
C PRO D 400 -11.80 -61.07 9.84
N SER D 401 -12.26 -61.79 10.86
CA SER D 401 -13.01 -61.18 11.94
C SER D 401 -12.38 -61.49 13.30
N GLN D 402 -12.59 -60.59 14.26
CA GLN D 402 -12.21 -60.84 15.62
C GLN D 402 -13.27 -61.64 16.43
N MET D 403 -12.79 -62.63 17.17
CA MET D 403 -13.72 -63.55 17.84
C MET D 403 -13.68 -63.28 19.32
N LEU D 404 -14.81 -62.92 19.88
CA LEU D 404 -14.81 -62.49 21.25
C LEU D 404 -15.62 -63.38 22.16
N ARG D 405 -15.00 -63.91 23.19
CA ARG D 405 -15.75 -64.50 24.28
C ARG D 405 -16.06 -63.41 25.29
N THR D 406 -16.82 -63.77 26.32
CA THR D 406 -17.27 -62.84 27.34
C THR D 406 -16.19 -61.94 27.97
N GLY D 407 -14.94 -62.40 27.94
CA GLY D 407 -13.83 -61.63 28.47
C GLY D 407 -13.32 -60.50 27.58
N ASN D 408 -13.56 -60.58 26.28
CA ASN D 408 -12.77 -59.82 25.30
C ASN D 408 -13.47 -58.52 24.89
N ASN D 409 -12.74 -57.65 24.17
CA ASN D 409 -13.35 -56.45 23.65
C ASN D 409 -12.77 -56.09 22.31
N PHE D 410 -13.41 -55.15 21.60
CA PHE D 410 -13.01 -54.72 20.27
C PHE D 410 -12.84 -53.23 20.23
N THR D 411 -11.81 -52.75 19.57
CA THR D 411 -11.64 -51.33 19.45
C THR D 411 -11.10 -50.99 18.10
N PHE D 412 -11.45 -49.83 17.56
CA PHE D 412 -10.69 -49.27 16.45
C PHE D 412 -10.87 -47.77 16.41
N SER D 413 -9.91 -47.07 15.77
CA SER D 413 -10.06 -45.65 15.48
C SER D 413 -10.03 -45.32 14.00
N TYR D 414 -10.51 -44.10 13.70
CA TYR D 414 -10.70 -43.64 12.36
C TYR D 414 -10.49 -42.10 12.31
N THR D 415 -10.00 -41.60 11.17
CA THR D 415 -9.84 -40.19 10.98
C THR D 415 -10.68 -39.88 9.76
N PHE D 416 -11.41 -38.76 9.85
CA PHE D 416 -12.13 -38.23 8.74
C PHE D 416 -11.26 -37.42 7.81
N GLU D 417 -11.59 -37.48 6.52
CA GLU D 417 -10.96 -36.71 5.50
C GLU D 417 -11.30 -35.22 5.75
N GLU D 418 -10.61 -34.33 5.04
CA GLU D 418 -10.90 -32.91 5.17
C GLU D 418 -12.20 -32.64 4.43
N VAL D 419 -13.11 -31.95 5.10
CA VAL D 419 -14.39 -31.62 4.50
C VAL D 419 -14.80 -30.22 4.92
N PRO D 420 -15.59 -29.56 4.08
CA PRO D 420 -16.06 -28.21 4.38
C PRO D 420 -16.93 -28.23 5.63
N PHE D 421 -16.82 -27.20 6.46
CA PHE D 421 -17.64 -27.12 7.65
C PHE D 421 -19.09 -27.03 7.22
N HIS D 422 -19.97 -27.73 7.91
CA HIS D 422 -21.40 -27.56 7.64
C HIS D 422 -21.92 -26.16 7.95
N SER D 423 -22.71 -25.57 7.07
CA SER D 423 -23.11 -24.18 7.33
C SER D 423 -24.28 -24.12 8.34
N SER D 424 -23.94 -23.83 9.59
CA SER D 424 -24.95 -23.61 10.61
C SER D 424 -25.27 -22.15 10.77
N TYR D 425 -25.87 -21.58 9.73
CA TYR D 425 -26.25 -20.17 9.69
C TYR D 425 -27.22 -19.95 8.56
N ALA D 426 -28.13 -19.00 8.74
CA ALA D 426 -28.83 -18.39 7.61
C ALA D 426 -28.10 -17.14 7.15
N HIS D 427 -28.22 -16.82 5.86
CA HIS D 427 -27.80 -15.51 5.37
C HIS D 427 -28.77 -14.41 5.80
N SER D 428 -28.24 -13.21 5.98
CA SER D 428 -29.06 -12.04 6.30
C SER D 428 -29.06 -11.05 5.14
N GLN D 429 -28.79 -11.57 3.95
CA GLN D 429 -28.87 -10.81 2.70
C GLN D 429 -29.36 -11.80 1.70
N SER D 430 -29.88 -11.34 0.57
CA SER D 430 -30.26 -12.24 -0.50
C SER D 430 -29.58 -11.85 -1.80
N LEU D 431 -29.51 -12.78 -2.75
CA LEU D 431 -28.63 -12.63 -3.91
C LEU D 431 -28.94 -11.34 -4.63
N ASP D 432 -30.23 -11.01 -4.59
CA ASP D 432 -30.84 -9.92 -5.34
C ASP D 432 -30.88 -8.65 -4.55
N ARG D 433 -30.33 -8.68 -3.36
CA ARG D 433 -30.20 -7.46 -2.58
C ARG D 433 -28.76 -7.24 -2.12
N LEU D 434 -27.80 -7.38 -3.02
CA LEU D 434 -26.39 -7.16 -2.63
C LEU D 434 -25.89 -5.76 -2.88
N MET D 435 -26.62 -4.96 -3.64
CA MET D 435 -26.14 -3.64 -4.05
C MET D 435 -26.18 -2.61 -2.92
N ASN D 436 -25.47 -1.51 -3.17
CA ASN D 436 -25.54 -0.35 -2.29
C ASN D 436 -26.82 0.40 -2.64
N PRO D 437 -27.76 0.47 -1.69
CA PRO D 437 -29.07 1.05 -1.90
C PRO D 437 -29.06 2.57 -1.99
N LEU D 438 -27.89 3.21 -2.00
CA LEU D 438 -27.81 4.67 -2.10
C LEU D 438 -27.36 5.15 -3.45
N ILE D 439 -26.58 4.33 -4.15
CA ILE D 439 -25.82 4.80 -5.30
C ILE D 439 -26.32 4.16 -6.59
N ASP D 440 -26.31 4.92 -7.69
CA ASP D 440 -26.57 4.32 -8.97
C ASP D 440 -25.40 3.41 -9.39
N GLN D 441 -25.64 2.55 -10.39
CA GLN D 441 -24.57 1.90 -11.16
C GLN D 441 -24.06 2.82 -12.22
N TYR D 442 -22.94 2.49 -12.86
CA TYR D 442 -22.43 3.22 -14.03
C TYR D 442 -22.92 2.47 -15.29
N LEU D 443 -23.60 1.36 -15.04
CA LEU D 443 -24.10 0.48 -16.09
C LEU D 443 -25.55 0.78 -16.52
N TYR D 444 -25.85 0.53 -17.79
CA TYR D 444 -27.13 0.89 -18.36
C TYR D 444 -27.82 -0.37 -18.84
N TYR D 445 -29.13 -0.34 -18.92
CA TYR D 445 -29.90 -1.46 -19.46
C TYR D 445 -31.03 -0.91 -20.30
N LEU D 446 -31.46 -1.66 -21.29
CA LEU D 446 -32.56 -1.30 -22.13
C LEU D 446 -33.82 -1.28 -21.26
N ASN D 447 -34.39 -0.09 -21.10
CA ASN D 447 -35.55 0.13 -20.24
C ASN D 447 -36.88 0.12 -20.95
N ARG D 448 -36.94 0.76 -22.12
CA ARG D 448 -38.15 0.74 -22.94
C ARG D 448 -37.89 0.46 -24.41
N THR D 449 -38.78 -0.33 -24.99
CA THR D 449 -38.84 -0.56 -26.42
C THR D 449 -39.96 0.24 -27.11
N GLN D 450 -40.59 1.13 -26.36
CA GLN D 450 -41.46 2.14 -26.94
C GLN D 450 -41.68 3.31 -26.01
N ASN D 451 -41.93 4.49 -26.56
CA ASN D 451 -42.21 5.66 -25.75
C ASN D 451 -43.57 5.58 -25.07
N GLN D 452 -43.60 5.77 -23.76
CA GLN D 452 -43.01 6.97 -23.15
C GLN D 452 -43.93 8.17 -23.31
N SER D 453 -45.23 7.96 -23.16
CA SER D 453 -46.22 8.93 -23.59
C SER D 453 -45.58 10.01 -24.46
N GLY D 454 -45.19 9.61 -25.67
CA GLY D 454 -45.55 10.35 -26.86
C GLY D 454 -46.49 9.56 -27.76
N SER D 455 -47.72 10.05 -27.87
CA SER D 455 -48.82 9.24 -28.39
C SER D 455 -48.44 8.65 -29.73
N ALA D 456 -48.78 7.38 -29.93
CA ALA D 456 -49.44 6.56 -28.91
C ALA D 456 -48.36 5.65 -28.44
N GLN D 457 -48.17 4.57 -29.19
CA GLN D 457 -47.11 3.63 -28.92
C GLN D 457 -46.23 3.64 -30.15
N ASN D 458 -44.96 3.97 -29.96
CA ASN D 458 -44.02 4.04 -31.06
C ASN D 458 -42.78 3.24 -30.71
N LYS D 459 -42.22 2.57 -31.70
CA LYS D 459 -41.02 1.80 -31.45
C LYS D 459 -39.92 2.76 -31.03
N ASP D 460 -39.18 2.35 -30.02
CA ASP D 460 -38.09 3.14 -29.46
C ASP D 460 -37.09 2.22 -28.81
N LEU D 461 -35.93 2.78 -28.47
CA LEU D 461 -34.93 2.08 -27.70
C LEU D 461 -34.47 3.07 -26.66
N LEU D 462 -34.96 2.85 -25.43
CA LEU D 462 -34.63 3.71 -24.32
C LEU D 462 -33.90 3.00 -23.19
N PHE D 463 -32.77 3.57 -22.75
CA PHE D 463 -31.84 2.94 -21.82
C PHE D 463 -31.78 3.72 -20.52
N SER D 464 -31.72 2.99 -19.42
CA SER D 464 -31.64 3.58 -18.08
C SER D 464 -30.47 3.04 -17.28
N ARG D 465 -29.95 3.84 -16.39
CA ARG D 465 -28.92 3.32 -15.57
C ARG D 465 -29.44 2.72 -14.26
N GLY D 466 -28.83 1.62 -13.83
CA GLY D 466 -29.08 1.02 -12.55
C GLY D 466 -29.26 2.02 -11.41
N SER D 467 -30.26 1.77 -10.60
CA SER D 467 -30.75 2.77 -9.70
C SER D 467 -31.44 2.07 -8.54
N PRO D 468 -31.37 2.65 -7.33
CA PRO D 468 -32.03 2.01 -6.16
C PRO D 468 -33.55 1.84 -6.28
N ALA D 469 -34.19 2.58 -7.15
CA ALA D 469 -35.62 2.37 -7.35
C ALA D 469 -35.87 1.17 -8.27
N GLY D 470 -34.82 0.56 -8.85
CA GLY D 470 -35.01 -0.54 -9.82
C GLY D 470 -34.05 -1.67 -9.56
N MET D 471 -34.10 -2.22 -8.36
CA MET D 471 -33.18 -3.27 -7.96
C MET D 471 -33.47 -4.56 -8.68
N SER D 472 -34.68 -4.73 -9.17
CA SER D 472 -34.98 -5.89 -9.99
C SER D 472 -34.38 -5.82 -11.41
N VAL D 473 -33.87 -4.69 -11.84
CA VAL D 473 -33.36 -4.60 -13.22
C VAL D 473 -31.88 -4.23 -13.32
N GLN D 474 -31.21 -4.19 -12.18
CA GLN D 474 -29.80 -3.92 -12.10
C GLN D 474 -28.99 -5.07 -12.60
N PRO D 475 -27.95 -4.80 -13.45
CA PRO D 475 -27.00 -5.86 -13.69
C PRO D 475 -26.46 -6.44 -12.39
N LYS D 476 -26.18 -7.76 -12.35
CA LYS D 476 -25.51 -8.38 -11.22
C LYS D 476 -24.49 -9.46 -11.62
N ASN D 477 -23.74 -9.96 -10.62
CA ASN D 477 -22.66 -10.91 -10.84
C ASN D 477 -23.09 -12.35 -10.76
N TRP D 478 -24.14 -12.61 -10.00
CA TRP D 478 -24.48 -14.00 -9.55
C TRP D 478 -25.85 -14.51 -9.91
N LEU D 479 -25.97 -15.82 -10.02
CA LEU D 479 -27.24 -16.48 -10.25
C LEU D 479 -27.63 -17.33 -9.04
N PRO D 480 -28.94 -17.53 -8.79
CA PRO D 480 -29.33 -18.44 -7.70
C PRO D 480 -29.13 -19.87 -8.11
N GLY D 481 -29.26 -20.80 -7.16
CA GLY D 481 -28.88 -22.19 -7.37
C GLY D 481 -29.74 -22.92 -8.36
N PRO D 482 -29.41 -24.16 -8.63
CA PRO D 482 -30.14 -25.04 -9.50
C PRO D 482 -31.58 -25.37 -9.02
N CYS D 483 -32.34 -25.99 -9.90
CA CYS D 483 -33.73 -26.16 -9.65
C CYS D 483 -34.25 -27.37 -10.39
N TYR D 484 -35.00 -28.16 -9.62
CA TYR D 484 -35.78 -29.25 -10.14
C TYR D 484 -37.20 -29.20 -9.54
N ARG D 485 -38.11 -28.55 -10.26
CA ARG D 485 -39.38 -28.16 -9.65
C ARG D 485 -40.15 -29.33 -9.08
N GLN D 486 -40.81 -29.06 -7.98
CA GLN D 486 -41.65 -30.04 -7.33
C GLN D 486 -43.05 -29.52 -7.06
N GLN D 487 -43.96 -30.46 -6.88
CA GLN D 487 -45.37 -30.13 -6.76
C GLN D 487 -45.72 -29.60 -5.39
N ARG D 488 -46.38 -28.45 -5.38
CA ARG D 488 -46.70 -27.75 -4.13
C ARG D 488 -47.95 -28.36 -3.46
N VAL D 489 -47.84 -28.80 -2.23
CA VAL D 489 -49.03 -29.28 -1.56
C VAL D 489 -49.30 -28.62 -0.24
N SER D 490 -50.57 -28.32 0.02
CA SER D 490 -50.99 -27.64 1.27
C SER D 490 -51.25 -28.58 2.46
N LYS D 491 -50.99 -28.06 3.64
CA LYS D 491 -51.23 -28.77 4.89
C LYS D 491 -52.73 -28.78 5.27
N THR D 492 -53.49 -27.84 4.75
CA THR D 492 -54.93 -27.87 4.85
C THR D 492 -55.49 -28.57 3.61
N LYS D 493 -55.98 -29.79 3.79
CA LYS D 493 -56.34 -30.69 2.67
C LYS D 493 -57.29 -30.10 1.63
N THR D 494 -58.21 -29.25 2.08
CA THR D 494 -59.19 -28.59 1.23
C THR D 494 -58.64 -27.79 0.04
N ASP D 495 -57.37 -27.38 0.15
CA ASP D 495 -56.70 -26.64 -0.92
C ASP D 495 -56.30 -27.53 -2.05
N ASN D 496 -56.04 -28.80 -1.77
CA ASN D 496 -55.47 -29.71 -2.77
C ASN D 496 -56.45 -30.26 -3.77
N ASN D 497 -55.93 -30.83 -4.85
CA ASN D 497 -56.77 -31.49 -5.83
C ASN D 497 -57.37 -32.74 -5.22
N ASN D 498 -58.58 -33.09 -5.59
CA ASN D 498 -59.14 -34.36 -5.17
C ASN D 498 -58.70 -35.54 -6.05
N SER D 499 -57.46 -35.96 -5.90
CA SER D 499 -56.97 -37.19 -6.51
C SER D 499 -55.75 -37.67 -5.74
N ASN D 500 -55.24 -38.82 -6.15
CA ASN D 500 -54.01 -39.32 -5.62
C ASN D 500 -52.92 -39.07 -6.63
N PHE D 501 -52.21 -37.96 -6.48
CA PHE D 501 -51.21 -37.54 -7.45
C PHE D 501 -49.73 -37.68 -7.07
N THR D 502 -49.42 -38.36 -5.97
CA THR D 502 -48.03 -38.41 -5.53
C THR D 502 -47.02 -39.06 -6.49
N TRP D 503 -47.30 -40.30 -6.89
CA TRP D 503 -46.56 -40.97 -7.95
C TRP D 503 -46.74 -40.28 -9.31
N THR D 504 -47.97 -39.89 -9.59
CA THR D 504 -48.34 -39.38 -10.90
C THR D 504 -48.03 -37.90 -11.11
N GLY D 505 -48.01 -37.11 -10.04
CA GLY D 505 -47.59 -35.72 -10.11
C GLY D 505 -46.18 -35.51 -9.60
N ALA D 506 -45.56 -36.59 -9.17
CA ALA D 506 -44.22 -36.53 -8.60
C ALA D 506 -43.08 -36.27 -9.58
N SER D 507 -42.07 -35.55 -9.10
CA SER D 507 -40.84 -35.37 -9.78
C SER D 507 -40.06 -36.69 -9.61
N LYS D 508 -39.79 -37.35 -10.74
CA LYS D 508 -39.12 -38.65 -10.77
C LYS D 508 -37.96 -38.72 -11.74
N TYR D 509 -37.00 -39.59 -11.44
CA TYR D 509 -35.96 -39.84 -12.40
C TYR D 509 -36.12 -41.22 -12.92
N ASN D 510 -35.51 -41.49 -14.07
CA ASN D 510 -35.80 -42.70 -14.80
C ASN D 510 -34.49 -43.40 -15.08
N LEU D 511 -34.33 -44.57 -14.49
CA LEU D 511 -33.08 -45.27 -14.51
C LEU D 511 -33.28 -46.69 -14.95
N ASN D 512 -32.70 -47.03 -16.09
CA ASN D 512 -32.88 -48.36 -16.64
C ASN D 512 -34.37 -48.76 -16.60
N GLY D 513 -35.24 -47.93 -17.19
CA GLY D 513 -36.67 -48.21 -17.28
C GLY D 513 -37.45 -48.25 -15.96
N ARG D 514 -36.74 -47.95 -14.88
CA ARG D 514 -37.31 -47.87 -13.55
C ARG D 514 -37.41 -46.45 -12.98
N GLU D 515 -38.61 -46.09 -12.56
CA GLU D 515 -38.82 -44.77 -11.97
C GLU D 515 -38.55 -44.70 -10.47
N SER D 516 -38.04 -43.55 -10.06
CA SER D 516 -37.69 -43.35 -8.68
C SER D 516 -38.07 -41.90 -8.40
N ILE D 517 -38.84 -41.71 -7.32
CA ILE D 517 -39.17 -40.38 -6.83
C ILE D 517 -37.92 -39.63 -6.42
N ILE D 518 -37.78 -38.38 -6.86
CA ILE D 518 -36.64 -37.59 -6.45
C ILE D 518 -37.09 -37.08 -5.10
N ASN D 519 -36.39 -37.51 -4.06
CA ASN D 519 -36.72 -37.11 -2.72
C ASN D 519 -35.52 -37.26 -1.81
N PRO D 520 -35.10 -36.18 -1.15
CA PRO D 520 -35.59 -34.79 -1.15
C PRO D 520 -35.20 -33.91 -2.36
N GLY D 521 -34.22 -34.37 -3.16
CA GLY D 521 -33.88 -33.67 -4.38
C GLY D 521 -33.09 -32.44 -4.12
N THR D 522 -32.82 -31.70 -5.17
CA THR D 522 -31.99 -30.51 -5.11
C THR D 522 -32.31 -29.67 -3.85
N ALA D 523 -31.29 -29.16 -3.16
CA ALA D 523 -31.54 -28.18 -2.09
C ALA D 523 -32.27 -26.93 -2.61
N MET D 524 -33.52 -26.80 -2.16
CA MET D 524 -34.38 -25.69 -2.56
C MET D 524 -35.23 -25.18 -1.37
N ALA D 525 -35.56 -23.88 -1.34
CA ALA D 525 -36.36 -23.35 -0.24
C ALA D 525 -37.75 -23.95 -0.31
N SER D 526 -38.25 -24.36 0.85
CA SER D 526 -39.56 -25.00 0.96
C SER D 526 -40.78 -24.18 0.57
N HIS D 527 -40.75 -22.88 0.83
CA HIS D 527 -41.86 -21.99 0.48
C HIS D 527 -41.35 -20.57 0.53
N LYS D 528 -41.91 -19.70 -0.31
CA LYS D 528 -41.60 -18.29 -0.21
C LYS D 528 -42.25 -17.67 1.01
N ASP D 529 -41.91 -16.41 1.28
CA ASP D 529 -42.42 -15.68 2.42
C ASP D 529 -43.93 -15.85 2.61
N ASP D 530 -44.32 -16.04 3.87
CA ASP D 530 -45.73 -16.04 4.26
C ASP D 530 -46.49 -17.26 3.82
N GLU D 531 -45.82 -18.34 3.43
CA GLU D 531 -46.54 -19.45 2.86
C GLU D 531 -46.14 -20.74 3.52
N ASP D 532 -46.00 -20.69 4.84
CA ASP D 532 -45.49 -21.83 5.56
C ASP D 532 -46.43 -23.02 5.53
N LYS D 533 -47.62 -22.84 4.95
CA LYS D 533 -48.55 -23.94 4.87
C LYS D 533 -48.32 -24.92 3.68
N PHE D 534 -47.51 -24.51 2.70
CA PHE D 534 -47.16 -25.34 1.54
C PHE D 534 -45.80 -26.05 1.71
N PHE D 535 -45.60 -27.16 1.01
CA PHE D 535 -44.33 -27.81 1.03
C PHE D 535 -44.18 -28.66 -0.22
N PRO D 536 -42.92 -28.90 -0.64
CA PRO D 536 -42.76 -29.70 -1.83
C PRO D 536 -43.25 -31.10 -1.46
N MET D 537 -44.02 -31.72 -2.37
CA MET D 537 -44.47 -33.09 -2.22
C MET D 537 -43.40 -34.08 -1.78
N SER D 538 -42.19 -33.98 -2.35
CA SER D 538 -41.13 -34.86 -1.92
C SER D 538 -39.77 -34.15 -1.78
N GLY D 539 -39.79 -32.88 -1.37
CA GLY D 539 -38.59 -32.05 -1.26
C GLY D 539 -38.24 -31.60 0.16
N VAL D 540 -38.86 -32.22 1.15
CA VAL D 540 -38.51 -31.95 2.54
C VAL D 540 -38.32 -33.25 3.31
N MET D 541 -37.37 -33.20 4.22
CA MET D 541 -37.08 -34.32 5.07
C MET D 541 -38.25 -34.38 6.03
N ILE D 542 -38.77 -35.58 6.27
CA ILE D 542 -39.91 -35.74 7.19
C ILE D 542 -39.74 -36.84 8.23
N PHE D 543 -39.74 -36.44 9.50
CA PHE D 543 -39.58 -37.41 10.61
C PHE D 543 -40.93 -37.88 11.20
N GLY D 544 -40.95 -39.10 11.66
CA GLY D 544 -42.19 -39.60 12.21
C GLY D 544 -42.19 -39.32 13.68
N LYS D 545 -43.36 -39.07 14.22
CA LYS D 545 -43.51 -39.06 15.68
C LYS D 545 -43.50 -40.47 16.22
N GLU D 546 -43.37 -40.59 17.53
CA GLU D 546 -43.29 -41.90 18.18
C GLU D 546 -44.67 -42.51 18.28
N SER D 547 -45.67 -41.83 17.73
CA SER D 547 -47.00 -42.39 17.57
C SER D 547 -47.26 -42.88 16.14
N ALA D 548 -46.43 -42.48 15.19
CA ALA D 548 -46.67 -42.74 13.77
C ALA D 548 -46.67 -44.23 13.44
N GLY D 549 -47.68 -44.64 12.69
CA GLY D 549 -47.71 -45.95 12.07
C GLY D 549 -46.79 -45.96 10.87
N ALA D 550 -46.46 -47.17 10.41
CA ALA D 550 -45.53 -47.38 9.33
C ALA D 550 -46.01 -46.82 8.02
N SER D 551 -47.32 -46.89 7.77
CA SER D 551 -47.84 -46.46 6.47
C SER D 551 -49.21 -45.77 6.52
N ASN D 552 -49.37 -44.77 5.66
CA ASN D 552 -50.59 -43.95 5.63
C ASN D 552 -51.01 -43.41 7.02
N THR D 553 -50.06 -42.84 7.73
CA THR D 553 -50.35 -42.21 8.96
C THR D 553 -50.66 -40.74 8.69
N ALA D 554 -51.34 -40.11 9.64
CA ALA D 554 -51.82 -38.74 9.51
C ALA D 554 -50.79 -37.65 9.76
N LEU D 555 -51.14 -36.45 9.29
CA LEU D 555 -50.26 -35.29 9.31
C LEU D 555 -49.65 -35.01 10.68
N ASP D 556 -50.43 -35.23 11.72
CA ASP D 556 -50.00 -34.87 13.06
C ASP D 556 -49.15 -35.93 13.72
N ASN D 557 -48.85 -37.01 13.02
CA ASN D 557 -47.92 -37.97 13.52
C ASN D 557 -46.59 -37.80 12.84
N VAL D 558 -46.42 -36.77 11.99
CA VAL D 558 -45.12 -36.56 11.34
C VAL D 558 -44.62 -35.17 11.64
N MET D 559 -43.33 -34.96 11.40
CA MET D 559 -42.74 -33.66 11.55
C MET D 559 -42.04 -33.34 10.25
N ILE D 560 -42.50 -32.28 9.61
CA ILE D 560 -41.95 -31.88 8.33
C ILE D 560 -40.94 -30.82 8.56
N THR D 561 -39.73 -31.03 8.02
CA THR D 561 -38.73 -29.97 8.07
C THR D 561 -39.09 -28.74 7.21
N ASP D 562 -38.39 -27.63 7.45
CA ASP D 562 -38.60 -26.43 6.69
C ASP D 562 -37.23 -25.92 6.32
N GLU D 563 -36.98 -25.75 5.03
CA GLU D 563 -35.67 -25.29 4.57
C GLU D 563 -35.78 -23.88 4.03
N GLU D 564 -36.66 -23.10 4.64
CA GLU D 564 -36.95 -21.73 4.19
C GLU D 564 -35.79 -20.74 4.25
N GLU D 565 -34.86 -20.96 5.16
CA GLU D 565 -33.71 -20.08 5.33
C GLU D 565 -32.88 -19.91 4.04
N ILE D 566 -32.88 -20.91 3.16
CA ILE D 566 -32.04 -20.83 1.99
C ILE D 566 -32.62 -20.03 0.82
N LYS D 567 -33.77 -19.42 1.05
CA LYS D 567 -34.38 -18.62 -0.01
C LYS D 567 -33.67 -17.30 -0.33
N ALA D 568 -32.72 -16.93 0.49
CA ALA D 568 -31.78 -15.90 0.12
C ALA D 568 -30.93 -16.22 -1.15
N THR D 569 -30.67 -17.51 -1.43
CA THR D 569 -29.76 -17.95 -2.53
C THR D 569 -30.32 -19.06 -3.44
N ASN D 570 -31.23 -19.84 -2.89
CA ASN D 570 -31.68 -21.07 -3.54
C ASN D 570 -33.13 -20.92 -4.02
N PRO D 571 -33.40 -21.27 -5.29
CA PRO D 571 -34.78 -21.19 -5.72
C PRO D 571 -35.78 -21.90 -4.74
N VAL D 572 -36.97 -21.34 -4.61
CA VAL D 572 -38.06 -22.02 -3.94
C VAL D 572 -38.51 -23.27 -4.74
N ALA D 573 -38.76 -24.34 -4.00
CA ALA D 573 -38.85 -25.69 -4.56
C ALA D 573 -40.05 -25.97 -5.42
N THR D 574 -41.07 -25.11 -5.33
CA THR D 574 -42.33 -25.37 -6.02
C THR D 574 -42.64 -24.34 -7.07
N GLU D 575 -41.64 -23.55 -7.48
CA GLU D 575 -41.84 -22.50 -8.44
C GLU D 575 -40.85 -22.71 -9.55
N ARG D 576 -41.06 -22.03 -10.65
CA ARG D 576 -40.06 -21.99 -11.71
C ARG D 576 -38.72 -21.44 -11.20
N PHE D 577 -37.63 -21.85 -11.85
CA PHE D 577 -36.35 -21.16 -11.67
C PHE D 577 -36.47 -19.76 -12.26
N GLY D 578 -37.11 -19.64 -13.42
CA GLY D 578 -37.27 -18.36 -14.03
C GLY D 578 -37.88 -18.43 -15.40
N THR D 579 -37.50 -17.50 -16.27
CA THR D 579 -38.08 -17.39 -17.60
C THR D 579 -36.98 -17.21 -18.63
N VAL D 580 -37.20 -17.71 -19.85
CA VAL D 580 -36.23 -17.69 -20.93
C VAL D 580 -36.92 -17.23 -22.19
N ALA D 581 -36.20 -16.47 -23.02
CA ALA D 581 -36.65 -16.21 -24.38
C ALA D 581 -36.71 -17.52 -25.14
N VAL D 582 -37.65 -17.58 -26.07
CA VAL D 582 -37.83 -18.77 -26.90
C VAL D 582 -38.02 -18.49 -28.40
N ASN D 583 -37.88 -17.25 -28.87
CA ASN D 583 -38.05 -16.96 -30.28
C ASN D 583 -37.35 -15.68 -30.65
N PHE D 584 -37.46 -15.25 -31.91
CA PHE D 584 -36.94 -13.95 -32.31
C PHE D 584 -38.10 -13.00 -32.55
N GLN D 585 -38.22 -11.96 -31.73
CA GLN D 585 -39.27 -10.96 -31.86
C GLN D 585 -38.99 -10.09 -33.09
N SER D 586 -40.04 -9.57 -33.72
CA SER D 586 -39.90 -8.62 -34.83
C SER D 586 -41.21 -7.89 -34.95
N SER D 587 -41.33 -6.95 -35.88
CA SER D 587 -42.66 -6.35 -36.10
C SER D 587 -43.71 -7.43 -36.36
N SER D 588 -43.35 -8.49 -37.08
CA SER D 588 -44.31 -9.55 -37.41
C SER D 588 -44.51 -10.53 -36.26
N THR D 589 -43.47 -10.75 -35.46
CA THR D 589 -43.53 -11.80 -34.44
C THR D 589 -43.30 -11.27 -33.02
N ASP D 590 -44.28 -11.54 -32.17
CA ASP D 590 -44.26 -11.08 -30.78
C ASP D 590 -43.28 -11.83 -29.89
N PRO D 591 -42.56 -11.10 -29.03
CA PRO D 591 -41.59 -11.76 -28.15
C PRO D 591 -42.22 -12.84 -27.29
N ALA D 592 -41.66 -14.02 -27.31
CA ALA D 592 -42.20 -15.08 -26.48
C ALA D 592 -41.17 -15.53 -25.44
N THR D 593 -41.69 -16.03 -24.32
CA THR D 593 -40.81 -16.56 -23.29
C THR D 593 -41.45 -17.77 -22.73
N GLY D 594 -40.65 -18.58 -22.05
CA GLY D 594 -41.13 -19.82 -21.50
C GLY D 594 -40.64 -19.96 -20.07
N ASP D 595 -41.39 -20.72 -19.30
CA ASP D 595 -40.99 -21.07 -17.94
C ASP D 595 -39.95 -22.19 -17.82
N VAL D 596 -38.96 -21.98 -16.96
CA VAL D 596 -37.90 -22.95 -16.77
C VAL D 596 -38.17 -23.65 -15.45
N HIS D 597 -38.38 -24.95 -15.51
CA HIS D 597 -38.74 -25.72 -14.31
C HIS D 597 -37.59 -26.60 -13.81
N ALA D 598 -36.66 -26.91 -14.71
CA ALA D 598 -35.52 -27.73 -14.33
C ALA D 598 -34.28 -27.07 -14.91
N MET D 599 -33.45 -26.50 -14.04
CA MET D 599 -32.26 -25.77 -14.46
C MET D 599 -31.01 -26.37 -13.82
N GLY D 600 -30.10 -26.81 -14.70
CA GLY D 600 -28.81 -27.31 -14.28
C GLY D 600 -27.89 -26.18 -13.91
N ALA D 601 -26.68 -26.54 -13.58
CA ALA D 601 -25.67 -25.63 -13.16
C ALA D 601 -25.22 -24.70 -14.27
N LEU D 602 -25.16 -23.41 -13.94
CA LEU D 602 -24.71 -22.39 -14.84
C LEU D 602 -23.55 -21.70 -14.17
N PRO D 603 -22.47 -21.38 -14.92
CA PRO D 603 -21.39 -20.62 -14.29
C PRO D 603 -22.01 -19.44 -13.53
N GLY D 604 -21.47 -19.08 -12.37
CA GLY D 604 -21.99 -17.95 -11.63
C GLY D 604 -23.09 -18.28 -10.61
N MET D 605 -23.61 -19.49 -10.64
CA MET D 605 -24.58 -19.88 -9.66
C MET D 605 -23.94 -20.09 -8.31
N VAL D 606 -24.66 -19.73 -7.28
CA VAL D 606 -24.22 -20.02 -5.93
C VAL D 606 -25.42 -20.58 -5.11
N TRP D 607 -25.15 -21.45 -4.17
CA TRP D 607 -26.27 -22.05 -3.45
C TRP D 607 -25.85 -22.57 -2.09
N GLN D 608 -26.87 -22.89 -1.32
CA GLN D 608 -26.72 -23.42 0.02
C GLN D 608 -27.21 -24.85 0.03
N ASP D 609 -26.47 -25.75 0.65
CA ASP D 609 -26.85 -27.19 0.71
C ASP D 609 -27.93 -27.42 1.76
N ARG D 610 -28.57 -28.59 1.72
CA ARG D 610 -29.62 -28.86 2.69
C ARG D 610 -29.08 -28.89 4.08
N ASP D 611 -29.90 -28.45 5.01
CA ASP D 611 -29.53 -28.38 6.41
C ASP D 611 -29.49 -29.77 7.02
N VAL D 612 -28.77 -29.90 8.14
CA VAL D 612 -28.80 -31.14 8.90
C VAL D 612 -29.75 -30.98 10.09
N TYR D 613 -30.15 -32.09 10.68
CA TYR D 613 -31.05 -32.03 11.81
C TYR D 613 -30.57 -32.88 12.91
N LEU D 614 -30.93 -32.51 14.12
CA LEU D 614 -30.51 -33.28 15.30
C LEU D 614 -30.83 -34.77 15.14
N GLN D 615 -31.93 -35.06 14.45
CA GLN D 615 -32.25 -36.45 14.19
C GLN D 615 -32.02 -36.97 12.75
N GLY D 616 -31.37 -36.17 11.90
CA GLY D 616 -31.04 -36.62 10.55
C GLY D 616 -29.72 -37.34 10.45
N PRO D 617 -29.33 -37.74 9.23
CA PRO D 617 -28.08 -38.45 9.07
C PRO D 617 -26.91 -37.48 9.19
N ILE D 618 -25.70 -38.01 9.35
CA ILE D 618 -24.48 -37.21 9.38
C ILE D 618 -23.74 -37.18 8.05
N TRP D 619 -23.54 -38.36 7.45
CA TRP D 619 -22.66 -38.51 6.33
C TRP D 619 -23.18 -39.55 5.32
N ALA D 620 -22.58 -39.65 4.14
CA ALA D 620 -22.81 -40.79 3.28
C ALA D 620 -21.53 -41.00 2.47
N LYS D 621 -21.35 -42.21 1.99
CA LYS D 621 -20.26 -42.53 1.10
C LYS D 621 -20.60 -41.90 -0.25
N ILE D 622 -19.65 -41.15 -0.82
CA ILE D 622 -19.78 -40.73 -2.19
C ILE D 622 -19.59 -42.00 -3.02
N PRO D 623 -20.50 -42.27 -3.95
CA PRO D 623 -20.33 -43.43 -4.86
C PRO D 623 -19.00 -43.37 -5.56
N HIS D 624 -18.46 -44.54 -5.86
CA HIS D 624 -17.21 -44.63 -6.55
C HIS D 624 -17.54 -44.49 -8.03
N THR D 625 -17.60 -43.25 -8.53
CA THR D 625 -17.88 -42.98 -9.96
C THR D 625 -16.84 -42.10 -10.64
N ASP D 626 -16.80 -42.05 -11.96
CA ASP D 626 -15.82 -41.25 -12.67
C ASP D 626 -16.07 -39.80 -12.32
N GLY D 627 -17.34 -39.48 -12.06
CA GLY D 627 -17.84 -38.11 -11.96
C GLY D 627 -18.87 -37.92 -10.85
N HIS D 628 -18.70 -36.88 -10.06
CA HIS D 628 -19.72 -36.46 -9.08
C HIS D 628 -19.88 -35.01 -9.45
N PHE D 629 -20.84 -34.33 -8.86
CA PHE D 629 -20.86 -32.91 -8.99
C PHE D 629 -21.39 -32.41 -7.67
N HIS D 630 -20.51 -31.77 -6.91
CA HIS D 630 -20.84 -31.27 -5.59
C HIS D 630 -21.47 -32.37 -4.76
N PRO D 631 -20.68 -33.38 -4.43
CA PRO D 631 -21.27 -34.59 -3.87
C PRO D 631 -21.57 -34.42 -2.40
N SER D 632 -22.41 -33.43 -2.09
CA SER D 632 -22.96 -33.33 -0.74
C SER D 632 -24.29 -34.13 -0.70
N PRO D 633 -24.40 -35.11 0.21
CA PRO D 633 -25.51 -36.09 0.27
C PRO D 633 -26.83 -35.36 0.31
N LEU D 634 -27.69 -35.66 -0.64
CA LEU D 634 -28.85 -34.80 -0.86
C LEU D 634 -29.80 -34.81 0.31
N MET D 635 -29.78 -35.89 1.08
CA MET D 635 -30.55 -35.91 2.29
C MET D 635 -29.95 -35.05 3.38
N GLY D 636 -28.70 -34.58 3.21
CA GLY D 636 -28.12 -33.60 4.16
C GLY D 636 -26.91 -34.20 4.87
N GLY D 637 -25.89 -33.40 5.16
CA GLY D 637 -24.65 -33.93 5.71
C GLY D 637 -23.40 -33.80 4.84
N PHE D 638 -22.46 -34.66 5.21
CA PHE D 638 -21.13 -34.70 4.68
C PHE D 638 -21.00 -35.86 3.73
N GLY D 639 -20.54 -35.53 2.52
CA GLY D 639 -20.09 -36.55 1.60
C GLY D 639 -18.67 -36.93 1.89
N LEU D 640 -18.45 -38.24 1.98
CA LEU D 640 -17.12 -38.77 2.28
C LEU D 640 -16.67 -39.78 1.24
N LYS D 641 -15.53 -39.54 0.59
CA LYS D 641 -14.92 -40.56 -0.27
C LYS D 641 -14.73 -41.82 0.61
N ASN D 642 -14.09 -41.67 1.79
CA ASN D 642 -13.67 -42.80 2.63
C ASN D 642 -14.28 -42.63 3.99
N PRO D 643 -15.59 -42.97 4.10
CA PRO D 643 -16.43 -42.74 5.25
C PRO D 643 -16.13 -43.72 6.37
N PRO D 644 -16.74 -43.50 7.53
CA PRO D 644 -16.54 -44.43 8.62
C PRO D 644 -16.97 -45.82 8.21
N PRO D 645 -16.06 -46.77 8.37
CA PRO D 645 -16.28 -48.10 7.85
C PRO D 645 -17.49 -48.77 8.52
N GLN D 646 -18.13 -49.68 7.79
CA GLN D 646 -19.19 -50.49 8.38
C GLN D 646 -18.57 -51.42 9.36
N ILE D 647 -19.33 -51.65 10.40
CA ILE D 647 -18.90 -52.50 11.47
C ILE D 647 -19.89 -53.60 11.61
N LEU D 648 -19.42 -54.82 11.34
CA LEU D 648 -20.27 -55.99 11.27
C LEU D 648 -20.03 -56.89 12.48
N ILE D 649 -21.11 -57.55 12.89
CA ILE D 649 -21.13 -58.37 14.10
C ILE D 649 -22.17 -59.48 14.10
N LYS D 650 -21.78 -60.63 14.62
CA LYS D 650 -22.56 -61.85 14.48
C LYS D 650 -22.26 -62.77 15.65
N ASN D 651 -23.28 -63.49 16.10
CA ASN D 651 -23.07 -64.59 17.03
C ASN D 651 -22.58 -65.85 16.33
N THR D 652 -21.53 -66.48 16.87
CA THR D 652 -20.92 -67.58 16.17
C THR D 652 -21.89 -68.75 16.29
N PRO D 653 -22.09 -69.52 15.20
CA PRO D 653 -22.97 -70.67 15.32
C PRO D 653 -22.44 -71.63 16.36
N VAL D 654 -23.35 -72.15 17.18
CA VAL D 654 -22.98 -73.20 18.13
C VAL D 654 -23.84 -74.44 17.88
N PRO D 655 -23.26 -75.49 17.25
CA PRO D 655 -24.02 -76.69 16.91
C PRO D 655 -24.76 -77.27 18.12
N ALA D 656 -25.99 -77.73 17.90
CA ALA D 656 -26.61 -78.70 18.79
C ALA D 656 -25.94 -80.05 18.62
N ASN D 657 -26.40 -81.04 19.38
CA ASN D 657 -25.75 -82.37 19.34
C ASN D 657 -25.83 -83.07 18.01
N PRO D 658 -24.67 -83.48 17.45
CA PRO D 658 -24.72 -84.18 16.16
C PRO D 658 -25.19 -85.61 16.32
N PRO D 659 -25.58 -86.27 15.23
CA PRO D 659 -25.81 -87.72 15.33
C PRO D 659 -24.56 -88.55 15.67
N ALA D 660 -24.75 -89.80 16.09
CA ALA D 660 -23.66 -90.76 16.36
C ALA D 660 -22.92 -91.29 15.12
N GLU D 661 -23.53 -91.17 13.94
CA GLU D 661 -23.01 -91.68 12.69
C GLU D 661 -22.78 -90.50 11.75
N PHE D 662 -21.68 -90.49 11.00
CA PHE D 662 -21.37 -89.33 10.19
C PHE D 662 -22.48 -89.04 9.21
N SER D 663 -22.75 -87.77 8.98
CA SER D 663 -23.57 -87.36 7.85
C SER D 663 -22.98 -86.08 7.22
N ALA D 664 -22.90 -86.05 5.87
CA ALA D 664 -22.19 -84.95 5.15
C ALA D 664 -23.09 -83.75 4.93
N THR D 665 -24.37 -83.92 5.19
CA THR D 665 -25.36 -82.97 4.77
C THR D 665 -25.20 -81.72 5.62
N LYS D 666 -25.57 -80.58 5.06
CA LYS D 666 -25.47 -79.32 5.77
C LYS D 666 -25.91 -79.46 7.25
N PHE D 667 -25.06 -79.00 8.16
CA PHE D 667 -25.46 -78.96 9.54
C PHE D 667 -26.55 -77.93 9.81
N ALA D 668 -27.65 -78.37 10.40
CA ALA D 668 -28.87 -77.55 10.47
C ALA D 668 -29.51 -77.49 11.83
N SER D 669 -28.85 -78.06 12.84
CA SER D 669 -29.40 -78.03 14.17
C SER D 669 -28.50 -77.28 15.16
N PHE D 670 -28.98 -76.15 15.67
CA PHE D 670 -28.18 -75.26 16.48
C PHE D 670 -28.84 -74.96 17.82
N ILE D 671 -28.01 -74.69 18.82
CA ILE D 671 -28.43 -74.11 20.09
C ILE D 671 -28.79 -72.65 19.86
N THR D 672 -29.95 -72.28 20.38
CA THR D 672 -30.49 -70.96 20.20
C THR D 672 -29.82 -69.94 21.10
N GLN D 673 -29.27 -68.89 20.50
CA GLN D 673 -28.65 -67.89 21.33
C GLN D 673 -28.68 -66.47 20.80
N TYR D 674 -28.25 -65.56 21.66
CA TYR D 674 -28.13 -64.17 21.33
C TYR D 674 -27.13 -63.55 22.28
N SER D 675 -26.78 -62.31 22.03
CA SER D 675 -25.77 -61.67 22.83
C SER D 675 -26.23 -60.27 23.24
N THR D 676 -25.51 -59.68 24.18
CA THR D 676 -25.74 -58.32 24.57
C THR D 676 -24.42 -57.73 25.08
N GLY D 677 -24.28 -56.42 25.03
CA GLY D 677 -23.10 -55.76 25.61
C GLY D 677 -23.22 -54.26 25.57
N GLN D 678 -22.12 -53.57 25.74
CA GLN D 678 -22.11 -52.13 25.46
C GLN D 678 -21.29 -51.81 24.17
N VAL D 679 -21.56 -50.64 23.57
CA VAL D 679 -20.80 -50.09 22.45
C VAL D 679 -20.55 -48.64 22.79
N SER D 680 -19.41 -48.10 22.37
CA SER D 680 -19.05 -46.71 22.65
C SER D 680 -18.48 -46.10 21.41
N VAL D 681 -18.97 -44.92 21.08
CA VAL D 681 -18.44 -44.14 19.98
C VAL D 681 -18.08 -42.78 20.51
N GLU D 682 -16.83 -42.36 20.25
CA GLU D 682 -16.32 -41.03 20.58
C GLU D 682 -15.96 -40.35 19.26
N ILE D 683 -16.52 -39.16 19.05
CA ILE D 683 -16.18 -38.33 17.92
C ILE D 683 -15.68 -36.94 18.34
N GLU D 684 -14.60 -36.47 17.67
CA GLU D 684 -14.08 -35.14 17.86
C GLU D 684 -14.65 -34.33 16.73
N TRP D 685 -15.24 -33.19 17.05
CA TRP D 685 -15.80 -32.24 16.07
C TRP D 685 -15.08 -30.90 16.15
N GLU D 686 -14.64 -30.34 15.02
CA GLU D 686 -13.99 -29.03 15.01
C GLU D 686 -15.10 -28.01 14.82
N LEU D 687 -15.01 -26.89 15.52
CA LEU D 687 -15.96 -25.79 15.36
C LEU D 687 -15.42 -24.57 14.63
N GLN D 688 -16.32 -23.98 13.85
CA GLN D 688 -16.10 -22.71 13.23
C GLN D 688 -16.79 -21.68 14.12
N LYS D 689 -15.99 -20.91 14.82
CA LYS D 689 -16.56 -19.90 15.70
C LYS D 689 -17.16 -18.74 14.95
N GLU D 690 -18.13 -18.12 15.59
CA GLU D 690 -18.79 -16.96 15.05
C GLU D 690 -18.01 -15.65 15.33
N ASN D 691 -17.94 -14.77 14.34
CA ASN D 691 -17.09 -13.59 14.42
C ASN D 691 -17.91 -12.36 14.03
N SER D 692 -19.18 -12.34 14.41
CA SER D 692 -20.13 -11.45 13.75
C SER D 692 -20.12 -10.06 14.34
N LYS D 693 -20.19 -9.04 13.49
CA LYS D 693 -20.25 -7.66 13.98
C LYS D 693 -21.69 -7.18 13.98
N ARG D 694 -22.59 -8.13 13.81
CA ARG D 694 -24.00 -7.81 13.83
C ARG D 694 -24.39 -7.24 15.20
N TRP D 695 -25.01 -6.06 15.16
CA TRP D 695 -25.26 -5.26 16.33
C TRP D 695 -26.49 -5.78 17.09
N ASN D 696 -27.52 -6.09 16.35
CA ASN D 696 -28.69 -6.57 16.99
C ASN D 696 -28.58 -8.07 17.32
N PRO D 697 -29.44 -8.54 18.24
CA PRO D 697 -29.53 -9.91 18.67
C PRO D 697 -29.97 -10.89 17.60
N GLU D 698 -29.56 -12.14 17.77
CA GLU D 698 -29.82 -13.19 16.81
C GLU D 698 -31.12 -13.99 17.15
N VAL D 699 -31.62 -14.68 16.14
CA VAL D 699 -32.58 -15.69 16.40
C VAL D 699 -31.79 -16.82 17.03
N GLN D 700 -32.36 -17.39 18.09
CA GLN D 700 -31.70 -18.45 18.84
C GLN D 700 -32.69 -19.58 19.07
N TYR D 701 -32.22 -20.82 18.97
CA TYR D 701 -33.11 -21.90 19.29
C TYR D 701 -33.36 -21.86 20.78
N THR D 702 -34.61 -21.94 21.18
CA THR D 702 -34.91 -21.81 22.56
C THR D 702 -36.05 -22.70 22.98
N SER D 703 -36.04 -23.22 24.17
CA SER D 703 -37.21 -23.97 24.53
C SER D 703 -38.27 -23.03 24.99
N ASN D 704 -39.47 -23.56 25.07
CA ASN D 704 -40.60 -22.70 25.35
C ASN D 704 -40.78 -22.47 26.85
N TYR D 705 -41.00 -21.23 27.22
CA TYR D 705 -41.04 -20.84 28.61
C TYR D 705 -42.42 -21.07 29.24
N ALA D 706 -43.46 -21.02 28.41
CA ALA D 706 -44.83 -21.24 28.88
C ALA D 706 -44.93 -22.62 29.49
N LYS D 707 -45.86 -22.76 30.43
CA LYS D 707 -45.99 -23.98 31.19
C LYS D 707 -46.74 -25.08 30.42
N SER D 708 -46.42 -26.35 30.68
CA SER D 708 -47.11 -27.46 30.03
C SER D 708 -47.07 -28.75 30.84
N ALA D 709 -47.82 -29.75 30.39
CA ALA D 709 -47.82 -31.08 31.02
C ALA D 709 -46.51 -31.87 30.90
N ASN D 710 -45.73 -31.66 29.85
CA ASN D 710 -44.47 -32.37 29.66
C ASN D 710 -43.36 -31.42 29.24
N VAL D 711 -42.13 -31.80 29.54
CA VAL D 711 -40.97 -31.09 29.05
C VAL D 711 -40.59 -31.69 27.71
N ASP D 712 -40.24 -30.81 26.78
CA ASP D 712 -39.63 -31.16 25.49
C ASP D 712 -38.38 -32.02 25.65
N PHE D 713 -38.19 -32.98 24.75
CA PHE D 713 -37.02 -33.85 24.76
C PHE D 713 -36.83 -34.48 26.13
N THR D 714 -37.89 -35.14 26.55
CA THR D 714 -37.94 -35.83 27.83
C THR D 714 -38.71 -37.15 27.76
N VAL D 715 -38.62 -37.93 28.81
CA VAL D 715 -39.47 -39.14 28.92
C VAL D 715 -40.82 -38.79 29.57
N ASP D 716 -41.82 -39.57 29.27
CA ASP D 716 -43.13 -39.34 29.84
C ASP D 716 -43.35 -40.24 31.06
N ASN D 717 -44.61 -40.36 31.45
CA ASN D 717 -44.95 -41.11 32.64
C ASN D 717 -44.88 -42.62 32.45
N ASN D 718 -44.63 -43.07 31.22
CA ASN D 718 -44.37 -44.46 30.90
C ASN D 718 -42.92 -44.71 30.55
N GLY D 719 -42.11 -43.65 30.60
CA GLY D 719 -40.68 -43.72 30.30
C GLY D 719 -40.36 -43.79 28.82
N LEU D 720 -41.19 -43.20 27.98
CA LEU D 720 -40.88 -43.12 26.59
C LEU D 720 -40.27 -41.79 26.24
N TYR D 721 -38.97 -41.78 25.86
CA TYR D 721 -38.32 -40.55 25.38
C TYR D 721 -39.01 -40.15 24.10
N THR D 722 -39.35 -38.87 23.94
CA THR D 722 -39.83 -38.32 22.65
C THR D 722 -39.08 -37.09 22.12
N GLU D 723 -38.97 -36.97 20.82
CA GLU D 723 -38.39 -35.80 20.18
C GLU D 723 -39.54 -35.09 19.49
N PRO D 724 -39.97 -33.96 20.07
CA PRO D 724 -41.20 -33.27 19.69
C PRO D 724 -41.10 -32.41 18.49
N ARG D 725 -39.88 -32.18 17.98
CA ARG D 725 -39.72 -31.43 16.73
C ARG D 725 -38.36 -31.68 16.18
N PRO D 726 -38.17 -31.36 14.89
CA PRO D 726 -36.82 -31.39 14.33
C PRO D 726 -36.14 -30.12 14.76
N ILE D 727 -34.83 -30.17 14.93
CA ILE D 727 -34.09 -28.93 15.05
C ILE D 727 -33.00 -28.89 14.01
N GLY D 728 -32.97 -27.81 13.24
CA GLY D 728 -31.94 -27.63 12.20
C GLY D 728 -30.76 -26.96 12.89
N THR D 729 -29.92 -26.30 12.12
CA THR D 729 -28.74 -25.65 12.70
C THR D 729 -28.64 -24.17 12.36
N ARG D 730 -29.51 -23.69 11.49
CA ARG D 730 -29.42 -22.32 10.98
C ARG D 730 -30.15 -21.23 11.77
N TYR D 731 -29.48 -20.75 12.81
CA TYR D 731 -29.92 -19.62 13.65
C TYR D 731 -29.03 -18.41 13.61
N LEU D 732 -27.72 -18.57 13.75
CA LEU D 732 -26.81 -17.44 13.59
C LEU D 732 -26.88 -16.95 12.13
N THR D 733 -26.44 -15.73 11.87
CA THR D 733 -26.48 -15.22 10.50
C THR D 733 -25.12 -14.78 9.98
N ARG D 734 -24.91 -14.94 8.68
CA ARG D 734 -23.80 -14.31 7.98
C ARG D 734 -24.31 -13.28 6.99
N PRO D 735 -23.44 -12.34 6.60
CA PRO D 735 -23.56 -11.67 5.30
C PRO D 735 -23.25 -12.61 4.15
N LEU D 736 -23.68 -12.24 2.95
CA LEU D 736 -23.40 -13.03 1.76
C LEU D 736 -22.01 -12.76 1.22
N GLY E 217 33.48 -28.78 -42.17
CA GLY E 217 33.11 -29.71 -41.12
C GLY E 217 33.65 -31.11 -41.38
N ALA E 218 33.31 -32.04 -40.48
CA ALA E 218 33.73 -33.42 -40.63
C ALA E 218 32.54 -34.35 -40.78
N ASP E 219 32.59 -35.22 -41.78
CA ASP E 219 31.95 -36.53 -41.71
C ASP E 219 31.21 -36.85 -43.00
N GLY E 220 30.00 -37.39 -42.87
CA GLY E 220 29.56 -38.49 -43.70
C GLY E 220 28.87 -38.01 -44.97
N VAL E 221 28.88 -38.86 -46.00
CA VAL E 221 27.77 -38.95 -46.93
C VAL E 221 26.43 -38.98 -46.19
N GLY E 222 26.42 -39.68 -45.06
CA GLY E 222 25.18 -40.19 -44.49
C GLY E 222 24.70 -39.35 -43.33
N ASN E 223 25.25 -38.15 -43.20
CA ASN E 223 25.17 -37.41 -41.95
C ASN E 223 24.94 -35.96 -42.19
N ALA E 224 23.79 -35.44 -41.74
CA ALA E 224 23.54 -34.01 -41.81
C ALA E 224 24.63 -33.15 -41.07
N SER E 225 25.01 -32.03 -41.67
CA SER E 225 26.03 -31.14 -41.09
C SER E 225 25.40 -29.89 -40.50
N GLY E 226 24.08 -29.90 -40.43
CA GLY E 226 23.36 -28.78 -39.83
C GLY E 226 21.88 -29.08 -39.63
N ASN E 227 21.30 -28.45 -38.64
CA ASN E 227 19.88 -28.57 -38.49
C ASN E 227 19.18 -27.30 -39.01
N TRP E 228 17.87 -27.24 -38.84
CA TRP E 228 17.04 -26.16 -39.39
C TRP E 228 16.69 -25.26 -38.22
N HIS E 229 17.26 -24.06 -38.20
CA HIS E 229 17.06 -23.16 -37.07
C HIS E 229 16.37 -21.89 -37.52
N CYS E 230 15.04 -21.86 -37.41
CA CYS E 230 14.30 -20.72 -37.88
C CYS E 230 13.41 -20.34 -36.74
N ASP E 231 13.55 -19.13 -36.21
CA ASP E 231 12.92 -18.81 -34.94
C ASP E 231 13.00 -17.34 -34.67
N SER E 232 12.35 -16.93 -33.58
CA SER E 232 12.45 -15.58 -33.09
C SER E 232 12.47 -15.65 -31.58
N THR E 233 13.35 -14.89 -30.96
CA THR E 233 13.38 -14.80 -29.50
C THR E 233 13.46 -13.38 -29.05
N TRP E 234 12.45 -12.97 -28.28
CA TRP E 234 12.39 -11.64 -27.72
C TRP E 234 12.84 -11.65 -26.27
N LEU E 235 13.73 -10.75 -25.88
CA LEU E 235 14.34 -10.80 -24.57
C LEU E 235 14.61 -9.41 -24.01
N GLY E 236 13.55 -8.62 -23.87
CA GLY E 236 13.64 -7.34 -23.23
C GLY E 236 14.21 -6.31 -24.17
N ASP E 237 15.53 -6.11 -24.15
CA ASP E 237 16.14 -5.06 -24.96
C ASP E 237 16.76 -5.60 -26.28
N ARG E 238 16.66 -6.91 -26.47
CA ARG E 238 17.27 -7.59 -27.60
C ARG E 238 16.19 -8.43 -28.29
N VAL E 239 16.34 -8.66 -29.58
CA VAL E 239 15.56 -9.65 -30.29
C VAL E 239 16.47 -10.38 -31.26
N ILE E 240 16.42 -11.71 -31.24
CA ILE E 240 17.34 -12.51 -32.00
C ILE E 240 16.54 -13.23 -33.10
N THR E 241 16.80 -12.88 -34.36
CA THR E 241 16.18 -13.54 -35.49
C THR E 241 17.10 -14.56 -36.10
N THR E 242 16.53 -15.73 -36.29
CA THR E 242 17.21 -16.76 -37.01
C THR E 242 16.41 -17.16 -38.23
N SER E 243 17.07 -17.17 -39.38
CA SER E 243 16.41 -17.75 -40.55
C SER E 243 17.23 -18.68 -41.41
N THR E 244 16.58 -19.77 -41.80
CA THR E 244 17.22 -20.80 -42.59
C THR E 244 16.38 -21.13 -43.82
N ARG E 245 17.06 -21.32 -44.95
CA ARG E 245 16.40 -21.54 -46.22
C ARG E 245 17.16 -22.56 -47.01
N THR E 246 16.49 -23.09 -48.02
CA THR E 246 17.12 -24.03 -48.93
C THR E 246 17.37 -23.39 -50.30
N TRP E 247 18.62 -23.45 -50.76
CA TRP E 247 19.05 -22.71 -51.96
C TRP E 247 19.36 -23.66 -53.11
N ALA E 248 19.44 -23.11 -54.32
CA ALA E 248 20.01 -23.85 -55.44
C ALA E 248 21.00 -22.99 -56.24
N LEU E 249 22.14 -23.58 -56.59
CA LEU E 249 23.25 -22.89 -57.27
C LEU E 249 23.54 -23.69 -58.53
N PRO E 250 23.35 -23.05 -59.70
CA PRO E 250 23.76 -23.58 -60.98
C PRO E 250 25.20 -23.25 -61.25
N THR E 251 25.70 -23.80 -62.35
CA THR E 251 26.97 -23.37 -62.90
C THR E 251 26.75 -22.14 -63.73
N TYR E 252 27.53 -21.07 -63.52
CA TYR E 252 27.36 -19.82 -64.25
C TYR E 252 28.44 -19.70 -65.29
N ASN E 253 28.10 -19.12 -66.45
CA ASN E 253 29.01 -18.69 -67.52
C ASN E 253 29.86 -19.86 -68.00
N ASN E 254 29.37 -21.07 -67.76
CA ASN E 254 30.20 -22.27 -67.90
C ASN E 254 31.55 -22.26 -67.25
N HIS E 255 31.67 -21.68 -66.05
CA HIS E 255 32.92 -21.56 -65.30
C HIS E 255 33.86 -20.53 -65.87
N LEU E 256 33.32 -19.54 -66.59
CA LEU E 256 34.11 -18.53 -67.26
C LEU E 256 33.90 -17.16 -66.66
N TYR E 257 34.88 -16.29 -66.80
CA TYR E 257 34.68 -14.89 -66.49
C TYR E 257 34.52 -14.20 -67.83
N LYS E 258 33.40 -13.52 -68.05
CA LYS E 258 33.27 -12.77 -69.29
C LYS E 258 33.33 -11.28 -69.12
N GLN E 259 34.02 -10.63 -70.05
CA GLN E 259 33.96 -9.20 -70.15
C GLN E 259 32.58 -8.89 -70.70
N ILE E 260 31.95 -7.89 -70.10
CA ILE E 260 30.63 -7.40 -70.56
C ILE E 260 30.57 -5.89 -70.67
N SER E 261 29.66 -5.42 -71.53
CA SER E 261 29.54 -3.98 -71.78
C SER E 261 28.30 -3.65 -72.59
N SER E 262 28.06 -2.36 -72.78
CA SER E 262 26.88 -1.90 -73.51
C SER E 262 27.15 -1.88 -75.01
N ALA E 263 28.31 -2.39 -75.41
CA ALA E 263 28.66 -2.46 -76.82
C ALA E 263 27.56 -3.11 -77.64
N SER E 264 27.31 -2.59 -78.84
CA SER E 264 26.09 -2.89 -79.57
C SER E 264 24.86 -2.26 -78.92
N THR E 265 23.82 -3.06 -78.72
CA THR E 265 22.83 -2.78 -77.67
C THR E 265 22.00 -1.56 -78.02
N GLY E 266 22.67 -0.43 -78.23
CA GLY E 266 22.01 0.78 -78.68
C GLY E 266 21.55 1.66 -77.54
N ALA E 267 22.22 1.53 -76.39
CA ALA E 267 21.92 2.37 -75.23
C ALA E 267 22.20 3.84 -75.53
N SER E 268 21.61 4.72 -74.74
CA SER E 268 22.05 6.11 -74.68
C SER E 268 23.23 6.33 -73.73
N ASN E 269 23.94 7.43 -73.87
CA ASN E 269 25.22 7.52 -73.22
C ASN E 269 24.96 7.27 -71.75
N ASP E 270 23.79 7.69 -71.26
CA ASP E 270 23.47 7.58 -69.84
C ASP E 270 23.35 6.14 -69.38
N ASN E 271 23.43 5.22 -70.32
CA ASN E 271 23.33 3.80 -69.99
C ASN E 271 24.57 2.96 -70.30
N HIS E 272 25.65 3.58 -70.77
CA HIS E 272 26.83 2.78 -71.11
C HIS E 272 27.48 2.18 -69.88
N TYR E 273 28.08 1.01 -70.02
CA TYR E 273 28.83 0.42 -68.95
C TYR E 273 29.88 -0.54 -69.37
N PHE E 274 30.83 -0.81 -68.46
CA PHE E 274 31.86 -1.81 -68.70
C PHE E 274 32.05 -2.53 -67.40
N GLY E 275 32.19 -3.82 -67.50
CA GLY E 275 32.36 -4.64 -66.33
C GLY E 275 32.62 -6.07 -66.73
N TYR E 276 32.41 -6.96 -65.77
CA TYR E 276 32.72 -8.38 -65.90
C TYR E 276 31.68 -9.28 -65.18
N SER E 277 31.35 -10.39 -65.80
CA SER E 277 30.51 -11.35 -65.14
C SER E 277 31.29 -12.60 -64.77
N THR E 278 30.86 -13.24 -63.72
CA THR E 278 31.68 -14.09 -62.94
C THR E 278 30.98 -15.43 -62.85
N PRO E 279 31.77 -16.51 -62.76
CA PRO E 279 31.18 -17.84 -62.54
C PRO E 279 30.63 -18.04 -61.12
N TRP E 280 30.69 -17.03 -60.25
CA TRP E 280 30.34 -17.23 -58.83
C TRP E 280 28.87 -16.82 -58.57
N GLY E 281 28.28 -17.37 -57.53
CA GLY E 281 27.07 -16.79 -56.95
C GLY E 281 27.39 -16.19 -55.58
N TYR E 282 26.37 -15.59 -54.96
CA TYR E 282 26.56 -14.92 -53.69
C TYR E 282 25.32 -14.99 -52.85
N PHE E 283 25.47 -14.77 -51.56
CA PHE E 283 24.35 -14.72 -50.64
C PHE E 283 24.06 -13.32 -50.24
N ASP E 284 22.76 -13.04 -50.14
CA ASP E 284 22.22 -11.75 -49.91
C ASP E 284 21.05 -11.92 -48.96
N PHE E 285 21.17 -11.38 -47.76
CA PHE E 285 20.07 -11.30 -46.84
C PHE E 285 19.69 -9.86 -46.56
N ASN E 286 20.00 -8.94 -47.47
CA ASN E 286 19.89 -7.49 -47.14
C ASN E 286 18.49 -7.00 -47.39
N ARG E 287 17.55 -7.63 -46.73
CA ARG E 287 16.12 -7.25 -46.76
C ARG E 287 15.48 -7.69 -45.45
N PHE E 288 14.63 -6.85 -44.87
CA PHE E 288 14.13 -7.10 -43.51
C PHE E 288 13.34 -8.38 -43.50
N HIS E 289 12.59 -8.65 -44.56
CA HIS E 289 11.79 -9.89 -44.50
C HIS E 289 12.57 -11.22 -44.61
N CYS E 290 13.90 -11.15 -44.71
CA CYS E 290 14.74 -12.32 -44.71
C CYS E 290 14.86 -12.77 -43.28
N HIS E 291 14.52 -11.89 -42.35
CA HIS E 291 14.71 -12.17 -40.92
C HIS E 291 13.47 -12.05 -40.05
N PHE E 292 12.62 -11.08 -40.36
CA PHE E 292 11.46 -10.77 -39.59
C PHE E 292 10.22 -11.32 -40.29
N SER E 293 9.49 -12.19 -39.63
CA SER E 293 8.16 -12.53 -40.11
C SER E 293 7.24 -11.29 -39.95
N PRO E 294 6.06 -11.34 -40.59
CA PRO E 294 5.17 -10.18 -40.57
C PRO E 294 4.71 -9.88 -39.18
N ARG E 295 4.45 -10.92 -38.42
CA ARG E 295 4.03 -10.75 -37.04
C ARG E 295 5.15 -10.14 -36.19
N ASP E 296 6.38 -10.58 -36.37
CA ASP E 296 7.50 -10.01 -35.63
C ASP E 296 7.72 -8.53 -35.96
N TRP E 297 7.55 -8.18 -37.23
CA TRP E 297 7.74 -6.81 -37.69
C TRP E 297 6.70 -5.98 -36.98
N GLN E 298 5.54 -6.57 -36.89
CA GLN E 298 4.48 -5.93 -36.16
C GLN E 298 4.82 -5.71 -34.70
N ARG E 299 5.42 -6.72 -34.08
CA ARG E 299 5.87 -6.61 -32.71
C ARG E 299 6.92 -5.53 -32.62
N LEU E 300 7.76 -5.44 -33.64
CA LEU E 300 8.87 -4.57 -33.58
C LEU E 300 8.28 -3.18 -33.54
N ILE E 301 7.46 -2.92 -34.53
CA ILE E 301 7.15 -1.56 -34.87
C ILE E 301 6.12 -0.91 -33.96
N ASN E 302 5.33 -1.72 -33.26
CA ASN E 302 4.25 -1.21 -32.43
C ASN E 302 4.71 -0.97 -30.98
N ASN E 303 5.93 -1.40 -30.65
CA ASN E 303 6.41 -1.27 -29.27
C ASN E 303 7.75 -0.64 -29.04
N ASN E 304 8.44 -0.23 -30.12
CA ASN E 304 9.79 0.30 -29.99
C ASN E 304 10.01 1.60 -30.75
N TRP E 305 10.76 2.51 -30.15
CA TRP E 305 11.12 3.75 -30.80
C TRP E 305 12.29 3.56 -31.72
N GLY E 306 12.87 2.36 -31.73
CA GLY E 306 14.03 2.16 -32.60
C GLY E 306 14.64 0.80 -32.46
N PHE E 307 15.63 0.51 -33.29
CA PHE E 307 16.37 -0.74 -33.26
C PHE E 307 17.54 -0.68 -34.20
N ARG E 308 18.51 -1.58 -33.98
CA ARG E 308 19.73 -1.64 -34.78
C ARG E 308 20.26 -3.03 -34.70
N PRO E 309 20.93 -3.50 -35.74
CA PRO E 309 21.71 -4.74 -35.70
C PRO E 309 23.00 -4.62 -34.83
N LYS E 310 23.31 -5.72 -34.15
CA LYS E 310 24.49 -5.79 -33.29
C LYS E 310 25.47 -6.88 -33.72
N ARG E 311 24.96 -8.09 -33.95
CA ARG E 311 25.81 -9.17 -34.39
C ARG E 311 25.11 -10.24 -35.22
N LEU E 312 25.94 -10.98 -35.96
CA LEU E 312 25.42 -11.95 -36.91
C LEU E 312 26.23 -13.22 -36.92
N ASN E 313 25.55 -14.29 -37.31
CA ASN E 313 26.13 -15.60 -37.35
C ASN E 313 25.63 -16.22 -38.63
N PHE E 314 26.54 -16.73 -39.44
CA PHE E 314 26.16 -17.27 -40.73
C PHE E 314 26.62 -18.71 -40.90
N LYS E 315 25.77 -19.48 -41.58
CA LYS E 315 25.98 -20.91 -41.72
C LYS E 315 25.53 -21.49 -43.05
N LEU E 316 26.46 -22.16 -43.69
CA LEU E 316 26.18 -22.89 -44.90
C LEU E 316 26.36 -24.33 -44.57
N PHE E 317 25.44 -25.13 -45.01
CA PHE E 317 25.57 -26.53 -44.69
C PHE E 317 24.64 -27.43 -45.50
N ASN E 318 24.71 -28.70 -45.15
CA ASN E 318 24.00 -29.78 -45.84
C ASN E 318 24.11 -29.74 -47.33
N ILE E 319 25.34 -29.60 -47.82
CA ILE E 319 25.51 -29.31 -49.21
C ILE E 319 25.36 -30.60 -50.00
N GLN E 320 24.85 -30.50 -51.20
CA GLN E 320 24.72 -31.68 -51.99
C GLN E 320 24.91 -31.38 -53.46
N VAL E 321 25.97 -31.94 -54.05
CA VAL E 321 26.33 -31.58 -55.40
C VAL E 321 25.81 -32.65 -56.34
N LYS E 322 25.25 -32.22 -57.44
CA LYS E 322 24.58 -33.13 -58.36
C LYS E 322 24.99 -32.97 -59.79
N GLU E 323 25.08 -34.09 -60.49
CA GLU E 323 25.41 -34.04 -61.90
C GLU E 323 24.19 -34.28 -62.77
N VAL E 324 24.13 -33.55 -63.87
CA VAL E 324 23.04 -33.67 -64.83
C VAL E 324 23.59 -34.23 -66.13
N THR E 325 22.97 -35.30 -66.58
CA THR E 325 23.33 -35.95 -67.84
C THR E 325 22.05 -35.99 -68.68
N THR E 326 22.14 -35.52 -69.92
CA THR E 326 20.98 -35.50 -70.80
C THR E 326 21.14 -36.48 -71.96
N ASN E 327 20.15 -37.36 -72.11
CA ASN E 327 20.09 -38.27 -73.25
C ASN E 327 18.73 -38.26 -73.92
N ASP E 328 18.43 -37.19 -74.65
CA ASP E 328 17.06 -36.74 -74.83
C ASP E 328 16.23 -37.76 -75.61
N GLY E 329 14.97 -37.91 -75.22
CA GLY E 329 14.32 -36.94 -74.34
C GLY E 329 14.97 -36.86 -72.98
N VAL E 330 15.35 -38.02 -72.44
CA VAL E 330 15.40 -38.21 -71.00
C VAL E 330 16.45 -37.31 -70.36
N THR E 331 16.13 -36.78 -69.18
CA THR E 331 17.13 -36.10 -68.36
C THR E 331 17.33 -36.84 -67.04
N THR E 332 18.60 -37.09 -66.70
CA THR E 332 18.93 -37.83 -65.48
C THR E 332 19.80 -36.99 -64.54
N ILE E 333 19.40 -36.95 -63.28
CA ILE E 333 20.21 -36.34 -62.25
C ILE E 333 20.71 -37.39 -61.26
N ALA E 334 21.98 -37.34 -60.88
CA ALA E 334 22.44 -38.14 -59.76
C ALA E 334 23.36 -37.31 -58.84
N ASN E 335 23.64 -37.83 -57.66
CA ASN E 335 24.62 -37.26 -56.78
C ASN E 335 26.05 -37.41 -57.33
N ASN E 336 26.87 -36.36 -57.23
CA ASN E 336 28.28 -36.51 -57.45
C ASN E 336 28.96 -36.30 -56.12
N LEU E 337 29.20 -37.42 -55.42
CA LEU E 337 29.59 -37.40 -54.05
C LEU E 337 30.95 -36.75 -53.78
N THR E 338 31.85 -36.76 -54.75
CA THR E 338 33.22 -36.33 -54.52
C THR E 338 33.48 -34.94 -55.07
N SER E 339 32.38 -34.22 -55.31
CA SER E 339 32.40 -32.86 -55.88
C SER E 339 32.33 -31.81 -54.81
N THR E 340 32.93 -30.65 -55.06
CA THR E 340 32.92 -29.61 -54.03
C THR E 340 32.19 -28.33 -54.48
N VAL E 341 31.72 -27.59 -53.47
CA VAL E 341 31.33 -26.20 -53.59
C VAL E 341 32.31 -25.34 -52.78
N GLN E 342 32.66 -24.17 -53.30
CA GLN E 342 33.71 -23.31 -52.72
C GLN E 342 33.05 -22.10 -52.13
N VAL E 343 33.60 -21.57 -51.03
CA VAL E 343 33.01 -20.43 -50.36
C VAL E 343 34.04 -19.56 -49.68
N PHE E 344 33.77 -18.27 -49.65
CA PHE E 344 34.56 -17.35 -48.85
C PHE E 344 33.78 -16.08 -48.60
N SER E 345 34.16 -15.40 -47.51
CA SER E 345 33.65 -14.09 -47.24
C SER E 345 34.74 -13.09 -47.57
N ASP E 346 34.35 -12.05 -48.31
CA ASP E 346 35.25 -10.95 -48.64
C ASP E 346 35.40 -9.99 -47.44
N SER E 347 35.99 -10.48 -46.37
CA SER E 347 36.06 -9.75 -45.10
C SER E 347 37.03 -8.54 -45.04
N GLU E 348 37.92 -8.40 -46.02
CA GLU E 348 38.78 -7.23 -46.13
C GLU E 348 38.26 -6.27 -47.21
N TYR E 349 37.07 -6.60 -47.72
CA TYR E 349 36.32 -5.80 -48.74
C TYR E 349 37.11 -5.55 -50.01
N GLN E 350 37.84 -6.56 -50.40
CA GLN E 350 38.73 -6.43 -51.54
C GLN E 350 37.98 -6.48 -52.88
N LEU E 351 36.73 -6.91 -52.83
CA LEU E 351 35.91 -6.96 -54.04
C LEU E 351 34.91 -5.84 -54.13
N PRO E 352 34.55 -5.49 -55.37
CA PRO E 352 33.50 -4.48 -55.57
C PRO E 352 32.24 -4.86 -54.81
N TYR E 353 31.71 -3.91 -54.04
CA TYR E 353 30.64 -4.25 -53.14
C TYR E 353 29.32 -4.14 -53.80
N VAL E 354 28.70 -5.30 -54.03
CA VAL E 354 27.53 -5.37 -54.88
C VAL E 354 26.22 -5.51 -54.10
N LEU E 355 26.29 -5.80 -52.80
CA LEU E 355 25.12 -5.61 -51.95
C LEU E 355 24.74 -4.11 -51.87
N GLY E 356 23.53 -3.81 -51.43
CA GLY E 356 23.11 -2.42 -51.19
C GLY E 356 22.81 -1.68 -52.47
N SER E 357 22.45 -2.44 -53.48
CA SER E 357 21.94 -1.89 -54.72
C SER E 357 20.56 -2.46 -54.94
N ALA E 358 20.04 -3.17 -53.95
CA ALA E 358 18.62 -3.55 -53.91
C ALA E 358 18.29 -4.56 -55.00
N HIS E 359 19.27 -5.40 -55.26
CA HIS E 359 19.10 -6.47 -56.19
C HIS E 359 18.15 -7.53 -55.72
N GLN E 360 17.48 -8.16 -56.66
CA GLN E 360 16.75 -9.34 -56.28
C GLN E 360 17.69 -10.53 -56.10
N GLY E 361 17.23 -11.55 -55.38
CA GLY E 361 17.98 -12.78 -55.11
C GLY E 361 18.30 -12.95 -53.64
N CYS E 362 17.65 -12.15 -52.76
CA CYS E 362 17.88 -12.28 -51.33
C CYS E 362 17.13 -13.50 -50.86
N LEU E 363 17.44 -14.00 -49.67
CA LEU E 363 16.59 -15.02 -49.04
C LEU E 363 15.13 -14.62 -49.13
N PRO E 364 14.27 -15.56 -49.52
CA PRO E 364 12.87 -15.26 -49.66
C PRO E 364 12.17 -15.00 -48.32
N PRO E 365 11.12 -14.16 -48.32
CA PRO E 365 10.38 -13.80 -47.09
C PRO E 365 9.75 -15.02 -46.43
N PHE E 366 9.36 -15.97 -47.25
CA PHE E 366 8.65 -17.15 -46.79
C PHE E 366 9.53 -18.39 -46.63
N PRO E 367 9.69 -18.87 -45.38
CA PRO E 367 10.70 -19.87 -45.08
C PRO E 367 10.58 -21.14 -45.92
N ALA E 368 9.39 -21.44 -46.40
CA ALA E 368 9.24 -22.62 -47.25
C ALA E 368 9.67 -22.47 -48.70
N ASP E 369 9.93 -21.24 -49.17
CA ASP E 369 10.43 -21.01 -50.55
C ASP E 369 11.93 -21.35 -50.74
N VAL E 370 12.18 -22.07 -51.83
CA VAL E 370 13.53 -22.41 -52.31
C VAL E 370 14.00 -21.27 -53.22
N PHE E 371 15.27 -20.91 -53.18
CA PHE E 371 15.68 -19.78 -53.97
C PHE E 371 16.92 -20.12 -54.75
N MET E 372 17.03 -19.48 -55.87
CA MET E 372 18.21 -19.59 -56.71
C MET E 372 19.23 -18.48 -56.31
N ILE E 373 20.51 -18.82 -56.22
CA ILE E 373 21.52 -17.85 -55.80
C ILE E 373 21.80 -16.94 -56.98
N PRO E 374 21.84 -15.61 -56.76
CA PRO E 374 22.21 -14.70 -57.86
C PRO E 374 23.65 -14.92 -58.31
N GLN E 375 24.01 -14.50 -59.53
CA GLN E 375 25.38 -14.49 -60.07
C GLN E 375 26.13 -13.18 -59.71
N TYR E 376 27.41 -13.26 -59.36
CA TYR E 376 28.15 -12.05 -59.04
C TYR E 376 28.63 -11.47 -60.38
N GLY E 377 28.37 -10.17 -60.62
CA GLY E 377 29.10 -9.39 -61.62
C GLY E 377 29.33 -8.01 -61.04
N TYR E 378 30.24 -7.24 -61.64
CA TYR E 378 30.53 -5.92 -61.14
C TYR E 378 30.86 -5.00 -62.32
N LEU E 379 30.84 -3.69 -62.10
CA LEU E 379 31.29 -2.70 -63.08
C LEU E 379 32.59 -1.98 -62.67
N THR E 380 33.27 -1.34 -63.63
CA THR E 380 34.42 -0.48 -63.39
C THR E 380 34.27 0.76 -64.20
N LEU E 381 35.35 1.54 -64.30
CA LEU E 381 35.32 2.76 -65.03
C LEU E 381 35.01 2.37 -66.45
N ASN E 382 34.16 3.20 -67.08
CA ASN E 382 33.90 3.11 -68.51
C ASN E 382 33.85 4.50 -69.17
N ASN E 383 34.37 4.57 -70.39
CA ASN E 383 34.28 5.75 -71.21
C ASN E 383 33.44 5.29 -72.41
N GLY E 384 32.17 5.66 -72.37
CA GLY E 384 31.21 5.06 -73.28
C GLY E 384 31.17 3.57 -72.99
N SER E 385 31.21 2.73 -74.02
CA SER E 385 31.28 1.30 -73.80
C SER E 385 32.72 0.72 -73.73
N GLN E 386 33.71 1.59 -73.69
CA GLN E 386 35.08 1.10 -73.63
C GLN E 386 35.57 1.15 -72.19
N ALA E 387 36.72 0.53 -71.92
CA ALA E 387 37.39 0.66 -70.61
C ALA E 387 38.48 1.71 -70.61
N VAL E 388 39.03 1.99 -69.44
CA VAL E 388 40.16 2.93 -69.26
C VAL E 388 41.31 2.14 -68.58
N GLY E 389 42.52 2.69 -68.55
CA GLY E 389 43.63 1.96 -67.94
C GLY E 389 43.40 1.75 -66.44
N ARG E 390 42.61 2.64 -65.86
CA ARG E 390 42.34 2.65 -64.43
C ARG E 390 41.33 1.57 -64.03
N SER E 391 40.59 1.05 -65.02
CA SER E 391 39.65 -0.08 -64.81
C SER E 391 40.27 -1.31 -64.19
N SER E 392 39.54 -1.85 -63.22
CA SER E 392 40.00 -2.94 -62.41
C SER E 392 39.28 -4.21 -62.81
N PHE E 393 40.07 -5.25 -62.94
CA PHE E 393 39.58 -6.60 -63.10
C PHE E 393 39.95 -7.46 -61.89
N TYR E 394 38.98 -8.28 -61.46
CA TYR E 394 39.08 -9.10 -60.24
C TYR E 394 38.85 -10.59 -60.54
N CYS E 395 39.73 -11.46 -60.09
CA CYS E 395 39.51 -12.88 -60.24
C CYS E 395 39.27 -13.43 -58.86
N LEU E 396 38.11 -14.04 -58.67
CA LEU E 396 37.65 -14.51 -57.35
C LEU E 396 38.43 -15.68 -56.74
N GLU E 397 38.94 -16.55 -57.60
CA GLU E 397 39.74 -17.70 -57.21
C GLU E 397 40.98 -17.24 -56.45
N TYR E 398 41.53 -16.12 -56.88
CA TYR E 398 42.80 -15.62 -56.37
C TYR E 398 42.74 -15.56 -54.83
N PHE E 399 41.51 -15.58 -54.31
CA PHE E 399 41.19 -15.46 -52.88
C PHE E 399 41.26 -16.84 -52.22
N PRO E 400 41.79 -16.93 -50.98
CA PRO E 400 41.65 -18.27 -50.38
C PRO E 400 40.14 -18.63 -50.23
N SER E 401 39.73 -19.83 -50.60
CA SER E 401 38.34 -20.21 -50.29
C SER E 401 38.18 -21.58 -49.70
N GLN E 402 37.12 -21.80 -48.95
CA GLN E 402 36.87 -23.10 -48.37
C GLN E 402 36.16 -24.08 -49.34
N MET E 403 36.66 -25.31 -49.38
CA MET E 403 36.17 -26.27 -50.38
C MET E 403 35.35 -27.32 -49.68
N LEU E 404 34.11 -27.44 -50.06
CA LEU E 404 33.24 -28.30 -49.32
C LEU E 404 32.70 -29.46 -50.14
N ARG E 405 32.92 -30.67 -49.68
CA ARG E 405 32.18 -31.80 -50.20
C ARG E 405 30.91 -31.96 -49.39
N THR E 406 30.08 -32.92 -49.80
CA THR E 406 28.78 -33.15 -49.18
C THR E 406 28.77 -33.29 -47.65
N GLY E 407 29.91 -33.66 -47.07
CA GLY E 407 30.03 -33.77 -45.63
C GLY E 407 30.22 -32.48 -44.86
N ASN E 408 30.72 -31.44 -45.53
CA ASN E 408 31.33 -30.30 -44.84
C ASN E 408 30.35 -29.14 -44.65
N ASN E 409 30.74 -28.15 -43.84
CA ASN E 409 29.93 -26.96 -43.68
C ASN E 409 30.79 -25.73 -43.51
N PHE E 410 30.18 -24.55 -43.61
CA PHE E 410 30.87 -23.27 -43.52
C PHE E 410 30.21 -22.41 -42.47
N THR E 411 31.00 -21.72 -41.68
CA THR E 411 30.42 -20.83 -40.72
C THR E 411 31.28 -19.59 -40.58
N PHE E 412 30.66 -18.45 -40.29
CA PHE E 412 31.43 -17.32 -39.78
C PHE E 412 30.53 -16.41 -38.97
N SER E 413 31.15 -15.60 -38.08
CA SER E 413 30.43 -14.52 -37.40
C SER E 413 30.98 -13.14 -37.68
N TYR E 414 30.14 -12.16 -37.35
CA TYR E 414 30.40 -10.78 -37.65
C TYR E 414 29.76 -9.89 -36.56
N THR E 415 30.38 -8.72 -36.29
CA THR E 415 29.84 -7.78 -35.35
C THR E 415 29.67 -6.52 -36.17
N PHE E 416 28.52 -5.87 -35.94
CA PHE E 416 28.26 -4.57 -36.49
C PHE E 416 28.88 -3.45 -35.69
N GLU E 417 29.30 -2.41 -36.41
CA GLU E 417 29.82 -1.22 -35.82
C GLU E 417 28.68 -0.53 -35.04
N GLU E 418 29.03 0.48 -34.25
CA GLU E 418 28.03 1.21 -33.51
C GLU E 418 27.31 2.13 -34.50
N VAL E 419 25.99 2.09 -34.49
CA VAL E 419 25.19 2.92 -35.38
C VAL E 419 23.97 3.44 -34.64
N PRO E 420 23.46 4.59 -35.07
CA PRO E 420 22.28 5.17 -34.45
C PRO E 420 21.09 4.24 -34.64
N PHE E 421 20.22 4.15 -33.64
CA PHE E 421 19.03 3.32 -33.76
C PHE E 421 18.17 3.89 -34.87
N HIS E 422 17.58 3.04 -35.68
CA HIS E 422 16.63 3.52 -36.66
C HIS E 422 15.38 4.14 -36.04
N SER E 423 14.93 5.29 -36.54
CA SER E 423 13.79 5.91 -35.86
C SER E 423 12.45 5.27 -36.30
N SER E 424 11.94 4.38 -35.45
CA SER E 424 10.63 3.80 -35.66
C SER E 424 9.55 4.55 -34.93
N TYR E 425 9.33 5.79 -35.34
CA TYR E 425 8.34 6.66 -34.73
C TYR E 425 8.08 7.82 -35.67
N ALA E 426 6.85 8.34 -35.65
CA ALA E 426 6.58 9.68 -36.13
C ALA E 426 6.65 10.69 -34.99
N HIS E 427 7.00 11.93 -35.31
CA HIS E 427 6.84 13.03 -34.37
C HIS E 427 5.37 13.43 -34.21
N SER E 428 5.02 13.90 -33.02
CA SER E 428 3.69 14.41 -32.76
C SER E 428 3.71 15.92 -32.54
N GLN E 429 4.74 16.56 -33.08
CA GLN E 429 4.87 18.01 -33.07
C GLN E 429 5.53 18.31 -34.39
N SER E 430 5.46 19.55 -34.85
CA SER E 430 6.18 19.96 -36.04
C SER E 430 7.06 21.15 -35.76
N LEU E 431 8.06 21.38 -36.63
CA LEU E 431 9.15 22.31 -36.31
C LEU E 431 8.60 23.66 -35.96
N ASP E 432 7.49 23.97 -36.65
CA ASP E 432 6.84 25.27 -36.65
C ASP E 432 5.77 25.37 -35.60
N ARG E 433 5.61 24.32 -34.83
CA ARG E 433 4.67 24.38 -33.71
C ARG E 433 5.36 23.95 -32.41
N LEU E 434 6.54 24.49 -32.13
CA LEU E 434 7.24 24.13 -30.87
C LEU E 434 6.96 25.09 -29.72
N MET E 435 6.39 26.24 -30.00
CA MET E 435 6.22 27.26 -28.98
C MET E 435 5.12 26.95 -27.97
N ASN E 436 5.15 27.71 -26.87
CA ASN E 436 4.07 27.65 -25.89
C ASN E 436 2.94 28.52 -26.43
N PRO E 437 1.80 27.90 -26.72
CA PRO E 437 0.65 28.56 -27.35
C PRO E 437 -0.09 29.51 -26.43
N LEU E 438 0.41 29.74 -25.21
CA LEU E 438 -0.26 30.65 -24.27
C LEU E 438 0.44 31.97 -24.11
N ILE E 439 1.76 31.97 -24.32
CA ILE E 439 2.59 33.09 -23.88
C ILE E 439 3.19 33.82 -25.08
N ASP E 440 3.32 35.14 -24.97
CA ASP E 440 4.06 35.88 -25.97
C ASP E 440 5.57 35.56 -25.85
N GLN E 441 6.32 35.90 -26.91
CA GLN E 441 7.78 36.03 -26.82
C GLN E 441 8.16 37.36 -26.26
N TYR E 442 9.43 37.55 -25.89
CA TYR E 442 9.96 38.87 -25.47
C TYR E 442 10.61 39.51 -26.72
N LEU E 443 10.59 38.75 -27.81
CA LEU E 443 11.20 39.15 -29.08
C LEU E 443 10.24 39.84 -30.05
N TYR E 444 10.76 40.76 -30.84
CA TYR E 444 9.94 41.59 -31.70
C TYR E 444 10.35 41.33 -33.14
N TYR E 445 9.45 41.58 -34.07
CA TYR E 445 9.75 41.45 -35.50
C TYR E 445 9.06 42.59 -36.23
N LEU E 446 9.64 43.02 -37.34
CA LEU E 446 9.06 44.02 -38.16
C LEU E 446 7.75 43.48 -38.74
N ASN E 447 6.64 44.11 -38.35
CA ASN E 447 5.30 43.67 -38.71
C ASN E 447 4.71 44.41 -39.91
N ARG E 448 4.90 45.73 -39.93
CA ARG E 448 4.44 46.52 -41.09
C ARG E 448 5.47 47.52 -41.57
N THR E 449 5.53 47.64 -42.90
CA THR E 449 6.29 48.69 -43.57
C THR E 449 5.40 49.83 -44.08
N GLN E 450 4.14 49.81 -43.71
CA GLN E 450 3.26 50.95 -43.89
C GLN E 450 2.06 50.90 -42.98
N ASN E 451 1.51 52.06 -42.62
CA ASN E 451 0.32 52.09 -41.79
C ASN E 451 -0.92 51.66 -42.57
N GLN E 452 -1.66 50.71 -42.01
CA GLN E 452 -2.17 50.83 -40.66
C GLN E 452 -3.37 51.76 -40.59
N SER E 453 -4.25 51.67 -41.59
CA SER E 453 -5.26 52.69 -41.82
C SER E 453 -4.96 53.94 -41.00
N GLY E 454 -3.90 54.65 -41.37
CA GLY E 454 -3.98 56.08 -41.58
C GLY E 454 -3.80 56.47 -43.03
N SER E 455 -4.87 56.98 -43.64
CA SER E 455 -4.96 57.07 -45.08
C SER E 455 -3.75 57.78 -45.65
N ALA E 456 -3.23 57.25 -46.75
CA ALA E 456 -3.75 56.03 -47.38
C ALA E 456 -2.72 55.00 -47.03
N GLN E 457 -1.67 54.97 -47.84
CA GLN E 457 -0.55 54.10 -47.58
C GLN E 457 0.65 54.99 -47.38
N ASN E 458 1.27 54.87 -46.22
CA ASN E 458 2.42 55.68 -45.90
C ASN E 458 3.54 54.80 -45.40
N LYS E 459 4.77 55.15 -45.77
CA LYS E 459 5.90 54.37 -45.32
C LYS E 459 5.96 54.44 -43.81
N ASP E 460 6.23 53.30 -43.21
CA ASP E 460 6.31 53.17 -41.76
C ASP E 460 7.20 52.00 -41.41
N LEU E 461 7.55 51.91 -40.14
CA LEU E 461 8.26 50.78 -39.61
C LEU E 461 7.56 50.43 -38.31
N LEU E 462 6.76 49.38 -38.38
CA LEU E 462 6.00 48.93 -37.22
C LEU E 462 6.35 47.51 -36.78
N PHE E 463 6.63 47.36 -35.48
CA PHE E 463 7.19 46.13 -34.90
C PHE E 463 6.19 45.51 -33.92
N SER E 464 6.09 44.19 -33.97
CA SER E 464 5.21 43.43 -33.08
C SER E 464 5.94 42.35 -32.34
N ARG E 465 5.45 42.01 -31.15
CA ARG E 465 6.07 40.93 -30.49
C ARG E 465 5.39 39.58 -30.78
N GLY E 466 6.20 38.53 -30.89
CA GLY E 466 5.73 37.19 -31.01
C GLY E 466 4.53 36.85 -30.12
N SER E 467 3.59 36.18 -30.70
CA SER E 467 2.28 36.06 -30.11
C SER E 467 1.60 34.81 -30.64
N PRO E 468 0.79 34.15 -29.81
CA PRO E 468 0.10 32.92 -30.28
C PRO E 468 -0.81 33.10 -31.48
N ALA E 469 -1.26 34.31 -31.77
CA ALA E 469 -2.05 34.51 -32.97
C ALA E 469 -1.15 34.60 -34.20
N GLY E 470 0.18 34.60 -34.05
CA GLY E 470 1.09 34.78 -35.20
C GLY E 470 2.24 33.80 -35.16
N MET E 471 1.91 32.53 -35.13
CA MET E 471 2.93 31.49 -35.01
C MET E 471 3.76 31.36 -36.26
N SER E 472 3.22 31.80 -37.39
CA SER E 472 4.00 31.85 -38.60
C SER E 472 5.06 32.96 -38.62
N VAL E 473 5.04 33.91 -37.70
CA VAL E 473 6.01 35.01 -37.76
C VAL E 473 6.89 35.13 -36.52
N GLN E 474 6.81 34.14 -35.65
CA GLN E 474 7.62 34.08 -34.46
C GLN E 474 9.04 33.71 -34.78
N PRO E 475 10.02 34.44 -34.18
CA PRO E 475 11.38 33.93 -34.25
C PRO E 475 11.44 32.46 -33.80
N LYS E 476 12.30 31.66 -34.42
CA LYS E 476 12.57 30.29 -33.95
C LYS E 476 14.06 29.88 -34.05
N ASN E 477 14.37 28.70 -33.50
CA ASN E 477 15.74 28.21 -33.42
C ASN E 477 16.16 27.36 -34.59
N TRP E 478 15.18 26.72 -35.23
CA TRP E 478 15.47 25.61 -36.17
C TRP E 478 14.95 25.76 -37.58
N LEU E 479 15.62 25.11 -38.52
CA LEU E 479 15.17 25.08 -39.91
C LEU E 479 14.77 23.64 -40.30
N PRO E 480 13.84 23.48 -41.26
CA PRO E 480 13.52 22.14 -41.73
C PRO E 480 14.61 21.62 -42.63
N GLY E 481 14.56 20.33 -42.98
CA GLY E 481 15.66 19.66 -43.66
C GLY E 481 15.91 20.15 -45.07
N PRO E 482 16.93 19.61 -45.70
CA PRO E 482 17.30 19.90 -47.05
C PRO E 482 16.23 19.49 -48.10
N CYS E 483 16.43 19.94 -49.33
CA CYS E 483 15.42 19.81 -50.33
C CYS E 483 16.04 19.78 -51.71
N TYR E 484 15.58 18.79 -52.45
CA TYR E 484 15.84 18.69 -53.86
C TYR E 484 14.53 18.39 -54.62
N ARG E 485 13.89 19.45 -55.09
CA ARG E 485 12.51 19.33 -55.53
C ARG E 485 12.30 18.29 -56.61
N GLN E 486 11.16 17.63 -56.53
CA GLN E 486 10.79 16.63 -57.50
C GLN E 486 9.41 16.88 -58.06
N GLN E 487 9.18 16.30 -59.24
CA GLN E 487 7.96 16.56 -59.99
C GLN E 487 6.78 15.80 -59.42
N ARG E 488 5.69 16.51 -59.16
CA ARG E 488 4.51 15.95 -58.52
C ARG E 488 3.64 15.21 -59.55
N VAL E 489 3.35 13.95 -59.33
CA VAL E 489 2.45 13.26 -60.24
C VAL E 489 1.28 12.60 -59.55
N SER E 490 0.11 12.72 -60.16
CA SER E 490 -1.13 12.15 -59.62
C SER E 490 -1.39 10.68 -59.98
N LYS E 491 -2.05 9.98 -59.06
CA LYS E 491 -2.43 8.59 -59.25
C LYS E 491 -3.65 8.45 -60.19
N THR E 492 -4.44 9.51 -60.30
CA THR E 492 -5.49 9.57 -61.30
C THR E 492 -4.92 10.24 -62.54
N LYS E 493 -4.70 9.46 -63.59
CA LYS E 493 -3.96 9.89 -64.79
C LYS E 493 -4.45 11.19 -65.44
N THR E 494 -5.75 11.41 -65.40
CA THR E 494 -6.39 12.59 -65.97
C THR E 494 -5.86 13.95 -65.48
N ASP E 495 -5.24 13.95 -64.30
CA ASP E 495 -4.64 15.17 -63.74
C ASP E 495 -3.35 15.52 -64.39
N ASN E 496 -2.64 14.54 -64.91
CA ASN E 496 -1.28 14.76 -65.42
C ASN E 496 -1.21 15.38 -66.80
N ASN E 497 -0.02 15.85 -67.16
CA ASN E 497 0.20 16.36 -68.50
C ASN E 497 0.15 15.23 -69.49
N ASN E 498 -0.35 15.49 -70.69
CA ASN E 498 -0.27 14.48 -71.73
C ASN E 498 1.08 14.47 -72.46
N SER E 499 2.11 13.95 -71.80
CA SER E 499 3.39 13.67 -72.45
C SER E 499 4.14 12.65 -71.63
N ASN E 500 5.29 12.25 -72.13
CA ASN E 500 6.17 11.39 -71.40
C ASN E 500 7.29 12.23 -70.82
N PHE E 501 7.13 12.66 -69.58
CA PHE E 501 8.08 13.57 -68.95
C PHE E 501 9.01 13.01 -67.87
N THR E 502 9.07 11.69 -67.71
CA THR E 502 9.86 11.14 -66.61
C THR E 502 11.37 11.42 -66.64
N TRP E 503 12.01 11.10 -67.77
CA TRP E 503 13.40 11.46 -67.97
C TRP E 503 13.53 12.98 -68.14
N THR E 504 12.61 13.57 -68.88
CA THR E 504 12.70 14.97 -69.28
C THR E 504 12.25 15.96 -68.19
N GLY E 505 11.33 15.53 -67.31
CA GLY E 505 10.93 16.34 -66.18
C GLY E 505 11.57 15.89 -64.89
N ALA E 506 12.37 14.84 -64.98
CA ALA E 506 13.01 14.25 -63.81
C ALA E 506 14.15 15.07 -63.18
N SER E 507 14.25 14.97 -61.86
CA SER E 507 15.34 15.48 -61.12
C SER E 507 16.50 14.49 -61.35
N LYS E 508 17.58 14.99 -61.95
CA LYS E 508 18.76 14.19 -62.31
C LYS E 508 20.06 14.80 -61.87
N TYR E 509 21.06 13.96 -61.64
CA TYR E 509 22.38 14.46 -61.40
C TYR E 509 23.25 14.10 -62.56
N ASN E 510 24.36 14.82 -62.69
CA ASN E 510 25.15 14.76 -63.90
C ASN E 510 26.57 14.42 -63.51
N LEU E 511 27.02 13.25 -63.94
CA LEU E 511 28.28 12.71 -63.50
C LEU E 511 29.09 12.28 -64.69
N ASN E 512 30.22 12.94 -64.88
CA ASN E 512 31.06 12.66 -66.03
C ASN E 512 30.20 12.57 -67.32
N GLY E 513 29.43 13.63 -67.61
CA GLY E 513 28.61 13.71 -68.81
C GLY E 513 27.46 12.71 -68.93
N ARG E 514 27.29 11.92 -67.88
CA ARG E 514 26.22 10.95 -67.78
C ARG E 514 25.13 11.31 -66.76
N GLU E 515 23.89 11.32 -67.22
CA GLU E 515 22.77 11.64 -66.35
C GLU E 515 22.20 10.42 -65.60
N SER E 516 21.76 10.69 -64.38
CA SER E 516 21.25 9.65 -63.55
C SER E 516 20.07 10.29 -62.80
N ILE E 517 18.92 9.61 -62.86
CA ILE E 517 17.76 10.02 -62.08
C ILE E 517 18.06 9.97 -60.60
N ILE E 518 17.69 11.02 -59.88
CA ILE E 518 17.88 11.01 -58.44
C ILE E 518 16.66 10.25 -57.97
N ASN E 519 16.88 9.09 -57.40
CA ASN E 519 15.80 8.26 -56.92
C ASN E 519 16.30 7.30 -55.87
N PRO E 520 15.70 7.34 -54.66
CA PRO E 520 14.62 8.19 -54.14
C PRO E 520 15.01 9.63 -53.73
N GLY E 521 16.32 9.89 -53.60
CA GLY E 521 16.78 11.24 -53.33
C GLY E 521 16.56 11.65 -51.92
N THR E 522 16.86 12.90 -51.63
CA THR E 522 16.78 13.43 -50.29
C THR E 522 15.52 12.92 -49.55
N ALA E 523 15.64 12.54 -48.27
CA ALA E 523 14.44 12.26 -47.48
C ALA E 523 13.51 13.48 -47.38
N MET E 524 12.36 13.33 -48.02
CA MET E 524 11.35 14.40 -48.06
C MET E 524 9.91 13.83 -47.93
N ALA E 525 8.98 14.59 -47.34
CA ALA E 525 7.62 14.09 -47.20
C ALA E 525 7.00 13.97 -48.56
N SER E 526 6.31 12.86 -48.77
CA SER E 526 5.67 12.55 -50.07
C SER E 526 4.55 13.49 -50.53
N HIS E 527 3.77 14.02 -49.61
CA HIS E 527 2.68 14.93 -49.95
C HIS E 527 2.27 15.66 -48.69
N LYS E 528 1.82 16.90 -48.81
CA LYS E 528 1.24 17.60 -47.67
C LYS E 528 -0.13 17.04 -47.33
N ASP E 529 -0.67 17.49 -46.21
CA ASP E 529 -1.96 17.05 -45.73
C ASP E 529 -3.02 16.98 -46.82
N ASP E 530 -3.80 15.89 -46.79
CA ASP E 530 -4.98 15.74 -47.63
C ASP E 530 -4.66 15.48 -49.09
N GLU E 531 -3.43 15.10 -49.42
CA GLU E 531 -3.08 15.01 -50.82
C GLU E 531 -2.43 13.70 -51.11
N ASP E 532 -2.98 12.64 -50.55
CA ASP E 532 -2.37 11.34 -50.65
C ASP E 532 -2.38 10.80 -52.07
N LYS E 533 -3.04 11.50 -52.98
CA LYS E 533 -3.08 11.05 -54.36
C LYS E 533 -1.84 11.43 -55.22
N PHE E 534 -1.02 12.37 -54.73
CA PHE E 534 0.22 12.78 -55.40
C PHE E 534 1.48 12.09 -54.83
N PHE E 535 2.52 11.99 -55.63
CA PHE E 535 3.77 11.44 -55.14
C PHE E 535 4.90 11.96 -55.99
N PRO E 536 6.12 12.02 -55.40
CA PRO E 536 7.21 12.50 -56.20
C PRO E 536 7.44 11.46 -57.29
N MET E 537 7.65 11.93 -58.54
CA MET E 537 8.00 11.08 -59.65
C MET E 537 9.06 10.03 -59.37
N SER E 538 10.12 10.41 -58.66
CA SER E 538 11.13 9.43 -58.32
C SER E 538 11.65 9.57 -56.88
N GLY E 539 10.77 9.95 -55.95
CA GLY E 539 11.13 10.20 -54.56
C GLY E 539 10.46 9.27 -53.54
N VAL E 540 9.87 8.18 -54.04
CA VAL E 540 9.32 7.16 -53.15
C VAL E 540 9.78 5.78 -53.56
N MET E 541 9.99 4.95 -52.56
CA MET E 541 10.38 3.59 -52.77
C MET E 541 9.12 2.91 -53.30
N ILE E 542 9.28 2.09 -54.33
CA ILE E 542 8.13 1.39 -54.91
C ILE E 542 8.33 -0.11 -55.13
N PHE E 543 7.52 -0.91 -54.45
CA PHE E 543 7.60 -2.38 -54.57
C PHE E 543 6.63 -2.97 -55.61
N GLY E 544 7.04 -4.03 -56.22
CA GLY E 544 6.17 -4.63 -57.22
C GLY E 544 5.32 -5.66 -56.54
N LYS E 545 4.11 -5.82 -57.02
CA LYS E 545 3.31 -6.96 -56.62
C LYS E 545 3.80 -8.21 -57.32
N GLU E 546 3.33 -9.36 -56.86
CA GLU E 546 3.78 -10.64 -57.40
C GLU E 546 3.08 -10.93 -58.72
N SER E 547 2.27 -9.97 -59.17
CA SER E 547 1.71 -10.00 -60.51
C SER E 547 2.46 -9.09 -61.49
N ALA E 548 3.29 -8.18 -60.97
CA ALA E 548 3.92 -7.16 -61.80
C ALA E 548 4.87 -7.75 -62.84
N GLY E 549 4.74 -7.25 -64.07
CA GLY E 549 5.70 -7.49 -65.12
C GLY E 549 6.92 -6.63 -64.89
N ALA E 550 8.01 -6.99 -65.57
CA ALA E 550 9.29 -6.35 -65.43
C ALA E 550 9.28 -4.90 -65.85
N SER E 551 8.52 -4.60 -66.90
CA SER E 551 8.53 -3.24 -67.44
C SER E 551 7.19 -2.72 -67.94
N ASN E 552 6.95 -1.43 -67.72
CA ASN E 552 5.67 -0.78 -68.07
C ASN E 552 4.44 -1.55 -67.56
N THR E 553 4.47 -1.92 -66.29
CA THR E 553 3.34 -2.52 -65.68
C THR E 553 2.47 -1.41 -65.06
N ALA E 554 1.23 -1.75 -64.83
CA ALA E 554 0.21 -0.81 -64.35
C ALA E 554 0.24 -0.50 -62.85
N LEU E 555 -0.41 0.60 -62.50
CA LEU E 555 -0.40 1.15 -61.17
C LEU E 555 -0.78 0.14 -60.09
N ASP E 556 -1.71 -0.74 -60.42
CA ASP E 556 -2.23 -1.68 -59.43
C ASP E 556 -1.38 -2.93 -59.27
N ASN E 557 -0.27 -3.00 -59.99
CA ASN E 557 0.66 -4.07 -59.75
C ASN E 557 1.83 -3.58 -58.95
N VAL E 558 1.80 -2.33 -58.49
CA VAL E 558 2.92 -1.83 -57.67
C VAL E 558 2.39 -1.34 -56.33
N MET E 559 3.30 -1.17 -55.38
CA MET E 559 2.96 -0.62 -54.10
C MET E 559 3.91 0.53 -53.86
N ILE E 560 3.32 1.72 -53.74
CA ILE E 560 4.11 2.91 -53.54
C ILE E 560 4.16 3.23 -52.08
N THR E 561 5.36 3.39 -51.55
CA THR E 561 5.50 3.84 -50.16
C THR E 561 5.00 5.29 -49.94
N ASP E 562 4.79 5.65 -48.68
CA ASP E 562 4.37 6.98 -48.33
C ASP E 562 5.24 7.40 -47.18
N GLU E 563 5.94 8.52 -47.33
CA GLU E 563 6.83 9.01 -46.28
C GLU E 563 6.28 10.26 -45.66
N GLU E 564 4.96 10.32 -45.58
CA GLU E 564 4.25 11.50 -45.08
C GLU E 564 4.50 11.88 -43.63
N GLU E 565 4.85 10.90 -42.79
CA GLU E 565 5.11 11.14 -41.39
C GLU E 565 6.21 12.17 -41.14
N ILE E 566 7.16 12.32 -42.07
CA ILE E 566 8.27 13.22 -41.83
C ILE E 566 8.00 14.68 -42.13
N LYS E 567 6.75 15.00 -42.47
CA LYS E 567 6.40 16.39 -42.76
C LYS E 567 6.36 17.31 -41.55
N ALA E 568 6.45 16.76 -40.36
CA ALA E 568 6.74 17.53 -39.18
C ALA E 568 8.11 18.28 -39.23
N THR E 569 9.11 17.74 -39.96
CA THR E 569 10.51 18.27 -39.97
C THR E 569 11.13 18.43 -41.36
N ASN E 570 10.64 17.65 -42.31
CA ASN E 570 11.27 17.53 -43.62
C ASN E 570 10.41 18.17 -44.69
N PRO E 571 11.00 19.03 -45.53
CA PRO E 571 10.20 19.59 -46.61
C PRO E 571 9.40 18.51 -47.41
N VAL E 572 8.20 18.86 -47.85
CA VAL E 572 7.49 18.06 -48.80
C VAL E 572 8.19 18.05 -50.17
N ALA E 573 8.24 16.86 -50.78
CA ALA E 573 9.15 16.56 -51.88
C ALA E 573 8.86 17.23 -53.19
N THR E 574 7.66 17.77 -53.33
CA THR E 574 7.23 18.33 -54.61
C THR E 574 6.98 19.81 -54.54
N GLU E 575 7.44 20.47 -53.49
CA GLU E 575 7.21 21.88 -53.29
C GLU E 575 8.54 22.54 -53.10
N ARG E 576 8.56 23.86 -53.20
CA ARG E 576 9.74 24.61 -52.85
C ARG E 576 10.17 24.37 -51.39
N PHE E 577 11.46 24.52 -51.10
CA PHE E 577 11.90 24.61 -49.71
C PHE E 577 11.36 25.92 -49.11
N GLY E 578 11.40 27.00 -49.89
CA GLY E 578 10.91 28.26 -49.41
C GLY E 578 11.15 29.38 -50.34
N THR E 579 11.34 30.58 -49.78
CA THR E 579 11.52 31.80 -50.59
C THR E 579 12.68 32.60 -50.05
N VAL E 580 13.37 33.33 -50.93
CA VAL E 580 14.57 34.10 -50.60
C VAL E 580 14.42 35.46 -51.23
N ALA E 581 14.93 36.49 -50.54
CA ALA E 581 15.12 37.80 -51.14
C ALA E 581 16.12 37.67 -52.28
N VAL E 582 15.94 38.50 -53.29
CA VAL E 582 16.85 38.51 -54.45
C VAL E 582 17.27 39.91 -54.92
N ASN E 583 16.95 40.99 -54.20
CA ASN E 583 17.33 42.32 -54.61
C ASN E 583 17.33 43.28 -53.44
N PHE E 584 17.62 44.56 -53.68
CA PHE E 584 17.49 45.56 -52.64
C PHE E 584 16.30 46.44 -52.94
N GLN E 585 15.26 46.37 -52.08
CA GLN E 585 14.06 47.19 -52.24
C GLN E 585 14.38 48.65 -51.92
N SER E 586 13.67 49.58 -52.55
CA SER E 586 13.79 51.01 -52.24
C SER E 586 12.54 51.68 -52.73
N SER E 587 12.41 52.99 -52.55
CA SER E 587 11.25 53.65 -53.17
C SER E 587 11.21 53.38 -54.68
N SER E 588 12.37 53.31 -55.33
CA SER E 588 12.40 53.09 -56.78
C SER E 588 12.23 51.62 -57.15
N THR E 589 12.70 50.72 -56.28
CA THR E 589 12.73 49.29 -56.63
C THR E 589 11.93 48.42 -55.66
N ASP E 590 10.98 47.70 -56.22
CA ASP E 590 10.11 46.84 -55.44
C ASP E 590 10.77 45.56 -54.92
N PRO E 591 10.48 45.19 -53.67
CA PRO E 591 11.09 43.99 -53.11
C PRO E 591 10.80 42.76 -53.93
N ALA E 592 11.83 42.02 -54.28
CA ALA E 592 11.61 40.80 -55.04
C ALA E 592 12.09 39.58 -54.25
N THR E 593 11.45 38.45 -54.54
CA THR E 593 11.85 37.21 -53.92
C THR E 593 11.78 36.13 -54.92
N GLY E 594 12.44 35.03 -54.65
CA GLY E 594 12.50 33.92 -55.58
C GLY E 594 12.23 32.63 -54.83
N ASP E 595 11.74 31.66 -55.57
CA ASP E 595 11.57 30.30 -55.04
C ASP E 595 12.84 29.44 -54.98
N VAL E 596 13.01 28.75 -53.86
CA VAL E 596 14.19 27.92 -53.66
C VAL E 596 13.74 26.48 -53.84
N HIS E 597 14.29 25.80 -54.82
CA HIS E 597 13.88 24.43 -55.14
C HIS E 597 14.92 23.38 -54.72
N ALA E 598 16.17 23.83 -54.57
CA ALA E 598 17.22 22.91 -54.16
C ALA E 598 18.02 23.62 -53.07
N MET E 599 17.88 23.13 -51.84
CA MET E 599 18.53 23.75 -50.68
C MET E 599 19.43 22.75 -49.97
N GLY E 600 20.73 23.10 -49.91
CA GLY E 600 21.70 22.32 -49.17
C GLY E 600 21.57 22.57 -47.70
N ALA E 601 22.45 21.94 -46.96
CA ALA E 601 22.49 22.00 -45.54
C ALA E 601 22.85 23.40 -45.02
N LEU E 602 22.04 23.84 -44.06
CA LEU E 602 22.25 25.11 -43.42
C LEU E 602 22.39 24.82 -41.94
N PRO E 603 23.34 25.50 -41.22
CA PRO E 603 23.39 25.28 -39.78
C PRO E 603 21.97 25.42 -39.22
N GLY E 604 21.62 24.62 -38.22
CA GLY E 604 20.30 24.72 -37.63
C GLY E 604 19.21 23.85 -38.26
N MET E 605 19.53 23.26 -39.41
CA MET E 605 18.61 22.31 -40.04
C MET E 605 18.49 21.05 -39.18
N VAL E 606 17.28 20.49 -39.13
CA VAL E 606 17.11 19.18 -38.54
C VAL E 606 16.18 18.35 -39.46
N TRP E 607 16.38 17.05 -39.49
CA TRP E 607 15.56 16.25 -40.41
C TRP E 607 15.48 14.80 -39.98
N GLN E 608 14.57 14.11 -40.63
CA GLN E 608 14.32 12.70 -40.39
C GLN E 608 14.72 11.94 -41.65
N ASP E 609 15.43 10.83 -41.47
CA ASP E 609 15.89 10.00 -42.63
C ASP E 609 14.76 9.14 -43.16
N ARG E 610 14.93 8.59 -44.35
CA ARG E 610 13.88 7.76 -44.93
C ARG E 610 13.62 6.56 -44.09
N ASP E 611 12.37 6.16 -44.08
CA ASP E 611 11.92 5.01 -43.29
C ASP E 611 12.39 3.72 -43.93
N VAL E 612 12.44 2.65 -43.13
CA VAL E 612 12.71 1.34 -43.66
C VAL E 612 11.39 0.57 -43.83
N TYR E 613 11.41 -0.50 -44.59
CA TYR E 613 10.21 -1.28 -44.80
C TYR E 613 10.47 -2.71 -44.63
N LEU E 614 9.44 -3.43 -44.24
CA LEU E 614 9.59 -4.89 -44.03
C LEU E 614 10.23 -5.56 -45.24
N GLN E 615 9.94 -5.04 -46.42
CA GLN E 615 10.57 -5.59 -47.61
C GLN E 615 11.68 -4.76 -48.26
N GLY E 616 12.12 -3.69 -47.60
CA GLY E 616 13.24 -2.88 -48.11
C GLY E 616 14.59 -3.39 -47.67
N PRO E 617 15.66 -2.67 -48.07
CA PRO E 617 17.00 -3.09 -47.69
C PRO E 617 17.25 -2.76 -46.21
N ILE E 618 18.30 -3.34 -45.65
CA ILE E 618 18.72 -3.04 -44.29
C ILE E 618 19.87 -2.04 -44.19
N TRP E 619 20.91 -2.26 -45.01
CA TRP E 619 22.15 -1.53 -44.86
C TRP E 619 22.80 -1.26 -46.22
N ALA E 620 23.84 -0.42 -46.27
CA ALA E 620 24.69 -0.35 -47.43
C ALA E 620 26.08 0.03 -46.94
N LYS E 621 27.08 -0.29 -47.75
CA LYS E 621 28.43 0.12 -47.49
C LYS E 621 28.51 1.62 -47.79
N ILE E 622 29.05 2.40 -46.86
CA ILE E 622 29.40 3.77 -47.15
C ILE E 622 30.59 3.68 -48.09
N PRO E 623 30.54 4.40 -49.22
CA PRO E 623 31.70 4.45 -50.13
C PRO E 623 32.93 4.89 -49.40
N HIS E 624 34.08 4.40 -49.87
CA HIS E 624 35.33 4.75 -49.28
C HIS E 624 35.73 6.08 -49.92
N THR E 625 35.26 7.20 -49.35
CA THR E 625 35.60 8.55 -49.88
C THR E 625 36.20 9.48 -48.83
N ASP E 626 36.82 10.57 -49.22
CA ASP E 626 37.43 11.50 -48.26
C ASP E 626 36.33 12.07 -47.41
N GLY E 627 35.14 12.18 -48.02
CA GLY E 627 34.02 12.96 -47.48
C GLY E 627 32.66 12.29 -47.71
N HIS E 628 31.86 12.22 -46.66
CA HIS E 628 30.45 11.79 -46.78
C HIS E 628 29.74 12.93 -46.10
N PHE E 629 28.43 12.95 -46.15
CA PHE E 629 27.73 13.87 -45.32
C PHE E 629 26.47 13.17 -44.92
N HIS E 630 26.39 12.82 -43.64
CA HIS E 630 25.26 12.07 -43.11
C HIS E 630 25.01 10.84 -43.96
N PRO E 631 25.94 9.90 -43.93
CA PRO E 631 25.90 8.82 -44.91
C PRO E 631 24.89 7.76 -44.52
N SER E 632 23.64 8.17 -44.38
CA SER E 632 22.55 7.20 -44.24
C SER E 632 22.03 6.86 -45.66
N PRO E 633 22.03 5.58 -46.04
CA PRO E 633 21.73 5.10 -47.41
C PRO E 633 20.40 5.64 -47.86
N LEU E 634 20.41 6.35 -48.98
CA LEU E 634 19.24 7.16 -49.32
C LEU E 634 18.03 6.30 -49.61
N MET E 635 18.24 5.06 -49.99
CA MET E 635 17.13 4.17 -50.14
C MET E 635 16.58 3.70 -48.80
N GLY E 636 17.29 3.95 -47.69
CA GLY E 636 16.74 3.68 -46.35
C GLY E 636 17.57 2.62 -45.63
N GLY E 637 17.73 2.72 -44.31
CA GLY E 637 18.63 1.82 -43.60
C GLY E 637 19.84 2.46 -42.93
N PHE E 638 20.78 1.56 -42.68
CA PHE E 638 21.99 1.81 -41.97
C PHE E 638 23.14 1.89 -42.93
N GLY E 639 23.87 3.00 -42.81
CA GLY E 639 25.17 3.11 -43.44
C GLY E 639 26.23 2.50 -42.59
N LEU E 640 27.03 1.65 -43.23
CA LEU E 640 28.10 0.95 -42.54
C LEU E 640 29.44 1.15 -43.21
N LYS E 641 30.43 1.69 -42.47
CA LYS E 641 31.80 1.73 -42.97
C LYS E 641 32.18 0.27 -43.33
N ASN E 642 32.00 -0.68 -42.40
CA ASN E 642 32.49 -2.05 -42.53
C ASN E 642 31.33 -3.00 -42.38
N PRO E 643 30.53 -3.12 -43.47
CA PRO E 643 29.28 -3.82 -43.53
C PRO E 643 29.46 -5.32 -43.55
N PRO E 644 28.37 -6.08 -43.44
CA PRO E 644 28.48 -7.51 -43.51
C PRO E 644 29.11 -7.92 -44.82
N PRO E 645 30.18 -8.70 -44.72
CA PRO E 645 30.97 -9.01 -45.89
C PRO E 645 30.17 -9.81 -46.94
N GLN E 646 30.53 -9.66 -48.20
CA GLN E 646 29.93 -10.47 -49.25
C GLN E 646 30.39 -11.87 -49.06
N ILE E 647 29.48 -12.76 -49.39
CA ILE E 647 29.72 -14.16 -49.25
C ILE E 647 29.55 -14.80 -50.59
N LEU E 648 30.65 -15.32 -51.11
CA LEU E 648 30.70 -15.84 -52.47
C LEU E 648 30.77 -17.37 -52.46
N ILE E 649 30.16 -17.94 -53.47
CA ILE E 649 30.00 -19.39 -53.59
C ILE E 649 29.86 -19.91 -55.02
N LYS E 650 30.48 -21.04 -55.29
CA LYS E 650 30.65 -21.53 -56.65
C LYS E 650 30.79 -23.05 -56.62
N ASN E 651 30.25 -23.70 -57.63
CA ASN E 651 30.53 -25.12 -57.87
C ASN E 651 31.86 -25.32 -58.54
N THR E 652 32.68 -26.24 -58.02
CA THR E 652 34.03 -26.38 -58.52
C THR E 652 33.91 -27.03 -59.89
N PRO E 653 34.70 -26.56 -60.88
CA PRO E 653 34.62 -27.21 -62.19
C PRO E 653 35.00 -28.68 -62.07
N VAL E 654 34.25 -29.53 -62.75
CA VAL E 654 34.62 -30.95 -62.82
C VAL E 654 34.78 -31.35 -64.28
N PRO E 655 36.04 -31.50 -64.76
CA PRO E 655 36.30 -31.84 -66.15
C PRO E 655 35.50 -33.05 -66.62
N ALA E 656 34.99 -33.00 -67.85
CA ALA E 656 34.64 -34.20 -68.58
C ALA E 656 35.92 -34.92 -69.02
N ASN E 657 35.75 -36.05 -69.70
CA ASN E 657 36.93 -36.84 -70.09
C ASN E 657 37.88 -36.17 -71.04
N PRO E 658 39.17 -36.08 -70.68
CA PRO E 658 40.11 -35.42 -71.59
C PRO E 658 40.46 -36.33 -72.77
N PRO E 659 41.07 -35.77 -73.82
CA PRO E 659 41.61 -36.67 -74.86
C PRO E 659 42.77 -37.56 -74.39
N ALA E 660 43.09 -38.59 -75.16
CA ALA E 660 44.24 -39.49 -74.91
C ALA E 660 45.63 -38.87 -75.15
N GLU E 661 45.70 -37.77 -75.91
CA GLU E 661 46.93 -37.13 -76.29
C GLU E 661 46.91 -35.70 -75.70
N PHE E 662 48.04 -35.22 -75.18
CA PHE E 662 48.04 -33.93 -74.51
C PHE E 662 47.56 -32.85 -75.44
N SER E 663 46.81 -31.90 -74.92
CA SER E 663 46.55 -30.65 -75.61
C SER E 663 46.60 -29.47 -74.62
N ALA E 664 47.26 -28.38 -75.00
CA ALA E 664 47.40 -27.23 -74.12
C ALA E 664 46.14 -26.37 -74.10
N THR E 665 45.42 -26.36 -75.22
CA THR E 665 44.19 -25.57 -75.32
C THR E 665 43.36 -25.67 -74.04
N LYS E 666 43.04 -24.51 -73.47
CA LYS E 666 42.27 -24.46 -72.23
C LYS E 666 41.15 -25.49 -72.22
N PHE E 667 40.97 -26.16 -71.09
CA PHE E 667 39.92 -27.16 -70.95
C PHE E 667 38.55 -26.50 -71.11
N ALA E 668 37.72 -27.09 -71.97
CA ALA E 668 36.40 -26.53 -72.28
C ALA E 668 35.27 -27.53 -72.23
N SER E 669 35.56 -28.74 -71.80
CA SER E 669 34.52 -29.75 -71.69
C SER E 669 34.29 -30.22 -70.25
N PHE E 670 33.11 -29.92 -69.72
CA PHE E 670 32.82 -30.18 -68.32
C PHE E 670 31.56 -31.01 -68.14
N ILE E 671 31.53 -31.76 -67.04
CA ILE E 671 30.33 -32.41 -66.53
C ILE E 671 29.40 -31.34 -65.96
N THR E 672 28.15 -31.42 -66.36
CA THR E 672 27.16 -30.45 -65.97
C THR E 672 26.67 -30.68 -64.55
N GLN E 673 26.78 -29.65 -63.72
CA GLN E 673 26.29 -29.82 -62.37
C GLN E 673 25.78 -28.58 -61.68
N TYR E 674 25.19 -28.81 -60.52
CA TYR E 674 24.70 -27.77 -59.68
C TYR E 674 24.63 -28.30 -58.26
N SER E 675 24.34 -27.42 -57.32
CA SER E 675 24.32 -27.83 -55.94
C SER E 675 23.07 -27.29 -55.24
N THR E 676 22.81 -27.82 -54.05
CA THR E 676 21.76 -27.32 -53.23
C THR E 676 22.14 -27.55 -51.76
N GLY E 677 21.56 -26.77 -50.84
CA GLY E 677 21.76 -27.01 -49.42
C GLY E 677 20.91 -26.10 -48.57
N GLN E 678 21.24 -25.96 -47.31
CA GLN E 678 20.61 -24.92 -46.50
C GLN E 678 21.64 -23.79 -46.16
N VAL E 679 21.12 -22.60 -45.83
CA VAL E 679 21.91 -21.47 -45.33
C VAL E 679 21.14 -20.94 -44.13
N SER E 680 21.86 -20.42 -43.14
CA SER E 680 21.26 -19.90 -41.91
C SER E 680 21.92 -18.62 -41.55
N VAL E 681 21.11 -17.61 -41.27
CA VAL E 681 21.59 -16.34 -40.78
C VAL E 681 20.89 -16.02 -39.50
N GLU E 682 21.66 -15.72 -38.45
CA GLU E 682 21.15 -15.29 -37.15
C GLU E 682 21.68 -13.87 -36.92
N ILE E 683 20.76 -12.95 -36.63
CA ILE E 683 21.09 -11.60 -36.27
C ILE E 683 20.51 -11.20 -34.90
N GLU E 684 21.35 -10.52 -34.08
CA GLU E 684 20.92 -9.98 -32.81
C GLU E 684 20.63 -8.52 -33.08
N TRP E 685 19.46 -8.06 -32.67
CA TRP E 685 19.03 -6.66 -32.80
C TRP E 685 18.80 -6.04 -31.44
N GLU E 686 19.35 -4.85 -31.17
CA GLU E 686 19.12 -4.17 -29.89
C GLU E 686 17.89 -3.30 -30.08
N LEU E 687 17.02 -3.24 -29.08
CA LEU E 687 15.85 -2.36 -29.12
C LEU E 687 15.93 -1.14 -28.23
N GLN E 688 15.36 -0.06 -28.75
CA GLN E 688 15.14 1.14 -28.01
C GLN E 688 13.69 1.09 -27.54
N LYS E 689 13.51 0.88 -26.26
CA LYS E 689 12.16 0.81 -25.72
C LYS E 689 11.49 2.15 -25.68
N GLU E 690 10.17 2.10 -25.74
CA GLU E 690 9.35 3.28 -25.67
C GLU E 690 9.07 3.72 -24.21
N ASN E 691 9.13 5.02 -23.94
CA ASN E 691 9.07 5.52 -22.59
C ASN E 691 8.03 6.65 -22.52
N SER E 692 6.95 6.49 -23.26
CA SER E 692 6.12 7.65 -23.60
C SER E 692 5.11 7.97 -22.51
N LYS E 693 4.92 9.25 -22.21
CA LYS E 693 3.92 9.66 -21.22
C LYS E 693 2.66 10.10 -21.93
N ARG E 694 2.60 9.80 -23.21
CA ARG E 694 1.43 10.13 -23.99
C ARG E 694 0.20 9.39 -23.44
N TRP E 695 -0.83 10.17 -23.15
CA TRP E 695 -1.99 9.71 -22.42
C TRP E 695 -2.94 8.94 -23.35
N ASN E 696 -3.15 9.49 -24.53
CA ASN E 696 -4.03 8.83 -25.42
C ASN E 696 -3.31 7.69 -26.18
N PRO E 697 -4.11 6.78 -26.76
CA PRO E 697 -3.64 5.65 -27.53
C PRO E 697 -2.94 6.01 -28.81
N GLU E 698 -2.07 5.11 -29.25
CA GLU E 698 -1.24 5.33 -30.43
C GLU E 698 -1.88 4.73 -31.73
N VAL E 699 -1.41 5.22 -32.85
CA VAL E 699 -1.68 4.55 -34.07
C VAL E 699 -0.82 3.28 -34.01
N GLN E 700 -1.43 2.17 -34.40
CA GLN E 700 -0.76 0.88 -34.35
C GLN E 700 -0.97 0.16 -35.66
N TYR E 701 0.06 -0.52 -36.15
CA TYR E 701 -0.14 -1.30 -37.36
C TYR E 701 -1.04 -2.46 -36.99
N THR E 702 -2.07 -2.67 -37.78
CA THR E 702 -3.01 -3.69 -37.44
C THR E 702 -3.54 -4.40 -38.65
N SER E 703 -3.83 -5.66 -38.56
CA SER E 703 -4.43 -6.25 -39.74
C SER E 703 -5.89 -5.96 -39.72
N ASN E 704 -6.49 -6.18 -40.88
CA ASN E 704 -7.87 -5.79 -41.02
C ASN E 704 -8.83 -6.85 -40.50
N TYR E 705 -9.83 -6.41 -39.74
CA TYR E 705 -10.71 -7.31 -39.06
C TYR E 705 -11.87 -7.79 -39.94
N ALA E 706 -12.23 -6.97 -40.93
CA ALA E 706 -13.30 -7.30 -41.86
C ALA E 706 -12.93 -8.59 -42.59
N LYS E 707 -13.96 -9.32 -43.01
CA LYS E 707 -13.77 -10.61 -43.63
C LYS E 707 -13.34 -10.54 -45.09
N SER E 708 -12.58 -11.52 -45.57
CA SER E 708 -12.17 -11.54 -46.98
C SER E 708 -11.84 -12.95 -47.48
N ALA E 709 -11.63 -13.06 -48.78
CA ALA E 709 -11.24 -14.33 -49.41
C ALA E 709 -9.83 -14.85 -49.03
N ASN E 710 -8.89 -13.96 -48.70
CA ASN E 710 -7.54 -14.37 -48.33
C ASN E 710 -7.06 -13.60 -47.10
N VAL E 711 -6.14 -14.22 -46.37
CA VAL E 711 -5.47 -13.55 -45.29
C VAL E 711 -4.24 -12.85 -45.85
N ASP E 712 -4.02 -11.63 -45.37
CA ASP E 712 -2.80 -10.85 -45.62
C ASP E 712 -1.54 -11.63 -45.21
N PHE E 713 -0.47 -11.48 -45.99
CA PHE E 713 0.81 -12.11 -45.71
C PHE E 713 0.63 -13.61 -45.51
N THR E 714 0.03 -14.20 -46.52
CA THR E 714 -0.25 -15.63 -46.55
C THR E 714 -0.06 -16.24 -47.94
N VAL E 715 -0.08 -17.55 -48.01
CA VAL E 715 -0.11 -18.24 -49.33
C VAL E 715 -1.54 -18.40 -49.84
N ASP E 716 -1.70 -18.49 -51.12
CA ASP E 716 -3.01 -18.66 -51.70
C ASP E 716 -3.27 -20.15 -52.00
N ASN E 717 -4.27 -20.38 -52.83
CA ASN E 717 -4.69 -21.73 -53.14
C ASN E 717 -3.75 -22.45 -54.10
N ASN E 718 -2.75 -21.73 -54.63
CA ASN E 718 -1.68 -22.32 -55.42
C ASN E 718 -0.36 -22.34 -54.68
N GLY E 719 -0.38 -21.88 -53.44
CA GLY E 719 0.82 -21.86 -52.62
C GLY E 719 1.78 -20.72 -52.88
N LEU E 720 1.27 -19.60 -53.40
CA LEU E 720 2.11 -18.46 -53.61
C LEU E 720 2.01 -17.48 -52.46
N TYR E 721 3.10 -17.32 -51.68
CA TYR E 721 3.13 -16.31 -50.62
C TYR E 721 3.05 -14.95 -51.28
N THR E 722 2.21 -14.05 -50.77
CA THR E 722 2.19 -12.63 -51.20
C THR E 722 2.32 -11.59 -50.07
N GLU E 723 2.96 -10.47 -50.39
CA GLU E 723 3.06 -9.36 -49.45
C GLU E 723 2.18 -8.26 -50.05
N PRO E 724 1.01 -8.03 -49.44
CA PRO E 724 -0.02 -7.18 -50.01
C PRO E 724 0.15 -5.73 -49.80
N ARG E 725 1.14 -5.32 -48.98
CA ARG E 725 1.44 -3.91 -48.83
C ARG E 725 2.80 -3.75 -48.22
N PRO E 726 3.37 -2.55 -48.32
CA PRO E 726 4.62 -2.27 -47.60
C PRO E 726 4.22 -1.98 -46.17
N ILE E 727 5.08 -2.30 -45.22
CA ILE E 727 4.89 -1.77 -43.89
C ILE E 727 6.13 -1.03 -43.45
N GLY E 728 5.95 0.21 -43.02
CA GLY E 728 7.07 1.03 -42.54
C GLY E 728 7.23 0.71 -41.07
N THR E 729 7.83 1.62 -40.31
CA THR E 729 8.04 1.38 -38.88
C THR E 729 7.50 2.49 -37.99
N ARG E 730 7.05 3.57 -38.61
CA ARG E 730 6.63 4.76 -37.86
C ARG E 730 5.16 4.84 -37.42
N TYR E 731 4.89 4.18 -36.30
CA TYR E 731 3.58 4.19 -35.61
C TYR E 731 3.59 4.84 -34.24
N LEU E 732 4.53 4.46 -33.37
CA LEU E 732 4.65 5.14 -32.08
C LEU E 732 5.03 6.61 -32.32
N THR E 733 4.83 7.47 -31.33
CA THR E 733 5.17 8.88 -31.51
C THR E 733 6.16 9.39 -30.46
N ARG E 734 7.00 10.33 -30.86
CA ARG E 734 7.78 11.12 -29.93
C ARG E 734 7.35 12.58 -29.97
N PRO E 735 7.66 13.33 -28.91
CA PRO E 735 7.83 14.78 -29.01
C PRO E 735 9.09 15.14 -29.78
N LEU E 736 9.17 16.38 -30.25
CA LEU E 736 10.34 16.85 -30.96
C LEU E 736 11.43 17.28 -30.00
N GLY F 217 -11.67 -52.63 39.41
CA GLY F 217 -11.69 -53.88 40.14
C GLY F 217 -10.41 -54.68 39.97
N ALA F 218 -10.55 -55.99 39.86
CA ALA F 218 -9.55 -56.82 39.21
C ALA F 218 -9.53 -58.24 39.80
N ASP F 219 -10.13 -59.17 39.07
CA ASP F 219 -9.85 -60.59 39.26
C ASP F 219 -11.13 -61.41 39.29
N GLY F 220 -11.38 -62.06 40.42
CA GLY F 220 -11.95 -63.39 40.43
C GLY F 220 -13.47 -63.38 40.48
N VAL F 221 -14.09 -64.42 39.91
CA VAL F 221 -15.25 -65.05 40.52
C VAL F 221 -14.92 -65.55 41.92
N GLY F 222 -13.73 -66.12 42.09
CA GLY F 222 -13.45 -66.97 43.23
C GLY F 222 -12.74 -66.23 44.35
N ASN F 223 -12.91 -64.91 44.37
CA ASN F 223 -11.94 -64.02 45.02
C ASN F 223 -12.60 -62.75 45.54
N ALA F 224 -12.64 -62.62 46.87
CA ALA F 224 -13.14 -61.40 47.48
C ALA F 224 -12.34 -60.11 47.07
N SER F 225 -13.04 -59.01 46.82
CA SER F 225 -12.43 -57.74 46.41
C SER F 225 -12.39 -56.75 47.55
N GLY F 226 -12.74 -57.23 48.74
CA GLY F 226 -12.70 -56.39 49.92
C GLY F 226 -12.90 -57.17 51.20
N ASN F 227 -12.35 -56.68 52.28
CA ASN F 227 -12.62 -57.28 53.55
C ASN F 227 -13.64 -56.44 54.34
N TRP F 228 -13.91 -56.84 55.58
CA TRP F 228 -14.94 -56.21 56.41
C TRP F 228 -14.21 -55.36 57.41
N HIS F 229 -14.32 -54.04 57.28
CA HIS F 229 -13.58 -53.14 58.15
C HIS F 229 -14.53 -52.28 58.97
N CYS F 230 -14.85 -52.72 60.17
CA CYS F 230 -15.81 -52.01 60.98
C CYS F 230 -15.12 -51.83 62.29
N ASP F 231 -14.90 -50.59 62.74
CA ASP F 231 -14.02 -50.36 63.87
C ASP F 231 -14.11 -48.94 64.33
N SER F 232 -13.43 -48.67 65.43
CA SER F 232 -13.29 -47.32 65.93
C SER F 232 -11.88 -47.18 66.47
N THR F 233 -11.23 -46.07 66.16
CA THR F 233 -9.91 -45.80 66.72
C THR F 233 -9.84 -44.39 67.24
N TRP F 234 -9.55 -44.29 68.53
CA TRP F 234 -9.39 -43.01 69.19
C TRP F 234 -7.92 -42.68 69.35
N LEU F 235 -7.51 -41.52 68.82
CA LEU F 235 -6.12 -41.08 68.87
C LEU F 235 -5.99 -39.61 69.26
N GLY F 236 -6.26 -39.31 70.53
CA GLY F 236 -5.98 -38.01 71.06
C GLY F 236 -6.92 -36.98 70.50
N ASP F 237 -6.53 -36.31 69.42
CA ASP F 237 -7.36 -35.21 68.88
C ASP F 237 -8.23 -35.67 67.68
N ARG F 238 -8.10 -36.93 67.31
CA ARG F 238 -8.77 -37.48 66.14
C ARG F 238 -9.53 -38.74 66.59
N VAL F 239 -10.61 -39.06 65.90
CA VAL F 239 -11.24 -40.35 66.02
C VAL F 239 -11.67 -40.83 64.63
N ILE F 240 -11.33 -42.06 64.31
CA ILE F 240 -11.54 -42.57 62.96
C ILE F 240 -12.61 -43.66 63.03
N THR F 241 -13.77 -43.40 62.42
CA THR F 241 -14.84 -44.39 62.34
C THR F 241 -14.85 -45.07 61.01
N THR F 242 -14.90 -46.39 61.10
CA THR F 242 -15.09 -47.18 59.92
C THR F 242 -16.35 -48.00 60.03
N SER F 243 -17.20 -47.91 59.02
CA SER F 243 -18.33 -48.83 58.98
C SER F 243 -18.62 -49.51 57.65
N THR F 244 -18.91 -50.80 57.76
CA THR F 244 -19.17 -51.63 56.60
C THR F 244 -20.48 -52.39 56.76
N ARG F 245 -21.25 -52.46 55.68
CA ARG F 245 -22.57 -53.07 55.71
C ARG F 245 -22.79 -53.83 54.44
N THR F 246 -23.80 -54.68 54.50
CA THR F 246 -24.19 -55.45 53.32
C THR F 246 -25.52 -54.94 52.76
N TRP F 247 -25.54 -54.60 51.47
CA TRP F 247 -26.70 -53.92 50.84
C TRP F 247 -27.41 -54.84 49.86
N ALA F 248 -28.63 -54.45 49.50
CA ALA F 248 -29.28 -55.07 48.34
C ALA F 248 -29.92 -54.02 47.44
N LEU F 249 -29.74 -54.19 46.13
CA LEU F 249 -30.18 -53.25 45.10
C LEU F 249 -31.05 -54.03 44.12
N PRO F 250 -32.34 -53.67 44.05
CA PRO F 250 -33.24 -54.18 43.03
C PRO F 250 -33.12 -53.38 41.77
N THR F 251 -33.84 -53.84 40.74
CA THR F 251 -34.05 -53.05 39.55
C THR F 251 -35.19 -52.11 39.79
N TYR F 252 -35.01 -50.82 39.48
CA TYR F 252 -36.05 -49.82 39.73
C TYR F 252 -36.70 -49.45 38.41
N ASN F 253 -38.01 -49.17 38.45
CA ASN F 253 -38.82 -48.59 37.36
C ASN F 253 -38.69 -49.43 36.10
N ASN F 254 -38.31 -50.69 36.26
CA ASN F 254 -37.89 -51.51 35.12
C ASN F 254 -36.87 -50.92 34.18
N HIS F 255 -35.89 -50.19 34.72
CA HIS F 255 -34.85 -49.57 33.89
C HIS F 255 -35.26 -48.23 33.26
N LEU F 256 -36.39 -47.68 33.69
CA LEU F 256 -37.01 -46.55 33.03
C LEU F 256 -36.88 -45.29 33.86
N TYR F 257 -36.93 -44.14 33.19
CA TYR F 257 -37.04 -42.88 33.90
C TYR F 257 -38.50 -42.49 33.73
N LYS F 258 -39.22 -42.29 34.83
CA LYS F 258 -40.60 -41.80 34.69
C LYS F 258 -40.79 -40.40 35.14
N GLN F 259 -41.59 -39.67 34.36
CA GLN F 259 -42.07 -38.38 34.81
C GLN F 259 -43.08 -38.66 35.89
N ILE F 260 -42.99 -37.90 36.97
CA ILE F 260 -43.94 -37.98 38.09
C ILE F 260 -44.45 -36.63 38.54
N SER F 261 -45.63 -36.64 39.15
CA SER F 261 -46.26 -35.38 39.59
C SER F 261 -47.47 -35.63 40.46
N SER F 262 -48.07 -34.56 40.96
CA SER F 262 -49.26 -34.64 41.79
C SER F 262 -50.58 -34.61 40.99
N ALA F 263 -50.51 -34.66 39.65
CA ALA F 263 -51.69 -34.65 38.77
C ALA F 263 -52.64 -35.80 39.15
N SER F 264 -53.94 -35.54 39.06
CA SER F 264 -54.89 -36.50 39.57
C SER F 264 -54.61 -36.45 41.06
N THR F 265 -54.86 -37.54 41.78
CA THR F 265 -54.54 -37.58 43.20
C THR F 265 -55.48 -36.77 44.08
N GLY F 266 -55.59 -35.46 43.82
CA GLY F 266 -56.46 -34.65 44.65
C GLY F 266 -55.71 -33.80 45.66
N ALA F 267 -54.41 -33.60 45.42
CA ALA F 267 -53.55 -32.84 46.34
C ALA F 267 -53.91 -31.37 46.42
N SER F 268 -53.68 -30.76 47.58
CA SER F 268 -53.85 -29.32 47.71
C SER F 268 -52.72 -28.57 47.03
N ASN F 269 -52.91 -27.26 46.81
CA ASN F 269 -51.88 -26.45 46.19
C ASN F 269 -50.53 -26.47 46.93
N ASP F 270 -50.54 -26.65 48.24
CA ASP F 270 -49.31 -26.69 49.03
C ASP F 270 -48.56 -28.00 48.89
N ASN F 271 -49.16 -28.95 48.19
CA ASN F 271 -48.54 -30.25 47.99
C ASN F 271 -48.22 -30.61 46.53
N HIS F 272 -48.46 -29.71 45.59
CA HIS F 272 -48.20 -30.05 44.20
C HIS F 272 -46.72 -30.21 43.93
N TYR F 273 -46.37 -31.09 42.98
CA TYR F 273 -45.00 -31.22 42.58
C TYR F 273 -44.82 -31.78 41.21
N PHE F 274 -43.63 -31.57 40.65
CA PHE F 274 -43.26 -32.14 39.36
C PHE F 274 -41.82 -32.56 39.49
N GLY F 275 -41.55 -33.72 38.94
CA GLY F 275 -40.22 -34.26 39.00
C GLY F 275 -40.14 -35.53 38.20
N TYR F 276 -39.10 -36.31 38.48
CA TYR F 276 -38.77 -37.53 37.74
C TYR F 276 -38.21 -38.63 38.68
N SER F 277 -38.60 -39.87 38.40
CA SER F 277 -38.02 -40.98 39.11
C SER F 277 -37.12 -41.79 38.20
N THR F 278 -36.13 -42.40 38.80
CA THR F 278 -34.96 -42.79 38.12
C THR F 278 -34.75 -44.27 38.37
N PRO F 279 -34.14 -44.97 37.40
CA PRO F 279 -33.78 -46.37 37.61
C PRO F 279 -32.60 -46.58 38.58
N TRP F 280 -32.05 -45.52 39.15
CA TRP F 280 -30.82 -45.64 39.94
C TRP F 280 -31.13 -45.77 41.44
N GLY F 281 -30.23 -46.36 42.20
CA GLY F 281 -30.23 -46.19 43.66
C GLY F 281 -29.02 -45.33 44.08
N TYR F 282 -28.93 -45.08 45.39
CA TYR F 282 -27.87 -44.23 45.90
C TYR F 282 -27.49 -44.64 47.29
N PHE F 283 -26.31 -44.21 47.71
CA PHE F 283 -25.83 -44.45 49.05
C PHE F 283 -25.91 -43.21 49.87
N ASP F 284 -26.29 -43.42 51.13
CA ASP F 284 -26.58 -42.39 52.07
C ASP F 284 -26.04 -42.85 53.41
N PHE F 285 -25.04 -42.15 53.93
CA PHE F 285 -24.56 -42.37 55.26
C PHE F 285 -24.79 -41.14 56.12
N ASN F 286 -25.76 -40.29 55.78
CA ASN F 286 -25.86 -38.96 56.41
C ASN F 286 -26.65 -39.05 57.70
N ARG F 287 -26.17 -39.89 58.60
CA ARG F 287 -26.74 -40.06 59.94
C ARG F 287 -25.64 -40.53 60.88
N PHE F 288 -25.59 -39.99 62.09
CA PHE F 288 -24.44 -40.23 62.97
C PHE F 288 -24.37 -41.70 63.28
N HIS F 289 -25.49 -42.36 63.47
CA HIS F 289 -25.38 -43.78 63.82
C HIS F 289 -24.90 -44.74 62.71
N CYS F 290 -24.58 -44.20 61.53
CA CYS F 290 -24.04 -44.97 60.45
C CYS F 290 -22.57 -45.15 60.76
N HIS F 291 -22.05 -44.35 61.67
CA HIS F 291 -20.61 -44.36 61.96
C HIS F 291 -20.23 -44.59 63.42
N PHE F 292 -21.03 -44.04 64.33
CA PHE F 292 -20.76 -44.08 65.73
C PHE F 292 -21.66 -45.13 66.39
N SER F 293 -21.06 -46.12 67.03
CA SER F 293 -21.82 -46.97 67.91
C SER F 293 -22.29 -46.15 69.14
N PRO F 294 -23.24 -46.70 69.92
CA PRO F 294 -23.78 -45.96 71.04
C PRO F 294 -22.73 -45.67 72.07
N ARG F 295 -21.86 -46.62 72.28
CA ARG F 295 -20.77 -46.44 73.22
C ARG F 295 -19.80 -45.36 72.75
N ASP F 296 -19.46 -45.34 71.46
CA ASP F 296 -18.58 -44.31 70.93
C ASP F 296 -19.18 -42.91 71.05
N TRP F 297 -20.48 -42.82 70.81
CA TRP F 297 -21.20 -41.55 70.86
C TRP F 297 -21.23 -41.05 72.30
N GLN F 298 -21.28 -41.97 73.25
CA GLN F 298 -20.98 -41.67 74.64
C GLN F 298 -19.56 -41.12 74.79
N ARG F 299 -18.59 -41.82 74.20
CA ARG F 299 -17.20 -41.40 74.26
C ARG F 299 -17.02 -39.98 73.72
N LEU F 300 -17.63 -39.72 72.57
CA LEU F 300 -17.65 -38.38 71.99
C LEU F 300 -18.20 -37.37 73.00
N ILE F 301 -19.46 -37.53 73.36
CA ILE F 301 -20.26 -36.42 73.88
C ILE F 301 -19.89 -36.11 75.33
N ASN F 302 -19.38 -37.10 76.05
CA ASN F 302 -19.03 -36.93 77.47
C ASN F 302 -17.66 -36.33 77.69
N ASN F 303 -16.80 -36.43 76.68
CA ASN F 303 -15.42 -35.96 76.82
C ASN F 303 -14.91 -34.83 75.94
N ASN F 304 -15.75 -34.31 75.05
CA ASN F 304 -15.29 -33.24 74.17
C ASN F 304 -16.25 -32.06 74.02
N TRP F 305 -15.69 -30.87 73.84
CA TRP F 305 -16.50 -29.69 73.64
C TRP F 305 -16.92 -29.54 72.21
N GLY F 306 -16.45 -30.44 71.33
CA GLY F 306 -16.82 -30.32 69.93
C GLY F 306 -16.15 -31.33 69.06
N PHE F 307 -16.54 -31.35 67.79
CA PHE F 307 -15.97 -32.23 66.78
C PHE F 307 -16.47 -31.87 65.41
N ARG F 308 -15.74 -32.30 64.38
CA ARG F 308 -16.07 -32.02 62.99
C ARG F 308 -15.48 -33.11 62.15
N PRO F 309 -16.11 -33.43 61.03
CA PRO F 309 -15.50 -34.28 60.00
C PRO F 309 -14.34 -33.59 59.23
N LYS F 310 -13.34 -34.40 58.90
CA LYS F 310 -12.17 -33.92 58.17
C LYS F 310 -11.98 -34.63 56.83
N ARG F 311 -12.03 -35.96 56.84
CA ARG F 311 -11.90 -36.70 55.61
C ARG F 311 -12.61 -38.05 55.58
N LEU F 312 -12.84 -38.53 54.37
CA LEU F 312 -13.62 -39.73 54.17
C LEU F 312 -13.07 -40.61 53.07
N ASN F 313 -13.36 -41.89 53.21
CA ASN F 313 -12.89 -42.90 52.31
C ASN F 313 -14.06 -43.83 52.08
N PHE F 314 -14.38 -44.06 50.81
CA PHE F 314 -15.54 -44.86 50.50
C PHE F 314 -15.20 -46.05 49.61
N LYS F 315 -15.90 -47.15 49.87
CA LYS F 315 -15.60 -48.43 49.22
C LYS F 315 -16.81 -49.28 48.93
N LEU F 316 -16.94 -49.65 47.68
CA LEU F 316 -17.95 -50.58 47.25
C LEU F 316 -17.22 -51.79 46.79
N PHE F 317 -17.71 -52.93 47.20
CA PHE F 317 -17.03 -54.12 46.80
C PHE F 317 -17.83 -55.41 47.05
N ASN F 318 -17.17 -56.51 46.73
CA ASN F 318 -17.75 -57.85 46.78
C ASN F 318 -19.09 -57.96 46.12
N ILE F 319 -19.18 -57.45 44.90
CA ILE F 319 -20.47 -57.30 44.30
C ILE F 319 -20.92 -58.65 43.76
N GLN F 320 -22.21 -58.89 43.78
CA GLN F 320 -22.68 -60.15 43.24
C GLN F 320 -24.04 -59.98 42.60
N VAL F 321 -24.10 -60.17 41.30
CA VAL F 321 -25.32 -59.89 40.56
C VAL F 321 -26.06 -61.19 40.33
N LYS F 322 -27.36 -61.13 40.54
CA LYS F 322 -28.18 -62.34 40.51
C LYS F 322 -29.39 -62.23 39.66
N GLU F 323 -29.72 -63.32 38.98
CA GLU F 323 -30.93 -63.34 38.17
C GLU F 323 -32.05 -64.12 38.83
N VAL F 324 -33.26 -63.60 38.67
CA VAL F 324 -34.45 -64.24 39.23
C VAL F 324 -35.33 -64.71 38.10
N THR F 325 -35.66 -66.00 38.14
CA THR F 325 -36.62 -66.59 37.21
C THR F 325 -37.82 -67.17 37.95
N THR F 326 -39.03 -66.85 37.49
CA THR F 326 -40.22 -67.52 37.97
C THR F 326 -40.92 -68.30 36.86
N ASN F 327 -41.21 -69.57 37.12
CA ASN F 327 -42.43 -70.20 36.63
C ASN F 327 -43.32 -70.71 37.75
N ASP F 328 -44.61 -70.37 37.68
CA ASP F 328 -45.30 -69.74 38.79
C ASP F 328 -45.38 -70.67 40.01
N GLY F 329 -45.23 -70.09 41.19
CA GLY F 329 -44.51 -70.75 42.27
C GLY F 329 -43.02 -70.55 42.18
N VAL F 330 -42.28 -71.17 43.10
CA VAL F 330 -41.07 -71.89 42.74
C VAL F 330 -40.06 -70.98 42.04
N THR F 331 -39.97 -69.74 42.51
CA THR F 331 -38.92 -68.83 42.05
C THR F 331 -37.54 -69.46 42.21
N THR F 332 -36.67 -69.21 41.24
CA THR F 332 -35.28 -69.65 41.31
C THR F 332 -34.34 -68.46 41.17
N ILE F 333 -33.34 -68.38 42.05
CA ILE F 333 -32.30 -67.39 41.91
C ILE F 333 -30.97 -68.06 41.56
N ALA F 334 -30.25 -67.50 40.60
CA ALA F 334 -28.86 -67.92 40.38
C ALA F 334 -27.95 -66.70 40.17
N ASN F 335 -26.66 -66.93 40.23
CA ASN F 335 -25.68 -65.93 39.87
C ASN F 335 -25.70 -65.61 38.35
N ASN F 336 -25.61 -64.34 37.99
CA ASN F 336 -25.33 -64.00 36.63
C ASN F 336 -23.95 -63.39 36.60
N LEU F 337 -22.97 -64.24 36.33
CA LEU F 337 -21.58 -63.90 36.51
C LEU F 337 -21.07 -62.77 35.61
N THR F 338 -21.67 -62.57 34.45
CA THR F 338 -21.15 -61.65 33.46
C THR F 338 -21.92 -60.34 33.44
N SER F 339 -22.66 -60.10 34.52
CA SER F 339 -23.51 -58.92 34.68
C SER F 339 -22.83 -57.83 35.46
N THR F 340 -23.16 -56.58 35.19
CA THR F 340 -22.49 -55.50 35.88
C THR F 340 -23.45 -54.64 36.73
N VAL F 341 -22.86 -54.01 37.74
CA VAL F 341 -23.45 -52.87 38.45
C VAL F 341 -22.62 -51.62 38.15
N GLN F 342 -23.28 -50.48 37.98
CA GLN F 342 -22.63 -49.23 37.54
C GLN F 342 -22.60 -48.28 38.70
N VAL F 343 -21.56 -47.45 38.79
CA VAL F 343 -21.42 -46.53 39.90
C VAL F 343 -20.68 -45.27 39.51
N PHE F 344 -21.07 -44.16 40.14
CA PHE F 344 -20.33 -42.93 40.02
C PHE F 344 -20.67 -42.00 41.17
N SER F 345 -19.71 -41.10 41.45
CA SER F 345 -19.96 -40.04 42.39
C SER F 345 -20.17 -38.76 41.61
N ASP F 346 -21.22 -38.04 41.95
CA ASP F 346 -21.53 -36.75 41.35
C ASP F 346 -20.63 -35.66 41.99
N SER F 347 -19.33 -35.75 41.72
CA SER F 347 -18.33 -34.88 42.36
C SER F 347 -18.29 -33.41 41.89
N GLU F 348 -18.93 -33.08 40.77
CA GLU F 348 -19.06 -31.71 40.32
C GLU F 348 -20.46 -31.14 40.65
N TYR F 349 -21.22 -31.95 41.40
CA TYR F 349 -22.58 -31.63 41.90
C TYR F 349 -23.55 -31.26 40.80
N GLN F 350 -23.43 -31.98 39.71
CA GLN F 350 -24.24 -31.68 38.54
C GLN F 350 -25.68 -32.17 38.66
N LEU F 351 -25.92 -33.01 39.65
CA LEU F 351 -27.26 -33.52 39.90
C LEU F 351 -27.95 -32.86 41.06
N PRO F 352 -29.29 -32.83 41.02
CA PRO F 352 -30.05 -32.30 42.16
C PRO F 352 -29.66 -33.02 43.43
N TYR F 353 -29.37 -32.23 44.47
CA TYR F 353 -28.78 -32.82 45.66
C TYR F 353 -29.82 -33.30 46.60
N VAL F 354 -29.94 -34.62 46.71
CA VAL F 354 -31.08 -35.22 47.39
C VAL F 354 -30.74 -35.72 48.79
N LEU F 355 -29.45 -35.79 49.14
CA LEU F 355 -29.09 -35.93 50.55
C LEU F 355 -29.51 -34.68 51.36
N GLY F 356 -29.57 -34.80 52.67
CA GLY F 356 -29.83 -33.63 53.53
C GLY F 356 -31.28 -33.22 53.53
N SER F 357 -32.13 -34.19 53.25
CA SER F 357 -33.56 -34.02 53.37
C SER F 357 -34.06 -35.09 54.33
N ALA F 358 -33.13 -35.79 54.95
CA ALA F 358 -33.44 -36.67 56.11
C ALA F 358 -34.29 -37.86 55.68
N HIS F 359 -34.01 -38.30 54.48
CA HIS F 359 -34.64 -39.48 53.96
C HIS F 359 -34.25 -40.74 54.67
N GLN F 360 -35.15 -41.68 54.70
CA GLN F 360 -34.74 -43.00 55.15
C GLN F 360 -33.98 -43.72 54.04
N GLY F 361 -33.21 -44.73 54.42
CA GLY F 361 -32.42 -45.56 53.50
C GLY F 361 -30.92 -45.41 53.75
N CYS F 362 -30.52 -44.79 54.87
CA CYS F 362 -29.11 -44.66 55.18
C CYS F 362 -28.61 -46.00 55.65
N LEU F 363 -27.29 -46.19 55.69
CA LEU F 363 -26.73 -47.33 56.38
C LEU F 363 -27.38 -47.52 57.75
N PRO F 364 -27.76 -48.75 58.07
CA PRO F 364 -28.40 -49.01 59.34
C PRO F 364 -27.46 -48.84 60.53
N PRO F 365 -28.00 -48.46 61.71
CA PRO F 365 -27.19 -48.23 62.92
C PRO F 365 -26.48 -49.50 63.38
N PHE F 366 -27.13 -50.63 63.12
CA PHE F 366 -26.63 -51.92 63.58
C PHE F 366 -25.89 -52.72 62.51
N PRO F 367 -24.58 -52.95 62.70
CA PRO F 367 -23.73 -53.47 61.63
C PRO F 367 -24.22 -54.78 61.05
N ALA F 368 -24.96 -55.56 61.82
CA ALA F 368 -25.48 -56.82 61.28
C ALA F 368 -26.72 -56.70 60.39
N ASP F 369 -27.38 -55.54 60.34
CA ASP F 369 -28.53 -55.31 59.45
C ASP F 369 -28.15 -55.11 57.96
N VAL F 370 -28.89 -55.82 57.10
CA VAL F 370 -28.82 -55.70 55.65
C VAL F 370 -29.79 -54.60 55.22
N PHE F 371 -29.45 -53.80 54.22
CA PHE F 371 -30.32 -52.71 53.89
C PHE F 371 -30.56 -52.67 52.42
N MET F 372 -31.72 -52.18 52.07
CA MET F 372 -32.09 -51.95 50.69
C MET F 372 -31.69 -50.52 50.28
N ILE F 373 -31.11 -50.35 49.09
CA ILE F 373 -30.66 -49.03 48.65
C ILE F 373 -31.87 -48.25 48.22
N PRO F 374 -31.99 -46.98 48.66
CA PRO F 374 -33.12 -46.14 48.18
C PRO F 374 -33.02 -45.89 46.68
N GLN F 375 -34.13 -45.51 46.03
CA GLN F 375 -34.20 -45.08 44.63
C GLN F 375 -33.97 -43.55 44.49
N TYR F 376 -33.22 -43.12 43.48
CA TYR F 376 -33.00 -41.69 43.31
C TYR F 376 -34.23 -41.15 42.54
N GLY F 377 -34.85 -40.08 43.05
CA GLY F 377 -35.73 -39.22 42.25
C GLY F 377 -35.48 -37.79 42.67
N TYR F 378 -35.93 -36.82 41.89
CA TYR F 378 -35.71 -35.44 42.21
C TYR F 378 -36.93 -34.63 41.74
N LEU F 379 -37.06 -33.39 42.22
CA LEU F 379 -38.07 -32.44 41.74
C LEU F 379 -37.46 -31.25 40.97
N THR F 380 -38.29 -30.53 40.20
CA THR F 380 -37.93 -29.30 39.53
C THR F 380 -39.04 -28.31 39.72
N LEU F 381 -38.98 -27.20 38.97
CA LEU F 381 -39.98 -26.19 39.07
C LEU F 381 -41.28 -26.85 38.69
N ASN F 382 -42.32 -26.47 39.42
CA ASN F 382 -43.69 -26.83 39.09
C ASN F 382 -44.65 -25.66 39.29
N ASN F 383 -45.62 -25.56 38.39
CA ASN F 383 -46.71 -24.60 38.49
C ASN F 383 -47.95 -25.50 38.64
N GLY F 384 -48.41 -25.62 39.88
CA GLY F 384 -49.40 -26.64 40.19
C GLY F 384 -48.76 -27.99 39.90
N SER F 385 -49.49 -28.88 39.24
CA SER F 385 -48.89 -30.15 38.83
C SER F 385 -48.23 -30.14 37.43
N GLN F 386 -48.10 -28.97 36.83
CA GLN F 386 -47.48 -28.92 35.51
C GLN F 386 -46.03 -28.50 35.64
N ALA F 387 -45.27 -28.63 34.56
CA ALA F 387 -43.89 -28.10 34.51
C ALA F 387 -43.81 -26.73 33.86
N VAL F 388 -42.64 -26.11 33.91
CA VAL F 388 -42.36 -24.82 33.27
C VAL F 388 -41.18 -25.04 32.28
N GLY F 389 -40.91 -24.08 31.40
CA GLY F 389 -39.82 -24.27 30.44
C GLY F 389 -38.47 -24.36 31.15
N ARG F 390 -38.41 -23.76 32.33
CA ARG F 390 -37.18 -23.66 33.11
C ARG F 390 -36.87 -24.97 33.84
N SER F 391 -37.88 -25.85 33.95
CA SER F 391 -37.69 -27.20 34.52
C SER F 391 -36.62 -28.04 33.85
N SER F 392 -35.82 -28.67 34.71
CA SER F 392 -34.65 -29.40 34.29
C SER F 392 -34.94 -30.88 34.40
N PHE F 393 -34.54 -31.58 33.35
CA PHE F 393 -34.51 -33.03 33.33
C PHE F 393 -33.07 -33.53 33.22
N TYR F 394 -32.75 -34.56 33.98
CA TYR F 394 -31.41 -35.15 33.97
C TYR F 394 -31.45 -36.63 33.62
N CYS F 395 -30.62 -37.04 32.66
CA CYS F 395 -30.31 -38.45 32.45
C CYS F 395 -28.99 -38.82 33.09
N LEU F 396 -28.99 -39.89 33.87
CA LEU F 396 -27.83 -40.27 34.67
C LEU F 396 -26.87 -41.13 33.87
N GLU F 397 -27.35 -41.67 32.75
CA GLU F 397 -26.49 -42.35 31.79
C GLU F 397 -25.70 -41.36 30.96
N TYR F 398 -25.87 -40.08 31.25
CA TYR F 398 -25.12 -39.02 30.59
C TYR F 398 -23.95 -38.55 31.44
N PHE F 399 -23.66 -39.30 32.50
CA PHE F 399 -22.35 -39.27 33.12
C PHE F 399 -21.55 -40.52 32.79
N PRO F 400 -20.23 -40.37 32.73
CA PRO F 400 -19.31 -41.51 32.82
C PRO F 400 -19.47 -42.24 34.15
N SER F 401 -19.67 -43.55 34.09
CA SER F 401 -19.73 -44.37 35.31
C SER F 401 -18.89 -45.62 35.27
N GLN F 402 -18.50 -46.11 36.44
CA GLN F 402 -17.71 -47.33 36.50
C GLN F 402 -18.58 -48.62 36.45
N MET F 403 -18.15 -49.58 35.64
CA MET F 403 -18.98 -50.76 35.40
C MET F 403 -18.32 -51.94 36.08
N LEU F 404 -19.03 -52.54 37.00
CA LEU F 404 -18.41 -53.57 37.80
C LEU F 404 -19.04 -54.93 37.61
N ARG F 405 -18.23 -55.88 37.14
CA ARG F 405 -18.49 -57.32 37.31
C ARG F 405 -18.12 -57.87 38.69
N THR F 406 -18.67 -59.03 39.03
CA THR F 406 -18.45 -59.65 40.32
C THR F 406 -17.02 -59.57 40.88
N GLY F 407 -16.04 -59.43 40.00
CA GLY F 407 -14.65 -59.31 40.40
C GLY F 407 -14.21 -57.94 40.92
N ASN F 408 -14.93 -56.89 40.53
CA ASN F 408 -14.40 -55.53 40.59
C ASN F 408 -14.82 -54.79 41.86
N ASN F 409 -14.21 -53.63 42.12
CA ASN F 409 -14.63 -52.82 43.23
C ASN F 409 -14.50 -51.33 42.90
N PHE F 410 -15.08 -50.49 43.74
CA PHE F 410 -15.12 -49.04 43.56
C PHE F 410 -14.58 -48.36 44.78
N THR F 411 -13.78 -47.32 44.59
CA THR F 411 -13.31 -46.59 45.73
C THR F 411 -13.22 -45.12 45.39
N PHE F 412 -13.44 -44.25 46.38
CA PHE F 412 -13.01 -42.86 46.23
C PHE F 412 -12.78 -42.25 47.59
N SER F 413 -11.97 -41.17 47.63
CA SER F 413 -11.86 -40.35 48.83
C SER F 413 -12.28 -38.91 48.66
N TYR F 414 -12.49 -38.26 49.80
CA TYR F 414 -13.03 -36.94 49.87
C TYR F 414 -12.46 -36.20 51.10
N THR F 415 -12.31 -34.87 51.00
CA THR F 415 -11.87 -34.08 52.10
C THR F 415 -12.98 -33.08 52.32
N PHE F 416 -13.30 -32.87 53.59
CA PHE F 416 -14.22 -31.84 54.01
C PHE F 416 -13.57 -30.48 54.09
N GLU F 417 -14.35 -29.45 53.76
CA GLU F 417 -13.96 -28.08 53.88
C GLU F 417 -13.78 -27.77 55.37
N GLU F 418 -13.19 -26.62 55.66
CA GLU F 418 -13.03 -26.20 57.04
C GLU F 418 -14.38 -25.75 57.55
N VAL F 419 -14.78 -26.26 58.71
CA VAL F 419 -16.05 -25.91 59.31
C VAL F 419 -15.89 -25.78 60.81
N PRO F 420 -16.74 -24.95 61.44
CA PRO F 420 -16.68 -24.78 62.89
C PRO F 420 -17.00 -26.09 63.58
N PHE F 421 -16.33 -26.36 64.69
CA PHE F 421 -16.61 -27.57 65.44
C PHE F 421 -18.03 -27.51 65.94
N HIS F 422 -18.75 -28.61 65.90
CA HIS F 422 -20.07 -28.64 66.51
C HIS F 422 -20.06 -28.44 68.02
N SER F 423 -20.93 -27.61 68.57
CA SER F 423 -20.84 -27.37 70.00
C SER F 423 -21.49 -28.51 70.82
N SER F 424 -20.65 -29.40 71.33
CA SER F 424 -21.11 -30.45 72.22
C SER F 424 -20.96 -30.05 73.67
N TYR F 425 -21.72 -29.05 74.07
CA TYR F 425 -21.70 -28.52 75.42
C TYR F 425 -22.93 -27.66 75.64
N ALA F 426 -23.43 -27.63 76.88
CA ALA F 426 -24.29 -26.55 77.33
C ALA F 426 -23.48 -25.45 77.99
N HIS F 427 -23.99 -24.23 77.92
CA HIS F 427 -23.45 -23.15 78.74
C HIS F 427 -23.86 -23.29 80.20
N SER F 428 -23.01 -22.82 81.11
CA SER F 428 -23.31 -22.81 82.53
C SER F 428 -23.48 -21.38 83.04
N GLN F 429 -23.81 -20.49 82.11
CA GLN F 429 -24.13 -19.10 82.42
C GLN F 429 -25.20 -18.76 81.44
N SER F 430 -25.96 -17.70 81.68
CA SER F 430 -26.92 -17.21 80.72
C SER F 430 -26.70 -15.75 80.40
N LEU F 431 -27.23 -15.29 79.27
CA LEU F 431 -26.83 -14.00 78.70
C LEU F 431 -27.03 -12.91 79.72
N ASP F 432 -28.09 -13.11 80.51
CA ASP F 432 -28.62 -12.15 81.46
C ASP F 432 -28.03 -12.32 82.84
N ARG F 433 -27.10 -13.24 82.97
CA ARG F 433 -26.38 -13.38 84.21
C ARG F 433 -24.87 -13.35 84.00
N LEU F 434 -24.39 -12.38 83.23
CA LEU F 434 -22.92 -12.31 82.99
C LEU F 434 -22.20 -11.38 83.95
N MET F 435 -22.91 -10.55 84.69
CA MET F 435 -22.30 -9.55 85.52
C MET F 435 -21.64 -10.10 86.78
N ASN F 436 -20.81 -9.25 87.39
CA ASN F 436 -20.24 -9.56 88.69
C ASN F 436 -21.32 -9.25 89.73
N PRO F 437 -21.78 -10.28 90.45
CA PRO F 437 -22.87 -10.17 91.39
C PRO F 437 -22.51 -9.45 92.68
N LEU F 438 -21.29 -8.90 92.78
CA LEU F 438 -20.88 -8.18 94.00
C LEU F 438 -20.85 -6.69 93.83
N ILE F 439 -20.63 -6.23 92.59
CA ILE F 439 -20.24 -4.84 92.35
C ILE F 439 -21.33 -4.09 91.59
N ASP F 440 -21.53 -2.82 91.91
CA ASP F 440 -22.39 -2.01 91.09
C ASP F 440 -21.73 -1.73 89.72
N GLN F 441 -22.55 -1.28 88.75
CA GLN F 441 -22.04 -0.62 87.54
C GLN F 441 -21.74 0.82 87.82
N TYR F 442 -21.05 1.51 86.90
CA TYR F 442 -20.84 2.97 86.98
C TYR F 442 -21.94 3.64 86.13
N LEU F 443 -22.75 2.79 85.50
CA LEU F 443 -23.81 3.22 84.60
C LEU F 443 -25.19 3.38 85.29
N TYR F 444 -25.98 4.32 84.78
CA TYR F 444 -27.24 4.67 85.42
C TYR F 444 -28.36 4.40 84.44
N TYR F 445 -29.56 4.17 84.94
CA TYR F 445 -30.74 3.99 84.10
C TYR F 445 -31.91 4.69 84.75
N LEU F 446 -32.85 5.14 83.95
CA LEU F 446 -34.05 5.76 84.44
C LEU F 446 -34.84 4.71 85.20
N ASN F 447 -34.99 4.94 86.51
CA ASN F 447 -35.64 3.99 87.42
C ASN F 447 -37.10 4.29 87.69
N ARG F 448 -37.41 5.58 87.91
CA ARG F 448 -38.79 6.00 88.11
C ARG F 448 -39.17 7.23 87.32
N THR F 449 -40.39 7.19 86.78
CA THR F 449 -41.03 8.35 86.17
C THR F 449 -42.07 9.02 87.08
N GLN F 450 -42.11 8.58 88.33
CA GLN F 450 -42.76 9.33 89.39
C GLN F 450 -42.32 8.87 90.77
N ASN F 451 -42.28 9.79 91.72
CA ASN F 451 -42.09 9.46 93.12
C ASN F 451 -43.22 8.59 93.67
N GLN F 452 -42.86 7.52 94.37
CA GLN F 452 -41.79 7.56 95.36
C GLN F 452 -42.23 8.01 96.75
N SER F 453 -43.54 8.15 96.95
CA SER F 453 -44.07 8.28 98.29
C SER F 453 -43.39 9.42 99.08
N GLY F 454 -43.22 10.56 98.44
CA GLY F 454 -44.19 11.63 98.60
C GLY F 454 -45.55 11.27 98.06
N SER F 455 -46.59 11.73 98.74
CA SER F 455 -47.96 11.79 98.22
C SER F 455 -48.17 12.94 97.23
N ALA F 456 -49.17 12.79 96.34
CA ALA F 456 -49.77 11.48 96.00
C ALA F 456 -49.28 10.69 94.76
N GLN F 457 -49.37 11.27 93.58
CA GLN F 457 -48.58 10.81 92.46
C GLN F 457 -47.99 12.05 91.82
N ASN F 458 -46.70 12.03 91.55
CA ASN F 458 -46.07 13.15 90.87
C ASN F 458 -45.21 12.70 89.69
N LYS F 459 -45.19 13.50 88.64
CA LYS F 459 -44.21 13.30 87.56
C LYS F 459 -42.79 13.55 88.04
N ASP F 460 -41.88 12.63 87.72
CA ASP F 460 -40.51 12.73 88.15
C ASP F 460 -39.61 12.02 87.17
N LEU F 461 -38.31 12.23 87.32
CA LEU F 461 -37.32 11.51 86.56
C LEU F 461 -36.26 11.11 87.57
N LEU F 462 -36.30 9.83 87.95
CA LEU F 462 -35.38 9.28 88.91
C LEU F 462 -34.50 8.17 88.36
N PHE F 463 -33.18 8.29 88.57
CA PHE F 463 -32.18 7.44 87.94
C PHE F 463 -31.44 6.64 89.00
N SER F 464 -31.17 5.38 88.69
CA SER F 464 -30.45 4.47 89.58
C SER F 464 -29.26 3.83 88.90
N ARG F 465 -28.26 3.49 89.68
CA ARG F 465 -27.17 2.81 89.08
C ARG F 465 -27.32 1.27 89.18
N GLY F 466 -26.90 0.60 88.11
CA GLY F 466 -26.81 -0.83 88.09
C GLY F 466 -26.28 -1.47 89.37
N SER F 467 -26.95 -2.51 89.78
CA SER F 467 -26.79 -3.02 91.12
C SER F 467 -27.17 -4.49 91.15
N PRO F 468 -26.50 -5.28 91.99
CA PRO F 468 -26.83 -6.73 92.05
C PRO F 468 -28.28 -7.06 92.44
N ALA F 469 -28.98 -6.14 93.08
CA ALA F 469 -30.37 -6.39 93.36
C ALA F 469 -31.25 -6.15 92.14
N GLY F 470 -30.69 -5.64 91.03
CA GLY F 470 -31.50 -5.29 89.85
C GLY F 470 -30.86 -5.77 88.57
N MET F 471 -30.60 -7.05 88.48
CA MET F 471 -29.92 -7.63 87.34
C MET F 471 -30.77 -7.61 86.10
N SER F 472 -32.08 -7.54 86.27
CA SER F 472 -32.95 -7.37 85.13
C SER F 472 -32.92 -5.96 84.51
N VAL F 473 -32.33 -4.98 85.17
CA VAL F 473 -32.36 -3.61 84.63
C VAL F 473 -30.98 -3.03 84.35
N GLN F 474 -29.95 -3.85 84.48
CA GLN F 474 -28.60 -3.46 84.19
C GLN F 474 -28.35 -3.31 82.72
N PRO F 475 -27.67 -2.22 82.30
CA PRO F 475 -27.19 -2.21 80.93
C PRO F 475 -26.39 -3.46 80.62
N LYS F 476 -26.48 -3.98 79.40
CA LYS F 476 -25.62 -5.08 78.93
C LYS F 476 -25.14 -4.93 77.48
N ASN F 477 -24.24 -5.83 77.07
CA ASN F 477 -23.61 -5.77 75.76
C ASN F 477 -24.33 -6.56 74.70
N TRP F 478 -25.06 -7.59 75.12
CA TRP F 478 -25.56 -8.64 74.18
C TRP F 478 -27.05 -8.86 74.14
N LEU F 479 -27.54 -9.34 73.01
CA LEU F 479 -28.93 -9.71 72.87
C LEU F 479 -29.06 -11.22 72.64
N PRO F 480 -30.19 -11.85 73.04
CA PRO F 480 -30.39 -13.26 72.75
C PRO F 480 -30.73 -13.46 71.30
N GLY F 481 -30.75 -14.71 70.83
CA GLY F 481 -30.84 -15.02 69.41
C GLY F 481 -32.18 -14.65 68.80
N PRO F 482 -32.30 -14.86 67.51
CA PRO F 482 -33.49 -14.64 66.75
C PRO F 482 -34.70 -15.54 67.17
N CYS F 483 -35.87 -15.20 66.65
CA CYS F 483 -37.07 -15.82 67.12
C CYS F 483 -38.12 -15.81 66.04
N TYR F 484 -38.70 -16.98 65.87
CA TYR F 484 -39.88 -17.16 65.08
C TYR F 484 -40.92 -18.01 65.85
N ARG F 485 -41.81 -17.33 66.54
CA ARG F 485 -42.62 -18.00 67.55
C ARG F 485 -43.40 -19.17 67.01
N GLN F 486 -43.52 -20.19 67.85
CA GLN F 486 -44.29 -21.37 67.51
C GLN F 486 -45.30 -21.71 68.58
N GLN F 487 -46.30 -22.48 68.17
CA GLN F 487 -47.42 -22.79 69.03
C GLN F 487 -47.09 -23.85 70.05
N ARG F 488 -47.37 -23.54 71.31
CA ARG F 488 -47.02 -24.42 72.43
C ARG F 488 -48.04 -25.55 72.59
N VAL F 489 -47.61 -26.79 72.54
CA VAL F 489 -48.56 -27.86 72.79
C VAL F 489 -48.14 -28.82 73.88
N SER F 490 -49.09 -29.21 74.72
CA SER F 490 -48.83 -30.13 75.84
C SER F 490 -48.88 -31.63 75.49
N LYS F 491 -48.06 -32.39 76.21
CA LYS F 491 -48.01 -33.83 76.08
C LYS F 491 -49.21 -34.52 76.75
N THR F 492 -49.83 -33.85 77.71
CA THR F 492 -51.10 -34.31 78.26
C THR F 492 -52.23 -33.64 77.48
N LYS F 493 -52.91 -34.42 76.66
CA LYS F 493 -53.89 -33.91 75.68
C LYS F 493 -54.96 -32.97 76.23
N THR F 494 -55.39 -33.23 77.47
CA THR F 494 -56.41 -32.44 78.16
C THR F 494 -56.14 -30.94 78.27
N ASP F 495 -54.87 -30.56 78.18
CA ASP F 495 -54.46 -29.15 78.23
C ASP F 495 -54.75 -28.43 76.96
N ASN F 496 -54.77 -29.15 75.84
CA ASN F 496 -54.85 -28.52 74.52
C ASN F 496 -56.25 -28.09 74.11
N ASN F 497 -56.32 -27.28 73.07
CA ASN F 497 -57.60 -26.89 72.52
C ASN F 497 -58.24 -28.09 71.85
N ASN F 498 -59.56 -28.18 71.89
CA ASN F 498 -60.24 -29.22 71.14
C ASN F 498 -60.48 -28.84 69.68
N SER F 499 -59.42 -28.86 68.88
CA SER F 499 -59.55 -28.72 67.43
C SER F 499 -58.30 -29.29 66.79
N ASN F 500 -58.29 -29.30 65.46
CA ASN F 500 -57.13 -29.68 64.72
C ASN F 500 -56.47 -28.43 64.21
N PHE F 501 -55.48 -27.93 64.95
CA PHE F 501 -54.84 -26.66 64.63
C PHE F 501 -53.41 -26.70 64.05
N THR F 502 -52.92 -27.88 63.68
CA THR F 502 -51.52 -27.95 63.24
C THR F 502 -51.15 -27.14 61.98
N TRP F 503 -51.90 -27.35 60.91
CA TRP F 503 -51.74 -26.53 59.72
C TRP F 503 -52.24 -25.11 59.97
N THR F 504 -53.37 -25.00 60.67
CA THR F 504 -54.04 -23.72 60.86
C THR F 504 -53.44 -22.83 61.95
N GLY F 505 -52.82 -23.45 62.97
CA GLY F 505 -52.11 -22.71 63.99
C GLY F 505 -50.61 -22.72 63.79
N ALA F 506 -50.17 -23.42 62.74
CA ALA F 506 -48.75 -23.57 62.45
C ALA F 506 -48.03 -22.33 61.94
N SER F 507 -46.77 -22.20 62.32
CA SER F 507 -45.87 -21.24 61.80
C SER F 507 -45.46 -21.75 60.41
N LYS F 508 -45.81 -20.98 59.39
CA LYS F 508 -45.57 -21.33 57.98
C LYS F 508 -44.90 -20.24 57.17
N TYR F 509 -44.17 -20.63 56.14
CA TYR F 509 -43.66 -19.65 55.23
C TYR F 509 -44.36 -19.81 53.92
N ASN F 510 -44.31 -18.77 53.10
CA ASN F 510 -45.17 -18.69 51.92
C ASN F 510 -44.27 -18.44 50.73
N LEU F 511 -44.23 -19.40 49.84
CA LEU F 511 -43.30 -19.38 48.73
C LEU F 511 -44.02 -19.64 47.45
N ASN F 512 -44.01 -18.64 46.57
CA ASN F 512 -44.72 -18.74 45.32
C ASN F 512 -46.14 -19.30 45.56
N GLY F 513 -46.91 -18.64 46.43
CA GLY F 513 -48.30 -19.03 46.71
C GLY F 513 -48.52 -20.38 47.39
N ARG F 514 -47.41 -21.04 47.69
CA ARG F 514 -47.41 -22.31 48.40
C ARG F 514 -46.91 -22.24 49.85
N GLU F 515 -47.73 -22.75 50.76
CA GLU F 515 -47.35 -22.76 52.17
C GLU F 515 -46.55 -23.98 52.60
N SER F 516 -45.64 -23.74 53.52
CA SER F 516 -44.76 -24.77 53.99
C SER F 516 -44.62 -24.52 55.49
N ILE F 517 -44.87 -25.57 56.28
CA ILE F 517 -44.62 -25.52 57.72
C ILE F 517 -43.15 -25.26 58.01
N ILE F 518 -42.87 -24.34 58.91
CA ILE F 518 -41.50 -24.10 59.29
C ILE F 518 -41.26 -25.17 60.32
N ASN F 519 -40.37 -26.09 60.00
CA ASN F 519 -40.06 -27.18 60.89
C ASN F 519 -38.71 -27.75 60.58
N PRO F 520 -37.80 -27.79 61.57
CA PRO F 520 -37.88 -27.32 62.96
C PRO F 520 -37.74 -25.80 63.19
N GLY F 521 -37.27 -25.07 62.17
CA GLY F 521 -37.23 -23.62 62.27
C GLY F 521 -36.10 -23.14 63.13
N THR F 522 -36.06 -21.84 63.33
CA THR F 522 -34.99 -21.21 64.07
C THR F 522 -34.58 -22.04 65.31
N ALA F 523 -33.29 -22.18 65.58
CA ALA F 523 -32.86 -22.77 66.86
C ALA F 523 -33.38 -21.98 68.07
N MET F 524 -34.28 -22.61 68.79
CA MET F 524 -34.91 -22.01 69.97
C MET F 524 -35.09 -23.04 71.11
N ALA F 525 -35.04 -22.59 72.37
CA ALA F 525 -35.21 -23.53 73.48
C ALA F 525 -36.62 -24.05 73.47
N SER F 526 -36.76 -25.35 73.67
CA SER F 526 -38.06 -26.03 73.64
C SER F 526 -39.07 -25.65 74.72
N HIS F 527 -38.60 -25.32 75.91
CA HIS F 527 -39.48 -24.91 77.00
C HIS F 527 -38.64 -24.24 78.05
N LYS F 528 -39.22 -23.27 78.77
CA LYS F 528 -38.53 -22.69 79.91
C LYS F 528 -38.50 -23.66 81.09
N ASP F 529 -37.77 -23.29 82.11
CA ASP F 529 -37.62 -24.11 83.31
C ASP F 529 -38.92 -24.71 83.80
N ASP F 530 -38.87 -25.98 84.17
CA ASP F 530 -39.98 -26.65 84.83
C ASP F 530 -41.14 -26.97 83.93
N GLU F 531 -40.97 -26.92 82.62
CA GLU F 531 -42.12 -27.05 81.76
C GLU F 531 -41.85 -28.07 80.68
N ASP F 532 -41.23 -29.17 81.06
CA ASP F 532 -40.81 -30.17 80.10
C ASP F 532 -41.98 -30.85 79.42
N LYS F 533 -43.20 -30.56 79.86
CA LYS F 533 -44.35 -31.16 79.23
C LYS F 533 -44.84 -30.48 77.92
N PHE F 534 -44.38 -29.25 77.67
CA PHE F 534 -44.71 -28.50 76.45
C PHE F 534 -43.62 -28.61 75.37
N PHE F 535 -43.99 -28.43 74.11
CA PHE F 535 -43.02 -28.41 73.05
C PHE F 535 -43.58 -27.63 71.88
N PRO F 536 -42.66 -27.05 71.05
CA PRO F 536 -43.18 -26.31 69.93
C PRO F 536 -43.84 -27.33 69.01
N MET F 537 -45.03 -26.99 68.49
CA MET F 537 -45.73 -27.79 67.52
C MET F 537 -44.87 -28.33 66.37
N SER F 538 -43.99 -27.50 65.83
CA SER F 538 -43.10 -28.00 64.79
C SER F 538 -41.66 -27.49 64.93
N GLY F 539 -41.19 -27.33 66.17
CA GLY F 539 -39.86 -26.80 66.46
C GLY F 539 -38.91 -27.77 67.15
N VAL F 540 -39.26 -29.05 67.16
CA VAL F 540 -38.36 -30.07 67.68
C VAL F 540 -38.26 -31.25 66.72
N MET F 541 -37.07 -31.80 66.69
CA MET F 541 -36.80 -32.94 65.86
C MET F 541 -37.50 -34.08 66.56
N ILE F 542 -38.18 -34.92 65.78
CA ILE F 542 -38.91 -36.05 66.37
C ILE F 542 -38.66 -37.41 65.66
N PHE F 543 -38.09 -38.34 66.40
CA PHE F 543 -37.80 -39.68 65.86
C PHE F 543 -38.91 -40.71 66.14
N GLY F 544 -39.08 -41.63 65.23
CA GLY F 544 -40.10 -42.62 65.44
C GLY F 544 -39.50 -43.79 66.14
N LYS F 545 -40.29 -44.44 66.97
CA LYS F 545 -39.88 -45.75 67.49
C LYS F 545 -40.05 -46.80 66.42
N GLU F 546 -39.47 -47.99 66.67
CA GLU F 546 -39.51 -49.07 65.70
C GLU F 546 -40.87 -49.75 65.73
N SER F 547 -41.78 -49.22 66.55
CA SER F 547 -43.17 -49.63 66.51
C SER F 547 -44.06 -48.64 65.75
N ALA F 548 -43.56 -47.43 65.49
CA ALA F 548 -44.36 -46.37 64.92
C ALA F 548 -44.88 -46.70 63.52
N GLY F 549 -46.17 -46.45 63.31
CA GLY F 549 -46.77 -46.46 62.00
C GLY F 549 -46.38 -45.19 61.25
N ALA F 550 -46.58 -45.21 59.94
CA ALA F 550 -46.21 -44.13 59.06
C ALA F 550 -46.97 -42.85 59.34
N SER F 551 -48.24 -42.99 59.69
CA SER F 551 -49.07 -41.80 59.88
C SER F 551 -50.09 -41.88 61.02
N ASN F 552 -50.29 -40.74 61.68
CA ASN F 552 -51.17 -40.66 62.85
C ASN F 552 -50.90 -41.75 63.92
N THR F 553 -49.64 -41.91 64.26
CA THR F 553 -49.27 -42.81 65.30
C THR F 553 -49.27 -42.02 66.62
N ALA F 554 -49.35 -42.76 67.71
CA ALA F 554 -49.48 -42.19 69.06
C ALA F 554 -48.17 -41.71 69.69
N LEU F 555 -48.33 -40.87 70.73
CA LEU F 555 -47.25 -40.19 71.38
C LEU F 555 -46.13 -41.13 71.82
N ASP F 556 -46.50 -42.32 72.26
CA ASP F 556 -45.52 -43.24 72.82
C ASP F 556 -44.79 -44.07 71.77
N ASN F 557 -45.08 -43.83 70.50
CA ASN F 557 -44.30 -44.44 69.47
C ASN F 557 -43.32 -43.46 68.89
N VAL F 558 -43.23 -42.26 69.45
CA VAL F 558 -42.25 -41.29 68.93
C VAL F 558 -41.32 -40.86 70.05
N MET F 559 -40.20 -40.25 69.67
CA MET F 559 -39.28 -39.68 70.62
C MET F 559 -39.05 -38.26 70.22
N ILE F 560 -39.42 -37.36 71.12
CA ILE F 560 -39.30 -35.94 70.86
C ILE F 560 -38.02 -35.45 71.46
N THR F 561 -37.19 -34.79 70.66
CA THR F 561 -36.00 -34.14 71.21
C THR F 561 -36.32 -32.96 72.14
N ASP F 562 -35.32 -32.54 72.92
CA ASP F 562 -35.47 -31.43 73.81
C ASP F 562 -34.25 -30.57 73.61
N GLU F 563 -34.45 -29.30 73.26
CA GLU F 563 -33.34 -28.40 73.02
C GLU F 563 -33.26 -27.36 74.12
N GLU F 564 -33.61 -27.77 75.33
CA GLU F 564 -33.67 -26.88 76.49
C GLU F 564 -32.36 -26.25 76.93
N GLU F 565 -31.25 -26.93 76.65
CA GLU F 565 -29.93 -26.42 77.03
C GLU F 565 -29.62 -25.03 76.46
N ILE F 566 -30.22 -24.67 75.32
CA ILE F 566 -29.88 -23.41 74.70
C ILE F 566 -30.60 -22.20 75.25
N LYS F 567 -31.39 -22.40 76.30
CA LYS F 567 -32.10 -21.29 76.91
C LYS F 567 -31.25 -20.29 77.69
N ALA F 568 -29.99 -20.63 77.89
CA ALA F 568 -29.02 -19.64 78.31
C ALA F 568 -28.82 -18.47 77.32
N THR F 569 -29.03 -18.69 76.00
CA THR F 569 -28.75 -17.70 74.93
C THR F 569 -29.86 -17.50 73.91
N ASN F 570 -30.68 -18.52 73.74
CA ASN F 570 -31.65 -18.57 72.65
C ASN F 570 -33.06 -18.43 73.19
N PRO F 571 -33.87 -17.54 72.60
CA PRO F 571 -35.24 -17.45 73.06
C PRO F 571 -35.95 -18.85 73.13
N VAL F 572 -36.82 -19.00 74.12
CA VAL F 572 -37.73 -20.14 74.15
C VAL F 572 -38.75 -20.07 72.99
N ALA F 573 -38.99 -21.21 72.38
CA ALA F 573 -39.63 -21.31 71.06
C ALA F 573 -41.09 -20.96 71.03
N THR F 574 -41.73 -20.93 72.19
CA THR F 574 -43.19 -20.73 72.23
C THR F 574 -43.58 -19.44 72.92
N GLU F 575 -42.63 -18.53 73.10
CA GLU F 575 -42.88 -17.29 73.79
C GLU F 575 -42.46 -16.17 72.90
N ARG F 576 -42.88 -14.96 73.22
CA ARG F 576 -42.36 -13.78 72.54
C ARG F 576 -40.83 -13.67 72.66
N PHE F 577 -40.21 -13.02 71.69
CA PHE F 577 -38.82 -12.60 71.86
C PHE F 577 -38.78 -11.52 72.93
N GLY F 578 -39.74 -10.60 72.92
CA GLY F 578 -39.76 -9.56 73.90
C GLY F 578 -40.84 -8.55 73.67
N THR F 579 -40.57 -7.31 74.06
CA THR F 579 -41.55 -6.22 73.96
C THR F 579 -40.89 -4.99 73.38
N VAL F 580 -41.68 -4.18 72.65
CA VAL F 580 -41.20 -2.98 71.96
C VAL F 580 -42.16 -1.86 72.24
N ALA F 581 -41.63 -0.65 72.36
CA ALA F 581 -42.45 0.55 72.34
C ALA F 581 -43.14 0.65 70.99
N VAL F 582 -44.33 1.22 71.01
CA VAL F 582 -45.10 1.42 69.78
C VAL F 582 -45.76 2.80 69.64
N ASN F 583 -45.46 3.76 70.52
CA ASN F 583 -46.07 5.08 70.41
C ASN F 583 -45.24 6.11 71.13
N PHE F 584 -45.69 7.36 71.16
CA PHE F 584 -45.03 8.38 71.97
C PHE F 584 -45.90 8.72 73.16
N GLN F 585 -45.43 8.39 74.37
CA GLN F 585 -46.16 8.68 75.61
C GLN F 585 -46.13 10.19 75.86
N SER F 586 -47.16 10.70 76.53
CA SER F 586 -47.20 12.11 76.97
C SER F 586 -48.21 12.20 78.07
N SER F 587 -48.42 13.39 78.64
CA SER F 587 -49.51 13.50 79.61
C SER F 587 -50.84 13.04 78.99
N SER F 588 -51.06 13.31 77.70
CA SER F 588 -52.32 12.94 77.06
C SER F 588 -52.33 11.46 76.64
N THR F 589 -51.17 10.92 76.29
CA THR F 589 -51.11 9.57 75.71
C THR F 589 -50.27 8.60 76.53
N ASP F 590 -50.90 7.51 76.93
CA ASP F 590 -50.23 6.51 77.75
C ASP F 590 -49.23 5.63 77.00
N PRO F 591 -48.08 5.35 77.62
CA PRO F 591 -47.07 4.54 76.94
C PRO F 591 -47.60 3.19 76.52
N ALA F 592 -47.42 2.84 75.26
CA ALA F 592 -47.87 1.54 74.81
C ALA F 592 -46.70 0.69 74.34
N THR F 593 -46.88 -0.62 74.46
CA THR F 593 -45.86 -1.54 73.98
C THR F 593 -46.53 -2.69 73.34
N GLY F 594 -45.79 -3.43 72.54
CA GLY F 594 -46.35 -4.54 71.82
C GLY F 594 -45.42 -5.74 71.95
N ASP F 595 -46.01 -6.92 71.82
CA ASP F 595 -45.24 -8.17 71.78
C ASP F 595 -44.57 -8.48 70.44
N VAL F 596 -43.31 -8.92 70.51
CA VAL F 596 -42.54 -9.23 69.30
C VAL F 596 -42.49 -10.75 69.21
N HIS F 597 -43.04 -11.29 68.15
CA HIS F 597 -43.12 -12.75 68.00
C HIS F 597 -42.15 -13.27 66.93
N ALA F 598 -41.73 -12.40 66.02
CA ALA F 598 -40.79 -12.81 64.99
C ALA F 598 -39.72 -11.71 64.92
N MET F 599 -38.51 -12.06 65.36
CA MET F 599 -37.41 -11.10 65.41
C MET F 599 -36.22 -11.61 64.60
N GLY F 600 -35.84 -10.81 63.60
CA GLY F 600 -34.67 -11.08 62.79
C GLY F 600 -33.42 -10.70 63.55
N ALA F 601 -32.32 -10.86 62.87
CA ALA F 601 -31.01 -10.61 63.40
C ALA F 601 -30.78 -9.12 63.68
N LEU F 602 -30.27 -8.88 64.89
CA LEU F 602 -29.92 -7.55 65.32
C LEU F 602 -28.47 -7.58 65.69
N PRO F 603 -27.68 -6.51 65.32
CA PRO F 603 -26.29 -6.51 65.76
C PRO F 603 -26.25 -6.82 67.26
N GLY F 604 -25.25 -7.56 67.72
CA GLY F 604 -25.16 -7.87 69.13
C GLY F 604 -25.84 -9.17 69.58
N MET F 605 -26.63 -9.76 68.72
CA MET F 605 -27.24 -11.02 69.06
C MET F 605 -26.24 -12.15 69.05
N VAL F 606 -26.41 -13.08 69.96
CA VAL F 606 -25.59 -14.27 69.96
C VAL F 606 -26.51 -15.49 70.17
N TRP F 607 -26.15 -16.63 69.61
CA TRP F 607 -27.05 -17.77 69.74
C TRP F 607 -26.31 -19.09 69.55
N GLN F 608 -27.02 -20.13 69.90
CA GLN F 608 -26.53 -21.50 69.80
C GLN F 608 -27.34 -22.22 68.74
N ASP F 609 -26.68 -22.96 67.87
CA ASP F 609 -27.39 -23.69 66.78
C ASP F 609 -28.02 -24.98 67.31
N ARG F 610 -28.92 -25.58 66.53
CA ARG F 610 -29.57 -26.79 67.00
C ARG F 610 -28.58 -27.89 67.19
N ASP F 611 -28.86 -28.73 68.18
CA ASP F 611 -27.99 -29.84 68.54
C ASP F 611 -28.10 -30.94 67.50
N VAL F 612 -27.09 -31.80 67.46
CA VAL F 612 -27.15 -32.99 66.63
C VAL F 612 -27.53 -34.19 67.50
N TYR F 613 -27.96 -35.27 66.87
CA TYR F 613 -28.33 -36.46 67.63
C TYR F 613 -27.72 -37.66 67.03
N LEU F 614 -27.50 -38.65 67.87
CA LEU F 614 -26.89 -39.91 67.40
C LEU F 614 -27.64 -40.46 66.17
N GLN F 615 -28.94 -40.24 66.14
CA GLN F 615 -29.69 -40.67 64.96
C GLN F 615 -30.14 -39.58 63.98
N GLY F 616 -29.67 -38.34 64.17
CA GLY F 616 -29.99 -37.25 63.23
C GLY F 616 -29.04 -37.17 62.07
N PRO F 617 -29.25 -36.18 61.19
CA PRO F 617 -28.38 -36.02 60.03
C PRO F 617 -27.03 -35.45 60.48
N ILE F 618 -26.04 -35.52 59.60
CA ILE F 618 -24.74 -34.91 59.84
C ILE F 618 -24.55 -33.56 59.16
N TRP F 619 -24.91 -33.49 57.87
CA TRP F 619 -24.56 -32.35 57.06
C TRP F 619 -25.68 -32.03 56.05
N ALA F 620 -25.60 -30.89 55.37
CA ALA F 620 -26.42 -30.66 54.19
C ALA F 620 -25.64 -29.74 53.27
N LYS F 621 -25.97 -29.77 51.99
CA LYS F 621 -25.42 -28.88 51.03
C LYS F 621 -26.04 -27.50 51.29
N ILE F 622 -25.21 -26.46 51.39
CA ILE F 622 -25.72 -25.11 51.38
C ILE F 622 -26.18 -24.88 49.95
N PRO F 623 -27.41 -24.39 49.78
CA PRO F 623 -27.89 -24.04 48.43
C PRO F 623 -26.96 -23.07 47.75
N HIS F 624 -26.89 -23.18 46.44
CA HIS F 624 -26.05 -22.31 45.65
C HIS F 624 -26.85 -21.03 45.46
N THR F 625 -26.76 -20.10 46.41
CA THR F 625 -27.48 -18.79 46.30
C THR F 625 -26.56 -17.58 46.46
N ASP F 626 -27.00 -16.40 46.07
CA ASP F 626 -26.16 -15.20 46.18
C ASP F 626 -25.88 -14.97 47.64
N GLY F 627 -26.83 -15.37 48.48
CA GLY F 627 -26.89 -15.00 49.90
C GLY F 627 -27.35 -16.13 50.81
N HIS F 628 -26.63 -16.36 51.89
CA HIS F 628 -27.07 -17.28 52.95
C HIS F 628 -26.96 -16.40 54.16
N PHE F 629 -27.43 -16.86 55.29
CA PHE F 629 -27.11 -16.16 56.50
C PHE F 629 -26.97 -17.23 57.55
N HIS F 630 -25.73 -17.42 58.01
CA HIS F 630 -25.42 -18.44 58.98
C HIS F 630 -25.97 -19.78 58.51
N PRO F 631 -25.41 -20.31 57.44
CA PRO F 631 -26.05 -21.44 56.79
C PRO F 631 -25.72 -22.73 57.51
N SER F 632 -26.10 -22.78 58.78
CA SER F 632 -26.07 -24.07 59.50
C SER F 632 -27.45 -24.75 59.32
N PRO F 633 -27.47 -25.98 58.80
CA PRO F 633 -28.70 -26.71 58.40
C PRO F 633 -29.67 -26.76 59.54
N LEU F 634 -30.87 -26.25 59.31
CA LEU F 634 -31.76 -25.97 60.45
C LEU F 634 -32.18 -27.23 61.16
N MET F 635 -32.15 -28.35 60.46
CA MET F 635 -32.42 -29.60 61.11
C MET F 635 -31.24 -30.05 61.96
N GLY F 636 -30.06 -29.42 61.84
CA GLY F 636 -28.94 -29.70 62.75
C GLY F 636 -27.76 -30.28 61.99
N GLY F 637 -26.53 -29.96 62.39
CA GLY F 637 -25.36 -30.37 61.61
C GLY F 637 -24.54 -29.25 60.98
N PHE F 638 -23.78 -29.71 59.99
CA PHE F 638 -22.81 -28.95 59.28
C PHE F 638 -23.35 -28.57 57.93
N GLY F 639 -23.29 -27.27 57.66
CA GLY F 639 -23.49 -26.77 56.32
C GLY F 639 -22.22 -26.85 55.52
N LEU F 640 -22.34 -27.42 54.34
CA LEU F 640 -21.19 -27.58 53.45
C LEU F 640 -21.43 -27.00 52.07
N LYS F 641 -20.58 -26.06 51.66
CA LYS F 641 -20.63 -25.58 50.28
C LYS F 641 -20.46 -26.83 49.38
N ASN F 642 -19.43 -27.65 49.61
CA ASN F 642 -19.04 -28.75 48.73
C ASN F 642 -19.04 -30.03 49.53
N PRO F 643 -20.25 -30.57 49.78
CA PRO F 643 -20.52 -31.69 50.65
C PRO F 643 -20.11 -33.01 50.04
N PRO F 644 -20.16 -34.08 50.82
CA PRO F 644 -19.84 -35.37 50.27
C PRO F 644 -20.73 -35.70 49.09
N PRO F 645 -20.11 -36.02 47.96
CA PRO F 645 -20.84 -36.16 46.73
C PRO F 645 -21.85 -37.32 46.81
N GLN F 646 -22.93 -37.21 46.05
CA GLN F 646 -23.89 -38.31 45.94
C GLN F 646 -23.21 -39.42 45.19
N ILE F 647 -23.57 -40.61 45.60
CA ILE F 647 -23.01 -41.80 45.04
C ILE F 647 -24.13 -42.63 44.50
N LEU F 648 -24.14 -42.77 43.18
CA LEU F 648 -25.22 -43.41 42.46
C LEU F 648 -24.82 -44.78 41.95
N ILE F 649 -25.78 -45.67 41.93
CA ILE F 649 -25.58 -47.08 41.60
C ILE F 649 -26.80 -47.80 41.04
N LYS F 650 -26.57 -48.65 40.04
CA LYS F 650 -27.64 -49.22 39.24
C LYS F 650 -27.17 -50.56 38.69
N ASN F 651 -28.11 -51.49 38.59
CA ASN F 651 -27.89 -52.72 37.84
C ASN F 651 -28.03 -52.50 36.34
N THR F 652 -27.07 -53.00 35.56
CA THR F 652 -27.07 -52.69 34.15
C THR F 652 -28.19 -53.52 33.54
N PRO F 653 -28.97 -52.92 32.60
CA PRO F 653 -30.02 -53.71 31.99
C PRO F 653 -29.42 -54.92 31.27
N VAL F 654 -30.06 -56.07 31.41
CA VAL F 654 -29.66 -57.25 30.65
C VAL F 654 -30.84 -57.75 29.83
N PRO F 655 -30.84 -57.49 28.50
CA PRO F 655 -31.96 -57.88 27.64
C PRO F 655 -32.32 -59.36 27.80
N ALA F 656 -33.62 -59.65 27.81
CA ALA F 656 -34.11 -60.98 27.48
C ALA F 656 -33.93 -61.24 25.98
N ASN F 657 -34.31 -62.42 25.53
CA ASN F 657 -34.10 -62.78 24.12
C ASN F 657 -34.84 -61.93 23.13
N PRO F 658 -34.12 -61.34 22.15
CA PRO F 658 -34.83 -60.51 21.18
C PRO F 658 -35.56 -61.37 20.15
N PRO F 659 -36.50 -60.76 19.39
CA PRO F 659 -37.04 -61.53 18.25
C PRO F 659 -36.01 -61.87 17.14
N ALA F 660 -36.37 -62.79 16.27
CA ALA F 660 -35.54 -63.17 15.10
C ALA F 660 -35.49 -62.13 13.97
N GLU F 661 -36.43 -61.20 13.94
CA GLU F 661 -36.55 -60.19 12.90
C GLU F 661 -36.39 -58.82 13.56
N PHE F 662 -35.68 -57.89 12.91
CA PHE F 662 -35.40 -56.62 13.54
C PHE F 662 -36.67 -55.91 13.93
N SER F 663 -36.65 -55.24 15.07
CA SER F 663 -37.69 -54.27 15.39
C SER F 663 -37.07 -53.04 16.07
N ALA F 664 -37.48 -51.83 15.67
CA ALA F 664 -36.82 -50.57 16.12
C ALA F 664 -37.39 -50.09 17.45
N THR F 665 -38.51 -50.66 17.85
CA THR F 665 -39.18 -50.26 19.08
C THR F 665 -38.28 -50.47 20.29
N LYS F 666 -38.19 -49.45 21.14
CA LYS F 666 -37.37 -49.53 22.33
C LYS F 666 -37.53 -50.87 23.03
N PHE F 667 -36.42 -51.55 23.29
CA PHE F 667 -36.45 -52.83 23.97
C PHE F 667 -37.20 -52.74 25.29
N ALA F 668 -38.03 -53.74 25.57
CA ALA F 668 -38.87 -53.74 26.77
C ALA F 668 -38.93 -55.08 27.49
N SER F 669 -38.13 -56.02 27.05
CA SER F 669 -38.11 -57.31 27.70
C SER F 669 -36.75 -57.65 28.32
N PHE F 670 -36.70 -57.75 29.65
CA PHE F 670 -35.45 -57.90 30.35
C PHE F 670 -35.47 -59.10 31.29
N ILE F 671 -34.28 -59.67 31.50
CA ILE F 671 -34.03 -60.64 32.56
C ILE F 671 -34.07 -59.92 33.90
N THR F 672 -34.80 -60.49 34.83
CA THR F 672 -35.01 -59.92 36.13
C THR F 672 -33.81 -60.11 37.04
N GLN F 673 -33.27 -59.03 37.56
CA GLN F 673 -32.15 -59.19 38.45
C GLN F 673 -31.99 -58.14 39.53
N TYR F 674 -31.05 -58.42 40.42
CA TYR F 674 -30.70 -57.53 41.47
C TYR F 674 -29.30 -57.85 41.93
N SER F 675 -28.74 -57.03 42.80
CA SER F 675 -27.39 -57.23 43.22
C SER F 675 -27.27 -57.10 44.73
N THR F 676 -26.13 -57.52 45.26
CA THR F 676 -25.84 -57.35 46.65
C THR F 676 -24.32 -57.23 46.80
N GLY F 677 -23.85 -56.61 47.88
CA GLY F 677 -22.42 -56.57 48.19
C GLY F 677 -22.15 -55.94 49.52
N GLN F 678 -20.93 -55.53 49.75
CA GLN F 678 -20.64 -54.69 50.92
C GLN F 678 -20.30 -53.23 50.48
N VAL F 679 -20.45 -52.28 51.42
CA VAL F 679 -20.04 -50.88 51.25
C VAL F 679 -19.32 -50.52 52.53
N SER F 680 -18.30 -49.65 52.43
CA SER F 680 -17.50 -49.23 53.58
C SER F 680 -17.29 -47.75 53.51
N VAL F 681 -17.54 -47.08 54.63
CA VAL F 681 -17.26 -45.68 54.76
C VAL F 681 -16.40 -45.48 55.95
N GLU F 682 -15.27 -44.78 55.77
CA GLU F 682 -14.35 -44.41 56.84
C GLU F 682 -14.33 -42.86 56.88
N ILE F 683 -14.59 -42.32 58.07
CA ILE F 683 -14.48 -40.91 58.32
C ILE F 683 -13.51 -40.57 59.46
N GLU F 684 -12.67 -39.53 59.24
CA GLU F 684 -11.79 -39.02 60.26
C GLU F 684 -12.50 -37.82 60.83
N TRP F 685 -12.61 -37.78 62.15
CA TRP F 685 -13.21 -36.65 62.89
C TRP F 685 -12.20 -35.99 63.80
N GLU F 686 -12.08 -34.66 63.77
CA GLU F 686 -11.15 -33.95 64.65
C GLU F 686 -11.94 -33.62 65.91
N LEU F 687 -11.29 -33.76 67.07
CA LEU F 687 -11.95 -33.51 68.34
C LEU F 687 -11.47 -32.19 68.93
N GLN F 688 -12.41 -31.37 69.38
CA GLN F 688 -12.10 -30.23 70.23
C GLN F 688 -12.13 -30.63 71.69
N LYS F 689 -10.95 -30.79 72.29
CA LYS F 689 -10.83 -31.33 73.63
C LYS F 689 -11.31 -30.33 74.68
N GLU F 690 -11.75 -30.84 75.82
CA GLU F 690 -12.27 -29.99 76.88
C GLU F 690 -11.17 -29.57 77.85
N ASN F 691 -11.24 -28.32 78.31
CA ASN F 691 -10.12 -27.71 79.01
C ASN F 691 -10.56 -27.07 80.32
N SER F 692 -11.45 -27.74 81.04
CA SER F 692 -12.38 -27.07 81.94
C SER F 692 -11.82 -27.00 83.36
N LYS F 693 -11.81 -25.80 83.93
CA LYS F 693 -11.45 -25.62 85.33
C LYS F 693 -12.67 -25.61 86.24
N ARG F 694 -13.75 -26.23 85.78
CA ARG F 694 -14.91 -26.45 86.61
C ARG F 694 -14.60 -27.50 87.67
N TRP F 695 -14.87 -27.12 88.92
CA TRP F 695 -14.45 -27.88 90.07
C TRP F 695 -15.40 -29.06 90.33
N ASN F 696 -16.68 -28.78 90.22
CA ASN F 696 -17.60 -29.82 90.46
C ASN F 696 -17.79 -30.71 89.21
N PRO F 697 -18.34 -31.92 89.42
CA PRO F 697 -18.62 -32.89 88.39
C PRO F 697 -19.67 -32.46 87.38
N GLU F 698 -19.57 -33.04 86.19
CA GLU F 698 -20.43 -32.69 85.08
C GLU F 698 -21.67 -33.63 84.98
N VAL F 699 -22.67 -33.16 84.28
CA VAL F 699 -23.70 -34.04 83.84
C VAL F 699 -23.06 -34.87 82.75
N GLN F 700 -23.34 -36.18 82.79
CA GLN F 700 -22.75 -37.12 81.85
C GLN F 700 -23.84 -38.03 81.32
N TYR F 701 -23.79 -38.34 80.04
CA TYR F 701 -24.76 -39.28 79.54
C TYR F 701 -24.41 -40.64 80.11
N THR F 702 -25.39 -41.31 80.66
CA THR F 702 -25.12 -42.55 81.32
C THR F 702 -26.23 -43.55 81.10
N SER F 703 -25.92 -44.81 81.01
CA SER F 703 -27.03 -45.72 80.92
C SER F 703 -27.55 -45.98 82.30
N ASN F 704 -28.73 -46.56 82.32
CA ASN F 704 -29.41 -46.72 83.59
C ASN F 704 -28.96 -47.98 84.31
N TYR F 705 -28.69 -47.84 85.61
CA TYR F 705 -28.12 -48.91 86.39
C TYR F 705 -29.18 -49.89 86.91
N ALA F 706 -30.39 -49.39 87.10
CA ALA F 706 -31.50 -50.21 87.58
C ALA F 706 -31.73 -51.35 86.60
N LYS F 707 -32.24 -52.45 87.13
CA LYS F 707 -32.42 -53.65 86.35
C LYS F 707 -33.66 -53.62 85.44
N SER F 708 -33.60 -54.31 84.30
CA SER F 708 -34.75 -54.36 83.39
C SER F 708 -34.76 -55.60 82.50
N ALA F 709 -35.86 -55.80 81.78
CA ALA F 709 -35.99 -56.90 80.83
C ALA F 709 -35.07 -56.82 79.60
N ASN F 710 -34.70 -55.62 79.16
CA ASN F 710 -33.83 -55.45 78.00
C ASN F 710 -32.75 -54.41 78.27
N VAL F 711 -31.63 -54.55 77.55
CA VAL F 711 -30.59 -53.55 77.58
C VAL F 711 -30.90 -52.53 76.49
N ASP F 712 -30.70 -51.26 76.84
CA ASP F 712 -30.73 -50.13 75.90
C ASP F 712 -29.78 -50.34 74.73
N PHE F 713 -30.20 -49.91 73.54
CA PHE F 713 -29.38 -50.00 72.33
C PHE F 713 -28.87 -51.41 72.13
N THR F 714 -29.83 -52.31 72.10
CA THR F 714 -29.58 -53.73 71.91
C THR F 714 -30.64 -54.40 71.04
N VAL F 715 -30.39 -55.63 70.65
CA VAL F 715 -31.42 -56.45 69.97
C VAL F 715 -32.30 -57.18 70.97
N ASP F 716 -33.51 -57.48 70.60
CA ASP F 716 -34.40 -58.20 71.48
C ASP F 716 -34.38 -59.69 71.16
N ASN F 717 -35.39 -60.38 71.66
CA ASN F 717 -35.47 -61.82 71.51
C ASN F 717 -35.88 -62.27 70.10
N ASN F 718 -36.22 -61.32 69.24
CA ASN F 718 -36.47 -61.57 67.83
C ASN F 718 -35.38 -61.01 66.94
N GLY F 719 -34.35 -60.42 67.57
CA GLY F 719 -33.20 -59.85 66.87
C GLY F 719 -33.48 -58.49 66.23
N LEU F 720 -34.38 -57.72 66.80
CA LEU F 720 -34.59 -56.38 66.31
C LEU F 720 -33.83 -55.38 67.14
N TYR F 721 -32.81 -54.74 66.53
CA TYR F 721 -32.08 -53.64 67.20
C TYR F 721 -33.06 -52.51 67.41
N THR F 722 -33.08 -51.93 68.62
CA THR F 722 -33.83 -50.67 68.88
C THR F 722 -33.03 -49.52 69.50
N GLU F 723 -33.39 -48.30 69.14
CA GLU F 723 -32.79 -47.11 69.75
C GLU F 723 -33.88 -46.50 70.60
N PRO F 724 -33.76 -46.63 71.93
CA PRO F 724 -34.81 -46.31 72.87
C PRO F 724 -34.93 -44.87 73.22
N ARG F 725 -33.98 -44.04 72.79
CA ARG F 725 -34.10 -42.59 73.00
C ARG F 725 -33.15 -41.88 72.08
N PRO F 726 -33.37 -40.57 71.89
CA PRO F 726 -32.39 -39.78 71.16
C PRO F 726 -31.28 -39.46 72.14
N ILE F 727 -30.07 -39.32 71.65
CA ILE F 727 -29.03 -38.73 72.48
C ILE F 727 -28.43 -37.55 71.78
N GLY F 728 -28.40 -36.41 72.47
CA GLY F 728 -27.82 -35.18 71.91
C GLY F 728 -26.35 -35.22 72.24
N THR F 729 -25.70 -34.07 72.27
CA THR F 729 -24.26 -34.03 72.57
C THR F 729 -23.90 -33.09 73.70
N ARG F 730 -24.87 -32.33 74.18
CA ARG F 730 -24.62 -31.30 75.18
C ARG F 730 -24.70 -31.70 76.64
N TYR F 731 -23.59 -32.26 77.12
CA TYR F 731 -23.37 -32.64 78.55
C TYR F 731 -22.28 -31.87 79.25
N LEU F 732 -21.09 -31.75 78.64
CA LEU F 732 -20.04 -30.92 79.22
C LEU F 732 -20.52 -29.47 79.23
N THR F 733 -19.90 -28.61 80.04
CA THR F 733 -20.31 -27.21 80.08
C THR F 733 -19.16 -26.24 79.77
N ARG F 734 -19.51 -25.12 79.15
CA ARG F 734 -18.60 -23.98 79.06
C ARG F 734 -19.14 -22.80 79.85
N PRO F 735 -18.27 -21.87 80.21
CA PRO F 735 -18.67 -20.48 80.43
C PRO F 735 -19.07 -19.78 79.14
N LEU F 736 -19.80 -18.68 79.26
CA LEU F 736 -20.20 -17.90 78.10
C LEU F 736 -19.08 -16.97 77.63
N GLY G 217 72.67 26.02 -27.85
CA GLY G 217 73.92 26.73 -27.73
C GLY G 217 74.99 25.91 -27.03
N ALA G 218 75.90 25.34 -27.81
CA ALA G 218 77.23 25.03 -27.33
C ALA G 218 78.30 25.79 -28.13
N ASP G 219 79.21 26.44 -27.41
CA ASP G 219 80.64 26.27 -27.66
C ASP G 219 81.11 27.16 -28.80
N GLY G 220 82.39 27.02 -29.16
CA GLY G 220 83.10 28.05 -29.88
C GLY G 220 82.54 28.29 -31.27
N VAL G 221 82.53 29.56 -31.69
CA VAL G 221 83.20 29.96 -32.92
C VAL G 221 83.92 28.78 -33.59
N GLY G 222 84.79 28.12 -32.85
CA GLY G 222 85.58 27.03 -33.38
C GLY G 222 84.76 25.97 -34.08
N ASN G 223 83.60 25.64 -33.50
CA ASN G 223 82.98 24.34 -33.72
C ASN G 223 81.61 24.47 -34.39
N ALA G 224 81.41 23.74 -35.48
CA ALA G 224 80.07 23.53 -36.02
C ALA G 224 79.02 23.09 -34.92
N SER G 225 77.82 23.63 -34.98
CA SER G 225 76.75 23.32 -34.02
C SER G 225 75.71 22.40 -34.63
N GLY G 226 76.02 21.89 -35.82
CA GLY G 226 75.13 20.96 -36.47
C GLY G 226 75.76 20.32 -37.70
N ASN G 227 75.32 19.11 -38.01
CA ASN G 227 75.77 18.52 -39.23
C ASN G 227 74.66 18.61 -40.31
N TRP G 228 74.90 18.01 -41.46
CA TRP G 228 74.01 18.10 -42.62
C TRP G 228 73.27 16.78 -42.69
N HIS G 229 71.98 16.79 -42.39
CA HIS G 229 71.21 15.56 -42.35
C HIS G 229 70.10 15.59 -43.40
N CYS G 230 70.38 15.04 -44.57
CA CYS G 230 69.41 15.09 -45.64
C CYS G 230 69.30 13.69 -46.11
N ASP G 231 68.11 13.07 -46.03
CA ASP G 231 68.01 11.64 -46.22
C ASP G 231 66.59 11.21 -46.33
N SER G 232 66.39 9.94 -46.63
CA SER G 232 65.08 9.34 -46.63
C SER G 232 65.22 7.94 -46.05
N THR G 233 64.34 7.58 -45.14
CA THR G 233 64.26 6.22 -44.64
C THR G 233 62.85 5.65 -44.77
N TRP G 234 62.74 4.41 -45.21
CA TRP G 234 61.49 3.67 -45.10
C TRP G 234 61.65 2.46 -44.20
N LEU G 235 60.75 2.33 -43.22
CA LEU G 235 60.71 1.15 -42.36
C LEU G 235 59.30 0.57 -42.27
N GLY G 236 58.84 -0.07 -43.33
CA GLY G 236 57.44 -0.38 -43.45
C GLY G 236 56.60 0.90 -43.42
N ASP G 237 55.58 0.90 -42.59
CA ASP G 237 54.46 1.83 -42.75
C ASP G 237 54.90 3.28 -42.62
N ARG G 238 55.78 3.56 -41.67
CA ARG G 238 56.39 4.88 -41.57
C ARG G 238 57.28 5.20 -42.78
N VAL G 239 57.22 6.46 -43.22
CA VAL G 239 58.32 7.07 -43.97
C VAL G 239 58.89 8.29 -43.25
N ILE G 240 60.22 8.35 -43.14
CA ILE G 240 60.88 9.50 -42.54
C ILE G 240 61.66 10.32 -43.57
N THR G 241 61.41 11.63 -43.59
CA THR G 241 62.13 12.56 -44.44
C THR G 241 62.88 13.56 -43.62
N THR G 242 64.15 13.69 -43.97
CA THR G 242 64.95 14.73 -43.41
C THR G 242 65.45 15.66 -44.50
N SER G 243 65.26 16.95 -44.30
CA SER G 243 65.89 17.90 -45.20
C SER G 243 66.58 19.10 -44.58
N THR G 244 67.76 19.39 -45.11
CA THR G 244 68.58 20.47 -44.59
C THR G 244 69.02 21.38 -45.73
N ARG G 245 68.98 22.69 -45.47
CA ARG G 245 69.28 23.68 -46.48
C ARG G 245 70.06 24.80 -45.87
N THR G 246 70.67 25.60 -46.74
CA THR G 246 71.39 26.77 -46.30
C THR G 246 70.64 28.06 -46.67
N TRP G 247 70.40 28.91 -45.68
CA TRP G 247 69.52 30.09 -45.84
C TRP G 247 70.31 31.38 -45.79
N ALA G 248 69.69 32.46 -46.25
CA ALA G 248 70.22 33.81 -45.97
C ALA G 248 69.12 34.76 -45.52
N LEU G 249 69.42 35.55 -44.47
CA LEU G 249 68.48 36.46 -43.84
C LEU G 249 69.11 37.83 -43.85
N PRO G 250 68.47 38.78 -44.57
CA PRO G 250 68.83 40.18 -44.54
C PRO G 250 68.17 40.87 -43.38
N THR G 251 68.53 42.13 -43.20
CA THR G 251 67.79 43.02 -42.31
C THR G 251 66.60 43.56 -43.04
N TYR G 252 65.40 43.48 -42.45
CA TYR G 252 64.19 43.95 -43.10
C TYR G 252 63.78 45.27 -42.50
N ASN G 253 63.21 46.16 -43.34
CA ASN G 253 62.53 47.41 -42.95
C ASN G 253 63.46 48.28 -42.12
N ASN G 254 64.76 48.05 -42.25
CA ASN G 254 65.74 48.63 -41.31
C ASN G 254 65.46 48.46 -39.84
N HIS G 255 64.93 47.30 -39.44
CA HIS G 255 64.59 47.01 -38.04
C HIS G 255 63.33 47.71 -37.58
N LEU G 256 62.45 48.07 -38.52
CA LEU G 256 61.26 48.84 -38.22
C LEU G 256 60.00 48.04 -38.47
N TYR G 257 58.92 48.38 -37.78
CA TYR G 257 57.63 47.83 -38.12
C TYR G 257 56.93 48.96 -38.86
N LYS G 258 56.51 48.70 -40.10
CA LYS G 258 55.73 49.72 -40.81
C LYS G 258 54.28 49.38 -40.97
N GLN G 259 53.44 50.41 -40.79
CA GLN G 259 52.05 50.30 -41.16
C GLN G 259 52.03 50.31 -42.66
N ILE G 260 51.22 49.41 -43.24
CA ILE G 260 51.02 49.34 -44.69
C ILE G 260 49.56 49.23 -45.08
N SER G 261 49.26 49.67 -46.30
CA SER G 261 47.88 49.68 -46.77
C SER G 261 47.78 49.98 -48.26
N SER G 262 46.57 49.94 -48.79
CA SER G 262 46.32 50.24 -50.18
C SER G 262 46.06 51.73 -50.47
N ALA G 263 46.27 52.59 -49.49
CA ALA G 263 46.00 54.03 -49.64
C ALA G 263 46.91 54.68 -50.67
N SER G 264 46.39 55.65 -51.41
CA SER G 264 46.85 55.90 -52.77
C SER G 264 46.68 54.65 -53.62
N THR G 265 47.73 54.27 -54.33
CA THR G 265 47.72 53.00 -55.05
C THR G 265 46.80 53.12 -56.27
N GLY G 266 45.55 53.49 -56.00
CA GLY G 266 44.52 53.45 -57.02
C GLY G 266 43.78 52.12 -57.07
N ALA G 267 43.90 51.34 -56.00
CA ALA G 267 43.30 49.99 -55.95
C ALA G 267 41.78 50.02 -55.95
N SER G 268 41.16 48.99 -56.51
CA SER G 268 39.71 48.85 -56.43
C SER G 268 39.28 48.42 -55.03
N ASN G 269 37.99 48.54 -54.73
CA ASN G 269 37.46 48.14 -53.44
C ASN G 269 37.74 46.67 -53.08
N ASP G 270 37.83 45.79 -54.08
CA ASP G 270 38.08 44.38 -53.85
C ASP G 270 39.54 44.09 -53.53
N ASN G 271 40.37 45.11 -53.62
CA ASN G 271 41.79 44.94 -53.32
C ASN G 271 42.31 45.76 -52.13
N HIS G 272 41.44 46.47 -51.42
CA HIS G 272 41.94 47.29 -50.31
C HIS G 272 42.44 46.43 -49.17
N TYR G 273 43.44 46.92 -48.43
CA TYR G 273 43.90 46.24 -47.27
C TYR G 273 44.58 47.10 -46.27
N PHE G 274 44.68 46.61 -45.03
CA PHE G 274 45.41 47.30 -43.97
C PHE G 274 46.13 46.22 -43.22
N GLY G 275 47.37 46.54 -42.87
CA GLY G 275 48.18 45.61 -42.14
C GLY G 275 49.49 46.25 -41.78
N TYR G 276 50.46 45.39 -41.46
CA TYR G 276 51.76 45.81 -40.95
C TYR G 276 52.90 44.91 -41.48
N SER G 277 54.03 45.53 -41.79
CA SER G 277 55.19 44.74 -42.14
C SER G 277 56.25 44.81 -41.06
N THR G 278 57.03 43.77 -40.97
CA THR G 278 57.72 43.43 -39.77
C THR G 278 59.18 43.29 -40.13
N PRO G 279 60.06 43.59 -39.17
CA PRO G 279 61.50 43.36 -39.37
C PRO G 279 61.90 41.88 -39.34
N TRP G 280 60.95 40.97 -39.19
CA TRP G 280 61.26 39.56 -38.99
C TRP G 280 61.24 38.78 -40.31
N GLY G 281 61.96 37.65 -40.36
CA GLY G 281 61.70 36.65 -41.38
C GLY G 281 61.11 35.39 -40.72
N TYR G 282 60.79 34.40 -41.56
CA TYR G 282 60.18 33.18 -41.05
C TYR G 282 60.56 32.00 -41.89
N PHE G 283 60.37 30.82 -41.33
CA PHE G 283 60.63 29.57 -42.05
C PHE G 283 59.35 28.92 -42.44
N ASP G 284 59.39 28.36 -43.65
CA ASP G 284 58.26 27.81 -44.31
C ASP G 284 58.73 26.56 -45.02
N PHE G 285 58.23 25.41 -44.59
CA PHE G 285 58.47 24.16 -45.29
C PHE G 285 57.17 23.59 -45.81
N ASN G 286 56.15 24.43 -46.03
CA ASN G 286 54.79 23.90 -46.28
C ASN G 286 54.61 23.61 -47.76
N ARG G 287 55.46 22.75 -48.26
CA ARG G 287 55.42 22.26 -49.65
C ARG G 287 56.05 20.88 -49.70
N PHE G 288 55.45 19.95 -50.44
CA PHE G 288 55.89 18.56 -50.36
C PHE G 288 57.31 18.45 -50.84
N HIS G 289 57.68 19.21 -51.85
CA HIS G 289 59.07 19.05 -52.33
C HIS G 289 60.19 19.58 -51.39
N CYS G 290 59.81 20.10 -50.22
CA CYS G 290 60.76 20.54 -49.24
C CYS G 290 61.25 19.30 -48.54
N HIS G 291 60.52 18.20 -48.69
CA HIS G 291 60.83 16.98 -47.95
C HIS G 291 61.04 15.73 -48.81
N PHE G 292 60.26 15.62 -49.88
CA PHE G 292 60.27 14.46 -50.72
C PHE G 292 61.04 14.78 -52.01
N SER G 293 62.09 14.04 -52.28
CA SER G 293 62.69 14.08 -53.60
C SER G 293 61.70 13.48 -54.62
N PRO G 294 61.98 13.68 -55.92
CA PRO G 294 61.05 13.21 -56.95
C PRO G 294 60.93 11.73 -56.94
N ARG G 295 62.04 11.07 -56.72
CA ARG G 295 62.04 9.62 -56.65
C ARG G 295 61.24 9.11 -55.45
N ASP G 296 61.40 9.74 -54.29
CA ASP G 296 60.62 9.36 -53.11
C ASP G 296 59.12 9.55 -53.31
N TRP G 297 58.74 10.63 -53.98
CA TRP G 297 57.34 10.96 -54.24
C TRP G 297 56.81 9.84 -55.09
N GLN G 298 57.65 9.45 -56.00
CA GLN G 298 57.31 8.33 -56.85
C GLN G 298 57.09 7.05 -56.06
N ARG G 299 57.97 6.79 -55.11
CA ARG G 299 57.84 5.65 -54.23
C ARG G 299 56.56 5.78 -53.44
N LEU G 300 56.23 7.00 -53.05
CA LEU G 300 55.13 7.19 -52.17
C LEU G 300 53.92 6.78 -52.97
N ILE G 301 53.79 7.41 -54.11
CA ILE G 301 52.52 7.44 -54.78
C ILE G 301 52.17 6.16 -55.53
N ASN G 302 53.17 5.36 -55.84
CA ASN G 302 52.96 4.16 -56.64
C ASN G 302 52.70 2.93 -55.77
N ASN G 303 52.87 3.08 -54.45
CA ASN G 303 52.72 1.94 -53.55
C ASN G 303 51.81 2.08 -52.35
N ASN G 304 51.20 3.26 -52.19
CA ASN G 304 50.38 3.52 -51.00
C ASN G 304 49.03 4.13 -51.31
N TRP G 305 48.01 3.70 -50.57
CA TRP G 305 46.69 4.28 -50.72
C TRP G 305 46.56 5.55 -49.94
N GLY G 306 47.59 5.91 -49.18
CA GLY G 306 47.48 7.13 -48.38
C GLY G 306 48.68 7.37 -47.51
N PHE G 307 48.70 8.52 -46.85
CA PHE G 307 49.75 8.89 -45.93
C PHE G 307 49.39 10.16 -45.18
N ARG G 308 50.05 10.39 -44.05
CA ARG G 308 49.79 11.55 -43.20
C ARG G 308 51.04 11.82 -42.43
N PRO G 309 51.27 13.09 -42.08
CA PRO G 309 52.32 13.45 -41.12
C PRO G 309 51.97 13.07 -39.65
N LYS G 310 53.00 12.67 -38.92
CA LYS G 310 52.86 12.27 -37.52
C LYS G 310 53.68 13.13 -36.57
N ARG G 311 54.96 13.33 -36.89
CA ARG G 311 55.78 14.16 -36.06
C ARG G 311 56.94 14.85 -36.78
N LEU G 312 57.43 15.90 -36.15
CA LEU G 312 58.44 16.75 -36.76
C LEU G 312 59.50 17.19 -35.78
N ASN G 313 60.67 17.46 -36.34
CA ASN G 313 61.82 17.86 -35.58
C ASN G 313 62.46 18.97 -36.37
N PHE G 314 62.71 20.09 -35.72
CA PHE G 314 63.24 21.24 -36.42
C PHE G 314 64.55 21.74 -35.79
N LYS G 315 65.44 22.19 -36.66
CA LYS G 315 66.78 22.58 -36.25
C LYS G 315 67.37 23.74 -37.01
N LEU G 316 67.77 24.75 -36.26
CA LEU G 316 68.49 25.88 -36.80
C LEU G 316 69.86 25.81 -36.23
N PHE G 317 70.83 26.01 -37.08
CA PHE G 317 72.17 25.94 -36.59
C PHE G 317 73.22 26.50 -37.56
N ASN G 318 74.46 26.37 -37.13
CA ASN G 318 75.62 26.91 -37.81
C ASN G 318 75.48 28.33 -38.24
N ILE G 319 75.04 29.18 -37.31
CA ILE G 319 74.65 30.50 -37.69
C ILE G 319 75.90 31.34 -37.87
N GLN G 320 75.84 32.30 -38.78
CA GLN G 320 76.99 33.15 -38.96
C GLN G 320 76.57 34.55 -39.35
N VAL G 321 76.84 35.51 -38.49
CA VAL G 321 76.34 36.85 -38.70
C VAL G 321 77.45 37.69 -39.29
N LYS G 322 77.09 38.47 -40.27
CA LYS G 322 78.08 39.23 -41.05
C LYS G 322 77.75 40.68 -41.20
N GLU G 323 78.78 41.51 -41.14
CA GLU G 323 78.58 42.93 -41.36
C GLU G 323 79.05 43.37 -42.73
N VAL G 324 78.29 44.29 -43.31
CA VAL G 324 78.59 44.84 -44.61
C VAL G 324 78.94 46.30 -44.47
N THR G 325 80.11 46.67 -44.99
CA THR G 325 80.60 48.04 -44.99
C THR G 325 80.86 48.41 -46.44
N THR G 326 80.29 49.53 -46.88
CA THR G 326 80.45 49.98 -48.26
C THR G 326 81.09 51.35 -48.33
N ASN G 327 82.24 51.43 -48.99
CA ASN G 327 82.81 52.71 -49.38
C ASN G 327 83.04 52.80 -50.89
N ASP G 328 82.70 53.95 -51.45
CA ASP G 328 82.65 54.10 -52.91
C ASP G 328 81.24 53.84 -53.42
N GLY G 329 80.93 52.57 -53.67
CA GLY G 329 81.54 51.84 -54.77
C GLY G 329 82.82 51.15 -54.36
N VAL G 330 82.77 50.44 -53.24
CA VAL G 330 83.11 49.02 -53.21
C VAL G 330 82.86 48.42 -51.83
N THR G 331 82.60 47.12 -51.80
CA THR G 331 81.86 46.51 -50.69
C THR G 331 82.68 45.45 -49.99
N THR G 332 82.82 45.59 -48.67
CA THR G 332 83.50 44.60 -47.87
C THR G 332 82.56 43.92 -46.86
N ILE G 333 82.68 42.60 -46.79
CA ILE G 333 81.96 41.82 -45.80
C ILE G 333 82.93 41.20 -44.80
N ALA G 334 82.61 41.26 -43.51
CA ALA G 334 83.35 40.47 -42.53
C ALA G 334 82.39 39.82 -41.53
N ASN G 335 82.91 38.87 -40.77
CA ASN G 335 82.18 38.30 -39.66
C ASN G 335 81.97 39.31 -38.51
N ASN G 336 80.77 39.35 -37.92
CA ASN G 336 80.59 40.04 -36.69
C ASN G 336 80.31 38.99 -35.63
N LEU G 337 81.39 38.57 -34.96
CA LEU G 337 81.36 37.41 -34.12
C LEU G 337 80.43 37.53 -32.90
N THR G 338 80.20 38.73 -32.42
CA THR G 338 79.47 38.92 -31.17
C THR G 338 78.03 39.34 -31.38
N SER G 339 77.55 39.11 -32.61
CA SER G 339 76.21 39.47 -33.04
C SER G 339 75.25 38.31 -32.94
N THR G 340 73.98 38.59 -32.71
CA THR G 340 73.02 37.50 -32.54
C THR G 340 71.92 37.51 -33.61
N VAL G 341 71.36 36.33 -33.83
CA VAL G 341 70.09 36.13 -34.51
C VAL G 341 69.08 35.59 -33.48
N GLN G 342 67.83 36.04 -33.56
CA GLN G 342 66.79 35.73 -32.57
C GLN G 342 65.80 34.80 -33.20
N VAL G 343 65.22 33.89 -32.41
CA VAL G 343 64.27 32.93 -32.92
C VAL G 343 63.24 32.52 -31.91
N PHE G 344 62.04 32.23 -32.39
CA PHE G 344 61.01 31.64 -31.56
C PHE G 344 59.96 30.98 -32.44
N SER G 345 59.27 30.01 -31.83
CA SER G 345 58.13 29.41 -32.46
C SER G 345 56.89 29.94 -31.76
N ASP G 346 55.93 30.38 -32.57
CA ASP G 346 54.64 30.85 -32.07
C ASP G 346 53.74 29.64 -31.71
N SER G 347 54.14 28.91 -30.68
CA SER G 347 53.48 27.64 -30.31
C SER G 347 52.10 27.76 -29.65
N GLU G 348 51.71 28.95 -29.19
CA GLU G 348 50.37 29.19 -28.67
C GLU G 348 49.49 29.91 -29.71
N TYR G 349 50.04 30.04 -30.91
CA TYR G 349 49.39 30.63 -32.11
C TYR G 349 48.90 32.04 -31.87
N GLN G 350 49.70 32.79 -31.15
CA GLN G 350 49.30 34.13 -30.77
C GLN G 350 49.45 35.14 -31.92
N LEU G 351 50.14 34.74 -32.96
CA LEU G 351 50.32 35.59 -34.13
C LEU G 351 49.44 35.20 -35.29
N PRO G 352 49.11 36.20 -36.13
CA PRO G 352 48.35 35.91 -37.34
C PRO G 352 49.04 34.84 -38.16
N TYR G 353 48.27 33.82 -38.56
CA TYR G 353 48.91 32.65 -39.15
C TYR G 353 49.06 32.83 -40.62
N VAL G 354 50.30 32.98 -41.05
CA VAL G 354 50.60 33.40 -42.41
C VAL G 354 51.07 32.26 -43.31
N LEU G 355 51.39 31.10 -42.73
CA LEU G 355 51.52 29.89 -43.54
C LEU G 355 50.15 29.50 -44.14
N GLY G 356 50.16 28.64 -45.17
CA GLY G 356 48.91 28.11 -45.72
C GLY G 356 48.17 29.11 -46.59
N SER G 357 48.96 30.02 -47.13
CA SER G 357 48.45 30.94 -48.13
C SER G 357 49.32 30.77 -49.38
N ALA G 358 50.17 29.77 -49.36
CA ALA G 358 50.86 29.30 -50.58
C ALA G 358 51.86 30.34 -51.07
N HIS G 359 52.44 31.02 -50.11
CA HIS G 359 53.48 31.96 -50.39
C HIS G 359 54.74 31.35 -50.89
N GLN G 360 55.45 32.08 -51.71
CA GLN G 360 56.79 31.63 -52.03
C GLN G 360 57.75 31.93 -50.87
N GLY G 361 58.87 31.24 -50.85
CA GLY G 361 59.92 31.40 -49.83
C GLY G 361 60.09 30.14 -49.00
N CYS G 362 59.51 29.02 -49.42
CA CYS G 362 59.67 27.76 -48.69
C CYS G 362 61.06 27.24 -48.98
N LEU G 363 61.53 26.29 -48.17
CA LEU G 363 62.73 25.55 -48.54
C LEU G 363 62.68 25.10 -49.99
N PRO G 364 63.76 25.30 -50.73
CA PRO G 364 63.77 24.92 -52.12
C PRO G 364 63.74 23.41 -52.34
N PRO G 365 63.17 22.94 -53.46
CA PRO G 365 63.05 21.51 -53.77
C PRO G 365 64.41 20.83 -53.89
N PHE G 366 65.37 21.60 -54.36
CA PHE G 366 66.71 21.08 -54.62
C PHE G 366 67.72 21.38 -53.52
N PRO G 367 68.23 20.33 -52.85
CA PRO G 367 69.00 20.51 -51.63
C PRO G 367 70.21 21.41 -51.79
N ALA G 368 70.74 21.51 -52.99
CA ALA G 368 71.89 22.41 -53.21
C ALA G 368 71.56 23.89 -53.34
N ASP G 369 70.28 24.27 -53.50
CA ASP G 369 69.86 25.68 -53.57
C ASP G 369 69.85 26.40 -52.21
N VAL G 370 70.43 27.60 -52.22
CA VAL G 370 70.43 28.54 -51.09
C VAL G 370 69.18 29.40 -51.19
N PHE G 371 68.55 29.74 -50.08
CA PHE G 371 67.32 30.46 -50.20
C PHE G 371 67.32 31.64 -49.27
N MET G 372 66.61 32.66 -49.69
CA MET G 372 66.40 33.84 -48.88
C MET G 372 65.13 33.66 -48.01
N ILE G 373 65.18 34.04 -46.75
CA ILE G 373 64.02 33.87 -45.86
C ILE G 373 63.01 34.94 -46.19
N PRO G 374 61.73 34.57 -46.33
CA PRO G 374 60.70 35.61 -46.55
C PRO G 374 60.57 36.55 -45.35
N GLN G 375 60.01 37.74 -45.53
CA GLN G 375 59.66 38.70 -44.46
C GLN G 375 58.24 38.46 -43.91
N TYR G 376 58.06 38.55 -42.59
CA TYR G 376 56.72 38.35 -42.04
C TYR G 376 55.98 39.68 -42.18
N GLY G 377 54.77 39.65 -42.73
CA GLY G 377 53.79 40.73 -42.56
C GLY G 377 52.42 40.09 -42.42
N TYR G 378 51.44 40.86 -41.94
CA TYR G 378 50.11 40.31 -41.75
C TYR G 378 49.09 41.41 -42.04
N LEU G 379 47.82 41.03 -42.23
CA LEU G 379 46.70 41.96 -42.35
C LEU G 379 45.74 41.92 -41.15
N THR G 380 44.91 42.96 -41.00
CA THR G 380 43.83 43.02 -40.02
C THR G 380 42.61 43.56 -40.68
N LEU G 381 41.60 43.91 -39.87
CA LEU G 381 40.38 44.43 -40.38
C LEU G 381 40.75 45.71 -41.10
N ASN G 382 40.11 45.91 -42.25
CA ASN G 382 40.18 47.17 -42.98
C ASN G 382 38.79 47.58 -43.51
N ASN G 383 38.55 48.88 -43.49
CA ASN G 383 37.37 49.48 -44.08
C ASN G 383 37.95 50.37 -45.19
N GLY G 384 37.87 49.87 -46.41
CA GLY G 384 38.62 50.49 -47.50
C GLY G 384 40.10 50.39 -47.14
N SER G 385 40.85 51.46 -47.31
CA SER G 385 42.24 51.46 -46.89
C SER G 385 42.48 51.95 -45.44
N GLN G 386 41.41 52.14 -44.68
CA GLN G 386 41.59 52.59 -43.31
C GLN G 386 41.51 51.41 -42.36
N ALA G 387 41.87 51.62 -41.09
CA ALA G 387 41.66 50.60 -40.05
C ALA G 387 40.40 50.83 -39.25
N VAL G 388 40.07 49.88 -38.39
CA VAL G 388 38.91 49.96 -37.47
C VAL G 388 39.46 49.81 -36.03
N GLY G 389 38.66 50.10 -35.01
CA GLY G 389 39.16 50.00 -33.64
C GLY G 389 39.49 48.56 -33.29
N ARG G 390 38.83 47.63 -33.97
CA ARG G 390 38.97 46.21 -33.72
C ARG G 390 40.26 45.64 -34.31
N SER G 391 40.88 46.39 -35.23
CA SER G 391 42.19 46.02 -35.79
C SER G 391 43.29 45.81 -34.78
N SER G 392 44.03 44.73 -35.00
CA SER G 392 45.03 44.25 -34.08
C SER G 392 46.40 44.57 -34.65
N PHE G 393 47.24 45.08 -33.78
CA PHE G 393 48.65 45.24 -34.02
C PHE G 393 49.47 44.34 -33.10
N TYR G 394 50.51 43.72 -33.67
CA TYR G 394 51.36 42.72 -32.98
C TYR G 394 52.83 43.11 -33.03
N CYS G 395 53.51 43.10 -31.89
CA CYS G 395 54.93 43.35 -31.88
C CYS G 395 55.59 42.05 -31.52
N LEU G 396 56.46 41.56 -32.40
CA LEU G 396 57.10 40.24 -32.25
C LEU G 396 58.09 40.08 -31.11
N GLU G 397 58.73 41.19 -30.73
CA GLU G 397 59.60 41.22 -29.57
C GLU G 397 58.83 41.22 -28.24
N TYR G 398 57.51 41.32 -28.32
CA TYR G 398 56.67 41.09 -27.15
C TYR G 398 56.54 39.60 -26.86
N PHE G 399 57.43 38.81 -27.45
CA PHE G 399 57.47 37.35 -27.25
C PHE G 399 58.83 36.94 -26.71
N PRO G 400 58.88 35.97 -25.76
CA PRO G 400 60.23 35.53 -25.42
C PRO G 400 60.93 34.94 -26.68
N SER G 401 62.18 35.30 -26.96
CA SER G 401 62.86 34.60 -28.05
C SER G 401 64.27 34.17 -27.73
N GLN G 402 64.77 33.15 -28.41
CA GLN G 402 66.11 32.69 -28.19
C GLN G 402 67.18 33.49 -28.98
N MET G 403 68.28 33.83 -28.31
CA MET G 403 69.24 34.77 -28.89
C MET G 403 70.55 34.08 -29.19
N LEU G 404 70.86 33.90 -30.48
CA LEU G 404 71.94 33.04 -30.85
C LEU G 404 73.14 33.78 -31.41
N ARG G 405 74.29 33.57 -30.81
CA ARG G 405 75.53 33.96 -31.46
C ARG G 405 76.02 32.79 -32.31
N THR G 406 77.11 33.02 -33.03
CA THR G 406 77.66 32.06 -33.96
C THR G 406 77.87 30.63 -33.41
N GLY G 407 78.02 30.51 -32.10
CA GLY G 407 78.18 29.22 -31.45
C GLY G 407 76.92 28.40 -31.25
N ASN G 408 75.76 29.06 -31.23
CA ASN G 408 74.55 28.47 -30.65
C ASN G 408 73.65 27.81 -31.69
N ASN G 409 72.64 27.07 -31.24
CA ASN G 409 71.68 26.51 -32.15
C ASN G 409 70.30 26.46 -31.54
N PHE G 410 69.27 26.21 -32.36
CA PHE G 410 67.89 26.18 -31.95
C PHE G 410 67.25 24.88 -32.34
N THR G 411 66.45 24.31 -31.47
CA THR G 411 65.76 23.11 -31.83
C THR G 411 64.38 23.10 -31.24
N PHE G 412 63.42 22.47 -31.92
CA PHE G 412 62.17 22.11 -31.24
C PHE G 412 61.54 20.94 -31.95
N SER G 413 60.65 20.21 -31.23
CA SER G 413 59.81 19.20 -31.86
C SER G 413 58.31 19.46 -31.72
N TYR G 414 57.57 18.75 -32.56
CA TYR G 414 56.16 18.94 -32.68
C TYR G 414 55.48 17.59 -33.06
N THR G 415 54.24 17.40 -32.62
CA THR G 415 53.49 16.23 -32.96
C THR G 415 52.25 16.76 -33.65
N PHE G 416 51.89 16.09 -34.74
CA PHE G 416 50.65 16.35 -35.43
C PHE G 416 49.46 15.67 -34.78
N GLU G 417 48.32 16.33 -34.86
CA GLU G 417 47.07 15.81 -34.40
C GLU G 417 46.69 14.62 -35.30
N GLU G 418 45.69 13.86 -34.89
CA GLU G 418 45.23 12.75 -35.71
C GLU G 418 44.44 13.32 -36.87
N VAL G 419 44.78 12.87 -38.08
CA VAL G 419 44.10 13.34 -39.27
C VAL G 419 43.92 12.17 -40.24
N PRO G 420 42.88 12.25 -41.07
CA PRO G 420 42.62 11.20 -42.05
C PRO G 420 43.77 11.11 -43.03
N PHE G 421 44.12 9.91 -43.45
CA PHE G 421 45.18 9.73 -44.43
C PHE G 421 44.75 10.40 -45.71
N HIS G 422 45.68 11.08 -46.37
CA HIS G 422 45.36 11.62 -47.69
C HIS G 422 45.07 10.54 -48.75
N SER G 423 44.03 10.70 -49.55
CA SER G 423 43.71 9.62 -50.47
C SER G 423 44.62 9.66 -51.72
N SER G 424 45.64 8.81 -51.73
CA SER G 424 46.49 8.66 -52.88
C SER G 424 46.03 7.51 -53.76
N TYR G 425 44.86 7.67 -54.35
CA TYR G 425 44.27 6.66 -55.20
C TYR G 425 43.13 7.29 -56.00
N ALA G 426 42.92 6.80 -57.21
CA ALA G 426 41.64 6.99 -57.89
C ALA G 426 40.70 5.82 -57.62
N HIS G 427 39.40 6.08 -57.64
CA HIS G 427 38.42 5.01 -57.67
C HIS G 427 38.36 4.32 -59.03
N SER G 428 38.05 3.04 -59.02
CA SER G 428 37.86 2.27 -60.26
C SER G 428 36.41 1.89 -60.44
N GLN G 429 35.53 2.64 -59.81
CA GLN G 429 34.08 2.50 -59.96
C GLN G 429 33.57 3.91 -59.89
N SER G 430 32.35 4.16 -60.35
CA SER G 430 31.73 5.46 -60.18
C SER G 430 30.39 5.34 -59.51
N LEU G 431 29.90 6.45 -58.94
CA LEU G 431 28.77 6.39 -58.01
C LEU G 431 27.60 5.71 -58.65
N ASP G 432 27.50 5.95 -59.96
CA ASP G 432 26.38 5.56 -60.79
C ASP G 432 26.58 4.22 -61.45
N ARG G 433 27.68 3.58 -61.11
CA ARG G 433 27.90 2.21 -61.58
C ARG G 433 28.22 1.27 -60.42
N LEU G 434 27.44 1.34 -59.34
CA LEU G 434 27.71 0.44 -58.19
C LEU G 434 26.92 -0.84 -58.22
N MET G 435 25.90 -0.94 -59.07
CA MET G 435 25.00 -2.07 -59.06
C MET G 435 25.60 -3.33 -59.65
N ASN G 436 24.92 -4.45 -59.38
CA ASN G 436 25.26 -5.72 -60.02
C ASN G 436 24.65 -5.69 -61.41
N PRO G 437 25.49 -5.73 -62.44
CA PRO G 437 25.07 -5.60 -63.83
C PRO G 437 24.36 -6.83 -64.37
N LEU G 438 24.09 -7.85 -63.53
CA LEU G 438 23.40 -9.05 -63.99
C LEU G 438 21.97 -9.13 -63.54
N ILE G 439 21.67 -8.51 -62.41
CA ILE G 439 20.42 -8.78 -61.70
C ILE G 439 19.50 -7.56 -61.72
N ASP G 440 18.19 -7.78 -61.81
CA ASP G 440 17.26 -6.70 -61.62
C ASP G 440 17.24 -6.26 -60.13
N GLN G 441 16.69 -5.07 -59.88
CA GLN G 441 16.24 -4.69 -58.54
C GLN G 441 14.89 -5.26 -58.24
N TYR G 442 14.43 -5.21 -56.98
CA TYR G 442 13.06 -5.59 -56.61
C TYR G 442 12.22 -4.30 -56.57
N LEU G 443 12.90 -3.18 -56.82
CA LEU G 443 12.30 -1.85 -56.78
C LEU G 443 11.79 -1.35 -58.16
N TYR G 444 10.74 -0.55 -58.12
CA TYR G 444 10.08 -0.12 -59.34
C TYR G 444 10.16 1.39 -59.42
N TYR G 445 10.06 1.92 -60.62
CA TYR G 445 10.04 3.38 -60.82
C TYR G 445 9.05 3.69 -61.92
N LEU G 446 8.45 4.86 -61.87
CA LEU G 446 7.55 5.31 -62.88
C LEU G 446 8.34 5.49 -64.17
N ASN G 447 7.99 4.67 -65.17
CA ASN G 447 8.71 4.63 -66.45
C ASN G 447 8.06 5.45 -67.55
N ARG G 448 6.73 5.37 -67.65
CA ARG G 448 6.00 6.18 -68.61
C ARG G 448 4.77 6.86 -68.03
N THR G 449 4.56 8.09 -68.46
CA THR G 449 3.34 8.85 -68.20
C THR G 449 2.40 8.89 -69.41
N GLN G 450 2.72 8.12 -70.44
CA GLN G 450 1.79 7.86 -71.52
C GLN G 450 2.16 6.61 -72.30
N ASN G 451 1.18 5.94 -72.89
CA ASN G 451 1.45 4.76 -73.71
C ASN G 451 2.10 5.14 -75.03
N GLN G 452 3.23 4.49 -75.33
CA GLN G 452 3.30 3.04 -75.35
C GLN G 452 2.66 2.46 -76.60
N SER G 453 2.89 3.11 -77.74
CA SER G 453 2.11 2.86 -78.94
C SER G 453 0.88 2.03 -78.61
N GLY G 454 -0.07 2.65 -77.91
CA GLY G 454 -1.46 2.63 -78.33
C GLY G 454 -1.96 4.00 -78.75
N SER G 455 -2.24 4.14 -80.04
CA SER G 455 -2.39 5.45 -80.65
C SER G 455 -3.38 6.29 -79.87
N ALA G 456 -3.04 7.56 -79.68
CA ALA G 456 -1.77 8.13 -80.15
C ALA G 456 -0.99 8.28 -78.89
N GLN G 457 -1.23 9.38 -78.20
CA GLN G 457 -0.61 9.63 -76.92
C GLN G 457 -1.74 9.72 -75.92
N ASN G 458 -1.70 8.87 -74.91
CA ASN G 458 -2.73 8.84 -73.90
C ASN G 458 -2.10 8.87 -72.53
N LYS G 459 -2.74 9.56 -71.60
CA LYS G 459 -2.20 9.63 -70.26
C LYS G 459 -2.20 8.22 -69.69
N ASP G 460 -1.12 7.90 -69.01
CA ASP G 460 -0.93 6.58 -68.41
C ASP G 460 0.03 6.70 -67.25
N LEU G 461 0.11 5.64 -66.47
CA LEU G 461 1.08 5.53 -65.41
C LEU G 461 1.64 4.13 -65.52
N LEU G 462 2.84 4.05 -66.08
CA LEU G 462 3.51 2.79 -66.29
C LEU G 462 4.83 2.66 -65.53
N PHE G 463 4.99 1.56 -64.79
CA PHE G 463 6.09 1.37 -63.84
C PHE G 463 6.97 0.21 -64.30
N SER G 464 8.27 0.38 -64.15
CA SER G 464 9.26 -0.65 -64.51
C SER G 464 10.19 -0.96 -63.36
N ARG G 465 10.69 -2.17 -63.33
CA ARG G 465 11.64 -2.46 -62.33
C ARG G 465 13.10 -2.24 -62.80
N GLY G 466 13.92 -1.73 -61.89
CA GLY G 466 15.34 -1.61 -62.12
C GLY G 466 15.99 -2.79 -62.83
N SER G 467 16.82 -2.47 -63.77
CA SER G 467 17.25 -3.45 -64.73
C SER G 467 18.59 -3.01 -65.31
N PRO G 468 19.46 -3.98 -65.65
CA PRO G 468 20.79 -3.61 -66.20
C PRO G 468 20.76 -2.80 -67.50
N ALA G 469 19.66 -2.84 -68.24
CA ALA G 469 19.57 -2.01 -69.42
C ALA G 469 19.23 -0.57 -69.05
N GLY G 470 18.93 -0.27 -67.78
CA GLY G 470 18.49 1.09 -67.38
C GLY G 470 19.18 1.55 -66.13
N MET G 471 20.50 1.58 -66.16
CA MET G 471 21.29 1.93 -65.00
C MET G 471 21.16 3.40 -64.66
N SER G 472 20.79 4.22 -65.64
CA SER G 472 20.50 5.60 -65.34
C SER G 472 19.18 5.84 -64.59
N VAL G 473 18.32 4.85 -64.47
CA VAL G 473 17.03 5.07 -63.82
C VAL G 473 16.78 4.20 -62.59
N GLN G 474 17.80 3.49 -62.17
CA GLN G 474 17.76 2.65 -61.00
C GLN G 474 17.77 3.46 -59.75
N PRO G 475 16.88 3.14 -58.76
CA PRO G 475 17.07 3.72 -57.44
C PRO G 475 18.50 3.51 -56.95
N LYS G 476 19.07 4.47 -56.23
CA LYS G 476 20.35 4.30 -55.56
C LYS G 476 20.43 4.94 -54.15
N ASN G 477 21.53 4.69 -53.45
CA ASN G 477 21.70 5.11 -52.07
C ASN G 477 22.38 6.46 -51.93
N TRP G 478 23.18 6.82 -52.94
CA TRP G 478 24.15 7.94 -52.79
C TRP G 478 24.05 9.06 -53.79
N LEU G 479 24.48 10.25 -53.39
CA LEU G 479 24.53 11.40 -54.28
C LEU G 479 25.99 11.82 -54.51
N PRO G 480 26.32 12.42 -55.67
CA PRO G 480 27.66 12.94 -55.87
C PRO G 480 27.87 14.20 -55.08
N GLY G 481 29.12 14.67 -55.01
CA GLY G 481 29.49 15.76 -54.12
C GLY G 481 28.88 17.10 -54.47
N PRO G 482 29.15 18.09 -53.66
CA PRO G 482 28.71 19.45 -53.86
C PRO G 482 29.28 20.13 -55.12
N CYS G 483 28.73 21.29 -55.45
CA CYS G 483 29.03 21.89 -56.71
C CYS G 483 28.85 23.40 -56.61
N TYR G 484 29.89 24.06 -57.11
CA TYR G 484 29.85 25.48 -57.34
C TYR G 484 30.38 25.80 -58.77
N ARG G 485 29.47 25.89 -59.72
CA ARG G 485 29.87 25.85 -61.12
C ARG G 485 30.88 26.93 -61.48
N GLN G 486 31.77 26.56 -62.37
CA GLN G 486 32.77 27.47 -62.87
C GLN G 486 32.80 27.51 -64.38
N GLN G 487 33.36 28.60 -64.90
CA GLN G 487 33.34 28.85 -66.32
C GLN G 487 34.38 28.03 -67.06
N ARG G 488 33.93 27.35 -68.11
CA ARG G 488 34.78 26.43 -68.85
C ARG G 488 35.64 27.19 -69.88
N VAL G 489 36.95 27.05 -69.81
CA VAL G 489 37.77 27.70 -70.82
C VAL G 489 38.71 26.75 -71.54
N SER G 490 38.82 26.92 -72.85
CA SER G 490 39.69 26.06 -73.67
C SER G 490 41.16 26.52 -73.77
N LYS G 491 42.04 25.53 -73.91
CA LYS G 491 43.46 25.75 -74.07
C LYS G 491 43.82 26.24 -75.49
N THR G 492 42.95 25.94 -76.45
CA THR G 492 43.07 26.52 -77.78
C THR G 492 42.22 27.79 -77.82
N LYS G 493 42.89 28.95 -77.84
CA LYS G 493 42.23 30.26 -77.66
C LYS G 493 41.04 30.54 -78.59
N THR G 494 41.12 30.03 -79.81
CA THR G 494 40.08 30.20 -80.82
C THR G 494 38.67 29.76 -80.42
N ASP G 495 38.59 28.85 -79.44
CA ASP G 495 37.31 28.36 -78.92
C ASP G 495 36.64 29.35 -78.04
N ASN G 496 37.40 30.22 -77.39
CA ASN G 496 36.85 31.11 -76.36
C ASN G 496 36.16 32.34 -76.88
N ASN G 497 35.42 33.01 -76.02
CA ASN G 497 34.80 34.27 -76.39
C ASN G 497 35.87 35.32 -76.57
N ASN G 498 35.66 36.25 -77.49
CA ASN G 498 36.57 37.37 -77.59
C ASN G 498 36.24 38.51 -76.61
N SER G 499 36.55 38.30 -75.33
CA SER G 499 36.49 39.36 -74.35
C SER G 499 37.38 38.97 -73.17
N ASN G 500 37.47 39.88 -72.21
CA ASN G 500 38.15 39.60 -70.99
C ASN G 500 37.11 39.32 -69.92
N PHE G 501 36.81 38.05 -69.72
CA PHE G 501 35.74 37.66 -68.80
C PHE G 501 36.14 37.04 -67.46
N THR G 502 37.41 37.07 -67.09
CA THR G 502 37.83 36.38 -65.88
C THR G 502 37.22 36.88 -64.55
N TRP G 503 37.33 38.17 -64.30
CA TRP G 503 36.65 38.78 -63.17
C TRP G 503 35.14 38.79 -63.39
N THR G 504 34.73 39.11 -64.62
CA THR G 504 33.32 39.32 -64.94
C THR G 504 32.51 38.03 -65.16
N GLY G 505 33.19 36.97 -65.61
CA GLY G 505 32.55 35.67 -65.74
C GLY G 505 32.92 34.72 -64.60
N ALA G 506 33.77 35.21 -63.71
CA ALA G 506 34.26 34.41 -62.59
C ALA G 506 33.25 34.09 -61.49
N SER G 507 33.38 32.91 -60.92
CA SER G 507 32.68 32.51 -59.75
C SER G 507 33.37 33.23 -58.58
N LYS G 508 32.61 34.09 -57.89
CA LYS G 508 33.10 34.92 -56.80
C LYS G 508 32.25 34.87 -55.55
N TYR G 509 32.86 35.08 -54.40
CA TYR G 509 32.08 35.24 -53.20
C TYR G 509 32.18 36.66 -52.75
N ASN G 510 31.23 37.06 -51.91
CA ASN G 510 31.05 38.46 -51.60
C ASN G 510 31.08 38.61 -50.09
N LEU G 511 32.08 39.31 -49.61
CA LEU G 511 32.36 39.39 -48.21
C LEU G 511 32.53 40.82 -47.79
N ASN G 512 31.62 41.30 -46.94
CA ASN G 512 31.66 42.68 -46.53
C ASN G 512 31.86 43.60 -47.75
N GLY G 513 30.99 43.49 -48.76
CA GLY G 513 31.02 44.33 -49.95
C GLY G 513 32.24 44.19 -50.86
N ARG G 514 33.12 43.25 -50.49
CA ARG G 514 34.30 42.92 -51.26
C ARG G 514 34.25 41.56 -51.97
N GLU G 515 34.49 41.58 -53.27
CA GLU G 515 34.48 40.35 -54.05
C GLU G 515 35.82 39.63 -54.08
N SER G 516 35.74 38.30 -54.10
CA SER G 516 36.91 37.49 -54.07
C SER G 516 36.59 36.32 -55.01
N ILE G 517 37.50 36.08 -55.95
CA ILE G 517 37.41 34.92 -56.83
C ILE G 517 37.47 33.63 -56.03
N ILE G 518 36.56 32.70 -56.31
CA ILE G 518 36.61 31.42 -55.63
C ILE G 518 37.64 30.67 -56.44
N ASN G 519 38.77 30.36 -55.81
CA ASN G 519 39.83 29.66 -56.47
C ASN G 519 40.71 28.96 -55.47
N PRO G 520 40.87 27.63 -55.60
CA PRO G 520 40.31 26.69 -56.56
C PRO G 520 38.85 26.25 -56.32
N GLY G 521 38.31 26.52 -55.14
CA GLY G 521 36.91 26.25 -54.89
C GLY G 521 36.64 24.81 -54.67
N THR G 522 35.38 24.48 -54.53
CA THR G 522 34.94 23.13 -54.23
C THR G 522 35.76 22.09 -55.03
N ALA G 523 36.17 20.98 -54.40
CA ALA G 523 36.76 19.87 -55.16
C ALA G 523 35.78 19.32 -56.22
N MET G 524 36.14 19.55 -57.47
CA MET G 524 35.33 19.13 -58.62
C MET G 524 36.21 18.59 -59.76
N ALA G 525 35.72 17.64 -60.56
CA ALA G 525 36.51 17.11 -61.66
C ALA G 525 36.70 18.21 -62.69
N SER G 526 37.92 18.31 -63.19
CA SER G 526 38.29 19.34 -64.17
C SER G 526 37.61 19.30 -65.54
N HIS G 527 37.31 18.10 -66.02
CA HIS G 527 36.64 17.94 -67.31
C HIS G 527 36.10 16.53 -67.39
N LYS G 528 34.99 16.34 -68.09
CA LYS G 528 34.50 15.00 -68.34
C LYS G 528 35.37 14.29 -69.37
N ASP G 529 35.11 13.01 -69.57
CA ASP G 529 35.85 12.18 -70.50
C ASP G 529 36.10 12.86 -71.84
N ASP G 530 37.33 12.71 -72.32
CA ASP G 530 37.69 13.14 -73.68
C ASP G 530 37.79 14.63 -73.85
N GLU G 531 37.87 15.39 -72.77
CA GLU G 531 37.81 16.83 -72.93
C GLU G 531 38.93 17.50 -72.19
N ASP G 532 40.11 16.92 -72.28
CA ASP G 532 41.24 17.39 -71.51
C ASP G 532 41.69 18.77 -71.92
N LYS G 533 41.10 19.32 -72.99
CA LYS G 533 41.47 20.65 -73.41
C LYS G 533 40.79 21.82 -72.65
N PHE G 534 39.72 21.51 -71.90
CA PHE G 534 38.99 22.49 -71.08
C PHE G 534 39.42 22.46 -69.60
N PHE G 535 39.24 23.57 -68.90
CA PHE G 535 39.52 23.59 -67.48
C PHE G 535 38.72 24.70 -66.85
N PRO G 536 38.42 24.55 -65.52
CA PRO G 536 37.66 25.60 -64.90
C PRO G 536 38.57 26.83 -64.88
N MET G 537 38.00 27.99 -65.21
CA MET G 537 38.69 29.27 -65.13
C MET G 537 39.48 29.49 -63.84
N SER G 538 38.91 29.13 -62.70
CA SER G 538 39.67 29.28 -61.47
C SER G 538 39.50 28.08 -60.52
N GLY G 539 39.36 26.87 -61.08
CA GLY G 539 39.11 25.66 -60.30
C GLY G 539 40.23 24.61 -60.37
N VAL G 540 41.39 25.01 -60.88
CA VAL G 540 42.55 24.12 -60.87
C VAL G 540 43.78 24.85 -60.34
N MET G 541 44.59 24.09 -59.64
CA MET G 541 45.82 24.59 -59.10
C MET G 541 46.72 24.75 -60.30
N ILE G 542 47.44 25.87 -60.36
CA ILE G 542 48.33 26.13 -61.49
C ILE G 542 49.75 26.58 -61.09
N PHE G 543 50.74 25.79 -61.44
CA PHE G 543 52.14 26.11 -61.13
C PHE G 543 52.88 26.83 -62.28
N GLY G 544 53.79 27.68 -61.92
CA GLY G 544 54.51 28.40 -62.94
C GLY G 544 55.74 27.62 -63.30
N LYS G 545 56.14 27.69 -64.55
CA LYS G 545 57.46 27.20 -64.92
C LYS G 545 58.53 28.17 -64.47
N GLU G 546 59.78 27.73 -64.51
CA GLU G 546 60.90 28.54 -64.06
C GLU G 546 61.25 29.59 -65.11
N SER G 547 60.47 29.62 -66.18
CA SER G 547 60.56 30.69 -67.17
C SER G 547 59.45 31.74 -67.00
N ALA G 548 58.41 31.41 -66.23
CA ALA G 548 57.23 32.25 -66.13
C ALA G 548 57.53 33.62 -65.52
N GLY G 549 57.02 34.67 -66.17
CA GLY G 549 56.97 35.99 -65.62
C GLY G 549 55.88 36.08 -64.57
N ALA G 550 55.95 37.12 -63.75
CA ALA G 550 55.04 37.32 -62.64
C ALA G 550 53.62 37.54 -63.08
N SER G 551 53.42 38.23 -64.20
CA SER G 551 52.07 38.56 -64.64
C SER G 551 51.85 38.52 -66.16
N ASN G 552 50.65 38.06 -66.53
CA ASN G 552 50.30 37.88 -67.95
C ASN G 552 51.34 37.10 -68.76
N THR G 553 51.76 35.97 -68.21
CA THR G 553 52.63 35.10 -68.91
C THR G 553 51.79 34.10 -69.71
N ALA G 554 52.40 33.50 -70.70
CA ALA G 554 51.73 32.60 -71.65
C ALA G 554 51.52 31.17 -71.16
N LEU G 555 50.60 30.49 -71.84
CA LEU G 555 50.14 29.16 -71.46
C LEU G 555 51.28 28.17 -71.23
N ASP G 556 52.33 28.28 -72.03
CA ASP G 556 53.39 27.31 -71.98
C ASP G 556 54.43 27.60 -70.92
N ASN G 557 54.22 28.64 -70.13
CA ASN G 557 55.06 28.87 -69.01
C ASN G 557 54.37 28.46 -67.74
N VAL G 558 53.18 27.84 -67.83
CA VAL G 558 52.49 27.39 -66.63
C VAL G 558 52.21 25.91 -66.72
N MET G 559 51.99 25.27 -65.58
CA MET G 559 51.50 23.91 -65.55
C MET G 559 50.16 23.92 -64.86
N ILE G 560 49.17 23.39 -65.55
CA ILE G 560 47.83 23.31 -64.99
C ILE G 560 47.60 21.93 -64.49
N THR G 561 47.20 21.81 -63.22
CA THR G 561 46.80 20.50 -62.70
C THR G 561 45.52 19.94 -63.36
N ASP G 562 45.29 18.64 -63.17
CA ASP G 562 44.10 18.01 -63.69
C ASP G 562 43.56 17.17 -62.57
N GLU G 563 42.30 17.40 -62.20
CA GLU G 563 41.70 16.65 -61.10
C GLU G 563 40.62 15.73 -61.62
N GLU G 564 40.86 15.20 -62.82
CA GLU G 564 39.90 14.35 -63.52
C GLU G 564 39.56 13.03 -62.84
N GLU G 565 40.47 12.49 -62.05
CA GLU G 565 40.26 11.23 -61.36
C GLU G 565 39.02 11.24 -60.46
N ILE G 566 38.62 12.40 -59.95
CA ILE G 566 37.51 12.43 -59.02
C ILE G 566 36.13 12.43 -59.65
N LYS G 567 36.07 12.29 -60.97
CA LYS G 567 34.79 12.29 -61.69
C LYS G 567 33.97 11.00 -61.49
N ALA G 568 34.55 10.00 -60.85
CA ALA G 568 33.80 8.90 -60.31
C ALA G 568 32.77 9.29 -59.21
N THR G 569 33.03 10.37 -58.45
CA THR G 569 32.20 10.78 -57.28
C THR G 569 31.82 12.28 -57.23
N ASN G 570 32.64 13.09 -57.86
CA ASN G 570 32.56 14.54 -57.71
C ASN G 570 32.06 15.17 -59.00
N PRO G 571 31.05 16.05 -58.92
CA PRO G 571 30.62 16.72 -60.14
C PRO G 571 31.81 17.33 -60.95
N VAL G 572 31.70 17.30 -62.27
CA VAL G 572 32.59 18.06 -63.12
C VAL G 572 32.37 19.58 -62.94
N ALA G 573 33.48 20.31 -62.89
CA ALA G 573 33.52 21.69 -62.37
C ALA G 573 32.85 22.72 -63.24
N THR G 574 32.59 22.38 -64.49
CA THR G 574 32.07 23.37 -65.44
C THR G 574 30.69 23.03 -65.93
N GLU G 575 30.00 22.11 -65.25
CA GLU G 575 28.69 21.68 -65.67
C GLU G 575 27.76 21.86 -64.52
N ARG G 576 26.47 21.79 -64.78
CA ARG G 576 25.49 21.75 -63.71
C ARG G 576 25.73 20.56 -62.76
N PHE G 577 25.29 20.70 -61.51
CA PHE G 577 25.18 19.53 -60.63
C PHE G 577 24.06 18.64 -61.17
N GLY G 578 22.96 19.23 -61.60
CA GLY G 578 21.88 18.45 -62.12
C GLY G 578 20.67 19.26 -62.45
N THR G 579 19.49 18.66 -62.30
CA THR G 579 18.23 19.30 -62.66
C THR G 579 17.22 19.08 -61.55
N VAL G 580 16.29 20.05 -61.37
CA VAL G 580 15.31 20.04 -60.31
C VAL G 580 13.97 20.41 -60.92
N ALA G 581 12.90 19.79 -60.42
CA ALA G 581 11.56 20.25 -60.70
C ALA G 581 11.38 21.66 -60.16
N VAL G 582 10.57 22.44 -60.84
CA VAL G 582 10.29 23.82 -60.41
C VAL G 582 8.81 24.22 -60.46
N ASN G 583 7.87 23.29 -60.71
CA ASN G 583 6.47 23.65 -60.76
C ASN G 583 5.60 22.43 -60.53
N PHE G 584 4.28 22.58 -60.59
CA PHE G 584 3.38 21.44 -60.54
C PHE G 584 2.78 21.21 -61.90
N GLN G 585 3.12 20.08 -62.53
CA GLN G 585 2.59 19.72 -63.85
C GLN G 585 1.11 19.35 -63.71
N SER G 586 0.34 19.58 -64.77
CA SER G 586 -1.07 19.14 -64.82
C SER G 586 -1.47 19.09 -66.27
N SER G 587 -2.71 18.71 -66.58
CA SER G 587 -3.12 18.83 -67.98
C SER G 587 -2.93 20.26 -68.49
N SER G 588 -3.16 21.27 -67.65
CA SER G 588 -3.03 22.66 -68.09
C SER G 588 -1.58 23.13 -68.10
N THR G 589 -0.76 22.60 -67.18
CA THR G 589 0.59 23.11 -67.01
C THR G 589 1.68 22.05 -67.24
N ASP G 590 2.56 22.36 -68.16
CA ASP G 590 3.65 21.45 -68.53
C ASP G 590 4.76 21.34 -67.50
N PRO G 591 5.25 20.13 -67.25
CA PRO G 591 6.32 19.95 -66.27
C PRO G 591 7.55 20.78 -66.58
N ALA G 592 8.00 21.55 -65.62
CA ALA G 592 9.20 22.35 -65.85
C ALA G 592 10.33 21.92 -64.92
N THR G 593 11.55 22.12 -65.38
CA THR G 593 12.69 21.84 -64.55
C THR G 593 13.71 22.89 -64.77
N GLY G 594 14.66 22.99 -63.85
CA GLY G 594 15.67 24.02 -63.92
C GLY G 594 17.03 23.41 -63.66
N ASP G 595 18.05 24.05 -64.18
CA ASP G 595 19.43 23.67 -63.90
C ASP G 595 19.99 24.15 -62.55
N VAL G 596 20.69 23.24 -61.86
CA VAL G 596 21.25 23.56 -60.55
C VAL G 596 22.74 23.76 -60.76
N HIS G 597 23.22 24.95 -60.46
CA HIS G 597 24.63 25.28 -60.69
C HIS G 597 25.43 25.38 -59.40
N ALA G 598 24.73 25.59 -58.28
CA ALA G 598 25.41 25.67 -57.00
C ALA G 598 24.60 24.83 -56.02
N MET G 599 25.17 23.70 -55.62
CA MET G 599 24.48 22.76 -54.73
C MET G 599 25.30 22.51 -53.46
N GLY G 600 24.67 22.84 -52.33
CA GLY G 600 25.25 22.58 -51.03
C GLY G 600 25.13 21.12 -50.68
N ALA G 601 25.57 20.81 -49.49
CA ALA G 601 25.58 19.48 -48.96
C ALA G 601 24.18 18.93 -48.71
N LEU G 602 23.97 17.72 -49.20
CA LEU G 602 22.73 17.02 -49.02
C LEU G 602 23.06 15.73 -48.33
N PRO G 603 22.23 15.29 -47.34
CA PRO G 603 22.50 13.99 -46.73
C PRO G 603 22.71 12.97 -47.86
N GLY G 604 23.63 12.03 -47.69
CA GLY G 604 23.85 11.02 -48.71
C GLY G 604 24.92 11.36 -49.76
N MET G 605 25.39 12.60 -49.78
CA MET G 605 26.45 12.94 -50.67
C MET G 605 27.76 12.36 -50.23
N VAL G 606 28.56 11.97 -51.20
CA VAL G 606 29.92 11.52 -50.90
C VAL G 606 30.88 12.17 -51.91
N TRP G 607 32.10 12.44 -51.49
CA TRP G 607 33.01 13.13 -52.42
C TRP G 607 34.46 12.88 -52.06
N GLN G 608 35.29 13.28 -52.99
CA GLN G 608 36.73 13.16 -52.86
C GLN G 608 37.33 14.56 -52.79
N ASP G 609 38.26 14.77 -51.88
CA ASP G 609 38.89 16.10 -51.71
C ASP G 609 39.96 16.35 -52.77
N ARG G 610 40.40 17.59 -52.91
CA ARG G 610 41.39 17.89 -53.93
C ARG G 610 42.67 17.17 -53.64
N ASP G 611 43.35 16.79 -54.71
CA ASP G 611 44.60 16.06 -54.62
C ASP G 611 45.72 16.98 -54.16
N VAL G 612 46.79 16.38 -53.64
CA VAL G 612 47.99 17.13 -53.33
C VAL G 612 49.01 16.96 -54.45
N TYR G 613 50.00 17.82 -54.50
CA TYR G 613 51.02 17.71 -55.53
C TYR G 613 52.37 17.82 -54.94
N LEU G 614 53.32 17.20 -55.61
CA LEU G 614 54.71 17.24 -55.13
C LEU G 614 55.17 18.67 -54.83
N GLN G 615 54.66 19.61 -55.62
CA GLN G 615 54.99 21.01 -55.35
C GLN G 615 53.89 21.88 -54.72
N GLY G 616 52.80 21.26 -54.29
CA GLY G 616 51.72 22.00 -53.60
C GLY G 616 51.94 22.11 -52.12
N PRO G 617 50.98 22.75 -51.41
CA PRO G 617 51.11 22.89 -49.97
C PRO G 617 50.82 21.56 -49.29
N ILE G 618 51.17 21.45 -48.01
CA ILE G 618 50.87 20.27 -47.21
C ILE G 618 49.64 20.44 -46.30
N TRP G 619 49.57 21.58 -45.60
CA TRP G 619 48.60 21.76 -44.56
C TRP G 619 48.12 23.21 -44.48
N ALA G 620 47.06 23.49 -43.71
CA ALA G 620 46.74 24.86 -43.35
C ALA G 620 46.09 24.81 -41.98
N LYS G 621 46.13 25.94 -41.28
CA LYS G 621 45.45 26.09 -40.04
C LYS G 621 43.96 26.20 -40.35
N ILE G 622 43.13 25.41 -39.67
CA ILE G 622 41.71 25.61 -39.72
C ILE G 622 41.47 26.91 -38.95
N PRO G 623 40.72 27.85 -39.52
CA PRO G 623 40.37 29.08 -38.79
C PRO G 623 39.70 28.76 -37.48
N HIS G 624 39.90 29.62 -36.51
CA HIS G 624 39.31 29.45 -35.22
C HIS G 624 37.88 30.01 -35.34
N THR G 625 36.93 29.19 -35.78
CA THR G 625 35.51 29.62 -35.91
C THR G 625 34.53 28.70 -35.16
N ASP G 626 33.30 29.15 -34.94
CA ASP G 626 32.32 28.34 -34.23
C ASP G 626 32.06 27.11 -35.05
N GLY G 627 32.18 27.26 -36.37
CA GLY G 627 31.71 26.28 -37.35
C GLY G 627 32.64 26.13 -38.55
N HIS G 628 32.96 24.89 -38.91
CA HIS G 628 33.68 24.59 -40.16
C HIS G 628 32.76 23.58 -40.79
N PHE G 629 33.03 23.20 -42.00
CA PHE G 629 32.34 22.06 -42.52
C PHE G 629 33.34 21.37 -43.41
N HIS G 630 33.76 20.18 -42.97
CA HIS G 630 34.76 19.41 -43.67
C HIS G 630 35.97 20.28 -43.97
N PRO G 631 36.69 20.68 -42.93
CA PRO G 631 37.69 21.73 -43.10
C PRO G 631 38.97 21.15 -43.68
N SER G 632 38.84 20.56 -44.87
CA SER G 632 40.04 20.19 -45.63
C SER G 632 40.42 21.38 -46.55
N PRO G 633 41.64 21.90 -46.43
CA PRO G 633 42.10 23.15 -47.09
C PRO G 633 41.85 23.07 -48.57
N LEU G 634 41.10 24.01 -49.09
CA LEU G 634 40.55 23.85 -50.44
C LEU G 634 41.64 23.81 -51.49
N MET G 635 42.78 24.41 -51.20
CA MET G 635 43.89 24.30 -52.09
C MET G 635 44.54 22.93 -52.03
N GLY G 636 44.19 22.09 -51.05
CA GLY G 636 44.66 20.69 -51.02
C GLY G 636 45.54 20.43 -49.81
N GLY G 637 45.48 19.23 -49.22
CA GLY G 637 46.18 18.98 -47.98
C GLY G 637 45.34 18.68 -46.75
N PHE G 638 46.02 18.87 -45.63
CA PHE G 638 45.54 18.57 -44.32
C PHE G 638 45.15 19.84 -43.62
N GLY G 639 43.91 19.82 -43.11
CA GLY G 639 43.49 20.83 -42.17
C GLY G 639 43.90 20.48 -40.77
N LEU G 640 44.50 21.44 -40.11
CA LEU G 640 44.98 21.23 -38.75
C LEU G 640 44.45 22.29 -37.78
N LYS G 641 43.76 21.85 -36.73
CA LYS G 641 43.38 22.78 -35.66
C LYS G 641 44.69 23.43 -35.16
N ASN G 642 45.70 22.62 -34.82
CA ASN G 642 46.92 23.08 -34.14
C ASN G 642 48.11 22.67 -34.98
N PRO G 643 48.35 23.45 -36.07
CA PRO G 643 49.31 23.17 -37.11
C PRO G 643 50.73 23.44 -36.67
N PRO G 644 51.71 23.07 -37.48
CA PRO G 644 53.07 23.36 -37.14
C PRO G 644 53.27 24.85 -36.93
N PRO G 645 53.80 25.21 -35.78
CA PRO G 645 53.86 26.60 -35.40
C PRO G 645 54.75 27.41 -36.36
N GLN G 646 54.45 28.70 -36.49
CA GLN G 646 55.32 29.59 -37.25
C GLN G 646 56.59 29.74 -36.50
N ILE G 647 57.65 29.86 -37.28
CA ILE G 647 58.97 29.99 -36.75
C ILE G 647 59.55 31.26 -37.26
N LEU G 648 59.79 32.18 -36.32
CA LEU G 648 60.20 33.54 -36.65
C LEU G 648 61.67 33.75 -36.31
N ILE G 649 62.32 34.58 -37.11
CA ILE G 649 63.76 34.82 -37.02
C ILE G 649 64.21 36.16 -37.55
N LYS G 650 65.15 36.78 -36.84
CA LYS G 650 65.51 38.18 -37.09
C LYS G 650 66.92 38.46 -36.60
N ASN G 651 67.68 39.22 -37.39
CA ASN G 651 68.98 39.71 -36.95
C ASN G 651 68.84 40.82 -35.92
N THR G 652 69.58 40.72 -34.81
CA THR G 652 69.38 41.66 -33.73
C THR G 652 69.98 42.98 -34.20
N PRO G 653 69.30 44.11 -33.91
CA PRO G 653 69.87 45.38 -34.31
C PRO G 653 71.22 45.59 -33.64
N VAL G 654 72.18 46.08 -34.41
CA VAL G 654 73.47 46.45 -33.82
C VAL G 654 73.75 47.92 -34.11
N PRO G 655 73.59 48.81 -33.10
CA PRO G 655 73.78 50.24 -33.28
C PRO G 655 75.12 50.57 -33.95
N ALA G 656 75.11 51.53 -34.86
CA ALA G 656 76.32 52.26 -35.21
C ALA G 656 76.71 53.18 -34.06
N ASN G 657 77.81 53.91 -34.23
CA ASN G 657 78.30 54.78 -33.14
C ASN G 657 77.37 55.88 -32.73
N PRO G 658 77.02 55.97 -31.43
CA PRO G 658 76.13 57.04 -31.02
C PRO G 658 76.87 58.38 -30.94
N PRO G 659 76.13 59.50 -30.87
CA PRO G 659 76.82 60.76 -30.56
C PRO G 659 77.46 60.81 -29.15
N ALA G 660 78.35 61.78 -28.95
CA ALA G 660 78.98 62.04 -27.63
C ALA G 660 78.06 62.64 -26.56
N GLU G 661 76.93 63.24 -26.98
CA GLU G 661 76.00 63.91 -26.10
C GLU G 661 74.66 63.19 -26.18
N PHE G 662 73.97 63.00 -25.06
CA PHE G 662 72.75 62.22 -25.07
C PHE G 662 71.75 62.79 -26.04
N SER G 663 71.02 61.92 -26.72
CA SER G 663 69.82 62.33 -27.44
C SER G 663 68.72 61.27 -27.28
N ALA G 664 67.48 61.70 -27.00
CA ALA G 664 66.37 60.77 -26.64
C ALA G 664 65.69 60.20 -27.88
N THR G 665 65.96 60.81 -29.03
CA THR G 665 65.33 60.39 -30.28
C THR G 665 65.71 58.95 -30.63
N LYS G 666 64.70 58.12 -30.90
CA LYS G 666 64.91 56.72 -31.23
C LYS G 666 66.15 56.55 -32.11
N PHE G 667 66.96 55.55 -31.78
CA PHE G 667 68.17 55.26 -32.55
C PHE G 667 67.83 54.92 -33.99
N ALA G 668 68.53 55.54 -34.94
CA ALA G 668 68.26 55.32 -36.36
C ALA G 668 69.49 55.03 -37.19
N SER G 669 70.62 54.86 -36.54
CA SER G 669 71.84 54.56 -37.26
C SER G 669 72.43 53.19 -36.87
N PHE G 670 72.44 52.26 -37.83
CA PHE G 670 72.82 50.89 -37.55
C PHE G 670 73.93 50.41 -38.48
N ILE G 671 74.73 49.47 -37.98
CA ILE G 671 75.65 48.68 -38.79
C ILE G 671 74.86 47.70 -39.64
N THR G 672 75.19 47.66 -40.90
CA THR G 672 74.49 46.86 -41.87
C THR G 672 74.89 45.40 -41.78
N GLN G 673 73.92 44.52 -41.57
CA GLN G 673 74.25 43.12 -41.51
C GLN G 673 73.21 42.15 -41.98
N TYR G 674 73.62 40.90 -42.06
CA TYR G 674 72.76 39.81 -42.42
C TYR G 674 73.37 38.53 -41.89
N SER G 675 72.63 37.45 -41.99
CA SER G 675 73.10 36.20 -41.44
C SER G 675 72.91 35.07 -42.44
N THR G 676 73.54 33.94 -42.16
CA THR G 676 73.33 32.76 -42.93
C THR G 676 73.55 31.54 -42.02
N GLY G 677 72.97 30.39 -42.38
CA GLY G 677 73.23 29.15 -41.64
C GLY G 677 72.58 27.97 -42.30
N GLN G 678 72.46 26.88 -41.59
CA GLN G 678 71.61 25.78 -42.07
C GLN G 678 70.31 25.66 -41.23
N VAL G 679 69.29 25.01 -41.81
CA VAL G 679 68.04 24.67 -41.14
C VAL G 679 67.76 23.23 -41.51
N SER G 680 67.15 22.47 -40.60
CA SER G 680 66.83 21.05 -40.82
C SER G 680 65.46 20.77 -40.34
N VAL G 681 64.67 20.11 -41.18
CA VAL G 681 63.35 19.66 -40.79
C VAL G 681 63.28 18.19 -41.06
N GLU G 682 62.87 17.43 -40.04
CA GLU G 682 62.63 15.98 -40.13
C GLU G 682 61.14 15.75 -39.83
N ILE G 683 60.47 15.07 -40.75
CA ILE G 683 59.10 14.66 -40.58
C ILE G 683 58.92 13.15 -40.69
N GLU G 684 58.11 12.57 -39.78
CA GLU G 684 57.74 11.16 -39.83
C GLU G 684 56.39 11.14 -40.47
N TRP G 685 56.22 10.31 -41.48
CA TRP G 685 54.95 10.11 -42.19
C TRP G 685 54.47 8.67 -42.05
N GLU G 686 53.20 8.46 -41.68
CA GLU G 686 52.66 7.09 -41.56
C GLU G 686 52.07 6.77 -42.93
N LEU G 687 52.26 5.53 -43.38
CA LEU G 687 51.67 5.06 -44.63
C LEU G 687 50.51 4.09 -44.48
N GLN G 688 49.56 4.25 -45.39
CA GLN G 688 48.48 3.34 -45.56
C GLN G 688 48.88 2.42 -46.71
N LYS G 689 49.20 1.20 -46.38
CA LYS G 689 49.59 0.26 -47.41
C LYS G 689 48.44 -0.19 -48.28
N GLU G 690 48.78 -0.56 -49.50
CA GLU G 690 47.82 -1.05 -50.46
C GLU G 690 47.54 -2.56 -50.27
N ASN G 691 46.28 -2.95 -50.37
CA ASN G 691 45.87 -4.30 -50.05
C ASN G 691 45.01 -4.86 -51.19
N SER G 692 45.37 -4.51 -52.42
CA SER G 692 44.40 -4.61 -53.52
C SER G 692 44.38 -6.01 -54.12
N LYS G 693 43.18 -6.51 -54.43
CA LYS G 693 43.07 -7.81 -55.08
C LYS G 693 42.88 -7.63 -56.57
N ARG G 694 43.11 -6.42 -57.02
CA ARG G 694 43.02 -6.13 -58.43
C ARG G 694 44.04 -6.95 -59.21
N TRP G 695 43.53 -7.66 -60.21
CA TRP G 695 44.27 -8.66 -60.93
C TRP G 695 45.18 -8.02 -61.98
N ASN G 696 44.63 -7.05 -62.68
CA ASN G 696 45.41 -6.43 -63.69
C ASN G 696 46.32 -5.33 -63.07
N PRO G 697 47.36 -4.95 -63.84
CA PRO G 697 48.31 -3.93 -63.47
C PRO G 697 47.74 -2.53 -63.34
N GLU G 698 48.38 -1.71 -62.52
CA GLU G 698 47.94 -0.37 -62.23
C GLU G 698 48.58 0.70 -63.16
N VAL G 699 47.95 1.85 -63.21
CA VAL G 699 48.59 2.99 -63.75
C VAL G 699 49.63 3.37 -62.71
N GLN G 700 50.84 3.69 -63.18
CA GLN G 700 51.94 4.03 -62.31
C GLN G 700 52.62 5.28 -62.83
N TYR G 701 53.02 6.16 -61.92
CA TYR G 701 53.75 7.31 -62.39
C TYR G 701 55.11 6.82 -62.86
N THR G 702 55.50 7.24 -64.03
CA THR G 702 56.73 6.75 -64.59
C THR G 702 57.46 7.79 -65.37
N SER G 703 58.77 7.78 -65.35
CA SER G 703 59.41 8.76 -66.20
C SER G 703 59.45 8.22 -67.60
N ASN G 704 59.74 9.12 -68.52
CA ASN G 704 59.66 8.76 -69.90
C ASN G 704 60.93 8.08 -70.39
N TYR G 705 60.77 6.99 -71.13
CA TYR G 705 61.88 6.17 -71.53
C TYR G 705 62.56 6.68 -72.81
N ALA G 706 61.78 7.37 -73.64
CA ALA G 706 62.30 7.93 -74.88
C ALA G 706 63.43 8.90 -74.56
N LYS G 707 64.34 9.05 -75.50
CA LYS G 707 65.53 9.84 -75.30
C LYS G 707 65.28 11.36 -75.45
N SER G 708 66.04 12.17 -74.72
CA SER G 708 65.88 13.63 -74.84
C SER G 708 67.16 14.39 -74.45
N ALA G 709 67.16 15.70 -74.69
CA ALA G 709 68.26 16.58 -74.31
C ALA G 709 68.47 16.74 -72.79
N ASN G 710 67.41 16.64 -71.99
CA ASN G 710 67.53 16.79 -70.53
C ASN G 710 66.75 15.71 -69.81
N VAL G 711 67.17 15.41 -68.59
CA VAL G 711 66.44 14.53 -67.72
C VAL G 711 65.45 15.37 -66.93
N ASP G 712 64.23 14.84 -66.78
CA ASP G 712 63.20 15.37 -65.90
C ASP G 712 63.70 15.52 -64.46
N PHE G 713 63.27 16.58 -63.79
CA PHE G 713 63.62 16.83 -62.38
C PHE G 713 65.13 16.78 -62.20
N THR G 714 65.79 17.59 -62.99
CA THR G 714 67.24 17.72 -62.98
C THR G 714 67.71 19.14 -63.18
N VAL G 715 68.98 19.39 -62.98
CA VAL G 715 69.59 20.70 -63.33
C VAL G 715 70.04 20.71 -64.79
N ASP G 716 70.08 21.87 -65.37
CA ASP G 716 70.52 21.99 -66.75
C ASP G 716 72.01 22.38 -66.81
N ASN G 717 72.41 22.85 -67.97
CA ASN G 717 73.79 23.18 -68.21
C ASN G 717 74.24 24.48 -67.55
N ASN G 718 73.28 25.20 -66.97
CA ASN G 718 73.58 26.41 -66.23
C ASN G 718 73.41 26.20 -64.72
N GLY G 719 73.08 24.97 -64.34
CA GLY G 719 72.93 24.60 -62.95
C GLY G 719 71.60 24.99 -62.34
N LEU G 720 70.55 24.98 -63.17
CA LEU G 720 69.22 25.35 -62.70
C LEU G 720 68.29 24.16 -62.61
N TYR G 721 67.85 23.84 -61.40
CA TYR G 721 66.91 22.73 -61.18
C TYR G 721 65.58 23.15 -61.76
N THR G 722 64.92 22.27 -62.52
CA THR G 722 63.51 22.48 -62.96
C THR G 722 62.54 21.35 -62.64
N GLU G 723 61.29 21.69 -62.38
CA GLU G 723 60.23 20.72 -62.17
C GLU G 723 59.33 20.85 -63.39
N PRO G 724 59.40 19.86 -64.29
CA PRO G 724 58.77 19.94 -65.60
C PRO G 724 57.33 19.61 -65.64
N ARG G 725 56.76 19.12 -64.53
CA ARG G 725 55.32 18.90 -64.47
C ARG G 725 54.90 18.76 -63.04
N PRO G 726 53.60 18.89 -62.78
CA PRO G 726 53.09 18.59 -61.44
C PRO G 726 52.96 17.09 -61.36
N ILE G 727 53.14 16.53 -60.18
CA ILE G 727 52.74 15.16 -59.97
C ILE G 727 51.77 15.06 -58.83
N GLY G 728 50.63 14.44 -59.08
CA GLY G 728 49.60 14.25 -58.04
C GLY G 728 49.96 12.97 -57.32
N THR G 729 48.98 12.35 -56.68
CA THR G 729 49.24 11.12 -55.94
C THR G 729 48.33 9.96 -56.34
N ARG G 730 47.34 10.25 -57.17
CA ARG G 730 46.32 9.25 -57.51
C ARG G 730 46.60 8.35 -58.72
N TYR G 731 47.35 7.29 -58.44
CA TYR G 731 47.67 6.21 -59.41
C TYR G 731 47.13 4.86 -59.04
N LEU G 732 47.32 4.40 -57.79
CA LEU G 732 46.71 3.15 -57.37
C LEU G 732 45.18 3.31 -57.38
N THR G 733 44.45 2.21 -57.39
CA THR G 733 42.99 2.32 -57.40
C THR G 733 42.33 1.59 -56.23
N ARG G 734 41.20 2.13 -55.78
CA ARG G 734 40.30 1.41 -54.88
C ARG G 734 38.98 1.12 -55.57
N PRO G 735 38.24 0.13 -55.05
CA PRO G 735 36.78 0.10 -55.21
C PRO G 735 36.11 1.19 -54.39
N LEU G 736 34.86 1.50 -54.73
CA LEU G 736 34.10 2.50 -53.99
C LEU G 736 33.48 1.90 -52.73
N GLY H 217 21.46 -38.30 -34.59
CA GLY H 217 22.15 -39.56 -34.51
C GLY H 217 23.36 -39.62 -35.44
N ALA H 218 24.32 -40.48 -35.08
CA ALA H 218 25.65 -40.40 -35.67
C ALA H 218 25.99 -41.67 -36.44
N ASP H 219 26.45 -41.50 -37.67
CA ASP H 219 27.21 -42.55 -38.35
C ASP H 219 26.63 -42.83 -39.74
N GLY H 220 26.53 -44.10 -40.08
CA GLY H 220 26.88 -44.56 -41.42
C GLY H 220 25.67 -44.67 -42.32
N VAL H 221 25.89 -44.54 -43.63
CA VAL H 221 25.09 -45.23 -44.62
C VAL H 221 24.87 -46.69 -44.22
N GLY H 222 25.92 -47.32 -43.70
CA GLY H 222 26.00 -48.76 -43.65
C GLY H 222 25.57 -49.33 -42.31
N ASN H 223 24.90 -48.50 -41.51
CA ASN H 223 24.76 -48.76 -40.09
C ASN H 223 23.40 -48.42 -39.60
N ALA H 224 22.64 -49.41 -39.14
CA ALA H 224 21.36 -49.16 -38.52
C ALA H 224 21.45 -48.18 -37.28
N SER H 225 20.48 -47.27 -37.17
CA SER H 225 20.44 -46.28 -36.08
C SER H 225 19.39 -46.65 -35.05
N GLY H 226 18.84 -47.84 -35.19
CA GLY H 226 17.86 -48.31 -34.23
C GLY H 226 17.53 -49.79 -34.44
N ASN H 227 17.15 -50.43 -33.35
CA ASN H 227 16.66 -51.78 -33.50
C ASN H 227 15.13 -51.82 -33.42
N TRP H 228 14.56 -53.01 -33.43
CA TRP H 228 13.11 -53.21 -33.48
C TRP H 228 12.69 -53.63 -32.08
N HIS H 229 11.98 -52.75 -31.40
CA HIS H 229 11.61 -52.96 -30.01
C HIS H 229 10.09 -53.07 -29.89
N CYS H 230 9.58 -54.29 -29.90
CA CYS H 230 8.14 -54.51 -29.91
C CYS H 230 7.76 -55.67 -29.00
N ASP H 231 7.05 -55.36 -27.91
CA ASP H 231 7.07 -56.20 -26.73
C ASP H 231 6.17 -55.61 -25.64
N SER H 232 5.74 -56.45 -24.71
CA SER H 232 5.06 -55.99 -23.51
C SER H 232 5.74 -56.53 -22.27
N THR H 233 5.74 -55.75 -21.20
CA THR H 233 6.26 -56.21 -19.91
C THR H 233 5.33 -55.82 -18.80
N TRP H 234 4.86 -56.85 -18.09
CA TRP H 234 3.98 -56.67 -16.95
C TRP H 234 4.77 -56.78 -15.66
N LEU H 235 4.55 -55.83 -14.74
CA LEU H 235 5.40 -55.66 -13.53
C LEU H 235 4.65 -55.27 -12.28
N GLY H 236 3.59 -56.00 -11.98
CA GLY H 236 2.84 -55.73 -10.79
C GLY H 236 1.91 -54.57 -10.99
N ASP H 237 2.34 -53.35 -10.67
CA ASP H 237 1.45 -52.20 -10.75
C ASP H 237 1.64 -51.37 -12.05
N ARG H 238 2.57 -51.82 -12.87
CA ARG H 238 2.95 -51.10 -14.09
C ARG H 238 2.87 -52.09 -15.26
N VAL H 239 2.60 -51.59 -16.45
CA VAL H 239 2.78 -52.36 -17.67
C VAL H 239 3.39 -51.45 -18.74
N ILE H 240 4.43 -51.93 -19.38
CA ILE H 240 5.19 -51.11 -20.31
C ILE H 240 4.99 -51.66 -21.71
N THR H 241 4.32 -50.89 -22.57
CA THR H 241 4.12 -51.26 -23.97
C THR H 241 5.10 -50.56 -24.86
N THR H 242 5.73 -51.39 -25.68
CA THR H 242 6.57 -50.87 -26.72
C THR H 242 6.06 -51.28 -28.08
N SER H 243 5.91 -50.31 -28.96
CA SER H 243 5.61 -50.67 -30.35
C SER H 243 6.39 -49.95 -31.42
N THR H 244 6.82 -50.74 -32.40
CA THR H 244 7.63 -50.24 -33.50
C THR H 244 7.03 -50.65 -34.83
N ARG H 245 7.04 -49.72 -35.78
CA ARG H 245 6.41 -49.95 -37.08
C ARG H 245 7.26 -49.32 -38.15
N THR H 246 6.98 -49.75 -39.38
CA THR H 246 7.66 -49.18 -40.53
C THR H 246 6.73 -48.28 -41.34
N TRP H 247 7.15 -47.04 -41.58
CA TRP H 247 6.27 -46.00 -42.16
C TRP H 247 6.72 -45.64 -43.57
N ALA H 248 5.84 -44.98 -44.32
CA ALA H 248 6.24 -44.32 -45.56
C ALA H 248 5.67 -42.91 -45.66
N LEU H 249 6.52 -41.97 -46.09
CA LEU H 249 6.20 -40.54 -46.15
C LEU H 249 6.46 -40.09 -47.58
N PRO H 250 5.41 -39.67 -48.29
CA PRO H 250 5.50 -39.04 -49.59
C PRO H 250 5.78 -37.56 -49.43
N THR H 251 6.01 -36.91 -50.56
CA THR H 251 6.00 -35.47 -50.63
C THR H 251 4.59 -34.99 -50.75
N TYR H 252 4.17 -34.03 -49.91
CA TYR H 252 2.80 -33.53 -49.95
C TYR H 252 2.77 -32.17 -50.62
N ASN H 253 1.69 -31.89 -51.35
CA ASN H 253 1.33 -30.57 -51.92
C ASN H 253 2.46 -30.04 -52.78
N ASN H 254 3.32 -30.94 -53.25
CA ASN H 254 4.59 -30.54 -53.86
C ASN H 254 5.44 -29.57 -53.09
N HIS H 255 5.50 -29.70 -51.77
CA HIS H 255 6.26 -28.81 -50.89
C HIS H 255 5.62 -27.46 -50.71
N LEU H 256 4.30 -27.37 -50.90
CA LEU H 256 3.59 -26.12 -50.85
C LEU H 256 2.61 -26.08 -49.68
N TYR H 257 2.29 -24.88 -49.22
CA TYR H 257 1.21 -24.72 -48.28
C TYR H 257 0.07 -24.17 -49.10
N LYS H 258 -1.07 -24.86 -49.12
CA LYS H 258 -2.22 -24.31 -49.82
C LYS H 258 -3.33 -23.84 -48.91
N GLN H 259 -3.91 -22.70 -49.28
CA GLN H 259 -5.13 -22.26 -48.66
C GLN H 259 -6.21 -23.18 -49.16
N ILE H 260 -7.07 -23.64 -48.25
CA ILE H 260 -8.22 -24.48 -48.60
C ILE H 260 -9.51 -24.02 -47.95
N SER H 261 -10.61 -24.37 -48.58
CA SER H 261 -11.93 -23.94 -48.09
C SER H 261 -13.07 -24.64 -48.79
N SER H 262 -14.29 -24.36 -48.36
CA SER H 262 -15.48 -24.94 -48.96
C SER H 262 -16.04 -24.12 -50.15
N ALA H 263 -15.33 -23.07 -50.59
CA ALA H 263 -15.76 -22.21 -51.72
C ALA H 263 -15.99 -23.06 -52.96
N SER H 264 -16.94 -22.65 -53.79
CA SER H 264 -17.56 -23.56 -54.74
C SER H 264 -18.22 -24.71 -54.02
N THR H 265 -17.94 -25.94 -54.45
CA THR H 265 -18.24 -27.11 -53.65
C THR H 265 -19.74 -27.34 -53.64
N GLY H 266 -20.48 -26.32 -53.22
CA GLY H 266 -21.92 -26.42 -53.04
C GLY H 266 -22.30 -26.83 -51.63
N ALA H 267 -21.39 -26.68 -50.69
CA ALA H 267 -21.61 -27.09 -49.29
C ALA H 267 -22.69 -26.27 -48.60
N SER H 268 -23.39 -26.89 -47.66
CA SER H 268 -24.33 -26.16 -46.83
C SER H 268 -23.61 -25.30 -45.80
N ASN H 269 -24.33 -24.36 -45.18
CA ASN H 269 -23.74 -23.51 -44.16
C ASN H 269 -23.13 -24.27 -42.98
N ASP H 270 -23.67 -25.45 -42.66
CA ASP H 270 -23.15 -26.25 -41.54
C ASP H 270 -21.88 -26.98 -41.89
N ASN H 271 -21.47 -26.89 -43.15
CA ASN H 271 -20.25 -27.54 -43.58
C ASN H 271 -19.13 -26.61 -44.09
N HIS H 272 -19.34 -25.29 -44.01
CA HIS H 272 -18.31 -24.39 -44.53
C HIS H 272 -17.05 -24.43 -43.69
N TYR H 273 -15.89 -24.22 -44.32
CA TYR H 273 -14.67 -24.12 -43.57
C TYR H 273 -13.59 -23.35 -44.26
N PHE H 274 -12.60 -22.91 -43.48
CA PHE H 274 -11.42 -22.25 -44.03
C PHE H 274 -10.25 -22.77 -43.24
N GLY H 275 -9.19 -23.02 -43.97
CA GLY H 275 -7.99 -23.53 -43.36
C GLY H 275 -6.89 -23.62 -44.37
N TYR H 276 -5.89 -24.42 -44.03
CA TYR H 276 -4.66 -24.56 -44.81
C TYR H 276 -4.12 -26.01 -44.80
N SER H 277 -3.61 -26.44 -45.94
CA SER H 277 -2.96 -27.72 -45.98
C SER H 277 -1.46 -27.56 -46.18
N THR H 278 -0.73 -28.52 -45.67
CA THR H 278 0.63 -28.33 -45.31
C THR H 278 1.44 -29.40 -46.01
N PRO H 279 2.70 -29.09 -46.35
CA PRO H 279 3.58 -30.11 -46.91
C PRO H 279 4.07 -31.14 -45.90
N TRP H 280 3.63 -31.06 -44.64
CA TRP H 280 4.18 -31.92 -43.58
C TRP H 280 3.31 -33.17 -43.37
N GLY H 281 3.90 -34.24 -42.84
CA GLY H 281 3.13 -35.32 -42.25
C GLY H 281 3.32 -35.32 -40.73
N TYR H 282 2.62 -36.24 -40.05
CA TYR H 282 2.69 -36.29 -38.60
C TYR H 282 2.50 -37.69 -38.11
N PHE H 283 2.91 -37.93 -36.88
CA PHE H 283 2.74 -39.23 -36.23
C PHE H 283 1.63 -39.17 -35.23
N ASP H 284 0.88 -40.27 -35.21
CA ASP H 284 -0.31 -40.40 -34.44
C ASP H 284 -0.33 -41.81 -33.90
N PHE H 285 -0.23 -41.95 -32.58
CA PHE H 285 -0.42 -43.22 -31.93
C PHE H 285 -1.64 -43.19 -31.01
N ASN H 286 -2.61 -42.30 -31.29
CA ASN H 286 -3.68 -42.04 -30.29
C ASN H 286 -4.81 -43.04 -30.47
N ARG H 287 -4.45 -44.31 -30.36
CA ARG H 287 -5.40 -45.43 -30.41
C ARG H 287 -4.81 -46.59 -29.62
N PHE H 288 -5.64 -47.26 -28.83
CA PHE H 288 -5.12 -48.25 -27.87
C PHE H 288 -4.45 -49.36 -28.63
N HIS H 289 -4.98 -49.75 -29.77
CA HIS H 289 -4.32 -50.87 -30.46
C HIS H 289 -2.95 -50.57 -31.10
N CYS H 290 -2.45 -49.35 -30.95
CA CYS H 290 -1.14 -48.97 -31.42
C CYS H 290 -0.16 -49.50 -30.41
N HIS H 291 -0.65 -49.85 -29.22
CA HIS H 291 0.23 -50.26 -28.12
C HIS H 291 -0.08 -51.62 -27.50
N PHE H 292 -1.36 -51.94 -27.41
CA PHE H 292 -1.81 -53.13 -26.76
C PHE H 292 -2.21 -54.16 -27.82
N SER H 293 -1.58 -55.31 -27.82
CA SER H 293 -2.08 -56.43 -28.58
C SER H 293 -3.42 -56.90 -27.97
N PRO H 294 -4.17 -57.74 -28.71
CA PRO H 294 -5.47 -58.16 -28.24
C PRO H 294 -5.38 -58.94 -26.98
N ARG H 295 -4.36 -59.77 -26.90
CA ARG H 295 -4.13 -60.56 -25.70
C ARG H 295 -3.80 -59.67 -24.50
N ASP H 296 -2.96 -58.66 -24.69
CA ASP H 296 -2.63 -57.75 -23.61
C ASP H 296 -3.85 -56.96 -23.11
N TRP H 297 -4.72 -56.56 -24.04
CA TRP H 297 -5.92 -55.80 -23.73
C TRP H 297 -6.76 -56.69 -22.85
N GLN H 298 -6.76 -57.93 -23.25
CA GLN H 298 -7.46 -58.92 -22.46
C GLN H 298 -6.92 -59.04 -21.06
N ARG H 299 -5.59 -59.06 -20.94
CA ARG H 299 -4.94 -59.10 -19.66
C ARG H 299 -5.30 -57.85 -18.89
N LEU H 300 -5.40 -56.73 -19.59
CA LEU H 300 -5.58 -55.49 -18.92
C LEU H 300 -6.94 -55.59 -18.28
N ILE H 301 -7.90 -55.88 -19.12
CA ILE H 301 -9.28 -55.61 -18.77
C ILE H 301 -9.90 -56.63 -17.82
N ASN H 302 -9.32 -57.82 -17.74
CA ASN H 302 -9.89 -58.90 -16.96
C ASN H 302 -9.31 -58.91 -15.54
N ASN H 303 -8.29 -58.09 -15.27
CA ASN H 303 -7.63 -58.09 -13.98
C ASN H 303 -7.44 -56.79 -13.25
N ASN H 304 -7.89 -55.68 -13.87
CA ASN H 304 -7.66 -54.36 -13.29
C ASN H 304 -8.91 -53.48 -13.25
N TRP H 305 -9.07 -52.74 -12.16
CA TRP H 305 -10.17 -51.80 -12.05
C TRP H 305 -9.86 -50.51 -12.75
N GLY H 306 -8.65 -50.37 -13.27
CA GLY H 306 -8.30 -49.12 -13.94
C GLY H 306 -6.88 -49.08 -14.41
N PHE H 307 -6.54 -48.00 -15.12
CA PHE H 307 -5.20 -47.76 -15.62
C PHE H 307 -5.09 -46.37 -16.21
N ARG H 308 -3.85 -45.89 -16.33
CA ARG H 308 -3.58 -44.56 -16.85
C ARG H 308 -2.18 -44.57 -17.41
N PRO H 309 -1.93 -43.76 -18.43
CA PRO H 309 -0.57 -43.50 -18.89
C PRO H 309 0.26 -42.61 -17.91
N LYS H 310 1.55 -42.92 -17.82
CA LYS H 310 2.46 -42.20 -16.96
C LYS H 310 3.61 -41.54 -17.73
N ARG H 311 4.27 -42.30 -18.60
CA ARG H 311 5.34 -41.74 -19.38
C ARG H 311 5.56 -42.40 -20.74
N LEU H 312 6.22 -41.66 -21.61
CA LEU H 312 6.41 -42.11 -22.99
C LEU H 312 7.78 -41.80 -23.52
N ASN H 313 8.19 -42.60 -24.47
CA ASN H 313 9.47 -42.51 -25.10
C ASN H 313 9.25 -42.71 -26.57
N PHE H 314 9.75 -41.78 -27.37
CA PHE H 314 9.50 -41.85 -28.80
C PHE H 314 10.79 -41.85 -29.61
N LYS H 315 10.77 -42.60 -30.69
CA LYS H 315 11.96 -42.84 -31.50
C LYS H 315 11.70 -42.96 -32.99
N LEU H 316 12.39 -42.14 -33.73
CA LEU H 316 12.38 -42.20 -35.17
C LEU H 316 13.75 -42.61 -35.58
N PHE H 317 13.80 -43.53 -36.49
CA PHE H 317 15.11 -43.97 -36.91
C PHE H 317 15.11 -44.82 -38.19
N ASN H 318 16.30 -45.27 -38.52
CA ASN H 318 16.57 -46.00 -39.75
C ASN H 318 16.01 -45.38 -40.98
N ILE H 319 16.24 -44.08 -41.15
CA ILE H 319 15.54 -43.37 -42.16
C ILE H 319 16.20 -43.64 -43.50
N GLN H 320 15.41 -43.64 -44.55
CA GLN H 320 16.00 -43.87 -45.85
C GLN H 320 15.26 -43.10 -46.92
N VAL H 321 15.94 -42.14 -47.53
CA VAL H 321 15.28 -41.24 -48.45
C VAL H 321 15.55 -41.71 -49.87
N LYS H 322 14.50 -41.70 -50.66
CA LYS H 322 14.58 -42.27 -52.02
C LYS H 322 14.07 -41.37 -53.09
N GLU H 323 14.74 -41.41 -54.22
CA GLU H 323 14.28 -40.61 -55.37
C GLU H 323 13.59 -41.47 -56.41
N VAL H 324 12.54 -40.90 -56.99
CA VAL H 324 11.77 -41.57 -58.02
C VAL H 324 11.96 -40.82 -59.33
N THR H 325 12.37 -41.56 -60.35
CA THR H 325 12.55 -41.03 -61.70
C THR H 325 11.67 -41.86 -62.63
N THR H 326 10.84 -41.20 -63.41
CA THR H 326 9.92 -41.89 -64.31
C THR H 326 10.18 -41.48 -65.76
N ASN H 327 10.52 -42.45 -66.59
CA ASN H 327 10.48 -42.27 -68.04
C ASN H 327 9.58 -43.28 -68.74
N ASP H 328 8.81 -42.81 -69.71
CA ASP H 328 7.73 -43.59 -70.29
C ASP H 328 6.41 -43.33 -69.59
N GLY H 329 6.16 -44.05 -68.50
CA GLY H 329 5.92 -45.48 -68.57
C GLY H 329 7.18 -46.29 -68.47
N VAL H 330 8.02 -45.97 -67.50
CA VAL H 330 8.44 -46.95 -66.49
C VAL H 330 9.31 -46.30 -65.42
N THR H 331 9.30 -46.88 -64.23
CA THR H 331 9.62 -46.14 -63.01
C THR H 331 10.83 -46.74 -62.29
N THR H 332 11.82 -45.92 -62.02
CA THR H 332 12.99 -46.33 -61.27
C THR H 332 13.11 -45.60 -59.93
N ILE H 333 13.40 -46.37 -58.89
CA ILE H 333 13.67 -45.81 -57.58
C ILE H 333 15.13 -46.06 -57.20
N ALA H 334 15.81 -45.05 -56.66
CA ALA H 334 17.10 -45.27 -56.04
C ALA H 334 17.21 -44.51 -54.70
N ASN H 335 18.21 -44.85 -53.92
CA ASN H 335 18.53 -44.10 -52.73
C ASN H 335 19.08 -42.69 -53.06
N ASN H 336 18.64 -41.67 -52.33
CA ASN H 336 19.31 -40.41 -52.38
C ASN H 336 19.97 -40.19 -51.04
N LEU H 337 21.25 -40.57 -50.98
CA LEU H 337 21.95 -40.70 -49.74
C LEU H 337 22.14 -39.38 -48.97
N THR H 338 22.16 -38.26 -49.67
CA THR H 338 22.52 -36.99 -49.06
C THR H 338 21.30 -36.12 -48.79
N SER H 339 20.14 -36.78 -48.79
CA SER H 339 18.84 -36.13 -48.59
C SER H 339 18.38 -36.22 -47.17
N THR H 340 17.60 -35.24 -46.71
CA THR H 340 17.18 -35.26 -45.31
C THR H 340 15.65 -35.35 -45.16
N VAL H 341 15.24 -35.87 -44.00
CA VAL H 341 13.90 -35.72 -43.46
C VAL H 341 13.97 -34.86 -42.20
N GLN H 342 12.98 -34.00 -42.00
CA GLN H 342 12.98 -33.00 -40.92
C GLN H 342 11.95 -33.41 -39.91
N VAL H 343 12.20 -33.12 -38.63
CA VAL H 343 11.28 -33.50 -37.57
C VAL H 343 11.33 -32.56 -36.40
N PHE H 344 10.18 -32.39 -35.76
CA PHE H 344 10.11 -31.67 -34.50
C PHE H 344 8.83 -32.03 -33.78
N SER H 345 8.88 -31.85 -32.45
CA SER H 345 7.71 -31.98 -31.63
C SER H 345 7.26 -30.59 -31.24
N ASP H 346 5.97 -30.33 -31.42
CA ASP H 346 5.36 -29.07 -31.02
C ASP H 346 5.13 -29.06 -29.49
N SER H 347 6.21 -29.05 -28.73
CA SER H 347 6.14 -29.19 -27.27
C SER H 347 5.63 -27.98 -26.47
N GLU H 348 5.53 -26.81 -27.10
CA GLU H 348 4.92 -25.64 -26.48
C GLU H 348 3.49 -25.41 -27.00
N TYR H 349 3.03 -26.39 -27.78
CA TYR H 349 1.65 -26.45 -28.36
C TYR H 349 1.30 -25.23 -29.18
N GLN H 350 2.28 -24.78 -29.92
CA GLN H 350 2.12 -23.56 -30.70
C GLN H 350 1.30 -23.78 -31.98
N LEU H 351 1.10 -25.03 -32.33
CA LEU H 351 0.31 -25.37 -33.51
C LEU H 351 -1.08 -25.85 -33.18
N PRO H 352 -2.01 -25.64 -34.12
CA PRO H 352 -3.37 -26.16 -33.93
C PRO H 352 -3.32 -27.66 -33.66
N TYR H 353 -4.02 -28.09 -32.61
CA TYR H 353 -3.86 -29.46 -32.17
C TYR H 353 -4.79 -30.36 -32.88
N VAL H 354 -4.24 -31.19 -33.75
CA VAL H 354 -5.03 -31.97 -34.69
C VAL H 354 -5.20 -33.43 -34.29
N LEU H 355 -4.43 -33.91 -33.31
CA LEU H 355 -4.76 -35.17 -32.66
C LEU H 355 -6.10 -35.06 -31.90
N GLY H 356 -6.71 -36.19 -31.56
CA GLY H 356 -7.92 -36.18 -30.72
C GLY H 356 -9.16 -35.77 -31.49
N SER H 357 -9.10 -36.00 -32.78
CA SER H 357 -10.26 -35.83 -33.63
C SER H 357 -10.51 -37.16 -34.33
N ALA H 358 -9.78 -38.19 -33.91
CA ALA H 358 -10.08 -39.58 -34.28
C ALA H 358 -9.85 -39.82 -35.76
N HIS H 359 -8.85 -39.13 -36.26
CA HIS H 359 -8.42 -39.31 -37.62
C HIS H 359 -7.82 -40.64 -37.89
N GLN H 360 -7.97 -41.12 -39.10
CA GLN H 360 -7.20 -42.27 -39.48
C GLN H 360 -5.75 -41.88 -39.79
N GLY H 361 -4.86 -42.86 -39.75
CA GLY H 361 -3.44 -42.69 -40.03
C GLY H 361 -2.58 -42.97 -38.81
N CYS H 362 -3.15 -43.58 -37.76
CA CYS H 362 -2.38 -43.92 -36.57
C CYS H 362 -1.55 -45.13 -36.91
N LEU H 363 -0.53 -45.42 -36.09
CA LEU H 363 0.15 -46.71 -36.18
C LEU H 363 -0.86 -47.85 -36.28
N PRO H 364 -0.64 -48.77 -37.21
CA PRO H 364 -1.56 -49.87 -37.39
C PRO H 364 -1.56 -50.85 -36.22
N PRO H 365 -2.69 -51.52 -35.95
CA PRO H 365 -2.82 -52.48 -34.84
C PRO H 365 -1.86 -53.65 -34.98
N PHE H 366 -1.60 -54.02 -36.22
CA PHE H 366 -0.79 -55.19 -36.52
C PHE H 366 0.66 -54.86 -36.87
N PRO H 367 1.61 -55.31 -36.03
CA PRO H 367 2.99 -54.83 -36.13
C PRO H 367 3.62 -55.06 -37.49
N ALA H 368 3.13 -56.04 -38.24
CA ALA H 368 3.69 -56.27 -39.58
C ALA H 368 3.19 -55.33 -40.68
N ASP H 369 2.13 -54.54 -40.42
CA ASP H 369 1.62 -53.56 -41.40
C ASP H 369 2.49 -52.28 -41.50
N VAL H 370 2.75 -51.90 -42.76
CA VAL H 370 3.43 -50.66 -43.13
C VAL H 370 2.36 -49.57 -43.27
N PHE H 371 2.67 -48.35 -42.87
CA PHE H 371 1.63 -47.36 -42.91
C PHE H 371 2.15 -46.11 -43.56
N MET H 372 1.23 -45.40 -44.18
CA MET H 372 1.51 -44.11 -44.77
C MET H 372 1.23 -43.00 -43.72
N ILE H 373 2.11 -42.01 -43.62
CA ILE H 373 1.94 -40.95 -42.63
C ILE H 373 0.88 -40.01 -43.14
N PRO H 374 -0.07 -39.62 -42.27
CA PRO H 374 -1.09 -38.62 -42.70
C PRO H 374 -0.44 -37.27 -42.99
N GLN H 375 -1.11 -36.40 -43.75
CA GLN H 375 -0.72 -35.00 -44.00
C GLN H 375 -1.30 -34.04 -42.93
N TYR H 376 -0.52 -33.07 -42.48
CA TYR H 376 -1.05 -32.13 -41.49
C TYR H 376 -1.83 -31.06 -42.26
N GLY H 377 -3.07 -30.78 -41.85
CA GLY H 377 -3.76 -29.54 -42.21
C GLY H 377 -4.54 -29.10 -40.99
N TYR H 378 -5.00 -27.84 -40.98
CA TYR H 378 -5.73 -27.34 -39.84
C TYR H 378 -6.79 -26.35 -40.34
N LEU H 379 -7.77 -26.01 -39.49
CA LEU H 379 -8.74 -24.96 -39.76
C LEU H 379 -8.58 -23.73 -38.86
N THR H 380 -9.18 -22.60 -39.25
CA THR H 380 -9.26 -21.39 -38.46
C THR H 380 -10.65 -20.84 -38.55
N LEU H 381 -10.83 -19.60 -38.08
CA LEU H 381 -12.11 -18.99 -38.09
C LEU H 381 -12.50 -18.90 -39.55
N ASN H 382 -13.78 -19.16 -39.79
CA ASN H 382 -14.40 -18.94 -41.10
C ASN H 382 -15.79 -18.31 -40.96
N ASN H 383 -16.10 -17.41 -41.89
CA ASN H 383 -17.41 -16.82 -42.01
C ASN H 383 -17.89 -17.31 -43.39
N GLY H 384 -18.74 -18.32 -43.37
CA GLY H 384 -19.05 -19.05 -44.58
C GLY H 384 -17.75 -19.66 -45.09
N SER H 385 -17.48 -19.55 -46.38
CA SER H 385 -16.19 -20.01 -46.89
C SER H 385 -15.07 -18.96 -46.90
N GLN H 386 -15.30 -17.80 -46.29
CA GLN H 386 -14.27 -16.78 -46.28
C GLN H 386 -13.53 -16.82 -44.96
N ALA H 387 -12.41 -16.10 -44.87
CA ALA H 387 -11.70 -15.93 -43.59
C ALA H 387 -12.05 -14.62 -42.90
N VAL H 388 -11.58 -14.45 -41.67
CA VAL H 388 -11.76 -13.22 -40.88
C VAL H 388 -10.35 -12.68 -40.53
N GLY H 389 -10.23 -11.45 -40.04
CA GLY H 389 -8.91 -10.91 -39.72
C GLY H 389 -8.26 -11.70 -38.60
N ARG H 390 -9.09 -12.31 -37.76
CA ARG H 390 -8.65 -13.04 -36.59
C ARG H 390 -8.08 -14.41 -36.94
N SER H 391 -8.38 -14.89 -38.15
CA SER H 391 -7.81 -16.15 -38.68
C SER H 391 -6.30 -16.22 -38.68
N SER H 392 -5.81 -17.37 -38.22
CA SER H 392 -4.41 -17.59 -38.01
C SER H 392 -3.87 -18.49 -39.10
N PHE H 393 -2.72 -18.09 -39.62
CA PHE H 393 -1.93 -18.89 -40.50
C PHE H 393 -0.59 -19.27 -39.85
N TYR H 394 -0.20 -20.53 -40.04
CA TYR H 394 1.00 -21.11 -39.40
C TYR H 394 1.96 -21.70 -40.43
N CYS H 395 3.23 -21.35 -40.35
CA CYS H 395 4.22 -21.95 -41.22
C CYS H 395 5.09 -22.81 -40.37
N LEU H 396 5.15 -24.10 -40.68
CA LEU H 396 5.84 -25.10 -39.85
C LEU H 396 7.37 -25.00 -39.81
N GLU H 397 7.95 -24.53 -40.90
CA GLU H 397 9.39 -24.34 -41.02
C GLU H 397 9.88 -23.35 -39.97
N TYR H 398 9.05 -22.35 -39.70
CA TYR H 398 9.39 -21.26 -38.77
C TYR H 398 9.77 -21.78 -37.39
N PHE H 399 9.61 -23.08 -37.23
CA PHE H 399 9.95 -23.82 -36.00
C PHE H 399 11.34 -24.43 -36.12
N PRO H 400 12.15 -24.43 -35.03
CA PRO H 400 13.39 -25.19 -35.21
C PRO H 400 13.07 -26.68 -35.49
N SER H 401 13.71 -27.30 -36.47
CA SER H 401 13.52 -28.75 -36.60
C SER H 401 14.79 -29.53 -36.81
N GLN H 402 14.78 -30.80 -36.45
CA GLN H 402 15.94 -31.64 -36.64
C GLN H 402 16.03 -32.25 -38.06
N MET H 403 17.23 -32.18 -38.64
CA MET H 403 17.39 -32.58 -40.05
C MET H 403 18.14 -33.88 -40.09
N LEU H 404 17.53 -34.88 -40.66
CA LEU H 404 18.12 -36.19 -40.60
C LEU H 404 18.49 -36.75 -41.95
N ARG H 405 19.75 -37.10 -42.13
CA ARG H 405 20.13 -37.94 -43.26
C ARG H 405 20.01 -39.39 -42.84
N THR H 406 20.24 -40.29 -43.78
CA THR H 406 20.09 -41.72 -43.57
C THR H 406 20.80 -42.31 -42.34
N GLY H 407 21.83 -41.62 -41.86
CA GLY H 407 22.56 -42.04 -40.68
C GLY H 407 21.89 -41.72 -39.34
N ASN H 408 21.02 -40.72 -39.31
CA ASN H 408 20.65 -40.05 -38.06
C ASN H 408 19.36 -40.61 -37.46
N ASN H 409 19.06 -40.22 -36.22
CA ASN H 409 17.80 -40.61 -35.62
C ASN H 409 17.27 -39.52 -34.72
N PHE H 410 16.01 -39.64 -34.31
CA PHE H 410 15.31 -38.66 -33.48
C PHE H 410 14.74 -39.32 -32.26
N THR H 411 14.86 -38.68 -31.11
CA THR H 411 14.27 -39.23 -29.94
C THR H 411 13.71 -38.13 -29.07
N PHE H 412 12.63 -38.41 -28.34
CA PHE H 412 12.27 -37.53 -27.22
C PHE H 412 11.46 -38.31 -26.22
N SER H 413 11.43 -37.82 -24.96
CA SER H 413 10.51 -38.34 -23.95
C SER H 413 9.53 -37.32 -23.41
N TYR H 414 8.51 -37.86 -22.76
CA TYR H 414 7.40 -37.08 -22.28
C TYR H 414 6.83 -37.73 -21.00
N THR H 415 6.27 -36.91 -20.10
CA THR H 415 5.64 -37.40 -18.91
C THR H 415 4.22 -36.88 -18.99
N PHE H 416 3.29 -37.75 -18.65
CA PHE H 416 1.90 -37.38 -18.51
C PHE H 416 1.60 -36.75 -17.17
N GLU H 417 0.66 -35.80 -17.19
CA GLU H 417 0.16 -35.16 -16.02
C GLU H 417 -0.58 -36.21 -15.18
N GLU H 418 -0.92 -35.86 -13.94
CA GLU H 418 -1.67 -36.76 -13.10
C GLU H 418 -3.11 -36.76 -13.59
N VAL H 419 -3.67 -37.94 -13.80
CA VAL H 419 -5.04 -38.07 -14.26
C VAL H 419 -5.71 -39.24 -13.56
N PRO H 420 -7.03 -39.17 -13.42
CA PRO H 420 -7.78 -40.24 -12.78
C PRO H 420 -7.64 -41.52 -13.58
N PHE H 421 -7.55 -42.67 -12.90
CA PHE H 421 -7.46 -43.94 -13.60
C PHE H 421 -8.75 -44.13 -14.38
N HIS H 422 -8.64 -44.64 -15.60
CA HIS H 422 -9.85 -45.00 -16.33
C HIS H 422 -10.66 -46.12 -15.69
N SER H 423 -11.97 -45.97 -15.59
CA SER H 423 -12.72 -47.01 -14.88
C SER H 423 -12.96 -48.25 -15.77
N SER H 424 -12.15 -49.28 -15.56
CA SER H 424 -12.34 -50.54 -16.25
C SER H 424 -13.14 -51.51 -15.40
N TYR H 425 -14.39 -51.17 -15.16
CA TYR H 425 -15.29 -51.97 -14.35
C TYR H 425 -16.72 -51.51 -14.61
N ALA H 426 -17.67 -52.43 -14.51
CA ALA H 426 -19.06 -52.08 -14.30
C ALA H 426 -19.39 -52.09 -12.80
N HIS H 427 -20.35 -51.26 -12.41
CA HIS H 427 -20.94 -51.37 -11.08
C HIS H 427 -21.85 -52.60 -10.96
N SER H 428 -21.92 -53.16 -9.76
CA SER H 428 -22.82 -54.28 -9.47
C SER H 428 -23.94 -53.84 -8.53
N GLN H 429 -24.20 -52.55 -8.52
CA GLN H 429 -25.31 -51.96 -7.77
C GLN H 429 -25.77 -50.84 -8.65
N SER H 430 -26.99 -50.35 -8.42
CA SER H 430 -27.46 -49.17 -9.13
C SER H 430 -27.92 -48.10 -8.16
N LEU H 431 -28.01 -46.86 -8.63
CA LEU H 431 -28.14 -45.70 -7.73
C LEU H 431 -29.33 -45.87 -6.83
N ASP H 432 -30.34 -46.51 -7.43
CA ASP H 432 -31.68 -46.67 -6.87
C ASP H 432 -31.83 -47.95 -6.10
N ARG H 433 -30.74 -48.70 -5.99
CA ARG H 433 -30.76 -49.87 -5.15
C ARG H 433 -29.61 -49.86 -4.14
N LEU H 434 -29.41 -48.74 -3.46
CA LEU H 434 -28.31 -48.68 -2.47
C LEU H 434 -28.74 -49.00 -1.05
N MET H 435 -30.03 -49.04 -0.79
CA MET H 435 -30.53 -49.21 0.56
C MET H 435 -30.37 -50.63 1.11
N ASN H 436 -30.52 -50.75 2.42
CA ASN H 436 -30.58 -52.04 3.08
C ASN H 436 -31.99 -52.57 2.87
N PRO H 437 -32.11 -53.70 2.15
CA PRO H 437 -33.40 -54.27 1.76
C PRO H 437 -34.14 -54.94 2.92
N LEU H 438 -33.61 -54.85 4.16
CA LEU H 438 -34.28 -55.48 5.31
C LEU H 438 -34.96 -54.48 6.21
N ILE H 439 -34.46 -53.25 6.22
CA ILE H 439 -34.81 -52.30 7.29
C ILE H 439 -35.60 -51.13 6.73
N ASP H 440 -36.57 -50.63 7.50
CA ASP H 440 -37.22 -49.39 7.12
C ASP H 440 -36.24 -48.20 7.29
N GLN H 441 -36.60 -47.07 6.67
CA GLN H 441 -36.02 -45.78 7.03
C GLN H 441 -36.70 -45.20 8.24
N TYR H 442 -36.15 -44.14 8.84
CA TYR H 442 -36.81 -43.40 9.93
C TYR H 442 -37.52 -42.20 9.30
N LEU H 443 -37.35 -42.07 7.97
CA LEU H 443 -37.90 -40.97 7.19
C LEU H 443 -39.27 -41.27 6.57
N TYR H 444 -40.09 -40.24 6.43
CA TYR H 444 -41.46 -40.40 5.98
C TYR H 444 -41.63 -39.64 4.69
N TYR H 445 -42.60 -40.02 3.89
CA TYR H 445 -42.94 -39.31 2.66
C TYR H 445 -44.43 -39.31 2.49
N LEU H 446 -44.96 -38.28 1.85
CA LEU H 446 -46.36 -38.18 1.57
C LEU H 446 -46.74 -39.31 0.62
N ASN H 447 -47.58 -40.22 1.10
CA ASN H 447 -47.96 -41.42 0.36
C ASN H 447 -49.29 -41.30 -0.37
N ARG H 448 -50.28 -40.71 0.29
CA ARG H 448 -51.57 -40.46 -0.35
C ARG H 448 -52.11 -39.06 -0.12
N THR H 449 -52.70 -38.51 -1.17
CA THR H 449 -53.47 -37.27 -1.12
C THR H 449 -54.98 -37.51 -1.10
N GLN H 450 -55.38 -38.76 -0.99
CA GLN H 450 -56.77 -39.10 -0.70
C GLN H 450 -56.90 -40.51 -0.14
N ASN H 451 -57.93 -40.74 0.68
CA ASN H 451 -58.17 -42.06 1.22
C ASN H 451 -58.68 -43.02 0.16
N GLN H 452 -58.03 -44.18 0.04
CA GLN H 452 -57.82 -45.06 1.18
C GLN H 452 -59.08 -45.85 1.52
N SER H 453 -59.78 -46.30 0.50
CA SER H 453 -61.14 -46.78 0.67
C SER H 453 -61.69 -46.41 2.04
N GLY H 454 -61.93 -45.11 2.23
CA GLY H 454 -63.21 -44.65 2.76
C GLY H 454 -64.01 -43.87 1.75
N SER H 455 -65.13 -44.45 1.32
CA SER H 455 -65.82 -44.00 0.12
C SER H 455 -66.06 -42.50 0.17
N ALA H 456 -65.85 -41.83 -0.96
CA ALA H 456 -65.34 -42.48 -2.18
C ALA H 456 -63.93 -42.02 -2.24
N GLN H 457 -63.75 -40.82 -2.79
CA GLN H 457 -62.44 -40.21 -2.84
C GLN H 457 -62.55 -38.92 -2.04
N ASN H 458 -61.72 -38.81 -1.01
CA ASN H 458 -61.74 -37.65 -0.16
C ASN H 458 -60.33 -37.10 -0.02
N LYS H 459 -60.21 -35.79 0.03
CA LYS H 459 -58.91 -35.19 0.18
C LYS H 459 -58.34 -35.64 1.52
N ASP H 460 -57.06 -35.97 1.50
CA ASP H 460 -56.35 -36.44 2.68
C ASP H 460 -54.88 -36.15 2.53
N LEU H 461 -54.16 -36.31 3.62
CA LEU H 461 -52.71 -36.22 3.60
C LEU H 461 -52.24 -37.39 4.43
N LEU H 462 -51.76 -38.42 3.73
CA LEU H 462 -51.29 -39.63 4.37
C LEU H 462 -49.81 -39.93 4.10
N PHE H 463 -49.06 -40.18 5.17
CA PHE H 463 -47.60 -40.28 5.13
C PHE H 463 -47.16 -41.68 5.50
N SER H 464 -46.16 -42.19 4.79
CA SER H 464 -45.59 -43.52 5.03
C SER H 464 -44.10 -43.47 5.23
N ARG H 465 -43.58 -44.42 5.99
CA ARG H 465 -42.17 -44.45 6.11
C ARG H 465 -41.50 -45.39 5.09
N GLY H 466 -40.35 -44.96 4.59
CA GLY H 466 -39.52 -45.77 3.74
C GLY H 466 -39.43 -47.24 4.15
N SER H 467 -39.54 -48.10 3.18
CA SER H 467 -39.80 -49.48 3.43
C SER H 467 -39.31 -50.31 2.24
N PRO H 468 -38.81 -51.53 2.50
CA PRO H 468 -38.31 -52.36 1.38
C PRO H 468 -39.34 -52.70 0.30
N ALA H 469 -40.62 -52.60 0.59
CA ALA H 469 -41.61 -52.82 -0.43
C ALA H 469 -41.77 -51.58 -1.31
N GLY H 470 -41.11 -50.46 -0.98
CA GLY H 470 -41.31 -49.20 -1.73
C GLY H 470 -40.00 -48.51 -2.02
N MET H 471 -39.10 -49.22 -2.68
CA MET H 471 -37.77 -48.69 -2.94
C MET H 471 -37.79 -47.58 -3.96
N SER H 472 -38.83 -47.52 -4.78
CA SER H 472 -39.00 -46.39 -5.66
C SER H 472 -39.43 -45.09 -4.97
N VAL H 473 -39.83 -45.13 -3.72
CA VAL H 473 -40.32 -43.90 -3.06
C VAL H 473 -39.53 -43.51 -1.82
N GLN H 474 -38.43 -44.21 -1.58
CA GLN H 474 -37.54 -43.91 -0.48
C GLN H 474 -36.75 -42.66 -0.72
N PRO H 475 -36.65 -41.77 0.30
CA PRO H 475 -35.66 -40.71 0.19
C PRO H 475 -34.29 -41.28 -0.16
N LYS H 476 -33.49 -40.57 -0.96
CA LYS H 476 -32.10 -40.92 -1.20
C LYS H 476 -31.14 -39.72 -1.27
N ASN H 477 -29.84 -40.01 -1.36
CA ASN H 477 -28.80 -38.99 -1.31
C ASN H 477 -28.39 -38.48 -2.68
N TRP H 478 -28.57 -39.33 -3.70
CA TRP H 478 -27.92 -39.11 -5.01
C TRP H 478 -28.82 -39.04 -6.22
N LEU H 479 -28.38 -38.33 -7.25
CA LEU H 479 -29.09 -38.26 -8.50
C LEU H 479 -28.28 -38.94 -9.62
N PRO H 480 -28.94 -39.49 -10.66
CA PRO H 480 -28.19 -40.03 -11.79
C PRO H 480 -27.64 -38.92 -12.64
N GLY H 481 -26.77 -39.26 -13.60
CA GLY H 481 -26.01 -38.28 -14.35
C GLY H 481 -26.84 -37.42 -15.26
N PRO H 482 -26.21 -36.47 -15.91
CA PRO H 482 -26.81 -35.58 -16.87
C PRO H 482 -27.38 -36.30 -18.14
N CYS H 483 -28.13 -35.55 -18.92
CA CYS H 483 -28.87 -36.15 -19.99
C CYS H 483 -29.10 -35.13 -21.09
N TYR H 484 -28.81 -35.60 -22.29
CA TYR H 484 -29.17 -34.92 -23.50
C TYR H 484 -29.82 -35.91 -24.49
N ARG H 485 -31.14 -35.98 -24.45
CA ARG H 485 -31.83 -37.08 -25.10
C ARG H 485 -31.52 -37.23 -26.57
N GLN H 486 -31.46 -38.47 -27.00
CA GLN H 486 -31.21 -38.79 -28.39
C GLN H 486 -32.25 -39.73 -28.96
N GLN H 487 -32.35 -39.73 -30.27
CA GLN H 487 -33.39 -40.46 -30.96
C GLN H 487 -33.08 -41.94 -31.04
N ARG H 488 -34.04 -42.75 -30.62
CA ARG H 488 -33.86 -44.20 -30.54
C ARG H 488 -34.07 -44.86 -31.91
N VAL H 489 -33.08 -45.58 -32.40
CA VAL H 489 -33.29 -46.28 -33.65
C VAL H 489 -33.02 -47.77 -33.58
N SER H 490 -33.88 -48.55 -34.22
CA SER H 490 -33.74 -50.02 -34.22
C SER H 490 -32.82 -50.59 -35.31
N LYS H 491 -32.19 -51.71 -34.98
CA LYS H 491 -31.33 -52.43 -35.89
C LYS H 491 -32.13 -53.24 -36.94
N THR H 492 -33.37 -53.55 -36.62
CA THR H 492 -34.29 -54.12 -37.61
C THR H 492 -35.07 -52.97 -38.24
N LYS H 493 -34.75 -52.67 -39.49
CA LYS H 493 -35.24 -51.47 -40.19
C LYS H 493 -36.75 -51.25 -40.17
N THR H 494 -37.50 -52.35 -40.21
CA THR H 494 -38.96 -52.33 -40.20
C THR H 494 -39.62 -51.60 -39.03
N ASP H 495 -38.89 -51.46 -37.92
CA ASP H 495 -39.36 -50.74 -36.75
C ASP H 495 -39.34 -49.26 -36.92
N ASN H 496 -38.44 -48.76 -37.77
CA ASN H 496 -38.22 -47.32 -37.88
C ASN H 496 -39.22 -46.58 -38.73
N ASN H 497 -39.21 -45.26 -38.63
CA ASN H 497 -40.05 -44.44 -39.47
C ASN H 497 -39.56 -44.50 -40.90
N ASN H 498 -40.45 -44.45 -41.87
CA ASN H 498 -40.02 -44.35 -43.25
C ASN H 498 -39.69 -42.91 -43.67
N SER H 499 -38.56 -42.39 -43.22
CA SER H 499 -38.03 -41.12 -43.71
C SER H 499 -36.54 -41.08 -43.42
N ASN H 500 -35.92 -40.02 -43.87
CA ASN H 500 -34.54 -39.76 -43.55
C ASN H 500 -34.49 -38.71 -42.47
N PHE H 501 -34.40 -39.16 -41.22
CA PHE H 501 -34.48 -38.24 -40.07
C PHE H 501 -33.17 -37.88 -39.35
N THR H 502 -32.03 -38.38 -39.82
CA THR H 502 -30.80 -38.24 -39.05
C THR H 502 -30.37 -36.80 -38.70
N TRP H 503 -30.27 -35.96 -39.72
CA TRP H 503 -30.04 -34.54 -39.51
C TRP H 503 -31.25 -33.88 -38.88
N THR H 504 -32.43 -34.25 -39.36
CA THR H 504 -33.68 -33.59 -38.97
C THR H 504 -34.24 -34.03 -37.61
N GLY H 505 -33.96 -35.28 -37.22
CA GLY H 505 -34.34 -35.78 -35.91
C GLY H 505 -33.18 -35.80 -34.94
N ALA H 506 -32.01 -35.40 -35.42
CA ALA H 506 -30.79 -35.42 -34.62
C ALA H 506 -30.70 -34.37 -33.52
N SER H 507 -30.05 -34.77 -32.42
CA SER H 507 -29.68 -33.89 -31.37
C SER H 507 -28.46 -33.11 -31.87
N LYS H 508 -28.63 -31.78 -31.98
CA LYS H 508 -27.61 -30.89 -32.52
C LYS H 508 -27.34 -29.68 -31.64
N TYR H 509 -26.12 -29.16 -31.72
CA TYR H 509 -25.85 -27.92 -31.06
C TYR H 509 -25.63 -26.86 -32.11
N ASN H 510 -25.75 -25.61 -31.69
CA ASN H 510 -25.83 -24.51 -32.64
C ASN H 510 -24.77 -23.50 -32.25
N LEU H 511 -23.81 -23.34 -33.14
CA LEU H 511 -22.64 -22.53 -32.85
C LEU H 511 -22.41 -21.55 -33.95
N ASN H 512 -22.50 -20.27 -33.62
CA ASN H 512 -22.35 -19.24 -34.62
C ASN H 512 -23.18 -19.57 -35.87
N GLY H 513 -24.48 -19.81 -35.71
CA GLY H 513 -25.39 -20.10 -36.83
C GLY H 513 -25.15 -21.40 -37.60
N ARG H 514 -24.17 -22.16 -37.13
CA ARG H 514 -23.84 -23.46 -37.69
C ARG H 514 -24.20 -24.65 -36.80
N GLU H 515 -24.95 -25.59 -37.38
CA GLU H 515 -25.35 -26.78 -36.63
C GLU H 515 -24.34 -27.91 -36.69
N SER H 516 -24.26 -28.65 -35.59
CA SER H 516 -23.33 -29.72 -35.48
C SER H 516 -24.07 -30.81 -34.70
N ILE H 517 -24.07 -32.01 -35.26
CA ILE H 517 -24.59 -33.18 -34.57
C ILE H 517 -23.84 -33.44 -33.28
N ILE H 518 -24.56 -33.68 -32.20
CA ILE H 518 -23.91 -34.01 -30.94
C ILE H 518 -23.66 -35.49 -31.11
N ASN H 519 -22.39 -35.86 -31.17
CA ASN H 519 -22.02 -37.24 -31.33
C ASN H 519 -20.61 -37.47 -30.85
N PRO H 520 -20.43 -38.41 -29.89
CA PRO H 520 -21.39 -39.26 -29.19
C PRO H 520 -22.21 -38.59 -28.06
N GLY H 521 -21.79 -37.40 -27.61
CA GLY H 521 -22.57 -36.67 -26.64
C GLY H 521 -22.43 -37.21 -25.27
N THR H 522 -23.19 -36.65 -24.36
CA THR H 522 -23.12 -37.00 -22.95
C THR H 522 -22.98 -38.54 -22.77
N ALA H 523 -22.12 -38.99 -21.85
CA ALA H 523 -22.12 -40.41 -21.50
C ALA H 523 -23.47 -40.88 -20.94
N MET H 524 -24.12 -41.72 -21.73
CA MET H 524 -25.45 -42.26 -21.38
C MET H 524 -25.57 -43.75 -21.77
N ALA H 525 -26.36 -44.53 -21.02
CA ALA H 525 -26.51 -45.94 -21.35
C ALA H 525 -27.24 -46.06 -22.68
N SER H 526 -26.73 -46.95 -23.51
CA SER H 526 -27.28 -47.17 -24.86
C SER H 526 -28.71 -47.69 -24.97
N HIS H 527 -29.12 -48.53 -24.02
CA HIS H 527 -30.47 -49.08 -24.01
C HIS H 527 -30.74 -49.65 -22.64
N LYS H 528 -31.99 -49.60 -22.19
CA LYS H 528 -32.35 -50.28 -20.96
C LYS H 528 -32.38 -51.79 -21.15
N ASP H 529 -32.55 -52.51 -20.05
CA ASP H 529 -32.58 -53.96 -20.05
C ASP H 529 -33.41 -54.54 -21.18
N ASP H 530 -32.88 -55.58 -21.81
CA ASP H 530 -33.62 -56.38 -22.79
C ASP H 530 -33.85 -55.68 -24.11
N GLU H 531 -33.13 -54.60 -24.39
CA GLU H 531 -33.45 -53.84 -25.58
C GLU H 531 -32.22 -53.59 -26.40
N ASP H 532 -31.39 -54.61 -26.52
CA ASP H 532 -30.11 -54.44 -27.18
C ASP H 532 -30.25 -54.15 -28.66
N LYS H 533 -31.46 -54.19 -29.18
CA LYS H 533 -31.66 -53.89 -30.58
C LYS H 533 -31.75 -52.39 -30.94
N PHE H 534 -31.95 -51.52 -29.93
CA PHE H 534 -31.99 -50.07 -30.11
C PHE H 534 -30.65 -49.39 -29.78
N PHE H 535 -30.42 -48.22 -30.35
CA PHE H 535 -29.23 -47.46 -30.02
C PHE H 535 -29.48 -46.00 -30.33
N PRO H 536 -28.75 -45.11 -29.61
CA PRO H 536 -28.97 -43.71 -29.88
C PRO H 536 -28.46 -43.47 -31.31
N MET H 537 -29.23 -42.71 -32.10
CA MET H 537 -28.85 -42.30 -33.42
C MET H 537 -27.41 -41.79 -33.55
N SER H 538 -26.96 -40.97 -32.60
CA SER H 538 -25.59 -40.51 -32.65
C SER H 538 -24.91 -40.51 -31.27
N GLY H 539 -25.25 -41.48 -30.42
CA GLY H 539 -24.73 -41.57 -29.05
C GLY H 539 -23.88 -42.80 -28.75
N VAL H 540 -23.46 -43.49 -29.81
CA VAL H 540 -22.53 -44.61 -29.64
C VAL H 540 -21.37 -44.52 -30.63
N MET H 541 -20.23 -44.94 -30.16
CA MET H 541 -19.05 -44.95 -30.96
C MET H 541 -19.27 -46.09 -31.94
N ILE H 542 -18.94 -45.87 -33.21
CA ILE H 542 -19.13 -46.91 -34.22
C ILE H 542 -17.91 -47.13 -35.13
N PHE H 543 -17.37 -48.34 -35.07
CA PHE H 543 -16.19 -48.70 -35.89
C PHE H 543 -16.57 -49.39 -37.22
N GLY H 544 -15.76 -49.16 -38.22
CA GLY H 544 -16.07 -49.77 -39.50
C GLY H 544 -15.35 -51.08 -39.57
N LYS H 545 -15.96 -52.04 -40.24
CA LYS H 545 -15.24 -53.25 -40.60
C LYS H 545 -14.28 -52.98 -41.75
N GLU H 546 -13.38 -53.92 -42.00
CA GLU H 546 -12.37 -53.76 -43.03
C GLU H 546 -12.98 -54.01 -44.40
N SER H 547 -14.29 -54.26 -44.42
CA SER H 547 -15.04 -54.30 -45.68
C SER H 547 -15.82 -53.01 -45.93
N ALA H 548 -15.98 -52.16 -44.91
CA ALA H 548 -16.84 -51.00 -45.01
C ALA H 548 -16.37 -49.99 -46.05
N GLY H 549 -17.31 -49.53 -46.86
CA GLY H 549 -17.10 -48.39 -47.74
C GLY H 549 -17.15 -47.11 -46.92
N ALA H 550 -16.65 -46.04 -47.53
CA ALA H 550 -16.53 -44.75 -46.89
C ALA H 550 -17.87 -44.16 -46.53
N SER H 551 -18.87 -44.35 -47.38
CA SER H 551 -20.17 -43.73 -47.16
C SER H 551 -21.38 -44.58 -47.53
N ASN H 552 -22.45 -44.44 -46.73
CA ASN H 552 -23.66 -45.26 -46.89
C ASN H 552 -23.40 -46.77 -47.03
N THR H 553 -22.59 -47.29 -46.13
CA THR H 553 -22.36 -48.69 -46.07
C THR H 553 -23.40 -49.31 -45.13
N ALA H 554 -23.58 -50.61 -45.27
CA ALA H 554 -24.61 -51.36 -44.55
C ALA H 554 -24.25 -51.75 -43.12
N LEU H 555 -25.30 -52.09 -42.36
CA LEU H 555 -25.20 -52.37 -40.95
C LEU H 555 -24.13 -53.39 -40.60
N ASP H 556 -23.97 -54.39 -41.46
CA ASP H 556 -23.05 -55.48 -41.16
C ASP H 556 -21.62 -55.19 -41.54
N ASN H 557 -21.34 -53.99 -42.01
CA ASN H 557 -19.98 -53.60 -42.21
C ASN H 557 -19.52 -52.67 -41.11
N VAL H 558 -20.37 -52.45 -40.08
CA VAL H 558 -19.95 -51.60 -38.97
C VAL H 558 -20.04 -52.35 -37.66
N MET H 559 -19.40 -51.83 -36.63
CA MET H 559 -19.50 -52.40 -35.32
C MET H 559 -19.90 -51.28 -34.39
N ILE H 560 -21.06 -51.45 -33.78
CA ILE H 560 -21.60 -50.44 -32.89
C ILE H 560 -21.26 -50.80 -31.49
N THR H 561 -20.63 -49.86 -30.77
CA THR H 561 -20.40 -50.07 -29.34
C THR H 561 -21.68 -50.14 -28.50
N ASP H 562 -21.57 -50.64 -27.28
CA ASP H 562 -22.69 -50.70 -26.38
C ASP H 562 -22.19 -50.19 -25.04
N GLU H 563 -22.84 -49.16 -24.51
CA GLU H 563 -22.41 -48.59 -23.25
C GLU H 563 -23.43 -48.88 -22.17
N GLU H 564 -24.03 -50.06 -22.26
CA GLU H 564 -25.10 -50.49 -21.35
C GLU H 564 -24.71 -50.63 -19.89
N GLU H 565 -23.44 -50.92 -19.62
CA GLU H 565 -22.96 -51.09 -18.26
C GLU H 565 -23.21 -49.87 -17.36
N ILE H 566 -23.27 -48.67 -17.95
CA ILE H 566 -23.41 -47.48 -17.12
C ILE H 566 -24.82 -47.16 -16.68
N LYS H 567 -25.76 -48.04 -17.00
CA LYS H 567 -27.15 -47.80 -16.60
C LYS H 567 -27.44 -47.95 -15.11
N ALA H 568 -26.48 -48.47 -14.38
CA ALA H 568 -26.50 -48.37 -12.93
C ALA H 568 -26.51 -46.91 -12.39
N THR H 569 -25.91 -45.95 -13.13
CA THR H 569 -25.73 -44.54 -12.68
C THR H 569 -26.14 -43.46 -13.68
N ASN H 570 -26.09 -43.82 -14.96
CA ASN H 570 -26.23 -42.84 -16.03
C ASN H 570 -27.56 -43.03 -16.76
N PRO H 571 -28.32 -41.94 -16.95
CA PRO H 571 -29.55 -42.10 -17.71
C PRO H 571 -29.36 -42.88 -19.06
N VAL H 572 -30.34 -43.67 -19.43
CA VAL H 572 -30.40 -44.24 -20.76
C VAL H 572 -30.61 -43.14 -21.82
N ALA H 573 -29.88 -43.28 -22.92
CA ALA H 573 -29.66 -42.19 -23.88
C ALA H 573 -30.85 -41.78 -24.70
N THR H 574 -31.88 -42.63 -24.72
CA THR H 574 -33.02 -42.38 -25.61
C THR H 574 -34.30 -42.16 -24.84
N GLU H 575 -34.20 -41.89 -23.54
CA GLU H 575 -35.36 -41.72 -22.70
C GLU H 575 -35.23 -40.39 -22.01
N ARG H 576 -36.32 -39.92 -21.44
CA ARG H 576 -36.25 -38.75 -20.58
C ARG H 576 -35.29 -38.96 -19.40
N PHE H 577 -34.72 -37.87 -18.88
CA PHE H 577 -34.05 -37.92 -17.58
C PHE H 577 -35.10 -38.19 -16.50
N GLY H 578 -36.26 -37.54 -16.61
CA GLY H 578 -37.30 -37.74 -15.64
C GLY H 578 -38.47 -36.84 -15.83
N THR H 579 -39.12 -36.48 -14.73
CA THR H 579 -40.34 -35.67 -14.78
C THR H 579 -40.26 -34.56 -13.74
N VAL H 580 -40.89 -33.42 -14.03
CA VAL H 580 -40.85 -32.23 -13.18
C VAL H 580 -42.25 -31.70 -13.06
N ALA H 581 -42.58 -31.17 -11.88
CA ALA H 581 -43.78 -30.37 -11.71
C ALA H 581 -43.68 -29.13 -12.58
N VAL H 582 -44.82 -28.68 -13.06
CA VAL H 582 -44.88 -27.47 -13.90
C VAL H 582 -46.01 -26.49 -13.54
N ASN H 583 -46.73 -26.69 -12.43
CA ASN H 583 -47.80 -25.77 -12.06
C ASN H 583 -48.11 -25.87 -10.59
N PHE H 584 -49.10 -25.12 -10.11
CA PHE H 584 -49.55 -25.27 -8.74
C PHE H 584 -50.91 -25.95 -8.73
N GLN H 585 -50.98 -27.16 -8.18
CA GLN H 585 -52.23 -27.92 -8.10
C GLN H 585 -53.13 -27.27 -7.04
N SER H 586 -54.45 -27.38 -7.22
CA SER H 586 -55.42 -26.93 -6.21
C SER H 586 -56.71 -27.65 -6.48
N SER H 587 -57.75 -27.40 -5.69
CA SER H 587 -59.05 -28.00 -6.05
C SER H 587 -59.44 -27.61 -7.49
N SER H 588 -59.13 -26.38 -7.91
CA SER H 588 -59.51 -25.93 -9.25
C SER H 588 -58.54 -26.43 -10.32
N THR H 589 -57.27 -26.60 -9.97
CA THR H 589 -56.25 -26.90 -10.97
C THR H 589 -55.52 -28.23 -10.70
N ASP H 590 -55.58 -29.10 -11.69
CA ASP H 590 -54.98 -30.42 -11.59
C ASP H 590 -53.45 -30.43 -11.68
N PRO H 591 -52.79 -31.23 -10.85
CA PRO H 591 -51.33 -31.26 -10.87
C PRO H 591 -50.78 -31.64 -12.24
N ALA H 592 -49.88 -30.84 -12.75
CA ALA H 592 -49.29 -31.16 -14.05
C ALA H 592 -47.79 -31.40 -13.92
N THR H 593 -47.27 -32.22 -14.82
CA THR H 593 -45.86 -32.48 -14.85
C THR H 593 -45.42 -32.54 -16.26
N GLY H 594 -44.12 -32.41 -16.48
CA GLY H 594 -43.58 -32.39 -17.82
C GLY H 594 -42.37 -33.29 -17.87
N ASP H 595 -42.09 -33.80 -19.07
CA ASP H 595 -40.87 -34.57 -19.32
C ASP H 595 -39.60 -33.74 -19.51
N VAL H 596 -38.52 -34.20 -18.87
CA VAL H 596 -37.24 -33.49 -18.95
C VAL H 596 -36.36 -34.29 -19.88
N HIS H 597 -35.96 -33.68 -20.98
CA HIS H 597 -35.17 -34.38 -22.00
C HIS H 597 -33.70 -33.93 -22.02
N ALA H 598 -33.44 -32.74 -21.48
CA ALA H 598 -32.07 -32.25 -21.43
C ALA H 598 -31.86 -31.69 -20.03
N MET H 599 -31.04 -32.39 -19.24
CA MET H 599 -30.79 -32.00 -17.84
C MET H 599 -29.29 -31.78 -17.61
N GLY H 600 -28.98 -30.55 -17.19
CA GLY H 600 -27.63 -30.20 -16.81
C GLY H 600 -27.31 -30.74 -15.44
N ALA H 601 -26.12 -30.42 -15.00
CA ALA H 601 -25.59 -30.85 -13.74
C ALA H 601 -26.34 -30.26 -12.56
N LEU H 602 -26.69 -31.16 -11.63
CA LEU H 602 -27.36 -30.79 -10.42
C LEU H 602 -26.48 -31.27 -9.28
N PRO H 603 -26.32 -30.46 -8.19
CA PRO H 603 -25.55 -30.97 -7.06
C PRO H 603 -26.08 -32.38 -6.73
N GLY H 604 -25.20 -33.29 -6.33
CA GLY H 604 -25.64 -34.62 -5.97
C GLY H 604 -25.65 -35.65 -7.11
N MET H 605 -25.48 -35.20 -8.34
CA MET H 605 -25.41 -36.12 -9.44
C MET H 605 -24.10 -36.88 -9.44
N VAL H 606 -24.17 -38.13 -9.83
CA VAL H 606 -22.96 -38.91 -10.01
C VAL H 606 -23.07 -39.68 -11.34
N TRP H 607 -21.94 -39.91 -12.00
CA TRP H 607 -22.03 -40.58 -13.30
C TRP H 607 -20.73 -41.25 -13.68
N GLN H 608 -20.84 -42.05 -14.71
CA GLN H 608 -19.73 -42.81 -15.26
C GLN H 608 -19.42 -42.27 -16.64
N ASP H 609 -18.15 -42.06 -16.95
CA ASP H 609 -17.74 -41.53 -18.27
C ASP H 609 -17.76 -42.61 -19.33
N ARG H 610 -17.70 -42.23 -20.59
CA ARG H 610 -17.75 -43.22 -21.66
C ARG H 610 -16.56 -44.12 -21.60
N ASP H 611 -16.78 -45.36 -21.97
CA ASP H 611 -15.76 -46.39 -21.95
C ASP H 611 -14.76 -46.17 -23.06
N VAL H 612 -13.58 -46.75 -22.91
CA VAL H 612 -12.59 -46.75 -23.98
C VAL H 612 -12.64 -48.10 -24.71
N TYR H 613 -12.08 -48.16 -25.89
CA TYR H 613 -12.06 -49.41 -26.64
C TYR H 613 -10.72 -49.69 -27.17
N LEU H 614 -10.45 -50.96 -27.35
CA LEU H 614 -9.13 -51.37 -27.88
C LEU H 614 -8.78 -50.61 -29.16
N GLN H 615 -9.80 -50.29 -29.94
CA GLN H 615 -9.54 -49.50 -31.14
C GLN H 615 -9.98 -48.03 -31.12
N GLY H 616 -10.37 -47.54 -29.95
CA GLY H 616 -10.72 -46.11 -29.81
C GLY H 616 -9.56 -45.22 -29.48
N PRO H 617 -9.81 -43.92 -29.30
CA PRO H 617 -8.72 -43.00 -28.99
C PRO H 617 -8.29 -43.18 -27.54
N ILE H 618 -7.14 -42.63 -27.19
CA ILE H 618 -6.65 -42.64 -25.81
C ILE H 618 -6.91 -41.33 -25.06
N TRP H 619 -6.59 -40.20 -25.71
CA TRP H 619 -6.56 -38.93 -25.03
C TRP H 619 -7.03 -37.80 -25.96
N ALA H 620 -7.26 -36.60 -25.42
CA ALA H 620 -7.40 -35.42 -26.25
C ALA H 620 -6.89 -34.24 -25.44
N LYS H 621 -6.50 -33.18 -26.12
CA LYS H 621 -6.13 -31.94 -25.50
C LYS H 621 -7.42 -31.30 -25.00
N ILE H 622 -7.43 -30.88 -23.72
CA ILE H 622 -8.49 -30.05 -23.23
C ILE H 622 -8.27 -28.69 -23.90
N PRO H 623 -9.31 -28.12 -24.52
CA PRO H 623 -9.19 -26.78 -25.10
C PRO H 623 -8.71 -25.78 -24.07
N HIS H 624 -7.99 -24.77 -24.53
CA HIS H 624 -7.48 -23.75 -23.67
C HIS H 624 -8.63 -22.76 -23.48
N THR H 625 -9.52 -23.01 -22.51
CA THR H 625 -10.65 -22.10 -22.24
C THR H 625 -10.72 -21.63 -20.77
N ASP H 626 -11.48 -20.59 -20.47
CA ASP H 626 -11.58 -20.09 -19.11
C ASP H 626 -12.18 -21.17 -18.27
N GLY H 627 -13.04 -21.98 -18.89
CA GLY H 627 -13.95 -22.91 -18.21
C GLY H 627 -14.11 -24.24 -18.95
N HIS H 628 -14.00 -25.33 -18.21
CA HIS H 628 -14.33 -26.66 -18.74
C HIS H 628 -15.30 -27.16 -17.69
N PHE H 629 -15.92 -28.28 -17.92
CA PHE H 629 -16.64 -28.90 -16.85
C PHE H 629 -16.47 -30.38 -17.06
N HIS H 630 -15.72 -31.01 -16.16
CA HIS H 630 -15.42 -32.42 -16.25
C HIS H 630 -14.88 -32.74 -17.63
N PRO H 631 -13.69 -32.24 -17.94
CA PRO H 631 -13.23 -32.29 -19.32
C PRO H 631 -12.66 -33.64 -19.65
N SER H 632 -13.52 -34.66 -19.53
CA SER H 632 -13.16 -35.99 -20.05
C SER H 632 -13.68 -36.07 -21.51
N PRO H 633 -12.79 -36.35 -22.48
CA PRO H 633 -13.09 -36.29 -23.93
C PRO H 633 -14.29 -37.14 -24.25
N LEU H 634 -15.29 -36.52 -24.84
CA LEU H 634 -16.61 -37.18 -24.91
C LEU H 634 -16.57 -38.43 -25.76
N MET H 635 -15.63 -38.50 -26.68
CA MET H 635 -15.46 -39.72 -27.42
C MET H 635 -14.80 -40.80 -26.60
N GLY H 636 -14.25 -40.48 -25.42
CA GLY H 636 -13.74 -41.52 -24.49
C GLY H 636 -12.24 -41.37 -24.29
N GLY H 637 -11.74 -41.66 -23.09
CA GLY H 637 -10.34 -41.40 -22.79
C GLY H 637 -10.04 -40.34 -21.73
N PHE H 638 -8.79 -39.89 -21.83
CA PHE H 638 -8.18 -38.98 -20.91
C PHE H 638 -8.11 -37.61 -21.51
N GLY H 639 -8.63 -36.66 -20.74
CA GLY H 639 -8.39 -35.26 -21.04
C GLY H 639 -7.08 -34.81 -20.47
N LEU H 640 -6.30 -34.16 -21.32
CA LEU H 640 -4.99 -33.67 -20.90
C LEU H 640 -4.81 -32.20 -21.18
N LYS H 641 -4.52 -31.41 -20.14
CA LYS H 641 -4.14 -30.02 -20.35
C LYS H 641 -2.93 -30.02 -21.32
N ASN H 642 -1.89 -30.80 -21.02
CA ASN H 642 -0.62 -30.76 -21.75
C ASN H 642 -0.31 -32.15 -22.28
N PRO H 643 -1.00 -32.51 -23.39
CA PRO H 643 -1.03 -33.82 -23.97
C PRO H 643 0.26 -34.14 -24.72
N PRO H 644 0.42 -35.38 -25.16
CA PRO H 644 1.58 -35.72 -25.93
C PRO H 644 1.69 -34.84 -27.16
N PRO H 645 2.82 -34.18 -27.31
CA PRO H 645 2.97 -33.18 -28.33
C PRO H 645 2.84 -33.79 -29.74
N GLN H 646 2.38 -32.98 -30.69
CA GLN H 646 2.35 -33.42 -32.09
C GLN H 646 3.76 -33.52 -32.56
N ILE H 647 3.94 -34.50 -33.42
CA ILE H 647 5.23 -34.78 -33.97
C ILE H 647 5.13 -34.68 -35.45
N LEU H 648 5.84 -33.70 -36.00
CA LEU H 648 5.74 -33.35 -37.40
C LEU H 648 7.00 -33.78 -38.16
N ILE H 649 6.80 -34.15 -39.41
CA ILE H 649 7.84 -34.72 -40.25
C ILE H 649 7.63 -34.52 -41.74
N LYS H 650 8.71 -34.23 -42.46
CA LYS H 650 8.65 -33.77 -43.83
C LYS H 650 9.94 -34.15 -44.54
N ASN H 651 9.81 -34.50 -45.82
CA ASN H 651 10.99 -34.62 -46.68
C ASN H 651 11.48 -33.27 -47.16
N THR H 652 12.80 -33.03 -47.06
CA THR H 652 13.30 -31.70 -47.36
C THR H 652 13.23 -31.55 -48.86
N PRO H 653 12.82 -30.37 -49.36
CA PRO H 653 12.79 -30.19 -50.81
C PRO H 653 14.19 -30.36 -51.38
N VAL H 654 14.26 -31.07 -52.50
CA VAL H 654 15.54 -31.18 -53.22
C VAL H 654 15.36 -30.66 -54.64
N PRO H 655 15.86 -29.43 -54.93
CA PRO H 655 15.68 -28.82 -56.25
C PRO H 655 16.13 -29.76 -57.38
N ALA H 656 15.37 -29.77 -58.47
CA ALA H 656 15.88 -30.22 -59.76
C ALA H 656 16.85 -29.18 -60.30
N ASN H 657 17.43 -29.44 -61.47
CA ASN H 657 18.44 -28.52 -62.03
C ASN H 657 17.93 -27.14 -62.35
N PRO H 658 18.59 -26.09 -61.80
CA PRO H 658 18.12 -24.75 -62.12
C PRO H 658 18.53 -24.32 -63.52
N PRO H 659 17.94 -23.25 -64.05
CA PRO H 659 18.49 -22.69 -65.30
C PRO H 659 19.92 -22.11 -65.17
N ALA H 660 20.58 -21.91 -66.30
CA ALA H 660 21.91 -21.26 -66.37
C ALA H 660 21.95 -19.76 -66.04
N GLU H 661 20.79 -19.08 -66.14
CA GLU H 661 20.67 -17.65 -65.94
C GLU H 661 19.75 -17.43 -64.75
N PHE H 662 20.07 -16.45 -63.88
CA PHE H 662 19.31 -16.26 -62.67
C PHE H 662 17.85 -16.02 -62.99
N SER H 663 16.96 -16.56 -62.18
CA SER H 663 15.56 -16.15 -62.19
C SER H 663 15.03 -16.07 -60.75
N ALA H 664 14.30 -15.00 -60.41
CA ALA H 664 13.87 -14.72 -59.01
C ALA H 664 12.60 -15.45 -58.64
N THR H 665 11.92 -15.99 -59.66
CA THR H 665 10.66 -16.69 -59.45
C THR H 665 10.85 -17.92 -58.58
N LYS H 666 9.99 -18.08 -57.58
CA LYS H 666 10.07 -19.21 -56.66
C LYS H 666 10.34 -20.51 -57.39
N PHE H 667 11.35 -21.25 -56.92
CA PHE H 667 11.70 -22.53 -57.52
C PHE H 667 10.49 -23.46 -57.51
N ALA H 668 10.20 -24.06 -58.65
CA ALA H 668 9.03 -24.93 -58.77
C ALA H 668 9.36 -26.28 -59.40
N SER H 669 10.63 -26.55 -59.61
CA SER H 669 11.03 -27.83 -60.19
C SER H 669 11.87 -28.67 -59.23
N PHE H 670 11.33 -29.81 -58.81
CA PHE H 670 11.95 -30.63 -57.78
C PHE H 670 12.14 -32.07 -58.23
N ILE H 671 13.15 -32.71 -57.69
CA ILE H 671 13.34 -34.16 -57.77
C ILE H 671 12.30 -34.83 -56.87
N THR H 672 11.64 -35.83 -57.43
CA THR H 672 10.57 -36.52 -56.77
C THR H 672 11.10 -37.51 -55.74
N GLN H 673 10.65 -37.37 -54.51
CA GLN H 673 11.11 -38.31 -53.52
C GLN H 673 10.15 -38.61 -52.39
N TYR H 674 10.52 -39.61 -51.59
CA TYR H 674 9.81 -39.99 -50.42
C TYR H 674 10.75 -40.71 -49.50
N SER H 675 10.30 -41.01 -48.29
CA SER H 675 11.16 -41.62 -47.33
C SER H 675 10.45 -42.80 -46.66
N THR H 676 11.22 -43.60 -45.94
CA THR H 676 10.68 -44.65 -45.15
C THR H 676 11.61 -44.90 -43.96
N GLY H 677 11.10 -45.47 -42.87
CA GLY H 677 11.94 -45.86 -41.74
C GLY H 677 11.16 -46.61 -40.70
N GLN H 678 11.69 -46.71 -39.51
CA GLN H 678 10.91 -47.21 -38.38
C GLN H 678 10.58 -46.06 -37.38
N VAL H 679 9.53 -46.25 -36.58
CA VAL H 679 9.17 -45.37 -35.46
C VAL H 679 8.87 -46.29 -34.29
N SER H 680 9.18 -45.83 -33.08
CA SER H 680 8.97 -46.61 -31.85
C SER H 680 8.36 -45.74 -30.81
N VAL H 681 7.31 -46.23 -30.18
CA VAL H 681 6.70 -45.56 -29.06
C VAL H 681 6.63 -46.52 -27.92
N GLU H 682 7.15 -46.11 -26.76
CA GLU H 682 7.09 -46.86 -25.51
C GLU H 682 6.28 -46.02 -24.51
N ILE H 683 5.24 -46.64 -23.95
CA ILE H 683 4.44 -46.04 -22.91
C ILE H 683 4.42 -46.89 -21.63
N GLU H 684 4.56 -46.22 -20.47
CA GLU H 684 4.43 -46.86 -19.18
C GLU H 684 3.03 -46.55 -18.73
N TRP H 685 2.29 -47.58 -18.32
CA TRP H 685 0.93 -47.47 -17.79
C TRP H 685 0.86 -47.94 -16.36
N GLU H 686 0.25 -47.16 -15.44
CA GLU H 686 0.12 -47.59 -14.05
C GLU H 686 -1.21 -48.33 -13.97
N LEU H 687 -1.25 -49.42 -13.20
CA LEU H 687 -2.49 -50.16 -12.97
C LEU H 687 -3.08 -50.00 -11.59
N GLN H 688 -4.41 -49.99 -11.57
CA GLN H 688 -5.19 -50.05 -10.38
C GLN H 688 -5.59 -51.50 -10.22
N LYS H 689 -5.00 -52.17 -9.26
CA LYS H 689 -5.33 -53.56 -9.04
C LYS H 689 -6.70 -53.75 -8.44
N GLU H 690 -7.28 -54.90 -8.70
CA GLU H 690 -8.56 -55.28 -8.18
C GLU H 690 -8.44 -55.88 -6.75
N ASN H 691 -9.36 -55.51 -5.87
CA ASN H 691 -9.26 -55.87 -4.47
C ASN H 691 -10.61 -56.45 -4.00
N SER H 692 -11.25 -57.21 -4.88
CA SER H 692 -12.69 -57.44 -4.70
C SER H 692 -12.97 -58.60 -3.77
N LYS H 693 -13.96 -58.45 -2.90
CA LYS H 693 -14.34 -59.55 -2.01
C LYS H 693 -15.53 -60.29 -2.58
N ARG H 694 -15.83 -59.99 -3.83
CA ARG H 694 -16.92 -60.65 -4.49
C ARG H 694 -16.66 -62.16 -4.58
N TRP H 695 -17.63 -62.92 -4.10
CA TRP H 695 -17.48 -64.33 -3.88
C TRP H 695 -17.66 -65.11 -5.20
N ASN H 696 -18.66 -64.71 -5.96
CA ASN H 696 -18.87 -65.39 -7.18
C ASN H 696 -17.94 -64.86 -8.29
N PRO H 697 -17.79 -65.67 -9.36
CA PRO H 697 -16.98 -65.35 -10.52
C PRO H 697 -17.47 -64.17 -11.32
N GLU H 698 -16.53 -63.53 -12.02
CA GLU H 698 -16.79 -62.33 -12.80
C GLU H 698 -17.12 -62.65 -14.29
N VAL H 699 -17.74 -61.69 -14.94
CA VAL H 699 -17.80 -61.71 -16.35
C VAL H 699 -16.38 -61.39 -16.80
N GLN H 700 -15.91 -62.14 -17.79
CA GLN H 700 -14.56 -61.98 -18.29
C GLN H 700 -14.59 -61.95 -19.80
N TYR H 701 -13.78 -61.08 -20.41
CA TYR H 701 -13.73 -61.11 -21.85
C TYR H 701 -13.04 -62.40 -22.26
N THR H 702 -13.64 -63.11 -23.18
CA THR H 702 -13.10 -64.38 -23.55
C THR H 702 -13.26 -64.65 -25.02
N SER H 703 -12.32 -65.34 -25.62
CA SER H 703 -12.58 -65.65 -27.00
C SER H 703 -13.46 -66.86 -27.07
N ASN H 704 -14.01 -67.07 -28.25
CA ASN H 704 -15.00 -68.10 -28.39
C ASN H 704 -14.37 -69.47 -28.61
N TYR H 705 -14.86 -70.47 -27.90
CA TYR H 705 -14.27 -71.79 -27.90
C TYR H 705 -14.74 -72.65 -29.07
N ALA H 706 -15.96 -72.36 -29.55
CA ALA H 706 -16.52 -73.10 -30.68
C ALA H 706 -15.63 -72.93 -31.89
N LYS H 707 -15.66 -73.93 -32.76
CA LYS H 707 -14.78 -73.97 -33.90
C LYS H 707 -15.23 -73.07 -35.05
N SER H 708 -14.29 -72.54 -35.84
CA SER H 708 -14.64 -71.70 -36.99
C SER H 708 -13.57 -71.69 -38.07
N ALA H 709 -13.89 -71.08 -39.21
CA ALA H 709 -12.95 -70.93 -40.32
C ALA H 709 -11.76 -70.00 -40.03
N ASN H 710 -11.93 -68.99 -39.18
CA ASN H 710 -10.85 -68.06 -38.86
C ASN H 710 -10.76 -67.81 -37.36
N VAL H 711 -9.57 -67.44 -36.91
CA VAL H 711 -9.37 -67.01 -35.55
C VAL H 711 -9.61 -65.51 -35.49
N ASP H 712 -10.31 -65.08 -34.44
CA ASP H 712 -10.48 -63.67 -34.08
C ASP H 712 -9.15 -62.95 -33.94
N PHE H 713 -9.10 -61.69 -34.36
CA PHE H 713 -7.90 -60.85 -34.25
C PHE H 713 -6.70 -61.56 -34.86
N THR H 714 -6.89 -61.94 -36.11
CA THR H 714 -5.87 -62.63 -36.90
C THR H 714 -5.85 -62.19 -38.34
N VAL H 715 -4.84 -62.61 -39.08
CA VAL H 715 -4.81 -62.39 -40.54
C VAL H 715 -5.52 -63.53 -41.27
N ASP H 716 -6.03 -63.25 -42.44
CA ASP H 716 -6.70 -64.28 -43.21
C ASP H 716 -5.75 -64.87 -44.25
N ASN H 717 -6.33 -65.55 -45.22
CA ASN H 717 -5.55 -66.25 -46.23
C ASN H 717 -4.94 -65.32 -47.26
N ASN H 718 -5.27 -64.03 -47.20
CA ASN H 718 -4.65 -63.00 -48.02
C ASN H 718 -3.75 -62.09 -47.20
N GLY H 719 -3.64 -62.39 -45.90
CA GLY H 719 -2.80 -61.62 -44.97
C GLY H 719 -3.40 -60.29 -44.54
N LEU H 720 -4.71 -60.21 -44.49
CA LEU H 720 -5.34 -59.02 -43.97
C LEU H 720 -5.72 -59.20 -42.52
N TYR H 721 -5.05 -58.47 -41.62
CA TYR H 721 -5.43 -58.46 -40.19
C TYR H 721 -6.82 -57.88 -40.09
N THR H 722 -7.72 -58.51 -39.33
CA THR H 722 -9.03 -57.92 -38.98
C THR H 722 -9.38 -57.86 -37.48
N GLU H 723 -10.10 -56.83 -37.09
CA GLU H 723 -10.60 -56.71 -35.73
C GLU H 723 -12.10 -56.91 -35.81
N PRO H 724 -12.56 -58.09 -35.35
CA PRO H 724 -13.92 -58.54 -35.56
C PRO H 724 -14.94 -57.98 -34.63
N ARG H 725 -14.51 -57.27 -33.59
CA ARG H 725 -15.45 -56.60 -32.70
C ARG H 725 -14.73 -55.56 -31.90
N PRO H 726 -15.47 -54.63 -31.29
CA PRO H 726 -14.85 -53.69 -30.35
C PRO H 726 -14.71 -54.44 -29.05
N ILE H 727 -13.69 -54.12 -28.28
CA ILE H 727 -13.67 -54.57 -26.91
C ILE H 727 -13.55 -53.39 -25.97
N GLY H 728 -14.45 -53.30 -25.01
CA GLY H 728 -14.41 -52.20 -24.02
C GLY H 728 -13.52 -52.68 -22.90
N THR H 729 -13.68 -52.12 -21.71
CA THR H 729 -12.84 -52.50 -20.59
C THR H 729 -13.61 -52.93 -19.36
N ARG H 730 -14.93 -52.77 -19.40
CA ARG H 730 -15.76 -53.02 -18.23
C ARG H 730 -16.30 -54.44 -18.03
N TYR H 731 -15.47 -55.27 -17.44
CA TYR H 731 -15.78 -56.66 -17.05
C TYR H 731 -15.75 -56.91 -15.56
N LEU H 732 -14.69 -56.50 -14.86
CA LEU H 732 -14.67 -56.63 -13.41
C LEU H 732 -15.78 -55.74 -12.82
N THR H 733 -16.18 -55.98 -11.58
CA THR H 733 -17.22 -55.16 -10.97
C THR H 733 -16.77 -54.48 -9.67
N ARG H 734 -17.32 -53.30 -9.42
CA ARG H 734 -17.24 -52.69 -8.10
C ARG H 734 -18.62 -52.58 -7.48
N PRO H 735 -18.66 -52.44 -6.15
CA PRO H 735 -19.79 -51.78 -5.48
C PRO H 735 -19.82 -50.29 -5.77
N LEU H 736 -20.97 -49.67 -5.55
CA LEU H 736 -21.11 -48.23 -5.74
C LEU H 736 -20.60 -47.45 -4.53
N GLY I 217 -0.04 14.38 26.75
CA GLY I 217 1.41 14.40 26.73
C GLY I 217 1.96 15.13 25.52
N ALA I 218 1.49 14.76 24.34
CA ALA I 218 2.27 14.90 23.11
C ALA I 218 1.59 15.84 22.13
N ASP I 219 2.35 16.80 21.62
CA ASP I 219 2.46 17.00 20.18
C ASP I 219 1.31 17.83 19.63
N GLY I 220 1.27 18.00 18.31
CA GLY I 220 0.59 19.12 17.69
C GLY I 220 -0.91 19.08 17.91
N VAL I 221 -1.51 20.24 18.10
CA VAL I 221 -2.54 20.75 17.21
C VAL I 221 -2.91 19.73 16.13
N GLY I 222 -1.95 19.43 15.27
CA GLY I 222 -2.25 18.80 13.99
C GLY I 222 -2.29 17.29 14.08
N ASN I 223 -2.37 16.78 15.30
CA ASN I 223 -2.03 15.39 15.57
C ASN I 223 -2.98 14.77 16.53
N ALA I 224 -3.75 13.78 16.11
CA ALA I 224 -4.60 13.03 17.02
C ALA I 224 -3.81 12.38 18.21
N SER I 225 -4.39 12.43 19.41
CA SER I 225 -3.76 11.89 20.62
C SER I 225 -4.41 10.57 21.03
N GLY I 226 -5.27 10.07 20.16
CA GLY I 226 -5.92 8.79 20.42
C GLY I 226 -6.68 8.28 19.20
N ASN I 227 -6.81 6.97 19.12
CA ASN I 227 -7.63 6.42 18.09
C ASN I 227 -8.98 5.97 18.68
N TRP I 228 -9.81 5.34 17.85
CA TRP I 228 -11.18 4.96 18.22
C TRP I 228 -11.14 3.47 18.45
N HIS I 229 -11.28 3.04 19.69
CA HIS I 229 -11.17 1.63 20.02
C HIS I 229 -12.48 1.12 20.61
N CYS I 230 -13.34 0.56 19.76
CA CYS I 230 -14.63 0.12 20.21
C CYS I 230 -14.73 -1.28 19.72
N ASP I 231 -14.88 -2.27 20.60
CA ASP I 231 -14.73 -3.66 20.20
C ASP I 231 -15.17 -4.58 21.29
N SER I 232 -15.19 -5.86 20.96
CA SER I 232 -15.45 -6.90 21.93
C SER I 232 -14.52 -8.06 21.62
N THR I 233 -13.90 -8.63 22.64
CA THR I 233 -13.09 -9.82 22.45
C THR I 233 -13.41 -10.86 23.47
N TRP I 234 -13.84 -12.02 22.98
CA TRP I 234 -14.16 -13.16 23.83
C TRP I 234 -13.01 -14.16 23.83
N LEU I 235 -12.61 -14.61 25.02
CA LEU I 235 -11.37 -15.39 25.21
C LEU I 235 -11.48 -16.51 26.23
N GLY I 236 -12.50 -17.32 26.09
CA GLY I 236 -12.65 -18.44 26.99
C GLY I 236 -13.26 -18.00 28.29
N ASP I 237 -12.43 -17.68 29.28
CA ASP I 237 -12.95 -17.34 30.61
C ASP I 237 -13.04 -15.80 30.85
N ARG I 238 -12.64 -15.04 29.85
CA ARG I 238 -12.56 -13.59 29.95
C ARG I 238 -13.32 -13.00 28.76
N VAL I 239 -13.86 -11.81 28.93
CA VAL I 239 -14.35 -11.01 27.82
C VAL I 239 -13.96 -9.56 28.04
N ILE I 240 -13.40 -8.94 27.03
CA ILE I 240 -12.85 -7.61 27.16
C ILE I 240 -13.69 -6.65 26.33
N THR I 241 -14.39 -5.73 26.99
CA THR I 241 -15.18 -4.71 26.30
C THR I 241 -14.45 -3.41 26.26
N THR I 242 -14.41 -2.88 25.05
CA THR I 242 -13.90 -1.56 24.86
C THR I 242 -14.96 -0.65 24.27
N SER I 243 -15.17 0.49 24.91
CA SER I 243 -16.05 1.49 24.28
C SER I 243 -15.56 2.92 24.28
N THR I 244 -15.74 3.55 23.12
CA THR I 244 -15.29 4.91 22.90
C THR I 244 -16.42 5.77 22.36
N ARG I 245 -16.52 6.99 22.87
CA ARG I 245 -17.61 7.88 22.53
C ARG I 245 -17.08 9.28 22.40
N THR I 246 -17.89 10.13 21.76
CA THR I 246 -17.56 11.53 21.63
C THR I 246 -18.46 12.39 22.53
N TRP I 247 -17.84 13.22 23.38
CA TRP I 247 -18.56 13.96 24.43
C TRP I 247 -18.59 15.45 24.13
N ALA I 248 -19.48 16.17 24.83
CA ALA I 248 -19.40 17.63 24.85
C ALA I 248 -19.57 18.17 26.27
N LEU I 249 -18.72 19.13 26.63
CA LEU I 249 -18.66 19.71 27.98
C LEU I 249 -18.83 21.21 27.82
N PRO I 250 -19.92 21.75 28.37
CA PRO I 250 -20.14 23.19 28.50
C PRO I 250 -19.46 23.72 29.72
N THR I 251 -19.50 25.05 29.85
CA THR I 251 -19.14 25.71 31.07
C THR I 251 -20.32 25.69 32.01
N TYR I 252 -20.12 25.25 33.25
CA TYR I 252 -21.23 25.15 34.20
C TYR I 252 -21.15 26.30 35.19
N ASN I 253 -22.31 26.81 35.63
CA ASN I 253 -22.48 27.77 36.73
C ASN I 253 -21.66 29.01 36.49
N ASN I 254 -21.30 29.26 35.24
CA ASN I 254 -20.29 30.26 34.90
C ASN I 254 -18.99 30.20 35.66
N HIS I 255 -18.50 29.00 35.95
CA HIS I 255 -17.22 28.83 36.63
C HIS I 255 -17.38 28.97 38.13
N LEU I 256 -18.63 29.07 38.58
CA LEU I 256 -18.91 29.29 39.99
C LEU I 256 -19.34 27.99 40.67
N TYR I 257 -18.91 27.82 41.91
CA TYR I 257 -19.66 27.02 42.87
C TYR I 257 -20.86 27.80 43.43
N LYS I 258 -22.00 27.14 43.53
CA LYS I 258 -23.18 27.73 44.12
C LYS I 258 -23.77 26.84 45.21
N GLN I 259 -24.06 27.44 46.37
CA GLN I 259 -24.98 26.85 47.32
C GLN I 259 -26.36 26.65 46.72
N ILE I 260 -26.89 25.43 46.85
CA ILE I 260 -28.28 25.16 46.53
C ILE I 260 -29.02 24.54 47.71
N SER I 261 -30.34 24.63 47.70
CA SER I 261 -31.15 23.98 48.73
C SER I 261 -32.62 23.93 48.31
N SER I 262 -33.48 23.52 49.24
CA SER I 262 -34.91 23.52 49.01
C SER I 262 -35.64 24.77 49.57
N ALA I 263 -34.89 25.77 50.08
CA ALA I 263 -35.45 27.00 50.64
C ALA I 263 -36.34 27.68 49.61
N SER I 264 -37.39 28.36 50.07
CA SER I 264 -38.53 28.66 49.21
C SER I 264 -39.13 27.36 48.69
N THR I 265 -39.36 27.30 47.38
CA THR I 265 -39.65 26.03 46.74
C THR I 265 -41.05 25.59 47.12
N GLY I 266 -41.29 25.49 48.42
CA GLY I 266 -42.54 24.94 48.93
C GLY I 266 -42.48 23.44 49.17
N ALA I 267 -41.27 22.90 49.23
CA ALA I 267 -41.06 21.45 49.39
C ALA I 267 -41.56 20.93 50.73
N SER I 268 -42.00 19.68 50.77
CA SER I 268 -42.34 19.03 52.02
C SER I 268 -41.09 18.65 52.81
N ASN I 269 -41.26 18.34 54.09
CA ASN I 269 -40.14 17.93 54.93
C ASN I 269 -39.36 16.73 54.38
N ASP I 270 -40.03 15.82 53.67
CA ASP I 270 -39.38 14.64 53.11
C ASP I 270 -38.55 14.95 51.88
N ASN I 271 -38.63 16.18 51.42
CA ASN I 271 -37.87 16.58 50.24
C ASN I 271 -36.81 17.69 50.47
N HIS I 272 -36.63 18.12 51.72
CA HIS I 272 -35.67 19.19 51.95
C HIS I 272 -34.24 18.73 51.69
N TYR I 273 -33.39 19.65 51.23
CA TYR I 273 -31.99 19.33 51.08
C TYR I 273 -31.08 20.51 51.12
N PHE I 274 -29.79 20.24 51.36
CA PHE I 274 -28.77 21.28 51.31
C PHE I 274 -27.57 20.65 50.66
N GLY I 275 -26.96 21.44 49.80
CA GLY I 275 -25.80 20.97 49.10
C GLY I 275 -25.21 22.09 48.28
N TYR I 276 -24.41 21.69 47.30
CA TYR I 276 -23.63 22.62 46.47
C TYR I 276 -23.53 22.13 45.00
N SER I 277 -23.61 23.06 44.07
CA SER I 277 -23.38 22.72 42.70
C SER I 277 -22.08 23.32 42.21
N THR I 278 -21.48 22.66 41.25
CA THR I 278 -20.09 22.74 41.00
C THR I 278 -19.91 23.10 39.54
N PRO I 279 -18.83 23.83 39.22
CA PRO I 279 -18.51 24.11 37.82
C PRO I 279 -17.99 22.89 37.05
N TRP I 280 -17.90 21.72 37.68
CA TRP I 280 -17.24 20.57 37.04
C TRP I 280 -18.27 19.66 36.35
N GLY I 281 -17.83 18.90 35.36
CA GLY I 281 -18.59 17.73 34.91
C GLY I 281 -17.85 16.45 35.30
N TYR I 282 -18.46 15.30 34.97
CA TYR I 282 -17.90 14.02 35.36
C TYR I 282 -18.24 12.97 34.36
N PHE I 283 -17.49 11.88 34.38
CA PHE I 283 -17.76 10.74 33.52
C PHE I 283 -18.35 9.61 34.30
N ASP I 284 -19.31 8.96 33.64
CA ASP I 284 -20.13 7.95 34.22
C ASP I 284 -20.31 6.88 33.17
N PHE I 285 -19.78 5.69 33.42
CA PHE I 285 -20.04 4.54 32.59
C PHE I 285 -20.78 3.47 33.36
N ASN I 286 -21.51 3.84 34.43
CA ASN I 286 -22.03 2.82 35.37
C ASN I 286 -23.36 2.30 34.87
N ARG I 287 -23.34 1.76 33.68
CA ARG I 287 -24.51 1.11 33.04
C ARG I 287 -24.00 0.06 32.06
N PHE I 288 -24.63 -1.11 32.04
CA PHE I 288 -24.07 -2.23 31.27
C PHE I 288 -24.04 -1.87 29.82
N HIS I 289 -25.03 -1.16 29.32
CA HIS I 289 -24.99 -0.86 27.89
C HIS I 289 -23.93 0.15 27.42
N CYS I 290 -23.10 0.64 28.34
CA CYS I 290 -22.02 1.53 28.01
C CYS I 290 -20.91 0.64 27.49
N HIS I 291 -20.99 -0.66 27.75
CA HIS I 291 -19.91 -1.57 27.40
C HIS I 291 -20.32 -2.76 26.52
N PHE I 292 -21.52 -3.29 26.76
CA PHE I 292 -21.99 -4.45 26.10
C PHE I 292 -23.01 -4.04 25.03
N SER I 293 -22.74 -4.38 23.79
CA SER I 293 -23.77 -4.30 22.77
C SER I 293 -24.87 -5.35 23.06
N PRO I 294 -26.02 -5.23 22.39
CA PRO I 294 -27.14 -6.12 22.67
C PRO I 294 -26.80 -7.54 22.35
N ARG I 295 -26.06 -7.72 21.26
CA ARG I 295 -25.64 -9.04 20.86
C ARG I 295 -24.66 -9.64 21.88
N ASP I 296 -23.72 -8.86 22.37
CA ASP I 296 -22.78 -9.34 23.38
C ASP I 296 -23.49 -9.74 24.68
N TRP I 297 -24.49 -8.97 25.07
CA TRP I 297 -25.24 -9.20 26.29
C TRP I 297 -25.91 -10.55 26.11
N GLN I 298 -26.39 -10.72 24.91
CA GLN I 298 -26.99 -11.98 24.56
C GLN I 298 -26.01 -13.13 24.67
N ARG I 299 -24.79 -12.93 24.19
CA ARG I 299 -23.75 -13.92 24.30
C ARG I 299 -23.45 -14.17 25.77
N LEU I 300 -23.51 -13.11 26.56
CA LEU I 300 -23.10 -13.22 27.92
C LEU I 300 -24.10 -14.14 28.56
N ILE I 301 -25.35 -13.76 28.41
CA ILE I 301 -26.37 -14.28 29.28
C ILE I 301 -26.84 -15.68 28.93
N ASN I 302 -26.61 -16.10 27.70
CA ASN I 302 -27.12 -17.38 27.23
C ASN I 302 -26.08 -18.50 27.43
N ASN I 303 -24.85 -18.14 27.83
CA ASN I 303 -23.79 -19.13 27.98
C ASN I 303 -23.02 -19.17 29.26
N ASN I 304 -23.35 -18.28 30.21
CA ASN I 304 -22.59 -18.18 31.45
C ASN I 304 -23.45 -18.15 32.70
N TRP I 305 -22.99 -18.82 33.75
CA TRP I 305 -23.69 -18.79 35.02
C TRP I 305 -23.34 -17.57 35.81
N GLY I 306 -22.41 -16.76 35.29
CA GLY I 306 -22.01 -15.57 36.04
C GLY I 306 -20.90 -14.80 35.40
N PHE I 307 -20.58 -13.65 35.98
CA PHE I 307 -19.51 -12.80 35.52
C PHE I 307 -19.26 -11.67 36.50
N ARG I 308 -18.07 -11.07 36.42
CA ARG I 308 -17.67 -9.99 37.30
C ARG I 308 -16.64 -9.19 36.58
N PRO I 309 -16.57 -7.89 36.88
CA PRO I 309 -15.45 -7.04 36.43
C PRO I 309 -14.12 -7.33 37.19
N LYS I 310 -13.02 -7.23 36.45
CA LYS I 310 -11.69 -7.48 36.99
C LYS I 310 -10.77 -6.26 36.89
N ARG I 311 -10.72 -5.65 35.70
CA ARG I 311 -9.90 -4.47 35.54
C ARG I 311 -10.38 -3.50 34.45
N LEU I 312 -9.91 -2.27 34.57
CA LEU I 312 -10.37 -1.21 33.70
C LEU I 312 -9.25 -0.29 33.27
N ASN I 313 -9.46 0.31 32.12
CA ASN I 313 -8.51 1.20 31.51
C ASN I 313 -9.30 2.36 30.97
N PHE I 314 -8.92 3.57 31.33
CA PHE I 314 -9.68 4.73 30.93
C PHE I 314 -8.82 5.75 30.18
N LYS I 315 -9.45 6.37 29.20
CA LYS I 315 -8.75 7.28 28.29
C LYS I 315 -9.56 8.46 27.82
N LEU I 316 -9.00 9.63 28.06
CA LEU I 316 -9.55 10.86 27.56
C LEU I 316 -8.58 11.38 26.55
N PHE I 317 -9.11 11.81 25.44
CA PHE I 317 -8.22 12.30 24.43
C PHE I 317 -8.91 13.07 23.29
N ASN I 318 -8.10 13.45 22.33
CA ASN I 318 -8.49 14.29 21.21
C ASN I 318 -9.29 15.49 21.59
N ILE I 319 -8.79 16.24 22.58
CA ILE I 319 -9.60 17.26 23.16
C ILE I 319 -9.58 18.48 22.25
N GLN I 320 -10.67 19.21 22.23
CA GLN I 320 -10.68 20.39 21.40
C GLN I 320 -11.53 21.47 22.03
N VAL I 321 -10.89 22.58 22.41
CA VAL I 321 -11.59 23.60 23.17
C VAL I 321 -11.99 24.71 22.22
N LYS I 322 -13.21 25.17 22.38
CA LYS I 322 -13.79 26.13 21.44
C LYS I 322 -14.40 27.33 22.09
N GLU I 323 -14.24 28.47 21.45
CA GLU I 323 -14.85 29.69 21.96
C GLU I 323 -16.08 30.08 21.16
N VAL I 324 -17.08 30.58 21.87
CA VAL I 324 -18.32 31.02 21.27
C VAL I 324 -18.44 32.52 21.44
N THR I 325 -18.65 33.22 20.34
CA THR I 325 -18.94 34.65 20.36
C THR I 325 -20.24 34.96 19.61
N THR I 326 -21.16 35.64 20.27
CA THR I 326 -22.36 36.13 19.60
C THR I 326 -22.37 37.66 19.52
N ASN I 327 -22.53 38.18 18.31
CA ASN I 327 -23.35 39.37 18.10
C ASN I 327 -24.54 39.10 17.19
N ASP I 328 -25.73 39.52 17.62
CA ASP I 328 -26.96 38.80 17.34
C ASP I 328 -27.90 39.64 16.49
N GLY I 329 -28.43 39.04 15.43
CA GLY I 329 -27.63 38.28 14.49
C GLY I 329 -26.88 37.13 15.13
N VAL I 330 -25.58 37.05 14.84
CA VAL I 330 -25.03 35.87 14.18
C VAL I 330 -23.96 35.21 15.05
N THR I 331 -24.07 33.90 15.21
CA THR I 331 -23.40 33.21 16.30
C THR I 331 -22.25 32.35 15.78
N THR I 332 -21.07 32.54 16.36
CA THR I 332 -19.83 32.11 15.73
C THR I 332 -18.97 31.29 16.70
N ILE I 333 -18.45 30.17 16.19
CA ILE I 333 -17.58 29.32 16.98
C ILE I 333 -16.20 29.23 16.32
N ALA I 334 -15.13 29.34 17.11
CA ALA I 334 -13.81 29.01 16.61
C ALA I 334 -13.02 28.18 17.64
N ASN I 335 -11.93 27.59 17.21
CA ASN I 335 -11.01 26.94 18.10
C ASN I 335 -10.28 27.94 19.02
N ASN I 336 -10.13 27.62 20.30
CA ASN I 336 -9.21 28.35 21.13
C ASN I 336 -8.08 27.42 21.48
N LEU I 337 -7.02 27.52 20.67
CA LEU I 337 -5.96 26.54 20.68
C LEU I 337 -5.16 26.47 21.99
N THR I 338 -5.11 27.55 22.73
CA THR I 338 -4.23 27.63 23.90
C THR I 338 -5.00 27.47 25.20
N SER I 339 -6.20 26.92 25.08
CA SER I 339 -7.12 26.70 26.20
C SER I 339 -7.03 25.30 26.74
N THR I 340 -7.29 25.13 28.03
CA THR I 340 -7.17 23.79 28.61
C THR I 340 -8.50 23.26 29.16
N VAL I 341 -8.57 21.93 29.23
CA VAL I 341 -9.53 21.19 30.03
C VAL I 341 -8.78 20.46 31.14
N GLN I 342 -9.36 20.42 32.34
CA GLN I 342 -8.70 19.88 33.54
C GLN I 342 -9.35 18.58 33.90
N VAL I 343 -8.58 17.64 34.44
CA VAL I 343 -9.11 16.34 34.79
C VAL I 343 -8.40 15.71 35.97
N PHE I 344 -9.15 14.95 36.75
CA PHE I 344 -8.56 14.12 37.79
C PHE I 344 -9.52 13.02 38.19
N SER I 345 -8.93 11.95 38.74
CA SER I 345 -9.72 10.90 39.33
C SER I 345 -9.61 11.04 40.83
N ASP I 346 -10.76 10.99 41.50
CA ASP I 346 -10.82 11.02 42.95
C ASP I 346 -10.47 9.62 43.53
N SER I 347 -9.22 9.23 43.35
CA SER I 347 -8.77 7.87 43.70
C SER I 347 -8.63 7.55 45.20
N GLU I 348 -8.63 8.57 46.07
CA GLU I 348 -8.64 8.38 47.51
C GLU I 348 -10.05 8.58 48.09
N TYR I 349 -11.01 8.74 47.18
CA TYR I 349 -12.46 8.89 47.48
C TYR I 349 -12.75 10.05 48.41
N GLN I 350 -12.03 11.11 48.20
CA GLN I 350 -12.14 12.26 49.09
C GLN I 350 -13.39 13.10 48.82
N LEU I 351 -14.04 12.85 47.70
CA LEU I 351 -15.26 13.54 47.34
C LEU I 351 -16.50 12.72 47.56
N PRO I 352 -17.63 13.41 47.82
CA PRO I 352 -18.91 12.71 47.94
C PRO I 352 -19.17 11.86 46.69
N TYR I 353 -19.51 10.59 46.92
CA TYR I 353 -19.56 9.67 45.80
C TYR I 353 -20.90 9.70 45.16
N VAL I 354 -20.94 10.24 43.95
CA VAL I 354 -22.20 10.56 43.30
C VAL I 354 -22.59 9.56 42.20
N LEU I 355 -21.66 8.68 41.81
CA LEU I 355 -22.06 7.51 41.03
C LEU I 355 -22.95 6.58 41.88
N GLY I 356 -23.67 5.66 41.24
CA GLY I 356 -24.44 4.64 41.97
C GLY I 356 -25.71 5.17 42.56
N SER I 357 -26.19 6.24 41.94
CA SER I 357 -27.49 6.78 42.26
C SER I 357 -28.32 6.76 40.99
N ALA I 358 -27.79 6.15 39.95
CA ALA I 358 -28.56 5.82 38.74
C ALA I 358 -28.96 7.08 37.98
N HIS I 359 -28.06 8.04 38.05
CA HIS I 359 -28.23 9.26 37.30
C HIS I 359 -28.14 9.08 35.83
N GLN I 360 -28.86 9.92 35.11
CA GLN I 360 -28.61 9.95 33.68
C GLN I 360 -27.33 10.72 33.37
N GLY I 361 -26.78 10.50 32.19
CA GLY I 361 -25.57 11.15 31.71
C GLY I 361 -24.42 10.16 31.50
N CYS I 362 -24.71 8.86 31.53
CA CYS I 362 -23.68 7.86 31.30
C CYS I 362 -23.37 7.84 29.82
N LEU I 363 -22.25 7.25 29.43
CA LEU I 363 -22.01 6.95 28.02
C LEU I 363 -23.26 6.33 27.39
N PRO I 364 -23.63 6.82 26.21
CA PRO I 364 -24.82 6.28 25.56
C PRO I 364 -24.64 4.86 25.06
N PRO I 365 -25.73 4.07 24.99
CA PRO I 365 -25.68 2.66 24.56
C PRO I 365 -25.19 2.53 23.12
N PHE I 366 -25.52 3.53 22.32
CA PHE I 366 -25.21 3.50 20.90
C PHE I 366 -23.96 4.28 20.53
N PRO I 367 -22.93 3.58 20.02
CA PRO I 367 -21.60 4.19 19.87
C PRO I 367 -21.60 5.45 19.01
N ALA I 368 -22.56 5.58 18.12
CA ALA I 368 -22.62 6.79 17.29
C ALA I 368 -23.22 8.02 17.97
N ASP I 369 -23.87 7.88 19.13
CA ASP I 369 -24.42 9.02 19.89
C ASP I 369 -23.35 9.86 20.62
N VAL I 370 -23.48 11.17 20.47
CA VAL I 370 -22.69 12.18 21.17
C VAL I 370 -23.40 12.51 22.49
N PHE I 371 -22.66 12.74 23.56
CA PHE I 371 -23.33 12.94 24.81
C PHE I 371 -22.79 14.15 25.50
N MET I 372 -23.65 14.77 26.27
CA MET I 372 -23.27 15.89 27.10
C MET I 372 -22.84 15.37 28.50
N ILE I 373 -21.76 15.90 29.05
CA ILE I 373 -21.27 15.44 30.34
C ILE I 373 -22.15 16.02 31.42
N PRO I 374 -22.59 15.20 32.39
CA PRO I 374 -23.37 15.74 33.52
C PRO I 374 -22.55 16.72 34.35
N GLN I 375 -23.20 17.58 35.13
CA GLN I 375 -22.58 18.48 36.12
C GLN I 375 -22.45 17.81 37.50
N TYR I 376 -21.32 18.01 38.20
CA TYR I 376 -21.19 17.40 39.52
C TYR I 376 -21.89 18.34 40.50
N GLY I 377 -22.77 17.81 41.36
CA GLY I 377 -23.20 18.46 42.59
C GLY I 377 -23.32 17.40 43.66
N TYR I 378 -23.39 17.80 44.92
CA TYR I 378 -23.49 16.84 46.00
C TYR I 378 -24.36 17.44 47.11
N LEU I 379 -24.83 16.61 48.03
CA LEU I 379 -25.53 17.05 49.25
C LEU I 379 -24.73 16.80 50.53
N THR I 380 -25.10 17.48 51.63
CA THR I 380 -24.57 17.27 52.96
C THR I 380 -25.69 17.24 53.94
N LEU I 381 -25.35 17.30 55.23
CA LEU I 381 -26.34 17.27 56.25
C LEU I 381 -27.21 18.49 56.03
N ASN I 382 -28.50 18.29 56.22
CA ASN I 382 -29.47 19.38 56.25
C ASN I 382 -30.50 19.19 57.37
N ASN I 383 -30.89 20.31 57.99
CA ASN I 383 -31.95 20.35 58.97
C ASN I 383 -33.01 21.24 58.30
N GLY I 384 -34.02 20.59 57.75
CA GLY I 384 -34.94 21.29 56.86
C GLY I 384 -34.12 21.78 55.67
N SER I 385 -34.32 23.03 55.27
CA SER I 385 -33.49 23.60 54.21
C SER I 385 -32.21 24.32 54.69
N GLN I 386 -31.89 24.19 55.97
CA GLN I 386 -30.69 24.86 56.47
C GLN I 386 -29.56 23.86 56.56
N ALA I 387 -28.34 24.35 56.79
CA ALA I 387 -27.19 23.46 57.06
C ALA I 387 -26.91 23.32 58.55
N VAL I 388 -25.98 22.43 58.89
CA VAL I 388 -25.54 22.21 60.28
C VAL I 388 -24.00 22.45 60.30
N GLY I 389 -23.40 22.56 61.49
CA GLY I 389 -21.96 22.83 61.54
C GLY I 389 -21.17 21.66 60.95
N ARG I 390 -21.77 20.49 61.00
CA ARG I 390 -21.13 19.26 60.56
C ARG I 390 -21.11 19.13 59.04
N SER I 391 -21.96 19.92 58.37
CA SER I 391 -21.97 20.00 56.88
C SER I 391 -20.64 20.32 56.25
N SER I 392 -20.34 19.56 55.20
CA SER I 392 -19.07 19.62 54.54
C SER I 392 -19.23 20.32 53.21
N PHE I 393 -18.30 21.24 52.94
CA PHE I 393 -18.19 21.86 51.62
C PHE I 393 -16.87 21.48 50.94
N TYR I 394 -16.94 21.24 49.64
CA TYR I 394 -15.79 20.75 48.89
C TYR I 394 -15.45 21.66 47.72
N CYS I 395 -14.16 21.92 47.54
CA CYS I 395 -13.66 22.59 46.35
C CYS I 395 -12.74 21.68 45.53
N LEU I 396 -13.02 21.56 44.25
CA LEU I 396 -12.35 20.57 43.41
C LEU I 396 -11.07 21.13 42.79
N GLU I 397 -10.97 22.44 42.74
CA GLU I 397 -9.74 23.11 42.37
C GLU I 397 -8.71 22.90 43.47
N TYR I 398 -9.08 22.14 44.48
CA TYR I 398 -8.22 21.89 45.62
C TYR I 398 -7.76 20.44 45.66
N PHE I 399 -8.05 19.71 44.60
CA PHE I 399 -7.24 18.57 44.19
C PHE I 399 -6.21 18.96 43.14
N PRO I 400 -5.18 18.13 42.97
CA PRO I 400 -4.34 18.18 41.78
C PRO I 400 -5.07 17.61 40.56
N SER I 401 -5.02 18.34 39.45
CA SER I 401 -5.65 17.89 38.22
C SER I 401 -4.73 18.09 37.02
N GLN I 402 -4.86 17.22 36.02
CA GLN I 402 -4.06 17.33 34.81
C GLN I 402 -4.68 18.33 33.83
N MET I 403 -3.86 19.24 33.32
CA MET I 403 -4.34 20.34 32.49
C MET I 403 -4.02 20.02 31.05
N LEU I 404 -5.04 19.95 30.24
CA LEU I 404 -4.83 19.49 28.89
C LEU I 404 -5.15 20.54 27.85
N ARG I 405 -4.19 20.85 27.00
CA ARG I 405 -4.48 21.58 25.79
C ARG I 405 -4.83 20.57 24.70
N THR I 406 -5.20 21.09 23.53
CA THR I 406 -5.63 20.27 22.41
C THR I 406 -4.70 19.11 22.02
N GLY I 407 -3.42 19.22 22.35
CA GLY I 407 -2.45 18.18 22.08
C GLY I 407 -2.46 16.99 23.02
N ASN I 408 -2.98 17.17 24.23
CA ASN I 408 -2.67 16.27 25.35
C ASN I 408 -3.74 15.19 25.53
N ASN I 409 -3.46 14.20 26.38
CA ASN I 409 -4.46 13.21 26.71
C ASN I 409 -4.31 12.75 28.15
N PHE I 410 -5.32 12.03 28.65
CA PHE I 410 -5.37 11.56 30.02
C PHE I 410 -5.61 10.08 30.05
N THR I 411 -4.91 9.37 30.92
CA THR I 411 -5.16 7.96 31.03
C THR I 411 -5.04 7.52 32.47
N PHE I 412 -5.81 6.51 32.87
CA PHE I 412 -5.50 5.81 34.11
C PHE I 412 -6.05 4.41 34.06
N SER I 413 -5.49 3.50 34.88
CA SER I 413 -6.07 2.18 35.09
C SER I 413 -6.47 1.90 36.52
N TYR I 414 -7.30 0.86 36.65
CA TYR I 414 -7.91 0.50 37.90
C TYR I 414 -8.12 -1.03 37.95
N THR I 415 -8.06 -1.60 39.16
CA THR I 415 -8.31 -3.00 39.34
C THR I 415 -9.46 -3.05 40.32
N PHE I 416 -10.41 -3.95 40.03
CA PHE I 416 -11.49 -4.24 40.92
C PHE I 416 -11.10 -5.22 42.00
N GLU I 417 -11.70 -5.03 43.18
CA GLU I 417 -11.55 -5.91 44.29
C GLU I 417 -12.18 -7.27 43.92
N GLU I 418 -11.93 -8.28 44.75
CA GLU I 418 -12.53 -9.58 44.51
C GLU I 418 -13.99 -9.48 44.91
N VAL I 419 -14.88 -9.93 44.03
CA VAL I 419 -16.31 -9.91 44.31
C VAL I 419 -16.96 -11.18 43.77
N PRO I 420 -18.07 -11.58 44.37
CA PRO I 420 -18.78 -12.77 43.93
C PRO I 420 -19.29 -12.56 42.51
N PHE I 421 -19.27 -13.61 41.69
CA PHE I 421 -19.78 -13.51 40.34
C PHE I 421 -21.26 -13.20 40.41
N HIS I 422 -21.74 -12.33 39.56
CA HIS I 422 -23.18 -12.12 39.49
C HIS I 422 -23.96 -13.35 39.03
N SER I 423 -25.07 -13.69 39.68
CA SER I 423 -25.74 -14.93 39.29
C SER I 423 -26.62 -14.72 38.02
N SER I 424 -26.08 -15.13 36.89
CA SER I 424 -26.83 -15.11 35.65
C SER I 424 -27.49 -16.44 35.37
N TYR I 425 -28.44 -16.81 36.23
CA TYR I 425 -29.16 -18.06 36.13
C TYR I 425 -30.39 -17.99 37.00
N ALA I 426 -31.45 -18.69 36.58
CA ALA I 426 -32.52 -19.06 37.51
C ALA I 426 -32.27 -20.44 38.08
N HIS I 427 -32.77 -20.68 39.29
CA HIS I 427 -32.83 -22.03 39.83
C HIS I 427 -33.92 -22.86 39.16
N SER I 428 -33.69 -24.17 39.06
CA SER I 428 -34.69 -25.10 38.52
C SER I 428 -35.21 -26.01 39.61
N GLN I 429 -35.10 -25.55 40.85
CA GLN I 429 -35.66 -26.22 42.02
C GLN I 429 -36.11 -25.10 42.91
N SER I 430 -36.97 -25.37 43.87
CA SER I 430 -37.33 -24.38 44.86
C SER I 430 -37.11 -24.89 46.27
N LEU I 431 -37.03 -23.98 47.23
CA LEU I 431 -36.51 -24.32 48.56
C LEU I 431 -37.30 -25.46 49.14
N ASP I 432 -38.59 -25.45 48.80
CA ASP I 432 -39.62 -26.32 49.35
C ASP I 432 -39.80 -27.56 48.53
N ARG I 433 -38.99 -27.72 47.50
CA ARG I 433 -39.01 -28.94 46.74
C ARG I 433 -37.61 -29.55 46.62
N LEU I 434 -36.88 -29.63 47.74
CA LEU I 434 -35.52 -30.22 47.67
C LEU I 434 -35.48 -31.70 47.99
N MET I 435 -36.54 -32.25 48.53
CA MET I 435 -36.53 -33.64 48.99
C MET I 435 -36.57 -34.66 47.86
N ASN I 436 -36.25 -35.89 48.24
CA ASN I 436 -36.40 -37.02 47.32
C ASN I 436 -37.88 -37.40 47.34
N PRO I 437 -38.55 -37.26 46.20
CA PRO I 437 -39.98 -37.48 46.07
C PRO I 437 -40.39 -38.94 46.13
N LEU I 438 -39.45 -39.86 46.38
CA LEU I 438 -39.79 -41.29 46.46
C LEU I 438 -39.81 -41.83 47.86
N ILE I 439 -39.02 -41.21 48.74
CA ILE I 439 -38.70 -41.83 50.03
C ILE I 439 -39.30 -41.04 51.18
N ASP I 440 -39.74 -41.74 52.23
CA ASP I 440 -40.13 -41.06 53.44
C ASP I 440 -38.90 -40.47 54.15
N GLN I 441 -39.14 -39.54 55.09
CA GLN I 441 -38.15 -39.17 56.10
C GLN I 441 -38.16 -40.16 57.22
N TYR I 442 -37.16 -40.11 58.12
CA TYR I 442 -37.15 -40.92 59.35
C TYR I 442 -37.71 -40.03 60.48
N LEU I 443 -38.01 -38.77 60.11
CA LEU I 443 -38.50 -37.76 61.05
C LEU I 443 -40.03 -37.66 61.11
N TYR I 444 -40.54 -37.31 62.29
CA TYR I 444 -41.97 -37.32 62.53
C TYR I 444 -42.40 -35.90 62.87
N TYR I 445 -43.66 -35.59 62.65
CA TYR I 445 -44.21 -34.28 63.03
C TYR I 445 -45.62 -34.50 63.56
N LEU I 446 -46.05 -33.64 64.46
CA LEU I 446 -47.37 -33.68 64.99
C LEU I 446 -48.35 -33.40 63.85
N ASN I 447 -49.17 -34.41 63.54
CA ASN I 447 -50.11 -34.35 62.41
C ASN I 447 -51.52 -33.97 62.80
N ARG I 448 -52.01 -34.54 63.91
CA ARG I 448 -53.33 -34.18 64.42
C ARG I 448 -53.36 -33.94 65.91
N THR I 449 -54.13 -32.92 66.29
CA THR I 449 -54.46 -32.64 67.68
C THR I 449 -55.88 -33.11 68.06
N GLN I 450 -56.51 -33.83 67.15
CA GLN I 450 -57.74 -34.56 67.48
C GLN I 450 -58.01 -35.66 66.49
N ASN I 451 -58.71 -36.71 66.94
CA ASN I 451 -59.07 -37.81 66.06
C ASN I 451 -60.35 -37.52 65.28
N GLN I 452 -60.26 -37.62 63.95
CA GLN I 452 -59.85 -38.85 63.30
C GLN I 452 -61.02 -39.82 63.15
N SER I 453 -62.17 -39.29 62.77
CA SER I 453 -63.20 -40.09 62.12
C SER I 453 -62.77 -41.55 62.01
N GLY I 454 -63.26 -42.38 62.93
CA GLY I 454 -62.84 -42.28 64.32
C GLY I 454 -63.70 -41.32 65.13
N SER I 455 -64.71 -40.76 64.47
CA SER I 455 -65.76 -40.02 65.17
C SER I 455 -65.75 -38.54 64.75
N ALA I 456 -65.17 -37.70 65.59
CA ALA I 456 -65.91 -36.64 66.26
C ALA I 456 -65.07 -35.37 66.39
N GLN I 457 -64.89 -34.91 67.63
CA GLN I 457 -63.68 -34.20 68.01
C GLN I 457 -63.25 -34.55 69.42
N ASN I 458 -62.19 -35.33 69.54
CA ASN I 458 -61.59 -35.60 70.83
C ASN I 458 -60.13 -35.17 70.81
N LYS I 459 -59.67 -34.63 71.92
CA LYS I 459 -58.29 -34.21 71.99
C LYS I 459 -57.41 -35.43 71.80
N ASP I 460 -56.36 -35.25 71.00
CA ASP I 460 -55.42 -36.31 70.69
C ASP I 460 -54.09 -35.70 70.32
N LEU I 461 -53.08 -36.55 70.24
CA LEU I 461 -51.78 -36.16 69.76
C LEU I 461 -51.35 -37.27 68.81
N LEU I 462 -51.46 -36.97 67.53
CA LEU I 462 -51.12 -37.92 66.48
C LEU I 462 -49.99 -37.45 65.58
N PHE I 463 -48.98 -38.32 65.40
CA PHE I 463 -47.72 -37.97 64.73
C PHE I 463 -47.57 -38.78 63.46
N SER I 464 -47.07 -38.12 62.42
CA SER I 464 -46.82 -38.76 61.12
C SER I 464 -45.40 -38.56 60.64
N ARG I 465 -44.92 -39.50 59.86
CA ARG I 465 -43.62 -39.28 59.33
C ARG I 465 -43.65 -38.61 57.94
N GLY I 466 -42.69 -37.72 57.71
CA GLY I 466 -42.48 -37.12 56.43
C GLY I 466 -42.64 -38.07 55.25
N SER I 467 -43.32 -37.59 54.24
CA SER I 467 -43.82 -38.45 53.21
C SER I 467 -44.02 -37.65 51.95
N PRO I 468 -43.81 -38.26 50.77
CA PRO I 468 -44.00 -37.51 49.50
C PRO I 468 -45.40 -36.94 49.27
N ALA I 469 -46.41 -37.47 49.94
CA ALA I 469 -47.73 -36.89 49.81
C ALA I 469 -47.87 -35.64 50.68
N GLY I 470 -46.87 -35.32 51.50
CA GLY I 470 -46.99 -34.18 52.45
C GLY I 470 -45.75 -33.33 52.44
N MET I 471 -45.37 -32.83 51.28
CA MET I 471 -44.14 -32.06 51.15
C MET I 471 -44.24 -30.71 51.82
N SER I 472 -45.46 -30.22 52.01
CA SER I 472 -45.63 -29.00 52.78
C SER I 472 -45.42 -29.17 54.29
N VAL I 473 -45.33 -30.38 54.81
CA VAL I 473 -45.20 -30.56 56.26
C VAL I 473 -43.93 -31.30 56.68
N GLN I 474 -43.04 -31.54 55.72
CA GLN I 474 -41.77 -32.18 55.98
C GLN I 474 -40.83 -31.25 56.69
N PRO I 475 -40.13 -31.75 57.74
CA PRO I 475 -39.01 -30.97 58.25
C PRO I 475 -38.06 -30.59 57.12
N LYS I 476 -37.46 -29.39 57.18
CA LYS I 476 -36.40 -28.99 56.26
C LYS I 476 -35.25 -28.20 56.93
N ASN I 477 -34.19 -27.94 56.14
CA ASN I 477 -32.99 -27.31 56.64
C ASN I 477 -32.99 -25.80 56.51
N TRP I 478 -33.74 -25.30 55.52
CA TRP I 478 -33.59 -23.90 55.06
C TRP I 478 -34.82 -23.03 55.10
N LEU I 479 -34.62 -21.73 55.22
CA LEU I 479 -35.70 -20.76 55.17
C LEU I 479 -35.56 -19.87 53.92
N PRO I 480 -36.67 -19.35 53.38
CA PRO I 480 -36.56 -18.41 52.27
C PRO I 480 -36.09 -17.06 52.75
N GLY I 481 -35.76 -16.17 51.82
CA GLY I 481 -35.09 -14.92 52.16
C GLY I 481 -35.95 -13.95 52.94
N PRO I 482 -35.38 -12.83 53.32
CA PRO I 482 -36.03 -11.76 54.03
C PRO I 482 -37.18 -11.09 53.23
N CYS I 483 -37.95 -10.27 53.94
CA CYS I 483 -39.16 -9.75 53.37
C CYS I 483 -39.51 -8.43 54.00
N TYR I 484 -39.81 -7.50 53.11
CA TYR I 484 -40.40 -6.24 53.47
C TYR I 484 -41.60 -5.94 52.55
N ARG I 485 -42.79 -6.31 53.01
CA ARG I 485 -43.93 -6.37 52.12
C ARG I 485 -44.22 -5.06 51.41
N GLN I 486 -44.65 -5.19 50.17
CA GLN I 486 -45.03 -4.04 49.38
C GLN I 486 -46.41 -4.20 48.77
N GLN I 487 -46.98 -3.06 48.42
CA GLN I 487 -48.36 -3.01 47.96
C GLN I 487 -48.50 -3.48 46.54
N ARG I 488 -49.43 -4.41 46.33
CA ARG I 488 -49.61 -5.06 45.02
C ARG I 488 -50.47 -4.16 44.10
N VAL I 489 -49.97 -3.81 42.94
CA VAL I 489 -50.80 -3.05 42.03
C VAL I 489 -50.92 -3.67 40.66
N SER I 490 -52.12 -3.64 40.10
CA SER I 490 -52.40 -4.22 38.77
C SER I 490 -52.13 -3.28 37.59
N LYS I 491 -51.74 -3.89 36.48
CA LYS I 491 -51.49 -3.19 35.23
C LYS I 491 -52.80 -2.79 34.52
N THR I 492 -53.88 -3.50 34.82
CA THR I 492 -55.20 -3.09 34.37
C THR I 492 -55.83 -2.24 35.48
N LYS I 493 -55.93 -0.93 35.23
CA LYS I 493 -56.30 0.06 36.26
C LYS I 493 -57.59 -0.23 37.03
N THR I 494 -58.56 -0.83 36.34
CA THR I 494 -59.85 -1.19 36.92
C THR I 494 -59.81 -2.05 38.18
N ASP I 495 -58.72 -2.79 38.36
CA ASP I 495 -58.52 -3.65 39.53
C ASP I 495 -58.18 -2.86 40.76
N ASN I 496 -57.55 -1.71 40.58
CA ASN I 496 -57.02 -0.95 41.71
C ASN I 496 -58.03 -0.13 42.48
N ASN I 497 -57.64 0.33 43.66
CA ASN I 497 -58.48 1.22 44.43
C ASN I 497 -58.58 2.56 43.74
N ASN I 498 -59.71 3.21 43.84
CA ASN I 498 -59.81 4.57 43.33
C ASN I 498 -59.30 5.62 44.33
N SER I 499 -57.99 5.71 44.48
CA SER I 499 -57.36 6.80 45.22
C SER I 499 -55.93 6.91 44.78
N ASN I 500 -55.25 7.90 45.33
CA ASN I 500 -53.84 8.05 45.11
C ASN I 500 -53.11 7.56 46.35
N PHE I 501 -52.70 6.29 46.33
CA PHE I 501 -52.10 5.66 47.50
C PHE I 501 -50.58 5.41 47.48
N THR I 502 -49.86 5.95 46.51
CA THR I 502 -48.44 5.62 46.40
C THR I 502 -47.54 6.03 47.58
N TRP I 503 -47.61 7.30 47.97
CA TRP I 503 -46.94 7.76 49.17
C TRP I 503 -47.63 7.19 50.41
N THR I 504 -48.96 7.17 50.40
CA THR I 504 -49.75 6.81 51.58
C THR I 504 -49.87 5.29 51.82
N GLY I 505 -49.80 4.50 50.75
CA GLY I 505 -49.79 3.06 50.88
C GLY I 505 -48.41 2.47 50.71
N ALA I 506 -47.44 3.35 50.46
CA ALA I 506 -46.06 2.93 50.22
C ALA I 506 -45.30 2.41 51.43
N SER I 507 -44.43 1.44 51.18
CA SER I 507 -43.48 0.98 52.13
C SER I 507 -42.37 2.04 52.18
N LYS I 508 -42.21 2.64 53.37
CA LYS I 508 -41.25 3.73 53.59
C LYS I 508 -40.36 3.52 54.80
N TYR I 509 -39.18 4.10 54.76
CA TYR I 509 -38.36 4.11 55.95
C TYR I 509 -38.28 5.52 56.45
N ASN I 510 -37.91 5.64 57.72
CA ASN I 510 -38.03 6.91 58.41
C ASN I 510 -36.68 7.25 58.99
N LEU I 511 -36.10 8.33 58.50
CA LEU I 511 -34.75 8.68 58.83
C LEU I 511 -34.68 10.12 59.26
N ASN I 512 -34.31 10.34 60.51
CA ASN I 512 -34.27 11.68 61.05
C ASN I 512 -35.55 12.45 60.68
N GLY I 513 -36.72 11.89 61.02
CA GLY I 513 -38.02 12.54 60.78
C GLY I 513 -38.42 12.73 59.33
N ARG I 514 -37.58 12.23 58.43
CA ARG I 514 -37.83 12.26 56.99
C ARG I 514 -38.15 10.89 56.38
N GLU I 515 -39.27 10.83 55.67
CA GLU I 515 -39.67 9.59 55.02
C GLU I 515 -39.09 9.41 53.62
N SER I 516 -38.81 8.16 53.30
CA SER I 516 -38.21 7.83 52.04
C SER I 516 -38.87 6.52 51.63
N ILE I 517 -39.40 6.50 50.39
CA ILE I 517 -39.92 5.28 49.80
C ILE I 517 -38.85 4.23 49.67
N ILE I 518 -39.15 3.01 50.09
CA ILE I 518 -38.19 1.93 49.93
C ILE I 518 -38.42 1.52 48.50
N ASN I 519 -37.42 1.72 47.67
CA ASN I 519 -37.51 1.37 46.28
C ASN I 519 -36.14 1.18 45.68
N PRO I 520 -35.87 0.00 45.09
CA PRO I 520 -36.69 -1.21 44.95
C PRO I 520 -36.83 -2.11 46.18
N GLY I 521 -35.98 -1.91 47.19
CA GLY I 521 -36.12 -2.64 48.44
C GLY I 521 -35.64 -4.04 48.33
N THR I 522 -35.82 -4.78 49.41
CA THR I 522 -35.35 -6.14 49.51
C THR I 522 -35.56 -6.91 48.17
N ALA I 523 -34.57 -7.69 47.73
CA ALA I 523 -34.81 -8.61 46.60
C ALA I 523 -35.94 -9.61 46.88
N MET I 524 -37.03 -9.43 46.16
CA MET I 524 -38.23 -10.26 46.31
C MET I 524 -38.87 -10.58 44.93
N ALA I 525 -39.52 -11.75 44.80
CA ALA I 525 -40.14 -12.08 43.52
C ALA I 525 -41.30 -11.15 43.28
N SER I 526 -41.40 -10.66 42.06
CA SER I 526 -42.43 -9.70 41.66
C SER I 526 -43.89 -10.17 41.72
N HIS I 527 -44.12 -11.45 41.44
CA HIS I 527 -45.48 -12.00 41.50
C HIS I 527 -45.35 -13.51 41.52
N LYS I 528 -46.30 -14.18 42.18
CA LYS I 528 -46.35 -15.63 42.12
C LYS I 528 -46.84 -16.09 40.75
N ASP I 529 -46.78 -17.40 40.54
CA ASP I 529 -47.19 -18.02 39.28
C ASP I 529 -48.51 -17.47 38.76
N ASP I 530 -48.53 -17.21 37.44
CA ASP I 530 -49.76 -16.87 36.74
C ASP I 530 -50.26 -15.47 37.01
N GLU I 531 -49.44 -14.61 37.59
CA GLU I 531 -49.97 -13.33 38.01
C GLU I 531 -49.10 -12.20 37.51
N ASP I 532 -48.68 -12.32 36.25
CA ASP I 532 -47.74 -11.37 35.70
C ASP I 532 -48.33 -9.99 35.55
N LYS I 533 -49.61 -9.83 35.83
CA LYS I 533 -50.22 -8.54 35.73
C LYS I 533 -50.03 -7.60 36.97
N PHE I 534 -49.61 -8.18 38.09
CA PHE I 534 -49.34 -7.43 39.33
C PHE I 534 -47.84 -7.11 39.51
N PHE I 535 -47.54 -6.06 40.27
CA PHE I 535 -46.16 -5.76 40.56
C PHE I 535 -46.10 -4.94 41.84
N PRO I 536 -44.95 -5.02 42.56
CA PRO I 536 -44.88 -4.25 43.77
C PRO I 536 -44.89 -2.79 43.34
N MET I 537 -45.66 -1.97 44.05
CA MET I 537 -45.70 -0.53 43.86
C MET I 537 -44.33 0.13 43.71
N SER I 538 -43.36 -0.25 44.54
CA SER I 538 -42.04 0.31 44.39
C SER I 538 -40.92 -0.73 44.56
N GLY I 539 -41.16 -1.97 44.11
CA GLY I 539 -40.23 -3.08 44.27
C GLY I 539 -39.69 -3.65 42.95
N VAL I 540 -39.87 -2.92 41.86
CA VAL I 540 -39.29 -3.31 40.59
C VAL I 540 -38.60 -2.13 39.92
N MET I 541 -37.51 -2.45 39.26
CA MET I 541 -36.75 -1.47 38.53
C MET I 541 -37.62 -1.14 37.33
N ILE I 542 -37.72 0.14 37.01
CA ILE I 542 -38.55 0.56 35.87
C ILE I 542 -37.86 1.55 34.92
N PHE I 543 -37.65 1.13 33.67
CA PHE I 543 -37.01 1.97 32.66
C PHE I 543 -38.01 2.77 31.79
N GLY I 544 -37.61 3.94 31.38
CA GLY I 544 -38.50 4.72 30.57
C GLY I 544 -38.24 4.41 29.12
N LYS I 545 -39.28 4.46 28.32
CA LYS I 545 -39.08 4.43 26.88
C LYS I 545 -38.58 5.78 26.40
N GLU I 546 -38.11 5.82 25.15
CA GLU I 546 -37.56 7.04 24.59
C GLU I 546 -38.67 7.99 24.18
N SER I 547 -39.91 7.59 24.45
CA SER I 547 -41.05 8.49 24.32
C SER I 547 -41.51 9.08 25.66
N ALA I 548 -41.05 8.50 26.77
CA ALA I 548 -41.54 8.86 28.09
C ALA I 548 -41.23 10.30 28.46
N GLY I 549 -42.25 11.00 28.98
CA GLY I 549 -42.09 12.28 29.61
C GLY I 549 -41.50 12.10 31.00
N ALA I 550 -40.99 13.19 31.56
CA ALA I 550 -40.31 13.19 32.82
C ALA I 550 -41.21 12.81 33.97
N SER I 551 -42.47 13.22 33.91
CA SER I 551 -43.39 12.98 35.04
C SER I 551 -44.83 12.67 34.64
N ASN I 552 -45.44 11.77 35.41
CA ASN I 552 -46.81 11.28 35.13
C ASN I 552 -47.01 10.83 33.67
N THR I 553 -46.10 10.02 33.18
CA THR I 553 -46.25 9.45 31.89
C THR I 553 -46.99 8.11 32.04
N ALA I 554 -47.55 7.65 30.95
CA ALA I 554 -48.40 6.45 30.91
C ALA I 554 -47.66 5.13 30.87
N LEU I 555 -48.39 4.08 31.21
CA LEU I 555 -47.87 2.74 31.37
C LEU I 555 -47.05 2.26 30.17
N ASP I 556 -47.48 2.64 28.98
CA ASP I 556 -46.85 2.14 27.77
C ASP I 556 -45.63 2.92 27.36
N ASN I 557 -45.24 3.91 28.15
CA ASN I 557 -43.99 4.57 27.91
C ASN I 557 -42.94 4.10 28.87
N VAL I 558 -43.27 3.10 29.70
CA VAL I 558 -42.25 2.58 30.63
C VAL I 558 -42.06 1.08 30.41
N MET I 559 -40.96 0.56 30.93
CA MET I 559 -40.72 -0.85 30.89
C MET I 559 -40.44 -1.30 32.31
N ILE I 560 -41.30 -2.18 32.79
CA ILE I 560 -41.19 -2.68 34.15
C ILE I 560 -40.46 -3.97 34.13
N THR I 561 -39.40 -4.06 34.94
CA THR I 561 -38.71 -5.34 35.10
C THR I 561 -39.57 -6.41 35.81
N ASP I 562 -39.15 -7.66 35.71
CA ASP I 562 -39.83 -8.75 36.36
C ASP I 562 -38.76 -9.58 37.02
N GLU I 563 -38.88 -9.77 38.33
CA GLU I 563 -37.87 -10.55 39.06
C GLU I 563 -38.47 -11.86 39.53
N GLU I 564 -39.34 -12.41 38.70
CA GLU I 564 -40.08 -13.64 39.03
C GLU I 564 -39.24 -14.89 39.21
N GLU I 565 -38.08 -14.94 38.54
CA GLU I 565 -37.20 -16.10 38.63
C GLU I 565 -36.77 -16.44 40.06
N ILE I 566 -36.72 -15.44 40.95
CA ILE I 566 -36.23 -15.70 42.29
C ILE I 566 -37.24 -16.28 43.25
N LYS I 567 -38.43 -16.59 42.76
CA LYS I 567 -39.46 -17.17 43.61
C LYS I 567 -39.21 -18.62 44.05
N ALA I 568 -38.21 -19.24 43.47
CA ALA I 568 -37.68 -20.47 44.02
C ALA I 568 -37.10 -20.34 45.45
N THR I 569 -36.59 -19.15 45.83
CA THR I 569 -35.89 -18.93 47.13
C THR I 569 -36.33 -17.69 47.92
N ASN I 570 -36.86 -16.71 47.19
CA ASN I 570 -37.12 -15.39 47.75
C ASN I 570 -38.61 -15.15 47.88
N PRO I 571 -39.07 -14.70 49.05
CA PRO I 571 -40.49 -14.40 49.15
C PRO I 571 -41.03 -13.49 47.98
N VAL I 572 -42.26 -13.74 47.56
CA VAL I 572 -42.94 -12.81 46.68
C VAL I 572 -43.23 -11.48 47.39
N ALA I 573 -43.01 -10.40 46.65
CA ALA I 573 -42.88 -9.05 47.21
C ALA I 573 -44.14 -8.44 47.77
N THR I 574 -45.29 -9.01 47.42
CA THR I 574 -46.57 -8.42 47.81
C THR I 574 -47.37 -9.30 48.73
N GLU I 575 -46.74 -10.30 49.32
CA GLU I 575 -47.42 -11.25 50.19
C GLU I 575 -46.70 -11.27 51.50
N ARG I 576 -47.32 -11.83 52.50
CA ARG I 576 -46.64 -12.09 53.76
C ARG I 576 -45.41 -12.98 53.57
N PHE I 577 -44.43 -12.84 54.46
CA PHE I 577 -43.37 -13.84 54.56
C PHE I 577 -43.97 -15.15 55.07
N GLY I 578 -44.88 -15.06 56.04
CA GLY I 578 -45.50 -16.25 56.57
C GLY I 578 -46.38 -15.97 57.74
N THR I 579 -46.46 -16.95 58.65
CA THR I 579 -47.35 -16.86 59.81
C THR I 579 -46.60 -17.29 61.06
N VAL I 580 -46.96 -16.71 62.21
CA VAL I 580 -46.31 -16.94 63.49
C VAL I 580 -47.37 -17.17 64.52
N ALA I 581 -47.09 -18.06 65.49
CA ALA I 581 -47.89 -18.15 66.69
C ALA I 581 -47.80 -16.85 67.45
N VAL I 582 -48.87 -16.52 68.14
CA VAL I 582 -48.92 -15.30 68.95
C VAL I 582 -49.54 -15.47 70.35
N ASN I 583 -49.82 -16.70 70.80
CA ASN I 583 -50.39 -16.89 72.12
C ASN I 583 -50.15 -18.30 72.61
N PHE I 584 -50.66 -18.64 73.79
CA PHE I 584 -50.60 -20.03 74.26
C PHE I 584 -51.98 -20.63 74.20
N GLN I 585 -52.17 -21.63 73.33
CA GLN I 585 -53.45 -22.32 73.18
C GLN I 585 -53.70 -23.19 74.42
N SER I 586 -54.97 -23.40 74.77
CA SER I 586 -55.34 -24.33 75.85
C SER I 586 -56.79 -24.70 75.64
N SER I 587 -57.36 -25.53 76.49
CA SER I 587 -58.80 -25.76 76.36
C SER I 587 -59.57 -24.45 76.41
N SER I 588 -59.13 -23.48 77.23
CA SER I 588 -59.85 -22.21 77.36
C SER I 588 -59.50 -21.25 76.23
N THR I 589 -58.29 -21.32 75.69
CA THR I 589 -57.83 -20.34 74.72
C THR I 589 -57.43 -20.95 73.38
N ASP I 590 -58.08 -20.46 72.33
CA ASP I 590 -57.85 -20.95 70.99
C ASP I 590 -56.52 -20.51 70.37
N PRO I 591 -55.83 -21.42 69.67
CA PRO I 591 -54.55 -21.06 69.08
C PRO I 591 -54.67 -19.89 68.11
N ALA I 592 -53.83 -18.89 68.30
CA ALA I 592 -53.87 -17.75 67.40
C ALA I 592 -52.56 -17.62 66.65
N THR I 593 -52.64 -17.04 65.45
CA THR I 593 -51.46 -16.78 64.68
C THR I 593 -51.60 -15.46 64.02
N GLY I 594 -50.49 -14.91 63.57
CA GLY I 594 -50.50 -13.60 62.96
C GLY I 594 -49.67 -13.63 61.69
N ASP I 595 -50.00 -12.74 60.79
CA ASP I 595 -49.21 -12.54 59.57
C ASP I 595 -47.91 -11.73 59.74
N VAL I 596 -46.85 -12.22 59.12
CA VAL I 596 -45.54 -11.56 59.22
C VAL I 596 -45.32 -10.86 57.89
N HIS I 597 -45.20 -9.55 57.94
CA HIS I 597 -45.05 -8.75 56.70
C HIS I 597 -43.64 -8.21 56.52
N ALA I 598 -42.88 -8.12 57.62
CA ALA I 598 -41.51 -7.63 57.54
C ALA I 598 -40.66 -8.58 58.39
N MET I 599 -39.82 -9.36 57.70
CA MET I 599 -38.99 -10.37 58.37
C MET I 599 -37.52 -10.12 58.07
N GLY I 600 -36.76 -9.90 59.15
CA GLY I 600 -35.31 -9.77 59.05
C GLY I 600 -34.67 -11.12 58.87
N ALA I 601 -33.37 -11.08 58.84
CA ALA I 601 -32.55 -12.23 58.65
C ALA I 601 -32.63 -13.23 59.81
N LEU I 602 -32.83 -14.48 59.44
CA LEU I 602 -32.88 -15.57 60.40
C LEU I 602 -31.81 -16.55 60.00
N PRO I 603 -31.05 -17.12 60.98
CA PRO I 603 -30.09 -18.14 60.58
C PRO I 603 -30.80 -19.16 59.68
N GLY I 604 -30.11 -19.67 58.66
CA GLY I 604 -30.73 -20.65 57.78
C GLY I 604 -31.43 -20.08 56.55
N MET I 605 -31.61 -18.77 56.49
CA MET I 605 -32.20 -18.18 55.32
C MET I 605 -31.22 -18.18 54.16
N VAL I 606 -31.75 -18.37 52.98
CA VAL I 606 -30.95 -18.26 51.77
C VAL I 606 -31.73 -17.43 50.73
N TRP I 607 -31.04 -16.69 49.90
CA TRP I 607 -31.78 -15.84 48.96
C TRP I 607 -30.92 -15.49 47.75
N GLN I 608 -31.62 -14.94 46.78
CA GLN I 608 -31.03 -14.51 45.53
C GLN I 608 -31.12 -12.99 45.44
N ASP I 609 -30.04 -12.34 45.04
CA ASP I 609 -30.03 -10.86 44.94
C ASP I 609 -30.72 -10.39 43.67
N ARG I 610 -31.03 -9.09 43.60
CA ARG I 610 -31.72 -8.59 42.42
C ARG I 610 -30.88 -8.75 41.20
N ASP I 611 -31.54 -8.99 40.09
CA ASP I 611 -30.89 -9.19 38.81
C ASP I 611 -30.35 -7.88 38.27
N VAL I 612 -29.38 -7.97 37.36
CA VAL I 612 -28.91 -6.81 36.65
C VAL I 612 -29.58 -6.74 35.28
N TYR I 613 -29.52 -5.59 34.63
CA TYR I 613 -30.11 -5.45 33.32
C TYR I 613 -29.18 -4.78 32.39
N LEU I 614 -29.34 -5.09 31.12
CA LEU I 614 -28.47 -4.49 30.09
C LEU I 614 -28.42 -2.96 30.24
N GLN I 615 -29.53 -2.38 30.66
CA GLN I 615 -29.54 -0.93 30.88
C GLN I 615 -29.53 -0.45 32.33
N GLY I 616 -29.32 -1.37 33.28
CA GLY I 616 -29.21 -0.98 34.70
C GLY I 616 -27.81 -0.61 35.11
N PRO I 617 -27.63 -0.29 36.41
CA PRO I 617 -26.30 0.08 36.88
C PRO I 617 -25.43 -1.17 37.01
N ILE I 618 -24.13 -0.97 37.15
CA ILE I 618 -23.19 -2.06 37.38
C ILE I 618 -22.80 -2.24 38.85
N TRP I 619 -22.46 -1.13 39.50
CA TRP I 619 -21.86 -1.18 40.81
C TRP I 619 -22.32 -0.01 41.69
N ALA I 620 -22.00 -0.03 42.99
CA ALA I 620 -22.12 1.15 43.82
C ALA I 620 -21.06 1.05 44.90
N LYS I 621 -20.69 2.19 45.46
CA LYS I 621 -19.80 2.24 46.58
C LYS I 621 -20.59 1.76 47.79
N ILE I 622 -20.02 0.82 48.55
CA ILE I 622 -20.58 0.48 49.84
C ILE I 622 -20.26 1.69 50.72
N PRO I 623 -21.26 2.22 51.43
CA PRO I 623 -21.02 3.32 52.38
C PRO I 623 -19.95 2.94 53.37
N HIS I 624 -19.21 3.94 53.82
CA HIS I 624 -18.17 3.73 54.79
C HIS I 624 -18.87 3.71 56.15
N THR I 625 -19.36 2.55 56.57
CA THR I 625 -20.03 2.41 57.90
C THR I 625 -19.43 1.31 58.77
N ASP I 626 -19.72 1.30 60.06
CA ASP I 626 -19.17 0.28 60.95
C ASP I 626 -19.70 -1.06 60.52
N GLY I 627 -20.91 -1.03 59.95
CA GLY I 627 -21.72 -2.23 59.70
C GLY I 627 -22.47 -2.19 58.38
N HIS I 628 -22.39 -3.25 57.61
CA HIS I 628 -23.23 -3.44 56.41
C HIS I 628 -23.84 -4.79 56.68
N PHE I 629 -24.78 -5.21 55.86
CA PHE I 629 -25.18 -6.58 55.94
C PHE I 629 -25.51 -6.96 54.52
N HIS I 630 -24.67 -7.84 53.97
CA HIS I 630 -24.80 -8.27 52.60
C HIS I 630 -24.91 -7.06 51.68
N PRO I 631 -23.84 -6.31 51.56
CA PRO I 631 -23.94 -5.01 50.92
C PRO I 631 -23.92 -5.15 49.42
N SER I 632 -24.90 -5.89 48.90
CA SER I 632 -25.13 -5.89 47.45
C SER I 632 -26.15 -4.77 47.13
N PRO I 633 -25.80 -3.82 46.25
CA PRO I 633 -26.57 -2.60 45.96
C PRO I 633 -27.98 -2.96 45.59
N LEU I 634 -28.93 -2.41 46.33
CA LEU I 634 -30.30 -2.95 46.23
C LEU I 634 -30.91 -2.72 44.87
N MET I 635 -30.43 -1.72 44.16
CA MET I 635 -30.87 -1.53 42.82
C MET I 635 -30.27 -2.56 41.87
N GLY I 636 -29.26 -3.33 42.30
CA GLY I 636 -28.74 -4.45 41.49
C GLY I 636 -27.29 -4.20 41.10
N GLY I 637 -26.47 -5.25 41.04
CA GLY I 637 -25.05 -5.07 40.81
C GLY I 637 -24.12 -5.50 41.95
N PHE I 638 -22.92 -4.93 41.83
CA PHE I 638 -21.79 -5.21 42.65
C PHE I 638 -21.59 -4.10 43.64
N GLY I 639 -21.53 -4.49 44.91
CA GLY I 639 -21.05 -3.59 45.94
C GLY I 639 -19.55 -3.59 46.00
N LEU I 640 -18.99 -2.40 46.01
CA LEU I 640 -17.55 -2.23 46.05
C LEU I 640 -17.10 -1.34 47.19
N LYS I 641 -16.24 -1.85 48.08
CA LYS I 641 -15.62 -1.00 49.09
C LYS I 641 -14.91 0.14 48.32
N ASN I 642 -14.07 -0.19 47.33
CA ASN I 642 -13.18 0.76 46.65
C ASN I 642 -13.48 0.72 45.17
N PRO I 643 -14.60 1.37 44.77
CA PRO I 643 -15.17 1.34 43.45
C PRO I 643 -14.39 2.17 42.46
N PRO I 644 -14.74 2.07 41.18
CA PRO I 644 -14.07 2.88 40.19
C PRO I 644 -14.20 4.35 40.54
N PRO I 645 -13.06 5.03 40.63
CA PRO I 645 -13.05 6.38 41.13
C PRO I 645 -13.84 7.33 40.22
N GLN I 646 -14.38 8.39 40.80
CA GLN I 646 -15.04 9.43 40.01
C GLN I 646 -13.99 10.14 39.23
N ILE I 647 -14.40 10.53 38.04
CA ILE I 647 -13.52 11.20 37.12
C ILE I 647 -14.13 12.52 36.79
N LEU I 648 -13.44 13.57 37.21
CA LEU I 648 -13.95 14.93 37.11
C LEU I 648 -13.23 15.71 36.02
N ILE I 649 -13.96 16.60 35.39
CA ILE I 649 -13.49 17.36 34.24
C ILE I 649 -14.17 18.70 34.03
N LYS I 650 -13.40 19.72 33.72
CA LYS I 650 -13.97 21.05 33.55
C LYS I 650 -13.07 21.95 32.72
N ASN I 651 -13.72 22.80 31.95
CA ASN I 651 -13.02 23.79 31.12
C ASN I 651 -12.40 24.89 31.95
N THR I 652 -11.12 25.21 31.70
CA THR I 652 -10.44 26.14 32.56
C THR I 652 -11.01 27.52 32.25
N PRO I 653 -11.25 28.35 33.29
CA PRO I 653 -11.76 29.68 33.01
C PRO I 653 -10.77 30.44 32.13
N VAL I 654 -11.29 31.15 31.15
CA VAL I 654 -10.45 32.04 30.35
C VAL I 654 -11.00 33.47 30.43
N PRO I 655 -10.35 34.35 31.21
CA PRO I 655 -10.81 35.71 31.40
C PRO I 655 -11.09 36.42 30.07
N ALA I 656 -12.17 37.19 30.00
CA ALA I 656 -12.29 38.26 29.02
C ALA I 656 -11.35 39.39 29.39
N ASN I 657 -11.35 40.45 28.58
CA ASN I 657 -10.41 41.56 28.81
C ASN I 657 -10.61 42.31 30.11
N PRO I 658 -9.55 42.42 30.94
CA PRO I 658 -9.72 43.14 32.20
C PRO I 658 -9.76 44.65 31.97
N PRO I 659 -10.20 45.42 32.97
CA PRO I 659 -10.03 46.88 32.86
C PRO I 659 -8.55 47.34 32.85
N ALA I 660 -8.33 48.58 32.43
CA ALA I 660 -6.98 49.22 32.45
C ALA I 660 -6.45 49.58 33.85
N GLU I 661 -7.33 49.67 34.85
CA GLU I 661 -7.00 50.06 36.19
C GLU I 661 -7.31 48.89 37.13
N PHE I 662 -6.45 48.61 38.12
CA PHE I 662 -6.64 47.45 38.95
C PHE I 662 -8.00 47.48 39.61
N SER I 663 -8.62 46.33 39.74
CA SER I 663 -9.77 46.17 40.64
C SER I 663 -9.69 44.82 41.35
N ALA I 664 -9.94 44.80 42.67
CA ALA I 664 -9.72 43.59 43.51
C ALA I 664 -10.93 42.66 43.48
N THR I 665 -12.04 43.16 42.96
CA THR I 665 -13.27 42.38 42.88
C THR I 665 -13.08 41.13 42.03
N LYS I 666 -13.55 40.00 42.54
CA LYS I 666 -13.43 38.72 41.85
C LYS I 666 -13.81 38.86 40.38
N PHE I 667 -12.94 38.37 39.50
CA PHE I 667 -13.17 38.41 38.06
C PHE I 667 -14.51 37.77 37.72
N ALA I 668 -15.31 38.48 36.92
CA ALA I 668 -16.65 37.99 36.55
C ALA I 668 -16.95 38.06 35.07
N SER I 669 -15.95 38.41 34.28
CA SER I 669 -16.16 38.48 32.84
C SER I 669 -15.28 37.48 32.07
N PHE I 670 -15.91 36.50 31.43
CA PHE I 670 -15.19 35.42 30.79
C PHE I 670 -15.57 35.25 29.33
N ILE I 671 -14.63 34.74 28.55
CA ILE I 671 -14.87 34.26 27.20
C ILE I 671 -15.65 32.95 27.29
N THR I 672 -16.70 32.87 26.50
CA THR I 672 -17.60 31.74 26.51
C THR I 672 -17.01 30.56 25.76
N GLN I 673 -16.91 29.42 26.43
CA GLN I 673 -16.40 28.27 25.75
C GLN I 673 -16.91 26.92 26.21
N TYR I 674 -16.55 25.92 25.44
CA TYR I 674 -16.86 24.54 25.75
C TYR I 674 -15.87 23.66 25.05
N SER I 675 -15.91 22.37 25.33
CA SER I 675 -14.95 21.47 24.77
C SER I 675 -15.65 20.23 24.22
N THR I 676 -14.90 19.45 23.45
CA THR I 676 -15.38 18.18 22.98
C THR I 676 -14.17 17.26 22.77
N GLY I 677 -14.38 15.95 22.81
CA GLY I 677 -13.32 14.99 22.51
C GLY I 677 -13.82 13.58 22.47
N GLN I 678 -12.94 12.62 22.54
CA GLN I 678 -13.37 11.24 22.77
C GLN I 678 -12.98 10.75 24.20
N VAL I 679 -13.67 9.72 24.68
CA VAL I 679 -13.36 9.03 25.94
C VAL I 679 -13.43 7.55 25.62
N SER I 680 -12.59 6.74 26.27
CA SER I 680 -12.53 5.30 26.05
C SER I 680 -12.45 4.61 27.37
N VAL I 681 -13.30 3.60 27.54
CA VAL I 681 -13.25 2.74 28.70
C VAL I 681 -13.15 1.33 28.24
N GLU I 682 -12.15 0.60 28.76
CA GLU I 682 -11.93 -0.82 28.52
C GLU I 682 -12.08 -1.54 29.87
N ILE I 683 -12.96 -2.53 29.90
CA ILE I 683 -13.12 -3.39 31.05
C ILE I 683 -12.92 -4.87 30.73
N GLU I 684 -12.17 -5.57 31.61
CA GLU I 684 -11.98 -7.00 31.50
C GLU I 684 -12.99 -7.60 32.44
N TRP I 685 -13.76 -8.57 31.95
CA TRP I 685 -14.76 -9.31 32.75
C TRP I 685 -14.41 -10.78 32.80
N GLU I 686 -14.41 -11.40 33.99
CA GLU I 686 -14.14 -12.84 34.10
C GLU I 686 -15.49 -13.53 34.01
N LEU I 687 -15.53 -14.66 33.31
CA LEU I 687 -16.74 -15.47 33.21
C LEU I 687 -16.73 -16.76 34.00
N GLN I 688 -17.91 -17.08 34.53
CA GLN I 688 -18.17 -18.34 35.14
C GLN I 688 -18.86 -19.19 34.08
N LYS I 689 -18.15 -20.16 33.57
CA LYS I 689 -18.74 -21.02 32.56
C LYS I 689 -19.78 -21.96 33.10
N GLU I 690 -20.69 -22.33 32.24
CA GLU I 690 -21.74 -23.26 32.57
C GLU I 690 -21.28 -24.74 32.44
N ASN I 691 -21.68 -25.57 33.39
CA ASN I 691 -21.16 -26.92 33.48
C ASN I 691 -22.34 -27.89 33.63
N SER I 692 -23.44 -27.60 32.95
CA SER I 692 -24.72 -28.19 33.35
C SER I 692 -24.93 -29.56 32.73
N LYS I 693 -25.46 -30.50 33.51
CA LYS I 693 -25.77 -31.83 32.99
C LYS I 693 -27.23 -31.92 32.63
N ARG I 694 -27.87 -30.77 32.62
CA ARG I 694 -29.28 -30.73 32.24
C ARG I 694 -29.46 -31.22 30.81
N TRP I 695 -30.36 -32.19 30.67
CA TRP I 695 -30.52 -32.93 29.44
C TRP I 695 -31.37 -32.14 28.44
N ASN I 696 -32.43 -31.54 28.93
CA ASN I 696 -33.25 -30.80 28.05
C ASN I 696 -32.69 -29.39 27.80
N PRO I 697 -33.15 -28.75 26.72
CA PRO I 697 -32.78 -27.41 26.33
C PRO I 697 -33.19 -26.32 27.29
N GLU I 698 -32.45 -25.23 27.27
CA GLU I 698 -32.65 -24.11 28.17
C GLU I 698 -33.57 -23.01 27.57
N VAL I 699 -34.11 -22.19 28.44
CA VAL I 699 -34.69 -20.97 28.00
C VAL I 699 -33.50 -20.11 27.60
N GLN I 700 -33.64 -19.43 26.46
CA GLN I 700 -32.58 -18.60 25.92
C GLN I 700 -33.15 -17.28 25.49
N TYR I 701 -32.43 -16.20 25.75
CA TYR I 701 -32.91 -14.93 25.26
C TYR I 701 -32.79 -14.94 23.75
N THR I 702 -33.86 -14.57 23.08
CA THR I 702 -33.85 -14.65 21.65
C THR I 702 -34.60 -13.52 21.02
N SER I 703 -34.17 -13.05 19.87
CA SER I 703 -34.99 -12.03 19.27
C SER I 703 -36.12 -12.69 18.54
N ASN I 704 -37.09 -11.87 18.21
CA ASN I 704 -38.30 -12.42 17.64
C ASN I 704 -38.18 -12.63 16.14
N TYR I 705 -38.62 -13.80 15.69
CA TYR I 705 -38.44 -14.20 14.31
C TYR I 705 -39.53 -13.64 13.38
N ALA I 706 -40.70 -13.40 13.94
CA ALA I 706 -41.82 -12.85 13.18
C ALA I 706 -41.42 -11.51 12.61
N LYS I 707 -42.03 -11.17 11.48
CA LYS I 707 -41.68 -9.97 10.76
C LYS I 707 -42.26 -8.68 11.35
N SER I 708 -41.57 -7.56 11.21
CA SER I 708 -42.09 -6.28 11.72
C SER I 708 -41.53 -5.07 10.98
N ALA I 709 -42.07 -3.90 11.28
CA ALA I 709 -41.60 -2.64 10.71
C ALA I 709 -40.19 -2.21 11.16
N ASN I 710 -39.76 -2.59 12.36
CA ASN I 710 -38.44 -2.21 12.85
C ASN I 710 -37.74 -3.41 13.49
N VAL I 711 -36.41 -3.37 13.51
CA VAL I 711 -35.63 -4.34 14.22
C VAL I 711 -35.43 -3.81 15.63
N ASP I 712 -35.54 -4.73 16.60
CA ASP I 712 -35.19 -4.50 18.00
C ASP I 712 -33.76 -4.01 18.16
N PHE I 713 -33.54 -3.09 19.10
CA PHE I 713 -32.21 -2.56 19.40
C PHE I 713 -31.56 -2.03 18.14
N THR I 714 -32.27 -1.14 17.50
CA THR I 714 -31.84 -0.49 16.27
C THR I 714 -32.24 0.96 16.19
N VAL I 715 -31.71 1.68 15.22
CA VAL I 715 -32.17 3.06 14.94
C VAL I 715 -33.38 3.05 14.00
N ASP I 716 -34.19 4.06 14.07
CA ASP I 716 -35.34 4.17 13.20
C ASP I 716 -35.02 5.05 11.99
N ASN I 717 -36.08 5.48 11.33
CA ASN I 717 -35.95 6.25 10.11
C ASN I 717 -35.54 7.70 10.36
N ASN I 718 -35.47 8.11 11.63
CA ASN I 718 -34.93 9.40 12.04
C ASN I 718 -33.59 9.27 12.74
N GLY I 719 -33.10 8.05 12.83
CA GLY I 719 -31.82 7.79 13.46
C GLY I 719 -31.82 7.76 14.98
N LEU I 720 -32.96 7.45 15.58
CA LEU I 720 -33.02 7.34 17.01
C LEU I 720 -32.87 5.90 17.44
N TYR I 721 -31.74 5.58 18.12
CA TYR I 721 -31.56 4.24 18.70
C TYR I 721 -32.61 4.07 19.78
N THR I 722 -33.30 2.92 19.81
CA THR I 722 -34.19 2.54 20.93
C THR I 722 -33.92 1.18 21.57
N GLU I 723 -34.16 1.09 22.87
CA GLU I 723 -34.07 -0.18 23.59
C GLU I 723 -35.50 -0.54 23.96
N PRO I 724 -36.04 -1.55 23.26
CA PRO I 724 -37.47 -1.87 23.32
C PRO I 724 -37.87 -2.70 24.49
N ARG I 725 -36.91 -3.21 25.27
CA ARG I 725 -37.25 -3.94 26.49
C ARG I 725 -36.04 -4.04 27.36
N PRO I 726 -36.24 -4.36 28.65
CA PRO I 726 -35.10 -4.65 29.51
C PRO I 726 -34.68 -6.06 29.21
N ILE I 727 -33.41 -6.36 29.34
CA ILE I 727 -33.00 -7.76 29.36
C ILE I 727 -32.23 -8.04 30.63
N GLY I 728 -32.67 -9.07 31.35
CA GLY I 728 -31.99 -9.47 32.59
C GLY I 728 -30.89 -10.44 32.18
N THR I 729 -30.45 -11.29 33.10
CA THR I 729 -29.39 -12.23 32.80
C THR I 729 -29.75 -13.68 33.10
N ARG I 730 -30.89 -13.89 33.73
CA ARG I 730 -31.28 -15.21 34.20
C ARG I 730 -32.06 -16.10 33.24
N TYR I 731 -31.31 -16.77 32.37
CA TYR I 731 -31.81 -17.77 31.41
C TYR I 731 -31.31 -19.18 31.62
N LEU I 732 -30.00 -19.36 31.80
CA LEU I 732 -29.48 -20.69 32.13
C LEU I 732 -30.01 -21.10 33.51
N THR I 733 -29.97 -22.38 33.84
CA THR I 733 -30.47 -22.82 35.14
C THR I 733 -29.42 -23.58 35.95
N ARG I 734 -29.49 -23.44 37.27
CA ARG I 734 -28.78 -24.31 38.19
C ARG I 734 -29.76 -25.15 39.00
N PRO I 735 -29.27 -26.26 39.55
CA PRO I 735 -29.85 -26.84 40.77
C PRO I 735 -29.59 -25.97 41.98
N LEU I 736 -30.37 -26.18 43.04
CA LEU I 736 -30.19 -25.45 44.28
C LEU I 736 -29.07 -26.06 45.13
N GLY J 217 80.42 37.26 -15.48
CA GLY J 217 79.57 36.57 -16.37
C GLY J 217 79.93 35.10 -16.49
N ALA J 218 80.78 34.78 -17.46
CA ALA J 218 80.40 33.90 -18.55
C ALA J 218 81.62 33.42 -19.34
N ASP J 219 81.56 33.56 -20.65
CA ASP J 219 82.07 32.55 -21.57
C ASP J 219 82.60 33.17 -22.85
N GLY J 220 82.01 32.78 -23.98
CA GLY J 220 82.70 32.85 -25.25
C GLY J 220 82.43 34.16 -25.97
N VAL J 221 83.35 34.54 -26.85
CA VAL J 221 83.01 35.40 -27.99
C VAL J 221 81.77 34.89 -28.70
N GLY J 222 81.65 33.58 -28.82
CA GLY J 222 80.75 32.97 -29.78
C GLY J 222 79.45 32.50 -29.17
N ASN J 223 79.15 33.03 -27.99
CA ASN J 223 78.12 32.46 -27.13
C ASN J 223 77.33 33.55 -26.41
N ALA J 224 76.07 33.72 -26.81
CA ALA J 224 75.17 34.63 -26.11
C ALA J 224 75.13 34.39 -24.55
N SER J 225 75.10 35.48 -23.79
CA SER J 225 75.07 35.40 -22.32
C SER J 225 73.68 35.71 -21.77
N GLY J 226 72.72 35.80 -22.68
CA GLY J 226 71.36 36.04 -22.28
C GLY J 226 70.37 35.89 -23.43
N ASN J 227 69.15 35.51 -23.11
CA ASN J 227 68.15 35.49 -24.12
C ASN J 227 67.23 36.72 -24.00
N TRP J 228 66.19 36.77 -24.82
CA TRP J 228 65.29 37.93 -24.91
C TRP J 228 64.04 37.54 -24.20
N HIS J 229 63.78 38.13 -23.03
CA HIS J 229 62.63 37.77 -22.22
C HIS J 229 61.68 38.94 -22.07
N CYS J 230 60.68 39.03 -22.94
CA CYS J 230 59.79 40.15 -22.91
C CYS J 230 58.43 39.54 -22.90
N ASP J 231 57.63 39.79 -21.86
CA ASP J 231 56.41 39.02 -21.67
C ASP J 231 55.56 39.62 -20.59
N SER J 232 54.37 39.06 -20.44
CA SER J 232 53.49 39.42 -19.35
C SER J 232 52.83 38.15 -18.86
N THR J 233 52.75 37.99 -17.55
CA THR J 233 52.03 36.85 -16.98
C THR J 233 51.12 37.30 -15.88
N TRP J 234 49.84 37.01 -16.07
CA TRP J 234 48.82 37.33 -15.07
C TRP J 234 48.46 36.10 -14.28
N LEU J 235 48.40 36.22 -12.95
CA LEU J 235 48.29 35.06 -12.03
C LEU J 235 47.42 35.32 -10.82
N GLY J 236 46.22 35.80 -11.07
CA GLY J 236 45.30 36.01 -9.98
C GLY J 236 45.61 37.30 -9.25
N ASP J 237 46.42 37.23 -8.20
CA ASP J 237 46.68 38.43 -7.38
C ASP J 237 48.03 39.11 -7.75
N ARG J 238 48.74 38.52 -8.70
CA ARG J 238 50.06 38.98 -9.08
C ARG J 238 50.07 39.18 -10.60
N VAL J 239 50.91 40.08 -11.08
CA VAL J 239 51.23 40.18 -12.49
C VAL J 239 52.71 40.45 -12.65
N ILE J 240 53.36 39.67 -13.50
CA ILE J 240 54.79 39.73 -13.63
C ILE J 240 55.14 40.29 -15.01
N THR J 241 55.75 41.49 -15.03
CA THR J 241 56.19 42.10 -16.28
C THR J 241 57.66 41.91 -16.47
N THR J 242 57.96 41.44 -17.68
CA THR J 242 59.33 41.37 -18.08
C THR J 242 59.56 42.22 -19.31
N SER J 243 60.57 43.07 -19.26
CA SER J 243 60.97 43.77 -20.48
C SER J 243 62.45 43.83 -20.77
N THR J 244 62.75 43.60 -22.05
CA THR J 244 64.12 43.57 -22.52
C THR J 244 64.29 44.49 -23.73
N ARG J 245 65.40 45.22 -23.75
CA ARG J 245 65.66 46.20 -24.78
C ARG J 245 67.10 46.16 -25.16
N THR J 246 67.40 46.76 -26.31
CA THR J 246 68.76 46.88 -26.77
C THR J 246 69.26 48.33 -26.66
N TRP J 247 70.39 48.52 -25.98
CA TRP J 247 70.88 49.87 -25.63
C TRP J 247 72.14 50.21 -26.40
N ALA J 248 72.48 51.50 -26.40
CA ALA J 248 73.81 51.93 -26.85
C ALA J 248 74.43 52.94 -25.90
N LEU J 249 75.71 52.75 -25.59
CA LEU J 249 76.45 53.57 -24.62
C LEU J 249 77.67 54.10 -25.33
N PRO J 250 77.76 55.44 -25.48
CA PRO J 250 78.93 56.13 -25.95
C PRO J 250 79.90 56.37 -24.83
N THR J 251 81.07 56.89 -25.19
CA THR J 251 81.99 57.42 -24.23
C THR J 251 81.58 58.83 -23.89
N TYR J 252 81.48 59.17 -22.60
CA TYR J 252 81.04 60.50 -22.19
C TYR J 252 82.24 61.29 -21.72
N ASN J 253 82.23 62.61 -21.98
CA ASN J 253 83.16 63.62 -21.43
C ASN J 253 84.59 63.23 -21.75
N ASN J 254 84.79 62.39 -22.76
CA ASN J 254 86.07 61.74 -22.98
C ASN J 254 86.71 61.04 -21.80
N HIS J 255 85.90 60.39 -20.95
CA HIS J 255 86.38 59.71 -19.75
C HIS J 255 86.76 60.65 -18.63
N LEU J 256 86.20 61.86 -18.63
CA LEU J 256 86.54 62.89 -17.68
C LEU J 256 85.38 63.22 -16.76
N TYR J 257 85.68 63.72 -15.57
CA TYR J 257 84.65 64.28 -14.74
C TYR J 257 84.82 65.78 -14.88
N LYS J 258 83.78 66.48 -15.30
CA LYS J 258 83.87 67.93 -15.35
C LYS J 258 83.05 68.64 -14.31
N GLN J 259 83.63 69.69 -13.74
CA GLN J 259 82.88 70.60 -12.92
C GLN J 259 82.01 71.38 -13.87
N ILE J 260 80.75 71.55 -13.49
CA ILE J 260 79.79 72.36 -14.26
C ILE J 260 79.00 73.32 -13.39
N SER J 261 78.52 74.38 -14.03
CA SER J 261 77.79 75.44 -13.30
C SER J 261 77.13 76.42 -14.22
N SER J 262 76.38 77.36 -13.66
CA SER J 262 75.71 78.40 -14.41
C SER J 262 76.58 79.66 -14.66
N ALA J 263 77.87 79.63 -14.27
CA ALA J 263 78.80 80.76 -14.44
C ALA J 263 78.85 81.18 -15.91
N SER J 264 79.05 82.47 -16.16
CA SER J 264 78.66 83.05 -17.44
C SER J 264 77.18 82.85 -17.68
N THR J 265 76.83 82.36 -18.86
CA THR J 265 75.48 81.86 -19.09
C THR J 265 74.52 83.05 -19.17
N GLY J 266 74.52 83.86 -18.13
CA GLY J 266 73.57 84.94 -17.99
C GLY J 266 72.30 84.53 -17.26
N ALA J 267 72.37 83.42 -16.53
CA ALA J 267 71.20 82.87 -15.82
C ALA J 267 70.72 83.77 -14.69
N SER J 268 69.43 83.74 -14.40
CA SER J 268 68.89 84.44 -13.25
C SER J 268 69.23 83.71 -11.96
N ASN J 269 69.07 84.38 -10.82
CA ASN J 269 69.34 83.77 -9.53
C ASN J 269 68.55 82.49 -9.26
N ASP J 270 67.35 82.38 -9.83
CA ASP J 270 66.50 81.20 -9.63
C ASP J 270 66.95 80.01 -10.46
N ASN J 271 67.94 80.24 -11.32
CA ASN J 271 68.47 79.16 -12.16
C ASN J 271 69.94 78.79 -11.93
N HIS J 272 70.59 79.39 -10.94
CA HIS J 272 71.99 79.09 -10.73
C HIS J 272 72.19 77.66 -10.22
N TYR J 273 73.32 77.03 -10.59
CA TYR J 273 73.62 75.74 -10.07
C TYR J 273 75.07 75.41 -10.07
N PHE J 274 75.45 74.41 -9.27
CA PHE J 274 76.82 73.90 -9.26
C PHE J 274 76.70 72.41 -9.12
N GLY J 275 77.55 71.74 -9.89
CA GLY J 275 77.54 70.31 -9.87
C GLY J 275 78.67 69.78 -10.72
N TYR J 276 78.56 68.50 -11.08
CA TYR J 276 79.57 67.80 -11.85
C TYR J 276 78.91 66.93 -12.91
N SER J 277 79.61 66.70 -14.02
CA SER J 277 79.21 65.71 -14.98
C SER J 277 80.24 64.61 -15.09
N THR J 278 79.77 63.44 -15.44
CA THR J 278 80.44 62.22 -15.12
C THR J 278 80.61 61.46 -16.42
N PRO J 279 81.69 60.66 -16.52
CA PRO J 279 81.86 59.79 -17.68
C PRO J 279 80.92 58.60 -17.72
N TRP J 280 80.02 58.47 -16.74
CA TRP J 280 79.19 57.25 -16.63
C TRP J 280 77.83 57.43 -17.31
N GLY J 281 77.20 56.34 -17.71
CA GLY J 281 75.77 56.36 -18.01
C GLY J 281 75.02 55.55 -16.93
N TYR J 282 73.68 55.51 -17.06
CA TYR J 282 72.87 54.84 -16.07
C TYR J 282 71.63 54.27 -16.71
N PHE J 283 71.01 53.33 -16.01
CA PHE J 283 69.75 52.74 -16.46
C PHE J 283 68.62 53.26 -15.64
N ASP J 284 67.52 53.49 -16.35
CA ASP J 284 66.35 54.10 -15.84
C ASP J 284 65.17 53.38 -16.43
N PHE J 285 64.39 52.70 -15.60
CA PHE J 285 63.14 52.13 -16.02
C PHE J 285 61.97 52.77 -15.28
N ASN J 286 62.13 54.01 -14.80
CA ASN J 286 61.14 54.58 -13.85
C ASN J 286 60.01 55.23 -14.62
N ARG J 287 59.36 54.43 -15.43
CA ARG J 287 58.18 54.85 -16.21
C ARG J 287 57.33 53.61 -16.49
N PHE J 288 56.02 53.73 -16.36
CA PHE J 288 55.16 52.54 -16.41
C PHE J 288 55.27 51.89 -17.76
N HIS J 289 55.39 52.68 -18.81
CA HIS J 289 55.46 52.01 -20.12
C HIS J 289 56.75 51.25 -20.46
N CYS J 290 57.69 51.21 -19.51
CA CYS J 290 58.90 50.45 -19.66
C CYS J 290 58.55 49.02 -19.37
N HIS J 291 57.40 48.81 -18.74
CA HIS J 291 57.01 47.46 -18.29
C HIS J 291 55.65 46.97 -18.79
N PHE J 292 54.70 47.89 -18.88
CA PHE J 292 53.35 47.56 -19.23
C PHE J 292 53.10 47.97 -20.68
N SER J 293 52.73 47.02 -21.52
CA SER J 293 52.20 47.36 -22.83
C SER J 293 50.83 48.06 -22.64
N PRO J 294 50.32 48.69 -23.72
CA PRO J 294 49.07 49.43 -23.60
C PRO J 294 47.93 48.55 -23.26
N ARG J 295 47.93 47.36 -23.85
CA ARG J 295 46.90 46.39 -23.56
C ARG J 295 46.94 45.92 -22.10
N ASP J 296 48.14 45.66 -21.58
CA ASP J 296 48.28 45.26 -20.18
C ASP J 296 47.80 46.35 -19.22
N TRP J 297 48.11 47.60 -19.54
CA TRP J 297 47.74 48.75 -18.72
C TRP J 297 46.23 48.76 -18.67
N GLN J 298 45.69 48.49 -19.83
CA GLN J 298 44.25 48.38 -19.93
C GLN J 298 43.69 47.29 -19.04
N ARG J 299 44.34 46.14 -19.05
CA ARG J 299 43.94 45.04 -18.20
C ARG J 299 44.07 45.45 -16.75
N LEU J 300 45.11 46.24 -16.46
CA LEU J 300 45.40 46.55 -15.11
C LEU J 300 44.23 47.38 -14.64
N ILE J 301 43.99 48.43 -15.39
CA ILE J 301 43.20 49.52 -14.87
C ILE J 301 41.71 49.28 -14.87
N ASN J 302 41.25 48.34 -15.68
CA ASN J 302 39.82 48.09 -15.84
C ASN J 302 39.33 47.01 -14.88
N ASN J 303 40.26 46.34 -14.19
CA ASN J 303 39.88 45.24 -13.30
C ASN J 303 40.38 45.25 -11.88
N ASN J 304 41.16 46.28 -11.51
CA ASN J 304 41.77 46.32 -10.19
C ASN J 304 41.60 47.65 -9.48
N TRP J 305 41.36 47.59 -8.17
CA TRP J 305 41.27 48.79 -7.38
C TRP J 305 42.63 49.31 -6.99
N GLY J 306 43.68 48.56 -7.33
CA GLY J 306 45.01 49.00 -6.94
C GLY J 306 46.09 48.03 -7.32
N PHE J 307 47.33 48.43 -7.09
CA PHE J 307 48.50 47.61 -7.36
C PHE J 307 49.75 48.26 -6.81
N ARG J 308 50.80 47.46 -6.62
CA ARG J 308 52.06 47.92 -6.07
C ARG J 308 53.13 46.99 -6.56
N PRO J 309 54.34 47.50 -6.73
CA PRO J 309 55.53 46.65 -6.94
C PRO J 309 55.97 45.87 -5.68
N LYS J 310 56.44 44.65 -5.91
CA LYS J 310 56.91 43.78 -4.85
C LYS J 310 58.37 43.38 -4.99
N ARG J 311 58.75 42.94 -6.18
CA ARG J 311 60.13 42.57 -6.40
C ARG J 311 60.61 42.71 -7.86
N LEU J 312 61.93 42.80 -7.99
CA LEU J 312 62.52 43.07 -9.28
C LEU J 312 63.77 42.25 -9.52
N ASN J 313 64.04 42.03 -10.79
CA ASN J 313 65.16 41.25 -11.24
C ASN J 313 65.75 41.99 -12.42
N PHE J 314 67.04 42.24 -12.36
CA PHE J 314 67.67 43.03 -13.40
C PHE J 314 68.84 42.29 -14.05
N LYS J 315 68.96 42.51 -15.35
CA LYS J 315 69.93 41.78 -16.16
C LYS J 315 70.55 42.57 -17.29
N LEU J 316 71.86 42.60 -17.27
CA LEU J 316 72.64 43.20 -18.34
C LEU J 316 73.36 42.08 -19.00
N PHE J 317 73.34 42.08 -20.30
CA PHE J 317 74.02 41.01 -20.97
C PHE J 317 74.22 41.26 -22.48
N ASN J 318 74.78 40.24 -23.10
CA ASN J 318 75.17 40.27 -24.51
C ASN J 318 75.94 41.48 -24.91
N ILE J 319 76.97 41.82 -24.13
CA ILE J 319 77.60 43.09 -24.30
C ILE J 319 78.55 43.00 -25.49
N GLN J 320 78.70 44.11 -26.18
CA GLN J 320 79.61 44.08 -27.30
C GLN J 320 80.30 45.43 -27.48
N VAL J 321 81.60 45.45 -27.28
CA VAL J 321 82.31 46.72 -27.27
C VAL J 321 82.96 46.92 -28.61
N LYS J 322 82.86 48.13 -29.11
CA LYS J 322 83.30 48.43 -30.47
C LYS J 322 84.19 49.64 -30.57
N GLU J 323 85.17 49.54 -31.44
CA GLU J 323 86.05 50.69 -31.67
C GLU J 323 85.73 51.39 -32.97
N VAL J 324 85.83 52.71 -32.93
CA VAL J 324 85.58 53.54 -34.09
C VAL J 324 86.88 54.22 -34.50
N THR J 325 87.23 54.05 -35.77
CA THR J 325 88.41 54.65 -36.36
C THR J 325 87.94 55.47 -37.56
N THR J 326 88.33 56.74 -37.60
CA THR J 326 87.97 57.61 -38.70
C THR J 326 89.19 58.01 -39.52
N ASN J 327 89.16 57.69 -40.81
CA ASN J 327 90.19 58.14 -41.74
C ASN J 327 89.60 58.80 -42.98
N ASP J 328 89.86 60.09 -43.13
CA ASP J 328 89.04 60.94 -44.00
C ASP J 328 88.00 61.70 -43.19
N GLY J 329 86.86 61.06 -42.93
CA GLY J 329 85.72 61.14 -43.82
C GLY J 329 85.38 59.80 -44.45
N VAL J 330 85.78 58.72 -43.79
CA VAL J 330 85.09 57.44 -43.91
C VAL J 330 85.31 56.57 -42.68
N THR J 331 84.23 56.29 -41.96
CA THR J 331 84.32 55.82 -40.59
C THR J 331 84.17 54.31 -40.51
N THR J 332 85.19 53.64 -39.97
CA THR J 332 85.15 52.21 -39.81
C THR J 332 84.91 51.80 -38.34
N ILE J 333 84.01 50.84 -38.16
CA ILE J 333 83.77 50.27 -36.86
C ILE J 333 84.20 48.80 -36.85
N ALA J 334 84.89 48.38 -35.79
CA ALA J 334 85.11 46.95 -35.58
C ALA J 334 84.88 46.57 -34.10
N ASN J 335 84.79 45.28 -33.85
CA ASN J 335 84.76 44.78 -32.50
C ASN J 335 86.11 44.97 -31.77
N ASN J 336 86.08 45.40 -30.51
CA ASN J 336 87.26 45.32 -29.70
C ASN J 336 87.00 44.27 -28.62
N LEU J 337 87.43 43.05 -28.93
CA LEU J 337 87.04 41.90 -28.17
C LEU J 337 87.52 41.89 -26.71
N THR J 338 88.62 42.56 -26.43
CA THR J 338 89.26 42.47 -25.12
C THR J 338 88.96 43.68 -24.26
N SER J 339 87.92 44.42 -24.65
CA SER J 339 87.49 45.64 -23.97
C SER J 339 86.37 45.40 -23.00
N THR J 340 86.30 46.20 -21.94
CA THR J 340 85.26 45.96 -20.95
C THR J 340 84.29 47.13 -20.81
N VAL J 341 83.08 46.79 -20.33
CA VAL J 341 82.13 47.74 -19.78
C VAL J 341 81.99 47.46 -18.27
N GLN J 342 81.87 48.51 -17.46
CA GLN J 342 81.87 48.41 -16.00
C GLN J 342 80.49 48.70 -15.51
N VAL J 343 80.07 48.05 -14.42
CA VAL J 343 78.74 48.23 -13.88
C VAL J 343 78.68 48.04 -12.38
N PHE J 344 77.79 48.79 -11.75
CA PHE J 344 77.48 48.59 -10.35
C PHE J 344 76.15 49.21 -10.02
N SER J 345 75.55 48.66 -8.95
CA SER J 345 74.36 49.25 -8.39
C SER J 345 74.75 49.96 -7.11
N ASP J 346 74.29 51.20 -6.98
CA ASP J 346 74.51 52.00 -5.78
C ASP J 346 73.52 51.55 -4.67
N SER J 347 73.69 50.34 -4.19
CA SER J 347 72.75 49.71 -3.24
C SER J 347 72.77 50.25 -1.79
N GLU J 348 73.78 51.01 -1.41
CA GLU J 348 73.82 51.68 -0.12
C GLU J 348 73.47 53.17 -0.25
N TYR J 349 73.05 53.53 -1.47
CA TYR J 349 72.58 54.89 -1.83
C TYR J 349 73.60 55.98 -1.55
N GLN J 350 74.84 55.63 -1.81
CA GLN J 350 75.94 56.53 -1.50
C GLN J 350 76.08 57.67 -2.50
N LEU J 351 75.40 57.54 -3.62
CA LEU J 351 75.42 58.57 -4.66
C LEU J 351 74.17 59.42 -4.67
N PRO J 352 74.32 60.67 -5.14
CA PRO J 352 73.14 61.53 -5.30
C PRO J 352 72.10 60.85 -6.17
N TYR J 353 70.85 60.83 -5.68
CA TYR J 353 69.85 60.02 -6.34
C TYR J 353 69.18 60.77 -7.43
N VAL J 354 69.46 60.38 -8.66
CA VAL J 354 69.09 61.16 -9.82
C VAL J 354 67.86 60.61 -10.56
N LEU J 355 67.44 59.38 -10.24
CA LEU J 355 66.12 58.93 -10.64
C LEU J 355 65.02 59.78 -9.95
N GLY J 356 63.80 59.73 -10.46
CA GLY J 356 62.66 60.39 -9.79
C GLY J 356 62.66 61.89 -9.98
N SER J 357 63.29 62.31 -11.06
CA SER J 357 63.23 63.68 -11.49
C SER J 357 62.66 63.71 -12.89
N ALA J 358 62.20 62.56 -13.36
CA ALA J 358 61.38 62.47 -14.58
C ALA J 358 62.21 62.82 -15.82
N HIS J 359 63.49 62.46 -15.76
CA HIS J 359 64.41 62.74 -16.84
C HIS J 359 64.22 61.72 -17.97
N GLN J 360 64.32 62.19 -19.21
CA GLN J 360 64.25 61.29 -20.33
C GLN J 360 65.46 60.36 -20.36
N GLY J 361 65.32 59.24 -21.07
CA GLY J 361 66.38 58.24 -21.23
C GLY J 361 65.98 56.91 -20.61
N CYS J 362 64.70 56.74 -20.25
CA CYS J 362 64.24 55.46 -19.70
C CYS J 362 64.15 54.47 -20.83
N LEU J 363 64.06 53.18 -20.52
CA LEU J 363 63.69 52.19 -21.52
C LEU J 363 62.49 52.67 -22.33
N PRO J 364 62.58 52.55 -23.66
CA PRO J 364 61.49 53.00 -24.50
C PRO J 364 60.23 52.15 -24.37
N PRO J 365 59.05 52.74 -24.58
CA PRO J 365 57.76 52.03 -24.45
C PRO J 365 57.64 50.88 -25.43
N PHE J 366 58.26 51.06 -26.58
CA PHE J 366 58.15 50.09 -27.66
C PHE J 366 59.35 49.14 -27.76
N PRO J 367 59.12 47.84 -27.54
CA PRO J 367 60.23 46.89 -27.35
C PRO J 367 61.20 46.87 -28.51
N ALA J 368 60.75 47.23 -29.70
CA ALA J 368 61.68 47.25 -30.84
C ALA J 368 62.60 48.46 -30.93
N ASP J 369 62.36 49.52 -30.14
CA ASP J 369 63.24 50.71 -30.11
C ASP J 369 64.56 50.49 -29.34
N VAL J 370 65.64 50.94 -29.99
CA VAL J 370 66.99 50.97 -29.42
C VAL J 370 67.17 52.31 -28.69
N PHE J 371 67.85 52.33 -27.56
CA PHE J 371 67.92 53.57 -26.83
C PHE J 371 69.32 53.86 -26.45
N MET J 372 69.60 55.14 -26.35
CA MET J 372 70.89 55.60 -25.87
C MET J 372 70.83 55.79 -24.33
N ILE J 373 71.87 55.37 -23.62
CA ILE J 373 71.87 55.47 -22.16
C ILE J 373 72.15 56.92 -21.80
N PRO J 374 71.38 57.49 -20.86
CA PRO J 374 71.68 58.86 -20.40
C PRO J 374 73.02 58.93 -19.69
N GLN J 375 73.62 60.13 -19.58
CA GLN J 375 74.84 60.40 -18.81
C GLN J 375 74.51 60.78 -17.34
N TYR J 376 75.29 60.29 -16.38
CA TYR J 376 75.01 60.65 -14.99
C TYR J 376 75.68 62.00 -14.74
N GLY J 377 74.93 62.97 -14.18
CA GLY J 377 75.51 64.14 -13.53
C GLY J 377 74.68 64.43 -12.31
N TYR J 378 75.19 65.26 -11.39
CA TYR J 378 74.46 65.57 -10.17
C TYR J 378 74.77 67.01 -9.78
N LEU J 379 73.96 67.59 -8.90
CA LEU J 379 74.22 68.90 -8.29
C LEU J 379 74.55 68.82 -6.79
N THR J 380 75.15 69.89 -6.25
CA THR J 380 75.40 70.06 -4.82
C THR J 380 75.02 71.45 -4.43
N LEU J 381 75.42 71.84 -3.22
CA LEU J 381 75.10 73.13 -2.72
C LEU J 381 75.76 74.11 -3.67
N ASN J 382 75.03 75.19 -3.95
CA ASN J 382 75.57 76.33 -4.69
C ASN J 382 75.11 77.66 -4.07
N ASN J 383 76.01 78.63 -4.08
CA ASN J 383 75.73 79.99 -3.68
C ASN J 383 75.94 80.79 -4.97
N GLY J 384 74.84 81.13 -5.61
CA GLY J 384 74.91 81.64 -6.98
C GLY J 384 75.53 80.55 -7.83
N SER J 385 76.49 80.90 -8.68
CA SER J 385 77.20 79.88 -9.46
C SER J 385 78.47 79.32 -8.78
N GLN J 386 78.69 79.68 -7.53
CA GLN J 386 79.89 79.18 -6.86
C GLN J 386 79.54 77.99 -5.99
N ALA J 387 80.54 77.28 -5.49
CA ALA J 387 80.31 76.21 -4.50
C ALA J 387 80.53 76.69 -3.06
N VAL J 388 80.21 75.83 -2.10
CA VAL J 388 80.42 76.09 -0.67
C VAL J 388 81.32 74.95 -0.13
N GLY J 389 81.86 75.10 1.08
CA GLY J 389 82.75 74.06 1.61
C GLY J 389 81.99 72.75 1.82
N ARG J 390 80.68 72.87 2.03
CA ARG J 390 79.82 71.76 2.33
C ARG J 390 79.48 70.94 1.08
N SER J 391 79.68 71.52 -0.10
CA SER J 391 79.40 70.83 -1.35
C SER J 391 80.17 69.52 -1.45
N SER J 392 79.56 68.53 -2.11
CA SER J 392 80.12 67.19 -2.14
C SER J 392 80.48 66.75 -3.56
N PHE J 393 81.63 66.10 -3.70
CA PHE J 393 82.04 65.51 -4.97
C PHE J 393 82.16 63.99 -4.88
N TYR J 394 81.58 63.29 -5.83
CA TYR J 394 81.62 61.84 -5.86
C TYR J 394 82.39 61.35 -7.09
N CYS J 395 83.36 60.46 -6.86
CA CYS J 395 84.03 59.80 -7.96
C CYS J 395 83.49 58.39 -8.00
N LEU J 396 82.90 58.02 -9.14
CA LEU J 396 82.21 56.74 -9.30
C LEU J 396 83.08 55.48 -9.28
N GLU J 397 84.31 55.63 -9.75
CA GLU J 397 85.28 54.55 -9.79
C GLU J 397 85.56 54.05 -8.37
N TYR J 398 85.49 54.96 -7.41
CA TYR J 398 85.81 54.65 -6.03
C TYR J 398 84.68 53.89 -5.32
N PHE J 399 83.72 53.38 -6.08
CA PHE J 399 83.01 52.14 -5.79
C PHE J 399 83.76 50.87 -6.25
N PRO J 400 83.36 49.70 -5.75
CA PRO J 400 83.68 48.46 -6.48
C PRO J 400 82.75 48.30 -7.71
N SER J 401 83.26 47.97 -8.88
CA SER J 401 82.35 47.66 -9.98
C SER J 401 82.68 46.41 -10.75
N GLN J 402 81.68 45.82 -11.39
CA GLN J 402 81.92 44.63 -12.18
C GLN J 402 82.40 44.94 -13.62
N MET J 403 83.42 44.20 -14.05
CA MET J 403 84.06 44.53 -15.34
C MET J 403 83.70 43.44 -16.33
N LEU J 404 83.07 43.84 -17.40
CA LEU J 404 82.55 42.85 -18.30
C LEU J 404 83.17 42.91 -19.67
N ARG J 405 83.75 41.81 -20.12
CA ARG J 405 84.08 41.68 -21.54
C ARG J 405 82.88 41.08 -22.24
N THR J 406 82.99 40.96 -23.57
CA THR J 406 81.91 40.48 -24.42
C THR J 406 81.24 39.16 -23.98
N GLY J 407 81.97 38.34 -23.22
CA GLY J 407 81.43 37.09 -22.72
C GLY J 407 80.51 37.18 -21.51
N ASN J 408 80.64 38.27 -20.73
CA ASN J 408 80.13 38.29 -19.36
C ASN J 408 78.74 38.92 -19.25
N ASN J 409 78.11 38.78 -18.08
CA ASN J 409 76.85 39.43 -17.85
C ASN J 409 76.71 39.89 -16.42
N PHE J 410 75.72 40.73 -16.14
CA PHE J 410 75.48 41.30 -14.83
C PHE J 410 74.06 41.03 -14.39
N THR J 411 73.88 40.68 -13.13
CA THR J 411 72.54 40.48 -12.65
C THR J 411 72.42 40.97 -11.24
N PHE J 412 71.25 41.46 -10.84
CA PHE J 412 70.95 41.61 -9.42
C PHE J 412 69.46 41.58 -9.21
N SER J 413 69.05 41.25 -7.96
CA SER J 413 67.64 41.40 -7.56
C SER J 413 67.43 42.36 -6.41
N TYR J 414 66.17 42.74 -6.26
CA TYR J 414 65.76 43.75 -5.32
C TYR J 414 64.32 43.46 -4.82
N THR J 415 64.02 43.83 -3.58
CA THR J 415 62.71 43.67 -3.05
C THR J 415 62.29 45.08 -2.65
N PHE J 416 61.05 45.40 -2.97
CA PHE J 416 60.43 46.63 -2.54
C PHE J 416 59.90 46.54 -1.12
N GLU J 417 59.98 47.66 -0.41
CA GLU J 417 59.43 47.82 0.90
C GLU J 417 57.90 47.72 0.80
N GLU J 418 57.24 47.61 1.94
CA GLU J 418 55.80 47.55 1.95
C GLU J 418 55.28 48.96 1.69
N VAL J 419 54.36 49.09 0.74
CA VAL J 419 53.79 50.37 0.40
C VAL J 419 52.30 50.22 0.12
N PRO J 420 51.55 51.28 0.34
CA PRO J 420 50.11 51.25 0.09
C PRO J 420 49.85 51.02 -1.39
N PHE J 421 48.82 50.26 -1.72
CA PHE J 421 48.48 50.02 -3.11
C PHE J 421 48.10 51.34 -3.73
N HIS J 422 48.52 51.59 -4.96
CA HIS J 422 48.06 52.78 -5.66
C HIS J 422 46.56 52.78 -5.94
N SER J 423 45.86 53.88 -5.70
CA SER J 423 44.42 53.83 -5.87
C SER J 423 44.02 53.97 -7.37
N SER J 424 43.72 52.83 -7.99
CA SER J 424 43.21 52.83 -9.34
C SER J 424 41.71 52.78 -9.37
N TYR J 425 41.09 53.86 -8.89
CA TYR J 425 39.65 53.97 -8.83
C TYR J 425 39.28 55.44 -8.61
N ALA J 426 38.14 55.86 -9.14
CA ALA J 426 37.47 57.06 -8.65
C ALA J 426 36.45 56.70 -7.58
N HIS J 427 36.20 57.63 -6.67
CA HIS J 427 35.06 57.52 -5.77
C HIS J 427 33.74 57.79 -6.49
N SER J 428 32.68 57.14 -6.03
CA SER J 428 31.34 57.37 -6.56
C SER J 428 30.46 58.06 -5.52
N GLN J 429 31.11 58.74 -4.59
CA GLN J 429 30.43 59.55 -3.57
C GLN J 429 31.36 60.71 -3.39
N SER J 430 30.86 61.81 -2.81
CA SER J 430 31.74 62.91 -2.45
C SER J 430 31.60 63.27 -0.99
N LEU J 431 32.57 63.99 -0.44
CA LEU J 431 32.71 64.13 1.00
C LEU J 431 31.44 64.69 1.59
N ASP J 432 30.82 65.56 0.77
CA ASP J 432 29.68 66.38 1.14
C ASP J 432 28.37 65.72 0.80
N ARG J 433 28.45 64.50 0.29
CA ARG J 433 27.24 63.74 0.06
C ARG J 433 27.31 62.36 0.72
N LEU J 434 27.81 62.23 1.99
CA LEU J 434 27.97 60.95 2.69
C LEU J 434 26.78 60.53 3.55
N MET J 435 25.82 61.44 3.65
CA MET J 435 24.65 61.20 4.49
C MET J 435 23.58 60.37 3.80
N ASN J 436 22.53 60.04 4.55
CA ASN J 436 21.38 59.33 4.00
C ASN J 436 20.27 60.31 3.62
N PRO J 437 20.07 60.50 2.32
CA PRO J 437 19.09 61.49 1.80
C PRO J 437 17.64 61.14 2.12
N LEU J 438 17.39 60.65 3.33
CA LEU J 438 16.04 60.27 3.72
C LEU J 438 15.71 60.57 5.17
N ILE J 439 16.71 60.82 5.98
CA ILE J 439 16.49 61.00 7.41
C ILE J 439 17.10 62.33 7.89
N ASP J 440 16.44 62.98 8.84
CA ASP J 440 17.05 64.12 9.49
C ASP J 440 18.23 63.66 10.37
N GLN J 441 19.08 64.62 10.75
CA GLN J 441 20.00 64.46 11.89
C GLN J 441 19.29 64.72 13.19
N TYR J 442 19.91 64.38 14.32
CA TYR J 442 19.39 64.74 15.66
C TYR J 442 20.09 66.04 16.09
N LEU J 443 21.01 66.49 15.23
CA LEU J 443 21.82 67.67 15.48
C LEU J 443 21.24 68.98 14.89
N TYR J 444 21.50 70.08 15.58
CA TYR J 444 20.90 71.35 15.22
C TYR J 444 22.00 72.32 14.86
N TYR J 445 21.68 73.32 14.06
CA TYR J 445 22.64 74.37 13.72
C TYR J 445 21.91 75.69 13.69
N LEU J 446 22.61 76.78 13.98
CA LEU J 446 22.06 78.09 13.93
C LEU J 446 21.70 78.40 12.48
N ASN J 447 20.40 78.58 12.24
CA ASN J 447 19.87 78.78 10.89
C ASN J 447 19.63 80.24 10.53
N ARG J 448 19.08 81.00 11.48
CA ARG J 448 18.88 82.43 11.26
C ARG J 448 19.32 83.29 12.44
N THR J 449 19.93 84.41 12.11
CA THR J 449 20.23 85.47 13.07
C THR J 449 19.24 86.65 13.00
N GLN J 450 18.19 86.48 12.22
CA GLN J 450 17.05 87.38 12.27
C GLN J 450 15.80 86.76 11.70
N ASN J 451 14.64 87.19 12.17
CA ASN J 451 13.37 86.68 11.63
C ASN J 451 13.11 87.22 10.23
N GLN J 452 12.82 86.31 9.30
CA GLN J 452 11.75 85.34 9.49
C GLN J 452 10.38 85.96 9.25
N SER J 453 10.29 86.82 8.24
CA SER J 453 9.15 87.72 8.10
C SER J 453 8.31 87.72 9.37
N GLY J 454 8.86 88.31 10.42
CA GLY J 454 8.15 89.31 11.19
C GLY J 454 8.75 90.69 11.07
N SER J 455 8.03 91.60 10.44
CA SER J 455 8.59 92.83 9.93
C SER J 455 9.35 93.55 11.03
N ALA J 456 10.52 94.08 10.69
CA ALA J 456 11.09 93.95 9.35
C ALA J 456 12.19 92.97 9.54
N GLN J 457 13.33 93.47 9.98
CA GLN J 457 14.47 92.63 10.31
C GLN J 457 14.74 92.84 11.78
N ASN J 458 14.69 91.75 12.53
CA ASN J 458 14.91 91.82 13.96
C ASN J 458 15.94 90.79 14.36
N LYS J 459 16.78 91.14 15.31
CA LYS J 459 17.79 90.21 15.76
C LYS J 459 17.08 89.01 16.37
N ASP J 460 17.58 87.83 16.05
CA ASP J 460 17.01 86.58 16.51
C ASP J 460 18.09 85.52 16.52
N LEU J 461 17.78 84.39 17.15
CA LEU J 461 18.63 83.22 17.12
C LEU J 461 17.70 82.06 16.86
N LEU J 462 17.72 81.60 15.61
CA LEU J 462 16.88 80.50 15.18
C LEU J 462 17.66 79.28 14.70
N PHE J 463 17.32 78.10 15.24
CA PHE J 463 18.09 76.88 15.05
C PHE J 463 17.25 75.85 14.31
N SER J 464 17.90 75.14 13.39
CA SER J 464 17.25 74.08 12.60
C SER J 464 17.99 72.76 12.68
N ARG J 465 17.26 71.68 12.54
CA ARG J 465 17.94 70.44 12.52
C ARG J 465 18.32 69.99 11.10
N GLY J 466 19.49 69.38 10.98
CA GLY J 466 19.93 68.76 9.75
C GLY J 466 18.85 67.99 9.00
N SER J 467 18.80 68.19 7.72
CA SER J 467 17.67 67.80 6.94
C SER J 467 18.10 67.59 5.50
N PRO J 468 17.47 66.64 4.80
CA PRO J 468 17.87 66.39 3.38
C PRO J 468 17.71 67.59 2.43
N ALA J 469 16.89 68.56 2.79
CA ALA J 469 16.80 69.74 1.96
C ALA J 469 17.97 70.68 2.22
N GLY J 470 18.83 70.39 3.20
CA GLY J 470 19.92 71.33 3.57
C GLY J 470 21.23 70.61 3.76
N MET J 471 21.66 69.88 2.75
CA MET J 471 22.86 69.08 2.85
C MET J 471 24.11 69.92 2.92
N SER J 472 24.03 71.15 2.44
CA SER J 472 25.14 72.07 2.60
C SER J 472 25.31 72.59 4.04
N VAL J 473 24.36 72.40 4.93
CA VAL J 473 24.48 72.96 6.27
C VAL J 473 24.46 71.92 7.39
N GLN J 474 24.50 70.66 7.02
CA GLN J 474 24.54 69.56 7.95
C GLN J 474 25.88 69.45 8.61
N PRO J 475 25.91 69.26 9.96
CA PRO J 475 27.17 68.85 10.56
C PRO J 475 27.77 67.65 9.84
N LYS J 476 29.10 67.58 9.73
CA LYS J 476 29.79 66.39 9.22
C LYS J 476 31.10 66.06 9.96
N ASN J 477 31.68 64.90 9.63
CA ASN J 477 32.85 64.39 10.31
C ASN J 477 34.15 64.80 9.68
N TRP J 478 34.12 65.07 8.36
CA TRP J 478 35.35 65.17 7.54
C TRP J 478 35.57 66.46 6.79
N LEU J 479 36.84 66.77 6.53
CA LEU J 479 37.19 67.93 5.73
C LEU J 479 37.87 67.47 4.42
N PRO J 480 37.74 68.27 3.33
CA PRO J 480 38.46 67.93 2.11
C PRO J 480 39.93 68.22 2.25
N GLY J 481 40.73 67.77 1.28
CA GLY J 481 42.18 67.81 1.40
C GLY J 481 42.77 69.20 1.41
N PRO J 482 44.07 69.29 1.56
CA PRO J 482 44.82 70.50 1.54
C PRO J 482 44.78 71.25 0.17
N CYS J 483 45.27 72.48 0.19
CA CYS J 483 45.11 73.33 -0.94
C CYS J 483 46.22 74.36 -1.00
N TYR J 484 46.76 74.45 -2.21
CA TYR J 484 47.68 75.50 -2.57
C TYR J 484 47.27 76.11 -3.92
N ARG J 485 46.48 77.17 -3.87
CA ARG J 485 45.77 77.62 -5.06
C ARG J 485 46.70 77.92 -6.23
N GLN J 486 46.21 77.61 -7.41
CA GLN J 486 46.93 77.87 -8.62
C GLN J 486 46.09 78.64 -9.64
N GLN J 487 46.79 79.28 -10.55
CA GLN J 487 46.15 80.18 -11.51
C GLN J 487 45.45 79.43 -12.62
N ARG J 488 44.19 79.76 -12.84
CA ARG J 488 43.35 79.05 -13.80
C ARG J 488 43.61 79.56 -15.23
N VAL J 489 43.99 78.70 -16.15
CA VAL J 489 44.14 79.14 -17.51
C VAL J 489 43.34 78.36 -18.52
N SER J 490 42.74 79.06 -19.47
CA SER J 490 41.91 78.43 -20.52
C SER J 490 42.68 77.90 -21.74
N LYS J 491 42.16 76.85 -22.33
CA LYS J 491 42.69 76.25 -23.53
C LYS J 491 42.35 77.07 -24.80
N THR J 492 41.29 77.86 -24.72
CA THR J 492 41.00 78.83 -25.76
C THR J 492 41.63 80.16 -25.36
N LYS J 493 42.70 80.53 -26.07
CA LYS J 493 43.57 81.67 -25.67
C LYS J 493 42.86 82.99 -25.43
N THR J 494 41.80 83.24 -26.18
CA THR J 494 40.99 84.46 -26.08
C THR J 494 40.42 84.78 -24.69
N ASP J 495 40.29 83.75 -23.86
CA ASP J 495 39.80 83.91 -22.48
C ASP J 495 40.83 84.50 -21.57
N ASN J 496 42.11 84.27 -21.87
CA ASN J 496 43.18 84.66 -20.96
C ASN J 496 43.57 86.11 -20.98
N ASN J 497 44.32 86.54 -19.99
CA ASN J 497 44.84 87.89 -19.96
C ASN J 497 45.88 88.05 -21.05
N ASN J 498 45.97 89.23 -21.64
CA ASN J 498 47.05 89.48 -22.58
C ASN J 498 48.35 89.91 -21.89
N SER J 499 49.03 88.97 -21.27
CA SER J 499 50.39 89.18 -20.76
C SER J 499 51.06 87.84 -20.61
N ASN J 500 52.33 87.89 -20.22
CA ASN J 500 53.05 86.69 -19.90
C ASN J 500 53.12 86.57 -18.39
N PHE J 501 52.19 85.82 -17.81
CA PHE J 501 52.08 85.72 -16.35
C PHE J 501 52.52 84.42 -15.69
N THR J 502 53.18 83.53 -16.42
CA THR J 502 53.51 82.22 -15.84
C THR J 502 54.44 82.23 -14.61
N TRP J 503 55.59 82.88 -14.75
CA TRP J 503 56.46 83.10 -13.62
C TRP J 503 55.85 84.09 -12.63
N THR J 504 55.24 85.14 -13.16
CA THR J 504 54.74 86.25 -12.34
C THR J 504 53.39 85.99 -11.68
N GLY J 505 52.56 85.15 -12.28
CA GLY J 505 51.31 84.73 -11.68
C GLY J 505 51.39 83.35 -11.07
N ALA J 506 52.55 82.72 -11.20
CA ALA J 506 52.76 81.36 -10.72
C ALA J 506 52.82 81.19 -9.20
N SER J 507 52.32 80.05 -8.74
CA SER J 507 52.46 79.61 -7.40
C SER J 507 53.91 79.09 -7.28
N LYS J 508 54.69 79.74 -6.42
CA LYS J 508 56.11 79.44 -6.22
C LYS J 508 56.50 79.28 -4.77
N TYR J 509 57.53 78.49 -4.53
CA TYR J 509 58.08 78.43 -3.20
C TYR J 509 59.44 79.06 -3.22
N ASN J 510 59.91 79.44 -2.03
CA ASN J 510 61.07 80.30 -1.94
C ASN J 510 62.06 79.61 -1.01
N LEU J 511 63.20 79.25 -1.58
CA LEU J 511 64.17 78.44 -0.88
C LEU J 511 65.53 79.05 -0.99
N ASN J 512 66.07 79.46 0.14
CA ASN J 512 67.35 80.12 0.16
C ASN J 512 67.40 81.21 -0.92
N GLY J 513 66.45 82.15 -0.90
CA GLY J 513 66.40 83.27 -1.84
C GLY J 513 66.17 82.93 -3.32
N ARG J 514 65.97 81.64 -3.57
CA ARG J 514 65.67 81.13 -4.90
C ARG J 514 64.23 80.64 -5.09
N GLU J 515 63.57 81.17 -6.11
CA GLU J 515 62.20 80.77 -6.39
C GLU J 515 62.09 79.54 -7.29
N SER J 516 61.07 78.75 -7.03
CA SER J 516 60.85 77.54 -7.75
C SER J 516 59.33 77.45 -7.92
N ILE J 517 58.91 77.24 -9.16
CA ILE J 517 57.51 76.98 -9.46
C ILE J 517 57.04 75.71 -8.78
N ILE J 518 55.88 75.77 -8.12
CA ILE J 518 55.33 74.58 -7.52
C ILE J 518 54.65 73.91 -8.67
N ASN J 519 55.15 72.75 -9.06
CA ASN J 519 54.60 72.01 -10.16
C ASN J 519 54.96 70.55 -10.07
N PRO J 520 53.94 69.67 -10.06
CA PRO J 520 52.49 69.86 -10.09
C PRO J 520 51.81 70.30 -8.78
N GLY J 521 52.52 70.20 -7.65
CA GLY J 521 52.01 70.69 -6.40
C GLY J 521 50.97 69.81 -5.81
N THR J 522 50.38 70.26 -4.73
CA THR J 522 49.42 69.49 -3.98
C THR J 522 48.44 68.74 -4.94
N ALA J 523 48.12 67.47 -4.66
CA ALA J 523 47.04 66.81 -5.40
C ALA J 523 45.69 67.54 -5.25
N MET J 524 45.26 68.12 -6.37
CA MET J 524 44.01 68.88 -6.42
C MET J 524 43.24 68.60 -7.73
N ALA J 525 41.91 68.68 -7.70
CA ALA J 525 41.15 68.44 -8.93
C ALA J 525 41.42 69.55 -9.91
N SER J 526 41.62 69.16 -11.16
CA SER J 526 41.94 70.11 -12.24
C SER J 526 40.89 71.16 -12.59
N HIS J 527 39.61 70.80 -12.49
CA HIS J 527 38.53 71.73 -12.79
C HIS J 527 37.27 71.16 -12.20
N LYS J 528 36.34 72.04 -11.79
CA LYS J 528 35.03 71.58 -11.36
C LYS J 528 34.19 71.14 -12.56
N ASP J 529 33.04 70.57 -12.26
CA ASP J 529 32.13 70.07 -13.29
C ASP J 529 31.95 71.03 -14.44
N ASP J 530 31.96 70.49 -15.65
CA ASP J 530 31.62 71.23 -16.86
C ASP J 530 32.66 72.22 -17.30
N GLU J 531 33.88 72.12 -16.78
CA GLU J 531 34.84 73.17 -17.08
C GLU J 531 36.13 72.58 -17.55
N ASP J 532 36.03 71.57 -18.41
CA ASP J 532 37.21 70.84 -18.83
C ASP J 532 38.15 71.69 -19.66
N LYS J 533 37.76 72.91 -19.99
CA LYS J 533 38.62 73.76 -20.76
C LYS J 533 39.70 74.53 -19.96
N PHE J 534 39.55 74.58 -18.63
CA PHE J 534 40.52 75.21 -17.73
C PHE J 534 41.50 74.20 -17.09
N PHE J 535 42.67 74.67 -16.70
CA PHE J 535 43.60 73.81 -16.00
C PHE J 535 44.54 74.67 -15.17
N PRO J 536 45.08 74.08 -14.08
CA PRO J 536 45.98 74.88 -13.27
C PRO J 536 47.20 75.14 -14.16
N MET J 537 47.69 76.38 -14.13
CA MET J 537 48.91 76.77 -14.81
C MET J 537 50.08 75.81 -14.62
N SER J 538 50.30 75.32 -13.40
CA SER J 538 51.37 74.38 -13.19
C SER J 538 50.97 73.22 -12.25
N GLY J 539 49.70 72.80 -12.31
CA GLY J 539 49.16 71.77 -11.42
C GLY J 539 48.70 70.48 -12.13
N VAL J 540 49.10 70.33 -13.39
CA VAL J 540 48.83 69.09 -14.10
C VAL J 540 50.08 68.58 -14.81
N MET J 541 50.18 67.27 -14.83
CA MET J 541 51.27 66.62 -15.49
C MET J 541 50.99 66.81 -16.96
N ILE J 542 52.03 67.14 -17.72
CA ILE J 542 51.87 67.36 -19.17
C ILE J 542 52.91 66.64 -20.05
N PHE J 543 52.44 65.73 -20.88
CA PHE J 543 53.32 64.98 -21.78
C PHE J 543 53.44 65.59 -23.18
N GLY J 544 54.59 65.43 -23.78
CA GLY J 544 54.76 66.01 -25.10
C GLY J 544 54.38 64.97 -26.11
N LYS J 545 53.85 65.42 -27.23
CA LYS J 545 53.70 64.52 -28.37
C LYS J 545 55.04 64.32 -29.04
N GLU J 546 55.09 63.33 -29.94
CA GLU J 546 56.34 62.99 -30.62
C GLU J 546 56.62 63.99 -31.72
N SER J 547 55.76 64.99 -31.85
CA SER J 547 56.02 66.12 -32.71
C SER J 547 56.54 67.36 -31.96
N ALA J 548 56.39 67.36 -30.63
CA ALA J 548 56.69 68.53 -29.83
C ALA J 548 58.16 68.94 -29.89
N GLY J 549 58.39 70.23 -30.08
CA GLY J 549 59.69 70.83 -29.92
C GLY J 549 60.00 70.99 -28.44
N ALA J 550 61.28 71.21 -28.14
CA ALA J 550 61.76 71.31 -26.79
C ALA J 550 61.20 72.48 -26.04
N SER J 551 61.01 73.60 -26.73
CA SER J 551 60.55 74.82 -26.06
C SER J 551 59.57 75.67 -26.85
N ASN J 552 58.62 76.27 -26.13
CA ASN J 552 57.54 77.07 -26.74
C ASN J 552 56.83 76.37 -27.91
N THR J 553 56.45 75.13 -27.69
CA THR J 553 55.69 74.41 -28.64
C THR J 553 54.20 74.65 -28.36
N ALA J 554 53.38 74.41 -29.35
CA ALA J 554 51.93 74.69 -29.31
C ALA J 554 51.09 73.64 -28.59
N LEU J 555 49.88 74.07 -28.23
CA LEU J 555 48.96 73.30 -27.42
C LEU J 555 48.73 71.89 -27.96
N ASP J 556 48.69 71.76 -29.27
CA ASP J 556 48.35 70.48 -29.88
C ASP J 556 49.52 69.55 -30.03
N ASN J 557 50.69 69.95 -29.54
CA ASN J 557 51.79 69.04 -29.48
C ASN J 557 51.98 68.53 -28.08
N VAL J 558 51.08 68.87 -27.15
CA VAL J 558 51.21 68.36 -25.78
C VAL J 558 49.95 67.62 -25.38
N MET J 559 50.05 66.83 -24.32
CA MET J 559 48.90 66.17 -23.77
C MET J 559 48.84 66.51 -22.31
N ILE J 560 47.75 67.15 -21.93
CA ILE J 560 47.58 67.59 -20.55
C ILE J 560 46.76 66.59 -19.84
N THR J 561 47.27 66.10 -18.70
CA THR J 561 46.47 65.22 -17.85
C THR J 561 45.25 65.92 -17.22
N ASP J 562 44.32 65.14 -16.71
CA ASP J 562 43.15 65.66 -16.05
C ASP J 562 42.99 64.86 -14.78
N GLU J 563 42.97 65.55 -13.65
CA GLU J 563 42.84 64.87 -12.36
C GLU J 563 41.48 65.16 -11.74
N GLU J 564 40.49 65.28 -12.61
CA GLU J 564 39.12 65.64 -12.19
C GLU J 564 38.41 64.64 -11.28
N GLU J 565 38.79 63.37 -11.37
CA GLU J 565 38.17 62.33 -10.55
C GLU J 565 38.29 62.60 -9.05
N ILE J 566 39.32 63.32 -8.61
CA ILE J 566 39.51 63.51 -7.19
C ILE J 566 38.68 64.62 -6.56
N LYS J 567 37.81 65.23 -7.36
CA LYS J 567 36.96 66.29 -6.82
C LYS J 567 35.87 65.86 -5.86
N ALA J 568 35.67 64.56 -5.75
CA ALA J 568 34.90 64.01 -4.65
C ALA J 568 35.49 64.31 -3.25
N THR J 569 36.83 64.47 -3.14
CA THR J 569 37.53 64.63 -1.83
C THR J 569 38.54 65.78 -1.76
N ASN J 570 39.06 66.16 -2.92
CA ASN J 570 40.20 67.07 -3.00
C ASN J 570 39.76 68.41 -3.57
N PRO J 571 40.13 69.52 -2.90
CA PRO J 571 39.77 70.80 -3.47
C PRO J 571 40.17 70.93 -4.98
N VAL J 572 39.34 71.64 -5.75
CA VAL J 572 39.71 72.04 -7.09
C VAL J 572 40.88 73.05 -7.06
N ALA J 573 41.81 72.85 -7.97
CA ALA J 573 43.15 73.46 -7.91
C ALA J 573 43.20 74.95 -8.14
N THR J 574 42.13 75.51 -8.69
CA THR J 574 42.15 76.93 -9.08
C THR J 574 41.16 77.75 -8.29
N GLU J 575 40.64 77.21 -7.20
CA GLU J 575 39.64 77.89 -6.41
C GLU J 575 40.13 77.96 -5.00
N ARG J 576 39.51 78.79 -4.20
CA ARG J 576 39.77 78.79 -2.77
C ARG J 576 39.50 77.42 -2.13
N PHE J 577 40.20 77.13 -1.03
CA PHE J 577 39.80 76.00 -0.19
C PHE J 577 38.45 76.32 0.45
N GLY J 578 38.28 77.57 0.89
CA GLY J 578 37.03 77.94 1.50
C GLY J 578 37.05 79.33 2.07
N THR J 579 36.29 79.55 3.14
CA THR J 579 36.15 80.87 3.75
C THR J 579 36.30 80.76 5.25
N VAL J 580 36.81 81.82 5.89
CA VAL J 580 37.09 81.85 7.32
C VAL J 580 36.58 83.15 7.86
N ALA J 581 36.06 83.12 9.09
CA ALA J 581 35.79 84.33 9.84
C ALA J 581 37.10 85.07 10.08
N VAL J 582 37.02 86.38 10.13
CA VAL J 582 38.20 87.21 10.38
C VAL J 582 37.97 88.36 11.39
N ASN J 583 36.84 88.42 12.08
CA ASN J 583 36.61 89.48 13.05
C ASN J 583 35.54 89.08 14.04
N PHE J 584 35.19 89.96 14.97
CA PHE J 584 34.07 89.72 15.86
C PHE J 584 32.90 90.60 15.47
N GLN J 585 31.81 90.00 15.01
CA GLN J 585 30.62 90.73 14.61
C GLN J 585 29.92 91.27 15.87
N SER J 586 29.22 92.40 15.74
CA SER J 586 28.40 92.95 16.83
C SER J 586 27.40 93.88 16.20
N SER J 587 26.53 94.50 16.99
CA SER J 587 25.66 95.52 16.39
C SER J 587 26.49 96.59 15.67
N SER J 588 27.66 96.95 16.21
CA SER J 588 28.49 97.99 15.60
C SER J 588 29.31 97.46 14.44
N THR J 589 29.71 96.20 14.50
CA THR J 589 30.65 95.66 13.51
C THR J 589 30.08 94.47 12.73
N ASP J 590 30.06 94.62 11.42
CA ASP J 590 29.53 93.59 10.53
C ASP J 590 30.42 92.36 10.37
N PRO J 591 29.82 91.16 10.37
CA PRO J 591 30.61 89.95 10.24
C PRO J 591 31.45 89.94 8.98
N ALA J 592 32.74 89.69 9.11
CA ALA J 592 33.59 89.63 7.94
C ALA J 592 34.19 88.24 7.77
N THR J 593 34.47 87.89 6.52
CA THR J 593 35.11 86.64 6.24
C THR J 593 36.11 86.84 5.17
N GLY J 594 37.04 85.90 5.04
CA GLY J 594 38.10 86.02 4.07
C GLY J 594 38.24 84.71 3.33
N ASP J 595 38.76 84.80 2.11
CA ASP J 595 39.10 83.63 1.32
C ASP J 595 40.41 82.93 1.70
N VAL J 596 40.37 81.60 1.77
CA VAL J 596 41.54 80.82 2.13
C VAL J 596 42.06 80.20 0.85
N HIS J 597 43.28 80.54 0.49
CA HIS J 597 43.86 80.06 -0.77
C HIS J 597 44.96 79.00 -0.55
N ALA J 598 45.52 78.99 0.65
CA ALA J 598 46.56 78.00 0.95
C ALA J 598 46.22 77.43 2.32
N MET J 599 45.80 76.17 2.34
CA MET J 599 45.39 75.51 3.59
C MET J 599 46.21 74.25 3.82
N GLY J 600 46.90 74.25 4.97
CA GLY J 600 47.65 73.09 5.42
C GLY J 600 46.73 72.05 5.98
N ALA J 601 47.33 71.00 6.46
CA ALA J 601 46.65 69.86 7.01
C ALA J 601 45.91 70.20 8.31
N LEU J 602 44.65 69.78 8.35
CA LEU J 602 43.83 69.95 9.52
C LEU J 602 43.38 68.58 9.93
N PRO J 603 43.36 68.28 11.26
CA PRO J 603 42.82 66.98 11.66
C PRO J 603 41.47 66.77 10.95
N GLY J 604 41.18 65.54 10.54
CA GLY J 604 39.91 65.28 9.88
C GLY J 604 39.91 65.41 8.35
N MET J 605 40.98 65.94 7.78
CA MET J 605 41.06 66.01 6.36
C MET J 605 41.32 64.65 5.75
N VAL J 606 40.73 64.42 4.60
CA VAL J 606 41.02 63.22 3.86
C VAL J 606 41.25 63.59 2.38
N TRP J 607 42.08 62.85 1.69
CA TRP J 607 42.36 63.24 0.30
C TRP J 607 42.87 62.06 -0.52
N GLN J 608 42.90 62.30 -1.80
CA GLN J 608 43.36 61.33 -2.79
C GLN J 608 44.64 61.86 -3.41
N ASP J 609 45.64 61.00 -3.56
CA ASP J 609 46.94 61.41 -4.14
C ASP J 609 46.85 61.49 -5.66
N ARG J 610 47.84 62.11 -6.29
CA ARG J 610 47.81 62.23 -7.74
C ARG J 610 47.86 60.89 -8.39
N ASP J 611 47.18 60.80 -9.52
CA ASP J 611 47.11 59.56 -10.29
C ASP J 611 48.43 59.28 -10.98
N VAL J 612 48.64 58.01 -11.34
CA VAL J 612 49.78 57.66 -12.16
C VAL J 612 49.33 57.52 -13.62
N TYR J 613 50.27 57.53 -14.53
CA TYR J 613 49.93 57.39 -15.95
C TYR J 613 50.81 56.39 -16.59
N LEU J 614 50.27 55.78 -17.63
CA LEU J 614 51.03 54.76 -18.37
C LEU J 614 52.42 55.28 -18.76
N GLN J 615 52.50 56.57 -19.04
CA GLN J 615 53.81 57.15 -19.35
C GLN J 615 54.46 58.01 -18.27
N GLY J 616 53.88 58.04 -17.07
CA GLY J 616 54.49 58.78 -15.95
C GLY J 616 55.49 57.99 -15.17
N PRO J 617 56.06 58.59 -14.11
CA PRO J 617 57.04 57.89 -13.31
C PRO J 617 56.34 56.85 -12.42
N ILE J 618 57.12 55.93 -11.86
CA ILE J 618 56.62 54.95 -10.91
C ILE J 618 56.86 55.31 -9.45
N TRP J 619 58.09 55.72 -9.13
CA TRP J 619 58.51 55.87 -7.75
C TRP J 619 59.46 57.06 -7.59
N ALA J 620 59.77 57.45 -6.36
CA ALA J 620 60.89 58.34 -6.11
C ALA J 620 61.44 58.01 -4.73
N LYS J 621 62.70 58.35 -4.51
CA LYS J 621 63.31 58.22 -3.21
C LYS J 621 62.71 59.30 -2.33
N ILE J 622 62.24 58.93 -1.14
CA ILE J 622 61.89 59.91 -0.13
C ILE J 622 63.23 60.49 0.32
N PRO J 623 63.35 61.82 0.35
CA PRO J 623 64.58 62.44 0.88
C PRO J 623 64.86 61.97 2.28
N HIS J 624 66.14 61.92 2.61
CA HIS J 624 66.57 61.50 3.91
C HIS J 624 66.45 62.74 4.80
N THR J 625 65.27 62.98 5.37
CA THR J 625 65.04 64.14 6.27
C THR J 625 64.46 63.73 7.64
N ASP J 626 64.52 64.61 8.62
CA ASP J 626 64.01 64.30 9.95
C ASP J 626 62.52 64.07 9.83
N GLY J 627 61.91 64.76 8.87
CA GLY J 627 60.46 64.89 8.75
C GLY J 627 59.96 64.86 7.31
N HIS J 628 58.94 64.07 7.05
CA HIS J 628 58.23 64.08 5.76
C HIS J 628 56.81 64.27 6.21
N PHE J 629 55.90 64.48 5.29
CA PHE J 629 54.53 64.41 5.66
C PHE J 629 53.83 63.84 4.47
N HIS J 630 53.34 62.60 4.62
CA HIS J 630 52.69 61.88 3.55
C HIS J 630 53.57 61.90 2.31
N PRO J 631 54.70 61.21 2.38
CA PRO J 631 55.71 61.40 1.34
C PRO J 631 55.37 60.59 0.11
N SER J 632 54.21 60.87 -0.46
CA SER J 632 53.88 60.33 -1.78
C SER J 632 54.37 61.34 -2.85
N PRO J 633 55.23 60.92 -3.78
CA PRO J 633 55.92 61.78 -4.75
C PRO J 633 54.92 62.63 -5.51
N LEU J 634 55.08 63.94 -5.44
CA LEU J 634 53.99 64.82 -5.87
C LEU J 634 53.72 64.70 -7.35
N MET J 635 54.71 64.27 -8.11
CA MET J 635 54.48 64.02 -9.50
C MET J 635 53.70 62.73 -9.72
N GLY J 636 53.53 61.89 -8.69
CA GLY J 636 52.66 60.70 -8.78
C GLY J 636 53.45 59.42 -8.61
N GLY J 637 52.89 58.39 -7.99
CA GLY J 637 53.65 57.19 -7.69
C GLY J 637 53.85 56.88 -6.21
N PHE J 638 54.88 56.04 -6.03
CA PHE J 638 55.25 55.46 -4.79
C PHE J 638 56.48 56.14 -4.25
N GLY J 639 56.34 56.61 -3.01
CA GLY J 639 57.50 57.03 -2.25
C GLY J 639 58.17 55.86 -1.60
N LEU J 640 59.49 55.80 -1.79
CA LEU J 640 60.28 54.71 -1.24
C LEU J 640 61.44 55.21 -0.39
N LYS J 641 61.50 54.79 0.88
CA LYS J 641 62.68 55.07 1.69
C LYS J 641 63.89 54.48 0.92
N ASN J 642 63.81 53.20 0.52
CA ASN J 642 64.95 52.46 -0.04
C ASN J 642 64.56 51.94 -1.40
N PRO J 643 64.59 52.84 -2.40
CA PRO J 643 64.10 52.64 -3.75
C PRO J 643 65.03 51.78 -4.56
N PRO J 644 64.60 51.38 -5.76
CA PRO J 644 65.47 50.61 -6.61
C PRO J 644 66.76 51.36 -6.87
N PRO J 645 67.88 50.71 -6.58
CA PRO J 645 69.15 51.38 -6.62
C PRO J 645 69.50 51.86 -8.04
N GLN J 646 70.27 52.93 -8.11
CA GLN J 646 70.79 53.39 -9.41
C GLN J 646 71.76 52.39 -9.89
N ILE J 647 71.75 52.25 -11.20
CA ILE J 647 72.59 51.31 -11.87
C ILE J 647 73.43 52.05 -12.85
N LEU J 648 74.74 52.03 -12.58
CA LEU J 648 75.69 52.83 -13.34
C LEU J 648 76.54 51.95 -14.24
N ILE J 649 76.91 52.52 -15.37
CA ILE J 649 77.61 51.79 -16.44
C ILE J 649 78.46 52.68 -17.35
N LYS J 650 79.63 52.17 -17.71
CA LYS J 650 80.65 52.97 -18.37
C LYS J 650 81.52 52.06 -19.21
N ASN J 651 81.97 52.57 -20.34
CA ASN J 651 83.03 51.92 -21.12
C ASN J 651 84.40 52.19 -20.53
N THR J 652 85.22 51.15 -20.36
CA THR J 652 86.47 51.32 -19.67
C THR J 652 87.39 52.06 -20.64
N PRO J 653 88.16 53.05 -20.13
CA PRO J 653 89.08 53.74 -21.04
C PRO J 653 90.06 52.76 -21.64
N VAL J 654 90.30 52.91 -22.94
CA VAL J 654 91.34 52.11 -23.60
C VAL J 654 92.36 53.04 -24.24
N PRO J 655 93.55 53.20 -23.61
CA PRO J 655 94.58 54.11 -24.11
C PRO J 655 94.88 53.88 -25.59
N ALA J 656 95.06 54.96 -26.33
CA ALA J 656 95.81 54.93 -27.59
C ALA J 656 97.29 54.71 -27.29
N ASN J 657 98.10 54.64 -28.35
CA ASN J 657 99.53 54.35 -28.16
C ASN J 657 100.29 55.41 -27.40
N PRO J 658 100.99 55.01 -26.30
CA PRO J 658 101.74 56.01 -25.54
C PRO J 658 103.03 56.41 -26.27
N PRO J 659 103.65 57.51 -25.86
CA PRO J 659 105.01 57.78 -26.39
C PRO J 659 106.07 56.74 -25.97
N ALA J 660 107.21 56.75 -26.66
CA ALA J 660 108.37 55.89 -26.34
C ALA J 660 109.13 56.26 -25.06
N GLU J 661 108.96 57.51 -24.58
CA GLU J 661 109.67 58.04 -23.44
C GLU J 661 108.63 58.39 -22.36
N PHE J 662 108.92 58.10 -21.09
CA PHE J 662 107.92 58.30 -20.06
C PHE J 662 107.46 59.73 -20.03
N SER J 663 106.18 59.94 -19.78
CA SER J 663 105.66 61.25 -19.42
C SER J 663 104.61 61.11 -18.31
N ALA J 664 104.68 61.97 -17.28
CA ALA J 664 103.83 61.82 -16.06
C ALA J 664 102.46 62.48 -16.24
N THR J 665 102.34 63.24 -17.32
CA THR J 665 101.21 64.13 -17.46
C THR J 665 99.98 63.29 -17.73
N LYS J 666 98.82 63.80 -17.33
CA LYS J 666 97.58 63.10 -17.53
C LYS J 666 97.50 62.42 -18.92
N PHE J 667 97.20 61.13 -18.92
CA PHE J 667 96.96 60.45 -20.17
C PHE J 667 95.70 60.95 -20.88
N ALA J 668 95.84 61.38 -22.13
CA ALA J 668 94.76 62.11 -22.80
C ALA J 668 94.47 61.63 -24.21
N SER J 669 95.10 60.54 -24.61
CA SER J 669 94.85 60.01 -25.93
C SER J 669 94.26 58.60 -25.89
N PHE J 670 93.01 58.47 -26.37
CA PHE J 670 92.27 57.22 -26.25
C PHE J 670 91.74 56.74 -27.59
N ILE J 671 91.60 55.43 -27.71
CA ILE J 671 90.86 54.79 -28.79
C ILE J 671 89.37 55.04 -28.57
N THR J 672 88.71 55.47 -29.63
CA THR J 672 87.33 55.84 -29.58
C THR J 672 86.43 54.60 -29.58
N GLN J 673 85.56 54.50 -28.58
CA GLN J 673 84.67 53.38 -28.57
C GLN J 673 83.33 53.59 -27.91
N TYR J 674 82.48 52.59 -28.08
CA TYR J 674 81.18 52.56 -27.47
C TYR J 674 80.74 51.11 -27.37
N SER J 675 79.63 50.89 -26.70
CA SER J 675 79.18 49.54 -26.50
C SER J 675 77.68 49.43 -26.80
N THR J 676 77.21 48.19 -26.90
CA THR J 676 75.82 47.93 -27.05
C THR J 676 75.51 46.57 -26.43
N GLY J 677 74.25 46.34 -26.03
CA GLY J 677 73.84 45.02 -25.55
C GLY J 677 72.37 44.96 -25.29
N GLN J 678 71.92 43.96 -24.56
CA GLN J 678 70.54 43.99 -24.05
C GLN J 678 70.51 44.24 -22.52
N VAL J 679 69.36 44.70 -22.02
CA VAL J 679 69.07 44.86 -20.59
C VAL J 679 67.69 44.28 -20.38
N SER J 680 67.45 43.67 -19.22
CA SER J 680 66.16 43.06 -18.89
C SER J 680 65.78 43.43 -17.50
N VAL J 681 64.55 43.87 -17.33
CA VAL J 681 63.99 44.15 -16.04
C VAL J 681 62.72 43.37 -15.90
N GLU J 682 62.59 42.61 -14.81
CA GLU J 682 61.40 41.86 -14.45
C GLU J 682 60.91 42.42 -13.10
N ILE J 683 59.63 42.82 -13.09
CA ILE J 683 58.98 43.26 -11.88
C ILE J 683 57.72 42.45 -11.56
N GLU J 684 57.55 42.07 -10.27
CA GLU J 684 56.36 41.40 -9.80
C GLU J 684 55.53 42.50 -9.19
N TRP J 685 54.27 42.57 -9.57
CA TRP J 685 53.28 43.53 -9.04
C TRP J 685 52.14 42.79 -8.35
N GLU J 686 51.77 43.20 -7.13
CA GLU J 686 50.65 42.58 -6.43
C GLU J 686 49.41 43.38 -6.80
N LEU J 687 48.30 42.70 -7.03
CA LEU J 687 47.03 43.38 -7.31
C LEU J 687 46.01 43.34 -6.19
N GLN J 688 45.29 44.46 -6.09
CA GLN J 688 44.15 44.57 -5.24
C GLN J 688 42.94 44.32 -6.13
N LYS J 689 42.31 43.19 -5.95
CA LYS J 689 41.14 42.88 -6.76
C LYS J 689 39.93 43.69 -6.37
N GLU J 690 39.06 43.87 -7.35
CA GLU J 690 37.82 44.59 -7.16
C GLU J 690 36.71 43.67 -6.58
N ASN J 691 35.94 44.19 -5.63
CA ASN J 691 34.99 43.40 -4.89
C ASN J 691 33.63 44.10 -4.89
N SER J 692 33.30 44.74 -6.01
CA SER J 692 32.27 45.78 -5.98
C SER J 692 30.87 45.20 -6.11
N LYS J 693 29.93 45.74 -5.34
CA LYS J 693 28.54 45.28 -5.40
C LYS J 693 27.73 46.17 -6.35
N ARG J 694 28.38 47.21 -6.88
CA ARG J 694 27.72 48.11 -7.81
C ARG J 694 26.92 47.34 -8.85
N TRP J 695 25.65 47.72 -9.02
CA TRP J 695 24.76 47.01 -9.92
C TRP J 695 24.97 47.40 -11.37
N ASN J 696 25.21 48.68 -11.63
CA ASN J 696 25.36 49.13 -12.95
C ASN J 696 26.83 49.01 -13.42
N PRO J 697 27.02 49.05 -14.76
CA PRO J 697 28.31 48.99 -15.40
C PRO J 697 29.24 50.15 -15.13
N GLU J 698 30.53 49.89 -15.23
CA GLU J 698 31.56 50.86 -14.91
C GLU J 698 32.03 51.65 -16.18
N VAL J 699 32.65 52.78 -15.93
CA VAL J 699 33.39 53.42 -16.95
C VAL J 699 34.63 52.55 -17.11
N GLN J 700 34.99 52.30 -18.37
CA GLN J 700 36.11 51.44 -18.70
C GLN J 700 36.97 52.12 -19.74
N TYR J 701 38.29 52.00 -19.62
CA TYR J 701 39.11 52.56 -20.66
C TYR J 701 38.93 51.70 -21.89
N THR J 702 38.68 52.34 -23.01
CA THR J 702 38.40 51.58 -24.20
C THR J 702 38.97 52.23 -25.43
N SER J 703 39.40 51.46 -26.39
CA SER J 703 39.85 52.15 -27.57
C SER J 703 38.66 52.49 -28.42
N ASN J 704 38.89 53.36 -29.37
CA ASN J 704 37.79 53.87 -30.14
C ASN J 704 37.42 52.94 -31.30
N TYR J 705 36.14 52.71 -31.46
CA TYR J 705 35.65 51.73 -32.41
C TYR J 705 35.53 52.32 -33.83
N ALA J 706 35.30 53.63 -33.90
CA ALA J 706 35.17 54.32 -35.18
C ALA J 706 36.45 54.14 -35.97
N LYS J 707 36.31 54.18 -37.29
CA LYS J 707 37.42 53.91 -38.18
C LYS J 707 38.38 55.09 -38.34
N SER J 708 39.66 54.83 -38.58
CA SER J 708 40.63 55.91 -38.78
C SER J 708 41.84 55.48 -39.61
N ALA J 709 42.68 56.44 -39.98
CA ALA J 709 43.91 56.17 -40.71
C ALA J 709 44.99 55.41 -39.92
N ASN J 710 45.03 55.54 -38.60
CA ASN J 710 46.02 54.84 -37.77
C ASN J 710 45.38 54.23 -36.55
N VAL J 711 46.00 53.18 -36.03
CA VAL J 711 45.60 52.59 -34.78
C VAL J 711 46.37 53.31 -33.67
N ASP J 712 45.65 53.60 -32.58
CA ASP J 712 46.22 54.09 -31.33
C ASP J 712 47.32 53.17 -30.80
N PHE J 713 48.36 53.77 -30.22
CA PHE J 713 49.47 53.02 -29.63
C PHE J 713 50.03 52.02 -30.62
N THR J 714 50.41 52.57 -31.76
CA THR J 714 50.98 51.81 -32.85
C THR J 714 52.08 52.56 -33.58
N VAL J 715 52.80 51.88 -34.44
CA VAL J 715 53.78 52.55 -35.34
C VAL J 715 53.10 53.05 -36.62
N ASP J 716 53.64 54.05 -37.23
CA ASP J 716 53.08 54.57 -38.45
C ASP J 716 53.82 54.01 -39.67
N ASN J 717 53.63 54.66 -40.80
CA ASN J 717 54.19 54.19 -42.04
C ASN J 717 55.70 54.44 -42.16
N ASN J 718 56.28 55.15 -41.20
CA ASN J 718 57.71 55.35 -41.09
C ASN J 718 58.30 54.58 -39.91
N GLY J 719 57.45 53.84 -39.21
CA GLY J 719 57.86 53.02 -38.06
C GLY J 719 58.10 53.81 -36.79
N LEU J 720 57.40 54.91 -36.61
CA LEU J 720 57.49 55.64 -35.39
C LEU J 720 56.35 55.28 -34.46
N TYR J 721 56.66 54.61 -33.32
CA TYR J 721 55.65 54.32 -32.30
C TYR J 721 55.19 55.65 -31.74
N THR J 722 53.88 55.85 -31.59
CA THR J 722 53.32 57.01 -30.85
C THR J 722 52.33 56.68 -29.73
N GLU J 723 52.34 57.49 -28.68
CA GLU J 723 51.37 57.37 -27.60
C GLU J 723 50.47 58.59 -27.73
N PRO J 724 49.23 58.36 -28.20
CA PRO J 724 48.33 59.43 -28.59
C PRO J 724 47.59 60.07 -27.46
N ARG J 725 47.67 59.53 -26.25
CA ARG J 725 47.06 60.17 -25.09
C ARG J 725 47.65 59.61 -23.85
N PRO J 726 47.47 60.32 -22.71
CA PRO J 726 47.86 59.74 -21.42
C PRO J 726 46.74 58.80 -21.04
N ILE J 727 47.07 57.74 -20.31
CA ILE J 727 46.03 56.98 -19.65
C ILE J 727 46.29 56.91 -18.18
N GLY J 728 45.31 57.29 -17.39
CA GLY J 728 45.44 57.23 -15.92
C GLY J 728 45.01 55.84 -15.51
N THR J 729 44.60 55.68 -14.25
CA THR J 729 44.19 54.36 -13.78
C THR J 729 42.80 54.34 -13.15
N ARG J 730 42.20 55.52 -12.99
CA ARG J 730 40.93 55.64 -12.29
C ARG J 730 39.66 55.49 -13.12
N TYR J 731 39.27 54.24 -13.33
CA TYR J 731 38.02 53.85 -14.01
C TYR J 731 37.03 53.10 -13.14
N LEU J 732 37.48 52.07 -12.41
CA LEU J 732 36.60 51.40 -11.47
C LEU J 732 36.20 52.38 -10.37
N THR J 733 35.13 52.10 -9.62
CA THR J 733 34.71 53.01 -8.57
C THR J 733 34.63 52.34 -7.19
N ARG J 734 34.93 53.11 -6.15
CA ARG J 734 34.61 52.71 -4.78
C ARG J 734 33.56 53.64 -4.18
N PRO J 735 32.88 53.16 -3.15
CA PRO J 735 32.29 54.05 -2.15
C PRO J 735 33.34 54.74 -1.30
N LEU J 736 32.97 55.83 -0.63
CA LEU J 736 33.89 56.53 0.24
C LEU J 736 33.97 55.87 1.61
N9 ADE K . -12.98 -20.01 -11.18
C8 ADE K . -13.19 -19.85 -12.50
N7 ADE K . -13.03 -18.54 -12.84
C5 ADE K . -12.71 -17.85 -11.71
C6 ADE K . -12.42 -16.51 -11.39
N6 ADE K . -12.40 -15.50 -12.31
N1 ADE K . -12.14 -16.23 -10.09
C2 ADE K . -12.14 -17.18 -9.14
N3 ADE K . -12.40 -18.46 -9.42
C4 ADE K . -12.70 -18.79 -10.70
N3 CYT L . -14.22 -24.04 -13.42
C4 CYT L . -15.13 -24.60 -12.65
N1 CYT L . -14.34 -25.96 -14.75
C2 CYT L . -13.77 -24.69 -14.52
O2 CYT L . -12.89 -24.19 -15.26
N4 CYT L . -15.45 -23.87 -11.60
C5 CYT L . -15.72 -25.88 -12.86
C6 CYT L . -15.29 -26.53 -13.93
N9 ADE M . 27.11 22.21 -32.37
C8 ADE M . 27.52 23.40 -32.87
N7 ADE M . 27.17 24.40 -32.02
C5 ADE M . 26.53 23.85 -30.96
C6 ADE M . 25.93 24.33 -29.77
N6 ADE M . 25.89 25.65 -29.43
N1 ADE M . 25.38 23.41 -28.94
C2 ADE M . 25.38 22.09 -29.24
N3 ADE M . 25.95 21.62 -30.35
C4 ADE M . 26.50 22.50 -31.21
N3 CYT N . 30.06 21.39 -36.87
C4 CYT N . 29.30 20.60 -37.60
N1 CYT N . 31.72 21.14 -38.49
C2 CYT N . 31.31 21.71 -37.27
O2 CYT N . 32.06 22.44 -36.57
N4 CYT N . 28.11 20.37 -37.08
C5 CYT N . 29.69 20.04 -38.86
C6 CYT N . 30.91 20.33 -39.26
N3 CYT O . 24.81 13.58 -38.73
C4 CYT O . 25.79 14.02 -39.51
N1 CYT O . 24.28 15.82 -38.31
C2 CYT O . 24.01 14.45 -38.08
O2 CYT O . 23.10 14.06 -37.31
N4 CYT O . 26.50 13.05 -40.05
C5 CYT O . 26.08 15.39 -39.77
C6 CYT O . 25.30 16.26 -39.14
N9 ADE P . -17.49 -6.98 64.02
C8 ADE P . -18.12 -5.80 63.82
N7 ADE P . -17.75 -4.91 64.80
C5 ADE P . -16.87 -5.54 65.63
C6 ADE P . -16.14 -5.20 66.78
N6 ADE P . -16.20 -3.96 67.36
N1 ADE P . -15.34 -6.15 67.33
C2 ADE P . -15.25 -7.39 66.79
N3 ADE P . -15.92 -7.74 65.68
C4 ADE P . -16.73 -6.82 65.12
N3 CYT Q . -20.49 -6.99 60.30
C4 CYT Q . -21.16 -8.12 60.40
N1 CYT Q . -21.58 -6.66 58.26
C2 CYT Q . -20.65 -6.18 59.22
O2 CYT Q . -20.02 -5.12 59.08
N4 CYT Q . -20.87 -8.80 61.48
C5 CYT Q . -22.10 -8.61 59.45
C6 CYT Q . -22.28 -7.83 58.39
N9 ADE R . -18.28 -30.88 -1.80
C8 ADE R . -19.25 -29.97 -1.57
N7 ADE R . -19.92 -30.29 -0.43
C5 ADE R . -19.37 -31.42 0.08
C6 ADE R . -19.59 -32.26 1.20
N6 ADE R . -20.56 -32.01 2.13
N1 ADE R . -18.77 -33.33 1.35
C2 ADE R . -17.80 -33.62 0.46
N3 ADE R . -17.58 -32.85 -0.60
C4 ADE R . -18.36 -31.77 -0.79
N3 CYT S . -18.62 -27.51 -5.17
C4 CYT S . -18.54 -28.16 -6.32
N1 CYT S . -18.59 -25.53 -6.42
C2 CYT S . -18.65 -26.16 -5.16
O2 CYT S . -18.70 -25.51 -4.08
N4 CYT S . -18.50 -29.47 -6.18
C5 CYT S . -18.49 -27.55 -7.61
C6 CYT S . -18.52 -26.23 -7.61
N9 ADE T . 25.06 8.92 -39.78
C8 ADE T . 23.78 9.36 -39.82
N7 ADE T . 22.94 8.32 -40.09
C5 ADE T . 23.69 7.20 -40.25
C6 ADE T . 23.45 5.85 -40.54
N6 ADE T . 22.19 5.34 -40.75
N1 ADE T . 24.51 5.02 -40.59
C2 ADE T . 25.77 5.45 -40.40
N3 ADE T . 26.03 6.74 -40.12
C4 ADE T . 25.00 7.60 -40.05
N3 CYT U . 33.37 14.89 -42.57
C4 CYT U . 32.66 15.82 -41.96
N1 CYT U . 31.36 13.91 -43.23
C2 CYT U . 32.77 13.89 -43.23
O2 CYT U . 33.42 12.98 -43.80
N4 CYT U . 33.38 16.72 -41.34
C5 CYT U . 31.23 15.88 -41.95
C6 CYT U . 30.61 14.89 -42.59
N9 ADE V . -21.64 -21.00 59.50
C8 ADE V . -22.18 -21.05 60.74
N7 ADE V . -22.44 -22.35 61.07
C5 ADE V . -22.06 -23.14 60.02
C6 ADE V . -22.06 -24.52 59.73
N6 ADE V . -22.52 -25.46 60.60
N1 ADE V . -21.57 -24.90 58.54
C2 ADE V . -21.11 -24.01 57.63
N3 ADE V . -21.08 -22.70 57.88
C4 ADE V . -21.57 -22.27 59.07
N3 CYT W . -22.29 -16.71 61.53
C4 CYT W . -22.81 -15.96 60.57
N1 CYT W . -22.21 -14.78 62.85
C2 CYT W . -21.95 -16.17 62.72
O2 CYT W . -21.43 -16.85 63.62
N4 CYT W . -23.07 -16.63 59.46
C5 CYT W . -23.09 -14.57 60.68
C6 CYT W . -22.77 -14.02 61.84
N9 ADE X . 38.07 16.64 -42.08
C8 ADE X . 37.91 16.19 -43.35
N7 ADE X . 39.09 16.30 -44.03
C5 ADE X . 40.01 16.83 -43.19
C6 ADE X . 41.37 17.20 -43.25
N6 ADE X . 42.12 17.05 -44.38
N1 ADE X . 41.94 17.72 -42.13
C2 ADE X . 41.24 17.88 -40.99
N3 ADE X . 39.94 17.55 -40.90
C4 ADE X . 39.35 17.03 -41.99
N9 ADE Y . -11.65 -34.75 -15.03
C8 ADE Y . -12.60 -35.73 -15.03
N7 ADE Y . -12.24 -36.71 -15.90
C5 ADE Y . -11.07 -36.35 -16.49
C6 ADE Y . -10.21 -36.91 -17.45
N6 ADE Y . -10.45 -38.10 -18.07
N1 ADE Y . -9.08 -36.21 -17.75
C2 ADE Y . -8.79 -35.03 -17.18
N3 ADE Y . -9.61 -34.48 -16.26
C4 ADE Y . -10.73 -35.14 -15.92
N3 CYT Z . -15.33 -33.86 -12.10
C4 CYT Z . -15.65 -32.60 -12.33
N1 CYT Z . -16.92 -33.84 -10.39
C2 CYT Z . -15.94 -34.56 -11.13
O2 CYT Z . -15.65 -35.75 -10.87
N4 CYT Z . -14.95 -32.04 -13.30
C5 CYT Z . -16.63 -31.85 -11.61
C6 CYT Z . -17.24 -32.52 -10.65
N9 ADE AA . -21.61 -9.43 49.50
C8 ADE AA . -22.72 -10.06 49.02
N7 ADE AA . -22.98 -9.61 47.76
C5 ADE AA . -22.06 -8.67 47.43
C6 ADE AA . -21.78 -7.85 46.32
N6 ADE AA . -22.54 -7.86 45.18
N1 ADE AA . -20.72 -7.03 46.40
C2 ADE AA . -19.93 -6.98 47.50
N3 ADE AA . -20.17 -7.75 48.56
C4 ADE AA . -21.23 -8.58 48.52
N3 CYT BA . -23.59 -12.50 52.59
C4 CYT BA . -23.61 -11.84 53.74
N1 CYT BA . -24.37 -14.37 53.75
C2 CYT BA . -23.96 -13.79 52.53
O2 CYT BA . -23.92 -14.44 51.45
N4 CYT BA . -23.21 -10.59 53.65
C5 CYT BA . -24.03 -12.40 55.00
C6 CYT BA . -24.40 -13.67 54.95
N9 ADE CA . 52.63 57.40 2.57
C8 ADE CA . 51.51 57.84 1.94
N7 ADE CA . 51.60 57.56 0.61
C5 ADE CA . 52.79 56.96 0.37
C6 ADE CA . 53.47 56.44 -0.75
N6 ADE CA . 52.95 56.47 -2.01
N1 ADE CA . 54.68 55.88 -0.55
C2 ADE CA . 55.25 55.83 0.68
N3 ADE CA . 54.62 56.31 1.77
C4 ADE CA . 53.40 56.86 1.61
N3 CYT DA . 49.50 59.55 5.48
C4 CYT DA . 50.24 60.36 6.23
N1 CYT DA . 47.69 60.16 6.80
C2 CYT DA . 48.18 59.40 5.73
O2 CYT DA . 47.48 58.62 5.05
N4 CYT DA . 51.51 60.38 5.88
C5 CYT DA . 49.75 61.15 7.31
C6 CYT DA . 48.45 61.01 7.56
#